data_7UTL
#
_entry.id   7UTL
#
_cell.length_a   1.00
_cell.length_b   1.00
_cell.length_c   1.00
_cell.angle_alpha   90.00
_cell.angle_beta   90.00
_cell.angle_gamma   90.00
#
_symmetry.space_group_name_H-M   'P 1'
#
loop_
_entity.id
_entity.type
_entity.pdbx_description
1 polymer 'Actin, alpha skeletal muscle'
2 polymer 'Tropomyosin alpha-1 chain'
3 polymer 'Isoform 6 of Troponin T, cardiac muscle'
4 polymer 'Troponin I, cardiac muscle'
5 polymer 'Troponin C, slow skeletal and cardiac muscles'
6 non-polymer "ADENOSINE-5'-DIPHOSPHATE"
7 non-polymer 'MAGNESIUM ION'
#
loop_
_entity_poly.entity_id
_entity_poly.type
_entity_poly.pdbx_seq_one_letter_code
_entity_poly.pdbx_strand_id
1 'polypeptide(L)'
;MCDEDETTALVCDNGSGLVKAGFAGDDAPRAVFPSIVGRPRHQGVMVGMGQKDSYVGDEAQSKRGILTLKYPIE(HIC)G
IITNWDDMEKIWHHTFYNELRVAPEEHPTLLTEAPLNPKANREKMTQIMFETFNVPAMYVAIQAVLSLYASGRTTGIVLD
SGDGVTHNVPIYEGYALPHAIMRLDLAGRDLTDYLMKILTERGYSFVTTAEREIVRDIKEKLCYVALDFENEMATAASSS
SLEKSYELPDGQVITIGNERFRCPETLFQPSFIGMESAGIHETTYNSIMKCDIDIRKDLYANNVMSGGTTMYPGIADRMQ
KEITALAPSTMKIKIIAPPERKYSVWIGGSILASLSTFQQMWITKQEYDEAGPSIVHRKCF
;
A,B,C,D,E,F,G,H,I,J,K,L,M,N,O,P,Q,R
2 'polypeptide(L)'
;MDAIKKKMQMLKLDKENALDRAEQAEADKKAAEDRSKQLEDELVSLQKKLKGTEDELDKYSEALKDAQEKLELAEKKATD
AEADVASLNRRIQLVEEELDRAQERLATALQKLEEAEKAADESERGMKVIESRAQKDEEKMEIQEIQLKEAKHIAEDADR
KYEEVARKLVIIESDLERAEERAELSEGKCAELEEELKTVTNNLKSLEAQAEKYSQKEDRYEEEIKVLSDKLKEAETRAE
FAERSVTKLEKSIDDLEDELYAQKLKYKAISEELDHALNDMTSI
;
a,b,W,Z,i,j,g,h
3 'polypeptide(L)'
;MSDIEEVVEEYEEEEQEEAAVEEQEEAAEEDAEAEAETEETRAEEDEEEEEAKEAEDGPMEESKPKPRSFMPNLVPPKIP
DGERVDFDDIHRKRMEKDLNELQALIEAHFENRKKEEEELVSLKDRIERRRAERAEQQRIRNEREKERQNRLAEERARRE
EEENRRKAEDEARKKKALSNMMHFGGYIQKQAQTERKSGKRQTEREKKKKILAERRKVLAIDHLNEDQLREKAKELWQSI
YNLEAEKFDLQEKFKQQKYEINVLRNRINDNQKVSKTRGKAKVTGRWK
;
X,Y,e,f
4 'polypeptide(L)'
;MADGSSDAAREPRPAPAPIRRRSSNYRAYATEPHAKKKSKISASRKLQLKTLLLQIAKQELEREAEERRGEKGRALSTRC
QPLELAGLGFAELQDLCRQLHARVDKVDEERYDIEAKVTKNITEIADLTQKIFDLRGKFKRPTLRRVRISADAMMQALLG
ARAKESLDLRAHLKQVKKEDTEKENREVGDWRKNIDALSGMEGRKKKFES
;
V,c
5 'polypeptide(L)'
;MDDIYKAAVEQLTEEQKNEFKAAFDIFVLGAEDGCISTKELGKVMRMLGQNPTPEELQEMIDEVDEDGSGTVDFDEFLVM
MVRCMKDDSKGKSEEELSDLFRMFDKNADGYIDLDELKIMLQATGETITEDDIEELMKDGDKNNDGRIDYDEFLEFMKGV
E
;
U,d
#
# COMPACT_ATOMS: atom_id res chain seq x y z
N ASP A 3 157.09 -15.82 172.25
CA ASP A 3 157.91 -16.56 173.20
C ASP A 3 159.00 -15.67 173.81
N GLU A 4 159.16 -15.77 175.13
CA GLU A 4 160.20 -15.02 175.82
C GLU A 4 161.58 -15.52 175.41
N ASP A 5 162.54 -14.59 175.38
CA ASP A 5 163.91 -14.94 175.00
C ASP A 5 164.51 -15.96 175.97
N GLU A 6 164.04 -15.96 177.22
CA GLU A 6 164.56 -16.87 178.22
C GLU A 6 163.85 -18.21 178.12
N THR A 7 164.51 -19.27 178.58
CA THR A 7 164.01 -20.64 178.48
C THR A 7 163.13 -21.01 179.66
N THR A 8 162.41 -20.05 180.24
CA THR A 8 161.54 -20.26 181.39
C THR A 8 160.55 -21.38 181.15
N ALA A 9 160.04 -21.98 182.23
CA ALA A 9 159.23 -23.17 182.14
C ALA A 9 157.78 -22.85 181.81
N LEU A 10 157.07 -23.87 181.32
CA LEU A 10 155.63 -23.80 181.11
C LEU A 10 154.90 -24.16 182.40
N VAL A 11 153.82 -23.44 182.69
CA VAL A 11 152.99 -23.71 183.85
C VAL A 11 151.57 -23.97 183.36
N CYS A 12 151.08 -25.19 183.56
CA CYS A 12 149.79 -25.61 183.04
C CYS A 12 149.01 -26.33 184.12
N ASP A 13 147.84 -25.79 184.47
CA ASP A 13 146.91 -26.42 185.39
C ASP A 13 145.80 -27.07 184.58
N ASN A 14 145.84 -28.41 184.49
CA ASN A 14 144.76 -29.16 183.86
C ASN A 14 143.71 -29.52 184.91
N GLY A 15 143.08 -28.48 185.45
CA GLY A 15 142.06 -28.68 186.46
C GLY A 15 140.86 -29.42 185.90
N SER A 16 140.20 -30.17 186.78
CA SER A 16 139.04 -30.99 186.40
C SER A 16 137.88 -30.04 186.12
N GLY A 17 137.85 -29.49 184.91
CA GLY A 17 136.82 -28.55 184.52
C GLY A 17 137.35 -27.35 183.76
N LEU A 18 138.63 -27.03 183.94
CA LEU A 18 139.23 -25.89 183.26
C LEU A 18 140.71 -26.16 183.05
N VAL A 19 141.22 -25.74 181.89
CA VAL A 19 142.65 -25.83 181.58
C VAL A 19 143.19 -24.41 181.50
N LYS A 20 144.21 -24.13 182.31
CA LYS A 20 144.79 -22.80 182.41
C LYS A 20 146.30 -22.90 182.21
N ALA A 21 146.81 -22.37 181.10
CA ALA A 21 148.20 -22.56 180.72
C ALA A 21 148.88 -21.23 180.47
N GLY A 22 150.18 -21.20 180.72
CA GLY A 22 150.95 -19.99 180.48
C GLY A 22 152.41 -20.23 180.77
N PHE A 23 153.15 -19.12 180.93
CA PHE A 23 154.58 -19.17 181.15
C PHE A 23 154.90 -18.97 182.62
N ALA A 24 156.04 -19.52 183.04
CA ALA A 24 156.53 -19.31 184.39
C ALA A 24 156.99 -17.86 184.58
N GLY A 25 156.80 -17.34 185.79
CA GLY A 25 157.06 -15.96 186.08
C GLY A 25 155.89 -15.03 185.80
N ASP A 26 154.83 -15.53 185.18
CA ASP A 26 153.63 -14.75 184.91
C ASP A 26 152.69 -14.83 186.10
N ASP A 27 151.86 -13.79 186.25
CA ASP A 27 150.94 -13.74 187.38
C ASP A 27 149.66 -14.52 187.14
N ALA A 28 149.17 -14.56 185.90
CA ALA A 28 147.95 -15.28 185.56
C ALA A 28 148.17 -16.11 184.32
N PRO A 29 147.49 -17.26 184.21
CA PRO A 29 147.61 -18.07 183.00
C PRO A 29 147.09 -17.31 181.78
N ARG A 30 147.75 -17.54 180.64
CA ARG A 30 147.40 -16.78 179.44
C ARG A 30 146.23 -17.42 178.71
N ALA A 31 146.25 -18.74 178.52
CA ALA A 31 145.20 -19.45 177.78
C ALA A 31 144.37 -20.25 178.78
N VAL A 32 143.13 -19.82 178.99
CA VAL A 32 142.22 -20.47 179.94
C VAL A 32 140.97 -20.86 179.17
N PHE A 33 140.65 -22.16 179.18
CA PHE A 33 139.45 -22.62 178.48
C PHE A 33 138.81 -23.77 179.24
N PRO A 34 137.48 -23.90 179.13
CA PRO A 34 136.81 -25.06 179.73
C PRO A 34 137.18 -26.35 179.02
N SER A 35 136.97 -27.46 179.73
CA SER A 35 137.43 -28.77 179.29
C SER A 35 136.40 -29.51 178.43
N ILE A 36 135.51 -28.78 177.75
CA ILE A 36 134.53 -29.40 176.86
C ILE A 36 135.19 -29.57 175.51
N VAL A 37 134.79 -30.62 174.77
CA VAL A 37 135.34 -30.90 173.45
C VAL A 37 134.19 -31.22 172.49
N GLY A 38 134.11 -30.51 171.38
CA GLY A 38 133.02 -30.69 170.42
C GLY A 38 133.46 -31.45 169.18
N ARG A 39 132.56 -32.34 168.71
CA ARG A 39 132.76 -33.19 167.55
C ARG A 39 131.61 -33.06 166.56
N PRO A 40 131.89 -33.06 165.24
CA PRO A 40 130.81 -32.92 164.25
C PRO A 40 129.66 -33.88 164.51
N ARG A 41 128.45 -33.33 164.68
CA ARG A 41 127.28 -34.15 164.92
C ARG A 41 126.87 -34.99 163.71
N HIS A 42 127.26 -34.57 162.51
CA HIS A 42 126.91 -35.32 161.30
C HIS A 42 128.13 -35.45 160.40
N GLN A 43 127.91 -36.03 159.22
CA GLN A 43 128.97 -36.32 158.26
C GLN A 43 129.13 -35.21 157.23
N GLY A 44 130.19 -35.34 156.43
CA GLY A 44 130.57 -34.34 155.45
C GLY A 44 130.10 -34.53 154.02
N VAL A 45 129.41 -33.52 153.49
CA VAL A 45 128.92 -33.53 152.12
C VAL A 45 129.21 -32.17 151.48
N MET A 46 129.19 -31.13 152.31
CA MET A 46 129.50 -29.76 151.92
C MET A 46 131.01 -29.58 151.77
N VAL A 47 131.39 -28.44 151.18
CA VAL A 47 132.78 -28.11 150.92
C VAL A 47 132.92 -26.59 150.96
N GLY A 48 134.16 -26.11 150.97
CA GLY A 48 134.45 -24.68 150.97
C GLY A 48 134.84 -24.09 152.31
N MET A 49 134.58 -24.78 153.41
CA MET A 49 134.88 -24.25 154.74
C MET A 49 134.64 -25.34 155.77
N GLY A 50 135.11 -25.09 156.98
CA GLY A 50 134.92 -26.03 158.06
C GLY A 50 135.42 -27.43 157.77
N GLN A 51 134.57 -28.42 158.02
CA GLN A 51 134.86 -29.83 157.81
C GLN A 51 136.11 -30.26 158.60
N LYS A 52 136.15 -29.86 159.86
CA LYS A 52 137.25 -30.21 160.76
C LYS A 52 136.67 -31.01 161.91
N ASP A 53 137.35 -32.10 162.27
CA ASP A 53 136.91 -32.96 163.35
C ASP A 53 136.92 -32.28 164.71
N SER A 54 138.07 -32.26 165.39
CA SER A 54 138.15 -31.71 166.73
C SER A 54 137.92 -30.21 166.76
N TYR A 55 137.07 -29.77 167.68
CA TYR A 55 136.86 -28.36 167.97
C TYR A 55 137.02 -28.17 169.46
N VAL A 56 137.93 -27.27 169.86
CA VAL A 56 138.25 -27.03 171.25
C VAL A 56 138.23 -25.54 171.54
N GLY A 57 138.06 -25.22 172.82
CA GLY A 57 138.14 -23.84 173.27
C GLY A 57 136.92 -23.01 172.86
N ASP A 58 137.16 -21.71 172.71
CA ASP A 58 136.08 -20.80 172.36
C ASP A 58 135.47 -21.15 171.01
N GLU A 59 136.23 -21.77 170.12
CA GLU A 59 135.66 -22.23 168.85
C GLU A 59 134.50 -23.18 169.10
N ALA A 60 134.70 -24.17 169.96
CA ALA A 60 133.62 -25.09 170.30
C ALA A 60 132.52 -24.38 171.07
N GLN A 61 132.88 -23.41 171.90
CA GLN A 61 131.85 -22.65 172.62
C GLN A 61 130.93 -21.93 171.65
N SER A 62 131.48 -21.35 170.59
CA SER A 62 130.66 -20.74 169.56
C SER A 62 129.93 -21.79 168.73
N LYS A 63 130.51 -22.98 168.58
CA LYS A 63 129.92 -24.01 167.74
C LYS A 63 129.27 -25.12 168.58
N ARG A 64 128.72 -24.75 169.74
CA ARG A 64 128.16 -25.74 170.66
C ARG A 64 126.98 -26.46 170.03
N GLY A 65 126.14 -25.72 169.31
CA GLY A 65 124.92 -26.29 168.77
C GLY A 65 125.16 -27.34 167.72
N ILE A 66 126.22 -27.20 166.93
CA ILE A 66 126.45 -28.11 165.82
C ILE A 66 127.26 -29.34 166.22
N LEU A 67 127.84 -29.33 167.42
CA LEU A 67 128.77 -30.37 167.83
C LEU A 67 128.15 -31.20 168.94
N THR A 68 128.41 -32.51 168.90
CA THR A 68 128.23 -33.32 170.09
C THR A 68 129.31 -32.93 171.10
N LEU A 69 128.88 -32.48 172.27
CA LEU A 69 129.80 -31.98 173.28
C LEU A 69 130.13 -33.13 174.23
N LYS A 70 131.41 -33.48 174.29
CA LYS A 70 131.88 -34.63 175.04
C LYS A 70 132.98 -34.19 175.99
N TYR A 71 133.15 -34.95 177.07
CA TYR A 71 134.11 -34.60 178.11
C TYR A 71 135.25 -35.61 178.08
N PRO A 72 136.45 -35.23 177.65
CA PRO A 72 137.56 -36.19 177.65
C PRO A 72 137.94 -36.67 179.05
N ILE A 73 137.58 -35.93 180.10
CA ILE A 73 137.81 -36.34 181.48
C ILE A 73 136.54 -36.09 182.28
N GLU A 74 136.20 -37.04 183.14
CA GLU A 74 135.07 -36.86 184.06
C GLU A 74 135.44 -37.54 185.37
N GLY A 76 138.10 -37.42 186.87
CA GLY A 76 139.45 -37.95 186.78
C GLY A 76 139.66 -39.04 185.73
N ILE A 77 138.59 -39.77 185.42
CA ILE A 77 138.69 -40.88 184.46
C ILE A 77 138.99 -40.34 183.08
N ILE A 78 139.89 -41.02 182.37
CA ILE A 78 140.35 -40.59 181.05
C ILE A 78 139.67 -41.43 179.98
N THR A 79 139.06 -40.77 179.01
CA THR A 79 138.39 -41.46 177.90
C THR A 79 139.37 -41.77 176.77
N ASN A 80 139.90 -40.72 176.12
CA ASN A 80 140.72 -40.87 174.93
C ASN A 80 141.91 -39.93 174.99
N TRP A 81 143.12 -40.51 175.05
CA TRP A 81 144.33 -39.70 175.10
C TRP A 81 144.52 -38.86 173.85
N ASP A 82 143.98 -39.28 172.71
CA ASP A 82 144.06 -38.46 171.50
C ASP A 82 143.41 -37.10 171.72
N ASP A 83 142.33 -37.06 172.51
CA ASP A 83 141.67 -35.78 172.78
C ASP A 83 142.58 -34.83 173.54
N MET A 84 143.28 -35.34 174.56
CA MET A 84 144.27 -34.53 175.26
C MET A 84 145.41 -34.13 174.34
N GLU A 85 145.85 -35.04 173.46
CA GLU A 85 146.88 -34.71 172.49
C GLU A 85 146.48 -33.50 171.66
N LYS A 86 145.28 -33.53 171.09
CA LYS A 86 144.82 -32.42 170.26
C LYS A 86 144.65 -31.14 171.07
N ILE A 87 144.07 -31.23 172.28
CA ILE A 87 143.81 -29.99 173.00
C ILE A 87 145.12 -29.37 173.48
N TRP A 88 146.10 -30.21 173.84
CA TRP A 88 147.42 -29.68 174.21
C TRP A 88 148.13 -29.07 173.01
N HIS A 89 148.03 -29.71 171.84
CA HIS A 89 148.54 -29.08 170.61
C HIS A 89 147.92 -27.70 170.41
N HIS A 90 146.60 -27.61 170.53
CA HIS A 90 145.91 -26.33 170.36
C HIS A 90 146.39 -25.31 171.37
N THR A 91 146.49 -25.72 172.64
CA THR A 91 146.90 -24.80 173.70
C THR A 91 148.32 -24.29 173.46
N PHE A 92 149.24 -25.21 173.13
CA PHE A 92 150.64 -24.82 173.00
C PHE A 92 150.88 -23.96 171.77
N TYR A 93 150.24 -24.27 170.65
CA TYR A 93 150.60 -23.61 169.39
C TYR A 93 149.60 -22.56 168.95
N ASN A 94 148.30 -22.85 169.03
CA ASN A 94 147.28 -21.90 168.60
C ASN A 94 146.91 -20.90 169.68
N GLU A 95 147.09 -21.25 170.95
CA GLU A 95 146.68 -20.39 172.06
C GLU A 95 147.86 -19.81 172.83
N LEU A 96 148.87 -20.62 173.16
CA LEU A 96 150.05 -20.12 173.85
C LEU A 96 151.13 -19.66 172.89
N ARG A 97 151.07 -20.09 171.63
CA ARG A 97 152.07 -19.75 170.62
C ARG A 97 153.47 -20.11 171.10
N VAL A 98 153.59 -21.27 171.71
CA VAL A 98 154.85 -21.74 172.29
C VAL A 98 155.14 -23.16 171.84
N ALA A 99 156.43 -23.47 171.71
CA ALA A 99 156.87 -24.82 171.40
C ALA A 99 157.38 -25.48 172.66
N PRO A 100 156.89 -26.68 173.01
CA PRO A 100 157.32 -27.33 174.25
C PRO A 100 158.74 -27.88 174.20
N GLU A 101 159.44 -27.76 173.08
CA GLU A 101 160.81 -28.27 172.98
C GLU A 101 161.75 -27.56 173.95
N GLU A 102 161.60 -26.25 174.09
CA GLU A 102 162.56 -25.43 174.81
C GLU A 102 162.09 -25.02 176.21
N HIS A 103 160.95 -25.53 176.67
CA HIS A 103 160.45 -25.16 177.99
C HIS A 103 159.96 -26.37 178.77
N PRO A 104 160.56 -26.67 179.92
CA PRO A 104 160.01 -27.71 180.80
C PRO A 104 158.62 -27.34 181.29
N THR A 105 157.82 -28.36 181.59
CA THR A 105 156.43 -28.18 181.96
C THR A 105 156.18 -28.59 183.40
N LEU A 106 155.54 -27.70 184.15
CA LEU A 106 154.98 -28.01 185.46
C LEU A 106 153.48 -28.17 185.32
N LEU A 107 152.97 -29.34 185.67
CA LEU A 107 151.56 -29.66 185.56
C LEU A 107 150.98 -29.96 186.94
N THR A 108 149.67 -29.72 187.07
CA THR A 108 148.93 -30.03 188.27
C THR A 108 147.88 -31.08 187.94
N GLU A 109 147.71 -32.06 188.82
CA GLU A 109 146.79 -33.16 188.59
C GLU A 109 145.75 -33.20 189.71
N ALA A 110 144.61 -33.78 189.38
CA ALA A 110 143.55 -33.93 190.37
C ALA A 110 144.00 -34.81 191.52
N PRO A 111 143.55 -34.52 192.74
CA PRO A 111 144.01 -35.29 193.90
C PRO A 111 143.70 -36.77 193.77
N LEU A 112 144.66 -37.60 194.18
CA LEU A 112 144.50 -39.06 194.19
C LEU A 112 144.18 -39.60 192.79
N ASN A 113 144.83 -39.04 191.78
CA ASN A 113 144.64 -39.54 190.43
C ASN A 113 145.32 -40.89 190.29
N PRO A 114 144.82 -41.75 189.38
CA PRO A 114 145.39 -43.10 189.28
C PRO A 114 146.87 -43.06 188.96
N LYS A 115 147.61 -43.99 189.57
CA LYS A 115 149.03 -44.12 189.27
C LYS A 115 149.24 -44.68 187.87
N ALA A 116 148.37 -45.61 187.45
CA ALA A 116 148.40 -46.10 186.08
C ALA A 116 148.08 -44.97 185.10
N ASN A 117 147.14 -44.10 185.47
CA ASN A 117 146.85 -42.92 184.66
C ASN A 117 148.07 -42.04 184.52
N ARG A 118 148.80 -41.85 185.62
CA ARG A 118 150.01 -41.03 185.56
C ARG A 118 151.06 -41.67 184.66
N GLU A 119 151.27 -42.98 184.80
CA GLU A 119 152.28 -43.69 183.99
C GLU A 119 151.94 -43.66 182.50
N LYS A 120 150.68 -43.87 182.12
CA LYS A 120 150.29 -43.82 180.71
C LYS A 120 150.35 -42.40 180.16
N MET A 121 149.81 -41.42 180.90
CA MET A 121 149.82 -40.05 180.40
C MET A 121 151.25 -39.54 180.25
N THR A 122 152.14 -39.86 181.20
CA THR A 122 153.52 -39.44 181.09
C THR A 122 154.21 -40.10 179.90
N GLN A 123 153.91 -41.37 179.65
CA GLN A 123 154.58 -42.08 178.56
C GLN A 123 154.13 -41.53 177.21
N ILE A 124 152.81 -41.39 177.00
CA ILE A 124 152.32 -40.83 175.75
C ILE A 124 152.84 -39.40 175.57
N MET A 125 152.85 -38.62 176.65
CA MET A 125 153.40 -37.27 176.61
C MET A 125 154.84 -37.27 176.11
N PHE A 126 155.72 -38.02 176.79
CA PHE A 126 157.13 -38.02 176.43
C PHE A 126 157.35 -38.52 175.00
N GLU A 127 156.61 -39.53 174.57
CA GLU A 127 156.79 -39.99 173.19
C GLU A 127 156.26 -38.97 172.19
N THR A 128 155.02 -38.50 172.39
CA THR A 128 154.41 -37.57 171.43
C THR A 128 155.11 -36.23 171.42
N PHE A 129 155.37 -35.66 172.59
CA PHE A 129 155.95 -34.33 172.70
C PHE A 129 157.45 -34.42 172.95
N ASN A 130 158.09 -33.26 172.91
CA ASN A 130 159.54 -33.16 173.12
C ASN A 130 159.87 -32.20 174.25
N VAL A 131 159.07 -32.25 175.31
CA VAL A 131 159.33 -31.39 176.47
C VAL A 131 160.69 -31.75 177.07
N PRO A 132 161.54 -30.78 177.43
CA PRO A 132 162.85 -31.15 177.98
C PRO A 132 162.75 -31.78 179.36
N ALA A 133 161.87 -31.26 180.22
CA ALA A 133 161.80 -31.71 181.59
C ALA A 133 160.37 -31.59 182.10
N MET A 134 160.11 -32.26 183.21
CA MET A 134 158.76 -32.48 183.69
C MET A 134 158.67 -32.36 185.21
N TYR A 135 157.50 -31.92 185.67
CA TYR A 135 157.14 -32.05 187.07
C TYR A 135 155.63 -31.97 187.15
N VAL A 136 155.03 -32.88 187.93
CA VAL A 136 153.59 -32.87 188.15
C VAL A 136 153.32 -32.92 189.65
N ALA A 137 152.34 -32.13 190.10
CA ALA A 137 152.05 -31.99 191.51
C ALA A 137 150.55 -32.01 191.74
N ILE A 138 150.17 -32.33 192.98
CA ILE A 138 148.77 -32.32 193.38
C ILE A 138 148.29 -30.88 193.54
N GLN A 139 147.05 -30.61 193.12
CA GLN A 139 146.52 -29.26 193.18
C GLN A 139 146.32 -28.78 194.63
N ALA A 140 146.32 -29.70 195.59
CA ALA A 140 146.11 -29.33 196.98
C ALA A 140 147.24 -28.45 197.49
N VAL A 141 148.48 -28.90 197.31
CA VAL A 141 149.63 -28.12 197.76
C VAL A 141 149.75 -26.84 196.94
N LEU A 142 149.29 -26.86 195.69
CA LEU A 142 149.29 -25.64 194.88
C LEU A 142 148.35 -24.59 195.48
N SER A 143 147.14 -24.99 195.87
CA SER A 143 146.23 -24.06 196.53
C SER A 143 146.80 -23.60 197.87
N LEU A 144 147.47 -24.52 198.57
CA LEU A 144 148.18 -24.15 199.80
C LEU A 144 149.20 -23.06 199.53
N TYR A 145 149.97 -23.22 198.46
CA TYR A 145 151.00 -22.25 198.10
C TYR A 145 150.36 -20.90 197.78
N ALA A 146 149.23 -20.94 197.07
CA ALA A 146 148.49 -19.72 196.78
C ALA A 146 148.05 -19.03 198.07
N SER A 147 147.60 -19.80 199.05
CA SER A 147 147.29 -19.21 200.35
C SER A 147 148.55 -18.84 201.12
N GLY A 148 149.66 -19.54 200.87
CA GLY A 148 150.91 -19.23 201.52
C GLY A 148 150.90 -19.47 203.02
N ARG A 149 150.21 -20.52 203.46
CA ARG A 149 150.18 -20.90 204.87
C ARG A 149 150.19 -22.41 204.95
N THR A 150 151.23 -22.95 205.62
CA THR A 150 151.50 -24.38 205.65
C THR A 150 150.46 -25.18 206.42
N THR A 151 149.57 -24.55 207.18
CA THR A 151 148.58 -25.26 207.98
C THR A 151 147.18 -24.99 207.45
N GLY A 152 146.39 -26.05 207.31
CA GLY A 152 145.01 -25.90 206.87
C GLY A 152 144.51 -27.14 206.17
N ILE A 153 143.19 -27.20 206.00
CA ILE A 153 142.53 -28.25 205.26
C ILE A 153 141.97 -27.65 203.99
N VAL A 154 142.33 -28.22 202.85
CA VAL A 154 141.97 -27.71 201.53
C VAL A 154 140.72 -28.44 201.06
N LEU A 155 139.70 -27.68 200.70
CA LEU A 155 138.50 -28.18 200.04
C LEU A 155 138.60 -27.80 198.57
N ASP A 156 139.03 -28.75 197.74
CA ASP A 156 139.14 -28.55 196.29
C ASP A 156 137.85 -28.97 195.63
N SER A 157 137.06 -28.00 195.16
CA SER A 157 135.77 -28.27 194.52
C SER A 157 135.93 -28.09 193.01
N GLY A 158 136.38 -29.14 192.35
CA GLY A 158 136.45 -29.16 190.90
C GLY A 158 135.08 -29.40 190.27
N ASP A 159 135.11 -29.69 188.97
CA ASP A 159 133.90 -29.98 188.22
C ASP A 159 133.58 -31.47 188.16
N GLY A 160 134.46 -32.34 188.65
CA GLY A 160 134.17 -33.75 188.67
C GLY A 160 134.18 -34.37 190.05
N VAL A 161 135.04 -33.85 190.93
CA VAL A 161 135.20 -34.38 192.28
C VAL A 161 135.40 -33.21 193.24
N THR A 162 134.98 -33.40 194.49
CA THR A 162 135.33 -32.51 195.59
C THR A 162 136.21 -33.27 196.57
N HIS A 163 137.40 -32.74 196.83
CA HIS A 163 138.40 -33.39 197.66
C HIS A 163 138.60 -32.61 198.95
N ASN A 164 138.66 -33.32 200.06
CA ASN A 164 139.07 -32.72 201.32
C ASN A 164 140.40 -33.32 201.74
N VAL A 165 141.40 -32.45 201.91
CA VAL A 165 142.77 -32.86 202.17
C VAL A 165 143.34 -32.04 203.33
N PRO A 166 143.71 -32.65 204.44
CA PRO A 166 144.34 -31.87 205.52
C PRO A 166 145.86 -31.86 205.37
N ILE A 167 146.45 -30.69 205.59
CA ILE A 167 147.90 -30.53 205.55
C ILE A 167 148.30 -29.66 206.74
N TYR A 168 149.11 -30.20 207.63
CA TYR A 168 149.56 -29.48 208.81
C TYR A 168 151.04 -29.16 208.66
N GLU A 169 151.38 -27.88 208.82
CA GLU A 169 152.75 -27.39 208.70
C GLU A 169 153.42 -27.92 207.43
N GLY A 170 152.70 -27.79 206.32
CA GLY A 170 153.22 -28.20 205.03
C GLY A 170 153.55 -29.68 204.92
N TYR A 171 152.62 -30.59 205.26
CA TYR A 171 152.89 -32.04 205.29
C TYR A 171 151.58 -32.78 205.07
N ALA A 172 151.48 -33.40 203.91
CA ALA A 172 150.26 -34.05 203.45
C ALA A 172 149.82 -35.13 204.43
N LEU A 173 148.50 -35.29 204.56
CA LEU A 173 147.88 -36.30 205.41
C LEU A 173 146.96 -37.20 204.59
N PRO A 174 147.54 -38.09 203.78
CA PRO A 174 146.69 -38.95 202.93
C PRO A 174 145.73 -39.82 203.72
N HIS A 175 146.06 -40.17 204.97
CA HIS A 175 145.16 -41.00 205.77
C HIS A 175 143.85 -40.29 206.08
N ALA A 176 143.82 -38.97 205.99
CA ALA A 176 142.63 -38.18 206.27
C ALA A 176 142.16 -37.42 205.03
N ILE A 177 142.45 -37.96 203.85
CA ILE A 177 142.04 -37.34 202.60
C ILE A 177 140.91 -38.15 201.97
N MET A 178 139.88 -37.46 201.49
CA MET A 178 138.73 -38.12 200.90
C MET A 178 138.28 -37.40 199.63
N ARG A 179 137.67 -38.18 198.73
CA ARG A 179 137.11 -37.70 197.49
C ARG A 179 135.61 -37.98 197.49
N LEU A 180 134.82 -36.97 197.13
CA LEU A 180 133.37 -37.07 197.04
C LEU A 180 132.95 -36.81 195.60
N ASP A 181 132.07 -37.68 195.10
CA ASP A 181 131.61 -37.67 193.72
C ASP A 181 130.60 -36.57 193.43
N LEU A 182 130.45 -35.60 194.31
CA LEU A 182 129.57 -34.46 194.06
C LEU A 182 130.40 -33.31 193.53
N ALA A 183 129.92 -32.69 192.46
CA ALA A 183 130.66 -31.62 191.79
C ALA A 183 129.68 -30.88 190.88
N GLY A 184 130.24 -30.10 189.95
CA GLY A 184 129.41 -29.29 189.08
C GLY A 184 128.41 -30.14 188.33
N ARG A 185 128.84 -31.32 187.87
CA ARG A 185 127.96 -32.20 187.10
C ARG A 185 126.69 -32.46 187.88
N ASP A 186 126.83 -32.88 189.15
CA ASP A 186 125.68 -33.13 190.00
C ASP A 186 124.80 -31.90 190.11
N LEU A 187 125.43 -30.74 190.35
CA LEU A 187 124.69 -29.49 190.49
C LEU A 187 123.80 -29.25 189.27
N THR A 188 124.40 -29.35 188.08
CA THR A 188 123.64 -29.18 186.85
C THR A 188 122.52 -30.20 186.73
N ASP A 189 122.81 -31.48 187.02
CA ASP A 189 121.80 -32.52 186.97
C ASP A 189 120.60 -32.19 187.86
N TYR A 190 120.85 -32.01 189.16
CA TYR A 190 119.80 -31.67 190.11
C TYR A 190 119.01 -30.44 189.65
N LEU A 191 119.70 -29.39 189.20
CA LEU A 191 119.00 -28.21 188.72
C LEU A 191 118.17 -28.54 187.48
N MET A 192 118.66 -29.45 186.65
CA MET A 192 117.93 -29.89 185.47
C MET A 192 116.61 -30.54 185.85
N LYS A 193 116.65 -31.43 186.86
CA LYS A 193 115.40 -32.09 187.25
C LYS A 193 114.44 -31.10 187.91
N ILE A 194 114.96 -30.17 188.71
CA ILE A 194 114.06 -29.17 189.32
C ILE A 194 113.44 -28.28 188.25
N LEU A 195 114.24 -27.83 187.29
CA LEU A 195 113.69 -27.03 186.19
C LEU A 195 112.71 -27.84 185.36
N THR A 196 112.93 -29.14 185.22
CA THR A 196 111.93 -30.03 184.61
C THR A 196 110.63 -29.98 185.39
N GLU A 197 110.71 -30.02 186.73
CA GLU A 197 109.51 -29.84 187.54
C GLU A 197 108.98 -28.42 187.49
N ARG A 198 109.76 -27.46 186.97
CA ARG A 198 109.26 -26.11 186.78
C ARG A 198 108.64 -25.90 185.39
N GLY A 199 108.70 -26.90 184.52
CA GLY A 199 108.08 -26.82 183.21
C GLY A 199 109.04 -26.78 182.04
N TYR A 200 110.35 -26.69 182.30
CA TYR A 200 111.35 -26.57 181.25
C TYR A 200 112.26 -27.79 181.30
N SER A 201 112.20 -28.62 180.26
CA SER A 201 112.87 -29.92 180.24
C SER A 201 113.81 -29.95 179.04
N PHE A 202 115.11 -29.82 179.30
CA PHE A 202 116.13 -29.90 178.25
C PHE A 202 117.17 -30.95 178.64
N VAL A 203 117.83 -31.51 177.63
CA VAL A 203 118.77 -32.61 177.82
C VAL A 203 120.16 -32.24 177.29
N THR A 204 120.20 -31.38 176.27
CA THR A 204 121.44 -31.10 175.57
C THR A 204 122.37 -30.21 176.41
N THR A 205 123.65 -30.14 176.00
CA THR A 205 124.70 -29.44 176.77
C THR A 205 124.64 -27.94 176.66
N ALA A 206 124.04 -27.41 175.64
CA ALA A 206 123.93 -25.96 175.59
C ALA A 206 123.12 -25.44 176.77
N GLU A 207 122.02 -26.13 177.05
CA GLU A 207 121.23 -25.73 178.20
C GLU A 207 121.98 -26.11 179.47
N ARG A 208 122.91 -27.08 179.45
CA ARG A 208 123.73 -27.37 180.62
C ARG A 208 124.58 -26.16 180.96
N GLU A 209 125.19 -25.56 179.95
CA GLU A 209 126.02 -24.37 180.16
C GLU A 209 125.16 -23.19 180.57
N ILE A 210 123.96 -23.06 179.99
CA ILE A 210 123.05 -22.00 180.39
C ILE A 210 122.70 -22.12 181.88
N VAL A 211 122.39 -23.34 182.33
CA VAL A 211 121.98 -23.48 183.73
C VAL A 211 123.18 -23.38 184.68
N ARG A 212 124.39 -23.75 184.24
CA ARG A 212 125.53 -23.48 185.11
C ARG A 212 125.83 -21.99 185.17
N ASP A 213 125.58 -21.27 184.09
CA ASP A 213 125.67 -19.81 184.13
C ASP A 213 124.66 -19.24 185.11
N ILE A 214 123.44 -19.78 185.10
CA ILE A 214 122.43 -19.38 186.08
C ILE A 214 122.94 -19.62 187.49
N LYS A 215 123.59 -20.78 187.71
CA LYS A 215 124.18 -21.06 189.02
C LYS A 215 125.25 -20.05 189.37
N GLU A 216 126.03 -19.62 188.37
CA GLU A 216 127.06 -18.62 188.62
C GLU A 216 126.45 -17.28 189.02
N LYS A 217 125.31 -16.94 188.43
CA LYS A 217 124.76 -15.60 188.62
C LYS A 217 123.82 -15.50 189.82
N LEU A 218 122.75 -16.32 189.83
CA LEU A 218 121.62 -16.07 190.73
C LEU A 218 121.57 -16.95 191.97
N CYS A 219 122.33 -18.05 192.02
CA CYS A 219 122.08 -19.04 193.06
C CYS A 219 122.44 -18.52 194.44
N TYR A 220 121.64 -18.90 195.43
CA TYR A 220 121.86 -18.66 196.84
C TYR A 220 122.36 -19.93 197.54
N VAL A 221 122.95 -19.73 198.71
CA VAL A 221 123.15 -20.79 199.69
C VAL A 221 122.26 -20.46 200.90
N ALA A 222 121.22 -21.25 201.09
CA ALA A 222 120.20 -20.95 202.09
C ALA A 222 120.81 -20.94 203.49
N LEU A 223 120.48 -19.91 204.26
CA LEU A 223 120.91 -19.89 205.66
C LEU A 223 120.13 -20.90 206.49
N ASP A 224 118.82 -20.95 206.31
CA ASP A 224 117.95 -21.97 206.90
C ASP A 224 117.09 -22.49 205.75
N PHE A 225 117.02 -23.81 205.59
CA PHE A 225 116.50 -24.34 204.34
C PHE A 225 114.97 -24.32 204.30
N GLU A 226 114.33 -25.10 205.17
CA GLU A 226 112.88 -25.26 205.06
C GLU A 226 112.16 -23.97 205.39
N ASN A 227 112.71 -23.17 206.29
CA ASN A 227 112.14 -21.86 206.57
C ASN A 227 112.22 -20.94 205.35
N GLU A 228 113.30 -21.05 204.58
CA GLU A 228 113.40 -20.21 203.39
C GLU A 228 112.49 -20.67 202.26
N MET A 229 112.26 -21.98 202.08
CA MET A 229 111.19 -22.31 201.15
C MET A 229 109.81 -21.91 201.68
N ALA A 230 109.60 -21.98 203.00
CA ALA A 230 108.33 -21.56 203.57
C ALA A 230 108.05 -20.09 203.29
N THR A 231 109.05 -19.23 203.46
CA THR A 231 108.91 -17.83 203.10
C THR A 231 109.06 -17.58 201.61
N ALA A 232 109.59 -18.54 200.84
CA ALA A 232 109.71 -18.43 199.40
C ALA A 232 108.48 -18.93 198.68
N ALA A 233 107.46 -19.37 199.41
CA ALA A 233 106.18 -19.73 198.82
C ALA A 233 105.72 -18.67 197.81
N SER A 234 105.51 -17.44 198.26
CA SER A 234 105.23 -16.33 197.33
C SER A 234 106.49 -15.53 196.98
N SER A 235 107.13 -14.92 197.99
CA SER A 235 108.39 -14.22 197.76
C SER A 235 108.47 -13.51 196.43
N SER A 236 107.68 -12.48 196.24
CA SER A 236 107.81 -11.73 195.00
C SER A 236 109.16 -11.04 194.90
N SER A 237 109.62 -10.43 196.00
CA SER A 237 110.92 -9.78 195.98
C SER A 237 112.06 -10.80 196.00
N LEU A 238 111.95 -11.84 196.84
CA LEU A 238 113.02 -12.81 196.96
C LEU A 238 113.18 -13.66 195.69
N GLU A 239 112.09 -13.92 194.98
CA GLU A 239 112.17 -14.66 193.73
C GLU A 239 112.94 -13.84 192.69
N LYS A 240 113.82 -14.51 191.95
CA LYS A 240 114.73 -13.83 191.03
C LYS A 240 114.59 -14.40 189.63
N SER A 241 114.83 -13.55 188.65
CA SER A 241 114.63 -13.91 187.25
C SER A 241 115.94 -13.81 186.49
N TYR A 242 115.98 -14.51 185.35
CA TYR A 242 117.11 -14.45 184.44
C TYR A 242 116.62 -14.22 183.02
N GLU A 243 117.45 -13.55 182.24
CA GLU A 243 117.18 -13.25 180.83
C GLU A 243 118.02 -14.19 179.98
N LEU A 244 117.39 -15.25 179.49
CA LEU A 244 118.08 -16.21 178.64
C LEU A 244 118.42 -15.59 177.29
N PRO A 245 119.52 -16.02 176.68
CA PRO A 245 119.99 -15.34 175.45
C PRO A 245 118.97 -15.29 174.33
N ASP A 246 118.06 -16.26 174.26
CA ASP A 246 116.96 -16.17 173.29
C ASP A 246 116.00 -15.03 173.61
N GLY A 247 116.03 -14.51 174.83
CA GLY A 247 115.18 -13.41 175.25
C GLY A 247 114.05 -13.75 176.21
N GLN A 248 113.74 -15.02 176.43
CA GLN A 248 112.68 -15.33 177.38
C GLN A 248 113.15 -15.11 178.80
N VAL A 249 112.22 -14.68 179.65
CA VAL A 249 112.49 -14.39 181.05
C VAL A 249 112.09 -15.65 181.84
N ILE A 250 113.07 -16.28 182.48
CA ILE A 250 112.85 -17.48 183.27
C ILE A 250 113.03 -17.14 184.73
N THR A 251 111.98 -17.37 185.51
CA THR A 251 111.92 -16.98 186.92
C THR A 251 112.15 -18.20 187.81
N ILE A 252 113.02 -18.06 188.80
CA ILE A 252 113.34 -19.12 189.74
C ILE A 252 113.33 -18.52 191.15
N GLY A 253 112.76 -19.27 192.10
CA GLY A 253 112.68 -18.81 193.46
C GLY A 253 113.54 -19.57 194.44
N ASN A 254 112.93 -20.51 195.17
CA ASN A 254 113.67 -21.29 196.16
C ASN A 254 114.76 -22.13 195.52
N GLU A 255 114.61 -22.50 194.25
CA GLU A 255 115.61 -23.34 193.59
C GLU A 255 117.01 -22.73 193.68
N ARG A 256 117.09 -21.40 193.71
CA ARG A 256 118.38 -20.72 193.81
C ARG A 256 119.19 -21.25 194.98
N PHE A 257 118.57 -21.44 196.13
CA PHE A 257 119.26 -22.01 197.28
C PHE A 257 118.89 -23.46 197.53
N ARG A 258 118.06 -24.07 196.69
CA ARG A 258 117.83 -25.50 196.80
C ARG A 258 118.77 -26.33 195.94
N CYS A 259 119.51 -25.70 195.03
CA CYS A 259 120.51 -26.42 194.21
C CYS A 259 121.86 -26.73 194.87
N PRO A 260 122.55 -25.72 195.45
CA PRO A 260 123.80 -26.08 196.13
C PRO A 260 123.53 -26.94 197.36
N GLU A 261 122.31 -26.90 197.88
CA GLU A 261 121.95 -27.68 199.06
C GLU A 261 122.05 -29.18 198.82
N THR A 262 122.01 -29.62 197.58
CA THR A 262 122.19 -31.05 197.31
C THR A 262 123.55 -31.52 197.83
N LEU A 263 124.60 -30.71 197.66
CA LEU A 263 125.90 -31.10 198.24
C LEU A 263 125.82 -31.17 199.76
N PHE A 264 125.20 -30.18 200.40
CA PHE A 264 125.04 -30.15 201.86
C PHE A 264 124.12 -31.24 202.39
N GLN A 265 123.04 -31.55 201.65
CA GLN A 265 122.08 -32.57 202.04
C GLN A 265 122.00 -33.59 200.90
N PRO A 266 122.97 -34.54 200.84
CA PRO A 266 123.00 -35.49 199.71
C PRO A 266 121.79 -36.41 199.65
N SER A 267 121.04 -36.55 200.73
CA SER A 267 119.87 -37.43 200.74
C SER A 267 118.80 -37.00 199.75
N PHE A 268 118.87 -35.77 199.23
CA PHE A 268 117.93 -35.34 198.21
C PHE A 268 117.97 -36.25 196.99
N ILE A 269 119.17 -36.62 196.53
CA ILE A 269 119.26 -37.52 195.39
C ILE A 269 120.05 -38.77 195.73
N GLY A 270 120.05 -39.16 197.00
CA GLY A 270 120.47 -40.50 197.36
C GLY A 270 121.97 -40.80 197.42
N MET A 271 122.68 -40.15 198.33
CA MET A 271 124.05 -40.54 198.66
C MET A 271 124.12 -40.97 200.12
N GLU A 272 124.82 -42.07 200.37
CA GLU A 272 125.06 -42.48 201.75
C GLU A 272 125.90 -41.45 202.50
N SER A 273 126.91 -40.90 201.84
CA SER A 273 127.74 -39.87 202.45
C SER A 273 126.89 -38.64 202.78
N ALA A 274 127.16 -38.05 203.94
CA ALA A 274 126.43 -36.85 204.36
C ALA A 274 127.04 -35.63 203.65
N GLY A 275 126.67 -34.44 204.12
CA GLY A 275 127.17 -33.22 203.51
C GLY A 275 128.68 -33.10 203.60
N ILE A 276 129.22 -32.24 202.74
CA ILE A 276 130.67 -32.06 202.68
C ILE A 276 131.24 -31.53 203.99
N HIS A 277 130.43 -30.83 204.78
CA HIS A 277 130.89 -30.42 206.11
C HIS A 277 131.14 -31.62 207.01
N GLU A 278 130.31 -32.67 206.91
CA GLU A 278 130.61 -33.90 207.63
C GLU A 278 131.91 -34.52 207.15
N THR A 279 132.20 -34.41 205.84
CA THR A 279 133.44 -34.98 205.31
C THR A 279 134.63 -34.19 205.82
N THR A 280 134.52 -32.88 205.96
CA THR A 280 135.61 -32.14 206.58
C THR A 280 135.73 -32.48 208.07
N TYR A 281 134.60 -32.59 208.77
CA TYR A 281 134.61 -32.99 210.18
C TYR A 281 135.29 -34.34 210.44
N ASN A 282 134.83 -35.41 209.77
CA ASN A 282 135.47 -36.72 209.96
C ASN A 282 136.95 -36.61 209.63
N SER A 283 137.28 -35.95 208.51
CA SER A 283 138.67 -35.80 208.12
C SER A 283 139.47 -35.23 209.28
N ILE A 284 138.93 -34.20 209.93
CA ILE A 284 139.64 -33.56 211.01
C ILE A 284 139.86 -34.54 212.17
N MET A 285 138.78 -35.20 212.64
CA MET A 285 139.00 -36.10 213.79
C MET A 285 139.88 -37.31 213.51
N LYS A 286 140.02 -37.76 212.26
CA LYS A 286 140.84 -38.94 212.01
C LYS A 286 142.26 -38.71 212.50
N CYS A 287 142.75 -37.48 212.42
CA CYS A 287 144.11 -37.15 212.82
C CYS A 287 144.11 -36.81 214.31
N ASP A 288 145.31 -36.69 214.89
CA ASP A 288 145.43 -36.40 216.31
C ASP A 288 144.52 -35.24 216.75
N ILE A 289 144.03 -35.38 217.97
CA ILE A 289 143.08 -34.42 218.55
C ILE A 289 143.64 -33.00 218.55
N ASP A 290 144.89 -32.83 219.02
CA ASP A 290 145.36 -31.51 219.43
C ASP A 290 145.30 -30.48 218.30
N ILE A 291 145.85 -30.83 217.12
CA ILE A 291 145.93 -29.85 216.04
C ILE A 291 144.57 -29.58 215.42
N ARG A 292 143.54 -30.32 215.82
CA ARG A 292 142.25 -30.19 215.17
C ARG A 292 141.74 -28.76 215.26
N LYS A 293 141.97 -28.10 216.40
CA LYS A 293 141.55 -26.71 216.53
C LYS A 293 142.16 -25.85 215.44
N ASP A 294 143.46 -26.02 215.19
CA ASP A 294 144.11 -25.27 214.12
C ASP A 294 143.47 -25.57 212.78
N LEU A 295 143.13 -26.84 212.53
CA LEU A 295 142.43 -27.17 211.30
C LEU A 295 141.12 -26.42 211.22
N TYR A 296 140.40 -26.33 212.34
CA TYR A 296 139.16 -25.57 212.37
C TYR A 296 139.42 -24.12 211.99
N ALA A 297 140.52 -23.55 212.48
CA ALA A 297 140.77 -22.13 212.27
C ALA A 297 141.51 -21.83 210.98
N ASN A 298 141.98 -22.86 210.27
CA ASN A 298 142.81 -22.65 209.09
C ASN A 298 142.23 -23.30 207.83
N ASN A 299 140.94 -23.58 207.82
CA ASN A 299 140.34 -24.21 206.64
C ASN A 299 140.38 -23.29 205.44
N VAL A 300 140.75 -23.86 204.29
CA VAL A 300 140.79 -23.12 203.04
C VAL A 300 139.87 -23.83 202.05
N MET A 301 139.26 -23.05 201.17
CA MET A 301 138.43 -23.57 200.10
C MET A 301 138.95 -23.06 198.77
N SER A 302 138.95 -23.93 197.75
CA SER A 302 139.51 -23.59 196.45
C SER A 302 138.67 -24.23 195.34
N GLY A 303 138.61 -23.56 194.20
CA GLY A 303 137.90 -24.04 193.03
C GLY A 303 137.09 -22.94 192.37
N GLY A 304 136.69 -23.19 191.13
CA GLY A 304 135.89 -22.20 190.41
C GLY A 304 134.53 -21.99 191.04
N THR A 305 133.96 -23.04 191.62
CA THR A 305 132.65 -22.94 192.26
C THR A 305 132.69 -21.88 193.36
N THR A 306 133.82 -21.76 194.05
CA THR A 306 133.94 -20.83 195.16
C THR A 306 133.53 -19.41 194.80
N MET A 307 133.44 -19.07 193.51
CA MET A 307 132.90 -17.74 193.19
C MET A 307 131.47 -17.55 193.66
N TYR A 308 130.77 -18.61 194.08
CA TYR A 308 129.39 -18.43 194.50
C TYR A 308 129.38 -17.87 195.92
N PRO A 309 128.33 -17.15 196.31
CA PRO A 309 128.20 -16.72 197.70
C PRO A 309 127.64 -17.86 198.56
N GLY A 310 127.77 -17.69 199.88
CA GLY A 310 127.11 -18.56 200.82
C GLY A 310 127.93 -19.74 201.33
N ILE A 311 129.00 -20.14 200.66
CA ILE A 311 129.76 -21.27 201.19
C ILE A 311 130.42 -20.93 202.53
N ALA A 312 130.97 -19.71 202.66
CA ALA A 312 131.68 -19.35 203.90
C ALA A 312 130.78 -19.36 205.14
N ASP A 313 129.64 -18.66 205.09
CA ASP A 313 128.78 -18.60 206.27
C ASP A 313 128.26 -19.98 206.64
N ARG A 314 127.81 -20.74 205.64
CA ARG A 314 127.29 -22.08 205.92
C ARG A 314 128.39 -22.93 206.53
N MET A 315 129.58 -22.86 205.95
CA MET A 315 130.72 -23.65 206.41
C MET A 315 130.95 -23.40 207.89
N GLN A 316 131.21 -22.14 208.25
CA GLN A 316 131.54 -21.85 209.64
C GLN A 316 130.40 -22.23 210.57
N LYS A 317 129.16 -21.82 210.25
CA LYS A 317 128.07 -22.12 211.17
C LYS A 317 127.95 -23.62 211.45
N GLU A 318 127.93 -24.45 210.40
CA GLU A 318 127.79 -25.89 210.63
C GLU A 318 128.97 -26.48 211.38
N ILE A 319 130.21 -26.06 211.07
CA ILE A 319 131.35 -26.60 211.81
C ILE A 319 131.25 -26.20 213.28
N THR A 320 130.87 -24.95 213.56
CA THR A 320 130.68 -24.54 214.95
C THR A 320 129.56 -25.33 215.62
N ALA A 321 128.51 -25.68 214.87
CA ALA A 321 127.47 -26.53 215.43
C ALA A 321 128.01 -27.91 215.78
N LEU A 322 128.85 -28.47 214.91
CA LEU A 322 129.39 -29.81 215.13
C LEU A 322 130.51 -29.83 216.16
N ALA A 323 131.44 -28.88 216.09
CA ALA A 323 132.61 -28.76 216.95
C ALA A 323 132.35 -27.77 218.08
N PRO A 324 133.04 -27.89 219.21
CA PRO A 324 132.84 -26.92 220.29
C PRO A 324 133.17 -25.51 219.83
N SER A 325 132.40 -24.55 220.35
CA SER A 325 132.48 -23.15 219.95
C SER A 325 133.39 -22.31 220.81
N THR A 326 134.47 -22.89 221.35
CA THR A 326 135.38 -22.06 222.15
C THR A 326 136.24 -21.21 221.22
N MET A 327 137.03 -21.88 220.35
CA MET A 327 137.93 -21.16 219.46
C MET A 327 137.12 -20.64 218.29
N LYS A 328 137.51 -19.48 217.77
CA LYS A 328 136.82 -18.88 216.63
C LYS A 328 137.30 -19.50 215.31
N ILE A 329 136.36 -19.95 214.50
CA ILE A 329 136.64 -20.49 213.18
C ILE A 329 136.42 -19.42 212.11
N LYS A 330 137.41 -19.26 211.24
CA LYS A 330 137.34 -18.31 210.14
C LYS A 330 137.93 -18.92 208.87
N ILE A 331 137.23 -18.72 207.77
CA ILE A 331 137.63 -19.23 206.46
C ILE A 331 138.40 -18.12 205.72
N ILE A 332 139.34 -18.51 204.88
CA ILE A 332 140.09 -17.58 204.05
C ILE A 332 139.94 -18.02 202.61
N ALA A 333 139.66 -17.07 201.71
CA ALA A 333 139.46 -17.37 200.30
C ALA A 333 139.75 -16.14 199.45
N PRO A 334 140.93 -16.03 198.85
CA PRO A 334 141.25 -14.85 198.04
C PRO A 334 140.39 -14.78 196.79
N PRO A 335 140.01 -13.59 196.35
CA PRO A 335 139.25 -13.45 195.11
C PRO A 335 139.99 -14.03 193.91
N GLU A 336 139.21 -14.61 192.99
CA GLU A 336 139.74 -15.23 191.77
C GLU A 336 140.75 -16.32 192.12
N ARG A 337 140.33 -17.25 192.98
CA ARG A 337 141.20 -18.32 193.44
C ARG A 337 141.25 -19.50 192.49
N LYS A 338 140.40 -19.54 191.46
CA LYS A 338 140.50 -20.61 190.47
C LYS A 338 141.77 -20.52 189.66
N TYR A 339 142.36 -19.33 189.54
CA TYR A 339 143.68 -19.17 188.95
C TYR A 339 144.79 -19.43 189.95
N SER A 340 144.46 -19.52 191.24
CA SER A 340 145.46 -19.57 192.29
C SER A 340 146.42 -20.73 192.12
N VAL A 341 145.89 -21.91 191.75
CA VAL A 341 146.73 -23.08 191.53
C VAL A 341 147.82 -22.75 190.52
N TRP A 342 147.42 -22.16 189.38
CA TRP A 342 148.41 -21.80 188.36
C TRP A 342 149.42 -20.81 188.92
N ILE A 343 148.96 -19.88 189.75
CA ILE A 343 149.87 -18.95 190.41
C ILE A 343 150.91 -19.71 191.21
N GLY A 344 150.46 -20.71 191.98
CA GLY A 344 151.39 -21.52 192.74
C GLY A 344 152.39 -22.23 191.83
N GLY A 345 151.95 -22.62 190.64
CA GLY A 345 152.90 -23.22 189.70
C GLY A 345 154.00 -22.25 189.36
N SER A 346 153.62 -21.00 189.07
CA SER A 346 154.63 -19.96 188.85
C SER A 346 155.54 -19.84 190.05
N ILE A 347 154.95 -19.91 191.26
CA ILE A 347 155.74 -19.83 192.48
C ILE A 347 156.77 -20.94 192.52
N LEU A 348 156.38 -22.14 192.07
CA LEU A 348 157.32 -23.26 192.04
C LEU A 348 158.48 -22.95 191.12
N ALA A 349 158.21 -22.32 189.97
CA ALA A 349 159.30 -21.99 189.07
C ALA A 349 160.08 -20.77 189.54
N SER A 350 159.57 -20.04 190.53
CA SER A 350 160.25 -18.82 190.98
C SER A 350 161.63 -19.13 191.58
N LEU A 351 161.72 -20.16 192.41
CA LEU A 351 162.92 -20.45 193.16
C LEU A 351 163.89 -21.31 192.35
N SER A 352 165.17 -21.20 192.69
CA SER A 352 166.24 -21.84 191.94
C SER A 352 166.50 -23.28 192.35
N THR A 353 165.80 -23.80 193.37
CA THR A 353 165.92 -25.20 193.72
C THR A 353 165.02 -26.10 192.86
N PHE A 354 164.03 -25.51 192.20
CA PHE A 354 163.06 -26.29 191.44
C PHE A 354 163.71 -27.09 190.31
N GLN A 355 164.78 -26.56 189.70
CA GLN A 355 165.44 -27.30 188.64
C GLN A 355 166.35 -28.41 189.14
N GLN A 356 166.45 -28.62 190.45
CA GLN A 356 167.15 -29.80 190.95
C GLN A 356 166.37 -31.08 190.68
N MET A 357 165.04 -31.02 190.62
CA MET A 357 164.24 -32.23 190.43
C MET A 357 163.31 -32.16 189.21
N TRP A 358 163.72 -31.44 188.16
CA TRP A 358 163.08 -31.62 186.87
C TRP A 358 163.23 -33.06 186.39
N ILE A 359 162.14 -33.61 185.85
CA ILE A 359 162.14 -34.96 185.30
C ILE A 359 162.62 -34.88 183.86
N THR A 360 163.92 -35.12 183.65
CA THR A 360 164.52 -34.94 182.35
C THR A 360 164.19 -36.12 181.43
N LYS A 361 164.49 -35.93 180.13
CA LYS A 361 164.22 -36.95 179.14
C LYS A 361 165.02 -38.23 179.39
N GLN A 362 166.30 -38.09 179.72
CA GLN A 362 167.17 -39.25 179.85
C GLN A 362 166.77 -40.15 181.03
N GLU A 363 166.27 -39.58 182.12
CA GLU A 363 165.80 -40.42 183.22
C GLU A 363 164.64 -41.30 182.78
N TYR A 364 163.68 -40.72 182.04
CA TYR A 364 162.57 -41.50 181.51
C TYR A 364 163.05 -42.53 180.49
N ASP A 365 164.03 -42.17 179.66
CA ASP A 365 164.58 -43.13 178.71
C ASP A 365 165.28 -44.30 179.41
N GLU A 366 165.91 -44.04 180.55
CA GLU A 366 166.57 -45.10 181.30
C GLU A 366 165.54 -46.02 181.97
N ALA A 367 164.71 -45.46 182.86
CA ALA A 367 163.86 -46.26 183.71
C ALA A 367 162.41 -46.35 183.22
N GLY A 368 162.12 -45.89 182.01
CA GLY A 368 160.76 -45.89 181.52
C GLY A 368 159.89 -44.93 182.29
N PRO A 369 158.57 -45.11 182.22
CA PRO A 369 157.68 -44.31 183.08
C PRO A 369 157.87 -44.60 184.56
N SER A 370 158.34 -45.81 184.89
CA SER A 370 158.41 -46.23 186.29
C SER A 370 159.25 -45.29 187.13
N ILE A 371 160.16 -44.54 186.50
CA ILE A 371 161.03 -43.63 187.24
C ILE A 371 160.21 -42.59 188.01
N VAL A 372 159.03 -42.22 187.50
CA VAL A 372 158.26 -41.20 188.22
C VAL A 372 157.85 -41.72 189.58
N HIS A 373 157.69 -43.05 189.71
CA HIS A 373 157.32 -43.65 190.99
C HIS A 373 158.35 -43.33 192.07
N ARG A 374 159.59 -43.07 191.65
CA ARG A 374 160.66 -42.72 192.56
C ARG A 374 161.08 -41.26 192.44
N LYS A 375 160.62 -40.54 191.41
CA LYS A 375 161.12 -39.20 191.17
C LYS A 375 160.18 -38.11 191.68
N CYS A 376 158.88 -38.38 191.72
CA CYS A 376 157.94 -37.42 192.29
C CYS A 376 157.69 -37.73 193.76
N PHE A 377 157.25 -38.95 194.07
CA PHE A 377 157.14 -39.39 195.44
C PHE A 377 158.19 -40.45 195.75
N ASP B 3 75.88 -50.13 183.78
CA ASP B 3 76.56 -49.89 185.05
C ASP B 3 76.30 -51.02 186.04
N GLU B 4 77.36 -51.47 186.71
CA GLU B 4 77.21 -52.49 187.73
C GLU B 4 76.44 -51.96 188.93
N ASP B 5 75.68 -52.86 189.57
CA ASP B 5 74.88 -52.48 190.73
C ASP B 5 75.77 -51.98 191.87
N GLU B 6 77.01 -52.44 191.93
CA GLU B 6 77.92 -52.06 192.99
C GLU B 6 78.60 -50.74 192.61
N THR B 7 79.05 -50.00 193.62
CA THR B 7 79.65 -48.68 193.46
C THR B 7 81.15 -48.76 193.19
N THR B 8 81.62 -49.83 192.55
CA THR B 8 83.03 -50.04 192.27
C THR B 8 83.64 -48.85 191.54
N ALA B 9 84.97 -48.71 191.64
CA ALA B 9 85.65 -47.52 191.15
C ALA B 9 85.90 -47.59 189.65
N LEU B 10 86.16 -46.43 189.07
CA LEU B 10 86.58 -46.30 187.68
C LEU B 10 88.10 -46.44 187.60
N VAL B 11 88.58 -47.14 186.57
CA VAL B 11 90.00 -47.31 186.33
C VAL B 11 90.30 -46.79 184.94
N CYS B 12 91.09 -45.72 184.86
CA CYS B 12 91.36 -45.05 183.60
C CYS B 12 92.86 -44.78 183.47
N ASP B 13 93.47 -45.33 182.44
CA ASP B 13 94.86 -45.08 182.10
C ASP B 13 94.89 -44.07 180.94
N ASN B 14 95.25 -42.83 181.26
CA ASN B 14 95.45 -41.81 180.22
C ASN B 14 96.91 -41.84 179.76
N GLY B 15 97.28 -42.97 179.16
CA GLY B 15 98.64 -43.12 178.67
C GLY B 15 98.96 -42.14 177.56
N SER B 16 100.23 -41.76 177.47
CA SER B 16 100.69 -40.79 176.49
C SER B 16 100.66 -41.47 175.12
N GLY B 17 99.48 -41.48 174.51
CA GLY B 17 99.28 -42.12 173.22
C GLY B 17 98.01 -42.93 173.12
N LEU B 18 97.49 -43.40 174.26
CA LEU B 18 96.29 -44.20 174.28
C LEU B 18 95.55 -43.97 175.58
N VAL B 19 94.22 -43.91 175.51
CA VAL B 19 93.36 -43.80 176.69
C VAL B 19 92.57 -45.10 176.82
N LYS B 20 92.70 -45.75 177.97
CA LYS B 20 92.09 -47.05 178.24
C LYS B 20 91.30 -46.97 179.53
N ALA B 21 89.97 -47.05 179.44
CA ALA B 21 89.11 -46.80 180.59
C ALA B 21 88.16 -47.96 180.79
N GLY B 22 87.77 -48.17 182.04
CA GLY B 22 86.83 -49.22 182.36
C GLY B 22 86.51 -49.23 183.84
N PHE B 23 85.95 -50.34 184.31
CA PHE B 23 85.52 -50.48 185.69
C PHE B 23 86.55 -51.28 186.49
N ALA B 24 86.57 -51.02 187.80
CA ALA B 24 87.42 -51.79 188.69
C ALA B 24 86.88 -53.21 188.84
N GLY B 25 87.80 -54.16 189.01
CA GLY B 25 87.47 -55.56 189.03
C GLY B 25 87.43 -56.22 187.67
N ASP B 26 87.55 -55.44 186.60
CA ASP B 26 87.60 -55.96 185.25
C ASP B 26 89.03 -56.32 184.87
N ASP B 27 89.17 -57.27 183.95
CA ASP B 27 90.50 -57.71 183.54
C ASP B 27 91.12 -56.81 182.47
N ALA B 28 90.32 -56.26 181.58
CA ALA B 28 90.81 -55.39 180.53
C ALA B 28 89.96 -54.13 180.45
N PRO B 29 90.55 -53.00 180.06
CA PRO B 29 89.76 -51.78 179.89
C PRO B 29 88.72 -51.95 178.79
N ARG B 30 87.55 -51.33 179.00
CA ARG B 30 86.46 -51.51 178.05
C ARG B 30 86.57 -50.56 176.86
N ALA B 31 86.85 -49.28 177.12
CA ALA B 31 86.93 -48.28 176.07
C ALA B 31 88.39 -47.89 175.88
N VAL B 32 88.98 -48.28 174.77
CA VAL B 32 90.38 -48.01 174.46
C VAL B 32 90.43 -47.26 173.13
N PHE B 33 91.00 -46.07 173.14
CA PHE B 33 91.11 -45.28 171.92
C PHE B 33 92.41 -44.50 171.88
N PRO B 34 92.95 -44.25 170.69
CA PRO B 34 94.13 -43.38 170.57
C PRO B 34 93.81 -41.94 170.94
N SER B 35 94.87 -41.20 171.28
CA SER B 35 94.73 -39.86 171.82
C SER B 35 94.71 -38.78 170.74
N ILE B 36 94.30 -39.11 169.52
CA ILE B 36 94.20 -38.13 168.45
C ILE B 36 92.83 -37.45 168.56
N VAL B 37 92.74 -36.18 168.17
CA VAL B 37 91.49 -35.43 168.22
C VAL B 37 91.32 -34.68 166.90
N GLY B 38 90.18 -34.88 166.25
CA GLY B 38 89.92 -34.26 164.96
C GLY B 38 88.96 -33.09 165.04
N ARG B 39 89.26 -31.99 164.32
CA ARG B 39 88.37 -30.83 164.28
C ARG B 39 88.10 -30.45 162.83
N PRO B 40 86.90 -29.93 162.51
CA PRO B 40 86.50 -29.62 161.13
C PRO B 40 87.54 -28.74 160.42
N ARG B 41 88.03 -29.25 159.29
CA ARG B 41 89.03 -28.52 158.51
C ARG B 41 88.48 -27.24 157.88
N HIS B 42 87.16 -27.15 157.67
CA HIS B 42 86.56 -25.97 157.08
C HIS B 42 85.32 -25.56 157.86
N GLN B 43 84.63 -24.55 157.35
CA GLN B 43 83.47 -23.97 158.00
C GLN B 43 82.16 -24.58 157.50
N GLY B 44 81.07 -24.22 158.17
CA GLY B 44 79.74 -24.74 157.91
C GLY B 44 78.83 -23.97 156.98
N VAL B 45 78.35 -24.63 155.93
CA VAL B 45 77.43 -24.05 154.97
C VAL B 45 76.31 -25.05 154.68
N MET B 46 76.57 -26.37 154.71
CA MET B 46 75.47 -27.36 154.59
C MET B 46 74.79 -27.38 155.96
N VAL B 47 73.68 -28.10 156.10
CA VAL B 47 72.93 -28.10 157.37
C VAL B 47 72.22 -29.42 157.66
N GLY B 48 72.00 -29.76 158.94
CA GLY B 48 71.23 -30.96 159.27
C GLY B 48 71.88 -32.33 159.25
N MET B 49 73.19 -32.42 159.08
CA MET B 49 73.89 -33.71 159.13
C MET B 49 75.31 -33.36 159.51
N GLY B 50 75.92 -34.11 160.43
CA GLY B 50 77.24 -33.68 160.88
C GLY B 50 77.24 -32.31 161.55
N GLN B 51 78.15 -31.45 161.10
CA GLN B 51 78.32 -30.09 161.62
C GLN B 51 78.58 -30.10 163.12
N LYS B 52 79.48 -30.98 163.54
CA LYS B 52 79.85 -31.09 164.95
C LYS B 52 81.34 -30.78 165.05
N ASP B 53 81.71 -29.98 166.06
CA ASP B 53 83.09 -29.59 166.27
C ASP B 53 83.99 -30.76 166.65
N SER B 54 84.03 -31.13 167.92
CA SER B 54 84.94 -32.16 168.38
C SER B 54 84.55 -33.54 167.84
N TYR B 55 85.55 -34.26 167.33
CA TYR B 55 85.41 -35.65 166.92
C TYR B 55 86.52 -36.43 167.60
N VAL B 56 86.14 -37.47 168.35
CA VAL B 56 87.10 -38.27 169.12
C VAL B 56 86.83 -39.75 168.86
N GLY B 57 87.87 -40.55 169.11
CA GLY B 57 87.76 -41.99 169.03
C GLY B 57 87.66 -42.49 167.60
N ASP B 58 87.00 -43.64 167.45
CA ASP B 58 86.88 -44.27 166.15
C ASP B 58 86.14 -43.37 165.16
N GLU B 59 85.27 -42.49 165.66
CA GLU B 59 84.62 -41.53 164.76
C GLU B 59 85.66 -40.68 164.04
N ALA B 60 86.62 -40.13 164.78
CA ALA B 60 87.68 -39.36 164.14
C ALA B 60 88.58 -40.25 163.29
N GLN B 61 88.78 -41.51 163.71
CA GLN B 61 89.57 -42.41 162.89
C GLN B 61 88.93 -42.62 161.52
N SER B 62 87.61 -42.76 161.49
CA SER B 62 86.91 -42.85 160.21
C SER B 62 86.89 -41.52 159.48
N LYS B 63 86.91 -40.40 160.22
CA LYS B 63 86.82 -39.08 159.61
C LYS B 63 88.17 -38.37 159.61
N ARG B 64 89.27 -39.12 159.50
CA ARG B 64 90.61 -38.53 159.55
C ARG B 64 90.82 -37.56 158.41
N GLY B 65 90.35 -37.91 157.21
CA GLY B 65 90.64 -37.09 156.05
C GLY B 65 90.01 -35.72 156.10
N ILE B 66 88.83 -35.60 156.73
CA ILE B 66 88.11 -34.34 156.73
C ILE B 66 88.50 -33.43 157.89
N LEU B 67 89.24 -33.95 158.86
CA LEU B 67 89.53 -33.23 160.08
C LEU B 67 91.00 -32.87 160.15
N THR B 68 91.29 -31.69 160.66
CA THR B 68 92.64 -31.42 161.14
C THR B 68 92.87 -32.24 162.39
N LEU B 69 93.89 -33.09 162.36
CA LEU B 69 94.16 -34.02 163.45
C LEU B 69 95.18 -33.37 164.36
N LYS B 70 94.79 -33.15 165.61
CA LYS B 70 95.60 -32.44 166.59
C LYS B 70 95.75 -33.30 167.83
N TYR B 71 96.83 -33.05 168.58
CA TYR B 71 97.17 -33.85 169.74
C TYR B 71 96.97 -32.98 170.98
N PRO B 72 95.96 -33.23 171.81
CA PRO B 72 95.80 -32.44 173.03
C PRO B 72 96.95 -32.58 174.01
N ILE B 73 97.75 -33.65 173.91
CA ILE B 73 98.92 -33.85 174.73
C ILE B 73 100.07 -34.31 173.85
N GLU B 74 101.26 -33.77 174.10
CA GLU B 74 102.45 -34.23 173.39
C GLU B 74 103.61 -34.17 174.38
N GLY B 76 103.65 -35.04 177.30
CA GLY B 76 103.16 -34.61 178.60
C GLY B 76 102.57 -33.21 178.63
N ILE B 77 103.01 -32.34 177.72
CA ILE B 77 102.56 -30.96 177.71
C ILE B 77 101.08 -30.91 177.33
N ILE B 78 100.32 -30.07 178.02
CA ILE B 78 98.88 -29.96 177.84
C ILE B 78 98.57 -28.72 177.02
N THR B 79 97.81 -28.89 175.94
CA THR B 79 97.40 -27.77 175.09
C THR B 79 96.13 -27.10 175.60
N ASN B 80 95.01 -27.83 175.59
CA ASN B 80 93.71 -27.26 175.91
C ASN B 80 92.92 -28.22 176.78
N TRP B 81 92.63 -27.80 178.01
CA TRP B 81 91.87 -28.63 178.94
C TRP B 81 90.46 -28.93 178.44
N ASP B 82 89.89 -28.03 177.62
CA ASP B 82 88.57 -28.31 177.04
C ASP B 82 88.59 -29.60 176.22
N ASP B 83 89.70 -29.88 175.55
CA ASP B 83 89.80 -31.11 174.77
C ASP B 83 89.71 -32.34 175.66
N MET B 84 90.43 -32.34 176.78
CA MET B 84 90.30 -33.43 177.76
C MET B 84 88.89 -33.49 178.33
N GLU B 85 88.28 -32.33 178.60
CA GLU B 85 86.90 -32.32 179.08
C GLU B 85 85.99 -33.07 178.13
N LYS B 86 86.05 -32.73 176.84
CA LYS B 86 85.19 -33.37 175.86
C LYS B 86 85.51 -34.86 175.72
N ILE B 87 86.78 -35.22 175.67
CA ILE B 87 87.09 -36.63 175.43
C ILE B 87 86.71 -37.47 176.65
N TRP B 88 86.85 -36.92 177.86
CA TRP B 88 86.41 -37.63 179.05
C TRP B 88 84.90 -37.75 179.10
N HIS B 89 84.17 -36.70 178.71
CA HIS B 89 82.73 -36.81 178.56
C HIS B 89 82.37 -37.95 177.62
N HIS B 90 83.01 -37.99 176.45
CA HIS B 90 82.75 -39.04 175.46
C HIS B 90 83.03 -40.41 176.05
N THR B 91 84.19 -40.57 176.71
CA THR B 91 84.57 -41.86 177.27
C THR B 91 83.58 -42.31 178.33
N PHE B 92 83.21 -41.41 179.25
CA PHE B 92 82.36 -41.79 180.37
C PHE B 92 80.94 -42.11 179.92
N TYR B 93 80.39 -41.33 178.98
CA TYR B 93 78.97 -41.45 178.68
C TYR B 93 78.68 -42.16 177.36
N ASN B 94 79.42 -41.85 176.30
CA ASN B 94 79.18 -42.48 175.00
C ASN B 94 79.91 -43.80 174.85
N GLU B 95 81.02 -44.01 175.58
CA GLU B 95 81.83 -45.21 175.44
C GLU B 95 81.76 -46.12 176.65
N LEU B 96 81.86 -45.58 177.86
CA LEU B 96 81.75 -46.40 179.06
C LEU B 96 80.32 -46.49 179.58
N ARG B 97 79.44 -45.59 179.13
CA ARG B 97 78.04 -45.56 179.56
C ARG B 97 77.95 -45.52 181.09
N VAL B 98 78.81 -44.71 181.70
CA VAL B 98 78.89 -44.60 183.15
C VAL B 98 78.86 -43.14 183.57
N ALA B 99 78.29 -42.89 184.75
CA ALA B 99 78.28 -41.56 185.33
C ALA B 99 79.34 -41.48 186.42
N PRO B 100 80.24 -40.50 186.39
CA PRO B 100 81.30 -40.44 187.41
C PRO B 100 80.83 -40.00 188.78
N GLU B 101 79.54 -39.70 188.95
CA GLU B 101 79.03 -39.29 190.26
C GLU B 101 79.19 -40.38 191.30
N GLU B 102 78.93 -41.64 190.92
CA GLU B 102 78.83 -42.74 191.87
C GLU B 102 80.07 -43.64 191.88
N HIS B 103 81.12 -43.28 191.16
CA HIS B 103 82.32 -44.12 191.12
C HIS B 103 83.59 -43.29 191.25
N PRO B 104 84.39 -43.52 192.30
CA PRO B 104 85.71 -42.89 192.39
C PRO B 104 86.60 -43.34 191.25
N THR B 105 87.54 -42.47 190.88
CA THR B 105 88.41 -42.69 189.72
C THR B 105 89.86 -42.89 190.14
N LEU B 106 90.47 -43.96 189.65
CA LEU B 106 91.90 -44.16 189.72
C LEU B 106 92.50 -43.88 188.36
N LEU B 107 93.41 -42.90 188.30
CA LEU B 107 94.05 -42.47 187.07
C LEU B 107 95.54 -42.72 187.14
N THR B 108 96.14 -42.91 185.97
CA THR B 108 97.58 -43.06 185.82
C THR B 108 98.11 -41.89 185.00
N GLU B 109 99.25 -41.35 185.42
CA GLU B 109 99.83 -40.20 184.76
C GLU B 109 101.23 -40.53 184.26
N ALA B 110 101.67 -39.80 183.24
CA ALA B 110 103.00 -39.99 182.69
C ALA B 110 104.06 -39.68 183.76
N PRO B 111 105.18 -40.41 183.75
CA PRO B 111 106.20 -40.20 184.78
C PRO B 111 106.72 -38.77 184.79
N LEU B 112 106.92 -38.24 185.99
CA LEU B 112 107.49 -36.90 186.19
C LEU B 112 106.65 -35.82 185.51
N ASN B 113 105.33 -35.97 185.57
CA ASN B 113 104.45 -34.97 185.00
C ASN B 113 104.49 -33.70 185.87
N PRO B 114 104.25 -32.54 185.27
CA PRO B 114 104.36 -31.29 186.05
C PRO B 114 103.43 -31.29 187.25
N LYS B 115 103.93 -30.74 188.36
CA LYS B 115 103.10 -30.58 189.55
C LYS B 115 102.03 -29.53 189.33
N ALA B 116 102.37 -28.46 188.60
CA ALA B 116 101.37 -27.47 188.22
C ALA B 116 100.32 -28.08 187.31
N ASN B 117 100.75 -28.97 186.40
CA ASN B 117 99.82 -29.69 185.56
C ASN B 117 98.86 -30.52 186.40
N ARG B 118 99.39 -31.19 187.42
CA ARG B 118 98.54 -31.99 188.30
C ARG B 118 97.54 -31.11 189.05
N GLU B 119 98.00 -29.98 189.59
CA GLU B 119 97.12 -29.08 190.34
C GLU B 119 96.01 -28.49 189.48
N LYS B 120 96.32 -28.06 188.24
CA LYS B 120 95.31 -27.51 187.36
C LYS B 120 94.34 -28.59 186.87
N MET B 121 94.87 -29.74 186.44
CA MET B 121 93.99 -30.80 185.95
C MET B 121 93.06 -31.30 187.05
N THR B 122 93.58 -31.43 188.29
CA THR B 122 92.73 -31.87 189.39
C THR B 122 91.66 -30.84 189.71
N GLN B 123 92.02 -29.55 189.63
CA GLN B 123 91.05 -28.52 189.98
C GLN B 123 89.93 -28.45 188.93
N ILE B 124 90.30 -28.40 187.65
CA ILE B 124 89.28 -28.38 186.60
C ILE B 124 88.43 -29.65 186.66
N MET B 125 89.06 -30.79 186.91
CA MET B 125 88.33 -32.05 187.07
C MET B 125 87.28 -31.94 188.17
N PHE B 126 87.71 -31.58 189.39
CA PHE B 126 86.79 -31.53 190.52
C PHE B 126 85.67 -30.53 190.29
N GLU B 127 85.97 -29.37 189.70
CA GLU B 127 84.90 -28.41 189.44
C GLU B 127 83.95 -28.90 188.34
N THR B 128 84.51 -29.33 187.20
CA THR B 128 83.67 -29.75 186.08
C THR B 128 82.90 -31.03 186.39
N PHE B 129 83.57 -32.04 186.94
CA PHE B 129 82.97 -33.34 187.19
C PHE B 129 82.53 -33.44 188.65
N ASN B 130 81.83 -34.53 188.96
CA ASN B 130 81.33 -34.80 190.30
C ASN B 130 81.82 -36.15 190.81
N VAL B 131 83.07 -36.49 190.50
CA VAL B 131 83.63 -37.75 190.98
C VAL B 131 83.65 -37.75 192.51
N PRO B 132 83.26 -38.83 193.18
CA PRO B 132 83.27 -38.80 194.65
C PRO B 132 84.67 -38.77 195.22
N ALA B 133 85.60 -39.53 194.64
CA ALA B 133 86.92 -39.68 195.21
C ALA B 133 87.94 -39.88 194.10
N MET B 134 89.20 -39.71 194.45
CA MET B 134 90.28 -39.61 193.46
C MET B 134 91.53 -40.32 193.93
N TYR B 135 92.28 -40.83 192.97
CA TYR B 135 93.65 -41.25 193.19
C TYR B 135 94.36 -41.26 191.85
N VAL B 136 95.57 -40.72 191.82
CA VAL B 136 96.39 -40.71 190.61
C VAL B 136 97.77 -41.26 190.95
N ALA B 137 98.30 -42.09 190.07
CA ALA B 137 99.57 -42.77 190.32
C ALA B 137 100.42 -42.75 189.06
N ILE B 138 101.73 -42.93 189.26
CA ILE B 138 102.68 -43.01 188.16
C ILE B 138 102.54 -44.36 187.45
N GLN B 139 102.64 -44.35 186.12
CA GLN B 139 102.48 -45.58 185.36
C GLN B 139 103.60 -46.59 185.62
N ALA B 140 104.72 -46.13 186.19
CA ALA B 140 105.85 -47.01 186.46
C ALA B 140 105.48 -48.10 187.46
N VAL B 141 104.93 -47.69 188.61
CA VAL B 141 104.54 -48.65 189.63
C VAL B 141 103.38 -49.50 189.13
N LEU B 142 102.54 -48.96 188.24
CA LEU B 142 101.47 -49.75 187.64
C LEU B 142 102.03 -50.89 186.79
N SER B 143 103.02 -50.59 185.95
CA SER B 143 103.65 -51.66 185.17
C SER B 143 104.36 -52.65 186.09
N LEU B 144 104.96 -52.14 187.17
CA LEU B 144 105.55 -53.00 188.18
C LEU B 144 104.50 -53.97 188.74
N TYR B 145 103.33 -53.43 189.07
CA TYR B 145 102.26 -54.25 189.62
C TYR B 145 101.82 -55.30 188.62
N ALA B 146 101.73 -54.91 187.35
CA ALA B 146 101.41 -55.87 186.30
C ALA B 146 102.44 -56.99 186.22
N SER B 147 103.72 -56.64 186.37
CA SER B 147 104.74 -57.68 186.46
C SER B 147 104.70 -58.42 187.79
N GLY B 148 104.24 -57.75 188.85
CA GLY B 148 104.13 -58.38 190.15
C GLY B 148 105.47 -58.76 190.76
N ARG B 149 106.49 -57.93 190.56
CA ARG B 149 107.80 -58.15 191.15
C ARG B 149 108.37 -56.80 191.55
N THR B 150 108.65 -56.64 192.84
CA THR B 150 109.04 -55.37 193.43
C THR B 150 110.42 -54.88 192.98
N THR B 151 111.22 -55.70 192.33
CA THR B 151 112.56 -55.30 191.91
C THR B 151 112.63 -55.25 190.39
N GLY B 152 113.22 -54.18 189.87
CA GLY B 152 113.42 -54.05 188.44
C GLY B 152 113.47 -52.60 188.01
N ILE B 153 113.93 -52.40 186.78
CA ILE B 153 113.96 -51.08 186.15
C ILE B 153 112.94 -51.09 185.01
N VAL B 154 112.02 -50.14 185.03
CA VAL B 154 110.91 -50.06 184.09
C VAL B 154 111.31 -49.11 182.97
N LEU B 155 111.21 -49.60 181.74
CA LEU B 155 111.36 -48.79 180.53
C LEU B 155 109.96 -48.56 179.98
N ASP B 156 109.39 -47.39 180.27
CA ASP B 156 108.08 -47.01 179.78
C ASP B 156 108.23 -46.27 178.45
N SER B 157 107.86 -46.92 177.35
CA SER B 157 107.98 -46.33 176.01
C SER B 157 106.60 -45.90 175.53
N GLY B 158 106.19 -44.69 175.93
CA GLY B 158 104.97 -44.10 175.45
C GLY B 158 105.12 -43.54 174.04
N ASP B 159 104.12 -42.75 173.65
CA ASP B 159 104.13 -42.11 172.34
C ASP B 159 104.71 -40.70 172.37
N GLY B 160 105.02 -40.17 173.55
CA GLY B 160 105.65 -38.86 173.62
C GLY B 160 107.00 -38.86 174.30
N VAL B 161 107.18 -39.74 175.28
CA VAL B 161 108.41 -39.81 176.06
C VAL B 161 108.74 -41.27 176.34
N THR B 162 110.03 -41.57 176.47
CA THR B 162 110.49 -42.85 177.00
C THR B 162 111.18 -42.61 178.33
N HIS B 163 110.70 -43.28 179.37
CA HIS B 163 111.16 -43.08 180.73
C HIS B 163 111.89 -44.32 181.22
N ASN B 164 113.02 -44.13 181.88
CA ASN B 164 113.70 -45.21 182.57
C ASN B 164 113.66 -44.91 184.07
N VAL B 165 113.07 -45.84 184.82
CA VAL B 165 112.82 -45.66 186.25
C VAL B 165 113.26 -46.91 187.00
N PRO B 166 114.24 -46.84 187.90
CA PRO B 166 114.59 -48.01 188.69
C PRO B 166 113.80 -48.06 190.00
N ILE B 167 113.32 -49.26 190.34
CA ILE B 167 112.61 -49.48 191.59
C ILE B 167 113.12 -50.78 192.19
N TYR B 168 113.68 -50.70 193.38
CA TYR B 168 114.24 -51.85 194.08
C TYR B 168 113.36 -52.18 195.27
N GLU B 169 112.90 -53.42 195.33
CA GLU B 169 112.04 -53.92 196.41
C GLU B 169 110.87 -52.97 196.65
N GLY B 170 110.22 -52.59 195.55
CA GLY B 170 109.06 -51.73 195.61
C GLY B 170 109.31 -50.37 196.21
N TYR B 171 110.50 -49.79 195.95
CA TYR B 171 110.92 -48.41 196.29
C TYR B 171 111.28 -47.58 195.06
N ALA B 172 110.62 -46.42 194.84
CA ALA B 172 111.00 -45.57 193.71
C ALA B 172 112.37 -44.94 193.93
N LEU B 173 113.12 -44.77 192.83
CA LEU B 173 114.43 -44.15 192.85
C LEU B 173 114.45 -42.93 191.92
N PRO B 174 113.82 -41.83 192.33
CA PRO B 174 113.77 -40.65 191.44
C PRO B 174 115.15 -40.11 191.08
N HIS B 175 116.16 -40.32 191.94
CA HIS B 175 117.50 -39.83 191.63
C HIS B 175 118.09 -40.51 190.42
N ALA B 176 117.59 -41.69 190.05
CA ALA B 176 118.09 -42.44 188.90
C ALA B 176 117.00 -42.61 187.84
N ILE B 177 116.07 -41.65 187.77
CA ILE B 177 115.00 -41.69 186.78
C ILE B 177 115.25 -40.63 185.73
N MET B 178 115.06 -40.99 184.46
CA MET B 178 115.29 -40.08 183.35
C MET B 178 114.20 -40.20 182.30
N ARG B 179 113.99 -39.09 181.60
CA ARG B 179 113.03 -38.99 180.50
C ARG B 179 113.79 -38.64 179.23
N LEU B 180 113.50 -39.36 178.15
CA LEU B 180 114.09 -39.15 176.85
C LEU B 180 113.00 -38.77 175.86
N ASP B 181 113.26 -37.73 175.08
CA ASP B 181 112.30 -37.14 174.15
C ASP B 181 112.13 -37.97 172.87
N LEU B 182 112.61 -39.21 172.85
CA LEU B 182 112.40 -40.08 171.70
C LEU B 182 111.21 -40.98 171.98
N ALA B 183 110.31 -41.08 171.00
CA ALA B 183 109.09 -41.84 171.15
C ALA B 183 108.50 -42.09 169.77
N GLY B 184 107.22 -42.46 169.73
CA GLY B 184 106.59 -42.80 168.48
C GLY B 184 106.69 -41.66 167.49
N ARG B 185 106.52 -40.42 167.98
CA ARG B 185 106.55 -39.25 167.10
C ARG B 185 107.85 -39.24 166.32
N ASP B 186 108.98 -39.39 167.02
CA ASP B 186 110.28 -39.41 166.37
C ASP B 186 110.35 -40.54 165.35
N LEU B 187 109.88 -41.72 165.73
CA LEU B 187 109.92 -42.87 164.83
C LEU B 187 109.20 -42.55 163.53
N THR B 188 107.98 -42.01 163.62
CA THR B 188 107.23 -41.63 162.43
C THR B 188 107.97 -40.58 161.62
N ASP B 189 108.51 -39.55 162.28
CA ASP B 189 109.25 -38.51 161.60
C ASP B 189 110.42 -39.09 160.80
N TYR B 190 111.32 -39.79 161.47
CA TYR B 190 112.46 -40.41 160.80
C TYR B 190 112.02 -41.30 159.64
N LEU B 191 110.99 -42.12 159.85
CA LEU B 191 110.50 -42.96 158.76
C LEU B 191 109.95 -42.11 157.63
N MET B 192 109.33 -40.98 157.96
CA MET B 192 108.83 -40.06 156.95
C MET B 192 109.95 -39.54 156.08
N LYS B 193 111.06 -39.13 156.69
CA LYS B 193 112.16 -38.60 155.88
C LYS B 193 112.80 -39.71 155.04
N ILE B 194 112.93 -40.92 155.60
CA ILE B 194 113.50 -42.00 154.80
C ILE B 194 112.58 -42.36 153.63
N LEU B 195 111.28 -42.43 153.87
CA LEU B 195 110.33 -42.68 152.78
C LEU B 195 110.34 -41.55 151.76
N THR B 196 110.56 -40.31 152.22
CA THR B 196 110.68 -39.18 151.31
C THR B 196 111.89 -39.48 150.45
N GLU B 197 112.94 -40.01 151.06
CA GLU B 197 114.12 -40.42 150.30
C GLU B 197 113.79 -41.55 149.33
N ARG B 198 112.90 -42.45 149.71
CA ARG B 198 112.47 -43.52 148.80
C ARG B 198 111.53 -43.08 147.67
N GLY B 199 111.09 -41.82 147.64
CA GLY B 199 110.25 -41.32 146.57
C GLY B 199 108.84 -40.94 146.98
N TYR B 200 108.45 -41.22 148.23
CA TYR B 200 107.09 -40.98 148.70
C TYR B 200 107.15 -39.93 149.81
N SER B 201 106.58 -38.76 149.55
CA SER B 201 106.70 -37.61 150.45
C SER B 201 105.30 -37.15 150.85
N PHE B 202 104.90 -37.46 152.07
CA PHE B 202 103.62 -37.03 152.60
C PHE B 202 103.83 -36.30 153.92
N VAL B 203 102.88 -35.42 154.26
CA VAL B 203 102.99 -34.56 155.43
C VAL B 203 101.82 -34.77 156.38
N THR B 204 100.67 -35.15 155.85
CA THR B 204 99.44 -35.21 156.63
C THR B 204 99.43 -36.42 157.57
N THR B 205 98.49 -36.37 158.53
CA THR B 205 98.46 -37.34 159.62
C THR B 205 97.93 -38.71 159.20
N ALA B 206 97.12 -38.78 158.13
CA ALA B 206 96.64 -40.08 157.68
C ALA B 206 97.81 -40.96 157.28
N GLU B 207 98.76 -40.38 156.57
CA GLU B 207 99.93 -41.15 156.20
C GLU B 207 100.78 -41.37 157.45
N ARG B 208 100.68 -40.53 158.49
CA ARG B 208 101.40 -40.79 159.73
C ARG B 208 100.91 -42.08 160.35
N GLU B 209 99.59 -42.27 160.37
CA GLU B 209 99.00 -43.48 160.92
C GLU B 209 99.32 -44.68 160.03
N ILE B 210 99.32 -44.48 158.71
CA ILE B 210 99.71 -45.56 157.80
C ILE B 210 101.13 -46.02 158.09
N VAL B 211 102.05 -45.08 158.26
CA VAL B 211 103.46 -45.47 158.46
C VAL B 211 103.67 -46.03 159.86
N ARG B 212 102.90 -45.59 160.86
CA ARG B 212 103.04 -46.25 162.16
C ARG B 212 102.46 -47.66 162.11
N ASP B 213 101.42 -47.88 161.30
CA ASP B 213 100.93 -49.24 161.07
C ASP B 213 102.01 -50.08 160.40
N ILE B 214 102.71 -49.50 159.43
CA ILE B 214 103.83 -50.19 158.80
C ILE B 214 104.87 -50.57 159.86
N LYS B 215 105.15 -49.65 160.78
CA LYS B 215 106.08 -49.95 161.87
C LYS B 215 105.56 -51.09 162.74
N GLU B 216 104.24 -51.13 162.96
CA GLU B 216 103.66 -52.21 163.74
C GLU B 216 103.81 -53.55 163.03
N LYS B 217 103.70 -53.56 161.71
CA LYS B 217 103.66 -54.82 160.98
C LYS B 217 105.05 -55.33 160.57
N LEU B 218 105.79 -54.53 159.82
CA LEU B 218 106.95 -55.03 159.08
C LEU B 218 108.31 -54.72 159.71
N CYS B 219 108.38 -53.79 160.66
CA CYS B 219 109.69 -53.29 161.07
C CYS B 219 110.51 -54.34 161.80
N TYR B 220 111.81 -54.33 161.53
CA TYR B 220 112.81 -55.14 162.22
C TYR B 220 113.58 -54.29 163.23
N VAL B 221 114.25 -54.98 164.14
CA VAL B 221 115.34 -54.42 164.94
C VAL B 221 116.62 -55.15 164.54
N ALA B 222 117.50 -54.44 163.84
CA ALA B 222 118.68 -55.05 163.25
C ALA B 222 119.58 -55.65 164.32
N LEU B 223 120.01 -56.90 164.10
CA LEU B 223 120.99 -57.50 165.00
C LEU B 223 122.36 -56.86 164.85
N ASP B 224 122.81 -56.65 163.61
CA ASP B 224 124.01 -55.90 163.29
C ASP B 224 123.62 -54.90 162.22
N PHE B 225 123.96 -53.63 162.39
CA PHE B 225 123.32 -52.61 161.56
C PHE B 225 123.95 -52.51 160.18
N GLU B 226 125.22 -52.10 160.11
CA GLU B 226 125.82 -51.83 158.81
C GLU B 226 125.98 -53.09 157.99
N ASN B 227 126.22 -54.23 158.65
CA ASN B 227 126.27 -55.49 157.94
C ASN B 227 124.90 -55.84 157.34
N GLU B 228 123.81 -55.50 158.04
CA GLU B 228 122.50 -55.82 157.48
C GLU B 228 122.12 -54.87 156.35
N MET B 229 122.51 -53.60 156.37
CA MET B 229 122.31 -52.84 155.13
C MET B 229 123.23 -53.34 154.00
N ALA B 230 124.44 -53.80 154.34
CA ALA B 230 125.33 -54.31 153.31
C ALA B 230 124.74 -55.54 152.62
N THR B 231 124.15 -56.45 153.40
CA THR B 231 123.45 -57.58 152.80
C THR B 231 122.04 -57.21 152.31
N ALA B 232 121.51 -56.06 152.72
CA ALA B 232 120.21 -55.60 152.25
C ALA B 232 120.31 -54.77 150.99
N ALA B 233 121.52 -54.59 150.46
CA ALA B 233 121.71 -53.95 149.16
C ALA B 233 120.72 -54.47 148.12
N SER B 234 120.76 -55.77 147.83
CA SER B 234 119.75 -56.38 146.98
C SER B 234 118.64 -57.06 147.78
N SER B 235 119.00 -58.09 148.55
CA SER B 235 118.02 -58.71 149.45
C SER B 235 116.63 -58.81 148.87
N SER B 236 116.47 -59.63 147.86
CA SER B 236 115.13 -59.82 147.33
C SER B 236 114.22 -60.50 148.35
N SER B 237 114.72 -61.53 149.03
CA SER B 237 113.93 -62.20 150.04
C SER B 237 113.78 -61.35 151.30
N LEU B 238 114.87 -60.73 151.76
CA LEU B 238 114.83 -59.96 153.00
C LEU B 238 113.99 -58.69 152.85
N GLU B 239 113.97 -58.09 151.67
CA GLU B 239 113.14 -56.92 151.42
C GLU B 239 111.66 -57.30 151.54
N LYS B 240 110.88 -56.44 152.19
CA LYS B 240 109.49 -56.76 152.51
C LYS B 240 108.57 -55.67 151.99
N SER B 241 107.36 -56.06 151.62
CA SER B 241 106.41 -55.16 151.00
C SER B 241 105.16 -55.03 151.85
N TYR B 242 104.43 -53.93 151.63
CA TYR B 242 103.15 -53.69 152.29
C TYR B 242 102.11 -53.30 151.25
N GLU B 243 100.86 -53.66 151.55
CA GLU B 243 99.71 -53.35 150.69
C GLU B 243 98.95 -52.21 151.34
N LEU B 244 99.18 -50.99 150.83
CA LEU B 244 98.49 -49.82 151.35
C LEU B 244 97.00 -49.87 151.00
N PRO B 245 96.15 -49.30 151.85
CA PRO B 245 94.69 -49.45 151.66
C PRO B 245 94.20 -48.99 150.30
N ASP B 246 94.87 -48.01 149.68
CA ASP B 246 94.51 -47.63 148.31
C ASP B 246 94.80 -48.75 147.30
N GLY B 247 95.64 -49.72 147.67
CA GLY B 247 95.99 -50.83 146.82
C GLY B 247 97.40 -50.84 146.25
N GLN B 248 98.15 -49.74 146.35
CA GLN B 248 99.51 -49.76 145.83
C GLN B 248 100.43 -50.58 146.74
N VAL B 249 101.39 -51.25 146.13
CA VAL B 249 102.34 -52.08 146.84
C VAL B 249 103.59 -51.23 147.07
N ILE B 250 103.91 -50.98 148.33
CA ILE B 250 105.06 -50.17 148.71
C ILE B 250 106.10 -51.10 149.35
N THR B 251 107.29 -51.12 148.76
CA THR B 251 108.35 -52.04 149.16
C THR B 251 109.40 -51.30 149.98
N ILE B 252 109.79 -51.88 151.11
CA ILE B 252 110.79 -51.32 151.99
C ILE B 252 111.78 -52.43 152.38
N GLY B 253 113.05 -52.09 152.40
CA GLY B 253 114.08 -53.06 152.74
C GLY B 253 114.77 -52.80 154.07
N ASN B 254 115.96 -52.20 154.01
CA ASN B 254 116.73 -51.93 155.22
C ASN B 254 116.00 -50.98 156.16
N GLU B 255 115.12 -50.12 155.63
CA GLU B 255 114.41 -49.16 156.47
C GLU B 255 113.67 -49.84 157.60
N ARG B 256 113.21 -51.07 157.39
CA ARG B 256 112.50 -51.81 158.43
C ARG B 256 113.30 -51.85 159.72
N PHE B 257 114.60 -52.11 159.63
CA PHE B 257 115.44 -52.08 160.81
C PHE B 257 116.30 -50.84 160.92
N ARG B 258 116.16 -49.89 160.00
CA ARG B 258 116.85 -48.62 160.17
C ARG B 258 116.00 -47.57 160.88
N CYS B 259 114.70 -47.83 161.05
CA CYS B 259 113.83 -46.90 161.81
C CYS B 259 113.88 -47.00 163.35
N PRO B 260 113.70 -48.20 163.93
CA PRO B 260 113.84 -48.25 165.41
C PRO B 260 115.27 -48.01 165.86
N GLU B 261 116.22 -48.19 164.95
CA GLU B 261 117.63 -47.98 165.28
C GLU B 261 117.91 -46.53 165.68
N THR B 262 117.08 -45.58 165.26
CA THR B 262 117.28 -44.20 165.64
C THR B 262 117.25 -44.03 167.16
N LEU B 263 116.37 -44.74 167.86
CA LEU B 263 116.39 -44.64 169.32
C LEU B 263 117.71 -45.17 169.85
N PHE B 264 118.18 -46.30 169.31
CA PHE B 264 119.47 -46.87 169.71
C PHE B 264 120.66 -46.02 169.29
N GLN B 265 120.57 -45.38 168.12
CA GLN B 265 121.65 -44.55 167.59
C GLN B 265 121.09 -43.15 167.33
N PRO B 266 120.98 -42.31 168.39
CA PRO B 266 120.35 -40.99 168.21
C PRO B 266 121.13 -40.04 167.31
N SER B 267 122.42 -40.31 167.08
CA SER B 267 123.23 -39.44 166.24
C SER B 267 122.73 -39.36 164.81
N PHE B 268 121.85 -40.27 164.39
CA PHE B 268 121.27 -40.19 163.06
C PHE B 268 120.54 -38.88 162.84
N ILE B 269 119.75 -38.44 163.82
CA ILE B 269 119.07 -37.15 163.67
C ILE B 269 119.43 -36.19 164.80
N GLY B 270 120.62 -36.35 165.38
CA GLY B 270 121.18 -35.31 166.21
C GLY B 270 120.67 -35.16 167.63
N MET B 271 120.90 -36.16 168.48
CA MET B 271 120.70 -36.02 169.91
C MET B 271 122.03 -36.23 170.62
N GLU B 272 122.30 -35.41 171.64
CA GLU B 272 123.51 -35.60 172.40
C GLU B 272 123.40 -36.89 173.21
N SER B 273 122.22 -37.15 173.77
CA SER B 273 122.02 -38.40 174.50
C SER B 273 122.25 -39.60 173.59
N ALA B 274 122.90 -40.62 174.12
CA ALA B 274 123.16 -41.84 173.36
C ALA B 274 121.90 -42.71 173.35
N GLY B 275 122.06 -43.96 172.93
CA GLY B 275 120.92 -44.86 172.87
C GLY B 275 120.29 -45.10 174.22
N ILE B 276 119.04 -45.57 174.18
CA ILE B 276 118.29 -45.80 175.41
C ILE B 276 118.95 -46.86 176.30
N HIS B 277 119.75 -47.76 175.71
CA HIS B 277 120.51 -48.71 176.53
C HIS B 277 121.55 -47.99 177.38
N GLU B 278 122.17 -46.94 176.84
CA GLU B 278 123.06 -46.12 177.66
C GLU B 278 122.30 -45.44 178.79
N THR B 279 121.05 -45.03 178.52
CA THR B 279 120.24 -44.36 179.55
C THR B 279 119.88 -45.39 180.61
N THR B 280 119.61 -46.64 180.29
CA THR B 280 119.41 -47.62 181.34
C THR B 280 120.70 -47.92 182.09
N TYR B 281 121.82 -48.04 181.38
CA TYR B 281 123.13 -48.23 182.00
C TYR B 281 123.49 -47.15 183.02
N ASN B 282 123.51 -45.87 182.61
CA ASN B 282 123.81 -44.79 183.54
C ASN B 282 122.86 -44.86 184.73
N SER B 283 121.55 -45.03 184.45
CA SER B 283 120.57 -45.10 185.52
C SER B 283 120.99 -46.14 186.54
N ILE B 284 121.42 -47.30 186.06
CA ILE B 284 121.80 -48.38 186.96
C ILE B 284 122.99 -47.95 187.82
N MET B 285 124.08 -47.47 187.20
CA MET B 285 125.24 -47.13 188.03
C MET B 285 125.03 -45.96 188.99
N LYS B 286 124.10 -45.05 188.73
CA LYS B 286 123.89 -43.92 189.64
C LYS B 286 123.61 -44.42 191.05
N CYS B 287 122.92 -45.55 191.18
CA CYS B 287 122.54 -46.10 192.48
C CYS B 287 123.67 -47.00 192.97
N ASP B 288 123.58 -47.43 194.24
CA ASP B 288 124.62 -48.28 194.81
C ASP B 288 125.00 -49.44 193.90
N ILE B 289 126.28 -49.79 193.96
CA ILE B 289 126.85 -50.83 193.10
C ILE B 289 126.14 -52.17 193.28
N ASP B 290 125.93 -52.59 194.53
CA ASP B 290 125.61 -53.99 194.81
C ASP B 290 124.35 -54.47 194.10
N ILE B 291 123.25 -53.72 194.22
CA ILE B 291 121.98 -54.18 193.65
C ILE B 291 121.97 -54.09 192.14
N ARG B 292 123.00 -53.51 191.54
CA ARG B 292 122.99 -53.28 190.10
C ARG B 292 122.80 -54.59 189.35
N LYS B 293 123.43 -55.67 189.83
CA LYS B 293 123.27 -56.97 189.19
C LYS B 293 121.79 -57.36 189.12
N ASP B 294 121.07 -57.19 190.24
CA ASP B 294 119.64 -57.48 190.24
C ASP B 294 118.91 -56.63 189.22
N LEU B 295 119.28 -55.34 189.13
CA LEU B 295 118.66 -54.50 188.10
C LEU B 295 118.93 -55.07 186.72
N TYR B 296 120.15 -55.56 186.49
CA TYR B 296 120.47 -56.19 185.21
C TYR B 296 119.54 -57.37 184.96
N ALA B 297 119.27 -58.16 186.00
CA ALA B 297 118.52 -59.39 185.83
C ALA B 297 117.01 -59.18 185.93
N ASN B 298 116.56 -57.99 186.31
CA ASN B 298 115.14 -57.77 186.56
C ASN B 298 114.56 -56.63 185.72
N ASN B 299 115.22 -56.28 184.61
CA ASN B 299 114.71 -55.20 183.78
C ASN B 299 113.38 -55.55 183.15
N VAL B 300 112.45 -54.60 183.17
CA VAL B 300 111.15 -54.77 182.54
C VAL B 300 110.96 -53.67 181.52
N MET B 301 110.23 -53.99 180.45
CA MET B 301 109.90 -53.03 179.43
C MET B 301 108.38 -52.99 179.27
N SER B 302 107.82 -51.80 179.09
CA SER B 302 106.38 -51.62 179.01
C SER B 302 106.04 -50.53 177.98
N GLY B 303 104.89 -50.69 177.36
CA GLY B 303 104.39 -49.72 176.39
C GLY B 303 103.83 -50.42 175.15
N GLY B 304 103.05 -49.67 174.38
CA GLY B 304 102.47 -50.22 173.16
C GLY B 304 103.52 -50.58 172.12
N THR B 305 104.62 -49.81 172.08
CA THR B 305 105.68 -50.08 171.13
C THR B 305 106.23 -51.50 171.33
N THR B 306 106.26 -51.96 172.58
CA THR B 306 106.83 -53.26 172.90
C THR B 306 106.23 -54.39 172.07
N MET B 307 105.08 -54.17 171.41
CA MET B 307 104.60 -55.22 170.51
C MET B 307 105.57 -55.50 169.36
N TYR B 308 106.58 -54.65 169.14
CA TYR B 308 107.47 -54.90 168.02
C TYR B 308 108.48 -55.98 168.42
N PRO B 309 109.01 -56.72 167.46
CA PRO B 309 110.09 -57.66 167.77
C PRO B 309 111.43 -56.93 167.86
N GLY B 310 112.41 -57.63 168.43
CA GLY B 310 113.78 -57.16 168.41
C GLY B 310 114.26 -56.35 169.60
N ILE B 311 113.36 -55.78 170.41
CA ILE B 311 113.84 -55.01 171.54
C ILE B 311 114.55 -55.91 172.57
N ALA B 312 114.02 -57.10 172.83
CA ALA B 312 114.61 -57.97 173.85
C ALA B 312 116.04 -58.41 173.52
N ASP B 313 116.26 -58.95 172.32
CA ASP B 313 117.60 -59.43 171.98
C ASP B 313 118.60 -58.28 171.98
N ARG B 314 118.23 -57.15 171.36
CA ARG B 314 119.13 -56.01 171.32
C ARG B 314 119.45 -55.56 172.73
N MET B 315 118.42 -55.45 173.57
CA MET B 315 118.56 -55.00 174.94
C MET B 315 119.61 -55.83 175.65
N GLN B 316 119.37 -57.14 175.73
CA GLN B 316 120.29 -57.99 176.49
C GLN B 316 121.69 -57.95 175.90
N LYS B 317 121.84 -58.10 174.59
CA LYS B 317 123.18 -58.14 174.01
C LYS B 317 123.97 -56.87 174.36
N GLU B 318 123.38 -55.69 174.14
CA GLU B 318 124.12 -54.45 174.43
C GLU B 318 124.41 -54.29 175.91
N ILE B 319 123.47 -54.63 176.80
CA ILE B 319 123.77 -54.51 178.23
C ILE B 319 124.90 -55.45 178.62
N THR B 320 124.89 -56.68 178.09
CA THR B 320 125.99 -57.61 178.35
C THR B 320 127.30 -57.09 177.79
N ALA B 321 127.26 -56.39 176.65
CA ALA B 321 128.47 -55.78 176.12
C ALA B 321 128.99 -54.70 177.06
N LEU B 322 128.08 -53.89 177.61
CA LEU B 322 128.47 -52.78 178.48
C LEU B 322 128.86 -53.25 179.88
N ALA B 323 128.07 -54.16 180.46
CA ALA B 323 128.22 -54.68 181.81
C ALA B 323 128.94 -56.02 181.78
N PRO B 324 129.63 -56.41 182.85
CA PRO B 324 130.29 -57.72 182.86
C PRO B 324 129.30 -58.85 182.67
N SER B 325 129.75 -59.89 181.94
CA SER B 325 128.91 -61.00 181.53
C SER B 325 128.95 -62.18 182.49
N THR B 326 129.10 -61.94 183.80
CA THR B 326 129.10 -63.07 184.72
C THR B 326 127.65 -63.52 184.95
N MET B 327 126.82 -62.63 185.51
CA MET B 327 125.44 -62.97 185.77
C MET B 327 124.65 -62.94 184.48
N LYS B 328 123.64 -63.80 184.38
CA LYS B 328 122.80 -63.85 183.19
C LYS B 328 121.70 -62.80 183.26
N ILE B 329 121.58 -61.99 182.21
CA ILE B 329 120.55 -60.97 182.08
C ILE B 329 119.39 -61.51 181.24
N LYS B 330 118.17 -61.37 181.76
CA LYS B 330 116.97 -61.80 181.06
C LYS B 330 115.87 -60.77 181.24
N ILE B 331 115.17 -60.46 180.15
CA ILE B 331 114.08 -59.51 180.13
C ILE B 331 112.77 -60.26 180.28
N ILE B 332 111.78 -59.63 180.91
CA ILE B 332 110.45 -60.20 181.04
C ILE B 332 109.46 -59.20 180.45
N ALA B 333 108.51 -59.69 179.65
CA ALA B 333 107.53 -58.85 179.00
C ALA B 333 106.27 -59.65 178.64
N PRO B 334 105.22 -59.58 179.45
CA PRO B 334 104.00 -60.35 179.17
C PRO B 334 103.32 -59.84 177.90
N PRO B 335 102.72 -60.75 177.12
CA PRO B 335 101.98 -60.32 175.93
C PRO B 335 100.85 -59.36 176.28
N GLU B 336 100.61 -58.41 175.36
CA GLU B 336 99.59 -57.38 175.52
C GLU B 336 99.80 -56.60 176.81
N ARG B 337 101.01 -56.07 176.97
CA ARG B 337 101.37 -55.34 178.16
C ARG B 337 100.94 -53.87 178.14
N LYS B 338 100.46 -53.38 176.99
CA LYS B 338 99.97 -52.00 176.94
C LYS B 338 98.69 -51.84 177.76
N TYR B 339 97.95 -52.92 177.96
CA TYR B 339 96.82 -52.92 178.88
C TYR B 339 97.25 -53.14 180.32
N SER B 340 98.50 -53.57 180.53
CA SER B 340 98.95 -54.01 181.84
C SER B 340 98.78 -52.92 182.90
N VAL B 341 99.10 -51.68 182.56
CA VAL B 341 98.94 -50.57 183.50
C VAL B 341 97.50 -50.54 184.02
N TRP B 342 96.53 -50.60 183.10
CA TRP B 342 95.13 -50.58 183.51
C TRP B 342 94.82 -51.77 184.40
N ILE B 343 95.40 -52.93 184.08
CA ILE B 343 95.22 -54.11 184.93
C ILE B 343 95.70 -53.79 186.34
N GLY B 344 96.88 -53.16 186.46
CA GLY B 344 97.36 -52.78 187.77
C GLY B 344 96.42 -51.84 188.48
N GLY B 345 95.74 -50.97 187.73
CA GLY B 345 94.75 -50.11 188.35
C GLY B 345 93.65 -50.93 189.00
N SER B 346 93.16 -51.94 188.26
CA SER B 346 92.18 -52.84 188.83
C SER B 346 92.74 -53.52 190.08
N ILE B 347 94.02 -53.89 190.03
CA ILE B 347 94.67 -54.51 191.18
C ILE B 347 94.62 -53.57 192.37
N LEU B 348 94.82 -52.27 192.13
CA LEU B 348 94.76 -51.30 193.22
C LEU B 348 93.38 -51.29 193.84
N ALA B 349 92.34 -51.38 193.02
CA ALA B 349 90.99 -51.40 193.57
C ALA B 349 90.63 -52.75 194.17
N SER B 350 91.43 -53.79 193.93
CA SER B 350 91.10 -55.12 194.42
C SER B 350 91.10 -55.17 195.95
N LEU B 351 92.10 -54.57 196.59
CA LEU B 351 92.29 -54.68 198.02
C LEU B 351 91.48 -53.63 198.77
N SER B 352 91.17 -53.94 200.03
CA SER B 352 90.28 -53.13 200.85
C SER B 352 91.00 -51.99 201.57
N THR B 353 92.32 -51.90 201.44
CA THR B 353 93.04 -50.75 202.01
C THR B 353 93.02 -49.54 201.09
N PHE B 354 92.70 -49.74 199.80
CA PHE B 354 92.76 -48.65 198.83
C PHE B 354 91.79 -47.52 199.17
N GLN B 355 90.65 -47.83 199.78
CA GLN B 355 89.71 -46.77 200.14
C GLN B 355 90.11 -46.02 201.40
N GLN B 356 91.23 -46.36 202.03
CA GLN B 356 91.73 -45.53 203.11
C GLN B 356 92.28 -44.19 202.61
N MET B 357 92.79 -44.13 201.39
CA MET B 357 93.39 -42.90 200.87
C MET B 357 92.76 -42.42 199.57
N TRP B 358 91.47 -42.68 199.37
CA TRP B 358 90.73 -41.96 198.34
C TRP B 358 90.75 -40.46 198.62
N ILE B 359 90.95 -39.67 197.56
CA ILE B 359 90.96 -38.21 197.67
C ILE B 359 89.51 -37.74 197.54
N THR B 360 88.85 -37.53 198.68
CA THR B 360 87.44 -37.20 198.68
C THR B 360 87.21 -35.73 198.31
N LYS B 361 85.94 -35.41 198.04
CA LYS B 361 85.58 -34.05 197.65
C LYS B 361 85.85 -33.04 198.76
N GLN B 362 85.52 -33.39 200.01
CA GLN B 362 85.64 -32.42 201.10
C GLN B 362 87.09 -32.06 201.40
N GLU B 363 88.04 -32.98 201.22
CA GLU B 363 89.45 -32.62 201.41
C GLU B 363 89.88 -31.57 200.41
N TYR B 364 89.49 -31.74 199.15
CA TYR B 364 89.80 -30.74 198.12
C TYR B 364 89.08 -29.43 198.40
N ASP B 365 87.84 -29.49 198.88
CA ASP B 365 87.13 -28.27 199.23
C ASP B 365 87.79 -27.53 200.39
N GLU B 366 88.39 -28.26 201.34
CA GLU B 366 89.07 -27.62 202.45
C GLU B 366 90.39 -27.00 202.01
N ALA B 367 91.30 -27.81 201.46
CA ALA B 367 92.66 -27.36 201.21
C ALA B 367 92.92 -26.99 199.75
N GLY B 368 91.89 -26.92 198.93
CA GLY B 368 92.08 -26.62 197.52
C GLY B 368 92.78 -27.76 196.81
N PRO B 369 93.35 -27.47 195.64
CA PRO B 369 94.19 -28.49 194.98
C PRO B 369 95.44 -28.83 195.79
N SER B 370 95.92 -27.89 196.61
CA SER B 370 97.19 -28.06 197.31
C SER B 370 97.21 -29.32 198.16
N ILE B 371 96.04 -29.82 198.56
CA ILE B 371 95.97 -31.01 199.41
C ILE B 371 96.62 -32.20 198.74
N VAL B 372 96.59 -32.27 197.40
CA VAL B 372 97.18 -33.43 196.75
C VAL B 372 98.69 -33.48 197.02
N HIS B 373 99.30 -32.31 197.23
CA HIS B 373 100.73 -32.25 197.52
C HIS B 373 101.07 -33.05 198.77
N ARG B 374 100.09 -33.20 199.67
CA ARG B 374 100.25 -33.95 200.89
C ARG B 374 99.48 -35.26 200.88
N LYS B 375 98.58 -35.47 199.92
CA LYS B 375 97.71 -36.63 199.96
C LYS B 375 98.18 -37.78 199.07
N CYS B 376 98.87 -37.46 197.97
CA CYS B 376 99.45 -38.51 197.14
C CYS B 376 100.88 -38.80 197.55
N PHE B 377 101.74 -37.78 197.54
CA PHE B 377 103.09 -37.92 198.07
C PHE B 377 103.24 -37.15 199.37
N ASP C 3 131.62 -23.01 122.72
CA ASP C 3 132.27 -23.66 123.85
C ASP C 3 133.62 -23.01 124.14
N GLU C 4 133.87 -22.77 125.43
CA GLU C 4 135.14 -22.22 125.85
C GLU C 4 136.28 -23.21 125.61
N ASP C 5 137.46 -22.67 125.29
CA ASP C 5 138.62 -23.51 125.04
C ASP C 5 138.99 -24.35 126.27
N GLU C 6 138.67 -23.85 127.46
CA GLU C 6 139.00 -24.53 128.70
C GLU C 6 137.91 -25.56 129.01
N THR C 7 138.28 -26.59 129.76
CA THR C 7 137.39 -27.70 130.10
C THR C 7 136.56 -27.43 131.33
N THR C 8 136.22 -26.17 131.59
CA THR C 8 135.45 -25.77 132.76
C THR C 8 134.13 -26.55 132.88
N ALA C 9 133.59 -26.62 134.08
CA ALA C 9 132.47 -27.49 134.37
C ALA C 9 131.14 -26.84 133.96
N LEU C 10 130.13 -27.68 133.81
CA LEU C 10 128.76 -27.25 133.59
C LEU C 10 128.08 -26.98 134.93
N VAL C 11 127.29 -25.91 134.99
CA VAL C 11 126.53 -25.57 136.19
C VAL C 11 125.06 -25.51 135.80
N CYS C 12 124.26 -26.40 136.36
CA CYS C 12 122.85 -26.54 136.00
C CYS C 12 122.01 -26.64 137.26
N ASP C 13 121.09 -25.69 137.43
CA ASP C 13 120.11 -25.70 138.49
C ASP C 13 118.79 -26.20 137.93
N ASN C 14 118.43 -27.44 138.25
CA ASN C 14 117.12 -27.98 137.88
C ASN C 14 116.11 -27.68 139.00
N GLY C 15 115.87 -26.39 139.19
CA GLY C 15 114.93 -25.97 140.22
C GLY C 15 113.53 -26.43 139.92
N SER C 16 112.77 -26.66 140.99
CA SER C 16 111.39 -27.14 140.87
C SER C 16 110.53 -26.00 140.34
N GLY C 17 110.54 -25.86 139.01
CA GLY C 17 109.81 -24.81 138.36
C GLY C 17 110.58 -24.10 137.26
N LEU C 18 111.90 -24.14 137.33
CA LEU C 18 112.75 -23.49 136.34
C LEU C 18 114.06 -24.25 136.21
N VAL C 19 114.56 -24.36 134.98
CA VAL C 19 115.86 -24.97 134.70
C VAL C 19 116.78 -23.87 134.19
N LYS C 20 117.90 -23.69 134.88
CA LYS C 20 118.86 -22.62 134.56
C LYS C 20 120.25 -23.25 134.40
N ALA C 21 120.78 -23.23 133.18
CA ALA C 21 122.00 -23.96 132.88
C ALA C 21 123.01 -23.02 132.22
N GLY C 22 124.29 -23.33 132.44
CA GLY C 22 125.35 -22.54 131.84
C GLY C 22 126.71 -23.12 132.18
N PHE C 23 127.74 -22.31 132.00
CA PHE C 23 129.11 -22.72 132.22
C PHE C 23 129.62 -22.21 133.56
N ALA C 24 130.58 -22.94 134.12
CA ALA C 24 131.24 -22.49 135.34
C ALA C 24 132.11 -21.27 135.08
N GLY C 25 132.20 -20.40 136.08
CA GLY C 25 132.88 -19.13 135.93
C GLY C 25 132.01 -18.02 135.38
N ASP C 26 130.80 -18.33 134.95
CA ASP C 26 129.85 -17.33 134.47
C ASP C 26 129.05 -16.77 135.63
N ASP C 27 128.58 -15.53 135.46
CA ASP C 27 127.83 -14.87 136.52
C ASP C 27 126.36 -15.25 136.53
N ALA C 28 125.76 -15.51 135.36
CA ALA C 28 124.37 -15.87 135.27
C ALA C 28 124.20 -17.06 134.34
N PRO C 29 123.21 -17.92 134.58
CA PRO C 29 122.98 -19.05 133.67
C PRO C 29 122.59 -18.55 132.29
N ARG C 30 123.03 -19.28 131.26
CA ARG C 30 122.80 -18.84 129.90
C ARG C 30 121.43 -19.27 129.39
N ALA C 31 121.05 -20.52 129.62
CA ALA C 31 119.77 -21.05 129.14
C ALA C 31 118.85 -21.24 130.33
N VAL C 32 117.82 -20.42 130.41
CA VAL C 32 116.85 -20.45 131.51
C VAL C 32 115.47 -20.64 130.91
N PHE C 33 114.79 -21.71 131.30
CA PHE C 33 113.45 -21.96 130.79
C PHE C 33 112.57 -22.59 131.87
N PRO C 34 111.26 -22.34 131.81
CA PRO C 34 110.34 -23.01 132.73
C PRO C 34 110.25 -24.49 132.45
N SER C 35 109.80 -25.24 133.46
CA SER C 35 109.80 -26.69 133.44
C SER C 35 108.53 -27.29 132.85
N ILE C 36 107.83 -26.56 131.98
CA ILE C 36 106.63 -27.07 131.33
C ILE C 36 107.08 -27.83 130.08
N VAL C 37 106.32 -28.86 129.71
CA VAL C 37 106.63 -29.67 128.52
C VAL C 37 105.35 -29.87 127.73
N GLY C 38 105.37 -29.53 126.45
CA GLY C 38 104.19 -29.64 125.59
C GLY C 38 104.27 -30.82 124.64
N ARG C 39 103.12 -31.49 124.49
CA ARG C 39 102.96 -32.65 123.61
C ARG C 39 101.80 -32.46 122.64
N PRO C 40 101.92 -32.93 121.38
CA PRO C 40 100.84 -32.75 120.40
C PRO C 40 99.50 -33.20 120.94
N ARG C 41 98.53 -32.29 120.94
CA ARG C 41 97.19 -32.60 121.44
C ARG C 41 96.44 -33.58 120.53
N HIS C 42 96.81 -33.68 119.26
CA HIS C 42 96.15 -34.59 118.34
C HIS C 42 97.18 -35.34 117.51
N GLN C 43 96.69 -36.14 116.57
CA GLN C 43 97.53 -37.01 115.74
C GLN C 43 97.90 -36.34 114.42
N GLY C 44 98.80 -37.02 113.70
CA GLY C 44 99.35 -36.52 112.45
C GLY C 44 98.71 -36.96 111.15
N VAL C 45 98.29 -35.99 110.34
CA VAL C 45 97.68 -36.24 109.04
C VAL C 45 98.30 -35.28 108.02
N MET C 46 98.67 -34.10 108.48
CA MET C 46 99.32 -33.06 107.70
C MET C 46 100.80 -33.39 107.48
N VAL C 47 101.44 -32.63 106.59
CA VAL C 47 102.84 -32.85 106.23
C VAL C 47 103.41 -31.51 105.80
N GLY C 48 104.73 -31.44 105.66
CA GLY C 48 105.42 -30.24 105.23
C GLY C 48 106.10 -29.44 106.32
N MET C 49 105.75 -29.66 107.58
CA MET C 49 106.33 -28.89 108.68
C MET C 49 105.87 -29.51 110.00
N GLY C 50 106.52 -29.08 111.07
CA GLY C 50 106.16 -29.56 112.40
C GLY C 50 106.21 -31.07 112.54
N GLN C 51 105.13 -31.64 113.08
CA GLN C 51 104.97 -33.07 113.31
C GLN C 51 106.11 -33.61 114.19
N LYS C 52 106.39 -32.89 115.27
CA LYS C 52 107.42 -33.29 116.22
C LYS C 52 106.75 -33.50 117.57
N ASP C 53 107.13 -34.59 118.24
CA ASP C 53 106.55 -34.93 119.54
C ASP C 53 106.89 -33.92 120.63
N SER C 54 108.07 -34.06 121.25
CA SER C 54 108.42 -33.20 122.36
C SER C 54 108.65 -31.77 121.93
N TYR C 55 108.06 -30.84 122.69
CA TYR C 55 108.29 -29.40 122.53
C TYR C 55 108.65 -28.86 123.90
N VAL C 56 109.82 -28.22 124.00
CA VAL C 56 110.32 -27.69 125.26
C VAL C 56 110.77 -26.25 125.07
N GLY C 57 110.83 -25.53 126.19
CA GLY C 57 111.33 -24.18 126.20
C GLY C 57 110.38 -23.18 125.57
N ASP C 58 110.98 -22.11 125.02
CA ASP C 58 110.17 -21.05 124.41
C ASP C 58 109.36 -21.57 123.23
N GLU C 59 109.82 -22.62 122.57
CA GLU C 59 109.02 -23.23 121.51
C GLU C 59 107.66 -23.66 122.04
N ALA C 60 107.65 -24.38 123.17
CA ALA C 60 106.38 -24.78 123.76
C ALA C 60 105.62 -23.58 124.30
N GLN C 61 106.32 -22.55 124.79
CA GLN C 61 105.64 -21.35 125.24
C GLN C 61 104.87 -20.70 124.10
N SER C 62 105.47 -20.64 122.92
CA SER C 62 104.76 -20.14 121.75
C SER C 62 103.68 -21.11 121.29
N LYS C 63 103.87 -22.41 121.50
CA LYS C 63 102.92 -23.41 121.02
C LYS C 63 102.07 -23.97 122.15
N ARG C 64 101.78 -23.14 123.16
CA ARG C 64 101.04 -23.58 124.33
C ARG C 64 99.64 -24.06 123.95
N GLY C 65 98.98 -23.34 123.05
CA GLY C 65 97.61 -23.64 122.72
C GLY C 65 97.42 -24.97 122.03
N ILE C 66 98.40 -25.39 121.23
CA ILE C 66 98.24 -26.61 120.45
C ILE C 66 98.70 -27.85 121.21
N LEU C 67 99.37 -27.69 122.34
CA LEU C 67 99.99 -28.80 123.03
C LEU C 67 99.27 -29.04 124.36
N THR C 68 99.13 -30.31 124.71
CA THR C 68 98.84 -30.65 126.10
C THR C 68 100.07 -30.34 126.93
N LEU C 69 99.91 -29.46 127.92
CA LEU C 69 101.03 -29.00 128.72
C LEU C 69 101.11 -29.87 129.97
N LYS C 70 102.22 -30.56 130.14
CA LYS C 70 102.41 -31.54 131.20
C LYS C 70 103.68 -31.20 131.97
N TYR C 71 103.73 -31.62 133.22
CA TYR C 71 104.84 -31.30 134.11
C TYR C 71 105.62 -32.58 134.37
N PRO C 72 106.84 -32.72 133.84
CA PRO C 72 107.62 -33.93 134.14
C PRO C 72 107.97 -34.08 135.61
N ILE C 73 107.94 -33.00 136.39
CA ILE C 73 108.17 -33.04 137.82
C ILE C 73 107.12 -32.19 138.52
N GLU C 74 106.60 -32.71 139.63
CA GLU C 74 105.68 -31.94 140.45
C GLU C 74 105.96 -32.28 141.91
N GLY C 76 108.67 -32.56 143.29
CA GLY C 76 109.78 -33.48 143.35
C GLY C 76 109.56 -34.83 142.70
N ILE C 77 108.30 -35.26 142.61
CA ILE C 77 107.99 -36.57 142.05
C ILE C 77 108.29 -36.57 140.56
N ILE C 78 108.89 -37.67 140.09
CA ILE C 78 109.32 -37.80 138.70
C ILE C 78 108.32 -38.66 137.94
N THR C 79 107.84 -38.15 136.82
CA THR C 79 106.90 -38.89 135.96
C THR C 79 107.64 -39.81 134.98
N ASN C 80 108.37 -39.20 134.05
CA ASN C 80 108.99 -39.94 132.96
C ASN C 80 110.41 -39.43 132.73
N TRP C 81 111.40 -40.31 132.95
CA TRP C 81 112.79 -39.93 132.74
C TRP C 81 113.10 -39.58 131.30
N ASP C 82 112.35 -40.14 130.34
CA ASP C 82 112.54 -39.77 128.94
C ASP C 82 112.34 -38.26 128.74
N ASP C 83 111.40 -37.66 129.48
CA ASP C 83 111.17 -36.22 129.36
C ASP C 83 112.39 -35.43 129.78
N MET C 84 113.00 -35.81 130.91
CA MET C 84 114.26 -35.18 131.32
C MET C 84 115.37 -35.43 130.31
N GLU C 85 115.43 -36.64 129.76
CA GLU C 85 116.43 -36.94 128.73
C GLU C 85 116.31 -35.95 127.58
N LYS C 86 115.10 -35.79 127.05
CA LYS C 86 114.91 -34.88 125.92
C LYS C 86 115.20 -33.42 126.30
N ILE C 87 114.73 -32.98 127.48
CA ILE C 87 114.92 -31.56 127.79
C ILE C 87 116.39 -31.27 128.05
N TRP C 88 117.12 -32.22 128.64
CA TRP C 88 118.55 -32.05 128.84
C TRP C 88 119.31 -32.07 127.51
N HIS C 89 118.91 -32.94 126.59
CA HIS C 89 119.45 -32.88 125.24
C HIS C 89 119.26 -31.50 124.62
N HIS C 90 118.03 -30.98 124.70
CA HIS C 90 117.72 -29.66 124.16
C HIS C 90 118.59 -28.59 124.81
N THR C 91 118.68 -28.62 126.14
CA THR C 91 119.44 -27.61 126.86
C THR C 91 120.90 -27.65 126.48
N PHE C 92 121.49 -28.85 126.45
CA PHE C 92 122.93 -28.98 126.19
C PHE C 92 123.29 -28.62 124.76
N TYR C 93 122.48 -29.03 123.79
CA TYR C 93 122.88 -28.91 122.39
C TYR C 93 122.20 -27.77 121.64
N ASN C 94 120.89 -27.62 121.83
CA ASN C 94 120.15 -26.57 121.13
C ASN C 94 120.19 -25.23 121.85
N GLU C 95 120.39 -25.24 123.17
CA GLU C 95 120.36 -24.02 123.97
C GLU C 95 121.72 -23.63 124.51
N LEU C 96 122.48 -24.58 125.08
CA LEU C 96 123.82 -24.28 125.57
C LEU C 96 124.89 -24.49 124.52
N ARG C 97 124.58 -25.22 123.45
CA ARG C 97 125.52 -25.50 122.37
C ARG C 97 126.80 -26.12 122.93
N VAL C 98 126.64 -27.04 123.88
CA VAL C 98 127.75 -27.68 124.56
C VAL C 98 127.58 -29.19 124.56
N ALA C 99 128.70 -29.89 124.54
CA ALA C 99 128.70 -31.35 124.63
C ALA C 99 129.10 -31.75 126.05
N PRO C 100 128.33 -32.58 126.73
CA PRO C 100 128.68 -32.94 128.12
C PRO C 100 129.87 -33.89 128.24
N GLU C 101 130.46 -34.33 127.12
CA GLU C 101 131.59 -35.24 127.18
C GLU C 101 132.79 -34.60 127.89
N GLU C 102 133.04 -33.32 127.62
CA GLU C 102 134.27 -32.66 128.06
C GLU C 102 134.07 -31.75 129.27
N HIS C 103 132.89 -31.73 129.87
CA HIS C 103 132.64 -30.86 131.02
C HIS C 103 131.90 -31.58 132.12
N PRO C 104 132.50 -31.70 133.30
CA PRO C 104 131.76 -32.23 134.46
C PRO C 104 130.60 -31.32 134.83
N THR C 105 129.56 -31.92 135.42
CA THR C 105 128.32 -31.23 135.73
C THR C 105 128.11 -31.10 137.22
N LEU C 106 127.82 -29.88 137.67
CA LEU C 106 127.34 -29.61 139.02
C LEU C 106 125.84 -29.33 138.94
N LEU C 107 125.06 -30.14 139.63
CA LEU C 107 123.60 -30.03 139.63
C LEU C 107 123.10 -29.72 141.03
N THR C 108 121.94 -29.06 141.09
CA THR C 108 121.26 -28.77 142.33
C THR C 108 119.92 -29.50 142.34
N GLU C 109 119.56 -30.08 143.48
CA GLU C 109 118.34 -30.86 143.59
C GLU C 109 117.45 -30.26 144.68
N ALA C 110 116.15 -30.53 144.56
CA ALA C 110 115.20 -30.05 145.53
C ALA C 110 115.50 -30.66 146.90
N PRO C 111 115.31 -29.87 147.99
CA PRO C 111 115.52 -30.48 149.31
C PRO C 111 114.84 -31.82 149.49
N LEU C 112 115.56 -32.78 150.08
CA LEU C 112 115.03 -34.12 150.25
C LEU C 112 114.53 -34.64 148.92
N ASN C 113 115.23 -34.31 147.83
CA ASN C 113 114.85 -34.89 146.56
C ASN C 113 115.17 -36.29 146.92
N PRO C 114 114.31 -37.23 146.52
CA PRO C 114 114.59 -38.56 147.02
C PRO C 114 115.97 -39.16 146.71
N LYS C 115 116.59 -39.92 147.61
CA LYS C 115 117.85 -40.63 147.39
C LYS C 115 117.65 -41.76 146.43
N ALA C 116 116.53 -42.47 146.50
CA ALA C 116 116.21 -43.51 145.53
C ALA C 116 116.07 -42.82 144.20
N ASN C 117 115.44 -41.66 144.19
CA ASN C 117 115.29 -40.85 142.98
C ASN C 117 116.66 -40.45 142.52
N ARG C 118 117.53 -40.14 143.47
CA ARG C 118 118.90 -39.82 143.12
C ARG C 118 119.48 -41.02 142.42
N GLU C 119 119.42 -42.23 143.00
CA GLU C 119 120.05 -43.41 142.40
C GLU C 119 119.60 -43.71 140.97
N LYS C 120 118.29 -43.62 140.67
CA LYS C 120 117.81 -43.87 139.31
C LYS C 120 118.23 -42.77 138.36
N MET C 121 118.06 -41.50 138.77
CA MET C 121 118.43 -40.41 137.88
C MET C 121 119.93 -40.42 137.57
N THR C 122 120.76 -40.73 138.58
CA THR C 122 122.20 -40.79 138.33
C THR C 122 122.55 -41.94 137.40
N GLN C 123 121.86 -43.08 137.55
CA GLN C 123 122.18 -44.23 136.72
C GLN C 123 121.79 -44.00 135.27
N ILE C 124 120.56 -43.52 135.04
CA ILE C 124 120.13 -43.22 133.68
C ILE C 124 121.01 -42.14 133.07
N MET C 125 121.36 -41.12 133.85
CA MET C 125 122.27 -40.08 133.41
C MET C 125 123.59 -40.67 132.93
N PHE C 126 124.27 -41.41 133.80
CA PHE C 126 125.59 -41.96 133.45
C PHE C 126 125.52 -42.89 132.24
N GLU C 127 124.47 -43.71 132.13
CA GLU C 127 124.38 -44.58 130.96
C GLU C 127 124.07 -43.77 129.71
N THR C 128 123.05 -42.91 129.76
CA THR C 128 122.64 -42.16 128.56
C THR C 128 123.70 -41.15 128.14
N PHE C 129 124.22 -40.38 129.08
CA PHE C 129 125.18 -39.32 128.78
C PHE C 129 126.60 -39.79 129.04
N ASN C 130 127.56 -38.95 128.65
CA ASN C 130 128.98 -39.24 128.81
C ASN C 130 129.68 -38.15 129.59
N VAL C 131 129.01 -37.63 130.62
CA VAL C 131 129.62 -36.60 131.46
C VAL C 131 130.86 -37.17 132.14
N PRO C 132 131.99 -36.45 132.18
CA PRO C 132 133.19 -37.02 132.82
C PRO C 132 133.04 -37.17 134.32
N ALA C 133 132.44 -36.18 134.98
CA ALA C 133 132.37 -36.17 136.43
C ALA C 133 131.10 -35.48 136.89
N MET C 134 130.76 -35.68 138.16
CA MET C 134 129.45 -35.34 138.68
C MET C 134 129.56 -34.76 140.09
N TYR C 135 128.62 -33.88 140.39
CA TYR C 135 128.37 -33.48 141.78
C TYR C 135 126.95 -32.91 141.83
N VAL C 136 126.20 -33.33 142.85
CA VAL C 136 124.86 -32.82 143.07
C VAL C 136 124.74 -32.35 144.50
N ALA C 137 124.07 -31.19 144.69
CA ALA C 137 123.98 -30.58 146.00
C ALA C 137 122.56 -30.06 146.24
N ILE C 138 122.23 -29.88 147.51
CA ILE C 138 120.94 -29.33 147.90
C ILE C 138 120.91 -27.83 147.61
N GLN C 139 119.77 -27.33 147.14
CA GLN C 139 119.66 -25.91 146.79
C GLN C 139 119.76 -25.00 148.02
N ALA C 140 119.57 -25.56 149.21
CA ALA C 140 119.62 -24.76 150.43
C ALA C 140 121.01 -24.16 150.64
N VAL C 141 122.04 -25.01 150.59
CA VAL C 141 123.40 -24.53 150.79
C VAL C 141 123.81 -23.64 149.62
N LEU C 142 123.25 -23.88 148.43
CA LEU C 142 123.52 -23.00 147.29
C LEU C 142 123.00 -21.58 147.55
N SER C 143 121.76 -21.47 148.05
CA SER C 143 121.23 -20.15 148.39
C SER C 143 122.04 -19.52 149.53
N LEU C 144 122.47 -20.36 150.47
CA LEU C 144 123.37 -19.88 151.53
C LEU C 144 124.64 -19.29 150.94
N TYR C 145 125.23 -19.98 149.96
CA TYR C 145 126.45 -19.51 149.32
C TYR C 145 126.20 -18.20 148.61
N ALA C 146 125.05 -18.09 147.94
CA ALA C 146 124.67 -16.84 147.31
C ALA C 146 124.58 -15.70 148.32
N SER C 147 124.01 -15.98 149.50
CA SER C 147 124.02 -14.97 150.55
C SER C 147 125.40 -14.81 151.17
N GLY C 148 126.23 -15.85 151.14
CA GLY C 148 127.58 -15.76 151.66
C GLY C 148 127.64 -15.55 153.16
N ARG C 149 126.72 -16.16 153.90
CA ARG C 149 126.72 -16.09 155.35
C ARG C 149 126.30 -17.44 155.90
N THR C 150 127.19 -18.06 156.68
CA THR C 150 127.03 -19.43 157.16
C THR C 150 125.89 -19.62 158.15
N THR C 151 125.30 -18.55 158.67
CA THR C 151 124.23 -18.66 159.66
C THR C 151 122.92 -18.14 159.07
N GLY C 152 121.85 -18.89 159.26
CA GLY C 152 120.54 -18.46 158.81
C GLY C 152 119.63 -19.64 158.52
N ILE C 153 118.35 -19.34 158.39
CA ILE C 153 117.33 -20.30 158.00
C ILE C 153 116.85 -19.94 156.60
N VAL C 154 116.92 -20.91 155.69
CA VAL C 154 116.59 -20.71 154.29
C VAL C 154 115.15 -21.13 154.06
N LEU C 155 114.36 -20.23 153.49
CA LEU C 155 113.01 -20.51 153.03
C LEU C 155 113.08 -20.62 151.51
N ASP C 156 113.13 -21.85 151.00
CA ASP C 156 113.16 -22.11 149.56
C ASP C 156 111.73 -22.29 149.06
N SER C 157 111.22 -21.30 148.33
CA SER C 157 109.86 -21.34 147.81
C SER C 157 109.91 -21.66 146.32
N GLY C 158 109.96 -22.94 145.99
CA GLY C 158 109.89 -23.40 144.62
C GLY C 158 108.46 -23.37 144.10
N ASP C 159 108.28 -24.03 142.95
CA ASP C 159 106.96 -24.14 142.33
C ASP C 159 106.22 -25.41 142.72
N GLY C 160 106.85 -26.32 143.44
CA GLY C 160 106.17 -27.51 143.89
C GLY C 160 106.14 -27.68 145.40
N VAL C 161 107.18 -27.21 146.08
CA VAL C 161 107.32 -27.35 147.52
C VAL C 161 107.95 -26.08 148.09
N THR C 162 107.61 -25.76 149.34
CA THR C 162 108.30 -24.74 150.11
C THR C 162 109.01 -25.42 151.27
N HIS C 163 110.32 -25.22 151.36
CA HIS C 163 111.17 -25.88 152.33
C HIS C 163 111.71 -24.86 153.33
N ASN C 164 111.68 -25.21 154.61
CA ASN C 164 112.36 -24.42 155.62
C ASN C 164 113.49 -25.26 156.19
N VAL C 165 114.72 -24.73 156.09
CA VAL C 165 115.93 -25.44 156.45
C VAL C 165 116.80 -24.54 157.31
N PRO C 166 117.10 -24.88 158.56
CA PRO C 166 118.03 -24.06 159.34
C PRO C 166 119.46 -24.56 159.19
N ILE C 167 120.39 -23.61 159.04
CA ILE C 167 121.81 -23.93 158.95
C ILE C 167 122.55 -22.92 159.82
N TYR C 168 123.27 -23.40 160.82
CA TYR C 168 124.01 -22.54 161.72
C TYR C 168 125.50 -22.76 161.48
N GLU C 169 126.20 -21.65 161.23
CA GLU C 169 127.65 -21.66 160.98
C GLU C 169 128.00 -22.71 159.93
N GLY C 170 127.24 -22.69 158.83
CA GLY C 170 127.49 -23.60 157.72
C GLY C 170 127.38 -25.07 158.07
N TYR C 171 126.51 -25.41 158.98
CA TYR C 171 126.18 -26.81 159.18
C TYR C 171 124.66 -27.08 159.03
N ALA C 172 124.23 -28.11 158.25
CA ALA C 172 122.82 -28.45 158.02
C ALA C 172 122.18 -29.02 159.28
N LEU C 173 120.89 -28.72 159.45
CA LEU C 173 120.09 -29.19 160.58
C LEU C 173 118.88 -29.97 160.07
N PRO C 174 119.09 -31.18 159.56
CA PRO C 174 117.95 -31.95 159.02
C PRO C 174 116.86 -32.21 160.03
N HIS C 175 117.19 -32.27 161.33
CA HIS C 175 116.18 -32.52 162.35
C HIS C 175 115.17 -31.39 162.44
N ALA C 176 115.52 -30.20 161.95
CA ALA C 176 114.64 -29.04 161.99
C ALA C 176 114.29 -28.57 160.58
N ILE C 177 114.29 -29.48 159.61
CA ILE C 177 113.96 -29.16 158.23
C ILE C 177 112.59 -29.73 157.89
N MET C 178 111.77 -28.93 157.22
CA MET C 178 110.42 -29.34 156.86
C MET C 178 110.07 -28.92 155.44
N ARG C 179 109.18 -29.69 154.82
CA ARG C 179 108.67 -29.44 153.49
C ARG C 179 107.16 -29.24 153.58
N LEU C 180 106.67 -28.19 152.94
CA LEU C 180 105.25 -27.85 152.89
C LEU C 180 104.78 -27.91 151.45
N ASP C 181 103.65 -28.57 151.23
CA ASP C 181 103.09 -28.81 149.92
C ASP C 181 102.40 -27.60 149.31
N LEU C 182 102.62 -26.40 149.85
CA LEU C 182 102.10 -25.18 149.27
C LEU C 182 103.18 -24.54 148.41
N ALA C 183 102.80 -24.15 147.21
CA ALA C 183 103.74 -23.59 146.24
C ALA C 183 102.94 -22.88 145.15
N GLY C 184 103.61 -22.62 144.03
CA GLY C 184 102.97 -21.87 142.96
C GLY C 184 101.70 -22.56 142.50
N ARG C 185 101.72 -23.90 142.43
CA ARG C 185 100.57 -24.65 141.96
C ARG C 185 99.34 -24.27 142.79
N ASP C 186 99.49 -24.32 144.12
CA ASP C 186 98.39 -23.96 145.01
C ASP C 186 97.93 -22.53 144.75
N LEU C 187 98.90 -21.61 144.62
CA LEU C 187 98.56 -20.21 144.38
C LEU C 187 97.67 -20.07 143.15
N THR C 188 98.09 -20.68 142.05
CA THR C 188 97.30 -20.65 140.81
C THR C 188 95.92 -21.27 141.02
N ASP C 189 95.86 -22.42 141.68
CA ASP C 189 94.59 -23.08 141.95
C ASP C 189 93.63 -22.16 142.71
N TYR C 190 94.05 -21.69 143.89
CA TYR C 190 93.24 -20.79 144.69
C TYR C 190 92.79 -19.57 143.89
N LEU C 191 93.71 -18.96 143.13
CA LEU C 191 93.34 -17.82 142.32
C LEU C 191 92.34 -18.21 141.25
N MET C 192 92.46 -19.43 140.73
CA MET C 192 91.53 -19.94 139.74
C MET C 192 90.12 -20.01 140.31
N LYS C 193 89.99 -20.54 141.54
CA LYS C 193 88.65 -20.65 142.11
C LYS C 193 88.09 -19.27 142.45
N ILE C 194 88.93 -18.34 142.93
CA ILE C 194 88.42 -17.00 143.21
C ILE C 194 87.99 -16.30 141.92
N LEU C 195 88.79 -16.42 140.86
CA LEU C 195 88.39 -15.84 139.58
C LEU C 195 87.14 -16.50 139.03
N THR C 196 86.96 -17.80 139.30
CA THR C 196 85.70 -18.47 138.98
C THR C 196 84.55 -17.80 139.72
N GLU C 197 84.74 -17.48 141.01
CA GLU C 197 83.73 -16.72 141.73
C GLU C 197 83.63 -15.28 141.26
N ARG C 198 84.59 -14.80 140.47
CA ARG C 198 84.50 -13.47 139.87
C ARG C 198 83.84 -13.49 138.50
N GLY C 199 83.52 -14.67 137.96
CA GLY C 199 82.82 -14.79 136.70
C GLY C 199 83.64 -15.39 135.57
N TYR C 200 84.93 -15.63 135.77
CA TYR C 200 85.82 -16.12 134.74
C TYR C 200 86.33 -17.49 135.16
N SER C 201 85.93 -18.52 134.41
CA SER C 201 86.20 -19.92 134.78
C SER C 201 86.96 -20.59 133.65
N PHE C 202 88.26 -20.79 133.85
CA PHE C 202 89.10 -21.48 132.88
C PHE C 202 89.83 -22.63 133.56
N VAL C 203 90.19 -23.64 132.76
CA VAL C 203 90.79 -24.87 133.28
C VAL C 203 92.16 -25.12 132.65
N THR C 204 92.35 -24.64 131.42
CA THR C 204 93.57 -24.97 130.67
C THR C 204 94.78 -24.21 131.19
N THR C 205 95.96 -24.67 130.76
CA THR C 205 97.23 -24.19 131.29
C THR C 205 97.61 -22.80 130.77
N ALA C 206 97.11 -22.40 129.60
CA ALA C 206 97.43 -21.06 129.11
C ALA C 206 96.91 -20.01 130.08
N GLU C 207 95.70 -20.22 130.57
CA GLU C 207 95.17 -19.29 131.55
C GLU C 207 95.91 -19.48 132.86
N ARG C 208 96.50 -20.65 133.13
CA ARG C 208 97.31 -20.83 134.33
C ARG C 208 98.51 -19.90 134.29
N GLU C 209 99.17 -19.83 133.13
CA GLU C 209 100.31 -18.96 132.97
C GLU C 209 99.88 -17.50 133.00
N ILE C 210 98.72 -17.18 132.43
CA ILE C 210 98.20 -15.82 132.49
C ILE C 210 97.98 -15.39 133.94
N VAL C 211 97.38 -16.26 134.75
CA VAL C 211 97.08 -15.87 136.13
C VAL C 211 98.34 -15.87 136.99
N ARG C 212 99.33 -16.70 136.68
CA ARG C 212 100.59 -16.57 137.42
C ARG C 212 101.31 -15.29 137.03
N ASP C 213 101.19 -14.86 135.77
CA ASP C 213 101.70 -13.56 135.37
C ASP C 213 100.99 -12.44 136.13
N ILE C 214 99.67 -12.57 136.30
CA ILE C 214 98.93 -11.61 137.11
C ILE C 214 99.48 -11.59 138.53
N LYS C 215 99.78 -12.77 139.08
CA LYS C 215 100.39 -12.83 140.41
C LYS C 215 101.74 -12.13 140.43
N GLU C 216 102.51 -12.28 139.35
CA GLU C 216 103.80 -11.61 139.27
C GLU C 216 103.64 -10.10 139.26
N LYS C 217 102.61 -9.60 138.59
CA LYS C 217 102.48 -8.16 138.37
C LYS C 217 101.74 -7.45 139.49
N LEU C 218 100.49 -7.85 139.75
CA LEU C 218 99.57 -7.02 140.53
C LEU C 218 99.39 -7.44 141.98
N CYS C 219 99.79 -8.66 142.37
CA CYS C 219 99.36 -9.19 143.65
C CYS C 219 100.00 -8.43 144.82
N TYR C 220 99.22 -8.24 145.87
CA TYR C 220 99.64 -7.69 147.14
C TYR C 220 99.82 -8.79 148.19
N VAL C 221 100.54 -8.44 149.24
CA VAL C 221 100.51 -9.19 150.50
C VAL C 221 99.90 -8.28 151.56
N ALA C 222 98.67 -8.61 151.98
CA ALA C 222 97.90 -7.73 152.85
C ALA C 222 98.61 -7.51 154.17
N LEU C 223 98.69 -6.24 154.60
CA LEU C 223 99.24 -5.95 155.92
C LEU C 223 98.28 -6.40 157.02
N ASP C 224 96.99 -6.10 156.87
CA ASP C 224 95.93 -6.59 157.74
C ASP C 224 94.85 -7.13 156.82
N PHE C 225 94.38 -8.35 157.06
CA PHE C 225 93.60 -9.03 156.03
C PHE C 225 92.15 -8.55 155.99
N GLU C 226 91.40 -8.82 157.06
CA GLU C 226 89.97 -8.55 157.01
C GLU C 226 89.69 -7.06 156.94
N ASN C 227 90.53 -6.24 157.56
CA ASN C 227 90.39 -4.79 157.42
C ASN C 227 90.63 -4.34 155.98
N GLU C 228 91.55 -5.00 155.27
CA GLU C 228 91.76 -4.60 153.88
C GLU C 228 90.68 -5.07 152.95
N MET C 229 90.04 -6.22 153.18
CA MET C 229 88.83 -6.48 152.39
C MET C 229 87.69 -5.54 152.79
N ALA C 230 87.61 -5.15 154.07
CA ALA C 230 86.56 -4.22 154.48
C ALA C 230 86.70 -2.88 153.78
N THR C 231 87.93 -2.36 153.68
CA THR C 231 88.16 -1.15 152.90
C THR C 231 88.23 -1.40 151.41
N ALA C 232 88.38 -2.66 150.97
CA ALA C 232 88.39 -3.00 149.56
C ALA C 232 87.00 -3.29 149.02
N ALA C 233 85.98 -3.16 149.87
CA ALA C 233 84.60 -3.26 149.41
C ALA C 233 84.36 -2.46 148.13
N SER C 234 84.57 -1.14 148.18
CA SER C 234 84.54 -0.33 146.97
C SER C 234 85.93 -0.08 146.39
N SER C 235 86.81 0.61 147.13
CA SER C 235 88.20 0.77 146.71
C SER C 235 88.36 1.00 145.24
N SER C 236 87.88 2.09 144.75
CA SER C 236 88.10 2.38 143.33
C SER C 236 89.58 2.57 143.02
N SER C 237 90.31 3.29 143.88
CA SER C 237 91.73 3.48 143.67
C SER C 237 92.52 2.21 143.98
N LEU C 238 92.19 1.54 145.10
CA LEU C 238 92.94 0.37 145.50
C LEU C 238 92.73 -0.81 144.56
N GLU C 239 91.54 -0.92 143.97
CA GLU C 239 91.28 -1.98 142.99
C GLU C 239 92.15 -1.77 141.76
N LYS C 240 92.71 -2.87 141.25
CA LYS C 240 93.69 -2.79 140.18
C LYS C 240 93.27 -3.66 139.00
N SER C 241 93.64 -3.25 137.81
CA SER C 241 93.20 -3.93 136.60
C SER C 241 94.41 -4.45 135.83
N TYR C 242 94.14 -5.43 134.96
CA TYR C 242 95.14 -5.98 134.07
C TYR C 242 94.60 -6.04 132.65
N GLU C 243 95.51 -5.91 131.70
CA GLU C 243 95.20 -5.95 130.27
C GLU C 243 95.65 -7.31 129.73
N LEU C 244 94.69 -8.22 129.60
CA LEU C 244 94.99 -9.55 129.08
C LEU C 244 95.36 -9.48 127.60
N PRO C 245 96.23 -10.39 127.14
CA PRO C 245 96.75 -10.27 125.77
C PRO C 245 95.69 -10.23 124.69
N ASP C 246 94.52 -10.85 124.91
CA ASP C 246 93.42 -10.71 123.98
C ASP C 246 92.87 -9.29 123.93
N GLY C 247 93.16 -8.47 124.93
CA GLY C 247 92.71 -7.10 125.01
C GLY C 247 91.64 -6.79 126.02
N GLN C 248 90.99 -7.78 126.63
CA GLN C 248 89.98 -7.46 127.63
C GLN C 248 90.64 -6.98 128.92
N VAL C 249 89.95 -6.07 129.60
CA VAL C 249 90.43 -5.49 130.85
C VAL C 249 89.76 -6.27 131.97
N ILE C 250 90.57 -6.97 132.76
CA ILE C 250 90.09 -7.77 133.88
C ILE C 250 90.50 -7.09 135.18
N THR C 251 89.51 -6.75 136.00
CA THR C 251 89.71 -5.98 137.22
C THR C 251 89.65 -6.89 138.44
N ILE C 252 90.62 -6.74 139.33
CA ILE C 252 90.72 -7.53 140.56
C ILE C 252 91.01 -6.58 141.71
N GLY C 253 90.34 -6.82 142.85
CA GLY C 253 90.53 -5.97 144.01
C GLY C 253 91.22 -6.65 145.17
N ASN C 254 90.44 -7.10 146.15
CA ASN C 254 91.01 -7.75 147.32
C ASN C 254 91.75 -9.04 146.98
N GLU C 255 91.38 -9.68 145.87
CA GLU C 255 92.02 -10.95 145.50
C GLU C 255 93.53 -10.80 145.39
N ARG C 256 94.00 -9.61 145.01
CA ARG C 256 95.44 -9.36 144.90
C ARG C 256 96.17 -9.75 146.17
N PHE C 257 95.63 -9.39 147.33
CA PHE C 257 96.22 -9.79 148.58
C PHE C 257 95.48 -10.93 149.27
N ARG C 258 94.43 -11.47 148.65
CA ARG C 258 93.81 -12.66 149.21
C ARG C 258 94.37 -13.95 148.64
N CYS C 259 95.18 -13.87 147.57
CA CYS C 259 95.84 -15.08 147.04
C CYS C 259 97.12 -15.56 147.75
N PRO C 260 98.11 -14.67 147.96
CA PRO C 260 99.29 -15.17 148.71
C PRO C 260 98.93 -15.48 150.16
N GLU C 261 97.84 -14.92 150.66
CA GLU C 261 97.41 -15.15 152.04
C GLU C 261 97.07 -16.62 152.29
N THR C 262 96.77 -17.39 151.25
CA THR C 262 96.50 -18.81 151.45
C THR C 262 97.70 -19.52 152.07
N LEU C 263 98.93 -19.18 151.67
CA LEU C 263 100.09 -19.79 152.33
C LEU C 263 100.13 -19.42 153.78
N PHE C 264 99.89 -18.15 154.12
CA PHE C 264 99.87 -17.68 155.50
C PHE C 264 98.69 -18.21 156.29
N GLN C 265 97.53 -18.37 155.64
CA GLN C 265 96.32 -18.85 156.29
C GLN C 265 95.84 -20.10 155.52
N PRO C 266 96.46 -21.27 155.78
CA PRO C 266 96.10 -22.48 155.00
C PRO C 266 94.68 -22.95 155.22
N SER C 267 94.02 -22.53 156.30
CA SER C 267 92.66 -22.97 156.58
C SER C 267 91.67 -22.53 155.51
N PHE C 268 92.05 -21.60 154.64
CA PHE C 268 91.17 -21.21 153.54
C PHE C 268 90.83 -22.40 152.65
N ILE C 269 91.82 -23.23 152.32
CA ILE C 269 91.52 -24.41 151.50
C ILE C 269 91.94 -25.69 152.21
N GLY C 270 91.96 -25.68 153.54
CA GLY C 270 92.01 -26.92 154.29
C GLY C 270 93.35 -27.62 154.43
N MET C 271 94.31 -27.00 155.09
CA MET C 271 95.53 -27.68 155.53
C MET C 271 95.61 -27.66 157.04
N GLU C 272 95.98 -28.80 157.62
CA GLU C 272 96.23 -28.86 159.06
C GLU C 272 97.40 -27.96 159.46
N SER C 273 98.45 -27.96 158.65
CA SER C 273 99.60 -27.10 158.92
C SER C 273 99.19 -25.64 158.86
N ALA C 274 99.72 -24.85 159.78
CA ALA C 274 99.42 -23.42 159.81
C ALA C 274 100.29 -22.71 158.78
N GLY C 275 100.34 -21.37 158.86
CA GLY C 275 101.09 -20.60 157.91
C GLY C 275 102.58 -20.93 157.95
N ILE C 276 103.27 -20.57 156.86
CA ILE C 276 104.69 -20.86 156.74
C ILE C 276 105.51 -20.17 157.82
N HIS C 277 105.01 -19.06 158.38
CA HIS C 277 105.71 -18.45 159.51
C HIS C 277 105.68 -19.35 160.73
N GLU C 278 104.58 -20.08 160.96
CA GLU C 278 104.57 -21.07 162.02
C GLU C 278 105.59 -22.18 161.75
N THR C 279 105.76 -22.54 160.47
CA THR C 279 106.71 -23.60 160.13
C THR C 279 108.12 -23.08 160.37
N THR C 280 108.42 -21.83 160.11
CA THR C 280 109.74 -21.32 160.47
C THR C 280 109.91 -21.23 161.99
N TYR C 281 108.86 -20.78 162.70
CA TYR C 281 108.89 -20.74 164.16
C TYR C 281 109.17 -22.10 164.81
N ASN C 282 108.35 -23.13 164.51
CA ASN C 282 108.60 -24.45 165.08
C ASN C 282 110.01 -24.90 164.72
N SER C 283 110.41 -24.72 163.46
CA SER C 283 111.74 -25.14 163.03
C SER C 283 112.78 -24.52 163.96
N ILE C 284 112.62 -23.24 164.27
CA ILE C 284 113.60 -22.56 165.11
C ILE C 284 113.63 -23.19 166.50
N MET C 285 112.47 -23.32 167.16
CA MET C 285 112.52 -23.86 168.53
C MET C 285 112.97 -25.32 168.62
N LYS C 286 112.84 -26.14 167.58
CA LYS C 286 113.26 -27.53 167.67
C LYS C 286 114.72 -27.61 168.08
N CYS C 287 115.55 -26.67 167.64
CA CYS C 287 116.98 -26.67 167.89
C CYS C 287 117.22 -25.94 169.22
N ASP C 288 118.45 -26.03 169.73
CA ASP C 288 118.79 -25.39 171.00
C ASP C 288 118.31 -23.94 171.07
N ILE C 289 117.92 -23.55 172.28
CA ILE C 289 117.36 -22.23 172.53
C ILE C 289 118.30 -21.11 172.09
N ASP C 290 119.58 -21.20 172.49
CA ASP C 290 120.46 -20.03 172.48
C ASP C 290 120.59 -19.42 171.08
N ILE C 291 120.89 -20.23 170.07
CA ILE C 291 121.14 -19.68 168.74
C ILE C 291 119.87 -19.20 168.07
N ARG C 292 118.71 -19.44 168.69
CA ARG C 292 117.46 -19.11 168.04
C ARG C 292 117.41 -17.64 167.68
N LYS C 293 117.92 -16.77 168.56
CA LYS C 293 117.94 -15.34 168.28
C LYS C 293 118.67 -15.06 166.96
N ASP C 294 119.84 -15.70 166.77
CA ASP C 294 120.57 -15.52 165.52
C ASP C 294 119.74 -15.98 164.34
N LEU C 295 119.03 -17.10 164.50
CA LEU C 295 118.14 -17.55 163.43
C LEU C 295 117.10 -16.48 163.12
N TYR C 296 116.56 -15.87 164.17
CA TYR C 296 115.60 -14.78 163.98
C TYR C 296 116.23 -13.65 163.16
N ALA C 297 117.49 -13.33 163.44
CA ALA C 297 118.13 -12.18 162.83
C ALA C 297 118.79 -12.53 161.49
N ASN C 298 118.87 -13.80 161.13
CA ASN C 298 119.61 -14.21 159.94
C ASN C 298 118.75 -14.97 158.94
N ASN C 299 117.43 -14.84 159.02
CA ASN C 299 116.57 -15.57 158.10
C ASN C 299 116.76 -15.09 156.66
N VAL C 300 116.82 -16.05 155.74
CA VAL C 300 116.95 -15.75 154.33
C VAL C 300 115.79 -16.40 153.60
N MET C 301 115.34 -15.75 152.53
CA MET C 301 114.28 -16.29 151.68
C MET C 301 114.80 -16.37 150.25
N SER C 302 114.47 -17.45 149.55
CA SER C 302 114.96 -17.69 148.20
C SER C 302 113.87 -18.33 147.35
N GLY C 303 113.90 -18.03 146.05
CA GLY C 303 112.97 -18.59 145.08
C GLY C 303 112.45 -17.53 144.13
N GLY C 304 111.88 -17.99 143.02
CA GLY C 304 111.34 -17.06 142.04
C GLY C 304 110.16 -16.26 142.57
N THR C 305 109.37 -16.88 143.46
CA THR C 305 108.22 -16.19 144.04
C THR C 305 108.66 -14.93 144.76
N THR C 306 109.85 -14.97 145.37
CA THR C 306 110.34 -13.85 146.16
C THR C 306 110.34 -12.53 145.38
N MET C 307 110.22 -12.57 144.04
CA MET C 307 110.05 -11.30 143.34
C MET C 307 108.80 -10.54 143.73
N TYR C 308 107.87 -11.17 144.46
CA TYR C 308 106.65 -10.46 144.82
C TYR C 308 106.94 -9.54 146.00
N PRO C 309 106.18 -8.45 146.15
CA PRO C 309 106.31 -7.62 147.35
C PRO C 309 105.54 -8.23 148.51
N GLY C 310 105.84 -7.73 149.71
CA GLY C 310 105.06 -8.06 150.88
C GLY C 310 105.53 -9.22 151.73
N ILE C 311 106.37 -10.12 151.21
CA ILE C 311 106.82 -11.22 152.06
C ILE C 311 107.68 -10.73 153.22
N ALA C 312 108.56 -9.76 152.98
CA ALA C 312 109.46 -9.29 154.04
C ALA C 312 108.73 -8.67 155.22
N ASP C 313 107.84 -7.70 154.96
CA ASP C 313 107.16 -7.03 156.08
C ASP C 313 106.30 -8.02 156.86
N ARG C 314 105.55 -8.86 156.14
CA ARG C 314 104.69 -9.84 156.80
C ARG C 314 105.55 -10.76 157.65
N MET C 315 106.65 -11.24 157.07
CA MET C 315 107.55 -12.17 157.74
C MET C 315 107.98 -11.59 159.08
N GLN C 316 108.63 -10.42 159.03
CA GLN C 316 109.17 -9.85 160.27
C GLN C 316 108.06 -9.57 161.27
N LYS C 317 106.97 -8.93 160.85
CA LYS C 317 105.93 -8.60 161.83
C LYS C 317 105.40 -9.84 162.55
N GLU C 318 105.05 -10.89 161.79
CA GLU C 318 104.51 -12.09 162.45
C GLU C 318 105.54 -12.77 163.34
N ILE C 319 106.81 -12.86 162.90
CA ILE C 319 107.80 -13.48 163.78
C ILE C 319 107.99 -12.67 165.06
N THR C 320 108.00 -11.34 164.95
CA THR C 320 108.08 -10.50 166.15
C THR C 320 106.85 -10.68 167.02
N ALA C 321 105.68 -10.89 166.43
CA ALA C 321 104.49 -11.18 167.22
C ALA C 321 104.64 -12.50 167.97
N LEU C 322 105.19 -13.52 167.31
CA LEU C 322 105.33 -14.84 167.93
C LEU C 322 106.49 -14.90 168.91
N ALA C 323 107.64 -14.34 168.55
CA ALA C 323 108.88 -14.34 169.33
C ALA C 323 109.02 -13.03 170.10
N PRO C 324 109.75 -13.04 171.22
CA PRO C 324 109.96 -11.79 171.95
C PRO C 324 110.64 -10.73 171.09
N SER C 325 110.23 -9.48 171.29
CA SER C 325 110.67 -8.35 170.47
C SER C 325 111.87 -7.61 171.05
N THR C 326 112.78 -8.31 171.73
CA THR C 326 113.96 -7.62 172.23
C THR C 326 114.95 -7.39 171.09
N MET C 327 115.45 -8.47 170.48
CA MET C 327 116.40 -8.36 169.39
C MET C 327 115.66 -7.97 168.12
N LYS C 328 116.32 -7.19 167.27
CA LYS C 328 115.73 -6.77 166.01
C LYS C 328 115.88 -7.85 164.94
N ILE C 329 114.77 -8.21 164.29
CA ILE C 329 114.75 -9.18 163.21
C ILE C 329 114.75 -8.44 161.87
N LYS C 330 115.66 -8.85 160.98
CA LYS C 330 115.77 -8.28 159.64
C LYS C 330 116.03 -9.38 158.62
N ILE C 331 115.31 -9.31 157.51
CA ILE C 331 115.42 -10.26 156.41
C ILE C 331 116.39 -9.71 155.38
N ILE C 332 117.10 -10.60 154.69
CA ILE C 332 118.01 -10.22 153.61
C ILE C 332 117.58 -11.00 152.37
N ALA C 333 117.52 -10.30 151.24
CA ALA C 333 117.10 -10.91 149.98
C ALA C 333 117.64 -10.13 148.78
N PRO C 334 118.75 -10.57 148.18
CA PRO C 334 119.33 -9.83 147.05
C PRO C 334 118.40 -9.87 145.84
N PRO C 335 118.35 -8.80 145.06
CA PRO C 335 117.54 -8.80 143.84
C PRO C 335 117.96 -9.90 142.88
N GLU C 336 116.96 -10.45 142.18
CA GLU C 336 117.16 -11.52 141.21
C GLU C 336 117.84 -12.73 141.86
N ARG C 337 117.24 -13.19 142.96
CA ARG C 337 117.81 -14.29 143.73
C ARG C 337 117.43 -15.65 143.18
N LYS C 338 116.52 -15.73 142.21
CA LYS C 338 116.19 -17.01 141.60
C LYS C 338 117.35 -17.55 140.79
N TYR C 339 118.25 -16.69 140.31
CA TYR C 339 119.50 -17.11 139.69
C TYR C 339 120.57 -17.41 140.73
N SER C 340 120.36 -17.01 141.98
CA SER C 340 121.40 -17.06 143.00
C SER C 340 121.94 -18.47 143.18
N VAL C 341 121.06 -19.47 143.19
CA VAL C 341 121.50 -20.86 143.33
C VAL C 341 122.54 -21.18 142.26
N TRP C 342 122.24 -20.85 141.01
CA TRP C 342 123.17 -21.12 139.93
C TRP C 342 124.48 -20.38 140.15
N ILE C 343 124.39 -19.15 140.65
CA ILE C 343 125.59 -18.39 140.99
C ILE C 343 126.43 -19.19 141.98
N GLY C 344 125.78 -19.72 143.02
CA GLY C 344 126.51 -20.52 143.98
C GLY C 344 127.17 -21.72 143.34
N GLY C 345 126.52 -22.31 142.33
CA GLY C 345 127.16 -23.40 141.61
C GLY C 345 128.46 -22.96 140.98
N SER C 346 128.44 -21.79 140.33
CA SER C 346 129.67 -21.23 139.79
C SER C 346 130.69 -21.04 140.90
N ILE C 347 130.23 -20.59 142.07
CA ILE C 347 131.12 -20.40 143.20
C ILE C 347 131.78 -21.72 143.58
N LEU C 348 131.01 -22.81 143.52
CA LEU C 348 131.58 -24.12 143.82
C LEU C 348 132.69 -24.46 142.85
N ALA C 349 132.50 -24.15 141.57
CA ALA C 349 133.55 -24.43 140.61
C ALA C 349 134.69 -23.43 140.67
N SER C 350 134.52 -22.32 141.41
CA SER C 350 135.57 -21.31 141.46
C SER C 350 136.83 -21.83 142.11
N LEU C 351 136.70 -22.55 143.22
CA LEU C 351 137.84 -22.97 144.02
C LEU C 351 138.43 -24.28 143.51
N SER C 352 139.72 -24.48 143.80
CA SER C 352 140.47 -25.61 143.27
C SER C 352 140.34 -26.88 144.09
N THR C 353 139.62 -26.83 145.22
CA THR C 353 139.36 -28.04 145.99
C THR C 353 138.17 -28.82 145.45
N PHE C 354 137.32 -28.17 144.63
CA PHE C 354 136.10 -28.82 144.15
C PHE C 354 136.39 -30.06 143.31
N GLN C 355 137.50 -30.08 142.58
CA GLN C 355 137.81 -31.26 141.79
C GLN C 355 138.40 -32.40 142.60
N GLN C 356 138.56 -32.24 143.91
CA GLN C 356 138.93 -33.38 144.74
C GLN C 356 137.79 -34.39 144.88
N MET C 357 136.53 -33.94 144.81
CA MET C 357 135.40 -34.85 144.99
C MET C 357 134.42 -34.84 143.82
N TRP C 358 134.91 -34.63 142.60
CA TRP C 358 134.13 -34.97 141.42
C TRP C 358 133.80 -36.46 141.40
N ILE C 359 132.55 -36.78 141.06
CA ILE C 359 132.10 -38.16 140.95
C ILE C 359 132.46 -38.64 139.55
N THR C 360 133.59 -39.31 139.42
CA THR C 360 134.09 -39.72 138.12
C THR C 360 133.34 -40.95 137.61
N LYS C 361 133.56 -41.25 136.31
CA LYS C 361 132.91 -42.38 135.68
C LYS C 361 133.33 -43.71 136.30
N GLN C 362 134.62 -43.87 136.57
CA GLN C 362 135.12 -45.16 137.05
C GLN C 362 134.60 -45.51 138.43
N GLU C 363 134.38 -44.53 139.30
CA GLU C 363 133.80 -44.83 140.61
C GLU C 363 132.39 -45.41 140.46
N TYR C 364 131.58 -44.80 139.59
CA TYR C 364 130.25 -45.32 139.32
C TYR C 364 130.30 -46.68 138.67
N ASP C 365 131.27 -46.91 137.77
CA ASP C 365 131.41 -48.21 137.15
C ASP C 365 131.81 -49.28 138.17
N GLU C 366 132.59 -48.91 139.17
CA GLU C 366 132.98 -49.88 140.20
C GLU C 366 131.81 -50.19 141.13
N ALA C 367 131.26 -49.17 141.80
CA ALA C 367 130.30 -49.40 142.86
C ALA C 367 128.85 -49.17 142.44
N GLY C 368 128.59 -49.00 141.14
CA GLY C 368 127.24 -48.73 140.68
C GLY C 368 126.77 -47.37 141.12
N PRO C 369 125.45 -47.16 141.12
CA PRO C 369 124.92 -45.91 141.70
C PRO C 369 125.16 -45.81 143.19
N SER C 370 125.29 -46.95 143.88
CA SER C 370 125.37 -46.96 145.33
C SER C 370 126.52 -46.11 145.85
N ILE C 371 127.55 -45.89 145.02
CA ILE C 371 128.71 -45.12 145.44
C ILE C 371 128.31 -43.71 145.86
N VAL C 372 127.25 -43.15 145.27
CA VAL C 372 126.88 -41.79 145.65
C VAL C 372 126.47 -41.74 147.11
N HIS C 373 125.94 -42.86 147.64
CA HIS C 373 125.55 -42.91 149.04
C HIS C 373 126.72 -42.63 149.95
N ARG C 374 127.93 -42.89 149.48
CA ARG C 374 129.15 -42.65 150.23
C ARG C 374 129.96 -41.48 149.67
N LYS C 375 129.63 -41.00 148.47
CA LYS C 375 130.47 -39.99 147.83
C LYS C 375 129.94 -38.57 147.99
N CYS C 376 128.63 -38.40 148.11
CA CYS C 376 128.08 -37.09 148.37
C CYS C 376 127.89 -36.86 149.87
N PHE C 377 127.15 -37.74 150.53
CA PHE C 377 127.05 -37.71 151.98
C PHE C 377 127.76 -38.90 152.59
N ASP D 3 46.49 -22.84 146.09
CA ASP D 3 47.42 -22.63 147.19
C ASP D 3 46.94 -23.33 148.46
N GLU D 4 47.85 -24.02 149.13
CA GLU D 4 47.53 -24.66 150.39
C GLU D 4 47.22 -23.63 151.47
N ASP D 5 46.31 -23.99 152.38
CA ASP D 5 45.93 -23.10 153.47
C ASP D 5 47.12 -22.77 154.35
N GLU D 6 48.10 -23.66 154.44
CA GLU D 6 49.26 -23.46 155.28
C GLU D 6 50.29 -22.63 154.52
N THR D 7 51.15 -21.95 155.27
CA THR D 7 52.15 -21.04 154.72
C THR D 7 53.45 -21.75 154.36
N THR D 8 53.37 -23.03 153.99
CA THR D 8 54.54 -23.83 153.66
C THR D 8 55.41 -23.18 152.59
N ALA D 9 56.68 -23.55 152.54
CA ALA D 9 57.65 -22.86 151.71
C ALA D 9 57.60 -23.33 150.26
N LEU D 10 58.16 -22.51 149.38
CA LEU D 10 58.35 -22.86 147.99
C LEU D 10 59.66 -23.60 147.82
N VAL D 11 59.67 -24.64 146.97
CA VAL D 11 60.87 -25.40 146.67
C VAL D 11 61.09 -25.34 145.17
N CYS D 12 62.19 -24.71 144.75
CA CYS D 12 62.47 -24.49 143.34
C CYS D 12 63.91 -24.86 143.04
N ASP D 13 64.08 -25.81 142.13
CA ASP D 13 65.39 -26.21 141.62
C ASP D 13 65.59 -25.56 140.26
N ASN D 14 66.42 -24.53 140.20
CA ASN D 14 66.79 -23.91 138.93
C ASN D 14 68.04 -24.61 138.37
N GLY D 15 67.87 -25.89 138.06
CA GLY D 15 68.96 -26.67 137.52
C GLY D 15 69.42 -26.15 136.17
N SER D 16 70.70 -26.34 135.90
CA SER D 16 71.30 -25.86 134.65
C SER D 16 70.78 -26.75 133.51
N GLY D 17 69.59 -26.40 133.02
CA GLY D 17 68.97 -27.16 131.97
C GLY D 17 67.49 -27.41 132.18
N LEU D 18 67.04 -27.38 133.44
CA LEU D 18 65.65 -27.61 133.77
C LEU D 18 65.29 -26.83 135.02
N VAL D 19 64.08 -26.29 135.04
CA VAL D 19 63.54 -25.59 136.21
C VAL D 19 62.37 -26.41 136.73
N LYS D 20 62.46 -26.81 138.01
CA LYS D 20 61.46 -27.67 138.64
C LYS D 20 61.00 -27.02 139.94
N ALA D 21 59.74 -26.58 139.97
CA ALA D 21 59.25 -25.78 141.08
C ALA D 21 57.98 -26.39 141.65
N GLY D 22 57.77 -26.18 142.95
CA GLY D 22 56.58 -26.68 143.61
C GLY D 22 56.54 -26.23 145.05
N PHE D 23 55.71 -26.92 145.83
CA PHE D 23 55.51 -26.58 147.24
C PHE D 23 56.29 -27.54 148.13
N ALA D 24 56.65 -27.05 149.32
CA ALA D 24 57.28 -27.89 150.32
C ALA D 24 56.30 -28.91 150.87
N GLY D 25 56.83 -30.09 151.21
CA GLY D 25 56.02 -31.22 151.61
C GLY D 25 55.49 -32.06 150.47
N ASP D 26 55.71 -31.63 149.23
CA ASP D 26 55.32 -32.41 148.07
C ASP D 26 56.43 -33.36 147.67
N ASP D 27 56.05 -34.46 147.02
CA ASP D 27 57.03 -35.48 146.64
C ASP D 27 57.75 -35.15 145.33
N ALA D 28 57.06 -34.51 144.39
CA ALA D 28 57.65 -34.14 143.11
C ALA D 28 57.31 -32.70 142.77
N PRO D 29 58.20 -32.01 142.07
CA PRO D 29 57.89 -30.63 141.65
C PRO D 29 56.69 -30.59 140.72
N ARG D 30 55.88 -29.54 140.85
CA ARG D 30 54.65 -29.46 140.07
C ARG D 30 54.89 -28.90 138.67
N ALA D 31 55.66 -27.82 138.57
CA ALA D 31 55.92 -27.17 137.29
C ALA D 31 57.36 -27.44 136.90
N VAL D 32 57.56 -28.26 135.87
CA VAL D 32 58.88 -28.64 135.39
C VAL D 32 58.97 -28.26 133.92
N PHE D 33 59.94 -27.42 133.57
CA PHE D 33 60.11 -27.02 132.19
C PHE D 33 61.58 -26.84 131.84
N PRO D 34 61.95 -27.08 130.59
CA PRO D 34 63.33 -26.81 130.16
C PRO D 34 63.63 -25.30 130.17
N SER D 35 64.93 -24.99 130.22
CA SER D 35 65.39 -23.62 130.39
C SER D 35 65.58 -22.88 129.07
N ILE D 36 64.86 -23.25 128.02
CA ILE D 36 64.94 -22.56 126.75
C ILE D 36 63.96 -21.39 126.79
N VAL D 37 64.27 -20.31 126.10
CA VAL D 37 63.42 -19.13 126.05
C VAL D 37 63.30 -18.66 124.60
N GLY D 38 62.08 -18.52 124.10
CA GLY D 38 61.84 -18.13 122.73
C GLY D 38 61.39 -16.68 122.58
N ARG D 39 61.89 -16.05 121.53
CA ARG D 39 61.57 -14.66 121.24
C ARG D 39 61.14 -14.51 119.79
N PRO D 40 60.22 -13.57 119.50
CA PRO D 40 59.75 -13.41 118.11
C PRO D 40 60.88 -13.20 117.13
N ARG D 41 60.95 -14.07 116.13
CA ARG D 41 62.00 -13.98 115.11
C ARG D 41 61.85 -12.75 114.21
N HIS D 42 60.65 -12.20 114.10
CA HIS D 42 60.42 -11.03 113.26
C HIS D 42 59.56 -10.00 114.01
N GLN D 43 59.22 -8.92 113.31
CA GLN D 43 58.48 -7.80 113.89
C GLN D 43 56.98 -7.94 113.66
N GLY D 44 56.23 -7.05 114.31
CA GLY D 44 54.78 -7.05 114.30
C GLY D 44 54.07 -6.18 113.27
N VAL D 45 53.20 -6.80 112.48
CA VAL D 45 52.41 -6.10 111.47
C VAL D 45 50.98 -6.62 111.54
N MET D 46 50.83 -7.89 111.90
CA MET D 46 49.55 -8.56 112.09
C MET D 46 48.91 -8.15 113.41
N VAL D 47 47.64 -8.52 113.57
CA VAL D 47 46.86 -8.18 114.75
C VAL D 47 45.82 -9.26 114.96
N GLY D 48 45.16 -9.25 116.12
CA GLY D 48 44.11 -10.20 116.45
C GLY D 48 44.51 -11.33 117.37
N MET D 49 45.81 -11.59 117.54
CA MET D 49 46.27 -12.69 118.38
C MET D 49 47.78 -12.60 118.52
N GLY D 50 48.30 -13.38 119.46
CA GLY D 50 49.74 -13.41 119.68
C GLY D 50 50.36 -12.06 119.96
N GLN D 51 51.43 -11.74 119.23
CA GLN D 51 52.17 -10.49 119.36
C GLN D 51 52.66 -10.29 120.79
N LYS D 52 53.24 -11.34 121.36
CA LYS D 52 53.79 -11.29 122.71
C LYS D 52 55.28 -11.59 122.61
N ASP D 53 56.08 -10.81 123.34
CA ASP D 53 57.53 -10.97 123.33
C ASP D 53 57.98 -12.30 123.92
N SER D 54 58.11 -12.38 125.25
CA SER D 54 58.64 -13.58 125.87
C SER D 54 57.69 -14.76 125.74
N TYR D 55 58.26 -15.91 125.36
CA TYR D 55 57.54 -17.18 125.34
C TYR D 55 58.39 -18.18 126.10
N VAL D 56 57.81 -18.80 127.13
CA VAL D 56 58.51 -19.73 127.99
C VAL D 56 57.69 -21.00 128.15
N GLY D 57 58.39 -22.08 128.53
CA GLY D 57 57.75 -23.34 128.83
C GLY D 57 57.22 -24.05 127.59
N ASP D 58 56.17 -24.84 127.80
CA ASP D 58 55.59 -25.62 126.70
C ASP D 58 55.08 -24.73 125.58
N GLU D 59 54.69 -23.49 125.90
CA GLU D 59 54.30 -22.56 124.85
C GLU D 59 55.43 -22.37 123.85
N ALA D 60 56.64 -22.11 124.35
CA ALA D 60 57.77 -21.97 123.44
C ALA D 60 58.13 -23.29 122.79
N GLN D 61 57.93 -24.41 123.49
CA GLN D 61 58.17 -25.71 122.88
C GLN D 61 57.28 -25.92 121.66
N SER D 62 56.01 -25.53 121.77
CA SER D 62 55.11 -25.60 120.63
C SER D 62 55.46 -24.55 119.58
N LYS D 63 56.02 -23.40 120.00
CA LYS D 63 56.31 -22.32 119.08
C LYS D 63 57.80 -22.22 118.78
N ARG D 64 58.49 -23.35 118.76
CA ARG D 64 59.93 -23.36 118.57
C ARG D 64 60.32 -22.82 117.21
N GLY D 65 59.55 -23.17 116.19
CA GLY D 65 59.90 -22.80 114.83
C GLY D 65 59.83 -21.31 114.57
N ILE D 66 58.92 -20.61 115.24
CA ILE D 66 58.72 -19.19 114.96
C ILE D 66 59.61 -18.30 115.81
N LEU D 67 60.26 -18.85 116.83
CA LEU D 67 61.00 -18.06 117.80
C LEU D 67 62.48 -18.32 117.65
N THR D 68 63.28 -17.27 117.82
CA THR D 68 64.69 -17.46 118.09
C THR D 68 64.83 -18.02 119.49
N LEU D 69 65.44 -19.21 119.59
CA LEU D 69 65.53 -19.91 120.87
C LEU D 69 66.87 -19.55 121.51
N LYS D 70 66.81 -18.94 122.68
CA LYS D 70 67.98 -18.42 123.37
C LYS D 70 68.02 -18.99 124.78
N TYR D 71 69.23 -19.04 125.33
CA TYR D 71 69.45 -19.64 126.65
C TYR D 71 69.81 -18.54 127.63
N PRO D 72 68.93 -18.19 128.57
CA PRO D 72 69.29 -17.16 129.56
C PRO D 72 70.47 -17.54 130.44
N ILE D 73 70.77 -18.84 130.56
CA ILE D 73 71.93 -19.31 131.31
C ILE D 73 72.65 -20.36 130.49
N GLU D 74 73.98 -20.30 130.49
CA GLU D 74 74.78 -21.33 129.83
C GLU D 74 76.03 -21.54 130.67
N GLY D 76 76.26 -21.73 133.71
CA GLY D 76 76.19 -20.87 134.88
C GLY D 76 76.18 -19.38 134.60
N ILE D 77 76.74 -18.97 133.46
CA ILE D 77 76.82 -17.56 133.14
C ILE D 77 75.43 -17.01 132.87
N ILE D 78 75.16 -15.81 133.38
CA ILE D 78 73.85 -15.18 133.29
C ILE D 78 73.88 -14.11 132.21
N THR D 79 72.92 -14.20 131.28
CA THR D 79 72.82 -13.20 130.19
C THR D 79 72.00 -11.99 130.62
N ASN D 80 70.70 -12.20 130.88
CA ASN D 80 69.77 -11.10 131.15
C ASN D 80 68.86 -11.48 132.31
N TRP D 81 68.96 -10.72 133.40
CA TRP D 81 68.12 -10.97 134.56
C TRP D 81 66.64 -10.78 134.28
N ASP D 82 66.30 -9.93 133.31
CA ASP D 82 64.90 -9.78 132.92
C ASP D 82 64.29 -11.10 132.47
N ASP D 83 65.09 -11.94 131.80
CA ASP D 83 64.59 -13.24 131.36
C ASP D 83 64.20 -14.12 132.55
N MET D 84 65.07 -14.16 133.57
CA MET D 84 64.72 -14.88 134.80
C MET D 84 63.51 -14.26 135.48
N GLU D 85 63.42 -12.93 135.49
CA GLU D 85 62.25 -12.27 136.06
C GLU D 85 60.97 -12.77 135.41
N LYS D 86 60.94 -12.76 134.08
CA LYS D 86 59.73 -13.20 133.37
C LYS D 86 59.46 -14.69 133.60
N ILE D 87 60.49 -15.53 133.54
CA ILE D 87 60.22 -16.96 133.65
C ILE D 87 59.77 -17.30 135.07
N TRP D 88 60.32 -16.62 136.08
CA TRP D 88 59.86 -16.83 137.45
C TRP D 88 58.44 -16.33 137.65
N HIS D 89 58.10 -15.18 137.05
CA HIS D 89 56.71 -14.73 137.05
C HIS D 89 55.78 -15.80 136.47
N HIS D 90 56.16 -16.34 135.31
CA HIS D 90 55.37 -17.38 134.66
C HIS D 90 55.22 -18.60 135.55
N THR D 91 56.34 -19.06 136.13
CA THR D 91 56.32 -20.24 136.97
C THR D 91 55.44 -20.04 138.20
N PHE D 92 55.58 -18.89 138.87
CA PHE D 92 54.86 -18.66 140.12
C PHE D 92 53.37 -18.48 139.87
N TYR D 93 52.99 -17.75 138.82
CA TYR D 93 51.59 -17.36 138.67
C TYR D 93 50.84 -18.16 137.62
N ASN D 94 51.44 -18.40 136.45
CA ASN D 94 50.78 -19.13 135.39
C ASN D 94 50.93 -20.64 135.53
N GLU D 95 51.99 -21.11 136.19
CA GLU D 95 52.27 -22.53 136.30
C GLU D 95 52.08 -23.08 137.71
N LEU D 96 52.59 -22.37 138.73
CA LEU D 96 52.40 -22.81 140.11
C LEU D 96 51.14 -22.22 140.74
N ARG D 97 50.59 -21.16 140.15
CA ARG D 97 49.40 -20.49 140.66
C ARG D 97 49.59 -20.10 142.13
N VAL D 98 50.77 -19.59 142.44
CA VAL D 98 51.15 -19.22 143.80
C VAL D 98 51.73 -17.81 143.83
N ALA D 99 51.50 -17.12 144.94
CA ALA D 99 52.08 -15.80 145.16
C ALA D 99 53.27 -15.94 146.10
N PRO D 100 54.45 -15.42 145.74
CA PRO D 100 55.61 -15.58 146.62
C PRO D 100 55.58 -14.71 147.88
N GLU D 101 54.54 -13.90 148.07
CA GLU D 101 54.47 -13.06 149.25
C GLU D 101 54.39 -13.89 150.54
N GLU D 102 53.62 -14.97 150.52
CA GLU D 102 53.30 -15.74 151.72
C GLU D 102 54.10 -17.03 151.87
N HIS D 103 55.08 -17.28 150.99
CA HIS D 103 55.85 -18.50 151.08
C HIS D 103 57.34 -18.24 150.89
N PRO D 104 58.17 -18.54 151.90
CA PRO D 104 59.62 -18.48 151.70
C PRO D 104 60.08 -19.48 150.65
N THR D 105 61.19 -19.16 149.99
CA THR D 105 61.69 -19.93 148.87
C THR D 105 63.02 -20.60 149.21
N LEU D 106 63.10 -21.90 148.95
CA LEU D 106 64.35 -22.64 148.97
C LEU D 106 64.77 -22.90 147.52
N LEU D 107 65.94 -22.40 147.16
CA LEU D 107 66.47 -22.52 145.82
C LEU D 107 67.76 -23.34 145.81
N THR D 108 68.03 -23.98 144.69
CA THR D 108 69.26 -24.71 144.48
C THR D 108 70.04 -24.06 143.34
N GLU D 109 71.35 -23.94 143.51
CA GLU D 109 72.19 -23.27 142.52
C GLU D 109 73.27 -24.24 142.03
N ALA D 110 73.74 -23.96 140.81
CA ALA D 110 74.80 -24.77 140.23
C ALA D 110 76.07 -24.70 141.08
N PRO D 111 76.82 -25.79 141.19
CA PRO D 111 78.01 -25.80 142.04
C PRO D 111 79.00 -24.72 141.63
N LEU D 112 79.60 -24.08 142.64
CA LEU D 112 80.64 -23.06 142.44
C LEU D 112 80.15 -21.91 141.56
N ASN D 113 78.90 -21.50 141.77
CA ASN D 113 78.36 -20.38 141.03
C ASN D 113 79.01 -19.09 141.53
N PRO D 114 79.11 -18.07 140.68
CA PRO D 114 79.81 -16.85 141.10
C PRO D 114 79.17 -16.23 142.33
N LYS D 115 80.02 -15.70 143.21
CA LYS D 115 79.52 -14.98 144.39
C LYS D 115 78.89 -13.66 143.98
N ALA D 116 79.47 -12.99 142.99
CA ALA D 116 78.86 -11.79 142.44
C ALA D 116 77.51 -12.10 141.81
N ASN D 117 77.42 -13.25 141.13
CA ASN D 117 76.15 -13.70 140.57
C ASN D 117 75.13 -13.89 141.68
N ARG D 118 75.54 -14.49 142.80
CA ARG D 118 74.62 -14.68 143.91
C ARG D 118 74.16 -13.34 144.48
N GLU D 119 75.09 -12.40 144.66
CA GLU D 119 74.75 -11.10 145.24
C GLU D 119 73.80 -10.30 144.34
N LYS D 120 74.02 -10.31 143.02
CA LYS D 120 73.14 -9.59 142.11
C LYS D 120 71.78 -10.28 142.00
N MET D 121 71.76 -11.60 141.84
CA MET D 121 70.49 -12.30 141.71
C MET D 121 69.66 -12.15 142.98
N THR D 122 70.29 -12.22 144.15
CA THR D 122 69.54 -12.05 145.40
C THR D 122 69.00 -10.64 145.52
N GLN D 123 69.78 -9.64 145.09
CA GLN D 123 69.33 -8.26 145.23
C GLN D 123 68.17 -7.96 144.30
N ILE D 124 68.28 -8.33 143.02
CA ILE D 124 67.18 -8.13 142.09
C ILE D 124 65.95 -8.91 142.55
N MET D 125 66.15 -10.14 143.03
CA MET D 125 65.06 -10.94 143.57
C MET D 125 64.33 -10.19 144.69
N PHE D 126 65.07 -9.80 145.72
CA PHE D 126 64.45 -9.15 146.88
C PHE D 126 63.74 -7.86 146.49
N GLU D 127 64.34 -7.05 145.59
CA GLU D 127 63.66 -5.83 145.18
C GLU D 127 62.42 -6.13 144.33
N THR D 128 62.57 -6.96 143.31
CA THR D 128 61.46 -7.24 142.40
C THR D 128 60.34 -8.01 143.09
N PHE D 129 60.69 -9.07 143.81
CA PHE D 129 59.70 -9.93 144.44
C PHE D 129 59.53 -9.56 145.91
N ASN D 130 58.54 -10.19 146.55
CA ASN D 130 58.22 -9.95 147.95
C ASN D 130 58.25 -11.24 148.75
N VAL D 131 59.22 -12.10 148.44
CA VAL D 131 59.35 -13.36 149.19
C VAL D 131 59.64 -13.06 150.65
N PRO D 132 59.00 -13.72 151.61
CA PRO D 132 59.28 -13.40 153.02
C PRO D 132 60.67 -13.81 153.46
N ALA D 133 61.14 -14.97 153.02
CA ALA D 133 62.40 -15.51 153.49
C ALA D 133 63.05 -16.33 152.39
N MET D 134 64.34 -16.61 152.57
CA MET D 134 65.18 -17.15 151.52
C MET D 134 66.15 -18.19 152.06
N TYR D 135 66.47 -19.14 151.20
CA TYR D 135 67.62 -20.02 151.42
C TYR D 135 68.03 -20.58 150.07
N VAL D 136 69.34 -20.58 149.80
CA VAL D 136 69.87 -21.15 148.57
C VAL D 136 70.99 -22.12 148.94
N ALA D 137 71.02 -23.26 148.25
CA ALA D 137 71.97 -24.31 148.56
C ALA D 137 72.55 -24.90 147.28
N ILE D 138 73.71 -25.53 147.41
CA ILE D 138 74.35 -26.21 146.29
C ILE D 138 73.61 -27.50 145.99
N GLN D 139 73.48 -27.82 144.68
CA GLN D 139 72.74 -29.01 144.29
C GLN D 139 73.45 -30.30 144.71
N ALA D 140 74.74 -30.22 145.05
CA ALA D 140 75.48 -31.41 145.44
C ALA D 140 74.93 -32.01 146.71
N VAL D 141 74.78 -31.19 147.76
CA VAL D 141 74.25 -31.69 149.02
C VAL D 141 72.79 -32.09 148.86
N LEU D 142 72.07 -31.46 147.93
CA LEU D 142 70.70 -31.86 147.65
C LEU D 142 70.64 -33.28 147.08
N SER D 143 71.51 -33.58 146.12
CA SER D 143 71.56 -34.94 145.58
C SER D 143 72.01 -35.92 146.67
N LEU D 144 72.93 -35.48 147.53
CA LEU D 144 73.33 -36.28 148.68
C LEU D 144 72.12 -36.61 149.54
N TYR D 145 71.28 -35.60 149.86
CA TYR D 145 70.09 -35.82 150.69
C TYR D 145 69.16 -36.78 150.00
N ALA D 146 68.99 -36.65 148.68
CA ALA D 146 68.16 -37.59 147.94
C ALA D 146 68.69 -39.01 148.08
N SER D 147 70.01 -39.18 148.04
CA SER D 147 70.58 -40.50 148.30
C SER D 147 70.50 -40.86 149.77
N GLY D 148 70.50 -39.87 150.66
CA GLY D 148 70.41 -40.12 152.08
C GLY D 148 71.60 -40.86 152.66
N ARG D 149 72.80 -40.57 152.16
CA ARG D 149 74.03 -41.16 152.69
C ARG D 149 75.11 -40.10 152.68
N THR D 150 75.65 -39.80 153.87
CA THR D 150 76.58 -38.69 154.06
C THR D 150 77.93 -38.88 153.39
N THR D 151 78.25 -40.08 152.91
CA THR D 151 79.55 -40.35 152.30
C THR D 151 79.37 -40.65 150.82
N GLY D 152 80.21 -40.02 150.00
CA GLY D 152 80.19 -40.28 148.57
C GLY D 152 80.69 -39.10 147.77
N ILE D 153 80.96 -39.36 146.50
CA ILE D 153 81.36 -38.33 145.55
C ILE D 153 80.23 -38.17 144.54
N VAL D 154 79.74 -36.94 144.39
CA VAL D 154 78.60 -36.62 143.55
C VAL D 154 79.11 -36.17 142.20
N LEU D 155 78.62 -36.83 141.14
CA LEU D 155 78.84 -36.41 139.76
C LEU D 155 77.55 -35.76 139.28
N ASP D 156 77.51 -34.43 139.29
CA ASP D 156 76.36 -33.66 138.83
C ASP D 156 76.55 -33.34 137.35
N SER D 157 75.78 -34.00 136.49
CA SER D 157 75.87 -33.80 135.04
C SER D 157 74.68 -32.97 134.59
N GLY D 158 74.82 -31.65 134.68
CA GLY D 158 73.83 -30.74 134.16
C GLY D 158 73.93 -30.58 132.65
N ASP D 159 73.23 -29.56 132.15
CA ASP D 159 73.25 -29.27 130.72
C ASP D 159 74.30 -28.24 130.34
N GLY D 160 74.99 -27.63 131.31
CA GLY D 160 76.04 -26.70 130.99
C GLY D 160 77.40 -27.08 131.53
N VAL D 161 77.42 -27.75 132.69
CA VAL D 161 78.65 -28.14 133.36
C VAL D 161 78.46 -29.52 133.98
N THR D 162 79.56 -30.27 134.08
CA THR D 162 79.60 -31.49 134.89
C THR D 162 80.56 -31.26 136.06
N HIS D 163 80.05 -31.46 137.27
CA HIS D 163 80.78 -31.18 138.49
C HIS D 163 81.08 -32.48 139.23
N ASN D 164 82.31 -32.62 139.71
CA ASN D 164 82.64 -33.71 140.61
C ASN D 164 82.98 -33.12 141.97
N VAL D 165 82.24 -33.55 142.99
CA VAL D 165 82.32 -33.00 144.33
C VAL D 165 82.40 -34.14 145.34
N PRO D 166 83.48 -34.27 146.12
CA PRO D 166 83.50 -35.30 147.16
C PRO D 166 82.99 -34.76 148.48
N ILE D 167 82.19 -35.57 149.15
CA ILE D 167 81.66 -35.23 150.47
C ILE D 167 81.77 -36.47 151.35
N TYR D 168 82.55 -36.35 152.44
CA TYR D 168 82.73 -37.45 153.36
C TYR D 168 82.00 -37.17 154.66
N GLU D 169 81.14 -38.10 155.08
CA GLU D 169 80.37 -37.98 156.32
C GLU D 169 79.68 -36.61 156.39
N GLY D 170 79.03 -36.24 155.29
CA GLY D 170 78.29 -35.00 155.22
C GLY D 170 79.13 -33.75 155.43
N TYR D 171 80.37 -33.74 154.90
CA TYR D 171 81.21 -32.54 154.87
C TYR D 171 81.70 -32.27 153.46
N ALA D 172 81.54 -31.03 152.97
CA ALA D 172 81.99 -30.65 151.65
C ALA D 172 83.52 -30.59 151.58
N LEU D 173 84.07 -30.95 150.43
CA LEU D 173 85.51 -30.93 150.16
C LEU D 173 85.80 -30.04 148.96
N PRO D 174 85.69 -28.72 149.11
CA PRO D 174 85.94 -27.83 147.96
C PRO D 174 87.32 -27.98 147.36
N HIS D 175 88.32 -28.37 148.15
CA HIS D 175 89.67 -28.53 147.64
C HIS D 175 89.76 -29.63 146.59
N ALA D 176 88.80 -30.56 146.57
CA ALA D 176 88.78 -31.66 145.63
C ALA D 176 87.55 -31.60 144.73
N ILE D 177 87.02 -30.40 144.49
CA ILE D 177 85.86 -30.21 143.64
C ILE D 177 86.29 -29.57 142.33
N MET D 178 85.77 -30.10 141.23
CA MET D 178 86.12 -29.61 139.90
C MET D 178 84.90 -29.49 139.01
N ARG D 179 84.98 -28.56 138.06
CA ARG D 179 83.95 -28.31 137.06
C ARG D 179 84.55 -28.57 135.68
N LEU D 180 83.82 -29.32 134.86
CA LEU D 180 84.23 -29.64 133.50
C LEU D 180 83.19 -29.07 132.53
N ASP D 181 83.67 -28.40 131.50
CA ASP D 181 82.85 -27.70 130.53
C ASP D 181 82.18 -28.62 129.52
N LEU D 182 82.15 -29.93 129.77
CA LEU D 182 81.44 -30.87 128.93
C LEU D 182 80.07 -31.14 129.52
N ALA D 183 79.04 -31.08 128.68
CA ALA D 183 77.67 -31.24 129.12
C ALA D 183 76.81 -31.51 127.90
N GLY D 184 75.49 -31.34 128.06
CA GLY D 184 74.58 -31.66 126.98
C GLY D 184 74.91 -30.88 125.73
N ARG D 185 75.28 -29.61 125.90
CA ARG D 185 75.59 -28.76 124.75
C ARG D 185 76.65 -29.43 123.88
N ASP D 186 77.74 -29.86 124.50
CA ASP D 186 78.82 -30.53 123.79
C ASP D 186 78.29 -31.78 123.09
N LEU D 187 77.49 -32.58 123.81
CA LEU D 187 76.94 -33.80 123.23
C LEU D 187 76.18 -33.50 121.95
N THR D 188 75.28 -32.51 121.99
CA THR D 188 74.52 -32.12 120.81
C THR D 188 75.45 -31.63 119.70
N ASP D 189 76.42 -30.80 120.03
CA ASP D 189 77.38 -30.30 119.04
C ASP D 189 78.08 -31.45 118.32
N TYR D 190 78.77 -32.30 119.09
CA TYR D 190 79.47 -33.45 118.51
C TYR D 190 78.54 -34.31 117.66
N LEU D 191 77.34 -34.59 118.16
CA LEU D 191 76.39 -35.37 117.36
C LEU D 191 75.99 -34.63 116.10
N MET D 192 75.90 -33.30 116.17
CA MET D 192 75.60 -32.49 115.01
C MET D 192 76.66 -32.65 113.93
N LYS D 193 77.95 -32.60 114.33
CA LYS D 193 78.99 -32.73 113.33
C LYS D 193 79.03 -34.14 112.75
N ILE D 194 78.80 -35.16 113.59
CA ILE D 194 78.78 -36.53 113.06
C ILE D 194 77.61 -36.72 112.10
N LEU D 195 76.43 -36.21 112.45
CA LEU D 195 75.29 -36.30 111.55
C LEU D 195 75.53 -35.49 110.28
N THR D 196 76.28 -34.39 110.37
CA THR D 196 76.72 -33.68 109.18
C THR D 196 77.58 -34.59 108.30
N GLU D 197 78.49 -35.34 108.91
CA GLU D 197 79.25 -36.33 108.16
C GLU D 197 78.38 -37.51 107.71
N ARG D 198 77.18 -37.65 108.24
CA ARG D 198 76.25 -38.67 107.77
C ARG D 198 75.34 -38.17 106.66
N GLY D 199 75.40 -36.88 106.32
CA GLY D 199 74.63 -36.33 105.23
C GLY D 199 73.55 -35.36 105.64
N TYR D 200 73.31 -35.18 106.93
CA TYR D 200 72.24 -34.33 107.44
C TYR D 200 72.87 -33.19 108.23
N SER D 201 72.72 -31.97 107.73
CA SER D 201 73.42 -30.80 108.27
C SER D 201 72.38 -29.76 108.66
N PHE D 202 72.10 -29.62 109.95
CA PHE D 202 71.18 -28.61 110.45
C PHE D 202 71.88 -27.76 111.52
N VAL D 203 71.39 -26.54 111.69
CA VAL D 203 72.01 -25.57 112.59
C VAL D 203 71.03 -25.09 113.65
N THR D 204 69.74 -25.09 113.33
CA THR D 204 68.74 -24.49 114.19
C THR D 204 68.46 -25.37 115.41
N THR D 205 67.78 -24.76 116.39
CA THR D 205 67.58 -25.38 117.71
C THR D 205 66.52 -26.48 117.68
N ALA D 206 65.58 -26.45 116.74
CA ALA D 206 64.58 -27.51 116.69
C ALA D 206 65.26 -28.85 116.44
N GLU D 207 66.22 -28.85 115.54
CA GLU D 207 66.95 -30.06 115.27
C GLU D 207 67.85 -30.36 116.47
N ARG D 208 68.25 -29.36 117.26
CA ARG D 208 69.02 -29.61 118.46
C ARG D 208 68.21 -30.44 119.44
N GLU D 209 66.93 -30.08 119.61
CA GLU D 209 66.06 -30.82 120.50
C GLU D 209 65.76 -32.20 119.92
N ILE D 210 65.61 -32.30 118.60
CA ILE D 210 65.40 -33.61 117.98
C ILE D 210 66.58 -34.53 118.26
N VAL D 211 67.81 -34.01 118.11
CA VAL D 211 68.97 -34.88 118.29
C VAL D 211 69.21 -35.18 119.76
N ARG D 212 68.85 -34.27 120.68
CA ARG D 212 68.95 -34.64 122.09
C ARG D 212 67.91 -35.69 122.45
N ASP D 213 66.73 -35.63 121.81
CA ASP D 213 65.74 -36.70 121.97
C ASP D 213 66.30 -38.02 121.46
N ILE D 214 67.00 -37.98 120.32
CA ILE D 214 67.66 -39.18 119.81
C ILE D 214 68.64 -39.70 120.84
N LYS D 215 69.40 -38.80 121.47
CA LYS D 215 70.33 -39.21 122.52
C LYS D 215 69.58 -39.84 123.69
N GLU D 216 68.41 -39.31 124.02
CA GLU D 216 67.62 -39.88 125.10
C GLU D 216 67.15 -41.29 124.75
N LYS D 217 66.81 -41.53 123.50
CA LYS D 217 66.18 -42.80 123.12
C LYS D 217 67.19 -43.88 122.75
N LEU D 218 68.04 -43.63 121.75
CA LEU D 218 68.78 -44.68 121.09
C LEU D 218 70.24 -44.81 121.50
N CYS D 219 70.83 -43.82 122.16
CA CYS D 219 72.27 -43.80 122.32
C CYS D 219 72.76 -44.92 123.23
N TYR D 220 73.91 -45.48 122.87
CA TYR D 220 74.65 -46.45 123.66
C TYR D 220 75.84 -45.80 124.35
N VAL D 221 76.36 -46.49 125.36
CA VAL D 221 77.70 -46.26 125.89
C VAL D 221 78.53 -47.50 125.59
N ALA D 222 79.48 -47.36 124.66
CA ALA D 222 80.23 -48.49 124.15
C ALA D 222 81.01 -49.17 125.27
N LEU D 223 80.92 -50.50 125.34
CA LEU D 223 81.75 -51.24 126.28
C LEU D 223 83.22 -51.24 125.87
N ASP D 224 83.48 -51.48 124.59
CA ASP D 224 84.81 -51.37 123.99
C ASP D 224 84.62 -50.54 122.72
N PHE D 225 85.42 -49.50 122.54
CA PHE D 225 85.07 -48.51 121.53
C PHE D 225 85.44 -48.96 120.11
N GLU D 226 86.73 -49.11 119.86
CA GLU D 226 87.16 -49.37 118.48
C GLU D 226 86.69 -50.74 118.00
N ASN D 227 86.62 -51.71 118.91
CA ASN D 227 86.07 -53.01 118.54
C ASN D 227 84.60 -52.90 118.17
N GLU D 228 83.85 -52.02 118.85
CA GLU D 228 82.44 -51.90 118.49
C GLU D 228 82.22 -51.13 117.19
N MET D 229 83.06 -50.14 116.85
CA MET D 229 82.94 -49.65 115.48
C MET D 229 83.40 -50.68 114.45
N ALA D 230 84.40 -51.51 114.79
CA ALA D 230 84.85 -52.55 113.87
C ALA D 230 83.74 -53.54 113.57
N THR D 231 83.00 -53.96 114.60
CA THR D 231 81.83 -54.81 114.37
C THR D 231 80.60 -54.03 113.92
N ALA D 232 80.60 -52.70 114.05
CA ALA D 232 79.50 -51.87 113.58
C ALA D 232 79.68 -51.43 112.14
N ALA D 233 80.77 -51.87 111.50
CA ALA D 233 80.94 -51.63 110.07
C ALA D 233 79.65 -51.92 109.29
N SER D 234 79.18 -53.17 109.33
CA SER D 234 77.87 -53.49 108.75
C SER D 234 76.75 -53.49 109.79
N SER D 235 76.83 -54.38 110.78
CA SER D 235 75.87 -54.37 111.88
C SER D 235 74.47 -54.03 111.46
N SER D 236 73.85 -54.90 110.70
CA SER D 236 72.45 -54.65 110.35
C SER D 236 71.55 -54.68 111.58
N SER D 237 71.76 -55.66 112.46
CA SER D 237 70.96 -55.74 113.68
C SER D 237 71.36 -54.65 114.68
N LEU D 238 72.66 -54.44 114.88
CA LEU D 238 73.12 -53.48 115.87
C LEU D 238 72.79 -52.04 115.47
N GLU D 239 72.79 -51.74 114.17
CA GLU D 239 72.41 -50.42 113.71
C GLU D 239 70.95 -50.14 114.03
N LYS D 240 70.66 -48.93 114.50
CA LYS D 240 69.33 -48.60 115.00
C LYS D 240 68.79 -47.37 114.29
N SER D 241 67.47 -47.32 114.14
CA SER D 241 66.83 -46.26 113.37
C SER D 241 65.89 -45.46 114.27
N TYR D 242 65.58 -44.25 113.83
CA TYR D 242 64.62 -43.39 114.50
C TYR D 242 63.63 -42.84 113.48
N GLU D 243 62.41 -42.60 113.95
CA GLU D 243 61.32 -42.05 113.15
C GLU D 243 61.15 -40.59 113.54
N LEU D 244 61.71 -39.70 112.72
CA LEU D 244 61.60 -38.27 112.97
C LEU D 244 60.16 -37.80 112.77
N PRO D 245 59.74 -36.77 113.51
CA PRO D 245 58.32 -36.37 113.48
C PRO D 245 57.80 -36.04 112.09
N ASP D 246 58.66 -35.56 111.18
CA ASP D 246 58.24 -35.37 109.80
C ASP D 246 57.92 -36.68 109.09
N GLY D 247 58.39 -37.80 109.63
CA GLY D 247 58.17 -39.12 109.07
C GLY D 247 59.35 -39.80 108.42
N GLN D 248 60.45 -39.10 108.17
CA GLN D 248 61.60 -39.77 107.56
C GLN D 248 62.28 -40.67 108.58
N VAL D 249 62.83 -41.78 108.08
CA VAL D 249 63.51 -42.76 108.91
C VAL D 249 65.00 -42.44 108.81
N ILE D 250 65.60 -42.08 109.93
CA ILE D 250 67.02 -41.75 110.00
C ILE D 250 67.74 -42.85 110.77
N THR D 251 68.71 -43.46 110.11
CA THR D 251 69.42 -44.63 110.64
C THR D 251 70.79 -44.21 111.15
N ILE D 252 71.13 -44.65 112.36
CA ILE D 252 72.41 -44.36 112.99
C ILE D 252 72.98 -45.66 113.57
N GLY D 253 74.28 -45.86 113.41
CA GLY D 253 74.92 -47.06 113.90
C GLY D 253 75.88 -46.83 115.04
N ASN D 254 77.17 -46.78 114.74
CA ASN D 254 78.18 -46.59 115.78
C ASN D 254 78.03 -45.26 116.50
N GLU D 255 77.44 -44.26 115.83
CA GLU D 255 77.30 -42.94 116.44
C GLU D 255 76.57 -43.01 117.77
N ARG D 256 75.66 -43.98 117.92
CA ARG D 256 74.92 -44.15 119.17
C ARG D 256 75.86 -44.23 120.36
N PHE D 257 76.94 -44.99 120.24
CA PHE D 257 77.93 -45.08 121.31
C PHE D 257 79.18 -44.26 121.02
N ARG D 258 79.25 -43.56 119.89
CA ARG D 258 80.36 -42.65 119.67
C ARG D 258 80.09 -41.24 120.15
N CYS D 259 78.84 -40.93 120.50
CA CYS D 259 78.52 -39.61 121.06
C CYS D 259 78.85 -39.44 122.56
N PRO D 260 78.30 -40.30 123.46
CA PRO D 260 78.68 -40.10 124.87
C PRO D 260 80.14 -40.42 125.15
N GLU D 261 80.79 -41.17 124.27
CA GLU D 261 82.19 -41.53 124.46
C GLU D 261 83.06 -40.28 124.49
N THR D 262 82.65 -39.22 123.83
CA THR D 262 83.46 -38.01 123.78
C THR D 262 83.72 -37.45 125.17
N LEU D 263 82.76 -37.54 126.08
CA LEU D 263 83.04 -37.09 127.45
C LEU D 263 84.15 -37.94 128.02
N PHE D 264 84.09 -39.25 127.81
CA PHE D 264 85.16 -40.16 128.26
C PHE D 264 86.46 -39.97 127.50
N GLN D 265 86.37 -39.59 126.22
CA GLN D 265 87.56 -39.39 125.38
C GLN D 265 87.51 -37.96 124.81
N PRO D 266 87.89 -36.95 125.61
CA PRO D 266 87.76 -35.56 125.16
C PRO D 266 88.67 -35.22 123.98
N SER D 267 89.71 -36.01 123.72
CA SER D 267 90.62 -35.72 122.63
C SER D 267 89.94 -35.75 121.26
N PHE D 268 88.73 -36.31 121.17
CA PHE D 268 87.99 -36.29 119.92
C PHE D 268 87.77 -34.86 119.42
N ILE D 269 87.38 -33.95 120.32
CA ILE D 269 87.20 -32.56 119.89
C ILE D 269 88.08 -31.62 120.71
N GLY D 270 89.20 -32.11 121.20
CA GLY D 270 90.24 -31.22 121.69
C GLY D 270 90.09 -30.59 123.06
N MET D 271 90.08 -31.41 124.12
CA MET D 271 90.20 -30.91 125.48
C MET D 271 91.46 -31.47 126.11
N GLU D 272 92.20 -30.60 126.81
CA GLU D 272 93.36 -31.07 127.56
C GLU D 272 92.94 -32.02 128.67
N SER D 273 91.84 -31.72 129.36
CA SER D 273 91.34 -32.60 130.40
C SER D 273 90.95 -33.95 129.82
N ALA D 274 91.25 -35.02 130.54
CA ALA D 274 90.92 -36.36 130.10
C ALA D 274 89.46 -36.64 130.43
N GLY D 275 89.06 -37.92 130.33
CA GLY D 275 87.68 -38.28 130.59
C GLY D 275 87.25 -37.96 132.02
N ILE D 276 85.94 -37.90 132.20
CA ILE D 276 85.37 -37.55 133.50
C ILE D 276 85.75 -38.58 134.57
N HIS D 277 86.05 -39.82 134.18
CA HIS D 277 86.54 -40.80 135.15
C HIS D 277 87.90 -40.39 135.70
N GLU D 278 88.77 -39.82 134.86
CA GLU D 278 90.02 -39.26 135.37
C GLU D 278 89.76 -38.12 136.34
N THR D 279 88.72 -37.31 136.07
CA THR D 279 88.42 -36.19 136.96
C THR D 279 87.89 -36.74 138.28
N THR D 280 87.14 -37.81 138.31
CA THR D 280 86.77 -38.39 139.59
C THR D 280 87.97 -39.02 140.29
N TYR D 281 88.84 -39.71 139.54
CA TYR D 281 90.07 -40.28 140.09
C TYR D 281 90.97 -39.24 140.76
N ASN D 282 91.38 -38.19 140.02
CA ASN D 282 92.22 -37.16 140.63
C ASN D 282 91.53 -36.59 141.85
N SER D 283 90.22 -36.29 141.74
CA SER D 283 89.48 -35.73 142.85
C SER D 283 89.66 -36.61 144.08
N ILE D 284 89.55 -37.93 143.88
CA ILE D 284 89.67 -38.86 145.00
C ILE D 284 91.07 -38.77 145.63
N MET D 285 92.12 -38.90 144.80
CA MET D 285 93.46 -38.89 145.43
C MET D 285 93.85 -37.56 146.08
N LYS D 286 93.29 -36.42 145.65
CA LYS D 286 93.66 -35.14 146.25
C LYS D 286 93.47 -35.17 147.76
N CYS D 287 92.46 -35.89 148.25
CA CYS D 287 92.13 -35.96 149.66
C CYS D 287 92.91 -37.12 150.28
N ASP D 288 92.91 -37.21 151.61
CA ASP D 288 93.65 -38.25 152.30
C ASP D 288 93.41 -39.63 151.71
N ILE D 289 94.46 -40.45 151.74
CA ILE D 289 94.45 -41.78 151.14
C ILE D 289 93.34 -42.65 151.71
N ASP D 290 93.22 -42.69 153.04
CA ASP D 290 92.46 -43.76 153.71
C ASP D 290 91.01 -43.83 153.24
N ILE D 291 90.30 -42.69 153.25
CA ILE D 291 88.88 -42.72 152.92
C ILE D 291 88.63 -42.95 151.45
N ARG D 292 89.69 -42.96 150.64
CA ARG D 292 89.51 -43.06 149.20
C ARG D 292 88.72 -44.30 148.83
N LYS D 293 88.99 -45.43 149.52
CA LYS D 293 88.25 -46.65 149.25
C LYS D 293 86.75 -46.43 149.41
N ASP D 294 86.35 -45.75 150.49
CA ASP D 294 84.93 -45.45 150.68
C ASP D 294 84.39 -44.61 149.55
N LEU D 295 85.18 -43.63 149.09
CA LEU D 295 84.76 -42.84 147.94
C LEU D 295 84.54 -43.74 146.73
N TYR D 296 85.44 -44.71 146.53
CA TYR D 296 85.28 -45.67 145.45
C TYR D 296 83.97 -46.41 145.59
N ALA D 297 83.60 -46.79 146.81
CA ALA D 297 82.44 -47.63 147.02
C ALA D 297 81.15 -46.83 147.19
N ASN D 298 81.24 -45.49 147.29
CA ASN D 298 80.08 -44.68 147.58
C ASN D 298 79.82 -43.61 146.52
N ASN D 299 80.35 -43.79 145.32
CA ASN D 299 80.13 -42.79 144.28
C ASN D 299 78.67 -42.72 143.87
N VAL D 300 78.18 -41.49 143.71
CA VAL D 300 76.82 -41.26 143.26
C VAL D 300 76.86 -40.41 142.01
N MET D 301 75.90 -40.62 141.12
CA MET D 301 75.77 -39.84 139.91
C MET D 301 74.36 -39.24 139.87
N SER D 302 74.26 -37.98 139.44
CA SER D 302 72.99 -37.26 139.43
C SER D 302 72.90 -36.38 138.18
N GLY D 303 71.68 -36.19 137.71
CA GLY D 303 71.40 -35.34 136.57
C GLY D 303 70.42 -35.98 135.61
N GLY D 304 69.84 -35.17 134.73
CA GLY D 304 68.91 -35.68 133.75
C GLY D 304 69.55 -36.64 132.76
N THR D 305 70.82 -36.40 132.44
CA THR D 305 71.54 -37.27 131.50
C THR D 305 71.56 -38.70 132.02
N THR D 306 71.63 -38.86 133.34
CA THR D 306 71.73 -40.18 133.94
C THR D 306 70.63 -41.13 133.48
N MET D 307 69.54 -40.62 132.89
CA MET D 307 68.56 -41.54 132.32
C MET D 307 69.14 -42.42 131.21
N TYR D 308 70.34 -42.11 130.70
CA TYR D 308 70.87 -42.92 129.61
C TYR D 308 71.46 -44.20 130.19
N PRO D 309 71.52 -45.27 129.41
CA PRO D 309 72.21 -46.48 129.87
C PRO D 309 73.72 -46.35 129.67
N GLY D 310 74.46 -47.24 130.31
CA GLY D 310 75.88 -47.37 130.07
C GLY D 310 76.82 -46.58 130.96
N ILE D 311 76.34 -45.55 131.66
CA ILE D 311 77.26 -44.82 132.52
C ILE D 311 77.77 -45.69 133.68
N ALA D 312 76.89 -46.49 134.29
CA ALA D 312 77.29 -47.29 135.44
C ALA D 312 78.38 -48.32 135.12
N ASP D 313 78.17 -49.14 134.09
CA ASP D 313 79.16 -50.17 133.79
C ASP D 313 80.51 -49.54 133.40
N ARG D 314 80.46 -48.51 132.55
CA ARG D 314 81.70 -47.86 132.13
C ARG D 314 82.40 -47.28 133.35
N MET D 315 81.64 -46.61 134.22
CA MET D 315 82.18 -45.98 135.40
C MET D 315 82.96 -47.00 136.22
N GLN D 316 82.27 -48.06 136.66
CA GLN D 316 82.94 -49.02 137.53
C GLN D 316 84.13 -49.66 136.84
N LYS D 317 83.97 -50.12 135.60
CA LYS D 317 85.10 -50.81 134.97
C LYS D 317 86.34 -49.92 134.90
N GLU D 318 86.20 -48.67 134.43
CA GLU D 318 87.37 -47.80 134.33
C GLU D 318 87.96 -47.46 135.69
N ILE D 319 87.12 -47.22 136.71
CA ILE D 319 87.71 -46.93 138.03
C ILE D 319 88.46 -48.15 138.55
N THR D 320 87.90 -49.34 138.37
CA THR D 320 88.62 -50.56 138.77
C THR D 320 89.92 -50.73 137.98
N ALA D 321 89.92 -50.33 136.71
CA ALA D 321 91.16 -50.37 135.94
C ALA D 321 92.20 -49.41 136.53
N LEU D 322 91.76 -48.21 136.92
CA LEU D 322 92.68 -47.20 137.44
C LEU D 322 93.09 -47.47 138.88
N ALA D 323 92.15 -47.85 139.74
CA ALA D 323 92.32 -48.11 141.16
C ALA D 323 92.49 -49.61 141.42
N PRO D 324 93.17 -50.00 142.50
CA PRO D 324 93.30 -51.43 142.79
C PRO D 324 91.93 -52.09 142.98
N SER D 325 91.84 -53.33 142.52
CA SER D 325 90.60 -54.09 142.47
C SER D 325 90.37 -54.95 143.70
N THR D 326 90.82 -54.54 144.88
CA THR D 326 90.57 -55.35 146.07
C THR D 326 89.13 -55.14 146.52
N MET D 327 88.79 -53.90 146.89
CA MET D 327 87.45 -53.59 147.36
C MET D 327 86.51 -53.51 146.16
N LYS D 328 85.26 -53.92 146.36
CA LYS D 328 84.26 -53.86 145.29
C LYS D 328 83.65 -52.47 145.19
N ILE D 329 83.66 -51.92 143.97
CA ILE D 329 83.05 -50.63 143.67
C ILE D 329 81.67 -50.83 143.09
N LYS D 330 80.68 -50.11 143.65
CA LYS D 330 79.31 -50.16 143.18
C LYS D 330 78.70 -48.77 143.18
N ILE D 331 78.00 -48.43 142.11
CA ILE D 331 77.34 -47.15 141.93
C ILE D 331 75.89 -47.27 142.38
N ILE D 332 75.32 -46.19 142.89
CA ILE D 332 73.92 -46.14 143.28
C ILE D 332 73.28 -44.97 142.53
N ALA D 333 72.10 -45.21 141.96
CA ALA D 333 71.39 -44.19 141.20
C ALA D 333 69.90 -44.49 141.16
N PRO D 334 69.09 -43.84 142.01
CA PRO D 334 67.65 -44.10 142.03
C PRO D 334 66.99 -43.65 140.74
N PRO D 335 65.98 -44.38 140.27
CA PRO D 335 65.25 -43.94 139.07
C PRO D 335 64.63 -42.57 139.24
N GLU D 336 64.60 -41.82 138.14
CA GLU D 336 64.06 -40.45 138.11
C GLU D 336 64.76 -39.56 139.13
N ARG D 337 66.09 -39.54 139.05
CA ARG D 337 66.90 -38.78 139.98
C ARG D 337 67.05 -37.31 139.60
N LYS D 338 66.59 -36.91 138.41
CA LYS D 338 66.63 -35.50 138.05
C LYS D 338 65.67 -34.68 138.90
N TYR D 339 64.61 -35.30 139.43
CA TYR D 339 63.75 -34.66 140.41
C TYR D 339 64.32 -34.73 141.82
N SER D 340 65.34 -35.57 142.03
CA SER D 340 65.82 -35.88 143.37
C SER D 340 66.24 -34.61 144.12
N VAL D 341 66.94 -33.70 143.44
CA VAL D 341 67.35 -32.45 144.08
C VAL D 341 66.14 -31.74 144.67
N TRP D 342 65.07 -31.61 143.88
CA TRP D 342 63.87 -30.95 144.39
C TRP D 342 63.31 -31.70 145.59
N ILE D 343 63.36 -33.04 145.53
CA ILE D 343 62.93 -33.84 146.67
C ILE D 343 63.72 -33.45 147.90
N GLY D 344 65.04 -33.33 147.76
CA GLY D 344 65.85 -32.92 148.89
C GLY D 344 65.46 -31.55 149.40
N GLY D 345 65.03 -30.66 148.51
CA GLY D 345 64.54 -29.37 148.97
C GLY D 345 63.35 -29.53 149.88
N SER D 346 62.40 -30.38 149.47
CA SER D 346 61.27 -30.70 150.35
C SER D 346 61.76 -31.26 151.67
N ILE D 347 62.80 -32.11 151.61
CA ILE D 347 63.36 -32.69 152.82
C ILE D 347 63.86 -31.57 153.74
N LEU D 348 64.48 -30.55 153.16
CA LEU D 348 64.96 -29.43 153.95
C LEU D 348 63.82 -28.74 154.66
N ALA D 349 62.69 -28.58 153.96
CA ALA D 349 61.55 -27.94 154.62
C ALA D 349 60.82 -28.89 155.57
N SER D 350 61.14 -30.18 155.54
CA SER D 350 60.44 -31.14 156.40
C SER D 350 60.68 -30.86 157.87
N LEU D 351 61.93 -30.60 158.25
CA LEU D 351 62.31 -30.48 159.65
C LEU D 351 62.09 -29.06 160.16
N SER D 352 61.91 -28.96 161.48
CA SER D 352 61.54 -27.71 162.13
C SER D 352 62.74 -26.82 162.47
N THR D 353 63.96 -27.28 162.22
CA THR D 353 65.13 -26.43 162.42
C THR D 353 65.39 -25.53 161.21
N PHE D 354 64.81 -25.85 160.05
CA PHE D 354 65.07 -25.10 158.83
C PHE D 354 64.67 -23.63 158.94
N GLN D 355 63.62 -23.33 159.69
CA GLN D 355 63.21 -21.94 159.84
C GLN D 355 64.07 -21.16 160.83
N GLN D 356 65.08 -21.78 161.45
CA GLN D 356 66.04 -21.01 162.22
C GLN D 356 66.94 -20.14 161.35
N MET D 357 67.21 -20.55 160.11
CA MET D 357 68.12 -19.78 159.26
C MET D 357 67.49 -19.38 157.92
N TRP D 358 66.18 -19.14 157.90
CA TRP D 358 65.59 -18.40 156.79
C TRP D 358 66.20 -17.02 156.67
N ILE D 359 66.50 -16.61 155.43
CA ILE D 359 67.06 -15.29 155.15
C ILE D 359 65.88 -14.32 155.03
N THR D 360 65.56 -13.64 156.12
CA THR D 360 64.38 -12.78 156.14
C THR D 360 64.65 -11.46 155.42
N LYS D 361 63.56 -10.72 155.19
CA LYS D 361 63.65 -9.44 154.49
C LYS D 361 64.47 -8.42 155.28
N GLN D 362 64.25 -8.34 156.60
CA GLN D 362 64.91 -7.30 157.38
C GLN D 362 66.42 -7.49 157.46
N GLU D 363 66.91 -8.73 157.45
CA GLU D 363 68.36 -8.92 157.44
C GLU D 363 68.98 -8.36 156.16
N TYR D 364 68.34 -8.62 155.02
CA TYR D 364 68.80 -8.06 153.75
C TYR D 364 68.68 -6.54 153.73
N ASP D 365 67.61 -6.00 154.31
CA ASP D 365 67.47 -4.55 154.39
C ASP D 365 68.55 -3.92 155.26
N GLU D 366 68.98 -4.62 156.32
CA GLU D 366 70.04 -4.09 157.17
C GLU D 366 71.40 -4.15 156.47
N ALA D 367 71.83 -5.34 156.10
CA ALA D 367 73.20 -5.53 155.61
C ALA D 367 73.32 -5.61 154.10
N GLY D 368 72.25 -5.30 153.36
CA GLY D 368 72.29 -5.41 151.92
C GLY D 368 72.39 -6.85 151.47
N PRO D 369 72.82 -7.07 150.22
CA PRO D 369 73.10 -8.44 149.80
C PRO D 369 74.25 -9.08 150.55
N SER D 370 75.18 -8.26 151.06
CA SER D 370 76.40 -8.78 151.67
C SER D 370 76.11 -9.73 152.82
N ILE D 371 74.92 -9.63 153.43
CA ILE D 371 74.57 -10.48 154.55
C ILE D 371 74.61 -11.95 154.16
N VAL D 372 74.32 -12.27 152.90
CA VAL D 372 74.33 -13.69 152.53
C VAL D 372 75.73 -14.26 152.68
N HIS D 373 76.77 -13.42 152.53
CA HIS D 373 78.14 -13.88 152.68
C HIS D 373 78.38 -14.46 154.07
N ARG D 374 77.58 -14.03 155.04
CA ARG D 374 77.67 -14.51 156.41
C ARG D 374 76.49 -15.37 156.80
N LYS D 375 75.42 -15.40 155.99
CA LYS D 375 74.21 -16.09 156.41
C LYS D 375 74.06 -17.48 155.80
N CYS D 376 74.62 -17.71 154.62
CA CYS D 376 74.61 -19.04 154.03
C CYS D 376 75.89 -19.79 154.39
N PHE D 377 77.05 -19.22 154.05
CA PHE D 377 78.32 -19.77 154.49
C PHE D 377 78.97 -18.86 155.53
N ASP E 3 98.75 -32.63 76.25
CA ASP E 3 99.23 -33.25 77.47
C ASP E 3 100.74 -33.11 77.60
N GLU E 4 101.20 -32.74 78.79
CA GLU E 4 102.63 -32.63 79.05
C GLU E 4 103.29 -34.01 79.00
N ASP E 5 104.55 -34.03 78.54
CA ASP E 5 105.29 -35.28 78.45
C ASP E 5 105.47 -35.93 79.82
N GLU E 6 105.47 -35.14 80.89
CA GLU E 6 105.65 -35.65 82.23
C GLU E 6 104.30 -36.11 82.78
N THR E 7 104.35 -37.05 83.73
CA THR E 7 103.16 -37.67 84.31
C THR E 7 102.62 -36.86 85.48
N THR E 8 102.79 -35.54 85.47
CA THR E 8 102.33 -34.66 86.54
C THR E 8 100.85 -34.86 86.86
N ALA E 9 100.45 -34.49 88.08
CA ALA E 9 99.11 -34.80 88.57
C ALA E 9 98.08 -33.80 88.06
N LEU E 10 96.82 -34.21 88.12
CA LEU E 10 95.69 -33.34 87.84
C LEU E 10 95.29 -32.60 89.11
N VAL E 11 94.95 -31.32 88.96
CA VAL E 11 94.50 -30.50 90.08
C VAL E 11 93.12 -29.97 89.73
N CYS E 12 92.11 -30.37 90.49
CA CYS E 12 90.72 -30.04 90.20
C CYS E 12 90.03 -29.57 91.47
N ASP E 13 89.54 -28.33 91.45
CA ASP E 13 88.74 -27.77 92.52
C ASP E 13 87.26 -27.84 92.10
N ASN E 14 86.52 -28.77 92.70
CA ASN E 14 85.08 -28.83 92.49
C ASN E 14 84.37 -27.98 93.54
N GLY E 15 84.63 -26.67 93.45
CA GLY E 15 84.02 -25.75 94.39
C GLY E 15 82.52 -25.69 94.23
N SER E 16 81.84 -25.41 95.35
CA SER E 16 80.37 -25.36 95.37
C SER E 16 79.94 -24.11 94.63
N GLY E 17 79.87 -24.23 93.31
CA GLY E 17 79.50 -23.12 92.45
C GLY E 17 80.35 -22.98 91.21
N LEU E 18 81.57 -23.50 91.26
CA LEU E 18 82.49 -23.41 90.13
C LEU E 18 83.42 -24.61 90.13
N VAL E 19 83.71 -25.14 88.95
CA VAL E 19 84.66 -26.23 88.77
C VAL E 19 85.87 -25.68 88.01
N LYS E 20 87.05 -25.81 88.61
CA LYS E 20 88.29 -25.26 88.06
C LYS E 20 89.33 -26.37 87.99
N ALA E 21 89.69 -26.79 86.78
CA ALA E 21 90.54 -27.96 86.61
C ALA E 21 91.75 -27.62 85.75
N GLY E 22 92.84 -28.33 85.99
CA GLY E 22 94.05 -28.13 85.22
C GLY E 22 95.13 -29.09 85.64
N PHE E 23 96.36 -28.77 85.26
CA PHE E 23 97.51 -29.62 85.53
C PHE E 23 98.30 -29.09 86.72
N ALA E 24 98.99 -30.02 87.40
CA ALA E 24 99.88 -29.64 88.48
C ALA E 24 101.11 -28.90 87.94
N GLY E 25 101.61 -27.96 88.72
CA GLY E 25 102.67 -27.08 88.29
C GLY E 25 102.22 -25.85 87.54
N ASP E 26 100.93 -25.76 87.21
CA ASP E 26 100.38 -24.59 86.55
C ASP E 26 99.95 -23.56 87.58
N ASP E 27 99.95 -22.29 87.16
CA ASP E 27 99.60 -21.21 88.08
C ASP E 27 98.10 -21.01 88.21
N ALA E 28 97.34 -21.23 87.15
CA ALA E 28 95.90 -21.06 87.16
C ALA E 28 95.22 -22.26 86.50
N PRO E 29 94.02 -22.62 86.96
CA PRO E 29 93.30 -23.72 86.32
C PRO E 29 92.97 -23.39 84.87
N ARG E 30 93.01 -24.41 84.01
CA ARG E 30 92.82 -24.18 82.59
C ARG E 30 91.34 -24.15 82.22
N ALA E 31 90.56 -25.11 82.72
CA ALA E 31 89.14 -25.20 82.40
C ALA E 31 88.34 -24.79 83.62
N VAL E 32 87.69 -23.64 83.56
CA VAL E 32 86.90 -23.11 84.66
C VAL E 32 85.48 -22.88 84.14
N PHE E 33 84.50 -23.52 84.78
CA PHE E 33 83.12 -23.35 84.38
C PHE E 33 82.19 -23.38 85.57
N PRO E 34 81.07 -22.67 85.49
CA PRO E 34 80.07 -22.75 86.57
C PRO E 34 79.41 -24.13 86.60
N SER E 35 78.83 -24.44 87.76
CA SER E 35 78.30 -25.77 88.06
C SER E 35 76.85 -25.95 87.64
N ILE E 36 76.37 -25.18 86.65
CA ILE E 36 75.01 -25.32 86.15
C ILE E 36 75.02 -26.41 85.10
N VAL E 37 73.91 -27.14 84.97
CA VAL E 37 73.78 -28.21 83.98
C VAL E 37 72.43 -28.07 83.27
N GLY E 38 72.46 -28.01 81.95
CA GLY E 38 71.23 -27.82 81.17
C GLY E 38 70.78 -29.11 80.49
N ARG E 39 69.46 -29.29 80.47
CA ARG E 39 68.85 -30.45 79.83
C ARG E 39 67.76 -30.00 78.88
N PRO E 40 67.50 -30.76 77.82
CA PRO E 40 66.46 -30.38 76.85
C PRO E 40 65.10 -30.18 77.51
N ARG E 41 64.54 -28.99 77.34
CA ARG E 41 63.25 -28.67 77.92
C ARG E 41 62.11 -29.45 77.27
N HIS E 42 62.28 -29.93 76.03
CA HIS E 42 61.23 -30.68 75.35
C HIS E 42 61.84 -31.91 74.67
N GLN E 43 61.00 -32.62 73.94
CA GLN E 43 61.37 -33.89 73.30
C GLN E 43 61.82 -33.67 71.85
N GLY E 44 62.34 -34.75 71.27
CA GLY E 44 62.90 -34.75 69.93
C GLY E 44 62.01 -35.14 68.77
N VAL E 45 61.90 -34.26 67.78
CA VAL E 45 61.10 -34.51 66.58
C VAL E 45 61.92 -34.06 65.36
N MET E 46 62.74 -33.04 65.56
CA MET E 46 63.64 -32.49 64.56
C MET E 46 64.86 -33.38 64.38
N VAL E 47 65.63 -33.11 63.33
CA VAL E 47 66.81 -33.90 62.98
C VAL E 47 67.79 -32.97 62.26
N GLY E 48 69.03 -33.43 62.08
CA GLY E 48 70.05 -32.69 61.38
C GLY E 48 71.08 -32.00 62.26
N MET E 49 70.80 -31.84 63.54
CA MET E 49 71.73 -31.15 64.44
C MET E 49 71.22 -31.29 65.87
N GLY E 50 72.10 -30.94 66.81
CA GLY E 50 71.72 -30.99 68.23
C GLY E 50 71.24 -32.34 68.69
N GLN E 51 70.08 -32.35 69.35
CA GLN E 51 69.46 -33.55 69.90
C GLN E 51 70.40 -34.30 70.84
N LYS E 52 71.03 -33.55 71.73
CA LYS E 52 71.93 -34.12 72.72
C LYS E 52 71.38 -33.81 74.10
N ASP E 53 71.40 -34.81 74.98
CA ASP E 53 70.88 -34.66 76.33
C ASP E 53 71.67 -33.66 77.16
N SER E 54 72.77 -34.12 77.77
CA SER E 54 73.53 -33.26 78.68
C SER E 54 74.21 -32.11 77.93
N TYR E 55 74.08 -30.91 78.50
CA TYR E 55 74.79 -29.73 78.02
C TYR E 55 75.47 -29.10 79.23
N VAL E 56 76.79 -28.94 79.16
CA VAL E 56 77.58 -28.42 80.27
C VAL E 56 78.49 -27.31 79.77
N GLY E 57 78.92 -26.47 80.71
CA GLY E 57 79.88 -25.42 80.42
C GLY E 57 79.29 -24.28 79.60
N ASP E 58 80.18 -23.63 78.83
CA ASP E 58 79.75 -22.50 78.03
C ASP E 58 78.69 -22.88 77.00
N GLU E 59 78.67 -24.14 76.58
CA GLU E 59 77.60 -24.58 75.68
C GLU E 59 76.24 -24.37 76.33
N ALA E 60 76.09 -24.81 77.59
CA ALA E 60 74.83 -24.58 78.29
C ALA E 60 74.60 -23.10 78.57
N GLN E 61 75.68 -22.35 78.81
CA GLN E 61 75.53 -20.91 79.01
C GLN E 61 74.93 -20.24 77.79
N SER E 62 75.39 -20.65 76.60
CA SER E 62 74.79 -20.14 75.37
C SER E 62 73.39 -20.70 75.15
N LYS E 63 73.12 -21.92 75.63
CA LYS E 63 71.83 -22.56 75.41
C LYS E 63 70.96 -22.53 76.65
N ARG E 64 71.09 -21.48 77.45
CA ARG E 64 70.36 -21.39 78.72
C ARG E 64 68.85 -21.36 78.49
N GLY E 65 68.42 -20.63 77.47
CA GLY E 65 67.00 -20.45 77.24
C GLY E 65 66.27 -21.73 76.86
N ILE E 66 66.95 -22.63 76.15
CA ILE E 66 66.28 -23.83 75.65
C ILE E 66 66.33 -24.98 76.64
N LEU E 67 67.13 -24.86 77.70
CA LEU E 67 67.37 -25.97 78.60
C LEU E 67 66.76 -25.67 79.96
N THR E 68 66.21 -26.71 80.59
CA THR E 68 65.95 -26.64 82.01
C THR E 68 67.30 -26.66 82.73
N LEU E 69 67.57 -25.62 83.51
CA LEU E 69 68.85 -25.47 84.17
C LEU E 69 68.74 -26.04 85.57
N LYS E 70 69.54 -27.06 85.86
CA LYS E 70 69.47 -27.81 87.09
C LYS E 70 70.85 -27.84 87.74
N TYR E 71 70.87 -28.00 89.05
CA TYR E 71 72.11 -27.96 89.82
C TYR E 71 72.40 -29.36 90.34
N PRO E 72 73.42 -30.06 89.82
CA PRO E 72 73.74 -31.39 90.35
C PRO E 72 74.16 -31.38 91.81
N ILE E 73 74.61 -30.23 92.33
CA ILE E 73 74.95 -30.09 93.74
C ILE E 73 74.35 -28.80 94.26
N GLU E 74 73.81 -28.85 95.47
CA GLU E 74 73.31 -27.65 96.13
C GLU E 74 73.60 -27.79 97.62
N GLY E 76 76.15 -28.80 98.96
CA GLY E 76 76.86 -30.05 99.19
C GLY E 76 76.10 -31.31 98.84
N ILE E 77 74.77 -31.24 98.89
CA ILE E 77 73.94 -32.41 98.62
C ILE E 77 74.07 -32.82 97.16
N ILE E 78 74.18 -34.13 96.92
CA ILE E 78 74.39 -34.67 95.59
C ILE E 78 73.07 -35.23 95.05
N THR E 79 72.69 -34.79 93.86
CA THR E 79 71.47 -35.28 93.22
C THR E 79 71.72 -36.56 92.43
N ASN E 80 72.52 -36.47 91.38
CA ASN E 80 72.72 -37.58 90.44
C ASN E 80 74.19 -37.69 90.08
N TRP E 81 74.81 -38.82 90.46
CA TRP E 81 76.22 -39.04 90.15
C TRP E 81 76.48 -39.10 88.65
N ASP E 82 75.49 -39.52 87.85
CA ASP E 82 75.66 -39.50 86.40
C ASP E 82 75.99 -38.11 85.88
N ASP E 83 75.42 -37.07 86.50
CA ASP E 83 75.71 -35.71 86.08
C ASP E 83 77.17 -35.36 86.29
N MET E 84 77.72 -35.72 87.46
CA MET E 84 79.15 -35.54 87.70
C MET E 84 79.99 -36.38 86.74
N GLU E 85 79.55 -37.60 86.46
CA GLU E 85 80.25 -38.44 85.49
C GLU E 85 80.39 -37.72 84.16
N LYS E 86 79.27 -37.21 83.64
CA LYS E 86 79.30 -36.53 82.34
C LYS E 86 80.13 -35.25 82.40
N ILE E 87 79.98 -34.45 83.45
CA ILE E 87 80.71 -33.18 83.46
C ILE E 87 82.20 -33.41 83.62
N TRP E 88 82.59 -34.44 84.38
CA TRP E 88 84.01 -34.78 84.49
C TRP E 88 84.56 -35.32 83.18
N HIS E 89 83.78 -36.15 82.47
CA HIS E 89 84.16 -36.56 81.13
C HIS E 89 84.42 -35.35 80.23
N HIS E 90 83.48 -34.39 80.24
CA HIS E 90 83.61 -33.19 79.43
C HIS E 90 84.86 -32.41 79.82
N THR E 91 85.08 -32.22 81.12
CA THR E 91 86.23 -31.45 81.59
C THR E 91 87.53 -32.12 81.18
N PHE E 92 87.63 -33.43 81.40
CA PHE E 92 88.89 -34.14 81.14
C PHE E 92 89.21 -34.21 79.65
N TYR E 93 88.21 -34.46 78.81
CA TYR E 93 88.49 -34.77 77.42
C TYR E 93 88.18 -33.63 76.46
N ASN E 94 87.04 -32.95 76.63
CA ASN E 94 86.66 -31.87 75.75
C ASN E 94 87.26 -30.53 76.17
N GLU E 95 87.58 -30.36 77.45
CA GLU E 95 88.08 -29.09 77.97
C GLU E 95 89.54 -29.14 78.39
N LEU E 96 89.95 -30.18 79.12
CA LEU E 96 91.35 -30.32 79.51
C LEU E 96 92.16 -31.10 78.50
N ARG E 97 91.50 -31.85 77.61
CA ARG E 97 92.17 -32.67 76.60
C ARG E 97 93.19 -33.60 77.24
N VAL E 98 92.80 -34.20 78.38
CA VAL E 98 93.67 -35.07 79.15
C VAL E 98 92.96 -36.38 79.48
N ALA E 99 93.75 -37.45 79.57
CA ALA E 99 93.23 -38.74 79.98
C ALA E 99 93.60 -38.98 81.44
N PRO E 100 92.65 -39.32 82.31
CA PRO E 100 92.99 -39.52 83.73
C PRO E 100 93.76 -40.80 84.01
N GLU E 101 94.03 -41.63 83.00
CA GLU E 101 94.76 -42.87 83.24
C GLU E 101 96.18 -42.61 83.75
N GLU E 102 96.85 -41.60 83.21
CA GLU E 102 98.27 -41.37 83.47
C GLU E 102 98.54 -40.24 84.45
N HIS E 103 97.51 -39.67 85.06
CA HIS E 103 97.72 -38.56 86.01
C HIS E 103 96.88 -38.74 87.27
N PRO E 104 97.51 -38.85 88.44
CA PRO E 104 96.76 -38.82 89.69
C PRO E 104 96.04 -37.49 89.88
N THR E 105 94.94 -37.54 90.62
CA THR E 105 94.06 -36.39 90.80
C THR E 105 94.06 -35.91 92.24
N LEU E 106 94.29 -34.61 92.42
CA LEU E 106 94.08 -33.93 93.69
C LEU E 106 92.79 -33.13 93.59
N LEU E 107 91.83 -33.44 94.46
CA LEU E 107 90.53 -32.80 94.47
C LEU E 107 90.31 -32.06 95.78
N THR E 108 89.49 -31.02 95.73
CA THR E 108 89.09 -30.27 96.89
C THR E 108 87.59 -30.42 97.09
N GLU E 109 87.17 -30.60 98.34
CA GLU E 109 85.77 -30.82 98.65
C GLU E 109 85.26 -29.74 99.60
N ALA E 110 83.96 -29.52 99.57
CA ALA E 110 83.34 -28.55 100.45
C ALA E 110 83.54 -28.95 101.91
N PRO E 111 83.71 -27.97 102.80
CA PRO E 111 83.97 -28.30 104.21
C PRO E 111 82.85 -29.13 104.82
N LEU E 112 83.23 -30.13 105.63
CA LEU E 112 82.29 -30.97 106.35
C LEU E 112 81.33 -31.70 105.42
N ASN E 113 81.85 -32.15 104.28
CA ASN E 113 81.04 -32.90 103.34
C ASN E 113 80.74 -34.28 103.92
N PRO E 114 79.61 -34.89 103.55
CA PRO E 114 79.25 -36.18 104.15
C PRO E 114 80.32 -37.23 103.92
N LYS E 115 80.55 -38.06 104.94
CA LYS E 115 81.48 -39.18 104.80
C LYS E 115 80.91 -40.24 103.87
N ALA E 116 79.60 -40.47 103.93
CA ALA E 116 78.94 -41.36 102.99
C ALA E 116 79.05 -40.83 101.58
N ASN E 117 78.91 -39.50 101.42
CA ASN E 117 79.12 -38.87 100.12
C ASN E 117 80.53 -39.13 99.61
N ARG E 118 81.53 -39.02 100.49
CA ARG E 118 82.89 -39.27 100.07
C ARG E 118 83.08 -40.73 99.65
N GLU E 119 82.54 -41.67 100.44
CA GLU E 119 82.68 -43.09 100.13
C GLU E 119 82.01 -43.46 98.81
N LYS E 120 80.81 -42.95 98.53
CA LYS E 120 80.12 -43.25 97.28
C LYS E 120 80.82 -42.58 96.09
N MET E 121 81.16 -41.30 96.22
CA MET E 121 81.81 -40.61 95.12
C MET E 121 83.15 -41.24 94.79
N THR E 122 83.92 -41.64 95.80
CA THR E 122 85.20 -42.28 95.54
C THR E 122 85.01 -43.62 94.87
N GLN E 123 83.99 -44.38 95.28
CA GLN E 123 83.78 -45.70 94.71
C GLN E 123 83.35 -45.61 93.25
N ILE E 124 82.36 -44.77 92.95
CA ILE E 124 81.93 -44.59 91.57
C ILE E 124 83.08 -44.06 90.72
N MET E 125 83.84 -43.11 91.27
CA MET E 125 85.03 -42.60 90.59
C MET E 125 85.98 -43.71 90.21
N PHE E 126 86.43 -44.49 91.20
CA PHE E 126 87.42 -45.53 90.95
C PHE E 126 86.90 -46.57 89.96
N GLU E 127 85.62 -46.95 90.06
CA GLU E 127 85.10 -47.92 89.10
C GLU E 127 84.98 -47.32 87.71
N THR E 128 84.34 -46.14 87.60
CA THR E 128 84.12 -45.54 86.29
C THR E 128 85.42 -45.10 85.63
N PHE E 129 86.28 -44.42 86.37
CA PHE E 129 87.51 -43.86 85.83
C PHE E 129 88.69 -44.78 86.14
N ASN E 130 89.84 -44.45 85.56
CA ASN E 130 91.06 -45.21 85.74
C ASN E 130 92.19 -44.34 86.26
N VAL E 131 91.86 -43.42 87.16
CA VAL E 131 92.89 -42.56 87.75
C VAL E 131 93.91 -43.42 88.51
N PRO E 132 95.22 -43.17 88.36
CA PRO E 132 96.17 -44.03 89.08
C PRO E 132 96.14 -43.82 90.58
N ALA E 133 96.01 -42.57 91.03
CA ALA E 133 96.11 -42.27 92.44
C ALA E 133 95.22 -41.07 92.77
N MET E 134 94.97 -40.89 94.06
CA MET E 134 93.94 -39.98 94.54
C MET E 134 94.39 -39.24 95.78
N TYR E 135 93.86 -38.02 95.92
CA TYR E 135 93.92 -37.30 97.18
C TYR E 135 92.82 -36.25 97.15
N VAL E 136 92.08 -36.15 98.25
CA VAL E 136 91.04 -35.15 98.39
C VAL E 136 91.24 -34.39 99.70
N ALA E 137 91.06 -33.08 99.65
CA ALA E 137 91.34 -32.23 100.80
C ALA E 137 90.23 -31.18 100.96
N ILE E 138 90.12 -30.66 102.17
CA ILE E 138 89.16 -29.59 102.46
C ILE E 138 89.65 -28.28 101.86
N GLN E 139 88.72 -27.48 101.31
CA GLN E 139 89.11 -26.22 100.68
C GLN E 139 89.64 -25.21 101.68
N ALA E 140 89.40 -25.41 102.97
CA ALA E 140 89.86 -24.48 103.99
C ALA E 140 91.38 -24.42 104.03
N VAL E 141 92.02 -25.57 104.14
CA VAL E 141 93.48 -25.61 104.19
C VAL E 141 94.06 -25.18 102.85
N LEU E 142 93.33 -25.40 101.76
CA LEU E 142 93.78 -24.92 100.45
C LEU E 142 93.83 -23.39 100.41
N SER E 143 92.77 -22.74 100.90
CA SER E 143 92.80 -21.28 100.97
C SER E 143 93.89 -20.81 101.92
N LEU E 144 94.10 -21.53 103.02
CA LEU E 144 95.20 -21.25 103.92
C LEU E 144 96.53 -21.29 103.18
N TYR E 145 96.73 -22.33 102.36
CA TYR E 145 97.96 -22.48 101.61
C TYR E 145 98.13 -21.32 100.64
N ALA E 146 97.04 -20.92 99.99
CA ALA E 146 97.08 -19.76 99.10
C ALA E 146 97.50 -18.51 99.85
N SER E 147 97.00 -18.33 101.08
CA SER E 147 97.48 -17.22 101.90
C SER E 147 98.89 -17.47 102.43
N GLY E 148 99.27 -18.73 102.60
CA GLY E 148 100.61 -19.06 103.06
C GLY E 148 100.89 -18.60 104.48
N ARG E 149 99.89 -18.67 105.35
CA ARG E 149 100.07 -18.33 106.76
C ARG E 149 99.25 -19.30 107.60
N THR E 150 99.94 -20.04 108.47
CA THR E 150 99.34 -21.14 109.23
C THR E 150 98.32 -20.69 110.27
N THR E 151 98.22 -19.40 110.57
CA THR E 151 97.28 -18.91 111.58
C THR E 151 96.19 -18.07 110.92
N GLY E 152 94.95 -18.31 111.30
CA GLY E 152 93.84 -17.52 110.80
C GLY E 152 92.55 -18.30 110.79
N ILE E 153 91.45 -17.56 110.62
CA ILE E 153 90.13 -18.14 110.48
C ILE E 153 89.66 -17.89 109.05
N VAL E 154 89.29 -18.97 108.36
CA VAL E 154 88.91 -18.93 106.97
C VAL E 154 87.40 -18.82 106.86
N LEU E 155 86.94 -17.81 106.13
CA LEU E 155 85.54 -17.64 105.78
C LEU E 155 85.40 -18.05 104.31
N ASP E 156 84.95 -19.29 104.08
CA ASP E 156 84.74 -19.82 102.73
C ASP E 156 83.29 -19.54 102.33
N SER E 157 83.10 -18.58 101.41
CA SER E 157 81.77 -18.20 100.94
C SER E 157 81.55 -18.80 99.54
N GLY E 158 81.10 -20.05 99.50
CA GLY E 158 80.73 -20.69 98.26
C GLY E 158 79.36 -20.24 97.78
N ASP E 159 78.84 -20.98 96.81
CA ASP E 159 77.52 -20.69 96.26
C ASP E 159 76.41 -21.50 96.94
N GLY E 160 76.74 -22.42 97.83
CA GLY E 160 75.72 -23.16 98.54
C GLY E 160 75.78 -23.01 100.05
N VAL E 161 77.00 -22.86 100.57
CA VAL E 161 77.22 -22.76 102.02
C VAL E 161 78.31 -21.74 102.28
N THR E 162 78.24 -21.08 103.44
CA THR E 162 79.34 -20.28 103.97
C THR E 162 79.88 -20.94 105.22
N HIS E 163 81.17 -21.23 105.22
CA HIS E 163 81.81 -21.96 106.30
C HIS E 163 82.79 -21.05 107.04
N ASN E 164 82.76 -21.11 108.36
CA ASN E 164 83.79 -20.46 109.17
C ASN E 164 84.59 -21.53 109.88
N VAL E 165 85.90 -21.54 109.63
CA VAL E 165 86.81 -22.56 110.11
C VAL E 165 88.04 -21.91 110.73
N PRO E 166 88.31 -22.10 112.01
CA PRO E 166 89.56 -21.55 112.58
C PRO E 166 90.69 -22.57 112.50
N ILE E 167 91.87 -22.08 112.13
CA ILE E 167 93.06 -22.92 112.07
C ILE E 167 94.20 -22.12 112.67
N TYR E 168 94.79 -22.64 113.75
CA TYR E 168 95.89 -21.97 114.43
C TYR E 168 97.17 -22.76 114.20
N GLU E 169 98.20 -22.08 113.71
CA GLU E 169 99.50 -22.67 113.42
C GLU E 169 99.34 -23.96 112.61
N GLY E 170 98.54 -23.87 111.56
CA GLY E 170 98.33 -24.99 110.66
C GLY E 170 97.72 -26.21 111.31
N TYR E 171 96.79 -26.03 112.26
CA TYR E 171 95.99 -27.11 112.82
C TYR E 171 94.50 -26.81 112.75
N ALA E 172 93.72 -27.76 112.22
CA ALA E 172 92.28 -27.59 112.10
C ALA E 172 91.60 -27.62 113.47
N LEU E 173 90.53 -26.83 113.62
CA LEU E 173 89.74 -26.75 114.83
C LEU E 173 88.28 -27.10 114.53
N PRO E 174 87.98 -28.38 114.29
CA PRO E 174 86.59 -28.75 113.96
C PRO E 174 85.59 -28.38 115.04
N HIS E 175 86.02 -28.32 116.30
CA HIS E 175 85.09 -27.96 117.38
C HIS E 175 84.58 -26.54 117.24
N ALA E 176 85.28 -25.69 116.50
CA ALA E 176 84.88 -24.31 116.31
C ALA E 176 84.59 -24.01 114.84
N ILE E 177 84.16 -25.02 114.09
CA ILE E 177 83.83 -24.86 112.68
C ILE E 177 82.32 -24.94 112.51
N MET E 178 81.78 -24.03 111.70
CA MET E 178 80.34 -23.96 111.48
C MET E 178 80.02 -23.72 110.00
N ARG E 179 78.85 -24.21 109.59
CA ARG E 179 78.32 -24.04 108.26
C ARG E 179 77.01 -23.27 108.34
N LEU E 180 76.87 -22.25 107.50
CA LEU E 180 75.67 -21.43 107.41
C LEU E 180 75.07 -21.58 106.03
N ASP E 181 73.76 -21.79 106.00
CA ASP E 181 73.01 -22.06 104.77
C ASP E 181 72.76 -20.81 103.93
N LEU E 182 73.45 -19.71 104.21
CA LEU E 182 73.35 -18.50 103.39
C LEU E 182 74.48 -18.50 102.38
N ALA E 183 74.16 -18.22 101.13
CA ALA E 183 75.13 -18.26 100.05
C ALA E 183 74.54 -17.52 98.85
N GLY E 184 75.13 -17.74 97.68
CA GLY E 184 74.69 -17.02 96.50
C GLY E 184 73.22 -17.25 96.22
N ARG E 185 72.75 -18.50 96.43
CA ARG E 185 71.36 -18.83 96.17
C ARG E 185 70.45 -17.87 96.93
N ASP E 186 70.70 -17.73 98.24
CA ASP E 186 69.91 -16.82 99.05
C ASP E 186 69.98 -15.40 98.51
N LEU E 187 71.18 -14.94 98.16
CA LEU E 187 71.36 -13.59 97.64
C LEU E 187 70.46 -13.36 96.43
N THR E 188 70.50 -14.30 95.47
CA THR E 188 69.65 -14.20 94.28
C THR E 188 68.19 -14.21 94.65
N ASP E 189 67.78 -15.10 95.54
CA ASP E 189 66.38 -15.17 95.98
C ASP E 189 65.90 -13.84 96.55
N TYR E 190 66.58 -13.35 97.59
CA TYR E 190 66.25 -12.07 98.20
C TYR E 190 66.19 -10.95 97.17
N LEU E 191 67.19 -10.88 96.28
CA LEU E 191 67.18 -9.86 95.24
C LEU E 191 65.99 -10.05 94.31
N MET E 192 65.61 -11.29 94.05
CA MET E 192 64.45 -11.59 93.23
C MET E 192 63.19 -11.03 93.84
N LYS E 193 63.00 -11.22 95.15
CA LYS E 193 61.79 -10.71 95.77
C LYS E 193 61.79 -9.18 95.81
N ILE E 194 62.96 -8.57 96.06
CA ILE E 194 63.00 -7.10 96.06
C ILE E 194 62.72 -6.55 94.67
N LEU E 195 63.31 -7.16 93.63
CA LEU E 195 63.02 -6.74 92.26
C LEU E 195 61.56 -6.97 91.91
N THR E 196 60.95 -8.03 92.45
CA THR E 196 59.50 -8.21 92.32
C THR E 196 58.76 -7.04 92.93
N GLU E 197 59.18 -6.58 94.10
CA GLU E 197 58.60 -5.37 94.68
C GLU E 197 58.99 -4.12 93.90
N ARG E 198 59.96 -4.19 93.01
CA ARG E 198 60.29 -3.07 92.14
C ARG E 198 59.54 -3.10 90.83
N GLY E 199 58.76 -4.14 90.57
CA GLY E 199 57.94 -4.23 89.37
C GLY E 199 58.35 -5.29 88.38
N TYR E 200 59.49 -5.96 88.60
CA TYR E 200 60.03 -6.94 87.67
C TYR E 200 60.05 -8.30 88.36
N SER E 201 59.24 -9.23 87.86
CA SER E 201 59.01 -10.52 88.52
C SER E 201 59.36 -11.63 87.54
N PHE E 202 60.51 -12.26 87.74
CA PHE E 202 60.95 -13.38 86.93
C PHE E 202 61.27 -14.57 87.81
N VAL E 203 61.16 -15.77 87.24
CA VAL E 203 61.33 -17.01 87.99
C VAL E 203 62.45 -17.86 87.40
N THR E 204 62.68 -17.75 86.09
CA THR E 204 63.59 -18.64 85.40
C THR E 204 65.05 -18.31 85.71
N THR E 205 65.92 -19.25 85.36
CA THR E 205 67.33 -19.19 85.74
C THR E 205 68.13 -18.17 84.94
N ALA E 206 67.70 -17.84 83.71
CA ALA E 206 68.42 -16.84 82.94
C ALA E 206 68.43 -15.51 83.68
N GLU E 207 67.28 -15.15 84.23
CA GLU E 207 67.23 -13.92 84.99
C GLU E 207 67.98 -14.13 86.30
N ARG E 208 68.13 -15.36 86.80
CA ARG E 208 68.93 -15.59 87.99
C ARG E 208 70.38 -15.21 87.72
N GLU E 209 70.89 -15.61 86.56
CA GLU E 209 72.26 -15.27 86.18
C GLU E 209 72.39 -13.78 85.92
N ILE E 210 71.37 -13.17 85.31
CA ILE E 210 71.38 -11.72 85.10
C ILE E 210 71.48 -10.99 86.43
N VAL E 211 70.70 -11.40 87.42
CA VAL E 211 70.70 -10.67 88.69
C VAL E 211 71.96 -10.97 89.49
N ARG E 212 72.54 -12.17 89.34
CA ARG E 212 73.84 -12.38 90.01
C ARG E 212 74.93 -11.55 89.33
N ASP E 213 74.83 -11.36 88.01
CA ASP E 213 75.74 -10.44 87.33
C ASP E 213 75.57 -9.02 87.86
N ILE E 214 74.31 -8.61 88.08
CA ILE E 214 74.05 -7.31 88.68
C ILE E 214 74.72 -7.23 90.05
N LYS E 215 74.63 -8.30 90.84
CA LYS E 215 75.30 -8.34 92.13
C LYS E 215 76.82 -8.21 91.97
N GLU E 216 77.36 -8.83 90.93
CA GLU E 216 78.80 -8.72 90.68
C GLU E 216 79.19 -7.30 90.34
N LYS E 217 78.34 -6.58 89.61
CA LYS E 217 78.72 -5.27 89.09
C LYS E 217 78.41 -4.13 90.05
N LEU E 218 77.14 -3.97 90.42
CA LEU E 218 76.66 -2.74 91.02
C LEU E 218 76.49 -2.78 92.54
N CYS E 219 76.46 -3.96 93.17
CA CYS E 219 76.02 -4.03 94.55
C CYS E 219 77.00 -3.36 95.50
N TYR E 220 76.45 -2.70 96.51
CA TYR E 220 77.17 -2.11 97.63
C TYR E 220 77.04 -2.98 98.87
N VAL E 221 77.94 -2.74 99.82
CA VAL E 221 77.79 -3.16 101.20
C VAL E 221 77.64 -1.90 102.05
N ALA E 222 76.44 -1.68 102.56
CA ALA E 222 76.12 -0.42 103.25
C ALA E 222 77.00 -0.24 104.48
N LEU E 223 77.57 0.96 104.62
CA LEU E 223 78.32 1.27 105.84
C LEU E 223 77.39 1.44 107.03
N ASP E 224 76.28 2.17 106.85
CA ASP E 224 75.21 2.29 107.83
C ASP E 224 73.92 2.02 107.08
N PHE E 225 73.08 1.14 107.58
CA PHE E 225 72.00 0.62 106.74
C PHE E 225 70.83 1.59 106.64
N GLU E 226 70.14 1.83 107.76
CA GLU E 226 68.91 2.60 107.70
C GLU E 226 69.17 4.05 107.31
N ASN E 227 70.32 4.58 107.71
CA ASN E 227 70.70 5.92 107.27
C ASN E 227 70.93 5.98 105.77
N GLU E 228 71.47 4.90 105.19
CA GLU E 228 71.69 4.92 103.75
C GLU E 228 70.40 4.72 102.96
N MET E 229 69.42 3.95 103.45
CA MET E 229 68.13 4.03 102.77
C MET E 229 67.45 5.39 102.98
N ALA E 230 67.64 6.01 104.15
CA ALA E 230 67.05 7.33 104.38
C ALA E 230 67.60 8.36 103.40
N THR E 231 68.91 8.35 103.16
CA THR E 231 69.48 9.21 102.14
C THR E 231 69.30 8.67 100.73
N ALA E 232 68.94 7.40 100.57
CA ALA E 232 68.68 6.82 99.26
C ALA E 232 67.24 6.98 98.84
N ALA E 233 66.42 7.63 99.66
CA ALA E 233 65.06 7.97 99.27
C ALA E 233 65.00 8.54 97.86
N SER E 234 65.67 9.67 97.62
CA SER E 234 65.81 10.19 96.26
C SER E 234 67.13 9.79 95.61
N SER E 235 68.26 10.23 96.16
CA SER E 235 69.57 9.77 95.67
C SER E 235 69.66 9.63 94.19
N SER E 236 69.56 10.72 93.48
CA SER E 236 69.72 10.63 92.03
C SER E 236 71.13 10.18 91.66
N SER E 237 72.14 10.74 92.32
CA SER E 237 73.51 10.33 92.04
C SER E 237 73.81 8.93 92.60
N LEU E 238 73.38 8.67 93.83
CA LEU E 238 73.70 7.40 94.47
C LEU E 238 72.97 6.23 93.81
N GLU E 239 71.77 6.46 93.28
CA GLU E 239 71.05 5.43 92.56
C GLU E 239 71.80 5.04 91.29
N LYS E 240 71.88 3.74 91.01
CA LYS E 240 72.70 3.25 89.92
C LYS E 240 71.87 2.38 88.98
N SER E 241 72.24 2.39 87.70
CA SER E 241 71.48 1.72 86.68
C SER E 241 72.32 0.64 86.01
N TYR E 242 71.63 -0.31 85.38
CA TYR E 242 72.26 -1.36 84.60
C TYR E 242 71.59 -1.47 83.25
N GLU E 243 72.38 -1.88 82.26
CA GLU E 243 71.94 -2.06 80.89
C GLU E 243 71.81 -3.57 80.65
N LEU E 244 70.58 -4.07 80.73
CA LEU E 244 70.31 -5.48 80.50
C LEU E 244 70.54 -5.84 79.04
N PRO E 245 70.96 -7.08 78.75
CA PRO E 245 71.35 -7.43 77.38
C PRO E 245 70.27 -7.19 76.34
N ASP E 246 68.99 -7.28 76.73
CA ASP E 246 67.91 -6.92 75.81
C ASP E 246 67.91 -5.43 75.46
N GLY E 247 68.58 -4.61 76.27
CA GLY E 247 68.68 -3.17 76.06
C GLY E 247 67.90 -2.30 77.01
N GLN E 248 67.00 -2.84 77.83
CA GLN E 248 66.28 -1.99 78.76
C GLN E 248 67.20 -1.55 79.90
N VAL E 249 66.97 -0.34 80.39
CA VAL E 249 67.74 0.24 81.47
C VAL E 249 66.95 -0.01 82.75
N ILE E 250 67.54 -0.79 83.66
CA ILE E 250 66.92 -1.11 84.94
C ILE E 250 67.68 -0.41 86.05
N THR E 251 66.96 0.43 86.80
CA THR E 251 67.55 1.28 87.81
C THR E 251 67.30 0.71 89.20
N ILE E 252 68.34 0.64 90.02
CA ILE E 252 68.27 0.13 91.38
C ILE E 252 69.00 1.10 92.31
N GLY E 253 68.42 1.35 93.48
CA GLY E 253 69.02 2.26 94.42
C GLY E 253 69.54 1.60 95.69
N ASN E 254 68.74 1.67 96.76
CA ASN E 254 69.16 1.10 98.03
C ASN E 254 69.35 -0.41 97.95
N GLU E 255 68.65 -1.07 97.01
CA GLU E 255 68.75 -2.53 96.91
C GLU E 255 70.19 -2.98 96.73
N ARG E 256 71.03 -2.15 96.09
CA ARG E 256 72.44 -2.49 95.90
C ARG E 256 73.11 -2.87 97.21
N PHE E 257 72.84 -2.12 98.27
CA PHE E 257 73.39 -2.47 99.57
C PHE E 257 72.36 -3.09 100.50
N ARG E 258 71.12 -3.31 100.04
CA ARG E 258 70.17 -4.05 100.85
C ARG E 258 70.18 -5.54 100.55
N CYS E 259 70.86 -6.00 99.49
CA CYS E 259 70.98 -7.44 99.26
C CYS E 259 72.08 -8.19 100.04
N PRO E 260 73.35 -7.73 100.00
CA PRO E 260 74.35 -8.45 100.82
C PRO E 260 74.12 -8.27 102.31
N GLU E 261 73.39 -7.22 102.69
CA GLU E 261 73.12 -6.96 104.10
C GLU E 261 72.39 -8.14 104.70
N THR E 262 71.59 -8.86 103.94
CA THR E 262 70.79 -9.96 104.48
C THR E 262 71.68 -11.02 105.12
N LEU E 263 72.85 -11.30 104.56
CA LEU E 263 73.75 -12.25 105.23
C LEU E 263 74.10 -11.68 106.59
N PHE E 264 74.42 -10.39 106.66
CA PHE E 264 74.70 -9.72 107.93
C PHE E 264 73.47 -9.60 108.83
N GLN E 265 72.28 -9.42 108.25
CA GLN E 265 71.03 -9.28 109.01
C GLN E 265 70.04 -10.36 108.55
N PRO E 266 70.20 -11.62 109.05
CA PRO E 266 69.35 -12.72 108.55
C PRO E 266 67.88 -12.58 108.90
N SER E 267 67.54 -11.74 109.89
CA SER E 267 66.15 -11.58 110.29
C SER E 267 65.28 -11.02 109.18
N PHE E 268 65.88 -10.47 108.11
CA PHE E 268 65.09 -10.00 106.98
C PHE E 268 64.25 -11.12 106.38
N ILE E 269 64.83 -12.31 106.21
CA ILE E 269 64.05 -13.42 105.67
C ILE E 269 64.05 -14.61 106.62
N GLY E 270 64.21 -14.35 107.92
CA GLY E 270 63.89 -15.35 108.92
C GLY E 270 64.88 -16.46 109.18
N MET E 271 66.07 -16.13 109.66
CA MET E 271 67.00 -17.12 110.20
C MET E 271 67.24 -16.86 111.67
N GLU E 272 67.23 -17.93 112.47
CA GLU E 272 67.58 -17.79 113.89
C GLU E 272 69.02 -17.34 114.04
N SER E 273 69.94 -17.89 113.23
CA SER E 273 71.34 -17.49 113.29
C SER E 273 71.47 -16.02 112.92
N ALA E 274 72.34 -15.32 113.63
CA ALA E 274 72.59 -13.91 113.37
C ALA E 274 73.54 -13.78 112.19
N GLY E 275 74.07 -12.57 111.99
CA GLY E 275 74.96 -12.34 110.86
C GLY E 275 76.21 -13.19 110.94
N ILE E 276 76.88 -13.32 109.78
CA ILE E 276 78.08 -14.14 109.70
C ILE E 276 79.20 -13.62 110.58
N HIS E 277 79.20 -12.32 110.90
CA HIS E 277 80.18 -11.80 111.85
C HIS E 277 79.96 -12.39 113.24
N GLU E 278 78.70 -12.59 113.64
CA GLU E 278 78.44 -13.30 114.89
C GLU E 278 78.95 -14.73 114.84
N THR E 279 78.84 -15.37 113.65
CA THR E 279 79.31 -16.74 113.52
C THR E 279 80.82 -16.76 113.61
N THR E 280 81.54 -15.78 113.09
CA THR E 280 82.98 -15.75 113.31
C THR E 280 83.32 -15.44 114.77
N TYR E 281 82.59 -14.51 115.39
CA TYR E 281 82.78 -14.21 116.81
C TYR E 281 82.62 -15.43 117.73
N ASN E 282 81.46 -16.10 117.66
CA ASN E 282 81.26 -17.29 118.50
C ASN E 282 82.37 -18.29 118.22
N SER E 283 82.68 -18.53 116.94
CA SER E 283 83.72 -19.47 116.58
C SER E 283 85.00 -19.13 117.32
N ILE E 284 85.35 -17.85 117.35
CA ILE E 284 86.58 -17.44 118.01
C ILE E 284 86.53 -17.76 119.50
N MET E 285 85.47 -17.31 120.20
CA MET E 285 85.46 -17.57 121.64
C MET E 285 85.37 -19.04 122.05
N LYS E 286 84.84 -19.92 121.20
CA LYS E 286 84.74 -21.34 121.55
C LYS E 286 86.10 -21.90 121.93
N CYS E 287 87.17 -21.42 121.30
CA CYS E 287 88.52 -21.91 121.52
C CYS E 287 89.14 -21.09 122.65
N ASP E 288 90.31 -21.54 123.13
CA ASP E 288 90.98 -20.84 124.23
C ASP E 288 91.06 -19.33 123.99
N ILE E 289 90.97 -18.60 125.10
CA ILE E 289 90.95 -17.14 125.08
C ILE E 289 92.19 -16.56 124.39
N ASP E 290 93.37 -17.05 124.77
CA ASP E 290 94.61 -16.32 124.49
C ASP E 290 94.81 -16.08 122.99
N ILE E 291 94.70 -17.12 122.16
CA ILE E 291 94.99 -16.97 120.74
C ILE E 291 93.92 -16.17 120.02
N ARG E 292 92.82 -15.84 120.70
CA ARG E 292 91.71 -15.20 120.02
C ARG E 292 92.15 -13.91 119.36
N LYS E 293 93.04 -13.16 120.03
CA LYS E 293 93.54 -11.92 119.44
C LYS E 293 94.18 -12.19 118.08
N ASP E 294 95.01 -13.23 118.00
CA ASP E 294 95.63 -13.59 116.73
C ASP E 294 94.56 -13.92 115.69
N LEU E 295 93.52 -14.64 116.09
CA LEU E 295 92.44 -14.91 115.17
C LEU E 295 91.81 -13.62 114.67
N TYR E 296 91.65 -12.65 115.57
CA TYR E 296 91.14 -11.35 115.18
C TYR E 296 92.04 -10.71 114.12
N ALA E 297 93.35 -10.84 114.31
CA ALA E 297 94.29 -10.15 113.43
C ALA E 297 94.65 -10.96 112.19
N ASN E 298 94.22 -12.22 112.11
CA ASN E 298 94.64 -13.09 111.01
C ASN E 298 93.46 -13.65 110.23
N ASN E 299 92.29 -13.02 110.30
CA ASN E 299 91.13 -13.54 109.58
C ASN E 299 91.34 -13.45 108.08
N VAL E 300 90.96 -14.51 107.37
CA VAL E 300 91.04 -14.56 105.92
C VAL E 300 89.65 -14.85 105.39
N MET E 301 89.36 -14.29 104.22
CA MET E 301 88.10 -14.55 103.53
C MET E 301 88.41 -15.08 102.13
N SER E 302 87.63 -16.07 101.69
CA SER E 302 87.87 -16.73 100.41
C SER E 302 86.53 -17.06 99.74
N GLY E 303 86.54 -17.05 98.42
CA GLY E 303 85.37 -17.39 97.62
C GLY E 303 85.17 -16.42 96.47
N GLY E 304 84.36 -16.84 95.50
CA GLY E 304 84.10 -15.97 94.35
C GLY E 304 83.35 -14.71 94.73
N THR E 305 82.48 -14.79 95.75
CA THR E 305 81.73 -13.64 96.20
C THR E 305 82.67 -12.53 96.63
N THR E 306 83.81 -12.89 97.20
CA THR E 306 84.75 -11.90 97.71
C THR E 306 85.14 -10.85 96.67
N MET E 307 84.88 -11.09 95.37
CA MET E 307 85.12 -10.02 94.42
C MET E 307 84.27 -8.78 94.68
N TYR E 308 83.25 -8.86 95.55
CA TYR E 308 82.42 -7.70 95.76
C TYR E 308 83.14 -6.74 96.72
N PRO E 309 82.85 -5.45 96.65
CA PRO E 309 83.39 -4.52 97.64
C PRO E 309 82.58 -4.57 98.93
N GLY E 310 83.16 -3.99 99.99
CA GLY E 310 82.43 -3.77 101.22
C GLY E 310 82.55 -4.85 102.28
N ILE E 311 82.94 -6.07 101.95
CA ILE E 311 83.04 -7.08 102.99
C ILE E 311 84.14 -6.73 104.01
N ALA E 312 85.29 -6.22 103.54
CA ALA E 312 86.40 -5.94 104.45
C ALA E 312 86.06 -4.88 105.50
N ASP E 313 85.56 -3.71 105.06
CA ASP E 313 85.29 -2.64 106.02
C ASP E 313 84.22 -3.07 107.01
N ARG E 314 83.14 -3.68 106.51
CA ARG E 314 82.07 -4.13 107.39
C ARG E 314 82.61 -5.13 108.39
N MET E 315 83.41 -6.08 107.90
CA MET E 315 83.97 -7.13 108.73
C MET E 315 84.72 -6.51 109.91
N GLN E 316 85.73 -5.71 109.59
CA GLN E 316 86.56 -5.16 110.67
C GLN E 316 85.74 -4.30 111.62
N LYS E 317 84.92 -3.39 111.09
CA LYS E 317 84.18 -2.51 111.99
C LYS E 317 83.32 -3.30 112.98
N GLU E 318 82.53 -4.27 112.48
CA GLU E 318 81.67 -5.03 113.39
C GLU E 318 82.47 -5.88 114.37
N ILE E 319 83.57 -6.51 113.94
CA ILE E 319 84.35 -7.28 114.91
C ILE E 319 84.95 -6.37 115.98
N THR E 320 85.44 -5.19 115.59
CA THR E 320 85.93 -4.23 116.57
C THR E 320 84.81 -3.77 117.50
N ALA E 321 83.59 -3.63 116.99
CA ALA E 321 82.47 -3.30 117.86
C ALA E 321 82.21 -4.41 118.87
N LEU E 322 82.28 -5.66 118.43
CA LEU E 322 82.01 -6.81 119.30
C LEU E 322 83.16 -7.10 120.25
N ALA E 323 84.39 -7.09 119.76
CA ALA E 323 85.61 -7.41 120.47
C ALA E 323 86.31 -6.14 120.95
N PRO E 324 87.08 -6.20 122.02
CA PRO E 324 87.81 -5.00 122.46
C PRO E 324 88.73 -4.46 121.37
N SER E 325 88.83 -3.13 121.32
CA SER E 325 89.55 -2.43 120.28
C SER E 325 91.00 -2.10 120.64
N THR E 326 91.66 -2.95 121.43
CA THR E 326 93.06 -2.67 121.75
C THR E 326 93.92 -3.04 120.55
N MET E 327 93.93 -4.33 120.19
CA MET E 327 94.74 -4.79 119.08
C MET E 327 94.07 -4.40 117.77
N LYS E 328 94.88 -4.10 116.75
CA LYS E 328 94.35 -3.74 115.44
C LYS E 328 94.00 -4.98 114.62
N ILE E 329 92.77 -5.00 114.11
CA ILE E 329 92.29 -6.09 113.25
C ILE E 329 92.42 -5.67 111.78
N LYS E 330 93.02 -6.55 110.98
CA LYS E 330 93.18 -6.33 109.55
C LYS E 330 92.92 -7.62 108.79
N ILE E 331 92.17 -7.49 107.69
CA ILE E 331 91.81 -8.60 106.82
C ILE E 331 92.81 -8.67 105.68
N ILE E 332 93.08 -9.87 105.17
CA ILE E 332 93.94 -10.07 104.02
C ILE E 332 93.14 -10.85 102.98
N ALA E 333 93.21 -10.41 101.73
CA ALA E 333 92.47 -11.05 100.64
C ALA E 333 93.14 -10.77 99.30
N PRO E 334 93.94 -11.70 98.77
CA PRO E 334 94.62 -11.46 97.49
C PRO E 334 93.63 -11.37 96.35
N PRO E 335 93.89 -10.52 95.36
CA PRO E 335 93.01 -10.46 94.19
C PRO E 335 92.90 -11.79 93.47
N GLU E 336 91.71 -12.05 92.92
CA GLU E 336 91.40 -13.28 92.20
C GLU E 336 91.67 -14.50 93.09
N ARG E 337 91.07 -14.49 94.28
CA ARG E 337 91.27 -15.55 95.24
C ARG E 337 90.36 -16.76 95.01
N LYS E 338 89.39 -16.66 94.10
CA LYS E 338 88.56 -17.82 93.79
C LYS E 338 89.37 -18.91 93.08
N TYR E 339 90.46 -18.55 92.42
CA TYR E 339 91.39 -19.52 91.87
C TYR E 339 92.39 -20.01 92.92
N SER E 340 92.46 -19.31 94.05
CA SER E 340 93.52 -19.56 95.04
C SER E 340 93.53 -21.01 95.50
N VAL E 341 92.36 -21.59 95.74
CA VAL E 341 92.28 -22.98 96.16
C VAL E 341 93.01 -23.87 95.16
N TRP E 342 92.71 -23.69 93.88
CA TRP E 342 93.37 -24.50 92.86
C TRP E 342 94.88 -24.26 92.89
N ILE E 343 95.29 -23.01 93.11
CA ILE E 343 96.72 -22.72 93.25
C ILE E 343 97.31 -23.56 94.37
N GLY E 344 96.63 -23.61 95.52
CA GLY E 344 97.11 -24.44 96.61
C GLY E 344 97.21 -25.89 96.23
N GLY E 345 96.30 -26.37 95.37
CA GLY E 345 96.42 -27.73 94.89
C GLY E 345 97.72 -27.94 94.15
N SER E 346 98.05 -27.00 93.26
CA SER E 346 99.35 -27.05 92.58
C SER E 346 100.48 -27.05 93.61
N ILE E 347 100.33 -26.24 94.66
CA ILE E 347 101.34 -26.19 95.71
C ILE E 347 101.52 -27.57 96.34
N LEU E 348 100.41 -28.29 96.53
CA LEU E 348 100.49 -29.62 97.10
C LEU E 348 101.29 -30.54 96.20
N ALA E 349 101.09 -30.42 94.88
CA ALA E 349 101.87 -31.26 93.97
C ALA E 349 103.30 -30.77 93.79
N SER E 350 103.62 -29.56 94.28
CA SER E 350 104.95 -29.01 94.08
C SER E 350 106.01 -29.84 94.80
N LEU E 351 105.74 -30.23 96.04
CA LEU E 351 106.73 -30.89 96.89
C LEU E 351 106.74 -32.40 96.65
N SER E 352 107.89 -33.01 96.94
CA SER E 352 108.14 -34.41 96.64
C SER E 352 107.63 -35.36 97.73
N THR E 353 107.11 -34.83 98.84
CA THR E 353 106.50 -35.69 99.85
C THR E 353 105.06 -36.05 99.53
N PHE E 354 104.43 -35.30 98.61
CA PHE E 354 103.02 -35.52 98.31
C PHE E 354 102.75 -36.91 97.75
N GLN E 355 103.69 -37.49 97.01
CA GLN E 355 103.47 -38.82 96.48
C GLN E 355 103.69 -39.93 97.51
N GLN E 356 104.03 -39.59 98.75
CA GLN E 356 104.04 -40.61 99.79
C GLN E 356 102.64 -41.07 100.17
N MET E 357 101.63 -40.21 100.04
CA MET E 357 100.27 -40.57 100.44
C MET E 357 99.24 -40.43 99.32
N TRP E 358 99.65 -40.64 98.07
CA TRP E 358 98.68 -40.88 97.01
C TRP E 358 97.84 -42.11 97.32
N ILE E 359 96.54 -42.00 97.08
CA ILE E 359 95.60 -43.11 97.29
C ILE E 359 95.62 -43.95 96.02
N THR E 360 96.41 -45.01 96.00
CA THR E 360 96.59 -45.81 94.80
C THR E 360 95.40 -46.74 94.59
N LYS E 361 95.36 -47.33 93.39
CA LYS E 361 94.28 -48.24 93.02
C LYS E 361 94.25 -49.48 93.90
N GLN E 362 95.43 -50.06 94.17
CA GLN E 362 95.46 -51.33 94.89
C GLN E 362 95.00 -51.20 96.35
N GLU E 363 95.24 -50.05 96.99
CA GLU E 363 94.73 -49.86 98.34
C GLU E 363 93.20 -49.88 98.36
N TYR E 364 92.58 -49.20 97.40
CA TYR E 364 91.13 -49.22 97.28
C TYR E 364 90.62 -50.61 96.93
N ASP E 365 91.35 -51.33 96.07
CA ASP E 365 90.93 -52.70 95.75
C ASP E 365 91.02 -53.61 96.96
N GLU E 366 91.99 -53.39 97.84
CA GLU E 366 92.11 -54.21 99.04
C GLU E 366 91.01 -53.88 100.04
N ALA E 367 90.94 -52.63 100.50
CA ALA E 367 90.07 -52.28 101.61
C ALA E 367 88.77 -51.61 101.18
N GLY E 368 88.45 -51.61 99.89
CA GLY E 368 87.26 -50.94 99.41
C GLY E 368 87.36 -49.44 99.56
N PRO E 369 86.21 -48.75 99.54
CA PRO E 369 86.23 -47.31 99.85
C PRO E 369 86.64 -47.02 101.29
N SER E 370 86.42 -47.97 102.20
CA SER E 370 86.65 -47.74 103.62
C SER E 370 88.07 -47.30 103.91
N ILE E 371 89.02 -47.65 103.03
CA ILE E 371 90.41 -47.30 103.24
C ILE E 371 90.59 -45.79 103.37
N VAL E 372 89.74 -45.00 102.69
CA VAL E 372 89.94 -43.56 102.78
C VAL E 372 89.73 -43.08 104.21
N HIS E 373 88.89 -43.80 104.98
CA HIS E 373 88.64 -43.43 106.36
C HIS E 373 89.94 -43.44 107.17
N ARG E 374 90.91 -44.22 106.74
CA ARG E 374 92.21 -44.32 107.37
C ARG E 374 93.32 -43.67 106.57
N LYS E 375 93.06 -43.33 105.30
CA LYS E 375 94.14 -42.86 104.44
C LYS E 375 94.17 -41.34 104.31
N CYS E 376 93.04 -40.67 104.42
CA CYS E 376 93.03 -39.21 104.40
C CYS E 376 93.10 -38.66 105.82
N PHE E 377 92.15 -39.05 106.68
CA PHE E 377 92.21 -38.72 108.09
C PHE E 377 92.52 -39.95 108.92
N ASP F 3 22.23 5.00 100.67
CA ASP F 3 23.30 5.09 101.65
C ASP F 3 22.77 4.93 103.07
N GLU F 4 23.45 4.12 103.87
CA GLU F 4 23.08 3.94 105.26
C GLU F 4 23.28 5.23 106.05
N ASP F 5 22.42 5.44 107.05
CA ASP F 5 22.53 6.64 107.88
C ASP F 5 23.85 6.69 108.63
N GLU F 6 24.45 5.54 108.90
CA GLU F 6 25.70 5.47 109.63
C GLU F 6 26.87 5.66 108.65
N THR F 7 27.99 6.14 109.18
CA THR F 7 29.17 6.45 108.38
C THR F 7 30.08 5.25 108.18
N THR F 8 29.51 4.04 108.16
CA THR F 8 30.26 2.80 107.99
C THR F 8 31.17 2.84 106.77
N ALA F 9 32.21 2.00 106.79
CA ALA F 9 33.26 2.07 105.78
C ALA F 9 32.86 1.34 104.51
N LEU F 10 33.56 1.68 103.42
CA LEU F 10 33.45 0.97 102.15
C LEU F 10 34.38 -0.22 102.15
N VAL F 11 33.92 -1.33 101.59
CA VAL F 11 34.73 -2.55 101.46
C VAL F 11 34.76 -2.91 99.98
N CYS F 12 35.96 -2.86 99.38
CA CYS F 12 36.12 -3.06 97.95
C CYS F 12 37.29 -4.01 97.71
N ASP F 13 37.00 -5.14 97.07
CA ASP F 13 38.01 -6.10 96.65
C ASP F 13 38.25 -5.90 95.15
N ASN F 14 39.39 -5.29 94.81
CA ASN F 14 39.80 -5.16 93.42
C ASN F 14 40.64 -6.38 93.02
N GLY F 15 39.99 -7.54 93.04
CA GLY F 15 40.67 -8.76 92.69
C GLY F 15 41.10 -8.78 91.24
N SER F 16 42.19 -9.49 90.98
CA SER F 16 42.77 -9.56 89.63
C SER F 16 41.84 -10.42 88.77
N GLY F 17 40.80 -9.78 88.25
CA GLY F 17 39.81 -10.47 87.44
C GLY F 17 38.39 -10.08 87.76
N LEU F 18 38.13 -9.60 88.98
CA LEU F 18 36.79 -9.23 89.40
C LEU F 18 36.89 -8.11 90.42
N VAL F 19 35.97 -7.15 90.35
CA VAL F 19 35.86 -6.06 91.31
C VAL F 19 34.55 -6.26 92.07
N LYS F 20 34.64 -6.36 93.39
CA LYS F 20 33.49 -6.62 94.25
C LYS F 20 33.45 -5.56 95.35
N ALA F 21 32.44 -4.69 95.31
CA ALA F 21 32.40 -3.54 96.20
C ALA F 21 31.08 -3.48 96.94
N GLY F 22 31.12 -2.92 98.14
CA GLY F 22 29.93 -2.78 98.95
C GLY F 22 30.22 -2.05 100.23
N PHE F 23 29.30 -2.17 101.18
CA PHE F 23 29.41 -1.48 102.46
C PHE F 23 29.90 -2.43 103.55
N ALA F 24 30.54 -1.86 104.55
CA ALA F 24 30.97 -2.62 105.71
C ALA F 24 29.76 -3.06 106.54
N GLY F 25 29.87 -4.23 107.15
CA GLY F 25 28.77 -4.85 107.86
C GLY F 25 27.84 -5.68 106.98
N ASP F 26 28.04 -5.65 105.67
CA ASP F 26 27.26 -6.46 104.75
C ASP F 26 27.92 -7.83 104.58
N ASP F 27 27.09 -8.82 104.24
CA ASP F 27 27.59 -10.18 104.10
C ASP F 27 28.21 -10.44 102.74
N ALA F 28 27.69 -9.83 101.68
CA ALA F 28 28.20 -10.01 100.34
C ALA F 28 28.36 -8.66 99.64
N PRO F 29 29.34 -8.53 98.75
CA PRO F 29 29.49 -7.26 98.02
C PRO F 29 28.28 -6.99 97.15
N ARG F 30 27.92 -5.72 97.02
CA ARG F 30 26.72 -5.36 96.30
C ARG F 30 26.97 -5.26 94.80
N ALA F 31 28.05 -4.60 94.40
CA ALA F 31 28.37 -4.40 92.98
C ALA F 31 29.56 -5.27 92.63
N VAL F 32 29.33 -6.31 91.84
CA VAL F 32 30.36 -7.25 91.43
C VAL F 32 30.39 -7.28 89.91
N PHE F 33 31.55 -6.96 89.34
CA PHE F 33 31.68 -6.97 87.89
C PHE F 33 33.06 -7.44 87.46
N PRO F 34 33.17 -8.08 86.30
CA PRO F 34 34.50 -8.44 85.77
C PRO F 34 35.30 -7.20 85.40
N SER F 35 36.61 -7.39 85.32
CA SER F 35 37.56 -6.30 85.13
C SER F 35 37.84 -5.98 83.66
N ILE F 36 36.92 -6.30 82.76
CA ILE F 36 37.08 -5.99 81.34
C ILE F 36 36.59 -4.57 81.12
N VAL F 37 37.17 -3.86 80.16
CA VAL F 37 36.79 -2.49 79.84
C VAL F 37 36.67 -2.35 78.33
N GLY F 38 35.53 -1.88 77.86
CA GLY F 38 35.28 -1.75 76.43
C GLY F 38 35.36 -0.32 75.94
N ARG F 39 35.98 -0.16 74.75
CA ARG F 39 36.14 1.13 74.08
C ARG F 39 35.63 1.13 72.64
N PRO F 40 35.00 2.23 72.19
CA PRO F 40 34.45 2.25 70.83
C PRO F 40 35.46 1.79 69.79
N ARG F 41 35.09 0.75 69.05
CA ARG F 41 35.96 0.21 68.00
C ARG F 41 36.15 1.17 66.83
N HIS F 42 35.22 2.11 66.62
CA HIS F 42 35.33 3.05 65.52
C HIS F 42 34.99 4.45 66.02
N GLN F 43 34.97 5.39 65.07
CA GLN F 43 34.75 6.80 65.36
C GLN F 43 33.28 7.20 65.21
N GLY F 44 32.99 8.43 65.64
CA GLY F 44 31.64 8.97 65.68
C GLY F 44 31.16 9.79 64.49
N VAL F 45 30.03 9.36 63.91
CA VAL F 45 29.42 10.07 62.77
C VAL F 45 27.92 10.16 63.02
N MET F 46 27.38 9.14 63.70
CA MET F 46 25.97 9.05 64.09
C MET F 46 25.69 9.97 65.28
N VAL F 47 24.41 10.15 65.57
CA VAL F 47 23.95 11.02 66.65
C VAL F 47 22.62 10.47 67.15
N GLY F 48 22.15 10.99 68.28
CA GLY F 48 20.89 10.60 68.88
C GLY F 48 20.97 9.64 70.04
N MET F 49 22.10 8.96 70.23
CA MET F 49 22.24 7.99 71.31
C MET F 49 23.69 7.54 71.38
N GLY F 50 24.02 6.85 72.47
CA GLY F 50 25.36 6.32 72.64
C GLY F 50 26.44 7.38 72.56
N GLN F 51 27.46 7.11 71.74
CA GLN F 51 28.62 7.98 71.53
C GLN F 51 29.31 8.30 72.85
N LYS F 52 29.54 7.26 73.64
CA LYS F 52 30.24 7.41 74.91
C LYS F 52 31.50 6.56 74.85
N ASP F 53 32.61 7.13 75.34
CA ASP F 53 33.89 6.44 75.33
C ASP F 53 33.92 5.21 76.23
N SER F 54 34.17 5.39 77.51
CA SER F 54 34.32 4.25 78.41
C SER F 54 33.00 3.51 78.61
N TYR F 55 33.07 2.18 78.51
CA TYR F 55 31.96 1.30 78.83
C TYR F 55 32.48 0.26 79.81
N VAL F 56 31.84 0.15 80.98
CA VAL F 56 32.28 -0.76 82.02
C VAL F 56 31.08 -1.57 82.52
N GLY F 57 31.40 -2.71 83.14
CA GLY F 57 30.39 -3.54 83.77
C GLY F 57 29.50 -4.26 82.78
N ASP F 58 28.26 -4.53 83.20
CA ASP F 58 27.32 -5.26 82.36
C ASP F 58 27.03 -4.52 81.07
N GLU F 59 27.14 -3.18 81.08
CA GLU F 59 26.97 -2.45 79.83
C GLU F 59 27.97 -2.92 78.78
N ALA F 60 29.25 -3.02 79.17
CA ALA F 60 30.24 -3.52 78.23
C ALA F 60 30.01 -5.00 77.91
N GLN F 61 29.52 -5.77 78.89
CA GLN F 61 29.21 -7.17 78.61
C GLN F 61 28.16 -7.30 77.51
N SER F 62 27.14 -6.45 77.56
CA SER F 62 26.14 -6.43 76.50
C SER F 62 26.71 -5.85 75.21
N LYS F 63 27.67 -4.93 75.31
CA LYS F 63 28.22 -4.26 74.13
C LYS F 63 29.61 -4.81 73.78
N ARG F 64 29.84 -6.09 74.02
CA ARG F 64 31.15 -6.68 73.81
C ARG F 64 31.53 -6.64 72.34
N GLY F 65 30.56 -6.90 71.45
CA GLY F 65 30.87 -6.99 70.04
C GLY F 65 31.30 -5.69 69.41
N ILE F 66 30.78 -4.57 69.91
CA ILE F 66 31.07 -3.28 69.29
C ILE F 66 32.30 -2.62 69.86
N LEU F 67 32.84 -3.13 70.96
CA LEU F 67 33.92 -2.48 71.68
C LEU F 67 35.19 -3.30 71.56
N THR F 68 36.32 -2.62 71.43
CA THR F 68 37.60 -3.25 71.69
C THR F 68 37.69 -3.50 73.19
N LEU F 69 37.85 -4.76 73.58
CA LEU F 69 37.85 -5.15 74.97
C LEU F 69 39.29 -5.19 75.46
N LYS F 70 39.60 -4.35 76.44
CA LYS F 70 40.95 -4.16 76.94
C LYS F 70 40.96 -4.38 78.45
N TYR F 71 42.13 -4.75 78.97
CA TYR F 71 42.28 -5.07 80.37
C TYR F 71 43.13 -3.99 81.04
N PRO F 72 42.54 -3.14 81.89
CA PRO F 72 43.36 -2.13 82.56
C PRO F 72 44.42 -2.71 83.47
N ILE F 73 44.27 -3.96 83.91
CA ILE F 73 45.26 -4.65 84.72
C ILE F 73 45.45 -6.06 84.18
N GLU F 74 46.71 -6.49 84.12
CA GLU F 74 47.00 -7.87 83.72
C GLU F 74 48.21 -8.33 84.54
N GLY F 76 48.72 -7.90 87.53
CA GLY F 76 49.10 -6.84 88.44
C GLY F 76 49.57 -5.56 87.80
N ILE F 77 50.11 -5.66 86.57
CA ILE F 77 50.64 -4.49 85.89
C ILE F 77 49.51 -3.52 85.54
N ILE F 78 49.75 -2.24 85.74
CA ILE F 78 48.75 -1.20 85.53
C ILE F 78 49.02 -0.50 84.21
N THR F 79 48.00 -0.42 83.36
CA THR F 79 48.11 0.27 82.07
C THR F 79 47.83 1.75 82.19
N ASN F 80 46.59 2.11 82.55
CA ASN F 80 46.14 3.50 82.55
C ASN F 80 45.31 3.77 83.79
N TRP F 81 45.81 4.66 84.66
CA TRP F 81 45.08 5.00 85.87
C TRP F 81 43.75 5.66 85.58
N ASP F 82 43.61 6.34 84.43
CA ASP F 82 42.32 6.92 84.07
C ASP F 82 41.24 5.86 83.99
N ASP F 83 41.59 4.65 83.54
CA ASP F 83 40.62 3.57 83.45
C ASP F 83 40.09 3.18 84.83
N MET F 84 41.00 3.06 85.81
CA MET F 84 40.57 2.81 87.19
C MET F 84 39.76 3.98 87.73
N GLU F 85 40.15 5.21 87.41
CA GLU F 85 39.37 6.38 87.82
C GLU F 85 37.92 6.25 87.36
N LYS F 86 37.73 5.98 86.07
CA LYS F 86 36.37 5.86 85.53
C LYS F 86 35.62 4.68 86.13
N ILE F 87 36.27 3.53 86.27
CA ILE F 87 35.53 2.37 86.74
C ILE F 87 35.16 2.54 88.22
N TRP F 88 36.03 3.19 89.00
CA TRP F 88 35.70 3.47 90.39
C TRP F 88 34.59 4.50 90.50
N HIS F 89 34.61 5.53 89.65
CA HIS F 89 33.47 6.45 89.57
C HIS F 89 32.18 5.70 89.31
N HIS F 90 32.19 4.82 88.31
CA HIS F 90 31.00 4.03 87.97
C HIS F 90 30.55 3.18 89.15
N THR F 91 31.49 2.49 89.79
CA THR F 91 31.16 1.61 90.90
C THR F 91 30.56 2.40 92.06
N PHE F 92 31.18 3.53 92.42
CA PHE F 92 30.75 4.29 93.59
C PHE F 92 29.39 4.96 93.35
N TYR F 93 29.17 5.52 92.16
CA TYR F 93 27.99 6.36 91.96
C TYR F 93 26.89 5.69 91.16
N ASN F 94 27.22 4.99 90.08
CA ASN F 94 26.21 4.33 89.26
C ASN F 94 25.83 2.95 89.77
N GLU F 95 26.74 2.28 90.50
CA GLU F 95 26.50 0.93 90.96
C GLU F 95 26.31 0.83 92.46
N LEU F 96 27.15 1.49 93.26
CA LEU F 96 26.98 1.48 94.71
C LEU F 96 26.11 2.62 95.20
N ARG F 97 25.90 3.64 94.38
CA ARG F 97 25.10 4.81 94.75
C ARG F 97 25.59 5.42 96.06
N VAL F 98 26.92 5.51 96.19
CA VAL F 98 27.56 6.00 97.40
C VAL F 98 28.59 7.06 97.05
N ALA F 99 28.77 8.02 97.96
CA ALA F 99 29.80 9.03 97.82
C ALA F 99 30.97 8.68 98.73
N PRO F 100 32.20 8.63 98.23
CA PRO F 100 33.33 8.25 99.07
C PRO F 100 33.76 9.32 100.06
N GLU F 101 33.11 10.48 100.07
CA GLU F 101 33.48 11.54 101.00
C GLU F 101 33.27 11.11 102.46
N GLU F 102 32.17 10.42 102.74
CA GLU F 102 31.75 10.13 104.10
C GLU F 102 32.05 8.69 104.55
N HIS F 103 32.76 7.90 103.73
CA HIS F 103 33.06 6.53 104.11
C HIS F 103 34.51 6.17 103.82
N PRO F 104 35.29 5.81 104.84
CA PRO F 104 36.62 5.28 104.60
C PRO F 104 36.57 3.97 103.81
N THR F 105 37.64 3.70 103.07
CA THR F 105 37.70 2.56 102.16
C THR F 105 38.73 1.54 102.62
N LEU F 106 38.31 0.29 102.71
CA LEU F 106 39.21 -0.85 102.87
C LEU F 106 39.33 -1.56 101.53
N LEU F 107 40.55 -1.63 101.01
CA LEU F 107 40.84 -2.25 99.72
C LEU F 107 41.75 -3.45 99.89
N THR F 108 41.63 -4.39 98.96
CA THR F 108 42.49 -5.56 98.90
C THR F 108 43.29 -5.51 97.62
N GLU F 109 44.58 -5.86 97.71
CA GLU F 109 45.47 -5.80 96.56
C GLU F 109 46.06 -7.17 96.30
N ALA F 110 46.46 -7.37 95.04
CA ALA F 110 47.07 -8.64 94.65
C ALA F 110 48.38 -8.85 95.42
N PRO F 111 48.71 -10.09 95.77
CA PRO F 111 49.91 -10.35 96.56
C PRO F 111 51.17 -9.85 95.86
N LEU F 112 52.07 -9.26 96.65
CA LEU F 112 53.37 -8.78 96.17
C LEU F 112 53.21 -7.75 95.05
N ASN F 113 52.23 -6.88 95.19
CA ASN F 113 52.04 -5.83 94.20
C ASN F 113 53.15 -4.81 94.34
N PRO F 114 53.51 -4.12 93.25
CA PRO F 114 54.64 -3.18 93.32
C PRO F 114 54.41 -2.10 94.38
N LYS F 115 55.50 -1.74 95.07
CA LYS F 115 55.43 -0.65 96.04
C LYS F 115 55.26 0.69 95.33
N ALA F 116 55.92 0.84 94.17
CA ALA F 116 55.71 2.04 93.36
C ALA F 116 54.27 2.11 92.88
N ASN F 117 53.71 0.96 92.50
CA ASN F 117 52.29 0.90 92.13
C ASN F 117 51.40 1.36 93.28
N ARG F 118 51.72 0.92 94.49
CA ARG F 118 50.93 1.35 95.65
C ARG F 118 51.05 2.84 95.88
N GLU F 119 52.27 3.39 95.79
CA GLU F 119 52.49 4.81 96.02
C GLU F 119 51.77 5.67 94.97
N LYS F 120 51.83 5.30 93.69
CA LYS F 120 51.15 6.07 92.66
C LYS F 120 49.63 5.94 92.76
N MET F 121 49.13 4.71 92.95
CA MET F 121 47.69 4.53 93.04
C MET F 121 47.11 5.26 94.25
N THR F 122 47.82 5.22 95.39
CA THR F 122 47.34 5.94 96.57
C THR F 122 47.36 7.44 96.35
N GLN F 123 48.39 7.95 95.66
CA GLN F 123 48.48 9.39 95.45
C GLN F 123 47.38 9.89 94.51
N ILE F 124 47.20 9.22 93.37
CA ILE F 124 46.13 9.60 92.45
C ILE F 124 44.78 9.47 93.13
N MET F 125 44.58 8.39 93.89
CA MET F 125 43.36 8.21 94.66
C MET F 125 43.08 9.40 95.56
N PHE F 126 44.03 9.72 96.45
CA PHE F 126 43.83 10.79 97.41
C PHE F 126 43.59 12.14 96.73
N GLU F 127 44.31 12.42 95.64
CA GLU F 127 44.07 13.69 94.95
C GLU F 127 42.72 13.69 94.25
N THR F 128 42.43 12.65 93.46
CA THR F 128 41.18 12.61 92.68
C THR F 128 39.97 12.49 93.59
N PHE F 129 40.00 11.59 94.55
CA PHE F 129 38.86 11.31 95.41
C PHE F 129 39.01 12.04 96.74
N ASN F 130 37.94 11.99 97.54
CA ASN F 130 37.90 12.64 98.84
C ASN F 130 37.58 11.64 99.94
N VAL F 131 38.12 10.43 99.83
CA VAL F 131 37.89 9.43 100.88
C VAL F 131 38.45 9.92 102.20
N PRO F 132 37.74 9.78 103.32
CA PRO F 132 38.28 10.28 104.59
C PRO F 132 39.48 9.49 105.07
N ALA F 133 39.44 8.16 104.93
CA ALA F 133 40.49 7.32 105.49
C ALA F 133 40.67 6.08 104.61
N MET F 134 41.78 5.39 104.82
CA MET F 134 42.24 4.37 103.92
C MET F 134 42.84 3.19 104.68
N TYR F 135 42.69 2.01 104.07
CA TYR F 135 43.48 0.85 104.47
C TYR F 135 43.49 -0.11 103.30
N VAL F 136 44.66 -0.66 103.00
CA VAL F 136 44.82 -1.66 101.94
C VAL F 136 45.55 -2.86 102.51
N ALA F 137 45.09 -4.06 102.12
CA ALA F 137 45.63 -5.28 102.67
C ALA F 137 45.80 -6.32 101.56
N ILE F 138 46.68 -7.30 101.82
CA ILE F 138 46.89 -8.40 100.89
C ILE F 138 45.71 -9.36 100.93
N GLN F 139 45.31 -9.88 99.77
CA GLN F 139 44.16 -10.77 99.71
C GLN F 139 44.41 -12.09 100.43
N ALA F 140 45.68 -12.43 100.70
CA ALA F 140 46.00 -13.68 101.35
C ALA F 140 45.42 -13.74 102.76
N VAL F 141 45.70 -12.71 103.56
CA VAL F 141 45.19 -12.68 104.92
C VAL F 141 43.67 -12.53 104.91
N LEU F 142 43.12 -11.90 103.87
CA LEU F 142 41.67 -11.81 103.74
C LEU F 142 41.04 -13.19 103.56
N SER F 143 41.62 -14.01 102.68
CA SER F 143 41.12 -15.37 102.51
C SER F 143 41.32 -16.17 103.79
N LEU F 144 42.44 -15.94 104.48
CA LEU F 144 42.67 -16.54 105.79
C LEU F 144 41.54 -16.19 106.75
N TYR F 145 41.16 -14.91 106.78
CA TYR F 145 40.10 -14.45 107.67
C TYR F 145 38.78 -15.11 107.31
N ALA F 146 38.52 -15.25 106.01
CA ALA F 146 37.32 -15.95 105.56
C ALA F 146 37.32 -17.40 106.03
N SER F 147 38.48 -18.05 106.00
CA SER F 147 38.57 -19.40 106.57
C SER F 147 38.55 -19.36 108.09
N GLY F 148 39.02 -18.26 108.69
CA GLY F 148 39.02 -18.14 110.14
C GLY F 148 39.92 -19.11 110.85
N ARG F 149 41.08 -19.42 110.25
CA ARG F 149 42.07 -20.29 110.88
C ARG F 149 43.46 -19.75 110.57
N THR F 150 44.20 -19.40 111.62
CA THR F 150 45.48 -18.71 111.50
C THR F 150 46.58 -19.55 110.86
N THR F 151 46.39 -20.85 110.70
CA THR F 151 47.43 -21.71 110.13
C THR F 151 46.99 -22.25 108.78
N GLY F 152 47.87 -22.19 107.80
CA GLY F 152 47.59 -22.74 106.49
C GLY F 152 48.38 -22.03 105.40
N ILE F 153 48.39 -22.65 104.23
CA ILE F 153 49.01 -22.09 103.04
C ILE F 153 47.89 -21.75 102.05
N VAL F 154 47.86 -20.50 101.62
CA VAL F 154 46.81 -19.98 100.76
C VAL F 154 47.27 -20.06 99.32
N LEU F 155 46.45 -20.70 98.48
CA LEU F 155 46.64 -20.73 97.03
C LEU F 155 45.61 -19.76 96.44
N ASP F 156 46.06 -18.54 96.12
CA ASP F 156 45.20 -17.53 95.51
C ASP F 156 45.31 -17.64 93.99
N SER F 157 44.26 -18.15 93.35
CA SER F 157 44.23 -18.32 91.90
C SER F 157 43.36 -17.23 91.27
N GLY F 158 43.98 -16.07 91.03
CA GLY F 158 43.32 -15.00 90.32
C GLY F 158 43.28 -15.24 88.82
N ASP F 159 42.94 -14.18 88.10
CA ASP F 159 42.89 -14.23 86.65
C ASP F 159 44.17 -13.78 85.98
N GLY F 160 45.14 -13.28 86.74
CA GLY F 160 46.42 -12.91 86.17
C GLY F 160 47.61 -13.65 86.75
N VAL F 161 47.53 -13.99 88.04
CA VAL F 161 48.62 -14.64 88.75
C VAL F 161 48.03 -15.67 89.70
N THR F 162 48.79 -16.74 89.96
CA THR F 162 48.50 -17.68 91.04
C THR F 162 49.60 -17.56 92.09
N HIS F 163 49.21 -17.28 93.33
CA HIS F 163 50.14 -17.02 94.42
C HIS F 163 50.04 -18.14 95.45
N ASN F 164 51.19 -18.62 95.91
CA ASN F 164 51.22 -19.52 97.06
C ASN F 164 51.92 -18.81 98.20
N VAL F 165 51.19 -18.70 99.33
CA VAL F 165 51.64 -17.92 100.48
C VAL F 165 51.43 -18.75 101.74
N PRO F 166 52.48 -19.10 102.49
CA PRO F 166 52.26 -19.80 103.76
C PRO F 166 52.14 -18.83 104.91
N ILE F 167 51.18 -19.10 105.80
CA ILE F 167 50.99 -18.30 107.00
C ILE F 167 50.75 -19.26 108.15
N TYR F 168 51.62 -19.21 109.17
CA TYR F 168 51.51 -20.07 110.33
C TYR F 168 51.12 -19.25 111.53
N GLU F 169 50.05 -19.65 112.20
CA GLU F 169 49.53 -18.98 113.39
C GLU F 169 49.38 -17.48 113.13
N GLY F 170 48.78 -17.15 112.00
CA GLY F 170 48.52 -15.77 111.63
C GLY F 170 49.76 -14.92 111.49
N TYR F 171 50.80 -15.47 110.85
CA TYR F 171 52.07 -14.81 110.53
C TYR F 171 52.44 -15.02 109.08
N ALA F 172 52.66 -13.92 108.35
CA ALA F 172 53.06 -14.05 106.96
C ALA F 172 54.48 -14.57 106.84
N LEU F 173 54.72 -15.36 105.79
CA LEU F 173 56.03 -15.94 105.49
C LEU F 173 56.47 -15.52 104.09
N PRO F 174 56.86 -14.25 103.91
CA PRO F 174 57.26 -13.81 102.56
C PRO F 174 58.42 -14.58 101.98
N HIS F 175 59.30 -15.14 102.82
CA HIS F 175 60.43 -15.92 102.31
C HIS F 175 59.99 -17.16 101.57
N ALA F 176 58.78 -17.64 101.83
CA ALA F 176 58.25 -18.85 101.20
C ALA F 176 57.02 -18.53 100.35
N ILE F 177 56.93 -17.31 99.83
CA ILE F 177 55.81 -16.89 99.00
C ILE F 177 56.29 -16.77 97.55
N MET F 178 55.48 -17.30 96.63
CA MET F 178 55.81 -17.28 95.21
C MET F 178 54.61 -16.92 94.35
N ARG F 179 54.91 -16.33 93.20
CA ARG F 179 53.92 -15.95 92.20
C ARG F 179 54.22 -16.72 90.92
N LEU F 180 53.18 -17.32 90.34
CA LEU F 180 53.27 -18.05 89.09
C LEU F 180 52.40 -17.36 88.05
N ASP F 181 52.95 -17.17 86.86
CA ASP F 181 52.31 -16.46 85.77
C ASP F 181 51.24 -17.27 85.05
N LEU F 182 50.79 -18.38 85.63
CA LEU F 182 49.69 -19.15 85.07
C LEU F 182 48.40 -18.74 85.75
N ALA F 183 47.37 -18.50 84.95
CA ALA F 183 46.09 -18.02 85.46
C ALA F 183 45.04 -18.22 84.38
N GLY F 184 43.90 -17.54 84.53
CA GLY F 184 42.81 -17.73 83.60
C GLY F 184 43.24 -17.43 82.17
N ARG F 185 44.06 -16.39 82.01
CA ARG F 185 44.51 -16.00 80.67
C ARG F 185 45.15 -17.19 79.96
N ASP F 186 46.09 -17.84 80.65
CA ASP F 186 46.75 -19.01 80.09
C ASP F 186 45.74 -20.09 79.75
N LEU F 187 44.80 -20.35 80.68
CA LEU F 187 43.78 -21.38 80.44
C LEU F 187 43.03 -21.11 79.15
N THR F 188 42.56 -19.88 78.97
CA THR F 188 41.85 -19.50 77.75
C THR F 188 42.74 -19.67 76.53
N ASP F 189 43.98 -19.20 76.60
CA ASP F 189 44.92 -19.34 75.49
C ASP F 189 45.08 -20.80 75.06
N TYR F 190 45.51 -21.65 76.00
CA TYR F 190 45.68 -23.07 75.72
C TYR F 190 44.42 -23.69 75.14
N LEU F 191 43.25 -23.37 75.73
CA LEU F 191 42.00 -23.91 75.19
C LEU F 191 41.75 -23.37 73.79
N MET F 192 42.15 -22.13 73.53
CA MET F 192 42.01 -21.55 72.20
C MET F 192 42.81 -22.33 71.18
N LYS F 193 44.05 -22.67 71.51
CA LYS F 193 44.85 -23.41 70.54
C LYS F 193 44.32 -24.83 70.34
N ILE F 194 43.86 -25.47 71.42
CA ILE F 194 43.28 -26.81 71.25
C ILE F 194 42.02 -26.77 70.41
N LEU F 195 41.14 -25.78 70.65
CA LEU F 195 39.94 -25.64 69.84
C LEU F 195 40.30 -25.30 68.39
N THR F 196 41.39 -24.56 68.19
CA THR F 196 41.92 -24.35 66.84
C THR F 196 42.27 -25.68 66.19
N GLU F 197 42.93 -26.56 66.96
CA GLU F 197 43.19 -27.91 66.44
C GLU F 197 41.92 -28.75 66.34
N ARG F 198 40.81 -28.30 66.93
CA ARG F 198 39.54 -28.98 66.76
C ARG F 198 38.73 -28.44 65.59
N GLY F 199 39.20 -27.38 64.93
CA GLY F 199 38.55 -26.84 63.75
C GLY F 199 37.95 -25.47 63.93
N TYR F 200 37.94 -24.93 65.15
CA TYR F 200 37.31 -23.64 65.45
C TYR F 200 38.40 -22.68 65.91
N SER F 201 38.64 -21.64 65.12
CA SER F 201 39.76 -20.73 65.33
C SER F 201 39.21 -19.31 65.46
N PHE F 202 39.18 -18.80 66.69
CA PHE F 202 38.74 -17.44 66.95
C PHE F 202 39.80 -16.69 67.75
N VAL F 203 39.80 -15.36 67.61
CA VAL F 203 40.84 -14.53 68.22
C VAL F 203 40.23 -13.49 69.15
N THR F 204 39.00 -13.07 68.87
CA THR F 204 38.38 -11.97 69.58
C THR F 204 37.95 -12.38 71.00
N THR F 205 37.67 -11.36 71.82
CA THR F 205 37.42 -11.55 73.24
C THR F 205 36.04 -12.15 73.54
N ALA F 206 35.07 -11.97 72.65
CA ALA F 206 33.76 -12.57 72.89
C ALA F 206 33.88 -14.08 72.97
N GLU F 207 34.67 -14.65 72.06
CA GLU F 207 34.87 -16.07 72.11
C GLU F 207 35.76 -16.41 73.31
N ARG F 208 36.57 -15.48 73.81
CA ARG F 208 37.35 -15.72 75.01
C ARG F 208 36.42 -15.95 76.19
N GLU F 209 35.39 -15.11 76.30
CA GLU F 209 34.42 -15.25 77.37
C GLU F 209 33.59 -16.51 77.18
N ILE F 210 33.25 -16.83 75.93
CA ILE F 210 32.52 -18.08 75.66
C ILE F 210 33.33 -19.29 76.13
N VAL F 211 34.62 -19.31 75.82
CA VAL F 211 35.41 -20.49 76.18
C VAL F 211 35.72 -20.52 77.68
N ARG F 212 35.81 -19.35 78.34
CA ARG F 212 35.94 -19.41 79.80
C ARG F 212 34.65 -19.88 80.44
N ASP F 213 33.49 -19.53 79.85
CA ASP F 213 32.23 -20.08 80.31
C ASP F 213 32.21 -21.60 80.13
N ILE F 214 32.73 -22.08 79.00
CA ILE F 214 32.86 -23.52 78.78
C ILE F 214 33.72 -24.13 79.88
N LYS F 215 34.81 -23.46 80.24
CA LYS F 215 35.65 -23.94 81.33
C LYS F 215 34.88 -23.97 82.65
N GLU F 216 34.03 -22.97 82.87
CA GLU F 216 33.22 -22.96 84.08
C GLU F 216 32.24 -24.12 84.12
N LYS F 217 31.69 -24.49 82.96
CA LYS F 217 30.61 -25.48 82.95
C LYS F 217 31.11 -26.92 82.83
N LEU F 218 31.88 -27.23 81.78
CA LEU F 218 32.11 -28.60 81.38
C LEU F 218 33.47 -29.18 81.77
N CYS F 219 34.43 -28.35 82.14
CA CYS F 219 35.81 -28.84 82.25
C CYS F 219 35.97 -29.82 83.39
N TYR F 220 36.79 -30.84 83.15
CA TYR F 220 37.23 -31.82 84.14
C TYR F 220 38.65 -31.51 84.60
N VAL F 221 39.01 -32.11 85.74
CA VAL F 221 40.40 -32.27 86.16
C VAL F 221 40.70 -33.77 86.16
N ALA F 222 41.51 -34.21 85.20
CA ALA F 222 41.74 -35.63 84.96
C ALA F 222 42.37 -36.28 86.20
N LEU F 223 41.81 -37.42 86.60
CA LEU F 223 42.43 -38.19 87.68
C LEU F 223 43.74 -38.83 87.24
N ASP F 224 43.74 -39.44 86.06
CA ASP F 224 44.94 -39.95 85.40
C ASP F 224 44.91 -39.43 83.97
N PHE F 225 46.00 -38.84 83.50
CA PHE F 225 45.90 -38.03 82.29
C PHE F 225 45.91 -38.90 81.03
N GLU F 226 47.03 -39.58 80.77
CA GLU F 226 47.16 -40.28 79.50
C GLU F 226 46.19 -41.44 79.40
N ASN F 227 45.89 -42.09 80.52
CA ASN F 227 44.86 -43.13 80.52
C ASN F 227 43.49 -42.57 80.18
N GLU F 228 43.20 -41.34 80.63
CA GLU F 228 41.89 -40.78 80.30
C GLU F 228 41.81 -40.31 78.85
N MET F 229 42.89 -39.81 78.24
CA MET F 229 42.78 -39.63 76.79
C MET F 229 42.71 -40.96 76.06
N ALA F 230 43.39 -42.00 76.57
CA ALA F 230 43.33 -43.31 75.91
C ALA F 230 41.91 -43.85 75.91
N THR F 231 41.20 -43.73 77.03
CA THR F 231 39.79 -44.11 77.07
C THR F 231 38.87 -43.05 76.47
N ALA F 232 39.36 -41.82 76.27
CA ALA F 232 38.58 -40.77 75.63
C ALA F 232 38.72 -40.76 74.12
N ALA F 233 39.49 -41.71 73.58
CA ALA F 233 39.57 -41.88 72.13
C ALA F 233 38.19 -41.84 71.48
N SER F 234 37.30 -42.77 71.86
CA SER F 234 35.91 -42.70 71.42
C SER F 234 35.00 -42.05 72.46
N SER F 235 34.87 -42.66 73.65
CA SER F 235 34.12 -42.04 74.73
C SER F 235 32.88 -41.30 74.28
N SER F 236 31.91 -42.03 73.79
CA SER F 236 30.67 -41.36 73.42
C SER F 236 29.97 -40.78 74.65
N SER F 237 29.92 -41.54 75.74
CA SER F 237 29.31 -41.03 76.97
C SER F 237 30.17 -39.98 77.64
N LEU F 238 31.49 -40.23 77.74
CA LEU F 238 32.37 -39.31 78.44
C LEU F 238 32.52 -37.99 77.71
N GLU F 239 32.47 -38.01 76.37
CA GLU F 239 32.53 -36.78 75.59
C GLU F 239 31.31 -35.91 75.88
N LYS F 240 31.53 -34.61 76.04
CA LYS F 240 30.48 -33.70 76.48
C LYS F 240 30.33 -32.55 75.49
N SER F 241 29.11 -32.04 75.37
CA SER F 241 28.80 -31.03 74.39
C SER F 241 28.31 -29.76 75.08
N TYR F 242 28.40 -28.65 74.35
CA TYR F 242 27.89 -27.37 74.81
C TYR F 242 27.05 -26.73 73.71
N GLU F 243 26.06 -25.95 74.15
CA GLU F 243 25.15 -25.24 73.27
C GLU F 243 25.56 -23.76 73.28
N LEU F 244 26.30 -23.36 72.24
CA LEU F 244 26.73 -21.98 72.13
C LEU F 244 25.55 -21.06 71.85
N PRO F 245 25.60 -19.80 72.32
CA PRO F 245 24.42 -18.92 72.23
C PRO F 245 23.90 -18.74 70.82
N ASP F 246 24.75 -18.84 69.79
CA ASP F 246 24.25 -18.82 68.42
C ASP F 246 23.41 -20.05 68.08
N GLY F 247 23.52 -21.11 68.87
CA GLY F 247 22.76 -22.33 68.67
C GLY F 247 23.54 -23.53 68.18
N GLN F 248 24.78 -23.38 67.73
CA GLN F 248 25.53 -24.54 67.28
C GLN F 248 25.98 -25.38 68.47
N VAL F 249 26.02 -26.70 68.25
CA VAL F 249 26.42 -27.65 69.28
C VAL F 249 27.90 -27.94 69.05
N ILE F 250 28.72 -27.59 70.03
CA ILE F 250 30.16 -27.80 69.97
C ILE F 250 30.53 -28.88 70.96
N THR F 251 31.13 -29.95 70.46
CA THR F 251 31.44 -31.13 71.25
C THR F 251 32.92 -31.17 71.60
N ILE F 252 33.23 -31.42 72.87
CA ILE F 252 34.60 -31.50 73.37
C ILE F 252 34.73 -32.75 74.24
N GLY F 253 35.85 -33.45 74.09
CA GLY F 253 36.07 -34.65 74.85
C GLY F 253 37.18 -34.55 75.88
N ASN F 254 38.37 -35.06 75.53
CA ASN F 254 39.50 -35.03 76.45
C ASN F 254 39.91 -33.61 76.81
N GLU F 255 39.63 -32.64 75.93
CA GLU F 255 40.05 -31.27 76.19
C GLU F 255 39.52 -30.76 77.52
N ARG F 256 38.35 -31.26 77.94
CA ARG F 256 37.76 -30.85 79.21
C ARG F 256 38.74 -31.01 80.35
N PHE F 257 39.46 -32.13 80.40
CA PHE F 257 40.47 -32.32 81.42
C PHE F 257 41.89 -32.13 80.90
N ARG F 258 42.06 -31.77 79.63
CA ARG F 258 43.40 -31.43 79.15
C ARG F 258 43.69 -29.94 79.26
N CYS F 259 42.69 -29.11 79.53
CA CYS F 259 42.95 -27.67 79.75
C CYS F 259 43.46 -27.27 81.15
N PRO F 260 42.75 -27.64 82.23
CA PRO F 260 43.32 -27.28 83.55
C PRO F 260 44.61 -28.04 83.84
N GLU F 261 44.82 -29.15 83.16
CA GLU F 261 46.02 -29.96 83.40
C GLU F 261 47.29 -29.17 83.15
N THR F 262 47.26 -28.20 82.24
CA THR F 262 48.46 -27.44 81.91
C THR F 262 49.04 -26.74 83.13
N LEU F 263 48.20 -26.26 84.05
CA LEU F 263 48.76 -25.67 85.27
C LEU F 263 49.56 -26.74 85.99
N PHE F 264 49.02 -27.94 86.10
CA PHE F 264 49.74 -29.06 86.72
C PHE F 264 50.94 -29.52 85.87
N GLN F 265 50.82 -29.45 84.54
CA GLN F 265 51.88 -29.88 83.63
C GLN F 265 52.28 -28.71 82.71
N PRO F 266 53.11 -27.77 83.22
CA PRO F 266 53.43 -26.57 82.43
C PRO F 266 54.25 -26.86 81.18
N SER F 267 54.89 -28.03 81.09
CA SER F 267 55.72 -28.36 79.94
C SER F 267 54.91 -28.44 78.65
N PHE F 268 53.59 -28.50 78.74
CA PHE F 268 52.75 -28.50 77.54
C PHE F 268 52.99 -27.24 76.70
N ILE F 269 53.06 -26.07 77.35
CA ILE F 269 53.33 -24.85 76.61
C ILE F 269 54.57 -24.14 77.12
N GLY F 270 55.51 -24.90 77.69
CA GLY F 270 56.85 -24.37 77.90
C GLY F 270 57.09 -23.45 79.07
N MET F 271 56.92 -23.94 80.30
CA MET F 271 57.37 -23.23 81.48
C MET F 271 58.43 -24.06 82.19
N GLU F 272 59.50 -23.40 82.63
CA GLU F 272 60.50 -24.08 83.45
C GLU F 272 59.91 -24.54 84.78
N SER F 273 59.08 -23.69 85.40
CA SER F 273 58.43 -24.07 86.64
C SER F 273 57.51 -25.27 86.43
N ALA F 274 57.52 -26.18 87.39
CA ALA F 274 56.68 -27.37 87.32
C ALA F 274 55.26 -27.00 87.75
N GLY F 275 54.43 -28.01 87.99
CA GLY F 275 53.05 -27.76 88.37
C GLY F 275 52.95 -27.01 89.68
N ILE F 276 51.77 -26.41 89.88
CA ILE F 276 51.54 -25.60 91.08
C ILE F 276 51.64 -26.42 92.36
N HIS F 277 51.43 -27.74 92.29
CA HIS F 277 51.66 -28.57 93.46
C HIS F 277 53.13 -28.61 93.83
N GLU F 278 54.04 -28.60 92.85
CA GLU F 278 55.46 -28.45 93.16
C GLU F 278 55.74 -27.11 93.82
N THR F 279 55.04 -26.05 93.39
CA THR F 279 55.25 -24.73 93.98
C THR F 279 54.74 -24.73 95.40
N THR F 280 53.66 -25.41 95.73
CA THR F 280 53.27 -25.51 97.13
C THR F 280 54.24 -26.37 97.93
N TYR F 281 54.71 -27.48 97.35
CA TYR F 281 55.72 -28.32 97.98
C TYR F 281 57.01 -27.58 98.34
N ASN F 282 57.66 -26.95 97.36
CA ASN F 282 58.89 -26.19 97.66
C ASN F 282 58.59 -25.14 98.72
N SER F 283 57.47 -24.41 98.56
CA SER F 283 57.12 -23.39 99.53
C SER F 283 57.13 -23.97 100.93
N ILE F 284 56.54 -25.17 101.08
CA ILE F 284 56.45 -25.79 102.39
C ILE F 284 57.85 -26.09 102.93
N MET F 285 58.69 -26.79 102.14
CA MET F 285 60.01 -27.13 102.70
C MET F 285 60.93 -25.95 102.96
N LYS F 286 60.75 -24.80 102.30
CA LYS F 286 61.63 -23.68 102.55
C LYS F 286 61.63 -23.31 104.02
N CYS F 287 60.49 -23.44 104.69
CA CYS F 287 60.33 -23.06 106.09
C CYS F 287 60.73 -24.26 106.96
N ASP F 288 60.85 -24.03 108.26
CA ASP F 288 61.25 -25.10 109.19
C ASP F 288 60.46 -26.39 108.96
N ILE F 289 61.16 -27.49 109.17
CA ILE F 289 60.60 -28.83 108.93
C ILE F 289 59.32 -29.07 109.74
N ASP F 290 59.36 -28.75 111.03
CA ASP F 290 58.37 -29.29 111.97
C ASP F 290 56.94 -28.92 111.58
N ILE F 291 56.68 -27.63 111.32
CA ILE F 291 55.31 -27.20 111.06
C ILE F 291 54.82 -27.65 109.70
N ARG F 292 55.69 -28.23 108.88
CA ARG F 292 55.33 -28.57 107.52
C ARG F 292 54.11 -29.49 107.50
N LYS F 293 54.05 -30.43 108.45
CA LYS F 293 52.89 -31.32 108.53
C LYS F 293 51.60 -30.52 108.67
N ASP F 294 51.60 -29.52 109.55
CA ASP F 294 50.41 -28.68 109.71
C ASP F 294 50.08 -27.97 108.40
N LEU F 295 51.10 -27.49 107.69
CA LEU F 295 50.85 -26.88 106.39
C LEU F 295 50.19 -27.88 105.46
N TYR F 296 50.64 -29.13 105.49
CA TYR F 296 50.02 -30.18 104.68
C TYR F 296 48.55 -30.33 105.05
N ALA F 297 48.24 -30.26 106.33
CA ALA F 297 46.88 -30.53 106.79
C ALA F 297 46.00 -29.29 106.79
N ASN F 298 46.57 -28.11 106.54
CA ASN F 298 45.81 -26.87 106.66
C ASN F 298 45.81 -26.05 105.37
N ASN F 299 46.10 -26.68 104.23
CA ASN F 299 46.12 -25.94 102.98
C ASN F 299 44.75 -25.41 102.61
N VAL F 300 44.71 -24.16 102.16
CA VAL F 300 43.47 -23.54 101.72
C VAL F 300 43.67 -23.08 100.28
N MET F 301 42.59 -23.11 99.51
CA MET F 301 42.59 -22.63 98.14
C MET F 301 41.50 -21.57 97.99
N SER F 302 41.80 -20.50 97.26
CA SER F 302 40.86 -19.39 97.10
C SER F 302 40.95 -18.83 95.68
N GLY F 303 39.83 -18.31 95.20
CA GLY F 303 39.74 -17.70 93.89
C GLY F 303 38.48 -18.13 93.15
N GLY F 304 38.12 -17.37 92.12
CA GLY F 304 36.95 -17.71 91.33
C GLY F 304 37.10 -19.03 90.61
N THR F 305 38.32 -19.36 90.18
CA THR F 305 38.56 -20.62 89.49
C THR F 305 38.13 -21.80 90.34
N THR F 306 38.31 -21.68 91.66
CA THR F 306 38.01 -22.77 92.57
C THR F 306 36.58 -23.31 92.40
N MET F 307 35.69 -22.58 91.73
CA MET F 307 34.39 -23.18 91.45
C MET F 307 34.48 -24.43 90.58
N TYR F 308 35.63 -24.71 89.97
CA TYR F 308 35.70 -25.89 89.12
C TYR F 308 35.87 -27.13 89.98
N PRO F 309 35.45 -28.29 89.50
CA PRO F 309 35.72 -29.53 90.23
C PRO F 309 37.14 -30.01 89.96
N GLY F 310 37.60 -30.95 90.78
CA GLY F 310 38.82 -31.66 90.53
C GLY F 310 40.09 -31.09 91.17
N ILE F 311 40.10 -29.83 91.60
CA ILE F 311 41.32 -29.32 92.22
C ILE F 311 41.62 -30.03 93.53
N ALA F 312 40.59 -30.30 94.36
CA ALA F 312 40.82 -30.90 95.66
C ALA F 312 41.42 -32.30 95.58
N ASP F 313 40.83 -33.21 94.80
CA ASP F 313 41.34 -34.57 94.74
C ASP F 313 42.74 -34.59 94.17
N ARG F 314 42.98 -33.84 93.09
CA ARG F 314 44.30 -33.80 92.48
C ARG F 314 45.30 -33.28 93.49
N MET F 315 44.94 -32.20 94.18
CA MET F 315 45.82 -31.56 95.15
C MET F 315 46.28 -32.58 96.18
N GLN F 316 45.32 -33.18 96.88
CA GLN F 316 45.69 -34.10 97.95
C GLN F 316 46.50 -35.28 97.41
N LYS F 317 46.03 -35.92 96.34
CA LYS F 317 46.76 -37.10 95.86
C LYS F 317 48.21 -36.77 95.54
N GLU F 318 48.46 -35.71 94.76
CA GLU F 318 49.84 -35.39 94.41
C GLU F 318 50.68 -34.99 95.63
N ILE F 319 50.12 -34.22 96.57
CA ILE F 319 50.92 -33.89 97.75
C ILE F 319 51.25 -35.14 98.56
N THR F 320 50.29 -36.07 98.70
CA THR F 320 50.57 -37.33 99.37
C THR F 320 51.61 -38.14 98.61
N ALA F 321 51.60 -38.07 97.28
CA ALA F 321 52.65 -38.74 96.52
C ALA F 321 54.01 -38.13 96.80
N LEU F 322 54.09 -36.81 96.90
CA LEU F 322 55.36 -36.12 97.11
C LEU F 322 55.82 -36.20 98.56
N ALA F 323 54.91 -36.00 99.52
CA ALA F 323 55.16 -35.98 100.95
C ALA F 323 54.82 -37.33 101.58
N PRO F 324 55.44 -37.69 102.69
CA PRO F 324 55.09 -38.96 103.34
C PRO F 324 53.62 -39.00 103.73
N SER F 325 53.03 -40.20 103.60
CA SER F 325 51.60 -40.41 103.79
C SER F 325 51.24 -40.83 105.20
N THR F 326 51.95 -40.36 106.22
CA THR F 326 51.57 -40.73 107.58
C THR F 326 50.36 -39.90 108.01
N MET F 327 50.53 -38.57 108.07
CA MET F 327 49.45 -37.70 108.48
C MET F 327 48.47 -37.53 107.34
N LYS F 328 47.20 -37.32 107.69
CA LYS F 328 46.15 -37.16 106.69
C LYS F 328 46.07 -35.73 106.21
N ILE F 329 46.12 -35.53 104.89
CA ILE F 329 45.99 -34.21 104.29
C ILE F 329 44.55 -34.00 103.84
N LYS F 330 43.97 -32.87 104.22
CA LYS F 330 42.62 -32.50 103.82
C LYS F 330 42.55 -31.01 103.49
N ILE F 331 41.88 -30.70 102.38
CA ILE F 331 41.71 -29.34 101.90
C ILE F 331 40.37 -28.81 102.41
N ILE F 332 40.29 -27.50 102.65
CA ILE F 332 39.06 -26.84 103.04
C ILE F 332 38.79 -25.72 102.05
N ALA F 333 37.54 -25.62 101.59
CA ALA F 333 37.15 -24.62 100.63
C ALA F 333 35.66 -24.33 100.71
N PRO F 334 35.25 -23.26 101.38
CA PRO F 334 33.82 -22.96 101.52
C PRO F 334 33.21 -22.59 100.17
N PRO F 335 31.95 -22.97 99.94
CA PRO F 335 31.28 -22.58 98.69
C PRO F 335 31.22 -21.06 98.52
N GLU F 336 31.32 -20.63 97.26
CA GLU F 336 31.31 -19.21 96.90
C GLU F 336 32.40 -18.45 97.64
N ARG F 337 33.62 -18.93 97.52
CA ARG F 337 34.76 -18.34 98.21
C ARG F 337 35.37 -17.16 97.46
N LYS F 338 34.94 -16.90 96.23
CA LYS F 338 35.43 -15.72 95.52
C LYS F 338 34.93 -14.43 96.15
N TYR F 339 33.81 -14.48 96.87
CA TYR F 339 33.35 -13.36 97.67
C TYR F 339 34.02 -13.33 99.03
N SER F 340 34.70 -14.42 99.42
CA SER F 340 35.20 -14.56 100.77
C SER F 340 36.13 -13.42 101.16
N VAL F 341 37.01 -13.00 100.26
CA VAL F 341 37.92 -11.89 100.54
C VAL F 341 37.12 -10.67 100.98
N TRP F 342 36.08 -10.32 100.21
CA TRP F 342 35.26 -9.17 100.56
C TRP F 342 34.61 -9.37 101.93
N ILE F 343 34.19 -10.60 102.21
CA ILE F 343 33.64 -10.91 103.53
C ILE F 343 34.66 -10.57 104.61
N GLY F 344 35.91 -11.00 104.40
CA GLY F 344 36.95 -10.67 105.35
C GLY F 344 37.13 -9.18 105.52
N GLY F 345 36.94 -8.42 104.44
CA GLY F 345 37.00 -6.97 104.57
C GLY F 345 35.95 -6.47 105.53
N SER F 346 34.72 -6.97 105.39
CA SER F 346 33.67 -6.64 106.34
C SER F 346 34.09 -7.03 107.75
N ILE F 347 34.74 -8.19 107.87
CA ILE F 347 35.20 -8.64 109.18
C ILE F 347 36.17 -7.63 109.76
N LEU F 348 37.04 -7.07 108.92
CA LEU F 348 37.98 -6.07 109.39
C LEU F 348 37.25 -4.85 109.94
N ALA F 349 36.18 -4.44 109.26
CA ALA F 349 35.43 -3.31 109.77
C ALA F 349 34.53 -3.67 110.95
N SER F 350 34.36 -4.95 111.24
CA SER F 350 33.47 -5.36 112.33
C SER F 350 33.99 -4.87 113.68
N LEU F 351 35.28 -5.02 113.93
CA LEU F 351 35.85 -4.74 115.25
C LEU F 351 36.21 -3.25 115.39
N SER F 352 36.23 -2.80 116.64
CA SER F 352 36.41 -1.38 116.96
C SER F 352 37.88 -0.97 117.03
N THR F 353 38.82 -1.90 116.87
CA THR F 353 40.23 -1.51 116.80
C THR F 353 40.65 -1.08 115.40
N PHE F 354 39.85 -1.41 114.38
CA PHE F 354 40.22 -1.11 113.00
C PHE F 354 40.37 0.39 112.76
N GLN F 355 39.60 1.22 113.44
CA GLN F 355 39.73 2.66 113.24
C GLN F 355 40.92 3.26 113.97
N GLN F 356 41.72 2.46 114.69
CA GLN F 356 42.97 2.98 115.22
C GLN F 356 44.00 3.23 114.13
N MET F 357 43.97 2.48 113.03
CA MET F 357 44.97 2.63 111.98
C MET F 357 44.37 2.93 110.60
N TRP F 358 43.25 3.63 110.56
CA TRP F 358 42.81 4.26 109.31
C TRP F 358 43.86 5.25 108.83
N ILE F 359 44.12 5.23 107.52
CA ILE F 359 45.08 6.15 106.90
C ILE F 359 44.32 7.43 106.57
N THR F 360 44.40 8.42 107.46
CA THR F 360 43.62 9.63 107.30
C THR F 360 44.24 10.55 106.25
N LYS F 361 43.47 11.57 105.87
CA LYS F 361 43.92 12.54 104.87
C LYS F 361 45.13 13.33 105.35
N GLN F 362 45.12 13.77 106.61
CA GLN F 362 46.20 14.64 107.09
C GLN F 362 47.54 13.93 107.17
N GLU F 363 47.56 12.63 107.46
CA GLU F 363 48.83 11.90 107.45
C GLU F 363 49.44 11.90 106.05
N TYR F 364 48.62 11.64 105.03
CA TYR F 364 49.09 11.68 103.66
C TYR F 364 49.51 13.10 103.26
N ASP F 365 48.78 14.11 103.72
CA ASP F 365 49.17 15.49 103.42
C ASP F 365 50.51 15.84 104.07
N GLU F 366 50.79 15.30 105.25
CA GLU F 366 52.07 15.57 105.91
C GLU F 366 53.21 14.86 105.21
N ALA F 367 53.15 13.53 105.13
CA ALA F 367 54.29 12.74 104.68
C ALA F 367 54.19 12.28 103.23
N GLY F 368 53.22 12.80 102.47
CA GLY F 368 53.04 12.36 101.10
C GLY F 368 52.56 10.92 101.03
N PRO F 369 52.73 10.29 99.87
CA PRO F 369 52.46 8.84 99.80
C PRO F 369 53.40 8.02 100.65
N SER F 370 54.61 8.52 100.91
CA SER F 370 55.63 7.73 101.59
C SER F 370 55.16 7.24 102.96
N ILE F 371 54.17 7.92 103.56
CA ILE F 371 53.68 7.53 104.87
C ILE F 371 53.15 6.11 104.87
N VAL F 372 52.61 5.64 103.73
CA VAL F 372 52.07 4.28 103.73
C VAL F 372 53.18 3.28 103.99
N HIS F 373 54.43 3.61 103.59
CA HIS F 373 55.55 2.72 103.81
C HIS F 373 55.73 2.43 105.29
N ARG F 374 55.27 3.33 106.15
CA ARG F 374 55.36 3.17 107.59
C ARG F 374 54.00 2.93 108.24
N LYS F 375 52.90 3.11 107.50
CA LYS F 375 51.58 3.04 108.11
C LYS F 375 50.88 1.71 107.87
N CYS F 376 51.17 1.03 106.76
CA CYS F 376 50.62 -0.30 106.54
C CYS F 376 51.58 -1.37 107.03
N PHE F 377 52.81 -1.36 106.54
CA PHE F 377 53.85 -2.24 107.05
C PHE F 377 54.91 -1.44 107.81
N ASP G 3 59.26 -40.26 34.25
CA ASP G 3 59.63 -40.73 35.58
C ASP G 3 61.10 -41.14 35.64
N GLU G 4 61.79 -40.71 36.69
CA GLU G 4 63.18 -41.09 36.88
C GLU G 4 63.30 -42.58 37.18
N ASP G 5 64.40 -43.18 36.71
CA ASP G 5 64.63 -44.60 36.94
C ASP G 5 64.71 -44.94 38.42
N GLU G 6 65.12 -43.98 39.25
CA GLU G 6 65.27 -44.19 40.68
C GLU G 6 63.90 -43.97 41.35
N THR G 7 63.73 -44.59 42.51
CA THR G 7 62.47 -44.56 43.25
C THR G 7 62.38 -43.37 44.19
N THR G 8 63.02 -42.26 43.84
CA THR G 8 63.05 -41.04 44.65
C THR G 8 61.63 -40.59 45.04
N ALA G 9 61.54 -39.83 46.12
CA ALA G 9 60.25 -39.48 46.69
C ALA G 9 59.60 -38.30 45.97
N LEU G 10 58.28 -38.18 46.16
CA LEU G 10 57.52 -37.04 45.69
C LEU G 10 57.58 -35.93 46.73
N VAL G 11 57.71 -34.69 46.26
CA VAL G 11 57.71 -33.51 47.13
C VAL G 11 56.58 -32.60 46.67
N CYS G 12 55.59 -32.40 47.54
CA CYS G 12 54.40 -31.65 47.20
C CYS G 12 54.07 -30.67 48.32
N ASP G 13 54.05 -29.39 47.99
CA ASP G 13 53.64 -28.33 48.89
C ASP G 13 52.22 -27.93 48.54
N ASN G 14 51.26 -28.34 49.36
CA ASN G 14 49.87 -27.90 49.21
C ASN G 14 49.65 -26.62 50.01
N GLY G 15 50.35 -25.57 49.59
CA GLY G 15 50.23 -24.29 50.26
C GLY G 15 48.84 -23.71 50.13
N SER G 16 48.44 -22.94 51.14
CA SER G 16 47.11 -22.34 51.19
C SER G 16 47.07 -21.23 50.15
N GLY G 17 46.81 -21.61 48.90
CA GLY G 17 46.76 -20.68 47.80
C GLY G 17 47.47 -21.16 46.55
N LEU G 18 48.42 -22.08 46.70
CA LEU G 18 49.16 -22.62 45.57
C LEU G 18 49.58 -24.04 45.87
N VAL G 19 49.53 -24.89 44.85
CA VAL G 19 50.00 -26.28 44.95
C VAL G 19 51.22 -26.42 44.05
N LYS G 20 52.34 -26.84 44.64
CA LYS G 20 53.62 -26.95 43.94
C LYS G 20 54.17 -28.35 44.15
N ALA G 21 54.22 -29.15 43.09
CA ALA G 21 54.56 -30.56 43.20
C ALA G 21 55.70 -30.90 42.26
N GLY G 22 56.49 -31.91 42.66
CA GLY G 22 57.59 -32.35 41.84
C GLY G 22 58.29 -33.54 42.46
N PHE G 23 59.50 -33.81 42.00
CA PHE G 23 60.28 -34.94 42.45
C PHE G 23 61.34 -34.49 43.45
N ALA G 24 61.72 -35.41 44.33
CA ALA G 24 62.82 -35.16 45.26
C ALA G 24 64.15 -35.09 44.52
N GLY G 25 65.05 -34.25 45.02
CA GLY G 25 66.30 -33.97 44.36
C GLY G 25 66.23 -32.88 43.32
N ASP G 26 65.04 -32.38 43.01
CA ASP G 26 64.87 -31.29 42.07
C ASP G 26 64.98 -29.95 42.81
N ASP G 27 65.37 -28.92 42.09
CA ASP G 27 65.55 -27.60 42.69
C ASP G 27 64.25 -26.82 42.79
N ALA G 28 63.34 -26.98 41.83
CA ALA G 28 62.07 -26.28 41.83
C ALA G 28 60.94 -27.24 41.53
N PRO G 29 59.75 -27.01 42.08
CA PRO G 29 58.61 -27.87 41.76
C PRO G 29 58.26 -27.79 40.29
N ARG G 30 57.84 -28.92 39.72
CA ARG G 30 57.58 -28.98 38.29
C ARG G 30 56.17 -28.47 37.96
N ALA G 31 55.16 -28.92 38.70
CA ALA G 31 53.78 -28.55 38.44
C ALA G 31 53.32 -27.59 39.54
N VAL G 32 53.13 -26.33 39.18
CA VAL G 32 52.71 -25.28 40.12
C VAL G 32 51.43 -24.66 39.60
N PHE G 33 50.37 -24.72 40.40
CA PHE G 33 49.10 -24.14 39.99
C PHE G 33 48.37 -23.53 41.17
N PRO G 34 47.58 -22.49 40.93
CA PRO G 34 46.74 -21.94 42.01
C PRO G 34 45.65 -22.92 42.42
N SER G 35 45.13 -22.70 43.63
CA SER G 35 44.20 -23.63 44.25
C SER G 35 42.74 -23.33 43.93
N ILE G 36 42.46 -22.69 42.80
CA ILE G 36 41.09 -22.42 42.38
C ILE G 36 40.58 -23.64 41.63
N VAL G 37 39.28 -23.91 41.72
CA VAL G 37 38.66 -25.04 41.04
C VAL G 37 37.39 -24.57 40.36
N GLY G 38 37.27 -24.84 39.06
CA GLY G 38 36.12 -24.40 38.29
C GLY G 38 35.15 -25.52 37.96
N ARG G 39 33.86 -25.22 38.07
CA ARG G 39 32.76 -26.14 37.81
C ARG G 39 31.78 -25.56 36.79
N PRO G 40 31.22 -26.40 35.89
CA PRO G 40 30.29 -25.88 34.86
C PRO G 40 29.17 -25.04 35.47
N ARG G 41 29.07 -23.79 35.01
CA ARG G 41 28.04 -22.88 35.52
C ARG G 41 26.63 -23.30 35.12
N HIS G 42 26.47 -24.08 34.04
CA HIS G 42 25.17 -24.52 33.59
C HIS G 42 25.20 -26.01 33.26
N GLN G 43 24.08 -26.51 32.74
CA GLN G 43 23.89 -27.92 32.45
C GLN G 43 24.22 -28.24 30.99
N GLY G 44 24.24 -29.54 30.69
CA GLY G 44 24.61 -30.06 29.39
C GLY G 44 23.51 -30.35 28.39
N VAL G 45 23.60 -29.75 27.21
CA VAL G 45 22.65 -29.95 26.12
C VAL G 45 23.42 -30.13 24.82
N MET G 46 24.57 -29.48 24.73
CA MET G 46 25.49 -29.57 23.59
C MET G 46 26.27 -30.88 23.64
N VAL G 47 26.96 -31.17 22.54
CA VAL G 47 27.73 -32.40 22.39
C VAL G 47 28.89 -32.11 21.44
N GLY G 48 29.84 -33.03 21.34
CA GLY G 48 30.98 -32.92 20.46
C GLY G 48 32.28 -32.50 21.11
N MET G 49 32.23 -31.94 22.32
CA MET G 49 33.44 -31.46 22.98
C MET G 49 33.10 -31.06 24.41
N GLY G 50 34.13 -30.85 25.22
CA GLY G 50 33.93 -30.44 26.60
C GLY G 50 33.04 -31.37 27.40
N GLN G 51 32.06 -30.77 28.08
CA GLN G 51 31.09 -31.48 28.92
C GLN G 51 31.81 -32.29 30.00
N LYS G 52 32.77 -31.65 30.66
CA LYS G 52 33.51 -32.27 31.75
C LYS G 52 33.28 -31.46 33.01
N ASP G 53 33.03 -32.16 34.11
CA ASP G 53 32.76 -31.52 35.39
C ASP G 53 33.95 -30.72 35.93
N SER G 54 34.87 -31.40 36.61
CA SER G 54 35.98 -30.70 37.24
C SER G 54 36.95 -30.12 36.22
N TYR G 55 37.32 -28.86 36.44
CA TYR G 55 38.36 -28.18 35.67
C TYR G 55 39.35 -27.60 36.66
N VAL G 56 40.63 -27.96 36.52
CA VAL G 56 41.67 -27.54 37.44
C VAL G 56 42.86 -27.00 36.65
N GLY G 57 43.67 -26.19 37.34
CA GLY G 57 44.90 -25.69 36.77
C GLY G 57 44.68 -24.64 35.69
N ASP G 58 45.63 -24.58 34.76
CA ASP G 58 45.56 -23.58 33.70
C ASP G 58 44.32 -23.76 32.84
N GLU G 59 43.79 -24.98 32.75
CA GLU G 59 42.54 -25.18 32.02
C GLU G 59 41.43 -24.32 32.63
N ALA G 60 41.28 -24.36 33.95
CA ALA G 60 40.29 -23.52 34.59
C ALA G 60 40.64 -22.05 34.48
N GLN G 61 41.94 -21.72 34.50
CA GLN G 61 42.35 -20.34 34.32
C GLN G 61 41.89 -19.80 32.98
N SER G 62 42.02 -20.61 31.92
CA SER G 62 41.52 -20.21 30.62
C SER G 62 39.99 -20.24 30.58
N LYS G 63 39.36 -21.10 31.36
CA LYS G 63 37.91 -21.26 31.34
C LYS G 63 37.25 -20.60 32.56
N ARG G 64 37.84 -19.51 33.05
CA ARG G 64 37.35 -18.87 34.26
C ARG G 64 35.94 -18.33 34.06
N GLY G 65 35.69 -17.75 32.89
CA GLY G 65 34.40 -17.11 32.66
C GLY G 65 33.23 -18.05 32.63
N ILE G 66 33.45 -19.29 32.17
CA ILE G 66 32.34 -20.22 32.01
C ILE G 66 32.09 -21.04 33.27
N LEU G 67 32.98 -21.00 34.24
CA LEU G 67 32.92 -21.87 35.40
C LEU G 67 32.62 -21.06 36.64
N THR G 68 31.80 -21.62 37.53
CA THR G 68 31.76 -21.13 38.89
C THR G 68 33.07 -21.49 39.56
N LEU G 69 33.80 -20.48 40.04
CA LEU G 69 35.11 -20.68 40.61
C LEU G 69 34.96 -20.83 42.11
N LYS G 70 35.36 -21.98 42.64
CA LYS G 70 35.17 -22.34 44.04
C LYS G 70 36.52 -22.73 44.63
N TYR G 71 36.63 -22.58 45.94
CA TYR G 71 37.87 -22.83 46.65
C TYR G 71 37.71 -24.07 47.51
N PRO G 72 38.33 -25.20 47.17
CA PRO G 72 38.21 -26.39 48.03
C PRO G 72 38.78 -26.20 49.42
N ILE G 73 39.66 -25.22 49.62
CA ILE G 73 40.19 -24.90 50.93
C ILE G 73 40.17 -23.39 51.12
N GLU G 74 39.78 -22.95 52.32
CA GLU G 74 39.83 -21.53 52.65
C GLU G 74 40.21 -21.42 54.11
N GLY G 76 42.36 -22.98 55.62
CA GLY G 76 42.60 -24.31 56.15
C GLY G 76 41.40 -25.24 56.16
N ILE G 77 40.19 -24.66 56.21
CA ILE G 77 38.98 -25.46 56.28
C ILE G 77 38.78 -26.21 54.97
N ILE G 78 38.38 -27.48 55.08
CA ILE G 78 38.23 -28.36 53.92
C ILE G 78 36.75 -28.48 53.58
N THR G 79 36.42 -28.22 52.31
CA THR G 79 35.03 -28.35 51.84
C THR G 79 34.71 -29.77 51.41
N ASN G 80 35.37 -30.25 50.35
CA ASN G 80 35.04 -31.53 49.74
C ASN G 80 36.32 -32.27 49.39
N TRP G 81 36.53 -33.42 50.04
CA TRP G 81 37.72 -34.23 49.76
C TRP G 81 37.77 -34.73 48.33
N ASP G 82 36.61 -34.91 47.68
CA ASP G 82 36.60 -35.31 46.28
C ASP G 82 37.35 -34.30 45.41
N ASP G 83 37.27 -33.02 45.75
CA ASP G 83 37.97 -32.00 44.99
C ASP G 83 39.48 -32.20 45.08
N MET G 84 39.99 -32.45 46.28
CA MET G 84 41.41 -32.78 46.44
C MET G 84 41.77 -34.07 45.71
N GLU G 85 40.89 -35.07 45.76
CA GLU G 85 41.13 -36.31 45.04
C GLU G 85 41.36 -36.03 43.56
N LYS G 86 40.45 -35.27 42.94
CA LYS G 86 40.57 -34.97 41.52
C LYS G 86 41.81 -34.12 41.22
N ILE G 87 42.09 -33.11 42.04
CA ILE G 87 43.21 -32.24 41.71
C ILE G 87 44.53 -32.99 41.89
N TRP G 88 44.61 -33.87 42.89
CA TRP G 88 45.81 -34.69 43.05
C TRP G 88 45.97 -35.69 41.92
N HIS G 89 44.86 -36.29 41.46
CA HIS G 89 44.91 -37.12 40.26
C HIS G 89 45.49 -36.34 39.08
N HIS G 90 44.96 -35.13 38.86
CA HIS G 90 45.44 -34.29 37.75
C HIS G 90 46.91 -33.98 37.91
N THR G 91 47.33 -33.59 39.11
CA THR G 91 48.72 -33.22 39.34
C THR G 91 49.65 -34.41 39.10
N PHE G 92 49.29 -35.58 39.64
CA PHE G 92 50.18 -36.74 39.55
C PHE G 92 50.27 -37.28 38.14
N TYR G 93 49.15 -37.32 37.40
CA TYR G 93 49.15 -38.03 36.13
C TYR G 93 49.15 -37.11 34.92
N ASN G 94 48.37 -36.04 34.93
CA ASN G 94 48.31 -35.12 33.80
C ASN G 94 49.40 -34.05 33.84
N GLU G 95 49.90 -33.72 35.04
CA GLU G 95 50.88 -32.65 35.20
C GLU G 95 52.25 -33.16 35.59
N LEU G 96 52.34 -34.08 36.56
CA LEU G 96 53.63 -34.63 36.93
C LEU G 96 53.99 -35.88 36.15
N ARG G 97 53.00 -36.50 35.51
CA ARG G 97 53.21 -37.73 34.72
C ARG G 97 53.89 -38.80 35.58
N VAL G 98 53.44 -38.92 36.82
CA VAL G 98 54.03 -39.86 37.78
C VAL G 98 52.93 -40.68 38.45
N ALA G 99 53.29 -41.91 38.81
CA ALA G 99 52.39 -42.78 39.55
C ALA G 99 52.82 -42.80 41.00
N PRO G 100 51.92 -42.54 41.96
CA PRO G 100 52.32 -42.52 43.37
C PRO G 100 52.60 -43.88 43.97
N GLU G 101 52.44 -44.96 43.20
CA GLU G 101 52.69 -46.30 43.73
C GLU G 101 54.15 -46.48 44.14
N GLU G 102 55.08 -45.95 43.34
CA GLU G 102 56.51 -46.23 43.50
C GLU G 102 57.28 -45.09 44.15
N HIS G 103 56.61 -44.04 44.61
CA HIS G 103 57.31 -42.92 45.23
C HIS G 103 56.61 -42.46 46.50
N PRO G 104 57.29 -42.52 47.65
CA PRO G 104 56.75 -41.92 48.88
C PRO G 104 56.59 -40.42 48.72
N THR G 105 55.63 -39.87 49.48
CA THR G 105 55.26 -38.47 49.36
C THR G 105 55.60 -37.70 50.63
N LEU G 106 56.30 -36.58 50.46
CA LEU G 106 56.49 -35.59 51.52
C LEU G 106 55.58 -34.41 51.24
N LEU G 107 54.68 -34.12 52.18
CA LEU G 107 53.71 -33.06 52.05
C LEU G 107 53.93 -32.01 53.13
N THR G 108 53.54 -30.78 52.81
CA THR G 108 53.58 -29.67 53.76
C THR G 108 52.15 -29.20 54.02
N GLU G 109 51.84 -28.91 55.28
CA GLU G 109 50.50 -28.50 55.66
C GLU G 109 50.53 -27.12 56.31
N ALA G 110 49.40 -26.44 56.25
CA ALA G 110 49.29 -25.13 56.86
C ALA G 110 49.49 -25.23 58.37
N PRO G 111 50.10 -24.21 58.97
CA PRO G 111 50.39 -24.27 60.41
C PRO G 111 49.12 -24.45 61.23
N LEU G 112 49.22 -25.29 62.27
CA LEU G 112 48.12 -25.52 63.21
C LEU G 112 46.86 -26.03 62.51
N ASN G 113 47.05 -26.90 61.52
CA ASN G 113 45.91 -27.48 60.82
C ASN G 113 45.21 -28.47 61.75
N PRO G 114 43.91 -28.68 61.57
CA PRO G 114 43.17 -29.55 62.49
C PRO G 114 43.75 -30.95 62.51
N LYS G 115 43.79 -31.54 63.71
CA LYS G 115 44.22 -32.93 63.85
C LYS G 115 43.22 -33.88 63.24
N ALA G 116 41.92 -33.56 63.39
CA ALA G 116 40.88 -34.35 62.72
C ALA G 116 41.01 -34.24 61.21
N ASN G 117 41.35 -33.04 60.71
CA ASN G 117 41.62 -32.86 59.30
C ASN G 117 42.77 -33.74 58.84
N ARG G 118 43.82 -33.80 59.64
CA ARG G 118 44.96 -34.65 59.29
C ARG G 118 44.56 -36.13 59.25
N GLU G 119 43.81 -36.58 60.26
CA GLU G 119 43.39 -37.98 60.33
C GLU G 119 42.48 -38.37 59.16
N LYS G 120 41.51 -37.51 58.79
CA LYS G 120 40.63 -37.82 57.67
C LYS G 120 41.37 -37.75 56.34
N MET G 121 42.18 -36.71 56.12
CA MET G 121 42.89 -36.59 54.86
C MET G 121 43.88 -37.74 54.69
N THR G 122 44.56 -38.15 55.76
CA THR G 122 45.49 -39.27 55.64
C THR G 122 44.74 -40.57 55.35
N GLN G 123 43.57 -40.76 55.96
CA GLN G 123 42.84 -42.00 55.76
C GLN G 123 42.30 -42.09 54.33
N ILE G 124 41.66 -41.03 53.85
CA ILE G 124 41.16 -41.03 52.47
C ILE G 124 42.32 -41.19 51.49
N MET G 125 43.43 -40.51 51.76
CA MET G 125 44.63 -40.65 50.94
C MET G 125 45.07 -42.10 50.85
N PHE G 126 45.32 -42.73 52.00
CA PHE G 126 45.83 -44.10 52.01
C PHE G 126 44.85 -45.07 51.33
N GLU G 127 43.55 -44.90 51.55
CA GLU G 127 42.60 -45.80 50.89
C GLU G 127 42.55 -45.53 49.39
N THR G 128 42.37 -44.27 49.00
CA THR G 128 42.23 -43.95 47.58
C THR G 128 43.51 -44.20 46.80
N PHE G 129 44.65 -43.73 47.32
CA PHE G 129 45.92 -43.84 46.64
C PHE G 129 46.72 -45.03 47.15
N ASN G 130 47.83 -45.31 46.47
CA ASN G 130 48.71 -46.42 46.82
C ASN G 130 50.13 -45.93 47.07
N VAL G 131 50.26 -44.77 47.73
CA VAL G 131 51.60 -44.26 48.05
C VAL G 131 52.31 -45.23 48.97
N PRO G 132 53.59 -45.54 48.75
CA PRO G 132 54.26 -46.50 49.65
C PRO G 132 54.48 -45.96 51.04
N ALA G 133 54.85 -44.68 51.16
CA ALA G 133 55.22 -44.12 52.43
C ALA G 133 54.86 -42.64 52.46
N MET G 134 54.84 -42.08 53.66
CA MET G 134 54.27 -40.76 53.91
C MET G 134 55.10 -39.97 54.90
N TYR G 135 55.09 -38.65 54.73
CA TYR G 135 55.53 -37.74 55.77
C TYR G 135 54.89 -36.39 55.48
N VAL G 136 54.37 -35.76 56.53
CA VAL G 136 53.78 -34.43 56.43
C VAL G 136 54.40 -33.53 57.49
N ALA G 137 54.70 -32.29 57.10
CA ALA G 137 55.39 -31.37 58.00
C ALA G 137 54.77 -29.98 57.89
N ILE G 138 55.00 -29.18 58.93
CA ILE G 138 54.53 -27.80 58.95
C ILE G 138 55.39 -26.94 58.02
N GLN G 139 54.75 -26.02 57.30
CA GLN G 139 55.49 -25.18 56.36
C GLN G 139 56.46 -24.24 57.05
N ALA G 140 56.31 -24.04 58.36
CA ALA G 140 57.19 -23.12 59.09
C ALA G 140 58.63 -23.63 59.08
N VAL G 141 58.82 -24.89 59.49
CA VAL G 141 60.16 -25.47 59.51
C VAL G 141 60.70 -25.61 58.09
N LEU G 142 59.82 -25.79 57.10
CA LEU G 142 60.26 -25.83 55.71
C LEU G 142 60.85 -24.50 55.27
N SER G 143 60.17 -23.39 55.60
CA SER G 143 60.72 -22.08 55.28
C SER G 143 62.02 -21.84 56.06
N LEU G 144 62.07 -22.32 57.30
CA LEU G 144 63.30 -22.27 58.09
C LEU G 144 64.43 -22.99 57.35
N TYR G 145 64.14 -24.18 56.83
CA TYR G 145 65.15 -24.96 56.12
C TYR G 145 65.61 -24.22 54.87
N ALA G 146 64.67 -23.59 54.17
CA ALA G 146 65.02 -22.78 53.02
C ALA G 146 65.95 -21.64 53.40
N SER G 147 65.70 -21.00 54.55
CA SER G 147 66.63 -20.00 55.04
C SER G 147 67.90 -20.63 55.59
N GLY G 148 67.82 -21.86 56.08
CA GLY G 148 68.99 -22.56 56.58
C GLY G 148 69.59 -21.93 57.82
N ARG G 149 68.74 -21.41 58.71
CA ARG G 149 69.18 -20.83 59.97
C ARG G 149 68.18 -21.20 61.05
N THR G 150 68.64 -21.93 62.07
CA THR G 150 67.79 -22.50 63.10
C THR G 150 67.11 -21.47 64.00
N THR G 151 67.52 -20.21 63.96
CA THR G 151 66.96 -19.18 64.83
C THR G 151 66.18 -18.17 64.00
N GLY G 152 64.98 -17.82 64.44
CA GLY G 152 64.18 -16.81 63.78
C GLY G 152 62.71 -17.02 64.00
N ILE G 153 61.94 -15.99 63.67
CA ILE G 153 60.48 -16.04 63.71
C ILE G 153 59.97 -15.97 62.28
N VAL G 154 59.16 -16.96 61.90
CA VAL G 154 58.66 -17.11 60.54
C VAL G 154 57.30 -16.45 60.44
N LEU G 155 57.15 -15.55 59.49
CA LEU G 155 55.87 -14.95 59.12
C LEU G 155 55.42 -15.61 57.82
N ASP G 156 54.53 -16.60 57.93
CA ASP G 156 53.99 -17.30 56.76
C ASP G 156 52.71 -16.61 56.32
N SER G 157 52.77 -15.89 55.20
CA SER G 157 51.63 -15.15 54.67
C SER G 157 51.05 -15.92 53.48
N GLY G 158 50.18 -16.89 53.79
CA GLY G 158 49.45 -17.61 52.75
C GLY G 158 48.30 -16.80 52.20
N ASP G 159 47.43 -17.49 51.46
CA ASP G 159 46.25 -16.87 50.88
C ASP G 159 45.01 -17.00 51.76
N GLY G 160 45.09 -17.76 52.86
CA GLY G 160 43.95 -17.87 53.75
C GLY G 160 44.25 -17.41 55.17
N VAL G 161 45.48 -17.60 55.62
CA VAL G 161 45.90 -17.26 56.99
C VAL G 161 47.31 -16.70 56.95
N THR G 162 47.61 -15.82 57.90
CA THR G 162 48.98 -15.38 58.18
C THR G 162 49.38 -15.89 59.55
N HIS G 163 50.47 -16.64 59.61
CA HIS G 163 50.92 -17.29 60.82
C HIS G 163 52.24 -16.68 61.27
N ASN G 164 52.35 -16.40 62.58
CA ASN G 164 53.63 -16.02 63.16
C ASN G 164 54.06 -17.13 64.11
N VAL G 165 55.25 -17.67 63.84
CA VAL G 165 55.77 -18.83 64.56
C VAL G 165 57.22 -18.56 64.96
N PRO G 166 57.55 -18.53 66.25
CA PRO G 166 58.97 -18.39 66.63
C PRO G 166 59.63 -19.74 66.80
N ILE G 167 60.86 -19.85 66.29
CA ILE G 167 61.66 -21.06 66.43
C ILE G 167 63.07 -20.64 66.78
N TYR G 168 63.56 -21.07 67.94
CA TYR G 168 64.89 -20.73 68.40
C TYR G 168 65.76 -21.97 68.37
N GLU G 169 66.90 -21.87 67.68
CA GLU G 169 67.86 -22.96 67.55
C GLU G 169 67.15 -24.24 67.09
N GLY G 170 66.32 -24.10 66.07
CA GLY G 170 65.61 -25.24 65.50
C GLY G 170 64.69 -25.94 66.46
N TYR G 171 63.88 -25.20 67.19
CA TYR G 171 62.87 -25.84 67.99
C TYR G 171 61.66 -24.95 67.93
N ALA G 172 60.53 -25.61 67.81
CA ALA G 172 59.24 -24.94 67.68
C ALA G 172 58.77 -24.39 69.03
N LEU G 173 58.08 -23.25 68.98
CA LEU G 173 57.51 -22.59 70.15
C LEU G 173 56.01 -22.42 69.98
N PRO G 174 55.24 -23.50 70.08
CA PRO G 174 53.79 -23.38 69.88
C PRO G 174 53.12 -22.43 70.85
N HIS G 175 53.67 -22.24 72.05
CA HIS G 175 53.08 -21.32 73.01
C HIS G 175 53.09 -19.88 72.52
N ALA G 176 53.97 -19.55 71.57
CA ALA G 176 54.08 -18.21 71.03
C ALA G 176 53.75 -18.18 69.55
N ILE G 177 52.90 -19.09 69.10
CA ILE G 177 52.48 -19.16 67.70
C ILE G 177 51.03 -18.69 67.58
N MET G 178 50.77 -17.86 66.57
CA MET G 178 49.44 -17.31 66.36
C MET G 178 49.06 -17.32 64.89
N ARG G 179 47.75 -17.41 64.65
CA ARG G 179 47.17 -17.37 63.31
C ARG G 179 46.25 -16.17 63.23
N LEU G 180 46.39 -15.39 62.14
CA LEU G 180 45.57 -14.23 61.87
C LEU G 180 44.80 -14.46 60.59
N ASP G 181 43.50 -14.15 60.63
CA ASP G 181 42.57 -14.40 59.54
C ASP G 181 42.69 -13.38 58.42
N LEU G 182 43.76 -12.59 58.37
CA LEU G 182 44.00 -11.67 57.27
C LEU G 182 44.95 -12.32 56.28
N ALA G 183 44.60 -12.25 55.01
CA ALA G 183 45.36 -12.89 53.95
C ALA G 183 44.94 -12.29 52.61
N GLY G 184 45.28 -12.99 51.53
CA GLY G 184 44.99 -12.46 50.21
C GLY G 184 43.51 -12.18 50.04
N ARG G 185 42.66 -13.06 50.58
CA ARG G 185 41.22 -12.89 50.43
C ARG G 185 40.81 -11.51 50.93
N ASP G 186 41.25 -11.16 52.15
CA ASP G 186 40.93 -9.86 52.73
C ASP G 186 41.45 -8.74 51.83
N LEU G 187 42.69 -8.87 51.35
CA LEU G 187 43.27 -7.86 50.49
C LEU G 187 42.38 -7.59 49.27
N THR G 188 41.98 -8.66 48.59
CA THR G 188 41.10 -8.53 47.43
C THR G 188 39.77 -7.90 47.82
N ASP G 189 39.17 -8.34 48.92
CA ASP G 189 37.91 -7.77 49.39
C ASP G 189 38.01 -6.26 49.60
N TYR G 190 38.95 -5.84 50.47
CA TYR G 190 39.16 -4.42 50.74
C TYR G 190 39.40 -3.63 49.44
N LEU G 191 40.23 -4.16 48.55
CA LEU G 191 40.47 -3.48 47.29
C LEU G 191 39.20 -3.41 46.45
N MET G 192 38.38 -4.45 46.54
CA MET G 192 37.10 -4.48 45.83
C MET G 192 36.20 -3.34 46.31
N LYS G 193 36.11 -3.14 47.63
CA LYS G 193 35.24 -2.07 48.12
C LYS G 193 35.81 -0.71 47.77
N ILE G 194 37.14 -0.54 47.82
CA ILE G 194 37.70 0.75 47.44
C ILE G 194 37.48 1.03 45.96
N LEU G 195 37.69 0.02 45.11
CA LEU G 195 37.41 0.20 43.68
C LEU G 195 35.93 0.45 43.43
N THR G 196 35.05 -0.13 44.23
CA THR G 196 33.63 0.21 44.19
C THR G 196 33.44 1.69 44.49
N GLU G 197 34.14 2.22 45.48
CA GLU G 197 34.10 3.66 45.73
C GLU G 197 34.82 4.45 44.65
N ARG G 198 35.59 3.80 43.80
CA ARG G 198 36.21 4.48 42.66
C ARG G 198 35.35 4.43 41.41
N GLY G 199 34.22 3.72 41.44
CA GLY G 199 33.28 3.69 40.33
C GLY G 199 33.18 2.35 39.64
N TYR G 200 34.01 1.37 40.01
CA TYR G 200 34.04 0.07 39.35
C TYR G 200 33.65 -0.99 40.37
N SER G 201 32.51 -1.64 40.15
CA SER G 201 31.91 -2.55 41.12
C SER G 201 31.72 -3.90 40.46
N PHE G 202 32.58 -4.86 40.79
CA PHE G 202 32.48 -6.22 40.28
C PHE G 202 32.45 -7.21 41.45
N VAL G 203 31.85 -8.37 41.21
CA VAL G 203 31.64 -9.37 42.25
C VAL G 203 32.30 -10.70 41.88
N THR G 204 32.41 -10.98 40.59
CA THR G 204 32.85 -12.28 40.13
C THR G 204 34.36 -12.46 40.32
N THR G 205 34.79 -13.73 40.20
CA THR G 205 36.16 -14.11 40.53
C THR G 205 37.17 -13.69 39.46
N ALA G 206 36.75 -13.51 38.21
CA ALA G 206 37.69 -13.08 37.19
C ALA G 206 38.26 -11.72 37.56
N GLU G 207 37.39 -10.83 38.03
CA GLU G 207 37.87 -9.54 38.44
C GLU G 207 38.65 -9.70 39.74
N ARG G 208 38.40 -10.74 40.54
CA ARG G 208 39.19 -10.97 41.74
C ARG G 208 40.64 -11.24 41.35
N GLU G 209 40.83 -12.07 40.32
CA GLU G 209 42.18 -12.37 39.85
C GLU G 209 42.80 -11.15 39.20
N ILE G 210 42.01 -10.36 38.47
CA ILE G 210 42.52 -9.12 37.89
C ILE G 210 43.04 -8.18 38.98
N VAL G 211 42.27 -8.02 40.06
CA VAL G 211 42.69 -7.07 41.09
C VAL G 211 43.83 -7.64 41.93
N ARG G 212 43.93 -8.96 42.09
CA ARG G 212 45.13 -9.48 42.76
C ARG G 212 46.35 -9.32 41.87
N ASP G 213 46.18 -9.42 40.55
CA ASP G 213 47.27 -9.10 39.63
C ASP G 213 47.69 -7.63 39.78
N ILE G 214 46.70 -6.74 39.90
CA ILE G 214 47.00 -5.33 40.16
C ILE G 214 47.81 -5.19 41.44
N LYS G 215 47.42 -5.94 42.49
CA LYS G 215 48.19 -5.92 43.73
C LYS G 215 49.61 -6.42 43.51
N GLU G 216 49.78 -7.42 42.66
CA GLU G 216 51.11 -7.93 42.36
C GLU G 216 51.95 -6.88 41.65
N LYS G 217 51.34 -6.09 40.77
CA LYS G 217 52.11 -5.19 39.93
C LYS G 217 52.34 -3.82 40.56
N LEU G 218 51.26 -3.12 40.92
CA LEU G 218 51.34 -1.69 41.18
C LEU G 218 51.34 -1.30 42.66
N CYS G 219 50.96 -2.19 43.57
CA CYS G 219 50.68 -1.77 44.93
C CYS G 219 51.94 -1.32 45.66
N TYR G 220 51.78 -0.28 46.47
CA TYR G 220 52.80 0.22 47.38
C TYR G 220 52.51 -0.21 48.81
N VAL G 221 53.54 -0.12 49.64
CA VAL G 221 53.40 -0.11 51.09
C VAL G 221 53.82 1.27 51.59
N ALA G 222 52.85 2.05 52.05
CA ALA G 222 53.09 3.45 52.39
C ALA G 222 54.11 3.57 53.51
N LEU G 223 55.09 4.46 53.33
CA LEU G 223 56.03 4.74 54.40
C LEU G 223 55.37 5.52 55.53
N ASP G 224 54.59 6.55 55.20
CA ASP G 224 53.76 7.29 56.13
C ASP G 224 52.38 7.36 55.49
N PHE G 225 51.33 7.01 56.24
CA PHE G 225 50.06 6.76 55.57
C PHE G 225 49.30 8.04 55.24
N GLU G 226 48.89 8.79 56.28
CA GLU G 226 48.02 9.92 56.04
C GLU G 226 48.75 11.03 55.29
N ASN G 227 50.04 11.17 55.51
CA ASN G 227 50.84 12.12 54.73
C ASN G 227 50.89 11.73 53.26
N GLU G 228 50.94 10.42 52.97
CA GLU G 228 50.97 10.03 51.57
C GLU G 228 49.62 10.16 50.89
N MET G 229 48.49 9.95 51.58
CA MET G 229 47.24 10.35 50.93
C MET G 229 47.13 11.87 50.78
N ALA G 230 47.67 12.63 51.75
CA ALA G 230 47.63 14.08 51.65
C ALA G 230 48.40 14.57 50.43
N THR G 231 49.57 14.00 50.17
CA THR G 231 50.30 14.33 48.94
C THR G 231 49.77 13.59 47.73
N ALA G 232 48.96 12.55 47.91
CA ALA G 232 48.36 11.81 46.81
C ALA G 232 47.02 12.41 46.38
N ALA G 233 46.60 13.50 47.03
CA ALA G 233 45.42 14.23 46.59
C ALA G 233 45.41 14.43 45.07
N SER G 234 46.42 15.13 44.54
CA SER G 234 46.57 15.22 43.09
C SER G 234 47.57 14.21 42.54
N SER G 235 48.84 14.31 42.95
CA SER G 235 49.83 13.30 42.57
C SER G 235 49.67 12.79 41.16
N SER G 236 49.91 13.63 40.20
CA SER G 236 49.86 13.16 38.82
C SER G 236 50.96 12.14 38.54
N SER G 237 52.17 12.40 39.02
CA SER G 237 53.27 11.44 38.83
C SER G 237 53.10 10.23 39.73
N LEU G 238 52.76 10.43 41.00
CA LEU G 238 52.66 9.32 41.93
C LEU G 238 51.49 8.39 41.61
N GLU G 239 50.40 8.94 41.06
CA GLU G 239 49.28 8.11 40.65
C GLU G 239 49.68 7.19 39.51
N LYS G 240 49.26 5.93 39.58
CA LYS G 240 49.71 4.92 38.64
C LYS G 240 48.52 4.24 37.97
N SER G 241 48.72 3.81 36.73
CA SER G 241 47.65 3.26 35.92
C SER G 241 47.96 1.82 35.55
N TYR G 242 46.90 1.08 35.21
CA TYR G 242 47.02 -0.28 34.70
C TYR G 242 46.21 -0.44 33.44
N GLU G 243 46.68 -1.34 32.57
CA GLU G 243 46.04 -1.66 31.31
C GLU G 243 45.34 -3.01 31.47
N LEU G 244 44.04 -2.97 31.70
CA LEU G 244 43.26 -4.19 31.85
C LEU G 244 43.17 -4.94 30.52
N PRO G 245 43.09 -6.27 30.57
CA PRO G 245 43.16 -7.06 29.33
C PRO G 245 42.11 -6.68 28.29
N ASP G 246 40.95 -6.18 28.70
CA ASP G 246 39.98 -5.67 27.74
C ASP G 246 40.47 -4.41 27.03
N GLY G 247 41.48 -3.74 27.57
CA GLY G 247 42.06 -2.54 26.99
C GLY G 247 41.77 -1.24 27.70
N GLN G 248 40.84 -1.20 28.65
CA GLN G 248 40.59 0.06 29.34
C GLN G 248 41.73 0.37 30.32
N VAL G 249 42.00 1.66 30.48
CA VAL G 249 43.06 2.14 31.35
C VAL G 249 42.38 2.52 32.67
N ILE G 250 42.75 1.81 33.74
CA ILE G 250 42.21 2.05 35.07
C ILE G 250 43.30 2.65 35.94
N THR G 251 43.02 3.84 36.47
CA THR G 251 43.99 4.62 37.21
C THR G 251 43.70 4.53 38.71
N ILE G 252 44.74 4.26 39.49
CA ILE G 252 44.65 4.14 40.95
C ILE G 252 45.78 4.95 41.57
N GLY G 253 45.47 5.67 42.64
CA GLY G 253 46.47 6.48 43.31
C GLY G 253 46.85 5.99 44.69
N ASN G 254 46.28 6.60 45.72
CA ASN G 254 46.60 6.22 47.10
C ASN G 254 46.21 4.79 47.40
N GLU G 255 45.22 4.25 46.69
CA GLU G 255 44.78 2.88 46.96
C GLU G 255 45.93 1.88 46.88
N ARG G 256 46.92 2.16 46.03
CA ARG G 256 48.08 1.28 45.89
C ARG G 256 48.71 0.98 47.25
N PHE G 257 48.87 2.00 48.08
CA PHE G 257 49.39 1.80 49.43
C PHE G 257 48.33 1.84 50.51
N ARG G 258 47.06 2.00 50.14
CA ARG G 258 46.00 1.90 51.14
C ARG G 258 45.44 0.49 51.24
N CYS G 259 45.78 -0.41 50.31
CA CYS G 259 45.34 -1.81 50.44
C CYS G 259 46.18 -2.71 51.39
N PRO G 260 47.51 -2.80 51.20
CA PRO G 260 48.25 -3.63 52.16
C PRO G 260 48.28 -3.03 53.55
N GLU G 261 48.06 -1.72 53.66
CA GLU G 261 48.08 -1.05 54.95
C GLU G 261 47.05 -1.65 55.87
N THR G 262 45.96 -2.15 55.32
CA THR G 262 44.90 -2.69 56.15
C THR G 262 45.39 -3.84 57.03
N LEU G 263 46.31 -4.66 56.55
CA LEU G 263 46.85 -5.70 57.43
C LEU G 263 47.54 -5.02 58.60
N PHE G 264 48.31 -3.97 58.33
CA PHE G 264 48.96 -3.20 59.40
C PHE G 264 47.96 -2.42 60.25
N GLN G 265 46.86 -1.96 59.66
CA GLN G 265 45.83 -1.19 60.36
C GLN G 265 44.48 -1.91 60.21
N PRO G 266 44.23 -2.98 61.01
CA PRO G 266 43.00 -3.76 60.83
C PRO G 266 41.73 -3.00 61.16
N SER G 267 41.83 -1.89 61.90
CA SER G 267 40.64 -1.12 62.28
C SER G 267 39.91 -0.55 61.08
N PHE G 268 40.54 -0.54 59.90
CA PHE G 268 39.86 -0.08 58.70
C PHE G 268 38.60 -0.90 58.42
N ILE G 269 38.69 -2.23 58.54
CA ILE G 269 37.51 -3.05 58.34
C ILE G 269 37.19 -3.90 59.57
N GLY G 270 37.58 -3.42 60.74
CA GLY G 270 37.03 -3.97 61.98
C GLY G 270 37.58 -5.28 62.49
N MET G 271 38.85 -5.33 62.86
CA MET G 271 39.41 -6.43 63.61
C MET G 271 39.90 -5.93 64.96
N GLU G 272 39.60 -6.71 66.02
CA GLU G 272 40.14 -6.40 67.33
C GLU G 272 41.66 -6.50 67.34
N SER G 273 42.20 -7.52 66.69
CA SER G 273 43.65 -7.68 66.61
C SER G 273 44.27 -6.50 65.87
N ALA G 274 45.41 -6.04 66.36
CA ALA G 274 46.13 -4.93 65.74
C ALA G 274 46.91 -5.45 64.54
N GLY G 275 47.82 -4.62 64.01
CA GLY G 275 48.59 -5.01 62.87
C GLY G 275 49.45 -6.22 63.13
N ILE G 276 49.88 -6.86 62.03
CA ILE G 276 50.69 -8.08 62.14
C ILE G 276 52.01 -7.82 62.84
N HIS G 277 52.52 -6.59 62.81
CA HIS G 277 53.72 -6.28 63.58
C HIS G 277 53.47 -6.39 65.08
N GLU G 278 52.27 -6.00 65.53
CA GLU G 278 51.92 -6.24 66.93
C GLU G 278 51.87 -7.73 67.24
N THR G 279 51.43 -8.55 66.28
CA THR G 279 51.35 -9.98 66.51
C THR G 279 52.75 -10.56 66.57
N THR G 280 53.69 -10.07 65.78
CA THR G 280 55.06 -10.53 65.95
C THR G 280 55.65 -10.04 67.27
N TYR G 281 55.39 -8.78 67.65
CA TYR G 281 55.84 -8.26 68.93
C TYR G 281 55.36 -9.07 70.14
N ASN G 282 54.03 -9.25 70.28
CA ASN G 282 53.52 -10.05 71.41
C ASN G 282 54.15 -11.43 71.37
N SER G 283 54.20 -12.06 70.18
CA SER G 283 54.78 -13.38 70.07
C SER G 283 56.17 -13.39 70.66
N ILE G 284 56.97 -12.37 70.36
CA ILE G 284 58.33 -12.31 70.85
C ILE G 284 58.33 -12.24 72.38
N MET G 285 57.60 -11.28 72.96
CA MET G 285 57.66 -11.16 74.43
C MET G 285 57.09 -12.35 75.20
N LYS G 286 56.18 -13.13 74.62
CA LYS G 286 55.62 -14.28 75.33
C LYS G 286 56.73 -15.20 75.82
N CYS G 287 57.80 -15.33 75.06
CA CYS G 287 58.91 -16.23 75.37
C CYS G 287 59.92 -15.47 76.23
N ASP G 288 60.89 -16.19 76.79
CA ASP G 288 61.89 -15.57 77.66
C ASP G 288 62.49 -14.31 77.04
N ILE G 289 62.79 -13.36 77.92
CA ILE G 289 63.30 -12.05 77.52
C ILE G 289 64.56 -12.16 76.69
N ASP G 290 65.53 -12.96 77.15
CA ASP G 290 66.91 -12.84 76.66
C ASP G 290 67.01 -13.04 75.15
N ILE G 291 66.43 -14.13 74.63
CA ILE G 291 66.59 -14.44 73.22
C ILE G 291 65.80 -13.49 72.33
N ARG G 292 64.98 -12.63 72.92
CA ARG G 292 64.10 -11.78 72.13
C ARG G 292 64.91 -10.94 71.14
N LYS G 293 66.07 -10.45 71.57
CA LYS G 293 66.92 -9.67 70.68
C LYS G 293 67.27 -10.47 69.42
N ASP G 294 67.64 -11.74 69.59
CA ASP G 294 67.94 -12.59 68.44
C ASP G 294 66.72 -12.72 67.55
N LEU G 295 65.54 -12.87 68.15
CA LEU G 295 64.33 -12.93 67.35
C LEU G 295 64.17 -11.65 66.54
N TYR G 296 64.46 -10.51 67.17
CA TYR G 296 64.42 -9.23 66.45
C TYR G 296 65.35 -9.25 65.27
N ALA G 297 66.55 -9.82 65.44
CA ALA G 297 67.56 -9.77 64.40
C ALA G 297 67.46 -10.92 63.41
N ASN G 298 66.60 -11.90 63.66
CA ASN G 298 66.54 -13.10 62.82
C ASN G 298 65.15 -13.34 62.23
N ASN G 299 64.32 -12.31 62.16
CA ASN G 299 62.98 -12.50 61.62
C ASN G 299 63.02 -12.85 60.14
N VAL G 300 62.20 -13.83 59.75
CA VAL G 300 62.09 -14.24 58.36
C VAL G 300 60.64 -14.09 57.94
N MET G 301 60.44 -13.76 56.67
CA MET G 301 59.10 -13.68 56.09
C MET G 301 59.03 -14.60 54.88
N SER G 302 57.90 -15.29 54.73
CA SER G 302 57.73 -16.26 53.66
C SER G 302 56.30 -16.21 53.13
N GLY G 303 56.16 -16.51 51.85
CA GLY G 303 54.86 -16.57 51.18
C GLY G 303 54.90 -15.89 49.82
N GLY G 304 53.89 -16.18 49.00
CA GLY G 304 53.82 -15.57 47.69
C GLY G 304 53.63 -14.06 47.74
N THR G 305 52.92 -13.59 48.76
CA THR G 305 52.69 -12.16 48.91
C THR G 305 54.01 -11.41 49.01
N THR G 306 55.00 -12.04 49.63
CA THR G 306 56.29 -11.39 49.86
C THR G 306 56.91 -10.85 48.58
N MET G 307 56.43 -11.26 47.40
CA MET G 307 56.93 -10.62 46.18
C MET G 307 56.62 -9.12 46.14
N TYR G 308 55.75 -8.61 47.01
CA TYR G 308 55.42 -7.20 46.94
C TYR G 308 56.54 -6.39 47.59
N PRO G 309 56.74 -5.15 47.20
CA PRO G 309 57.69 -4.28 47.90
C PRO G 309 57.06 -3.71 49.17
N GLY G 310 57.93 -3.17 50.04
CA GLY G 310 57.48 -2.42 51.18
C GLY G 310 57.32 -3.17 52.49
N ILE G 311 57.21 -4.50 52.47
CA ILE G 311 57.06 -5.19 53.74
C ILE G 311 58.31 -5.07 54.61
N ALA G 312 59.51 -5.16 54.00
CA ALA G 312 60.74 -5.11 54.79
C ALA G 312 60.94 -3.78 55.53
N ASP G 313 60.84 -2.65 54.81
CA ASP G 313 61.09 -1.37 55.46
C ASP G 313 60.06 -1.11 56.56
N ARG G 314 58.78 -1.38 56.25
CA ARG G 314 57.73 -1.16 57.24
C ARG G 314 57.99 -2.03 58.46
N MET G 315 58.32 -3.30 58.21
CA MET G 315 58.57 -4.26 59.28
C MET G 315 59.61 -3.71 60.23
N GLN G 316 60.81 -3.45 59.71
CA GLN G 316 61.90 -3.02 60.58
C GLN G 316 61.56 -1.72 61.29
N LYS G 317 61.07 -0.71 60.56
CA LYS G 317 60.80 0.56 61.23
C LYS G 317 59.83 0.40 62.40
N GLU G 318 58.70 -0.27 62.17
CA GLU G 318 57.73 -0.41 63.28
C GLU G 318 58.28 -1.24 64.43
N ILE G 319 59.02 -2.33 64.16
CA ILE G 319 59.58 -3.10 65.27
C ILE G 319 60.58 -2.25 66.06
N THR G 320 61.41 -1.47 65.35
CA THR G 320 62.33 -0.57 66.05
C THR G 320 61.58 0.49 66.85
N ALA G 321 60.43 0.95 66.34
CA ALA G 321 59.61 1.87 67.12
C ALA G 321 59.09 1.22 68.39
N LEU G 322 58.65 -0.04 68.29
CA LEU G 322 58.08 -0.74 69.43
C LEU G 322 59.15 -1.24 70.41
N ALA G 323 60.24 -1.80 69.90
CA ALA G 323 61.33 -2.39 70.65
C ALA G 323 62.49 -1.40 70.77
N PRO G 324 63.32 -1.50 71.80
CA PRO G 324 64.47 -0.60 71.91
C PRO G 324 65.39 -0.72 70.70
N SER G 325 65.95 0.42 70.30
CA SER G 325 66.76 0.54 69.09
C SER G 325 68.25 0.36 69.33
N THR G 326 68.65 -0.46 70.31
CA THR G 326 70.09 -0.66 70.51
C THR G 326 70.62 -1.61 69.44
N MET G 327 70.11 -2.85 69.41
CA MET G 327 70.57 -3.82 68.44
C MET G 327 69.95 -3.53 67.10
N LYS G 328 70.67 -3.81 66.03
CA LYS G 328 70.17 -3.58 64.67
C LYS G 328 69.30 -4.75 64.22
N ILE G 329 68.10 -4.43 63.74
CA ILE G 329 67.16 -5.42 63.20
C ILE G 329 67.26 -5.44 61.68
N LYS G 330 67.39 -6.67 61.14
CA LYS G 330 67.51 -6.85 59.70
C LYS G 330 66.66 -8.06 59.29
N ILE G 331 65.90 -7.93 58.21
CA ILE G 331 65.07 -8.99 57.67
C ILE G 331 65.84 -9.70 56.56
N ILE G 332 65.59 -10.99 56.38
CA ILE G 332 66.18 -11.77 55.30
C ILE G 332 65.04 -12.40 54.52
N ALA G 333 65.11 -12.32 53.19
CA ALA G 333 64.09 -12.87 52.32
C ALA G 333 64.65 -13.18 50.94
N PRO G 334 64.98 -14.44 50.66
CA PRO G 334 65.55 -14.79 49.34
C PRO G 334 64.54 -14.60 48.24
N PRO G 335 64.97 -14.17 47.05
CA PRO G 335 64.04 -14.05 45.93
C PRO G 335 63.38 -15.37 45.58
N GLU G 336 62.12 -15.28 45.14
CA GLU G 336 61.30 -16.43 44.78
C GLU G 336 61.22 -17.42 45.94
N ARG G 337 60.79 -16.91 47.09
CA ARG G 337 60.71 -17.71 48.30
C ARG G 337 59.41 -18.50 48.41
N LYS G 338 58.44 -18.26 47.52
CA LYS G 338 57.23 -19.06 47.54
C LYS G 338 57.49 -20.50 47.13
N TYR G 339 58.55 -20.74 46.35
CA TYR G 339 59.01 -22.09 46.07
C TYR G 339 59.88 -22.67 47.19
N SER G 340 60.33 -21.81 48.11
CA SER G 340 61.32 -22.19 49.09
C SER G 340 60.87 -23.39 49.92
N VAL G 341 59.60 -23.40 50.33
CA VAL G 341 59.07 -24.53 51.10
C VAL G 341 59.31 -25.84 50.36
N TRP G 342 58.95 -25.86 49.07
CA TRP G 342 59.16 -27.07 48.28
C TRP G 342 60.63 -27.43 48.22
N ILE G 343 61.50 -26.41 48.10
CA ILE G 343 62.94 -26.65 48.13
C ILE G 343 63.31 -27.37 49.42
N GLY G 344 62.79 -26.89 50.56
CA GLY G 344 63.06 -27.56 51.82
C GLY G 344 62.59 -28.99 51.82
N GLY G 345 61.48 -29.27 51.13
CA GLY G 345 61.04 -30.65 51.02
C GLY G 345 62.08 -31.51 50.33
N SER G 346 62.63 -30.99 49.23
CA SER G 346 63.72 -31.68 48.57
C SER G 346 64.89 -31.87 49.53
N ILE G 347 65.16 -30.85 50.34
CA ILE G 347 66.24 -30.94 51.32
C ILE G 347 65.98 -32.10 52.27
N LEU G 348 64.71 -32.27 52.68
CA LEU G 348 64.38 -33.37 53.56
C LEU G 348 64.69 -34.70 52.91
N ALA G 349 64.40 -34.83 51.62
CA ALA G 349 64.70 -36.09 50.95
C ALA G 349 66.18 -36.23 50.63
N SER G 350 66.97 -35.15 50.77
CA SER G 350 68.38 -35.21 50.41
C SER G 350 69.14 -36.19 51.30
N LEU G 351 68.90 -36.15 52.61
CA LEU G 351 69.67 -36.92 53.57
C LEU G 351 69.11 -38.33 53.74
N SER G 352 69.99 -39.24 54.15
CA SER G 352 69.67 -40.66 54.23
C SER G 352 68.99 -41.06 55.53
N THR G 353 68.82 -40.14 56.48
CA THR G 353 68.07 -40.44 57.69
C THR G 353 66.57 -40.29 57.49
N PHE G 354 66.14 -39.60 56.43
CA PHE G 354 64.73 -39.32 56.22
C PHE G 354 63.91 -40.60 56.04
N GLN G 355 64.49 -41.64 55.46
CA GLN G 355 63.74 -42.88 55.29
C GLN G 355 63.67 -43.72 56.57
N GLN G 356 64.25 -43.25 57.68
CA GLN G 356 64.01 -43.93 58.95
C GLN G 356 62.59 -43.72 59.47
N MET G 357 61.95 -42.59 59.13
CA MET G 357 60.61 -42.31 59.65
C MET G 357 59.58 -42.05 58.54
N TRP G 358 59.74 -42.70 57.38
CA TRP G 358 58.63 -42.79 56.44
C TRP G 358 57.44 -43.50 57.07
N ILE G 359 56.24 -42.96 56.84
CA ILE G 359 55.01 -43.55 57.34
C ILE G 359 54.57 -44.61 56.34
N THR G 360 54.92 -45.86 56.59
CA THR G 360 54.66 -46.93 55.63
C THR G 360 53.20 -47.36 55.69
N LYS G 361 52.81 -48.15 54.68
CA LYS G 361 51.43 -48.64 54.59
C LYS G 361 51.07 -49.54 55.76
N GLN G 362 51.97 -50.45 56.15
CA GLN G 362 51.63 -51.43 57.18
C GLN G 362 51.42 -50.78 58.54
N GLU G 363 52.13 -49.70 58.86
CA GLU G 363 51.88 -49.02 60.13
C GLU G 363 50.47 -48.46 60.18
N TYR G 364 50.03 -47.83 59.09
CA TYR G 364 48.66 -47.33 59.01
C TYR G 364 47.65 -48.46 59.04
N ASP G 365 47.95 -49.58 58.39
CA ASP G 365 47.05 -50.73 58.44
C ASP G 365 46.93 -51.30 59.85
N GLU G 366 48.02 -51.26 60.62
CA GLU G 366 47.97 -51.75 61.99
C GLU G 366 47.18 -50.82 62.89
N ALA G 367 47.62 -49.56 63.00
CA ALA G 367 47.08 -48.65 64.00
C ALA G 367 46.07 -47.67 63.44
N GLY G 368 45.62 -47.84 62.19
CA GLY G 368 44.70 -46.91 61.59
C GLY G 368 45.35 -45.57 61.34
N PRO G 369 44.53 -44.52 61.17
CA PRO G 369 45.11 -43.16 61.10
C PRO G 369 45.76 -42.73 62.39
N SER G 370 45.32 -43.28 63.52
CA SER G 370 45.78 -42.83 64.83
C SER G 370 47.29 -42.91 64.97
N ILE G 371 47.93 -43.78 64.19
CA ILE G 371 49.38 -43.95 64.28
C ILE G 371 50.10 -42.64 64.01
N VAL G 372 49.53 -41.76 63.17
CA VAL G 372 50.24 -40.52 62.87
C VAL G 372 50.38 -39.69 64.14
N HIS G 373 49.44 -39.83 65.07
CA HIS G 373 49.50 -39.09 66.33
C HIS G 373 50.79 -39.40 67.08
N ARG G 374 51.36 -40.57 66.84
CA ARG G 374 52.59 -40.99 67.47
C ARG G 374 53.76 -41.03 66.49
N LYS G 375 53.51 -40.92 65.19
CA LYS G 375 54.57 -41.10 64.22
C LYS G 375 55.14 -39.80 63.68
N CYS G 376 54.33 -38.73 63.64
CA CYS G 376 54.86 -37.43 63.26
C CYS G 376 55.28 -36.62 64.49
N PHE G 377 54.36 -36.43 65.42
CA PHE G 377 54.71 -35.82 66.70
C PHE G 377 54.64 -36.84 67.82
N ASP H 3 4.64 28.52 50.63
CA ASP H 3 5.79 28.42 51.50
C ASP H 3 5.43 28.81 52.94
N GLU H 4 5.89 28.01 53.89
CA GLU H 4 5.66 28.31 55.30
C GLU H 4 6.42 29.57 55.71
N ASP H 5 5.82 30.32 56.64
CA ASP H 5 6.45 31.54 57.13
C ASP H 5 7.80 31.27 57.79
N GLU H 6 7.97 30.07 58.33
CA GLU H 6 9.21 29.71 59.01
C GLU H 6 10.22 29.22 57.98
N THR H 7 11.50 29.34 58.32
CA THR H 7 12.60 29.00 57.42
C THR H 7 12.99 27.52 57.52
N THR H 8 12.03 26.65 57.82
CA THR H 8 12.27 25.22 57.98
C THR H 8 12.96 24.63 56.76
N ALA H 9 13.64 23.49 56.94
CA ALA H 9 14.50 22.93 55.92
C ALA H 9 13.70 22.13 54.90
N LEU H 10 14.32 21.91 53.74
CA LEU H 10 13.80 21.03 52.71
C LEU H 10 14.25 19.60 52.99
N VAL H 11 13.34 18.65 52.76
CA VAL H 11 13.65 17.23 52.93
C VAL H 11 13.36 16.54 51.61
N CYS H 12 14.40 16.01 50.97
CA CYS H 12 14.29 15.42 49.64
C CYS H 12 15.00 14.08 49.61
N ASP H 13 14.25 13.03 49.31
CA ASP H 13 14.80 11.68 49.11
C ASP H 13 14.90 11.43 47.61
N ASN H 14 16.12 11.47 47.08
CA ASN H 14 16.36 11.10 45.69
C ASN H 14 16.65 9.60 45.60
N GLY H 15 15.64 8.82 45.95
CA GLY H 15 15.79 7.38 45.91
C GLY H 15 16.00 6.87 44.49
N SER H 16 16.72 5.76 44.39
CA SER H 16 17.04 5.17 43.10
C SER H 16 15.78 4.54 42.53
N GLY H 17 14.96 5.38 41.89
CA GLY H 17 13.70 4.96 41.33
C GLY H 17 12.55 5.91 41.59
N LEU H 18 12.65 6.71 42.65
CA LEU H 18 11.60 7.65 43.00
C LEU H 18 12.23 8.86 43.69
N VAL H 19 11.70 10.05 43.39
CA VAL H 19 12.11 11.28 44.04
C VAL H 19 10.94 11.79 44.86
N LYS H 20 11.15 11.97 46.16
CA LYS H 20 10.11 12.36 47.10
C LYS H 20 10.59 13.58 47.88
N ALA H 21 9.96 14.74 47.66
CA ALA H 21 10.45 15.99 48.20
C ALA H 21 9.34 16.70 48.96
N GLY H 22 9.75 17.48 49.96
CA GLY H 22 8.79 18.24 50.74
C GLY H 22 9.49 19.08 51.78
N PHE H 23 8.72 19.54 52.76
CA PHE H 23 9.22 20.42 53.80
C PHE H 23 9.49 19.64 55.09
N ALA H 24 10.43 20.14 55.88
CA ALA H 24 10.70 19.57 57.18
C ALA H 24 9.53 19.82 58.14
N GLY H 25 9.31 18.87 59.04
CA GLY H 25 8.16 18.89 59.91
C GLY H 25 6.90 18.30 59.33
N ASP H 26 6.91 17.94 58.05
CA ASP H 26 5.78 17.29 57.40
C ASP H 26 5.88 15.77 57.58
N ASP H 27 4.72 15.11 57.54
CA ASP H 27 4.69 13.68 57.76
C ASP H 27 4.99 12.89 56.48
N ALA H 28 4.59 13.40 55.32
CA ALA H 28 4.82 12.72 54.06
C ALA H 28 5.35 13.71 53.03
N PRO H 29 6.19 13.26 52.11
CA PRO H 29 6.68 14.17 51.05
C PRO H 29 5.53 14.65 50.19
N ARG H 30 5.64 15.91 49.75
CA ARG H 30 4.55 16.51 48.99
C ARG H 30 4.63 16.16 47.50
N ALA H 31 5.81 16.25 46.90
CA ALA H 31 5.99 15.99 45.48
C ALA H 31 6.74 14.68 45.33
N VAL H 32 6.04 13.65 44.85
CA VAL H 32 6.62 12.32 44.67
C VAL H 32 6.44 11.92 43.21
N PHE H 33 7.55 11.65 42.53
CA PHE H 33 7.47 11.26 41.13
C PHE H 33 8.53 10.21 40.80
N PRO H 34 8.25 9.33 39.84
CA PRO H 34 9.28 8.38 39.38
C PRO H 34 10.41 9.10 38.65
N SER H 35 11.56 8.42 38.59
CA SER H 35 12.79 9.01 38.08
C SER H 35 12.96 8.83 36.57
N ILE H 36 11.88 8.69 35.83
CA ILE H 36 11.95 8.58 34.37
C ILE H 36 11.97 9.99 33.80
N VAL H 37 12.64 10.17 32.67
CA VAL H 37 12.73 11.48 32.01
C VAL H 37 12.46 11.29 30.51
N GLY H 38 11.51 12.04 29.98
CA GLY H 38 11.13 11.91 28.58
C GLY H 38 11.66 13.06 27.72
N ARG H 39 12.09 12.70 26.51
CA ARG H 39 12.61 13.65 25.54
C ARG H 39 11.84 13.53 24.23
N PRO H 40 11.73 14.60 23.46
CA PRO H 40 11.04 14.51 22.16
C PRO H 40 11.68 13.48 21.24
N ARG H 41 10.87 12.51 20.81
CA ARG H 41 11.35 11.46 19.92
C ARG H 41 11.71 11.98 18.54
N HIS H 42 11.15 13.11 18.11
CA HIS H 42 11.44 13.67 16.79
C HIS H 42 11.69 15.17 16.90
N GLN H 43 11.87 15.80 15.76
CA GLN H 43 12.21 17.21 15.67
C GLN H 43 10.97 18.09 15.48
N GLY H 44 11.19 19.40 15.57
CA GLY H 44 10.14 20.41 15.51
C GLY H 44 9.83 21.05 14.17
N VAL H 45 8.57 20.95 13.76
CA VAL H 45 8.10 21.55 12.50
C VAL H 45 6.76 22.24 12.77
N MET H 46 6.00 21.70 13.71
CA MET H 46 4.72 22.23 14.16
C MET H 46 4.93 23.45 15.07
N VAL H 47 3.85 24.16 15.36
CA VAL H 47 3.87 25.36 16.18
C VAL H 47 2.52 25.48 16.86
N GLY H 48 2.42 26.39 17.84
CA GLY H 48 1.19 26.65 18.55
C GLY H 48 1.08 26.03 19.93
N MET H 49 1.91 25.04 20.24
CA MET H 49 1.83 24.36 21.53
C MET H 49 3.03 23.43 21.68
N GLY H 50 3.23 22.94 22.89
CA GLY H 50 4.32 22.01 23.15
C GLY H 50 5.69 22.53 22.75
N GLN H 51 6.42 21.71 22.00
CA GLN H 51 7.77 22.01 21.52
C GLN H 51 8.70 22.34 22.68
N LYS H 52 8.66 21.51 23.71
CA LYS H 52 9.51 21.68 24.88
C LYS H 52 10.38 20.42 25.00
N ASP H 53 11.66 20.62 25.27
CA ASP H 53 12.61 19.53 25.40
C ASP H 53 12.31 18.62 26.59
N SER H 54 12.78 18.99 27.77
CA SER H 54 12.63 18.13 28.93
C SER H 54 11.17 18.00 29.37
N TYR H 55 10.76 16.76 29.63
CA TYR H 55 9.45 16.46 30.21
C TYR H 55 9.70 15.55 31.40
N VAL H 56 9.22 15.97 32.58
CA VAL H 56 9.44 15.24 33.82
C VAL H 56 8.12 15.07 34.55
N GLY H 57 8.08 14.08 35.44
CA GLY H 57 6.94 13.86 36.30
C GLY H 57 5.73 13.32 35.57
N ASP H 58 4.55 13.63 36.10
CA ASP H 58 3.31 13.14 35.51
C ASP H 58 3.13 13.62 34.09
N GLU H 59 3.70 14.76 33.73
CA GLU H 59 3.66 15.21 32.34
C GLU H 59 4.27 14.16 31.42
N ALA H 60 5.46 13.68 31.77
CA ALA H 60 6.08 12.64 30.96
C ALA H 60 5.31 11.33 31.06
N GLN H 61 4.70 11.05 32.22
CA GLN H 61 3.89 9.85 32.34
C GLN H 61 2.73 9.87 31.35
N SER H 62 2.08 11.03 31.21
CA SER H 62 1.03 11.17 30.21
C SER H 62 1.59 11.18 28.80
N LYS H 63 2.82 11.66 28.62
CA LYS H 63 3.41 11.78 27.29
C LYS H 63 4.45 10.69 27.03
N ARG H 64 4.24 9.52 27.61
CA ARG H 64 5.22 8.44 27.51
C ARG H 64 5.40 7.99 26.06
N GLY H 65 4.30 7.91 25.32
CA GLY H 65 4.35 7.38 23.97
C GLY H 65 5.14 8.25 23.01
N ILE H 66 5.11 9.56 23.21
CA ILE H 66 5.75 10.47 22.26
C ILE H 66 7.21 10.72 22.59
N LEU H 67 7.67 10.32 23.76
CA LEU H 67 9.00 10.67 24.24
C LEU H 67 9.86 9.42 24.29
N THR H 68 11.14 9.58 23.95
CA THR H 68 12.13 8.59 24.33
C THR H 68 12.33 8.68 25.83
N LEU H 69 12.08 7.58 26.53
CA LEU H 69 12.12 7.56 27.98
C LEU H 69 13.50 7.11 28.41
N LYS H 70 14.22 7.97 29.12
CA LYS H 70 15.60 7.74 29.51
C LYS H 70 15.73 7.89 31.01
N TYR H 71 16.75 7.24 31.57
CA TYR H 71 16.95 7.22 33.01
C TYR H 71 18.21 8.03 33.33
N PRO H 72 18.09 9.21 33.94
CA PRO H 72 19.30 9.97 34.30
C PRO H 72 20.19 9.26 35.29
N ILE H 73 19.66 8.29 36.06
CA ILE H 73 20.45 7.49 36.98
C ILE H 73 20.06 6.03 36.82
N GLU H 74 21.06 5.15 36.83
CA GLU H 74 20.79 3.72 36.80
C GLU H 74 21.84 3.04 37.67
N GLY H 76 22.87 3.92 40.41
CA GLY H 76 23.71 4.94 41.01
C GLY H 76 24.52 5.76 40.02
N ILE H 77 24.82 5.19 38.85
CA ILE H 77 25.64 5.88 37.87
C ILE H 77 24.88 7.08 37.31
N ILE H 78 25.59 8.20 37.16
CA ILE H 78 25.01 9.46 36.72
C ILE H 78 25.33 9.69 35.25
N THR H 79 24.29 9.93 34.45
CA THR H 79 24.47 10.20 33.01
C THR H 79 24.76 11.68 32.75
N ASN H 80 23.79 12.54 33.04
CA ASN H 80 23.87 13.96 32.69
C ASN H 80 23.35 14.80 33.85
N TRP H 81 24.24 15.61 34.43
CA TRP H 81 23.85 16.48 35.54
C TRP H 81 22.80 17.51 35.12
N ASP H 82 22.77 17.91 33.85
CA ASP H 82 21.74 18.82 33.39
C ASP H 82 20.35 18.26 33.64
N ASP H 83 20.19 16.94 33.50
CA ASP H 83 18.89 16.32 33.74
C ASP H 83 18.45 16.49 35.19
N MET H 84 19.37 16.25 36.13
CA MET H 84 19.08 16.52 37.54
C MET H 84 18.81 17.99 37.78
N GLU H 85 19.55 18.88 37.13
CA GLU H 85 19.30 20.31 37.25
C GLU H 85 17.86 20.64 36.90
N LYS H 86 17.42 20.17 35.73
CA LYS H 86 16.05 20.46 35.29
C LYS H 86 15.01 19.82 36.21
N ILE H 87 15.22 18.56 36.62
CA ILE H 87 14.18 17.92 37.42
C ILE H 87 14.10 18.55 38.80
N TRP H 88 15.24 18.98 39.36
CA TRP H 88 15.22 19.68 40.63
C TRP H 88 14.56 21.06 40.51
N HIS H 89 14.83 21.77 39.40
CA HIS H 89 14.10 23.01 39.13
C HIS H 89 12.60 22.76 39.13
N HIS H 90 12.16 21.73 38.40
CA HIS H 90 10.74 21.39 38.32
C HIS H 90 10.18 21.08 39.70
N THR H 91 10.90 20.25 40.47
CA THR H 91 10.42 19.85 41.78
C THR H 91 10.30 21.05 42.71
N PHE H 92 11.32 21.91 42.74
CA PHE H 92 11.34 23.02 43.68
C PHE H 92 10.30 24.08 43.32
N TYR H 93 10.13 24.39 42.04
CA TYR H 93 9.31 25.54 41.66
C TYR H 93 7.95 25.17 41.11
N ASN H 94 7.86 24.16 40.25
CA ASN H 94 6.59 23.76 39.65
C ASN H 94 5.81 22.78 40.52
N GLU H 95 6.50 22.02 41.37
CA GLU H 95 5.87 20.99 42.19
C GLU H 95 5.85 21.33 43.67
N LEU H 96 6.98 21.78 44.23
CA LEU H 96 7.01 22.18 45.63
C LEU H 96 6.67 23.65 45.85
N ARG H 97 6.72 24.45 44.78
CA ARG H 97 6.45 25.89 44.86
C ARG H 97 7.30 26.55 45.94
N VAL H 98 8.57 26.17 46.00
CA VAL H 98 9.50 26.66 47.01
C VAL H 98 10.79 27.12 46.36
N ALA H 99 11.41 28.13 46.97
CA ALA H 99 12.70 28.62 46.54
C ALA H 99 13.77 28.08 47.46
N PRO H 100 14.83 27.45 46.94
CA PRO H 100 15.86 26.88 47.82
C PRO H 100 16.76 27.91 48.48
N GLU H 101 16.57 29.20 48.20
CA GLU H 101 17.42 30.23 48.81
C GLU H 101 17.26 30.26 50.33
N GLU H 102 16.04 30.11 50.82
CA GLU H 102 15.72 30.33 52.23
C GLU H 102 15.56 29.03 53.02
N HIS H 103 15.82 27.87 52.43
CA HIS H 103 15.66 26.62 53.15
C HIS H 103 16.84 25.67 52.90
N PRO H 104 17.56 25.30 53.95
CA PRO H 104 18.59 24.26 53.82
C PRO H 104 17.97 22.93 53.41
N THR H 105 18.77 22.11 52.72
CA THR H 105 18.30 20.86 52.15
C THR H 105 18.96 19.66 52.82
N LEU H 106 18.13 18.71 53.24
CA LEU H 106 18.58 17.39 53.67
C LEU H 106 18.27 16.39 52.57
N LEU H 107 19.30 15.76 52.04
CA LEU H 107 19.18 14.80 50.96
C LEU H 107 19.62 13.42 51.41
N THR H 108 19.06 12.40 50.76
CA THR H 108 19.43 11.02 50.99
C THR H 108 20.03 10.45 49.70
N GLU H 109 21.10 9.68 49.84
CA GLU H 109 21.80 9.14 48.69
C GLU H 109 21.83 7.62 48.76
N ALA H 110 21.95 6.99 47.60
CA ALA H 110 22.03 5.54 47.53
C ALA H 110 23.26 5.04 48.28
N PRO H 111 23.16 3.88 48.94
CA PRO H 111 24.30 3.37 49.73
C PRO H 111 25.54 3.20 48.87
N LEU H 112 26.69 3.57 49.45
CA LEU H 112 27.99 3.39 48.81
C LEU H 112 28.08 4.11 47.47
N ASN H 113 27.49 5.30 47.40
CA ASN H 113 27.55 6.08 46.18
C ASN H 113 28.97 6.62 46.00
N PRO H 114 29.40 6.86 44.76
CA PRO H 114 30.78 7.29 44.54
C PRO H 114 31.09 8.59 45.27
N LYS H 115 32.32 8.66 45.80
CA LYS H 115 32.77 9.87 46.46
C LYS H 115 33.00 10.98 45.43
N ALA H 116 33.50 10.61 44.25
CA ALA H 116 33.63 11.57 43.15
C ALA H 116 32.26 12.06 42.71
N ASN H 117 31.27 11.16 42.68
CA ASN H 117 29.90 11.55 42.39
C ASN H 117 29.40 12.56 43.40
N ARG H 118 29.68 12.33 44.69
CA ARG H 118 29.27 13.27 45.71
C ARG H 118 29.93 14.63 45.53
N GLU H 119 31.25 14.63 45.27
CA GLU H 119 31.98 15.88 45.10
C GLU H 119 31.48 16.69 43.89
N LYS H 120 31.23 16.03 42.75
CA LYS H 120 30.73 16.73 41.57
C LYS H 120 29.30 17.21 41.76
N MET H 121 28.42 16.34 42.29
CA MET H 121 27.03 16.75 42.48
C MET H 121 26.93 17.90 43.47
N THR H 122 27.72 17.86 44.55
CA THR H 122 27.69 18.96 45.51
C THR H 122 28.20 20.25 44.90
N GLN H 123 29.24 20.16 44.07
CA GLN H 123 29.81 21.37 43.48
C GLN H 123 28.85 22.01 42.49
N ILE H 124 28.29 21.21 41.56
CA ILE H 124 27.32 21.74 40.61
C ILE H 124 26.11 22.28 41.35
N MET H 125 25.65 21.58 42.38
CA MET H 125 24.54 22.05 43.21
C MET H 125 24.83 23.43 43.78
N PHE H 126 25.94 23.56 44.51
CA PHE H 126 26.26 24.83 45.17
C PHE H 126 26.43 25.97 44.16
N GLU H 127 27.05 25.70 43.01
CA GLU H 127 27.19 26.77 42.02
C GLU H 127 25.84 27.11 41.39
N THR H 128 25.10 26.10 40.92
CA THR H 128 23.84 26.36 40.23
C THR H 128 22.79 26.92 41.17
N PHE H 129 22.62 26.31 42.34
CA PHE H 129 21.58 26.70 43.27
C PHE H 129 22.15 27.61 44.35
N ASN H 130 21.25 28.14 45.19
CA ASN H 130 21.62 29.05 46.27
C ASN H 130 21.11 28.53 47.61
N VAL H 131 21.17 27.22 47.80
CA VAL H 131 20.74 26.64 49.08
C VAL H 131 21.61 27.18 50.21
N PRO H 132 21.04 27.57 51.35
CA PRO H 132 21.89 28.12 52.42
C PRO H 132 22.78 27.07 53.05
N ALA H 133 22.26 25.87 53.26
CA ALA H 133 23.00 24.85 53.99
C ALA H 133 22.61 23.47 53.47
N MET H 134 23.43 22.49 53.81
CA MET H 134 23.38 21.17 53.20
C MET H 134 23.60 20.07 54.21
N TYR H 135 22.98 18.92 53.95
CA TYR H 135 23.34 17.68 54.62
C TYR H 135 22.86 16.54 53.74
N VAL H 136 23.71 15.54 53.56
CA VAL H 136 23.36 14.35 52.79
C VAL H 136 23.70 13.11 53.62
N ALA H 137 22.79 12.13 53.60
CA ALA H 137 22.93 10.95 54.43
C ALA H 137 22.58 9.70 53.63
N ILE H 138 23.08 8.56 54.10
CA ILE H 138 22.76 7.27 53.49
C ILE H 138 21.33 6.87 53.83
N GLN H 139 20.63 6.28 52.85
CA GLN H 139 19.24 5.90 53.08
C GLN H 139 19.10 4.78 54.10
N ALA H 140 20.18 4.07 54.41
CA ALA H 140 20.12 2.97 55.37
C ALA H 140 19.76 3.47 56.75
N VAL H 141 20.49 4.47 57.25
CA VAL H 141 20.20 5.01 58.57
C VAL H 141 18.85 5.71 58.57
N LEU H 142 18.42 6.25 57.43
CA LEU H 142 17.09 6.84 57.33
C LEU H 142 16.00 5.79 57.54
N SER H 143 16.13 4.64 56.89
CA SER H 143 15.16 3.57 57.11
C SER H 143 15.24 3.06 58.54
N LEU H 144 16.44 3.02 59.10
CA LEU H 144 16.61 2.69 60.52
C LEU H 144 15.82 3.66 61.39
N TYR H 145 15.93 4.96 61.09
CA TYR H 145 15.23 5.96 61.88
C TYR H 145 13.72 5.79 61.75
N ALA H 146 13.26 5.47 60.54
CA ALA H 146 11.85 5.18 60.34
C ALA H 146 11.39 4.00 61.18
N SER H 147 12.23 2.95 61.27
CA SER H 147 11.91 1.86 62.18
C SER H 147 12.11 2.25 63.64
N GLY H 148 13.01 3.19 63.90
CA GLY H 148 13.24 3.65 65.27
C GLY H 148 13.84 2.59 66.17
N ARG H 149 14.72 1.75 65.65
CA ARG H 149 15.41 0.74 66.44
C ARG H 149 16.84 0.64 65.94
N THR H 150 17.79 0.91 66.84
CA THR H 150 19.20 1.02 66.50
C THR H 150 19.85 -0.29 66.07
N THR H 151 19.19 -1.43 66.25
CA THR H 151 19.76 -2.73 65.91
C THR H 151 18.99 -3.35 64.75
N GLY H 152 19.70 -3.87 63.76
CA GLY H 152 19.07 -4.54 62.66
C GLY H 152 19.91 -4.47 61.40
N ILE H 153 19.54 -5.30 60.43
CA ILE H 153 20.16 -5.30 59.11
C ILE H 153 19.12 -4.81 58.11
N VAL H 154 19.46 -3.77 57.36
CA VAL H 154 18.57 -3.11 56.43
C VAL H 154 18.78 -3.70 55.04
N LEU H 155 17.69 -4.16 54.44
CA LEU H 155 17.66 -4.58 53.04
C LEU H 155 16.97 -3.47 52.25
N ASP H 156 17.76 -2.63 51.60
CA ASP H 156 17.26 -1.54 50.78
C ASP H 156 17.12 -2.03 49.34
N SER H 157 15.88 -2.24 48.90
CA SER H 157 15.60 -2.72 47.55
C SER H 157 15.11 -1.56 46.69
N GLY H 158 16.05 -0.81 46.12
CA GLY H 158 15.73 0.24 45.18
C GLY H 158 15.41 -0.31 43.81
N ASP H 159 15.37 0.60 42.83
CA ASP H 159 15.11 0.23 41.45
C ASP H 159 16.38 -0.01 40.65
N GLY H 160 17.55 0.25 41.21
CA GLY H 160 18.79 -0.02 40.51
C GLY H 160 19.71 -0.99 41.23
N VAL H 161 19.68 -0.96 42.56
CA VAL H 161 20.55 -1.81 43.39
C VAL H 161 19.76 -2.29 44.59
N THR H 162 20.13 -3.47 45.10
CA THR H 162 19.67 -3.93 46.40
C THR H 162 20.86 -4.01 47.34
N HIS H 163 20.77 -3.33 48.47
CA HIS H 163 21.87 -3.19 49.42
C HIS H 163 21.51 -3.91 50.71
N ASN H 164 22.47 -4.67 51.25
CA ASN H 164 22.33 -5.23 52.59
C ASN H 164 23.38 -4.58 53.48
N VAL H 165 22.90 -3.95 54.55
CA VAL H 165 23.73 -3.15 55.44
C VAL H 165 23.41 -3.52 56.89
N PRO H 166 24.36 -4.06 57.67
CA PRO H 166 24.07 -4.31 59.08
C PRO H 166 24.46 -3.12 59.94
N ILE H 167 23.60 -2.81 60.91
CA ILE H 167 23.86 -1.73 61.85
C ILE H 167 23.45 -2.23 63.23
N TYR H 168 24.40 -2.28 64.16
CA TYR H 168 24.15 -2.74 65.51
C TYR H 168 24.25 -1.57 66.46
N GLU H 169 23.19 -1.38 67.26
CA GLU H 169 23.10 -0.31 68.24
C GLU H 169 23.46 1.04 67.60
N GLY H 170 22.87 1.30 66.44
CA GLY H 170 23.07 2.55 65.73
C GLY H 170 24.51 2.80 65.33
N TYR H 171 25.22 1.79 64.85
CA TYR H 171 26.55 1.97 64.28
C TYR H 171 26.68 1.20 62.98
N ALA H 172 27.14 1.89 61.94
CA ALA H 172 27.27 1.30 60.61
C ALA H 172 28.39 0.27 60.58
N LEU H 173 28.18 -0.78 59.78
CA LEU H 173 29.16 -1.86 59.59
C LEU H 173 29.54 -1.97 58.11
N PRO H 174 30.32 -1.03 57.59
CA PRO H 174 30.67 -1.09 56.16
C PRO H 174 31.39 -2.36 55.76
N HIS H 175 32.12 -2.99 56.69
CA HIS H 175 32.83 -4.23 56.36
C HIS H 175 31.88 -5.36 56.00
N ALA H 176 30.63 -5.27 56.42
CA ALA H 176 29.63 -6.30 56.15
C ALA H 176 28.48 -5.75 55.29
N ILE H 177 28.77 -4.75 54.47
CA ILE H 177 27.77 -4.14 53.59
C ILE H 177 28.06 -4.55 52.15
N MET H 178 27.00 -4.92 51.44
CA MET H 178 27.13 -5.38 50.05
C MET H 178 26.03 -4.80 49.17
N ARG H 179 26.37 -4.65 47.89
CA ARG H 179 25.45 -4.16 46.87
C ARG H 179 25.29 -5.26 45.82
N LEU H 180 24.04 -5.54 45.46
CA LEU H 180 23.69 -6.52 44.45
C LEU H 180 22.99 -5.82 43.30
N ASP H 181 23.41 -6.14 42.08
CA ASP H 181 22.93 -5.51 40.85
C ASP H 181 21.57 -6.00 40.42
N LEU H 182 20.83 -6.69 41.29
CA LEU H 182 19.46 -7.10 40.98
C LEU H 182 18.50 -6.08 41.58
N ALA H 183 17.53 -5.66 40.79
CA ALA H 183 16.58 -4.64 41.20
C ALA H 183 15.40 -4.68 40.24
N GLY H 184 14.60 -3.61 40.26
CA GLY H 184 13.40 -3.58 39.45
C GLY H 184 13.72 -3.81 37.99
N ARG H 185 14.82 -3.21 37.51
CA ARG H 185 15.20 -3.34 36.10
C ARG H 185 15.28 -4.82 35.72
N ASP H 186 16.00 -5.60 36.51
CA ASP H 186 16.13 -7.03 36.27
C ASP H 186 14.76 -7.70 36.26
N LEU H 187 13.93 -7.36 37.24
CA LEU H 187 12.60 -7.96 37.34
C LEU H 187 11.82 -7.74 36.05
N THR H 188 11.79 -6.49 35.57
CA THR H 188 11.10 -6.17 34.32
C THR H 188 11.72 -6.94 33.15
N ASP H 189 13.04 -6.97 33.06
CA ASP H 189 13.71 -7.70 31.98
C ASP H 189 13.29 -9.17 31.96
N TYR H 190 13.51 -9.88 33.06
CA TYR H 190 13.13 -11.28 33.17
C TYR H 190 11.66 -11.49 32.81
N LEU H 191 10.77 -10.64 33.34
CA LEU H 191 9.36 -10.77 33.01
C LEU H 191 9.12 -10.53 31.53
N MET H 192 9.89 -9.62 30.94
CA MET H 192 9.81 -9.35 29.51
C MET H 192 10.13 -10.59 28.70
N LYS H 193 11.20 -11.30 29.05
CA LYS H 193 11.56 -12.49 28.29
C LYS H 193 10.53 -13.60 28.49
N ILE H 194 10.02 -13.75 29.72
CA ILE H 194 9.00 -14.78 29.93
C ILE H 194 7.73 -14.45 29.15
N LEU H 195 7.30 -13.19 29.17
CA LEU H 195 6.14 -12.79 28.38
C LEU H 195 6.40 -12.96 26.88
N THR H 196 7.64 -12.75 26.45
CA THR H 196 8.01 -13.08 25.08
C THR H 196 7.79 -14.56 24.79
N GLU H 197 8.19 -15.42 25.74
CA GLU H 197 7.87 -16.84 25.59
C GLU H 197 6.40 -17.14 25.76
N ARG H 198 5.61 -16.19 26.25
CA ARG H 198 4.17 -16.36 26.31
C ARG H 198 3.45 -15.84 25.07
N GLY H 199 4.17 -15.22 24.14
CA GLY H 199 3.61 -14.77 22.88
C GLY H 199 3.57 -13.27 22.72
N TYR H 200 3.90 -12.50 23.75
CA TYR H 200 3.82 -11.04 23.73
C TYR H 200 5.22 -10.47 23.87
N SER H 201 5.72 -9.81 22.83
CA SER H 201 7.11 -9.37 22.74
C SER H 201 7.11 -7.87 22.51
N PHE H 202 7.43 -7.10 23.57
CA PHE H 202 7.54 -5.65 23.48
C PHE H 202 8.89 -5.20 24.00
N VAL H 203 9.35 -4.05 23.52
CA VAL H 203 10.68 -3.55 23.85
C VAL H 203 10.60 -2.17 24.49
N THR H 204 9.57 -1.40 24.15
CA THR H 204 9.49 0.00 24.58
C THR H 204 9.14 0.11 26.06
N THR H 205 9.34 1.33 26.59
CA THR H 205 9.23 1.58 28.03
C THR H 205 7.79 1.62 28.51
N ALA H 206 6.82 1.95 27.65
CA ALA H 206 5.44 1.96 28.08
C ALA H 206 5.02 0.58 28.57
N GLU H 207 5.43 -0.44 27.82
CA GLU H 207 5.12 -1.78 28.23
C GLU H 207 5.97 -2.13 29.44
N ARG H 208 7.13 -1.49 29.63
CA ARG H 208 7.92 -1.73 30.84
C ARG H 208 7.14 -1.31 32.07
N GLU H 209 6.50 -0.14 31.99
CA GLU H 209 5.68 0.35 33.09
C GLU H 209 4.44 -0.51 33.27
N ILE H 210 3.85 -0.97 32.17
CA ILE H 210 2.70 -1.86 32.26
C ILE H 210 3.08 -3.14 33.00
N VAL H 211 4.23 -3.72 32.67
CA VAL H 211 4.59 -5.00 33.30
C VAL H 211 5.06 -4.79 34.73
N ARG H 212 5.65 -3.63 35.07
CA ARG H 212 5.95 -3.39 36.48
C ARG H 212 4.66 -3.17 37.26
N ASP H 213 3.64 -2.57 36.64
CA ASP H 213 2.33 -2.48 37.27
C ASP H 213 1.76 -3.88 37.51
N ILE H 214 1.91 -4.77 36.53
CA ILE H 214 1.49 -6.15 36.70
C ILE H 214 2.22 -6.77 37.89
N LYS H 215 3.53 -6.50 38.01
CA LYS H 215 4.27 -6.99 39.16
C LYS H 215 3.72 -6.42 40.47
N GLU H 216 3.31 -5.16 40.45
CA GLU H 216 2.74 -4.56 41.64
C GLU H 216 1.42 -5.22 42.02
N LYS H 217 0.63 -5.62 41.03
CA LYS H 217 -0.73 -6.10 41.31
C LYS H 217 -0.79 -7.61 41.57
N LEU H 218 -0.33 -8.41 40.60
CA LEU H 218 -0.65 -9.83 40.58
C LEU H 218 0.45 -10.76 41.06
N CYS H 219 1.69 -10.30 41.16
CA CYS H 219 2.80 -11.23 41.33
C CYS H 219 2.76 -11.91 42.69
N TYR H 220 3.13 -13.19 42.71
CA TYR H 220 3.32 -13.99 43.90
C TYR H 220 4.80 -14.15 44.22
N VAL H 221 5.07 -14.55 45.46
CA VAL H 221 6.35 -15.13 45.85
C VAL H 221 6.10 -16.58 46.23
N ALA H 222 6.57 -17.50 45.39
CA ALA H 222 6.25 -18.91 45.55
C ALA H 222 6.76 -19.45 46.88
N LEU H 223 5.90 -20.18 47.59
CA LEU H 223 6.35 -20.84 48.82
C LEU H 223 7.28 -22.01 48.51
N ASP H 224 6.91 -22.83 47.52
CA ASP H 224 7.74 -23.90 46.99
C ASP H 224 7.71 -23.74 45.48
N PHE H 225 8.87 -23.73 44.83
CA PHE H 225 8.90 -23.25 43.45
C PHE H 225 8.43 -24.33 42.47
N GLU H 226 9.20 -25.42 42.36
CA GLU H 226 8.91 -26.39 41.31
C GLU H 226 7.58 -27.10 41.55
N ASN H 227 7.22 -27.30 42.82
CA ASN H 227 5.92 -27.86 43.13
C ASN H 227 4.79 -26.92 42.70
N GLU H 228 5.01 -25.60 42.82
CA GLU H 228 3.95 -24.69 42.41
C GLU H 228 3.85 -24.56 40.89
N MET H 229 4.95 -24.66 40.13
CA MET H 229 4.72 -24.80 38.69
C MET H 229 4.09 -26.14 38.33
N ALA H 230 4.42 -27.20 39.08
CA ALA H 230 3.81 -28.50 38.80
C ALA H 230 2.31 -28.46 38.99
N THR H 231 1.84 -27.82 40.06
CA THR H 231 0.41 -27.63 40.24
C THR H 231 -0.15 -26.46 39.43
N ALA H 232 0.71 -25.60 38.89
CA ALA H 232 0.27 -24.51 38.03
C ALA H 232 0.21 -24.91 36.57
N ALA H 233 0.51 -26.17 36.26
CA ALA H 233 0.34 -26.69 34.91
C ALA H 233 -1.01 -26.28 34.33
N SER H 234 -2.11 -26.70 34.96
CA SER H 234 -3.44 -26.21 34.57
C SER H 234 -3.91 -25.05 35.44
N SER H 235 -4.09 -25.28 36.74
CA SER H 235 -4.42 -24.18 37.64
C SER H 235 -5.37 -23.16 37.07
N SER H 236 -6.59 -23.56 36.82
CA SER H 236 -7.55 -22.58 36.33
C SER H 236 -7.83 -21.51 37.39
N SER H 237 -8.00 -21.92 38.65
CA SER H 237 -8.23 -20.94 39.72
C SER H 237 -6.96 -20.17 40.06
N LEU H 238 -5.83 -20.88 40.17
CA LEU H 238 -4.58 -20.22 40.57
C LEU H 238 -4.07 -19.26 39.50
N GLU H 239 -4.31 -19.57 38.23
CA GLU H 239 -3.91 -18.67 37.15
C GLU H 239 -4.70 -17.36 37.24
N LYS H 240 -4.01 -16.24 37.03
CA LYS H 240 -4.62 -14.93 37.26
C LYS H 240 -4.47 -14.07 36.01
N SER H 241 -5.44 -13.18 35.80
CA SER H 241 -5.49 -12.38 34.59
C SER H 241 -5.40 -10.90 34.94
N TYR H 242 -5.02 -10.11 33.95
CA TYR H 242 -4.98 -8.66 34.06
C TYR H 242 -5.69 -8.03 32.87
N GLU H 243 -6.26 -6.86 33.12
CA GLU H 243 -6.98 -6.07 32.11
C GLU H 243 -6.07 -4.91 31.72
N LEU H 244 -5.38 -5.06 30.59
CA LEU H 244 -4.51 -4.02 30.09
C LEU H 244 -5.32 -2.80 29.63
N PRO H 245 -4.76 -1.60 29.74
CA PRO H 245 -5.55 -0.39 29.47
C PRO H 245 -6.16 -0.35 28.08
N ASP H 246 -5.54 -1.00 27.09
CA ASP H 246 -6.17 -1.11 25.78
C ASP H 246 -7.43 -1.97 25.81
N GLY H 247 -7.61 -2.78 26.84
CA GLY H 247 -8.76 -3.64 27.00
C GLY H 247 -8.53 -5.13 26.82
N GLN H 248 -7.39 -5.56 26.29
CA GLN H 248 -7.16 -6.99 26.15
C GLN H 248 -6.89 -7.63 27.50
N VAL H 249 -7.35 -8.87 27.64
CA VAL H 249 -7.18 -9.64 28.87
C VAL H 249 -5.95 -10.52 28.68
N ILE H 250 -4.92 -10.28 29.49
CA ILE H 250 -3.68 -11.03 29.44
C ILE H 250 -3.58 -11.90 30.67
N THR H 251 -3.46 -13.21 30.45
CA THR H 251 -3.50 -14.21 31.51
C THR H 251 -2.10 -14.71 31.79
N ILE H 252 -1.73 -14.76 33.07
CA ILE H 252 -0.43 -15.23 33.53
C ILE H 252 -0.64 -16.19 34.69
N GLY H 253 0.13 -17.28 34.69
CA GLY H 253 0.01 -18.26 35.74
C GLY H 253 1.22 -18.35 36.66
N ASN H 254 2.08 -19.33 36.42
CA ASN H 254 3.26 -19.52 37.27
C ASN H 254 4.20 -18.32 37.21
N GLU H 255 4.17 -17.55 36.12
CA GLU H 255 5.08 -16.41 35.99
C GLU H 255 4.93 -15.45 37.16
N ARG H 256 3.72 -15.35 37.73
CA ARG H 256 3.49 -14.47 38.87
C ARG H 256 4.51 -14.72 39.98
N PHE H 257 4.78 -15.98 40.30
CA PHE H 257 5.78 -16.30 41.29
C PHE H 257 7.09 -16.78 40.69
N ARG H 258 7.21 -16.82 39.37
CA ARG H 258 8.50 -17.13 38.76
C ARG H 258 9.33 -15.88 38.47
N CYS H 259 8.73 -14.68 38.55
CA CYS H 259 9.51 -13.45 38.38
C CYS H 259 10.31 -12.97 39.60
N PRO H 260 9.68 -12.78 40.77
CA PRO H 260 10.52 -12.37 41.91
C PRO H 260 11.48 -13.46 42.35
N GLU H 261 11.21 -14.70 41.99
CA GLU H 261 12.07 -15.82 42.37
C GLU H 261 13.47 -15.63 41.83
N THR H 262 13.62 -14.93 40.72
CA THR H 262 14.93 -14.76 40.11
C THR H 262 15.90 -14.08 41.08
N LEU H 263 15.42 -13.13 41.88
CA LEU H 263 16.31 -12.54 42.89
C LEU H 263 16.77 -13.63 43.84
N PHE H 264 15.86 -14.49 44.28
CA PHE H 264 16.21 -15.62 45.15
C PHE H 264 17.05 -16.68 44.44
N GLN H 265 16.79 -16.90 43.15
CA GLN H 265 17.51 -17.91 42.37
C GLN H 265 18.18 -17.22 41.16
N PRO H 266 19.33 -16.55 41.37
CA PRO H 266 19.94 -15.78 40.27
C PRO H 266 20.43 -16.64 39.12
N SER H 267 20.62 -17.94 39.32
CA SER H 267 21.11 -18.82 38.27
C SER H 267 20.16 -18.89 37.08
N PHE H 268 18.91 -18.43 37.23
CA PHE H 268 18.00 -18.38 36.10
C PHE H 268 18.55 -17.55 34.96
N ILE H 269 19.12 -16.38 35.26
CA ILE H 269 19.70 -15.55 34.21
C ILE H 269 21.18 -15.27 34.47
N GLY H 270 21.84 -16.16 35.19
CA GLY H 270 23.30 -16.15 35.21
C GLY H 270 24.01 -15.13 36.07
N MET H 271 23.83 -15.22 37.40
CA MET H 271 24.66 -14.48 38.34
C MET H 271 25.44 -15.46 39.20
N GLU H 272 26.72 -15.17 39.41
CA GLU H 272 27.51 -15.96 40.35
C GLU H 272 26.97 -15.85 41.76
N SER H 273 26.60 -14.64 42.17
CA SER H 273 26.02 -14.44 43.49
C SER H 273 24.72 -15.22 43.64
N ALA H 274 24.53 -15.81 44.80
CA ALA H 274 23.33 -16.57 45.09
C ALA H 274 22.20 -15.61 45.45
N GLY H 275 21.10 -16.16 45.98
CA GLY H 275 19.96 -15.33 46.33
C GLY H 275 20.30 -14.30 47.39
N ILE H 276 19.44 -13.28 47.48
CA ILE H 276 19.68 -12.19 48.42
C ILE H 276 19.66 -12.67 49.86
N HIS H 277 18.98 -13.78 50.15
CA HIS H 277 19.06 -14.35 51.50
C HIS H 277 20.47 -14.84 51.82
N GLU H 278 21.17 -15.40 50.83
CA GLU H 278 22.57 -15.73 51.06
C GLU H 278 23.40 -14.48 51.31
N THR H 279 23.06 -13.37 50.65
CA THR H 279 23.81 -12.13 50.85
C THR H 279 23.52 -11.61 52.24
N THR H 280 22.33 -11.73 52.78
CA THR H 280 22.11 -11.35 54.17
C THR H 280 22.83 -12.30 55.13
N TYR H 281 22.78 -13.61 54.84
CA TYR H 281 23.50 -14.59 55.65
C TYR H 281 25.00 -14.32 55.75
N ASN H 282 25.70 -14.24 54.61
CA ASN H 282 27.14 -13.95 54.65
C ASN H 282 27.38 -12.65 55.41
N SER H 283 26.59 -11.62 55.10
CA SER H 283 26.75 -10.34 55.79
C SER H 283 26.73 -10.54 57.28
N ILE H 284 25.79 -11.35 57.76
CA ILE H 284 25.65 -11.57 59.20
C ILE H 284 26.92 -12.24 59.74
N MET H 285 27.34 -13.37 59.14
CA MET H 285 28.51 -14.04 59.71
C MET H 285 29.82 -13.26 59.63
N LYS H 286 29.97 -12.32 58.70
CA LYS H 286 31.23 -11.59 58.59
C LYS H 286 31.55 -10.90 59.92
N CYS H 287 30.52 -10.45 60.65
CA CYS H 287 30.71 -9.72 61.90
C CYS H 287 30.77 -10.75 63.03
N ASP H 288 31.13 -10.28 64.24
CA ASP H 288 31.24 -11.18 65.38
C ASP H 288 30.02 -12.09 65.54
N ILE H 289 30.31 -13.30 66.01
CA ILE H 289 29.29 -14.34 66.15
C ILE H 289 28.13 -13.89 67.04
N ASP H 290 28.44 -13.32 68.21
CA ASP H 290 27.46 -13.21 69.28
C ASP H 290 26.22 -12.43 68.86
N ILE H 291 26.41 -11.24 68.29
CA ILE H 291 25.25 -10.39 67.96
C ILE H 291 24.45 -10.93 66.80
N ARG H 292 24.95 -11.97 66.13
CA ARG H 292 24.31 -12.45 64.91
C ARG H 292 22.86 -12.82 65.19
N LYS H 293 22.59 -13.42 66.35
CA LYS H 293 21.22 -13.77 66.70
C LYS H 293 20.31 -12.54 66.67
N ASP H 294 20.79 -11.43 67.26
CA ASP H 294 20.01 -10.20 67.23
C ASP H 294 19.77 -9.74 65.80
N LEU H 295 20.80 -9.86 64.95
CA LEU H 295 20.61 -9.52 63.55
C LEU H 295 19.51 -10.38 62.93
N TYR H 296 19.51 -11.67 63.28
CA TYR H 296 18.45 -12.56 62.80
C TYR H 296 17.09 -12.06 63.24
N ALA H 297 16.98 -11.58 64.49
CA ALA H 297 15.70 -11.20 65.04
C ALA H 297 15.32 -9.76 64.74
N ASN H 298 16.24 -8.97 64.17
CA ASN H 298 15.98 -7.54 63.97
C ASN H 298 16.11 -7.12 62.51
N ASN H 299 16.00 -8.05 61.58
CA ASN H 299 16.13 -7.69 60.18
C ASN H 299 14.99 -6.78 59.72
N VAL H 300 15.33 -5.75 58.97
CA VAL H 300 14.35 -4.83 58.42
C VAL H 300 14.50 -4.83 56.90
N MET H 301 13.38 -4.63 56.21
CA MET H 301 13.38 -4.51 54.76
C MET H 301 12.72 -3.19 54.37
N SER H 302 13.28 -2.52 53.37
CA SER H 302 12.80 -1.20 52.96
C SER H 302 12.88 -1.06 51.45
N GLY H 303 11.97 -0.28 50.88
CA GLY H 303 11.93 0.00 49.47
C GLY H 303 10.51 -0.09 48.92
N GLY H 304 10.32 0.48 47.73
CA GLY H 304 9.01 0.44 47.10
C GLY H 304 8.57 -0.97 46.74
N THR H 305 9.53 -1.83 46.39
CA THR H 305 9.22 -3.21 46.04
C THR H 305 8.52 -3.91 47.19
N THR H 306 8.90 -3.56 48.43
CA THR H 306 8.35 -4.21 49.60
C THR H 306 6.83 -4.20 49.63
N MET H 307 6.16 -3.37 48.82
CA MET H 307 4.71 -3.48 48.76
C MET H 307 4.23 -4.84 48.24
N TYR H 308 5.13 -5.66 47.70
CA TYR H 308 4.67 -6.94 47.18
C TYR H 308 4.49 -7.92 48.34
N PRO H 309 3.63 -8.91 48.20
CA PRO H 309 3.53 -9.96 49.22
C PRO H 309 4.64 -10.99 49.03
N GLY H 310 4.84 -11.81 50.06
CA GLY H 310 5.69 -12.97 49.96
C GLY H 310 7.14 -12.79 50.38
N ILE H 311 7.66 -11.56 50.46
CA ILE H 311 9.06 -11.42 50.87
C ILE H 311 9.25 -11.86 52.33
N ALA H 312 8.31 -11.52 53.22
CA ALA H 312 8.48 -11.84 54.64
C ALA H 312 8.55 -13.35 54.91
N ASP H 313 7.56 -14.11 54.41
CA ASP H 313 7.54 -15.55 54.69
C ASP H 313 8.77 -16.22 54.10
N ARG H 314 9.11 -15.89 52.85
CA ARG H 314 10.26 -16.50 52.21
C ARG H 314 11.51 -16.17 53.01
N MET H 315 11.65 -14.91 53.39
CA MET H 315 12.81 -14.43 54.14
C MET H 315 13.02 -15.29 55.37
N GLN H 316 12.01 -15.30 56.25
CA GLN H 316 12.17 -16.01 57.51
C GLN H 316 12.42 -17.50 57.28
N LYS H 317 11.63 -18.15 56.42
CA LYS H 317 11.82 -19.59 56.25
C LYS H 317 13.24 -19.92 55.80
N GLU H 318 13.75 -19.23 54.77
CA GLU H 318 15.09 -19.54 54.29
C GLU H 318 16.16 -19.23 55.33
N ILE H 319 16.05 -18.11 56.06
CA ILE H 319 17.05 -17.83 57.08
C ILE H 319 17.02 -18.90 58.17
N THR H 320 15.82 -19.33 58.58
CA THR H 320 15.72 -20.41 59.56
C THR H 320 16.30 -21.72 59.00
N ALA H 321 16.15 -21.95 57.71
CA ALA H 321 16.78 -23.12 57.10
C ALA H 321 18.30 -23.03 57.17
N LEU H 322 18.84 -21.84 56.90
CA LEU H 322 20.29 -21.65 56.89
C LEU H 322 20.89 -21.56 58.29
N ALA H 323 20.24 -20.82 59.18
CA ALA H 323 20.67 -20.56 60.56
C ALA H 323 19.95 -21.50 61.52
N PRO H 324 20.55 -21.80 62.67
CA PRO H 324 19.86 -22.65 63.65
C PRO H 324 18.53 -22.05 64.09
N SER H 325 17.55 -22.93 64.30
CA SER H 325 16.18 -22.54 64.59
C SER H 325 15.87 -22.45 66.08
N THR H 326 16.84 -22.07 66.91
CA THR H 326 16.54 -21.93 68.34
C THR H 326 15.77 -20.63 68.56
N MET H 327 16.41 -19.49 68.27
CA MET H 327 15.76 -18.21 68.48
C MET H 327 14.77 -17.96 67.36
N LYS H 328 13.71 -17.20 67.69
CA LYS H 328 12.66 -16.91 66.73
C LYS H 328 13.00 -15.70 65.88
N ILE H 329 12.97 -15.85 64.56
CA ILE H 329 13.24 -14.76 63.64
C ILE H 329 11.92 -14.13 63.18
N LYS H 330 11.84 -12.80 63.28
CA LYS H 330 10.66 -12.06 62.85
C LYS H 330 11.08 -10.79 62.14
N ILE H 331 10.43 -10.50 61.01
CA ILE H 331 10.68 -9.32 60.19
C ILE H 331 9.70 -8.23 60.60
N ILE H 332 10.13 -6.98 60.48
CA ILE H 332 9.27 -5.83 60.74
C ILE H 332 9.28 -4.95 59.49
N ALA H 333 8.10 -4.50 59.07
CA ALA H 333 7.97 -3.68 57.88
C ALA H 333 6.70 -2.84 57.94
N PRO H 334 6.79 -1.56 58.32
CA PRO H 334 5.59 -0.72 58.42
C PRO H 334 4.98 -0.48 57.05
N PRO H 335 3.64 -0.40 56.97
CA PRO H 335 3.01 -0.09 55.68
C PRO H 335 3.45 1.25 55.14
N GLU H 336 3.54 1.31 53.80
CA GLU H 336 3.97 2.51 53.07
C GLU H 336 5.36 2.96 53.54
N ARG H 337 6.30 2.03 53.50
CA ARG H 337 7.66 2.29 53.97
C ARG H 337 8.54 2.95 52.92
N LYS H 338 8.07 3.05 51.67
CA LYS H 338 8.85 3.76 50.67
C LYS H 338 8.93 5.26 50.96
N TYR H 339 7.96 5.79 51.69
CA TYR H 339 8.04 7.17 52.19
C TYR H 339 8.86 7.26 53.47
N SER H 340 9.15 6.12 54.10
CA SER H 340 9.74 6.11 55.43
C SER H 340 11.06 6.88 55.48
N VAL H 341 11.90 6.71 54.46
CA VAL H 341 13.17 7.43 54.40
C VAL H 341 12.93 8.93 54.52
N TRP H 342 11.98 9.45 53.73
CA TRP H 342 11.68 10.88 53.80
C TRP H 342 11.19 11.26 55.20
N ILE H 343 10.39 10.38 55.81
CA ILE H 343 9.95 10.62 57.18
C ILE H 343 11.16 10.78 58.09
N GLY H 344 12.14 9.88 57.95
CA GLY H 344 13.35 10.01 58.75
C GLY H 344 14.06 11.31 58.51
N GLY H 345 14.02 11.82 57.28
CA GLY H 345 14.60 13.13 57.02
C GLY H 345 13.93 14.20 57.85
N SER H 346 12.59 14.17 57.88
CA SER H 346 11.86 15.09 58.75
C SER H 346 12.30 14.91 60.19
N ILE H 347 12.50 13.65 60.61
CA ILE H 347 12.95 13.37 61.96
C ILE H 347 14.28 14.06 62.23
N LEU H 348 15.17 14.03 61.24
CA LEU H 348 16.46 14.69 61.39
C LEU H 348 16.29 16.18 61.62
N ALA H 349 15.35 16.80 60.90
CA ALA H 349 15.12 18.22 61.11
C ALA H 349 14.33 18.51 62.37
N SER H 350 13.75 17.47 63.00
CA SER H 350 12.93 17.70 64.18
C SER H 350 13.75 18.27 65.35
N LEU H 351 14.93 17.71 65.59
CA LEU H 351 15.73 18.04 66.75
C LEU H 351 16.60 19.27 66.49
N SER H 352 16.95 19.97 67.57
CA SER H 352 17.67 21.23 67.50
C SER H 352 19.18 21.08 67.40
N THR H 353 19.70 19.85 67.46
CA THR H 353 21.13 19.65 67.24
C THR H 353 21.48 19.55 65.76
N PHE H 354 20.50 19.33 64.89
CA PHE H 354 20.76 19.13 63.48
C PHE H 354 21.40 20.36 62.83
N GLN H 355 21.07 21.56 63.30
CA GLN H 355 21.68 22.75 62.72
C GLN H 355 23.09 23.01 63.22
N GLN H 356 23.63 22.16 64.10
CA GLN H 356 25.05 22.28 64.43
C GLN H 356 25.95 21.86 63.27
N MET H 357 25.51 20.94 62.41
CA MET H 357 26.35 20.47 61.32
C MET H 357 25.73 20.63 59.94
N TRP H 358 24.92 21.69 59.75
CA TRP H 358 24.58 22.12 58.41
C TRP H 358 25.84 22.49 57.63
N ILE H 359 25.91 22.07 56.37
CA ILE H 359 27.03 22.39 55.49
C ILE H 359 26.73 23.76 54.86
N THR H 360 27.27 24.81 55.46
CA THR H 360 26.95 26.17 55.01
C THR H 360 27.72 26.52 53.74
N LYS H 361 27.32 27.64 53.13
CA LYS H 361 27.95 28.09 51.89
C LYS H 361 29.41 28.45 52.09
N GLN H 362 29.73 29.15 53.19
CA GLN H 362 31.09 29.64 53.39
C GLN H 362 32.10 28.52 53.60
N GLU H 363 31.69 27.40 54.23
CA GLU H 363 32.61 26.27 54.37
C GLU H 363 32.99 25.72 53.00
N TYR H 364 32.00 25.56 52.11
CA TYR H 364 32.28 25.11 50.75
C TYR H 364 33.11 26.12 49.98
N ASP H 365 32.85 27.41 50.19
CA ASP H 365 33.66 28.43 49.52
C ASP H 365 35.11 28.40 50.00
N GLU H 366 35.33 28.07 51.28
CA GLU H 366 36.70 28.00 51.79
C GLU H 366 37.42 26.75 51.27
N ALA H 367 36.88 25.57 51.55
CA ALA H 367 37.60 24.33 51.28
C ALA H 367 37.15 23.62 50.00
N GLY H 368 36.33 24.27 49.17
CA GLY H 368 35.83 23.63 47.98
C GLY H 368 34.87 22.50 48.30
N PRO H 369 34.65 21.60 47.35
CA PRO H 369 33.87 20.39 47.67
C PRO H 369 34.57 19.50 48.68
N SER H 370 35.90 19.55 48.76
CA SER H 370 36.66 18.63 49.58
C SER H 370 36.23 18.68 51.04
N ILE H 371 35.63 19.79 51.47
CA ILE H 371 35.21 19.94 52.87
C ILE H 371 34.22 18.85 53.26
N VAL H 372 33.41 18.37 52.31
CA VAL H 372 32.42 17.36 52.68
C VAL H 372 33.13 16.09 53.15
N HIS H 373 34.35 15.85 52.65
CA HIS H 373 35.11 14.67 53.06
C HIS H 373 35.36 14.68 54.55
N ARG H 374 35.36 15.87 55.15
CA ARG H 374 35.58 16.03 56.58
C ARG H 374 34.32 16.47 57.30
N LYS H 375 33.27 16.87 56.59
CA LYS H 375 32.11 17.45 57.24
C LYS H 375 30.95 16.46 57.40
N CYS H 376 30.84 15.48 56.49
CA CYS H 376 29.83 14.44 56.66
C CYS H 376 30.41 13.23 57.38
N PHE H 377 31.48 12.66 56.85
CA PHE H 377 32.20 11.61 57.54
C PHE H 377 33.57 12.11 58.02
N ASP I 3 14.26 -41.62 -3.36
CA ASP I 3 14.61 -41.87 -1.97
C ASP I 3 15.82 -42.79 -1.87
N GLU I 4 16.77 -42.43 -0.99
CA GLU I 4 17.94 -43.26 -0.76
C GLU I 4 17.54 -44.57 -0.09
N ASP I 5 18.28 -45.63 -0.42
CA ASP I 5 18.02 -46.94 0.15
C ASP I 5 18.17 -46.92 1.67
N GLU I 6 19.01 -46.05 2.19
CA GLU I 6 19.26 -45.96 3.63
C GLU I 6 18.18 -45.09 4.27
N THR I 7 17.94 -45.32 5.57
CA THR I 7 16.91 -44.64 6.33
C THR I 7 17.38 -43.32 6.92
N THR I 8 18.32 -42.65 6.26
CA THR I 8 18.89 -41.39 6.73
C THR I 8 17.81 -40.36 7.03
N ALA I 9 18.14 -39.39 7.88
CA ALA I 9 17.16 -38.46 8.39
C ALA I 9 16.88 -37.32 7.41
N LEU I 10 15.74 -36.67 7.61
CA LEU I 10 15.38 -35.45 6.90
C LEU I 10 15.97 -34.24 7.60
N VAL I 11 16.47 -33.29 6.82
CA VAL I 11 17.02 -32.05 7.35
C VAL I 11 16.25 -30.89 6.71
N CYS I 12 15.52 -30.14 7.53
CA CYS I 12 14.64 -29.09 7.05
C CYS I 12 14.85 -27.84 7.89
N ASP I 13 15.26 -26.75 7.24
CA ASP I 13 15.38 -25.44 7.85
C ASP I 13 14.16 -24.60 7.46
N ASN I 14 13.24 -24.43 8.40
CA ASN I 14 12.10 -23.53 8.19
C ASN I 14 12.46 -22.12 8.64
N GLY I 15 13.44 -21.54 7.93
CA GLY I 15 13.87 -20.20 8.25
C GLY I 15 12.78 -19.18 8.03
N SER I 16 12.83 -18.11 8.81
CA SER I 16 11.83 -17.05 8.74
C SER I 16 12.06 -16.27 7.46
N GLY I 17 11.50 -16.81 6.37
CA GLY I 17 11.65 -16.20 5.06
C GLY I 17 11.95 -17.20 3.95
N LEU I 18 12.51 -18.34 4.30
CA LEU I 18 12.85 -19.36 3.32
C LEU I 18 12.77 -20.73 3.97
N VAL I 19 12.27 -21.71 3.22
CA VAL I 19 12.22 -23.10 3.66
C VAL I 19 13.18 -23.90 2.77
N LYS I 20 14.14 -24.58 3.41
CA LYS I 20 15.18 -25.32 2.72
C LYS I 20 15.21 -26.74 3.26
N ALA I 21 14.83 -27.72 2.45
CA ALA I 21 14.64 -29.09 2.91
C ALA I 21 15.44 -30.05 2.05
N GLY I 22 15.86 -31.15 2.66
CA GLY I 22 16.61 -32.17 1.95
C GLY I 22 16.91 -33.35 2.83
N PHE I 23 17.86 -34.16 2.41
CA PHE I 23 18.24 -35.38 3.11
C PHE I 23 19.52 -35.14 3.91
N ALA I 24 19.67 -35.92 4.99
CA ALA I 24 20.89 -35.90 5.77
C ALA I 24 22.04 -36.53 4.98
N GLY I 25 23.24 -36.00 5.22
CA GLY I 25 24.40 -36.38 4.45
C GLY I 25 24.60 -35.61 3.17
N ASP I 26 23.63 -34.78 2.78
CA ASP I 26 23.75 -33.94 1.61
C ASP I 26 24.42 -32.62 1.96
N ASP I 27 25.06 -32.02 0.97
CA ASP I 27 25.78 -30.78 1.19
C ASP I 27 24.88 -29.55 1.14
N ALA I 28 23.86 -29.56 0.30
CA ALA I 28 22.93 -28.45 0.17
C ALA I 28 21.51 -28.94 0.17
N PRO I 29 20.57 -28.16 0.69
CA PRO I 29 19.16 -28.57 0.65
C PRO I 29 18.66 -28.69 -0.79
N ARG I 30 17.78 -29.67 -1.00
CA ARG I 30 17.32 -29.94 -2.36
C ARG I 30 16.16 -29.03 -2.76
N ALA I 31 15.18 -28.86 -1.88
CA ALA I 31 14.01 -28.06 -2.17
C ALA I 31 14.08 -26.78 -1.35
N VAL I 32 14.31 -25.66 -2.02
CA VAL I 32 14.42 -24.36 -1.36
C VAL I 32 13.39 -23.43 -1.98
N PHE I 33 12.49 -22.89 -1.16
CA PHE I 33 11.48 -21.97 -1.66
C PHE I 33 11.19 -20.89 -0.64
N PRO I 34 10.81 -19.70 -1.11
CA PRO I 34 10.37 -18.64 -0.20
C PRO I 34 9.08 -19.00 0.51
N SER I 35 8.84 -18.33 1.64
CA SER I 35 7.73 -18.66 2.53
C SER I 35 6.45 -17.91 2.18
N ILE I 36 6.27 -17.50 0.94
CA ILE I 36 5.04 -16.81 0.52
C ILE I 36 4.03 -17.89 0.15
N VAL I 37 2.74 -17.61 0.35
CA VAL I 37 1.66 -18.54 0.02
C VAL I 37 0.57 -17.79 -0.72
N GLY I 38 0.19 -18.28 -1.89
CA GLY I 38 -0.82 -17.61 -2.70
C GLY I 38 -2.17 -18.32 -2.67
N ARG I 39 -3.23 -17.52 -2.66
CA ARG I 39 -4.56 -18.07 -2.68
C ARG I 39 -5.38 -17.38 -3.75
N PRO I 40 -6.39 -18.07 -4.30
CA PRO I 40 -7.21 -17.49 -5.38
C PRO I 40 -7.84 -16.16 -4.96
N ARG I 41 -7.55 -15.11 -5.73
CA ARG I 41 -8.10 -13.79 -5.45
C ARG I 41 -9.62 -13.72 -5.66
N HIS I 42 -10.18 -14.60 -6.48
CA HIS I 42 -11.61 -14.60 -6.75
C HIS I 42 -12.16 -16.02 -6.69
N GLN I 43 -13.44 -16.14 -7.01
CA GLN I 43 -14.16 -17.41 -6.92
C GLN I 43 -14.18 -18.15 -8.25
N GLY I 44 -14.67 -19.39 -8.19
CA GLY I 44 -14.70 -20.29 -9.33
C GLY I 44 -15.96 -20.36 -10.18
N VAL I 45 -15.81 -20.13 -11.47
CA VAL I 45 -16.91 -20.18 -12.43
C VAL I 45 -16.46 -20.95 -13.67
N MET I 46 -15.17 -20.82 -13.98
CA MET I 46 -14.51 -21.51 -15.07
C MET I 46 -14.25 -22.97 -14.72
N VAL I 47 -13.86 -23.75 -15.75
CA VAL I 47 -13.62 -25.17 -15.59
C VAL I 47 -12.58 -25.58 -16.63
N GLY I 48 -12.04 -26.79 -16.51
CA GLY I 48 -11.07 -27.33 -17.44
C GLY I 48 -9.63 -27.30 -16.97
N MET I 49 -9.31 -26.51 -15.96
CA MET I 49 -7.93 -26.40 -15.49
C MET I 49 -7.92 -25.58 -14.21
N GLY I 50 -6.77 -25.61 -13.53
CA GLY I 50 -6.61 -24.85 -12.30
C GLY I 50 -7.65 -25.14 -11.24
N GLN I 51 -8.27 -24.08 -10.71
CA GLN I 51 -9.29 -24.16 -9.67
C GLN I 51 -8.77 -24.91 -8.45
N LYS I 52 -7.57 -24.55 -8.01
CA LYS I 52 -6.96 -25.16 -6.84
C LYS I 52 -6.72 -24.04 -5.82
N ASP I 53 -7.03 -24.32 -4.56
CA ASP I 53 -6.88 -23.35 -3.49
C ASP I 53 -5.43 -22.99 -3.23
N SER I 54 -4.72 -23.78 -2.43
CA SER I 54 -3.36 -23.45 -2.05
C SER I 54 -2.40 -23.52 -3.22
N TYR I 55 -1.56 -22.48 -3.35
CA TYR I 55 -0.47 -22.46 -4.32
C TYR I 55 0.79 -22.09 -3.56
N VAL I 56 1.82 -22.94 -3.65
CA VAL I 56 3.06 -22.74 -2.91
C VAL I 56 4.24 -22.91 -3.86
N GLY I 57 5.37 -22.34 -3.46
CA GLY I 57 6.60 -22.49 -4.19
C GLY I 57 6.63 -21.71 -5.48
N ASP I 58 7.41 -22.23 -6.44
CA ASP I 58 7.56 -21.56 -7.72
C ASP I 58 6.23 -21.43 -8.46
N GLU I 59 5.29 -22.34 -8.20
CA GLU I 59 3.97 -22.21 -8.79
C GLU I 59 3.33 -20.88 -8.40
N ALA I 60 3.37 -20.56 -7.10
CA ALA I 60 2.84 -19.27 -6.67
C ALA I 60 3.69 -18.12 -7.17
N GLN I 61 5.01 -18.32 -7.29
CA GLN I 61 5.85 -17.26 -7.84
C GLN I 61 5.44 -16.92 -9.27
N SER I 62 5.12 -17.93 -10.07
CA SER I 62 4.63 -17.69 -11.41
C SER I 62 3.20 -17.13 -11.38
N LYS I 63 2.41 -17.49 -10.37
CA LYS I 63 1.02 -17.07 -10.31
C LYS I 63 0.82 -15.97 -9.27
N ARG I 64 1.82 -15.10 -9.10
CA ARG I 64 1.76 -14.06 -8.09
C ARG I 64 0.63 -13.08 -8.36
N GLY I 65 0.44 -12.72 -9.63
CA GLY I 65 -0.54 -11.72 -9.98
C GLY I 65 -1.98 -12.12 -9.71
N ILE I 66 -2.28 -13.40 -9.84
CA ILE I 66 -3.66 -13.86 -9.70
C ILE I 66 -4.02 -14.21 -8.27
N LEU I 67 -3.04 -14.29 -7.37
CA LEU I 67 -3.25 -14.79 -6.02
C LEU I 67 -3.07 -13.66 -5.03
N THR I 68 -3.90 -13.65 -3.99
CA THR I 68 -3.59 -12.88 -2.81
C THR I 68 -2.41 -13.55 -2.11
N LEU I 69 -1.31 -12.82 -1.95
CA LEU I 69 -0.09 -13.37 -1.40
C LEU I 69 -0.08 -13.10 0.10
N LYS I 70 -0.04 -14.17 0.89
CA LYS I 70 -0.16 -14.10 2.33
C LYS I 70 1.03 -14.83 2.96
N TYR I 71 1.35 -14.43 4.18
CA TYR I 71 2.51 -14.98 4.88
C TYR I 71 2.02 -15.83 6.04
N PRO I 72 2.16 -17.15 5.98
CA PRO I 72 1.72 -17.98 7.12
C PRO I 72 2.50 -17.71 8.39
N ILE I 73 3.69 -17.13 8.30
CA ILE I 73 4.49 -16.75 9.46
C ILE I 73 5.04 -15.35 9.24
N GLU I 74 5.00 -14.53 10.29
CA GLU I 74 5.61 -13.20 10.23
C GLU I 74 6.21 -12.91 11.61
N GLY I 76 7.83 -14.79 13.38
CA GLY I 76 7.64 -15.94 14.23
C GLY I 76 6.20 -16.31 14.54
N ILE I 77 5.30 -15.33 14.49
CA ILE I 77 3.91 -15.56 14.81
C ILE I 77 3.27 -16.46 13.74
N ILE I 78 2.46 -17.41 14.20
CA ILE I 78 1.85 -18.41 13.32
C ILE I 78 0.39 -18.03 13.08
N THR I 79 0.00 -17.96 11.81
CA THR I 79 -1.39 -17.64 11.44
C THR I 79 -2.26 -18.89 11.42
N ASN I 80 -1.97 -19.81 10.50
CA ASN I 80 -2.81 -20.97 10.26
C ASN I 80 -1.96 -22.21 10.06
N TRP I 81 -2.09 -23.18 10.98
CA TRP I 81 -1.32 -24.42 10.88
C TRP I 81 -1.66 -25.21 9.62
N ASP I 82 -2.87 -25.07 9.10
CA ASP I 82 -3.22 -25.74 7.85
C ASP I 82 -2.28 -25.33 6.72
N ASP I 83 -1.85 -24.07 6.71
CA ASP I 83 -0.93 -23.61 5.68
C ASP I 83 0.40 -24.34 5.75
N MET I 84 0.95 -24.49 6.97
CA MET I 84 2.15 -25.29 7.14
C MET I 84 1.93 -26.74 6.76
N GLU I 85 0.76 -27.29 7.12
CA GLU I 85 0.43 -28.66 6.73
C GLU I 85 0.54 -28.83 5.22
N LYS I 86 -0.11 -27.95 4.47
CA LYS I 86 -0.08 -28.05 3.01
C LYS I 86 1.32 -27.84 2.45
N ILE I 87 2.06 -26.84 2.97
CA ILE I 87 3.36 -26.57 2.37
C ILE I 87 4.34 -27.70 2.68
N TRP I 88 4.23 -28.31 3.87
CA TRP I 88 5.06 -29.46 4.20
C TRP I 88 4.70 -30.68 3.37
N HIS I 89 3.39 -30.90 3.13
CA HIS I 89 2.98 -31.93 2.19
C HIS I 89 3.63 -31.72 0.82
N HIS I 90 3.55 -30.49 0.31
CA HIS I 90 4.13 -30.17 -0.98
C HIS I 90 5.64 -30.42 -0.99
N THR I 91 6.33 -29.96 0.06
CA THR I 91 7.78 -30.12 0.13
C THR I 91 8.16 -31.58 0.17
N PHE I 92 7.49 -32.37 1.01
CA PHE I 92 7.87 -33.77 1.20
C PHE I 92 7.57 -34.61 -0.03
N TYR I 93 6.43 -34.39 -0.68
CA TYR I 93 5.99 -35.30 -1.73
C TYR I 93 6.16 -34.76 -3.14
N ASN I 94 5.83 -33.50 -3.37
CA ASN I 94 5.95 -32.92 -4.70
C ASN I 94 7.34 -32.36 -4.98
N GLU I 95 8.08 -31.98 -3.94
CA GLU I 95 9.39 -31.37 -4.11
C GLU I 95 10.54 -32.26 -3.65
N LEU I 96 10.43 -32.89 -2.49
CA LEU I 96 11.46 -33.80 -2.03
C LEU I 96 11.23 -35.24 -2.47
N ARG I 97 10.02 -35.56 -2.88
CA ARG I 97 9.65 -36.91 -3.31
C ARG I 97 10.01 -37.94 -2.25
N VAL I 98 9.73 -37.60 -0.99
CA VAL I 98 10.06 -38.43 0.15
C VAL I 98 8.84 -38.60 1.06
N ALA I 99 8.77 -39.75 1.71
CA ALA I 99 7.73 -40.02 2.69
C ALA I 99 8.32 -39.87 4.08
N PRO I 100 7.72 -39.07 4.96
CA PRO I 100 8.29 -38.89 6.31
C PRO I 100 8.13 -40.08 7.23
N GLU I 101 7.50 -41.16 6.78
CA GLU I 101 7.33 -42.34 7.63
C GLU I 101 8.65 -42.96 8.01
N GLU I 102 9.59 -43.03 7.07
CA GLU I 102 10.83 -43.79 7.23
C GLU I 102 12.05 -42.91 7.54
N HIS I 103 11.87 -41.61 7.74
CA HIS I 103 12.99 -40.73 8.01
C HIS I 103 12.70 -39.77 9.14
N PRO I 104 13.46 -39.83 10.23
CA PRO I 104 13.34 -38.80 11.27
C PRO I 104 13.71 -37.43 10.75
N THR I 105 13.13 -36.40 11.36
CA THR I 105 13.28 -35.03 10.89
C THR I 105 14.06 -34.18 11.91
N LEU I 106 15.08 -33.48 11.42
CA LEU I 106 15.75 -32.43 12.17
C LEU I 106 15.30 -31.09 11.63
N LEU I 107 14.70 -30.27 12.49
CA LEU I 107 14.17 -28.98 12.13
C LEU I 107 14.91 -27.87 12.88
N THR I 108 14.94 -26.70 12.27
CA THR I 108 15.50 -25.51 12.89
C THR I 108 14.40 -24.48 13.08
N GLU I 109 14.38 -23.81 14.23
CA GLU I 109 13.34 -22.85 14.54
C GLU I 109 13.96 -21.48 14.81
N ALA I 110 13.16 -20.45 14.61
CA ALA I 110 13.61 -19.08 14.86
C ALA I 110 13.97 -18.90 16.33
N PRO I 111 14.99 -18.09 16.63
CA PRO I 111 15.42 -17.93 18.02
C PRO I 111 14.30 -17.42 18.91
N LEU I 112 14.23 -17.98 20.12
CA LEU I 112 13.26 -17.56 21.13
C LEU I 112 11.82 -17.68 20.64
N ASN I 113 11.54 -18.75 19.91
CA ASN I 113 10.20 -18.99 19.43
C ASN I 113 9.32 -19.40 20.61
N PRO I 114 8.01 -19.12 20.55
CA PRO I 114 7.14 -19.41 21.70
C PRO I 114 7.18 -20.89 22.07
N LYS I 115 7.15 -21.16 23.37
CA LYS I 115 7.08 -22.53 23.85
C LYS I 115 5.71 -23.14 23.56
N ALA I 116 4.66 -22.33 23.67
CA ALA I 116 3.33 -22.78 23.27
C ALA I 116 3.29 -23.08 21.78
N ASN I 117 3.96 -22.24 20.98
CA ASN I 117 4.08 -22.50 19.55
C ASN I 117 4.76 -23.83 19.30
N ARG I 118 5.83 -24.13 20.05
CA ARG I 118 6.51 -25.40 19.88
C ARG I 118 5.61 -26.57 20.25
N GLU I 119 4.89 -26.46 21.37
CA GLU I 119 4.01 -27.54 21.82
C GLU I 119 2.87 -27.80 20.83
N LYS I 120 2.23 -26.75 20.29
CA LYS I 120 1.16 -26.94 19.33
C LYS I 120 1.68 -27.47 18.00
N MET I 121 2.77 -26.89 17.48
CA MET I 121 3.30 -27.35 16.21
C MET I 121 3.77 -28.81 16.30
N THR I 122 4.41 -29.18 17.41
CA THR I 122 4.83 -30.58 17.56
C THR I 122 3.64 -31.51 17.65
N GLN I 123 2.57 -31.09 18.34
CA GLN I 123 1.42 -31.96 18.50
C GLN I 123 0.70 -32.17 17.16
N ILE I 124 0.42 -31.08 16.44
CA ILE I 124 -0.22 -31.21 15.13
C ILE I 124 0.65 -32.01 14.19
N MET I 125 1.96 -31.77 14.23
CA MET I 125 2.90 -32.54 13.43
C MET I 125 2.77 -34.03 13.69
N PHE I 126 2.94 -34.43 14.96
CA PHE I 126 2.91 -35.84 15.32
C PHE I 126 1.57 -36.49 14.96
N GLU I 127 0.46 -35.79 15.17
CA GLU I 127 -0.83 -36.38 14.81
C GLU I 127 -0.99 -36.47 13.29
N THR I 128 -0.75 -35.35 12.59
CA THR I 128 -0.96 -35.33 11.14
C THR I 128 0.03 -36.23 10.42
N PHE I 129 1.31 -36.14 10.75
CA PHE I 129 2.35 -36.88 10.05
C PHE I 129 2.73 -38.13 10.84
N ASN I 130 3.57 -38.95 10.21
CA ASN I 130 4.03 -40.21 10.80
C ASN I 130 5.55 -40.26 10.87
N VAL I 131 6.17 -39.13 11.18
CA VAL I 131 7.63 -39.10 11.29
C VAL I 131 8.07 -40.03 12.43
N PRO I 132 9.10 -40.85 12.23
CA PRO I 132 9.50 -41.77 13.32
C PRO I 132 10.09 -41.05 14.51
N ALA I 133 10.91 -40.03 14.27
CA ALA I 133 11.63 -39.36 15.35
C ALA I 133 11.83 -37.90 15.00
N MET I 134 12.19 -37.12 16.01
CA MET I 134 12.17 -35.66 15.93
C MET I 134 13.36 -35.05 16.64
N TYR I 135 13.79 -33.90 16.13
CA TYR I 135 14.67 -33.02 16.87
C TYR I 135 14.53 -31.63 16.28
N VAL I 136 14.42 -30.63 17.14
CA VAL I 136 14.34 -29.24 16.72
C VAL I 136 15.38 -28.42 17.48
N ALA I 137 16.06 -27.52 16.77
CA ALA I 137 17.15 -26.76 17.35
C ALA I 137 17.06 -25.30 16.91
N ILE I 138 17.70 -24.43 17.70
CA ILE I 138 17.77 -23.01 17.37
C ILE I 138 18.74 -22.79 16.22
N GLN I 139 18.39 -21.88 15.31
CA GLN I 139 19.24 -21.62 14.14
C GLN I 139 20.58 -21.00 14.53
N ALA I 140 20.69 -20.46 15.74
CA ALA I 140 21.94 -19.82 16.17
C ALA I 140 23.07 -20.83 16.24
N VAL I 141 22.85 -21.94 16.95
CA VAL I 141 23.88 -22.96 17.06
C VAL I 141 24.13 -23.62 15.72
N LEU I 142 23.12 -23.67 14.85
CA LEU I 142 23.31 -24.19 13.49
C LEU I 142 24.28 -23.33 12.71
N SER I 143 24.10 -22.00 12.76
CA SER I 143 25.05 -21.11 12.08
C SER I 143 26.43 -21.21 12.71
N LEU I 144 26.47 -21.38 14.04
CA LEU I 144 27.73 -21.64 14.73
C LEU I 144 28.42 -22.87 14.16
N TYR I 145 27.65 -23.95 13.99
CA TYR I 145 28.21 -25.19 13.47
C TYR I 145 28.72 -24.99 12.05
N ALA I 146 27.98 -24.23 11.24
CA ALA I 146 28.44 -23.90 9.90
C ALA I 146 29.76 -23.14 9.94
N SER I 147 29.92 -22.22 10.89
CA SER I 147 31.21 -21.57 11.07
C SER I 147 32.23 -22.50 11.70
N GLY I 148 31.78 -23.46 12.50
CA GLY I 148 32.68 -24.41 13.13
C GLY I 148 33.62 -23.79 14.13
N ARG I 149 33.15 -22.80 14.88
CA ARG I 149 33.94 -22.17 15.94
C ARG I 149 33.03 -21.87 17.11
N THR I 150 33.33 -22.47 18.27
CA THR I 150 32.47 -22.41 19.44
C THR I 150 32.35 -21.03 20.06
N THR I 151 33.18 -20.06 19.68
CA THR I 151 33.14 -18.73 20.27
C THR I 151 32.68 -17.71 19.24
N GLY I 152 31.76 -16.85 19.63
CA GLY I 152 31.30 -15.79 18.75
C GLY I 152 29.89 -15.36 19.07
N ILE I 153 29.51 -14.22 18.52
CA ILE I 153 28.15 -13.69 18.63
C ILE I 153 27.52 -13.76 17.25
N VAL I 154 26.35 -14.42 17.17
CA VAL I 154 25.66 -14.67 15.92
C VAL I 154 24.62 -13.58 15.72
N LEU I 155 24.68 -12.93 14.56
CA LEU I 155 23.66 -11.99 14.10
C LEU I 155 22.83 -12.71 13.04
N ASP I 156 21.67 -13.23 13.44
CA ASP I 156 20.76 -13.91 12.54
C ASP I 156 19.77 -12.90 11.97
N SER I 157 19.93 -12.54 10.69
CA SER I 157 19.06 -11.57 10.03
C SER I 157 18.09 -12.31 9.12
N GLY I 158 16.99 -12.76 9.69
CA GLY I 158 15.92 -13.36 8.92
C GLY I 158 15.06 -12.31 8.22
N ASP I 159 13.91 -12.77 7.73
CA ASP I 159 12.96 -11.89 7.05
C ASP I 159 11.90 -11.34 7.99
N GLY I 160 11.85 -11.79 9.23
CA GLY I 160 10.89 -11.25 10.18
C GLY I 160 11.51 -10.63 11.41
N VAL I 161 12.65 -11.17 11.84
CA VAL I 161 13.33 -10.72 13.05
C VAL I 161 14.84 -10.76 12.81
N THR I 162 15.56 -9.87 13.49
CA THR I 162 17.02 -9.96 13.58
C THR I 162 17.39 -10.24 15.03
N HIS I 163 18.14 -11.32 15.23
CA HIS I 163 18.49 -11.80 16.55
C HIS I 163 19.99 -11.64 16.79
N ASN I 164 20.37 -11.16 17.96
CA ASN I 164 21.76 -11.17 18.37
C ASN I 164 21.90 -12.10 19.56
N VAL I 165 22.76 -13.11 19.40
CA VAL I 165 22.92 -14.18 20.37
C VAL I 165 24.40 -14.41 20.63
N PRO I 166 24.90 -14.22 21.85
CA PRO I 166 26.31 -14.54 22.11
C PRO I 166 26.46 -15.98 22.61
N ILE I 167 27.49 -16.65 22.10
CA ILE I 167 27.80 -18.01 22.52
C ILE I 167 29.31 -18.09 22.69
N TYR I 168 29.75 -18.41 23.90
CA TYR I 168 31.17 -18.51 24.21
C TYR I 168 31.51 -19.96 24.46
N GLU I 169 32.52 -20.46 23.73
CA GLU I 169 32.98 -21.84 23.85
C GLU I 169 31.82 -22.81 23.77
N GLY I 170 30.95 -22.61 22.78
CA GLY I 170 29.81 -23.48 22.57
C GLY I 170 28.84 -23.54 23.71
N TYR I 171 28.58 -22.41 24.39
CA TYR I 171 27.54 -22.28 25.42
C TYR I 171 26.63 -21.09 25.12
N ALA I 172 25.31 -21.34 25.09
CA ALA I 172 24.34 -20.27 24.84
C ALA I 172 24.29 -19.29 26.01
N LEU I 173 24.07 -18.01 25.69
CA LEU I 173 23.94 -16.94 26.67
C LEU I 173 22.58 -16.25 26.53
N PRO I 174 21.50 -16.91 26.94
CA PRO I 174 20.17 -16.29 26.78
C PRO I 174 20.03 -14.95 27.49
N HIS I 175 20.78 -14.73 28.57
CA HIS I 175 20.69 -13.46 29.28
C HIS I 175 21.16 -12.28 28.44
N ALA I 176 21.94 -12.55 27.40
CA ALA I 176 22.46 -11.50 26.52
C ALA I 176 21.97 -11.69 25.09
N ILE I 177 20.79 -12.29 24.93
CA ILE I 177 20.19 -12.50 23.62
C ILE I 177 19.01 -11.56 23.44
N MET I 178 18.93 -10.94 22.27
CA MET I 178 17.87 -9.99 21.97
C MET I 178 17.32 -10.18 20.56
N ARG I 179 16.05 -9.82 20.41
CA ARG I 179 15.34 -9.87 19.13
C ARG I 179 14.92 -8.45 18.77
N LEU I 180 15.17 -8.06 17.53
CA LEU I 180 14.80 -6.77 16.98
C LEU I 180 13.83 -6.96 15.84
N ASP I 181 12.74 -6.19 15.85
CA ASP I 181 11.66 -6.29 14.90
C ASP I 181 11.97 -5.69 13.54
N LEU I 182 13.24 -5.41 13.25
CA LEU I 182 13.65 -4.92 11.94
C LEU I 182 14.14 -6.10 11.12
N ALA I 183 13.67 -6.18 9.88
CA ALA I 183 14.00 -7.30 9.00
C ALA I 183 13.65 -6.89 7.58
N GLY I 184 13.55 -7.90 6.69
CA GLY I 184 13.30 -7.61 5.29
C GLY I 184 12.02 -6.84 5.12
N ARG I 185 10.98 -7.18 5.89
CA ARG I 185 9.69 -6.50 5.77
C ARG I 185 9.89 -5.00 5.91
N ASP I 186 10.58 -4.58 6.97
CA ASP I 186 10.84 -3.16 7.20
C ASP I 186 11.60 -2.56 6.02
N LEU I 187 12.62 -3.27 5.54
CA LEU I 187 13.41 -2.77 4.42
C LEU I 187 12.53 -2.47 3.22
N THR I 188 11.67 -3.43 2.86
CA THR I 188 10.74 -3.24 1.75
C THR I 188 9.80 -2.08 2.01
N ASP I 189 9.24 -1.99 3.22
CA ASP I 189 8.35 -0.89 3.57
C ASP I 189 9.02 0.47 3.36
N TYR I 190 10.15 0.68 4.05
CA TYR I 190 10.89 1.94 3.92
C TYR I 190 11.21 2.25 2.47
N LEU I 191 11.69 1.25 1.71
CA LEU I 191 11.98 1.48 0.30
C LEU I 191 10.72 1.84 -0.47
N MET I 192 9.58 1.25 -0.08
CA MET I 192 8.31 1.56 -0.70
C MET I 192 7.95 3.02 -0.51
N LYS I 193 8.11 3.54 0.71
CA LYS I 193 7.77 4.93 0.94
C LYS I 193 8.74 5.86 0.22
N ILE I 194 10.03 5.52 0.18
CA ILE I 194 10.96 6.37 -0.55
C ILE I 194 10.66 6.36 -2.04
N LEU I 195 10.38 5.19 -2.61
CA LEU I 195 9.98 5.13 -4.02
C LEU I 195 8.68 5.87 -4.27
N THR I 196 7.76 5.86 -3.30
CA THR I 196 6.58 6.71 -3.38
C THR I 196 6.97 8.18 -3.48
N GLU I 197 7.94 8.60 -2.67
CA GLU I 197 8.45 9.95 -2.81
C GLU I 197 9.26 10.16 -4.09
N ARG I 198 9.62 9.08 -4.78
CA ARG I 198 10.28 9.19 -6.07
C ARG I 198 9.29 9.20 -7.23
N GLY I 199 8.01 9.00 -6.97
CA GLY I 199 6.97 9.07 -7.99
C GLY I 199 6.30 7.75 -8.30
N TYR I 200 6.76 6.65 -7.73
CA TYR I 200 6.24 5.31 -8.02
C TYR I 200 5.63 4.75 -6.74
N SER I 201 4.32 4.57 -6.75
CA SER I 201 3.57 4.20 -5.54
C SER I 201 2.81 2.91 -5.82
N PHE I 202 3.31 1.80 -5.28
CA PHE I 202 2.65 0.50 -5.40
C PHE I 202 2.43 -0.11 -4.02
N VAL I 203 1.42 -0.97 -3.92
CA VAL I 203 1.02 -1.54 -2.65
C VAL I 203 1.10 -3.06 -2.68
N THR I 204 0.91 -3.66 -3.86
CA THR I 204 0.79 -5.10 -3.98
C THR I 204 2.14 -5.80 -3.81
N THR I 205 2.07 -7.12 -3.60
CA THR I 205 3.23 -7.92 -3.24
C THR I 205 4.18 -8.17 -4.42
N ALA I 206 3.67 -8.14 -5.66
CA ALA I 206 4.56 -8.33 -6.80
C ALA I 206 5.63 -7.26 -6.82
N GLU I 207 5.21 -6.02 -6.57
CA GLU I 207 6.17 -4.95 -6.53
C GLU I 207 7.01 -5.10 -5.26
N ARG I 208 6.52 -5.75 -4.21
CA ARG I 208 7.33 -5.99 -3.03
C ARG I 208 8.52 -6.88 -3.39
N GLU I 209 8.26 -7.92 -4.18
CA GLU I 209 9.32 -8.82 -4.60
C GLU I 209 10.26 -8.11 -5.58
N ILE I 210 9.71 -7.26 -6.45
CA ILE I 210 10.55 -6.48 -7.36
C ILE I 210 11.51 -5.59 -6.57
N VAL I 211 11.01 -4.91 -5.55
CA VAL I 211 11.87 -3.99 -4.81
C VAL I 211 12.84 -4.74 -3.91
N ARG I 212 12.48 -5.93 -3.41
CA ARG I 212 13.49 -6.70 -2.68
C ARG I 212 14.56 -7.23 -3.63
N ASP I 213 14.19 -7.55 -4.87
CA ASP I 213 15.18 -7.90 -5.88
C ASP I 213 16.10 -6.72 -6.14
N ILE I 214 15.54 -5.51 -6.21
CA ILE I 214 16.36 -4.30 -6.34
C ILE I 214 17.32 -4.19 -5.18
N LYS I 215 16.84 -4.48 -3.96
CA LYS I 215 17.73 -4.47 -2.80
C LYS I 215 18.83 -5.51 -2.93
N GLU I 216 18.50 -6.67 -3.50
CA GLU I 216 19.51 -7.71 -3.71
C GLU I 216 20.57 -7.25 -4.70
N LYS I 217 20.16 -6.50 -5.72
CA LYS I 217 21.09 -6.19 -6.82
C LYS I 217 21.89 -4.90 -6.57
N LEU I 218 21.18 -3.78 -6.37
CA LEU I 218 21.81 -2.47 -6.49
C LEU I 218 22.16 -1.79 -5.17
N CYS I 219 21.60 -2.24 -4.05
CA CYS I 219 21.68 -1.44 -2.83
C CYS I 219 23.11 -1.36 -2.30
N TYR I 220 23.45 -0.17 -1.78
CA TYR I 220 24.69 0.10 -1.08
C TYR I 220 24.47 0.14 0.43
N VAL I 221 25.56 0.02 1.17
CA VAL I 221 25.64 0.41 2.57
C VAL I 221 26.59 1.59 2.67
N ALA I 222 26.04 2.77 2.94
CA ALA I 222 26.81 4.01 2.89
C ALA I 222 27.95 3.98 3.90
N LEU I 223 29.15 4.36 3.46
CA LEU I 223 30.27 4.49 4.38
C LEU I 223 30.10 5.70 5.29
N ASP I 224 29.70 6.84 4.73
CA ASP I 224 29.33 8.04 5.47
C ASP I 224 28.00 8.48 4.88
N PHE I 225 27.01 8.75 5.73
CA PHE I 225 25.65 8.86 5.22
C PHE I 225 25.37 10.23 4.60
N GLU I 226 25.40 11.28 5.41
CA GLU I 226 24.97 12.58 4.92
C GLU I 226 25.93 13.11 3.86
N ASN I 227 27.22 12.79 3.99
CA ASN I 227 28.18 13.17 2.97
C ASN I 227 27.89 12.47 1.65
N GLU I 228 27.42 11.21 1.71
CA GLU I 228 27.12 10.52 0.46
C GLU I 228 25.83 11.00 -0.18
N MET I 229 24.81 11.41 0.59
CA MET I 229 23.71 12.10 -0.10
C MET I 229 24.14 13.47 -0.63
N ALA I 230 25.04 14.15 0.08
CA ALA I 230 25.51 15.45 -0.39
C ALA I 230 26.22 15.32 -1.73
N THR I 231 27.08 14.30 -1.88
CA THR I 231 27.70 14.04 -3.17
C THR I 231 26.78 13.29 -4.13
N ALA I 232 25.67 12.71 -3.65
CA ALA I 232 24.70 12.04 -4.49
C ALA I 232 23.63 12.98 -5.01
N ALA I 233 23.71 14.26 -4.66
CA ALA I 233 22.82 15.27 -5.22
C ALA I 233 22.69 15.12 -6.74
N SER I 234 23.80 15.23 -7.47
CA SER I 234 23.78 14.93 -8.91
C SER I 234 24.25 13.51 -9.21
N SER I 235 25.52 13.19 -8.90
CA SER I 235 26.01 11.83 -9.04
C SER I 235 25.51 11.11 -10.25
N SER I 236 25.89 11.57 -11.41
CA SER I 236 25.47 10.84 -12.60
C SER I 236 26.08 9.45 -12.65
N SER I 237 27.37 9.32 -12.31
CA SER I 237 28.00 8.01 -12.29
C SER I 237 27.54 7.18 -11.10
N LEU I 238 27.46 7.80 -9.91
CA LEU I 238 27.10 7.05 -8.72
C LEU I 238 25.64 6.59 -8.74
N GLU I 239 24.76 7.37 -9.36
CA GLU I 239 23.37 6.97 -9.49
C GLU I 239 23.26 5.72 -10.37
N LYS I 240 22.42 4.79 -9.96
CA LYS I 240 22.34 3.48 -10.61
C LYS I 240 20.91 3.19 -11.03
N SER I 241 20.77 2.44 -12.13
CA SER I 241 19.47 2.18 -12.71
C SER I 241 19.18 0.68 -12.71
N TYR I 242 17.90 0.35 -12.81
CA TYR I 242 17.45 -1.03 -12.93
C TYR I 242 16.46 -1.15 -14.08
N GLU I 243 16.46 -2.34 -14.69
CA GLU I 243 15.58 -2.67 -15.80
C GLU I 243 14.48 -3.57 -15.26
N LEU I 244 13.32 -2.98 -15.00
CA LEU I 244 12.18 -3.74 -14.50
C LEU I 244 11.65 -4.67 -15.58
N PRO I 245 11.09 -5.82 -15.18
CA PRO I 245 10.70 -6.84 -16.18
C PRO I 245 9.74 -6.33 -17.24
N ASP I 246 8.89 -5.34 -16.92
CA ASP I 246 8.06 -4.73 -17.95
C ASP I 246 8.87 -3.97 -18.98
N GLY I 247 10.11 -3.63 -18.67
CA GLY I 247 11.00 -2.91 -19.57
C GLY I 247 11.30 -1.47 -19.21
N GLN I 248 10.59 -0.85 -18.28
CA GLN I 248 10.91 0.52 -17.92
C GLN I 248 12.19 0.58 -17.12
N VAL I 249 12.94 1.66 -17.32
CA VAL I 249 14.20 1.89 -16.64
C VAL I 249 13.91 2.78 -15.43
N ILE I 250 14.13 2.25 -14.24
CA ILE I 250 13.89 2.98 -13.00
C ILE I 250 15.24 3.30 -12.36
N THR I 251 15.48 4.59 -12.14
CA THR I 251 16.77 5.09 -11.68
C THR I 251 16.67 5.46 -10.20
N ILE I 252 17.64 5.00 -9.42
CA ILE I 252 17.71 5.27 -7.98
C ILE I 252 19.13 5.69 -7.64
N GLY I 253 19.25 6.70 -6.78
CA GLY I 253 20.56 7.19 -6.39
C GLY I 253 20.93 6.92 -4.94
N ASN I 254 20.75 7.93 -4.09
CA ASN I 254 21.10 7.78 -2.68
C ASN I 254 20.27 6.71 -1.99
N GLU I 255 19.06 6.44 -2.49
CA GLU I 255 18.19 5.44 -1.86
C GLU I 255 18.89 4.10 -1.72
N ARG I 256 19.79 3.77 -2.65
CA ARG I 256 20.52 2.51 -2.59
C ARG I 256 21.18 2.31 -1.24
N PHE I 257 21.81 3.36 -0.70
CA PHE I 257 22.40 3.27 0.63
C PHE I 257 21.58 3.97 1.69
N ARG I 258 20.42 4.52 1.35
CA ARG I 258 19.54 5.05 2.38
C ARG I 258 18.52 4.03 2.87
N CYS I 259 18.36 2.91 2.18
CA CYS I 259 17.47 1.84 2.66
C CYS I 259 18.03 0.93 3.78
N PRO I 260 19.20 0.29 3.57
CA PRO I 260 19.72 -0.51 4.69
C PRO I 260 20.14 0.34 5.89
N GLU I 261 20.38 1.62 5.66
CA GLU I 261 20.83 2.50 6.74
C GLU I 261 19.80 2.55 7.85
N THR I 262 18.51 2.37 7.53
CA THR I 262 17.46 2.46 8.53
C THR I 262 17.68 1.45 9.65
N LEU I 263 18.18 0.24 9.35
CA LEU I 263 18.47 -0.69 10.44
C LEU I 263 19.52 -0.07 11.34
N PHE I 264 20.55 0.53 10.77
CA PHE I 264 21.57 1.23 11.55
C PHE I 264 21.04 2.50 12.21
N GLN I 265 20.10 3.19 11.57
CA GLN I 265 19.53 4.44 12.08
C GLN I 265 18.00 4.28 12.18
N PRO I 266 17.50 3.62 13.25
CA PRO I 266 16.06 3.35 13.33
C PRO I 266 15.21 4.59 13.51
N SER I 267 15.80 5.72 13.92
CA SER I 267 15.04 6.95 14.13
C SER I 267 14.40 7.46 12.85
N PHE I 268 14.83 6.96 11.69
CA PHE I 268 14.19 7.36 10.43
C PHE I 268 12.70 7.04 10.43
N ILE I 269 12.32 5.85 10.90
CA ILE I 269 10.91 5.52 10.96
C ILE I 269 10.47 5.17 12.38
N GLY I 270 11.17 5.72 13.38
CA GLY I 270 10.64 5.71 14.73
C GLY I 270 10.74 4.44 15.55
N MET I 271 11.95 4.00 15.87
CA MET I 271 12.17 2.97 16.85
C MET I 271 12.98 3.53 18.01
N GLU I 272 12.57 3.20 19.24
CA GLU I 272 13.36 3.57 20.40
C GLU I 272 14.73 2.90 20.38
N SER I 273 14.78 1.63 20.00
CA SER I 273 16.03 0.91 19.90
C SER I 273 16.93 1.56 18.86
N ALA I 274 18.22 1.64 19.17
CA ALA I 274 19.19 2.23 18.24
C ALA I 274 19.57 1.18 17.19
N GLY I 275 20.63 1.46 16.44
CA GLY I 275 21.05 0.55 15.39
C GLY I 275 21.44 -0.81 15.93
N ILE I 276 21.46 -1.79 15.02
CA ILE I 276 21.77 -3.17 15.42
C ILE I 276 23.19 -3.29 15.97
N HIS I 277 24.10 -2.39 15.60
CA HIS I 277 25.42 -2.39 16.21
C HIS I 277 25.35 -2.05 17.70
N GLU I 278 24.45 -1.14 18.08
CA GLU I 278 24.23 -0.90 19.50
C GLU I 278 23.69 -2.16 20.19
N THR I 279 22.84 -2.91 19.50
CA THR I 279 22.28 -4.12 20.09
C THR I 279 23.38 -5.16 20.23
N THR I 280 24.32 -5.26 19.33
CA THR I 280 25.45 -6.17 19.56
C THR I 280 26.35 -5.66 20.68
N TYR I 281 26.61 -4.35 20.72
CA TYR I 281 27.39 -3.75 21.81
C TYR I 281 26.82 -4.02 23.20
N ASN I 282 25.55 -3.64 23.44
CA ASN I 282 24.95 -3.90 24.75
C ASN I 282 25.01 -5.39 25.05
N SER I 283 24.68 -6.24 24.07
CA SER I 283 24.72 -7.68 24.28
C SER I 283 26.08 -8.07 24.81
N ILE I 284 27.14 -7.54 24.21
CA ILE I 284 28.49 -7.90 24.62
C ILE I 284 28.73 -7.48 26.07
N MET I 285 28.48 -6.20 26.41
CA MET I 285 28.78 -5.80 27.79
C MET I 285 27.93 -6.47 28.87
N LYS I 286 26.74 -6.97 28.55
CA LYS I 286 25.90 -7.59 29.57
C LYS I 286 26.66 -8.73 30.24
N CYS I 287 27.49 -9.45 29.49
CA CYS I 287 28.22 -10.60 29.99
C CYS I 287 29.55 -10.10 30.57
N ASP I 288 30.26 -11.00 31.27
CA ASP I 288 31.53 -10.63 31.90
C ASP I 288 32.45 -9.87 30.95
N ILE I 289 33.19 -8.93 31.53
CA ILE I 289 34.08 -8.05 30.79
C ILE I 289 35.10 -8.83 29.96
N ASP I 290 35.77 -9.80 30.58
CA ASP I 290 37.01 -10.34 30.02
C ASP I 290 36.82 -10.90 28.61
N ILE I 291 35.82 -11.77 28.42
CA ILE I 291 35.67 -12.43 27.13
C ILE I 291 35.16 -11.49 26.05
N ARG I 292 34.81 -10.26 26.43
CA ARG I 292 34.18 -9.35 25.48
C ARG I 292 35.10 -9.14 24.28
N LYS I 293 36.41 -9.04 24.51
CA LYS I 293 37.35 -8.88 23.41
C LYS I 293 37.21 -10.01 22.40
N ASP I 294 37.12 -11.25 22.88
CA ASP I 294 36.93 -12.38 21.99
C ASP I 294 35.63 -12.24 21.21
N LEU I 295 34.56 -11.79 21.87
CA LEU I 295 33.31 -11.54 21.16
C LEU I 295 33.52 -10.53 20.06
N TYR I 296 34.30 -9.48 20.35
CA TYR I 296 34.61 -8.48 19.33
C TYR I 296 35.31 -9.14 18.15
N ALA I 297 36.22 -10.06 18.42
CA ALA I 297 37.04 -10.64 17.37
C ALA I 297 36.39 -11.86 16.71
N ASN I 298 35.28 -12.35 17.25
CA ASN I 298 34.68 -13.58 16.75
C ASN I 298 33.24 -13.41 16.31
N ASN I 299 32.83 -12.18 16.01
CA ASN I 299 31.44 -11.96 15.59
C ASN I 299 31.15 -12.62 14.25
N VAL I 300 30.00 -13.27 14.16
CA VAL I 300 29.56 -13.91 12.94
C VAL I 300 28.21 -13.32 12.55
N MET I 301 27.97 -13.24 11.25
CA MET I 301 26.69 -12.78 10.72
C MET I 301 26.12 -13.85 9.80
N SER I 302 24.81 -14.07 9.88
CA SER I 302 24.16 -15.13 9.10
C SER I 302 22.79 -14.65 8.64
N GLY I 303 22.37 -15.16 7.49
CA GLY I 303 21.07 -14.86 6.91
C GLY I 303 21.16 -14.58 5.43
N GLY I 304 20.01 -14.64 4.76
CA GLY I 304 19.98 -14.36 3.33
C GLY I 304 20.36 -12.94 2.99
N THR I 305 20.01 -12.00 3.88
CA THR I 305 20.34 -10.59 3.66
C THR I 305 21.84 -10.42 3.50
N THR I 306 22.62 -11.21 4.23
CA THR I 306 24.07 -11.08 4.22
C THR I 306 24.66 -11.12 2.82
N MET I 307 23.91 -11.58 1.80
CA MET I 307 24.44 -11.46 0.45
C MET I 307 24.68 -10.02 0.02
N TYR I 308 24.19 -9.03 0.77
CA TYR I 308 24.38 -7.66 0.34
C TYR I 308 25.79 -7.21 0.72
N PRO I 309 26.37 -6.27 0.00
CA PRO I 309 27.66 -5.70 0.41
C PRO I 309 27.47 -4.67 1.52
N GLY I 310 28.57 -4.31 2.16
CA GLY I 310 28.58 -3.20 3.09
C GLY I 310 28.34 -3.52 4.56
N ILE I 311 27.76 -4.66 4.89
CA ILE I 311 27.54 -4.95 6.31
C ILE I 311 28.87 -5.12 7.06
N ALA I 312 29.86 -5.79 6.45
CA ALA I 312 31.12 -6.04 7.15
C ALA I 312 31.88 -4.76 7.50
N ASP I 313 32.10 -3.88 6.52
CA ASP I 313 32.87 -2.67 6.80
C ASP I 313 32.17 -1.80 7.83
N ARG I 314 30.85 -1.61 7.65
CA ARG I 314 30.10 -0.79 8.59
C ARG I 314 30.19 -1.39 9.98
N MET I 315 30.00 -2.71 10.07
CA MET I 315 30.03 -3.41 11.34
C MET I 315 31.32 -3.12 12.08
N GLN I 316 32.45 -3.46 11.45
CA GLN I 316 33.72 -3.29 12.13
C GLN I 316 33.98 -1.84 12.50
N LYS I 317 33.79 -0.92 11.55
CA LYS I 317 34.10 0.48 11.86
C LYS I 317 33.30 0.98 13.06
N GLU I 318 31.99 0.76 13.09
CA GLU I 318 31.19 1.26 14.21
C GLU I 318 31.56 0.57 15.52
N ILE I 319 31.81 -0.75 15.51
CA ILE I 319 32.20 -1.39 16.77
C ILE I 319 33.54 -0.85 17.26
N THR I 320 34.49 -0.63 16.36
CA THR I 320 35.75 -0.02 16.74
C THR I 320 35.55 1.39 17.27
N ALA I 321 34.59 2.13 16.71
CA ALA I 321 34.28 3.45 17.24
C ALA I 321 33.73 3.36 18.66
N LEU I 322 32.86 2.38 18.92
CA LEU I 322 32.24 2.22 20.22
C LEU I 322 33.18 1.60 21.25
N ALA I 323 33.91 0.56 20.86
CA ALA I 323 34.81 -0.22 21.70
C ALA I 323 36.26 0.26 21.51
N PRO I 324 37.12 0.08 22.50
CA PRO I 324 38.52 0.47 22.31
C PRO I 324 39.17 -0.27 21.15
N SER I 325 40.04 0.44 20.44
CA SER I 325 40.66 -0.04 19.20
C SER I 325 42.01 -0.71 19.43
N THR I 326 42.21 -1.38 20.56
CA THR I 326 43.49 -2.07 20.76
C THR I 326 43.50 -3.36 19.95
N MET I 327 42.55 -4.25 20.23
CA MET I 327 42.51 -5.54 19.56
C MET I 327 41.86 -5.35 18.22
N LYS I 328 42.28 -6.12 17.23
CA LYS I 328 41.72 -6.04 15.89
C LYS I 328 40.43 -6.86 15.80
N ILE I 329 39.36 -6.22 15.31
CA ILE I 329 38.08 -6.86 15.07
C ILE I 329 37.96 -7.27 13.62
N LYS I 330 37.58 -8.52 13.39
CA LYS I 330 37.38 -9.05 12.04
C LYS I 330 36.14 -9.94 12.01
N ILE I 331 35.32 -9.75 10.98
CA ILE I 331 34.09 -10.52 10.76
C ILE I 331 34.41 -11.69 9.85
N ILE I 332 33.68 -12.80 10.03
CA ILE I 332 33.80 -13.96 9.16
C ILE I 332 32.41 -14.27 8.63
N ALA I 333 32.33 -14.54 7.32
CA ALA I 333 31.06 -14.83 6.68
C ALA I 333 31.28 -15.64 5.40
N PRO I 334 31.10 -16.97 5.44
CA PRO I 334 31.33 -17.78 4.24
C PRO I 334 30.29 -17.48 3.17
N PRO I 335 30.69 -17.53 1.90
CA PRO I 335 29.73 -17.32 0.82
C PRO I 335 28.59 -18.34 0.85
N GLU I 336 27.40 -17.86 0.46
CA GLU I 336 26.18 -18.67 0.45
C GLU I 336 25.90 -19.26 1.84
N ARG I 337 25.86 -18.37 2.83
CA ARG I 337 25.65 -18.79 4.21
C ARG I 337 24.18 -18.97 4.56
N LYS I 338 23.26 -18.59 3.69
CA LYS I 338 21.85 -18.82 3.97
C LYS I 338 21.51 -20.31 3.93
N TYR I 339 22.30 -21.11 3.22
CA TYR I 339 22.20 -22.56 3.27
C TYR I 339 22.94 -23.15 4.47
N SER I 340 23.79 -22.35 5.11
CA SER I 340 24.71 -22.85 6.12
C SER I 340 23.97 -23.56 7.25
N VAL I 341 22.85 -22.99 7.71
CA VAL I 341 22.07 -23.62 8.76
C VAL I 341 21.71 -25.05 8.37
N TRP I 342 21.20 -25.23 7.16
CA TRP I 342 20.84 -26.57 6.71
C TRP I 342 22.06 -27.47 6.68
N ILE I 343 23.21 -26.92 6.27
CA ILE I 343 24.45 -27.68 6.30
C ILE I 343 24.72 -28.17 7.71
N GLY I 344 24.57 -27.28 8.70
CA GLY I 344 24.75 -27.70 10.08
C GLY I 344 23.80 -28.80 10.48
N GLY I 345 22.59 -28.78 9.95
CA GLY I 345 21.66 -29.87 10.21
C GLY I 345 22.22 -31.19 9.74
N SER I 346 22.76 -31.19 8.51
CA SER I 346 23.43 -32.38 8.00
C SER I 346 24.57 -32.78 8.94
N ILE I 347 25.30 -31.79 9.44
CA ILE I 347 26.40 -32.06 10.36
C ILE I 347 25.87 -32.78 11.60
N LEU I 348 24.70 -32.36 12.09
CA LEU I 348 24.11 -33.00 13.24
C LEU I 348 23.83 -34.47 12.95
N ALA I 349 23.33 -34.76 11.76
CA ALA I 349 23.07 -36.15 11.42
C ALA I 349 24.34 -36.92 11.08
N SER I 350 25.47 -36.23 10.91
CA SER I 350 26.70 -36.91 10.53
C SER I 350 27.18 -37.87 11.61
N LEU I 351 27.14 -37.45 12.86
CA LEU I 351 27.72 -38.21 13.97
C LEU I 351 26.71 -39.23 14.52
N SER I 352 27.25 -40.28 15.12
CA SER I 352 26.46 -41.42 15.58
C SER I 352 25.86 -41.22 16.98
N THR I 353 26.17 -40.10 17.65
CA THR I 353 25.53 -39.82 18.92
C THR I 353 24.17 -39.14 18.76
N PHE I 354 23.88 -38.60 17.57
CA PHE I 354 22.65 -37.86 17.35
C PHE I 354 21.41 -38.73 17.55
N GLN I 355 21.49 -40.02 17.24
CA GLN I 355 20.33 -40.88 17.44
C GLN I 355 20.13 -41.31 18.89
N GLN I 356 20.99 -40.86 19.81
CA GLN I 356 20.70 -41.09 21.22
C GLN I 356 19.53 -40.24 21.72
N MET I 357 19.30 -39.07 21.13
CA MET I 357 18.24 -38.17 21.61
C MET I 357 17.23 -37.80 20.52
N TRP I 358 16.98 -38.70 19.57
CA TRP I 358 15.80 -38.58 18.72
C TRP I 358 14.54 -38.61 19.56
N ILE I 359 13.59 -37.72 19.25
CA ILE I 359 12.31 -37.66 19.94
C ILE I 359 11.38 -38.66 19.26
N THR I 360 11.29 -39.86 19.82
CA THR I 360 10.54 -40.94 19.19
C THR I 360 9.04 -40.76 19.41
N LYS I 361 8.26 -41.54 18.67
CA LYS I 361 6.80 -41.47 18.76
C LYS I 361 6.29 -41.87 20.14
N GLN I 362 6.85 -42.93 20.72
CA GLN I 362 6.33 -43.45 21.99
C GLN I 362 6.55 -42.49 23.14
N GLU I 363 7.65 -41.72 23.14
CA GLU I 363 7.83 -40.72 24.19
C GLU I 363 6.73 -39.67 24.15
N TYR I 364 6.41 -39.19 22.95
CA TYR I 364 5.32 -38.22 22.80
C TYR I 364 3.98 -38.85 23.16
N ASP I 365 3.77 -40.12 22.81
CA ASP I 365 2.53 -40.78 23.20
C ASP I 365 2.40 -40.93 24.71
N GLU I 366 3.53 -41.13 25.41
CA GLU I 366 3.49 -41.24 26.86
C GLU I 366 3.23 -39.90 27.52
N ALA I 367 4.10 -38.92 27.27
CA ALA I 367 4.06 -37.67 28.02
C ALA I 367 3.41 -36.53 27.26
N GLY I 368 2.77 -36.79 26.12
CA GLY I 368 2.17 -35.74 25.32
C GLY I 368 3.22 -34.85 24.71
N PRO I 369 2.83 -33.64 24.30
CA PRO I 369 3.83 -32.66 23.85
C PRO I 369 4.76 -32.24 24.96
N SER I 370 4.32 -32.30 26.22
CA SER I 370 5.08 -31.76 27.34
C SER I 370 6.45 -32.39 27.44
N ILE I 371 6.64 -33.59 26.88
CA ILE I 371 7.92 -34.27 26.96
C ILE I 371 9.03 -33.44 26.33
N VAL I 372 8.70 -32.64 25.30
CA VAL I 372 9.76 -31.87 24.66
C VAL I 372 10.36 -30.88 25.65
N HIS I 373 9.56 -30.44 26.64
CA HIS I 373 10.07 -29.51 27.65
C HIS I 373 11.24 -30.10 28.41
N ARG I 374 11.32 -31.43 28.46
CA ARG I 374 12.40 -32.14 29.12
C ARG I 374 13.32 -32.84 28.15
N LYS I 375 12.95 -32.94 26.87
CA LYS I 375 13.73 -33.73 25.93
C LYS I 375 14.65 -32.91 25.07
N CYS I 376 14.29 -31.66 24.77
CA CYS I 376 15.19 -30.77 24.04
C CYS I 376 16.03 -29.94 24.99
N PHE I 377 15.39 -29.19 25.88
CA PHE I 377 16.10 -28.49 26.94
C PHE I 377 15.82 -29.13 28.29
N ASP J 3 -9.75 44.18 -4.07
CA ASP J 3 -8.61 43.87 -3.22
C ASP J 3 -8.65 44.68 -1.93
N GLU J 4 -8.39 44.02 -0.81
CA GLU J 4 -8.33 44.71 0.47
C GLU J 4 -7.12 45.65 0.52
N ASP J 5 -7.30 46.76 1.23
CA ASP J 5 -6.23 47.74 1.37
C ASP J 5 -5.00 47.15 2.04
N GLU J 6 -5.19 46.13 2.88
CA GLU J 6 -4.10 45.51 3.61
C GLU J 6 -3.46 44.43 2.71
N THR J 7 -2.19 44.13 2.98
CA THR J 7 -1.39 43.21 2.18
C THR J 7 -1.55 41.77 2.66
N THR J 8 -2.72 41.41 3.20
CA THR J 8 -2.99 40.08 3.72
C THR J 8 -2.70 39.00 2.68
N ALA J 9 -2.47 37.78 3.15
CA ALA J 9 -1.99 36.70 2.29
C ALA J 9 -3.14 36.04 1.53
N LEU J 10 -2.78 35.34 0.46
CA LEU J 10 -3.70 34.51 -0.28
C LEU J 10 -3.77 33.12 0.34
N VAL J 11 -4.97 32.56 0.41
CA VAL J 11 -5.18 31.21 0.92
C VAL J 11 -5.85 30.40 -0.17
N CYS J 12 -5.15 29.37 -0.66
CA CYS J 12 -5.62 28.58 -1.78
C CYS J 12 -5.44 27.10 -1.47
N ASP J 13 -6.55 26.36 -1.47
CA ASP J 13 -6.56 24.92 -1.33
C ASP J 13 -6.73 24.29 -2.71
N ASN J 14 -5.65 23.74 -3.25
CA ASN J 14 -5.73 22.99 -4.50
C ASN J 14 -6.00 21.52 -4.20
N GLY J 15 -7.18 21.29 -3.63
CA GLY J 15 -7.57 19.92 -3.30
C GLY J 15 -7.72 19.06 -4.53
N SER J 16 -7.46 17.76 -4.35
CA SER J 16 -7.53 16.81 -5.45
C SER J 16 -8.99 16.60 -5.80
N GLY J 17 -9.52 17.51 -6.62
CA GLY J 17 -10.91 17.46 -7.02
C GLY J 17 -11.60 18.81 -7.01
N LEU J 18 -11.09 19.74 -6.19
CA LEU J 18 -11.68 21.06 -6.09
C LEU J 18 -10.60 22.07 -5.74
N VAL J 19 -10.70 23.26 -6.34
CA VAL J 19 -9.80 24.37 -6.04
C VAL J 19 -10.61 25.45 -5.36
N LYS J 20 -10.18 25.85 -4.16
CA LYS J 20 -10.89 26.82 -3.33
C LYS J 20 -9.92 27.91 -2.91
N ALA J 21 -10.12 29.12 -3.42
CA ALA J 21 -9.15 30.20 -3.23
C ALA J 21 -9.83 31.43 -2.67
N GLY J 22 -9.06 32.21 -1.91
CA GLY J 22 -9.58 33.42 -1.33
C GLY J 22 -8.49 34.17 -0.58
N PHE J 23 -8.93 35.10 0.27
CA PHE J 23 -8.03 35.94 1.03
C PHE J 23 -7.90 35.44 2.47
N ALA J 24 -6.77 35.73 3.08
CA ALA J 24 -6.57 35.42 4.48
C ALA J 24 -7.44 36.32 5.36
N GLY J 25 -7.89 35.76 6.49
CA GLY J 25 -8.83 36.42 7.35
C GLY J 25 -10.28 36.22 6.97
N ASP J 26 -10.55 35.59 5.83
CA ASP J 26 -11.91 35.28 5.41
C ASP J 26 -12.34 33.93 5.97
N ASP J 27 -13.65 33.77 6.14
CA ASP J 27 -14.17 32.54 6.72
C ASP J 27 -14.33 31.42 5.69
N ALA J 28 -14.66 31.76 4.45
CA ALA J 28 -14.83 30.77 3.40
C ALA J 28 -14.11 31.22 2.14
N PRO J 29 -13.61 30.27 1.34
CA PRO J 29 -12.96 30.65 0.08
C PRO J 29 -13.94 31.31 -0.86
N ARG J 30 -13.45 32.29 -1.62
CA ARG J 30 -14.33 33.08 -2.48
C ARG J 30 -14.57 32.38 -3.82
N ALA J 31 -13.50 31.88 -4.45
CA ALA J 31 -13.61 31.23 -5.75
C ALA J 31 -13.41 29.73 -5.58
N VAL J 32 -14.47 28.96 -5.75
CA VAL J 32 -14.44 27.51 -5.59
C VAL J 32 -14.91 26.88 -6.89
N PHE J 33 -14.07 26.06 -7.49
CA PHE J 33 -14.45 25.40 -8.74
C PHE J 33 -13.88 23.99 -8.81
N PRO J 34 -14.56 23.08 -9.49
CA PRO J 34 -14.01 21.74 -9.72
C PRO J 34 -12.79 21.79 -10.62
N SER J 35 -11.98 20.73 -10.54
CA SER J 35 -10.69 20.68 -11.21
C SER J 35 -10.77 20.10 -12.61
N ILE J 36 -11.92 20.20 -13.28
CA ILE J 36 -12.07 19.73 -14.66
C ILE J 36 -11.61 20.86 -15.58
N VAL J 37 -11.06 20.49 -16.73
CA VAL J 37 -10.58 21.47 -17.71
C VAL J 37 -11.07 21.05 -19.10
N GLY J 38 -11.76 21.95 -19.79
CA GLY J 38 -12.31 21.65 -21.11
C GLY J 38 -11.52 22.28 -22.24
N ARG J 39 -11.38 21.50 -23.33
CA ARG J 39 -10.65 21.88 -24.52
C ARG J 39 -11.51 21.72 -25.77
N PRO J 40 -11.41 22.63 -26.77
CA PRO J 40 -12.23 22.51 -27.98
C PRO J 40 -12.12 21.12 -28.60
N ARG J 41 -13.27 20.45 -28.75
CA ARG J 41 -13.30 19.12 -29.34
C ARG J 41 -12.96 19.13 -30.83
N HIS J 42 -13.12 20.25 -31.52
CA HIS J 42 -12.81 20.33 -32.94
C HIS J 42 -12.03 21.61 -33.23
N GLN J 43 -11.77 21.84 -34.52
CA GLN J 43 -10.96 22.96 -34.98
C GLN J 43 -11.82 24.17 -35.36
N GLY J 44 -11.13 25.28 -35.62
CA GLY J 44 -11.76 26.55 -35.92
C GLY J 44 -11.98 26.93 -37.37
N VAL J 45 -13.23 27.22 -37.71
CA VAL J 45 -13.60 27.64 -39.07
C VAL J 45 -14.56 28.83 -38.97
N MET J 46 -15.34 28.85 -37.91
CA MET J 46 -16.28 29.93 -37.58
C MET J 46 -15.54 31.13 -37.02
N VAL J 47 -16.26 32.24 -36.91
CA VAL J 47 -15.70 33.51 -36.43
C VAL J 47 -16.84 34.29 -35.79
N GLY J 48 -16.49 35.37 -35.09
CA GLY J 48 -17.45 36.24 -34.44
C GLY J 48 -17.61 36.04 -32.94
N MET J 49 -17.15 34.93 -32.39
CA MET J 49 -17.31 34.65 -30.97
C MET J 49 -16.52 33.40 -30.61
N GLY J 50 -16.36 33.17 -29.31
CA GLY J 50 -15.66 31.98 -28.84
C GLY J 50 -14.25 31.84 -29.40
N GLN J 51 -13.97 30.66 -29.92
CA GLN J 51 -12.66 30.30 -30.50
C GLN J 51 -11.54 30.52 -29.49
N LYS J 52 -11.75 30.04 -28.27
CA LYS J 52 -10.76 30.13 -27.20
C LYS J 52 -10.40 28.72 -26.78
N ASP J 53 -9.11 28.48 -26.60
CA ASP J 53 -8.61 27.17 -26.21
C ASP J 53 -9.06 26.74 -24.82
N SER J 54 -8.36 27.18 -23.78
CA SER J 54 -8.66 26.74 -22.43
C SER J 54 -10.00 27.28 -21.94
N TYR J 55 -10.81 26.39 -21.36
CA TYR J 55 -12.06 26.75 -20.69
C TYR J 55 -12.00 26.12 -19.30
N VAL J 56 -12.15 26.95 -18.27
CA VAL J 56 -12.07 26.51 -16.89
C VAL J 56 -13.26 27.03 -16.10
N GLY J 57 -13.55 26.37 -14.99
CA GLY J 57 -14.58 26.80 -14.07
C GLY J 57 -15.98 26.60 -14.61
N ASP J 58 -16.90 27.45 -14.15
CA ASP J 58 -18.29 27.33 -14.56
C ASP J 58 -18.46 27.50 -16.06
N GLU J 59 -17.56 28.22 -16.72
CA GLU J 59 -17.61 28.31 -18.17
C GLU J 59 -17.52 26.92 -18.80
N ALA J 60 -16.55 26.12 -18.36
CA ALA J 60 -16.46 24.76 -18.88
C ALA J 60 -17.62 23.91 -18.43
N GLN J 61 -18.15 24.16 -17.22
CA GLN J 61 -19.31 23.42 -16.77
C GLN J 61 -20.50 23.65 -17.70
N SER J 62 -20.70 24.90 -18.13
CA SER J 62 -21.75 25.19 -19.10
C SER J 62 -21.39 24.65 -20.48
N LYS J 63 -20.10 24.57 -20.81
CA LYS J 63 -19.68 24.14 -22.14
C LYS J 63 -19.12 22.72 -22.12
N ARG J 64 -19.66 21.87 -21.25
CA ARG J 64 -19.16 20.52 -21.09
C ARG J 64 -19.33 19.70 -22.37
N GLY J 65 -20.47 19.88 -23.04
CA GLY J 65 -20.77 19.07 -24.20
C GLY J 65 -19.86 19.31 -25.37
N ILE J 66 -19.37 20.55 -25.53
CA ILE J 66 -18.58 20.90 -26.70
C ILE J 66 -17.09 20.66 -26.48
N LEU J 67 -16.67 20.39 -25.25
CA LEU J 67 -15.26 20.32 -24.92
C LEU J 67 -14.90 18.89 -24.55
N THR J 68 -13.70 18.47 -24.95
CA THR J 68 -13.09 17.30 -24.34
C THR J 68 -12.70 17.67 -22.93
N LEU J 69 -13.24 16.94 -21.95
CA LEU J 69 -13.04 17.25 -20.55
C LEU J 69 -11.86 16.41 -20.05
N LYS J 70 -10.81 17.08 -19.60
CA LYS J 70 -9.56 16.45 -19.21
C LYS J 70 -9.21 16.89 -17.80
N TYR J 71 -8.43 16.06 -17.12
CA TYR J 71 -8.07 16.31 -15.73
C TYR J 71 -6.59 16.63 -15.66
N PRO J 72 -6.21 17.87 -15.37
CA PRO J 72 -4.77 18.18 -15.26
C PRO J 72 -4.08 17.45 -14.12
N ILE J 73 -4.82 16.96 -13.13
CA ILE J 73 -4.27 16.16 -12.04
C ILE J 73 -5.18 14.97 -11.81
N GLU J 74 -4.57 13.80 -11.59
CA GLU J 74 -5.33 12.61 -11.23
C GLU J 74 -4.49 11.82 -10.24
N GLY J 76 -2.90 12.87 -7.85
CA GLY J 76 -1.69 13.60 -7.57
C GLY J 76 -0.75 13.80 -8.75
N ILE J 77 -0.82 12.90 -9.73
CA ILE J 77 0.06 12.98 -10.88
C ILE J 77 -0.28 14.21 -11.71
N ILE J 78 0.77 14.90 -12.17
CA ILE J 78 0.62 16.15 -12.92
C ILE J 78 0.82 15.88 -14.40
N THR J 79 -0.14 16.30 -15.21
CA THR J 79 -0.04 16.14 -16.68
C THR J 79 0.72 17.29 -17.32
N ASN J 80 0.16 18.51 -17.24
CA ASN J 80 0.69 19.66 -17.96
C ASN J 80 0.66 20.88 -17.06
N TRP J 81 1.84 21.41 -16.72
CA TRP J 81 1.93 22.60 -15.88
C TRP J 81 1.28 23.82 -16.52
N ASP J 82 1.24 23.88 -17.86
CA ASP J 82 0.55 24.99 -18.52
C ASP J 82 -0.92 25.05 -18.10
N ASP J 83 -1.55 23.90 -17.88
CA ASP J 83 -2.94 23.89 -17.45
C ASP J 83 -3.11 24.55 -16.09
N MET J 84 -2.23 24.22 -15.14
CA MET J 84 -2.24 24.91 -13.85
C MET J 84 -1.94 26.38 -13.99
N GLU J 85 -1.00 26.73 -14.87
CA GLU J 85 -0.71 28.15 -15.13
C GLU J 85 -1.97 28.90 -15.53
N LYS J 86 -2.69 28.37 -16.52
CA LYS J 86 -3.91 29.03 -16.98
C LYS J 86 -4.98 29.06 -15.91
N ILE J 87 -5.19 27.97 -15.19
CA ILE J 87 -6.29 27.97 -14.22
C ILE J 87 -5.97 28.89 -13.05
N TRP J 88 -4.70 28.98 -12.66
CA TRP J 88 -4.31 29.92 -11.61
C TRP J 88 -4.44 31.37 -12.08
N HIS J 89 -4.07 31.64 -13.33
CA HIS J 89 -4.34 32.96 -13.90
C HIS J 89 -5.82 33.31 -13.82
N HIS J 90 -6.68 32.38 -14.23
CA HIS J 90 -8.12 32.59 -14.19
C HIS J 90 -8.60 32.84 -12.77
N THR J 91 -8.13 32.02 -11.83
CA THR J 91 -8.56 32.15 -10.44
C THR J 91 -8.13 33.49 -9.86
N PHE J 92 -6.88 33.88 -10.08
CA PHE J 92 -6.35 35.09 -9.47
C PHE J 92 -6.97 36.35 -10.06
N TYR J 93 -7.18 36.38 -11.38
CA TYR J 93 -7.57 37.63 -12.03
C TYR J 93 -9.03 37.68 -12.43
N ASN J 94 -9.57 36.61 -13.01
CA ASN J 94 -10.96 36.59 -13.44
C ASN J 94 -11.92 36.21 -12.32
N GLU J 95 -11.45 35.47 -11.32
CA GLU J 95 -12.32 34.98 -10.25
C GLU J 95 -12.03 35.64 -8.90
N LEU J 96 -10.76 35.77 -8.51
CA LEU J 96 -10.43 36.42 -7.26
C LEU J 96 -10.19 37.91 -7.44
N ARG J 97 -9.97 38.37 -8.68
CA ARG J 97 -9.70 39.78 -8.97
C ARG J 97 -8.55 40.31 -8.12
N VAL J 98 -7.51 39.50 -7.99
CA VAL J 98 -6.36 39.83 -7.16
C VAL J 98 -5.07 39.61 -7.95
N ALA J 99 -4.06 40.42 -7.63
CA ALA J 99 -2.74 40.27 -8.22
C ALA J 99 -1.83 39.59 -7.21
N PRO J 100 -1.14 38.51 -7.57
CA PRO J 100 -0.29 37.82 -6.59
C PRO J 100 1.00 38.56 -6.25
N GLU J 101 1.26 39.72 -6.85
CA GLU J 101 2.47 40.47 -6.55
C GLU J 101 2.52 40.91 -5.10
N GLU J 102 1.39 41.35 -4.55
CA GLU J 102 1.35 41.99 -3.24
C GLU J 102 0.83 41.09 -2.13
N HIS J 103 0.59 39.81 -2.41
CA HIS J 103 0.07 38.91 -1.38
C HIS J 103 0.80 37.56 -1.39
N PRO J 104 1.46 37.21 -0.30
CA PRO J 104 2.02 35.86 -0.19
C PRO J 104 0.92 34.80 -0.21
N THR J 105 1.28 33.61 -0.67
CA THR J 105 0.34 32.53 -0.89
C THR J 105 0.61 31.37 0.07
N LEU J 106 -0.45 30.93 0.74
CA LEU J 106 -0.46 29.67 1.49
C LEU J 106 -1.24 28.64 0.69
N LEU J 107 -0.58 27.55 0.34
CA LEU J 107 -1.16 26.49 -0.46
C LEU J 107 -1.20 25.19 0.33
N THR J 108 -2.16 24.34 -0.02
CA THR J 108 -2.28 23.01 0.57
C THR J 108 -2.09 21.98 -0.54
N GLU J 109 -1.35 20.92 -0.24
CA GLU J 109 -1.04 19.89 -1.22
C GLU J 109 -1.54 18.54 -0.74
N ALA J 110 -1.79 17.66 -1.70
CA ALA J 110 -2.25 16.32 -1.38
C ALA J 110 -1.19 15.57 -0.56
N PRO J 111 -1.63 14.73 0.38
CA PRO J 111 -0.66 14.04 1.24
C PRO J 111 0.34 13.21 0.44
N LEU J 112 1.59 13.24 0.88
CA LEU J 112 2.67 12.44 0.28
C LEU J 112 2.83 12.74 -1.21
N ASN J 113 2.70 14.01 -1.58
CA ASN J 113 2.90 14.40 -2.96
C ASN J 113 4.38 14.31 -3.31
N PRO J 114 4.72 14.06 -4.58
CA PRO J 114 6.13 13.87 -4.93
C PRO J 114 6.97 15.08 -4.57
N LYS J 115 8.19 14.82 -4.10
CA LYS J 115 9.13 15.90 -3.81
C LYS J 115 9.61 16.55 -5.09
N ALA J 116 9.80 15.75 -6.15
CA ALA J 116 10.13 16.31 -7.45
C ALA J 116 8.98 17.16 -7.98
N ASN J 117 7.75 16.72 -7.75
CA ASN J 117 6.58 17.51 -8.10
C ASN J 117 6.59 18.85 -7.38
N ARG J 118 6.93 18.83 -6.09
CA ARG J 118 7.00 20.09 -5.33
C ARG J 118 8.09 21.00 -5.89
N GLU J 119 9.28 20.45 -6.17
CA GLU J 119 10.38 21.26 -6.68
C GLU J 119 10.07 21.88 -8.05
N LYS J 120 9.46 21.11 -8.96
CA LYS J 120 9.11 21.66 -10.28
C LYS J 120 7.98 22.67 -10.18
N MET J 121 6.92 22.35 -9.44
CA MET J 121 5.80 23.27 -9.32
C MET J 121 6.23 24.58 -8.67
N THR J 122 7.08 24.51 -7.64
CA THR J 122 7.55 25.72 -6.99
C THR J 122 8.43 26.54 -7.95
N GLN J 123 9.25 25.87 -8.75
CA GLN J 123 10.14 26.61 -9.64
C GLN J 123 9.36 27.30 -10.74
N ILE J 124 8.45 26.58 -11.41
CA ILE J 124 7.63 27.19 -12.44
C ILE J 124 6.79 28.32 -11.85
N MET J 125 6.23 28.10 -10.66
CA MET J 125 5.48 29.13 -9.96
C MET J 125 6.31 30.40 -9.77
N PHE J 126 7.47 30.27 -9.13
CA PHE J 126 8.30 31.44 -8.84
C PHE J 126 8.73 32.15 -10.11
N GLU J 127 9.08 31.41 -11.17
CA GLU J 127 9.47 32.09 -12.40
C GLU J 127 8.27 32.75 -13.07
N THR J 128 7.17 32.01 -13.25
CA THR J 128 6.01 32.55 -13.96
C THR J 128 5.35 33.68 -13.18
N PHE J 129 5.11 33.46 -11.88
CA PHE J 129 4.41 34.44 -11.06
C PHE J 129 5.39 35.29 -10.26
N ASN J 130 4.85 36.31 -9.59
CA ASN J 130 5.63 37.22 -8.78
C ASN J 130 5.14 37.28 -7.35
N VAL J 131 4.76 36.11 -6.82
CA VAL J 131 4.30 36.07 -5.42
C VAL J 131 5.44 36.49 -4.50
N PRO J 132 5.18 37.32 -3.48
CA PRO J 132 6.30 37.75 -2.62
C PRO J 132 6.82 36.61 -1.75
N ALA J 133 5.94 35.78 -1.22
CA ALA J 133 6.34 34.76 -0.27
C ALA J 133 5.42 33.55 -0.41
N MET J 134 5.86 32.44 0.17
CA MET J 134 5.28 31.14 -0.07
C MET J 134 5.20 30.31 1.19
N TYR J 135 4.20 29.45 1.26
CA TYR J 135 4.16 28.36 2.22
C TYR J 135 3.21 27.32 1.68
N VAL J 136 3.61 26.05 1.75
CA VAL J 136 2.77 24.94 1.34
C VAL J 136 2.74 23.90 2.46
N ALA J 137 1.54 23.36 2.71
CA ALA J 137 1.35 22.44 3.82
C ALA J 137 0.49 21.27 3.38
N ILE J 138 0.58 20.17 4.13
CA ILE J 138 -0.24 19.00 3.89
C ILE J 138 -1.66 19.25 4.35
N GLN J 139 -2.64 18.76 3.58
CA GLN J 139 -4.04 18.99 3.93
C GLN J 139 -4.45 18.29 5.22
N ALA J 140 -3.66 17.31 5.68
CA ALA J 140 -3.99 16.57 6.88
C ALA J 140 -3.99 17.48 8.10
N VAL J 141 -2.90 18.22 8.29
CA VAL J 141 -2.81 19.13 9.44
C VAL J 141 -3.81 20.27 9.29
N LEU J 142 -4.15 20.64 8.05
CA LEU J 142 -5.19 21.65 7.84
C LEU J 142 -6.55 21.17 8.33
N SER J 143 -6.92 19.93 8.00
CA SER J 143 -8.17 19.39 8.52
C SER J 143 -8.11 19.25 10.04
N LEU J 144 -6.94 18.89 10.56
CA LEU J 144 -6.74 18.86 12.01
C LEU J 144 -7.02 20.24 12.61
N TYR J 145 -6.49 21.29 11.98
CA TYR J 145 -6.68 22.64 12.48
C TYR J 145 -8.15 23.01 12.45
N ALA J 146 -8.84 22.62 11.37
CA ALA J 146 -10.28 22.84 11.28
C ALA J 146 -11.03 22.15 12.42
N SER J 147 -10.61 20.93 12.77
CA SER J 147 -11.19 20.28 13.93
C SER J 147 -10.68 20.90 15.24
N GLY J 148 -9.49 21.46 15.23
CA GLY J 148 -8.95 22.11 16.41
C GLY J 148 -8.67 21.15 17.55
N ARG J 149 -8.21 19.94 17.24
CA ARG J 149 -7.85 18.96 18.25
C ARG J 149 -6.61 18.21 17.78
N THR J 150 -5.52 18.31 18.55
CA THR J 150 -4.22 17.80 18.17
C THR J 150 -4.15 16.29 18.07
N THR J 151 -5.15 15.55 18.57
CA THR J 151 -5.11 14.09 18.56
C THR J 151 -6.20 13.56 17.63
N GLY J 152 -5.83 12.60 16.79
CA GLY J 152 -6.80 11.96 15.92
C GLY J 152 -6.14 11.42 14.66
N ILE J 153 -6.90 10.58 13.97
CA ILE J 153 -6.48 10.04 12.67
C ILE J 153 -7.39 10.64 11.61
N VAL J 154 -6.78 11.25 10.60
CA VAL J 154 -7.49 11.97 9.54
C VAL J 154 -7.66 11.03 8.37
N LEU J 155 -8.92 10.88 7.93
CA LEU J 155 -9.26 10.19 6.69
C LEU J 155 -9.59 11.25 5.65
N ASP J 156 -8.64 11.57 4.79
CA ASP J 156 -8.81 12.54 3.72
C ASP J 156 -9.29 11.81 2.47
N SER J 157 -10.57 11.99 2.12
CA SER J 157 -11.15 11.33 0.95
C SER J 157 -11.30 12.36 -0.17
N GLY J 158 -10.23 12.55 -0.93
CA GLY J 158 -10.26 13.38 -2.11
C GLY J 158 -10.91 12.69 -3.29
N ASP J 159 -10.75 13.29 -4.47
CA ASP J 159 -11.28 12.73 -5.70
C ASP J 159 -10.28 11.85 -6.44
N GLY J 160 -9.04 11.77 -5.99
CA GLY J 160 -8.08 10.90 -6.62
C GLY J 160 -7.49 9.85 -5.69
N VAL J 161 -7.35 10.20 -4.41
CA VAL J 161 -6.74 9.31 -3.42
C VAL J 161 -7.50 9.46 -2.10
N THR J 162 -7.52 8.39 -1.32
CA THR J 162 -7.96 8.44 0.07
C THR J 162 -6.77 8.14 0.97
N HIS J 163 -6.47 9.07 1.88
CA HIS J 163 -5.30 8.99 2.73
C HIS J 163 -5.73 8.79 4.18
N ASN J 164 -5.05 7.87 4.87
CA ASN J 164 -5.22 7.74 6.32
C ASN J 164 -3.91 8.14 6.98
N VAL J 165 -4.00 9.14 7.86
CA VAL J 165 -2.84 9.75 8.50
C VAL J 165 -3.10 9.88 10.00
N PRO J 166 -2.32 9.23 10.86
CA PRO J 166 -2.51 9.44 12.30
C PRO J 166 -1.62 10.57 12.81
N ILE J 167 -2.19 11.40 13.67
CA ILE J 167 -1.45 12.49 14.30
C ILE J 167 -1.84 12.51 15.77
N TYR J 168 -0.86 12.33 16.65
CA TYR J 168 -1.10 12.32 18.09
C TYR J 168 -0.48 13.57 18.69
N GLU J 169 -1.30 14.32 19.43
CA GLU J 169 -0.87 15.55 20.10
C GLU J 169 -0.13 16.47 19.12
N GLY J 170 -0.73 16.65 17.95
CA GLY J 170 -0.18 17.52 16.93
C GLY J 170 1.20 17.13 16.44
N TYR J 171 1.36 15.86 16.11
CA TYR J 171 2.60 15.36 15.56
C TYR J 171 2.24 14.37 14.48
N ALA J 172 2.89 14.51 13.35
CA ALA J 172 2.65 13.62 12.23
C ALA J 172 3.31 12.27 12.44
N LEU J 173 2.66 11.22 11.95
CA LEU J 173 3.15 9.84 12.03
C LEU J 173 3.28 9.24 10.63
N PRO J 174 4.28 9.67 9.86
CA PRO J 174 4.41 9.15 8.48
C PRO J 174 4.58 7.65 8.42
N HIS J 175 5.13 7.03 9.46
CA HIS J 175 5.31 5.57 9.46
C HIS J 175 3.99 4.84 9.43
N ALA J 176 2.90 5.48 9.83
CA ALA J 176 1.57 4.88 9.87
C ALA J 176 0.62 5.60 8.93
N ILE J 177 1.14 6.20 7.86
CA ILE J 177 0.33 6.90 6.88
C ILE J 177 0.27 6.09 5.59
N MET J 178 -0.92 5.98 5.02
CA MET J 178 -1.13 5.20 3.81
C MET J 178 -2.05 5.93 2.83
N ARG J 179 -1.83 5.64 1.55
CA ARG J 179 -2.64 6.18 0.46
C ARG J 179 -3.30 5.01 -0.26
N LEU J 180 -4.60 5.15 -0.51
CA LEU J 180 -5.40 4.15 -1.22
C LEU J 180 -5.93 4.77 -2.50
N ASP J 181 -5.80 4.04 -3.60
CA ASP J 181 -6.16 4.50 -4.94
C ASP J 181 -7.66 4.48 -5.20
N LEU J 182 -8.48 4.34 -4.16
CA LEU J 182 -9.93 4.41 -4.31
C LEU J 182 -10.38 5.82 -3.98
N ALA J 183 -11.23 6.38 -4.84
CA ALA J 183 -11.70 7.76 -4.69
C ALA J 183 -12.92 7.94 -5.57
N GLY J 184 -13.27 9.20 -5.83
CA GLY J 184 -14.47 9.49 -6.59
C GLY J 184 -14.43 8.83 -7.95
N ARG J 185 -13.25 8.81 -8.59
CA ARG J 185 -13.12 8.23 -9.92
C ARG J 185 -13.62 6.79 -9.90
N ASP J 186 -13.14 6.00 -8.94
CA ASP J 186 -13.55 4.62 -8.81
C ASP J 186 -15.06 4.53 -8.61
N LEU J 187 -15.60 5.38 -7.72
CA LEU J 187 -17.03 5.37 -7.46
C LEU J 187 -17.83 5.56 -8.74
N THR J 188 -17.46 6.57 -9.52
CA THR J 188 -18.13 6.82 -10.80
C THR J 188 -17.99 5.63 -11.74
N ASP J 189 -16.78 5.08 -11.85
CA ASP J 189 -16.55 3.92 -12.71
C ASP J 189 -17.47 2.75 -12.34
N TYR J 190 -17.39 2.30 -11.08
CA TYR J 190 -18.23 1.20 -10.61
C TYR J 190 -19.71 1.49 -10.87
N LEU J 191 -20.16 2.70 -10.56
CA LEU J 191 -21.56 3.05 -10.81
C LEU J 191 -21.87 3.01 -12.30
N MET J 192 -20.90 3.39 -13.13
CA MET J 192 -21.06 3.32 -14.58
C MET J 192 -21.30 1.90 -15.04
N LYS J 193 -20.50 0.95 -14.53
CA LYS J 193 -20.69 -0.43 -14.97
C LYS J 193 -22.01 -0.99 -14.45
N ILE J 194 -22.40 -0.65 -13.22
CA ILE J 194 -23.70 -1.13 -12.72
C ILE J 194 -24.85 -0.54 -13.52
N LEU J 195 -24.79 0.75 -13.83
CA LEU J 195 -25.82 1.36 -14.68
C LEU J 195 -25.81 0.76 -16.08
N THR J 196 -24.64 0.37 -16.58
CA THR J 196 -24.57 -0.38 -17.82
C THR J 196 -25.34 -1.69 -17.70
N GLU J 197 -25.18 -2.39 -16.57
CA GLU J 197 -25.99 -3.58 -16.32
C GLU J 197 -27.45 -3.25 -16.06
N ARG J 198 -27.77 -1.98 -15.82
CA ARG J 198 -29.16 -1.57 -15.68
C ARG J 198 -29.79 -1.14 -17.00
N GLY J 199 -29.01 -1.08 -18.08
CA GLY J 199 -29.51 -0.76 -19.40
C GLY J 199 -29.04 0.58 -19.95
N TYR J 200 -28.32 1.37 -19.17
CA TYR J 200 -27.89 2.71 -19.57
C TYR J 200 -26.37 2.72 -19.61
N SER J 201 -25.80 2.87 -20.81
CA SER J 201 -24.36 2.73 -21.03
C SER J 201 -23.85 4.02 -21.65
N PHE J 202 -23.16 4.84 -20.84
CA PHE J 202 -22.55 6.07 -21.32
C PHE J 202 -21.07 6.09 -20.95
N VAL J 203 -20.29 6.84 -21.73
CA VAL J 203 -18.83 6.86 -21.58
C VAL J 203 -18.34 8.28 -21.32
N THR J 204 -19.06 9.27 -21.83
CA THR J 204 -18.58 10.66 -21.78
C THR J 204 -18.70 11.24 -20.38
N THR J 205 -18.01 12.38 -20.19
CA THR J 205 -17.85 12.99 -18.87
C THR J 205 -19.11 13.69 -18.38
N ALA J 206 -19.99 14.14 -19.28
CA ALA J 206 -21.22 14.77 -18.83
C ALA J 206 -22.04 13.80 -17.99
N GLU J 207 -22.12 12.56 -18.46
CA GLU J 207 -22.84 11.57 -17.70
C GLU J 207 -22.02 11.22 -16.46
N ARG J 208 -20.70 11.40 -16.46
CA ARG J 208 -19.90 11.18 -15.26
C ARG J 208 -20.34 12.15 -14.16
N GLU J 209 -20.52 13.41 -14.54
CA GLU J 209 -20.96 14.41 -13.58
C GLU J 209 -22.40 14.16 -13.15
N ILE J 210 -23.25 13.71 -14.08
CA ILE J 210 -24.62 13.37 -13.73
C ILE J 210 -24.64 12.24 -12.69
N VAL J 211 -23.83 11.21 -12.88
CA VAL J 211 -23.87 10.08 -11.95
C VAL J 211 -23.19 10.43 -10.63
N ARG J 212 -22.19 11.33 -10.63
CA ARG J 212 -21.66 11.75 -9.33
C ARG J 212 -22.67 12.63 -8.60
N ASP J 213 -23.47 13.41 -9.35
CA ASP J 213 -24.59 14.12 -8.73
C ASP J 213 -25.59 13.15 -8.12
N ILE J 214 -25.88 12.07 -8.83
CA ILE J 214 -26.74 11.02 -8.29
C ILE J 214 -26.15 10.47 -7.00
N LYS J 215 -24.83 10.25 -6.98
CA LYS J 215 -24.18 9.80 -5.76
C LYS J 215 -24.32 10.83 -4.64
N GLU J 216 -24.26 12.11 -4.98
CA GLU J 216 -24.43 13.15 -3.98
C GLU J 216 -25.85 13.14 -3.41
N LYS J 217 -26.84 12.85 -4.24
CA LYS J 217 -28.22 12.99 -3.81
C LYS J 217 -28.79 11.73 -3.17
N LEU J 218 -28.77 10.60 -3.89
CA LEU J 218 -29.59 9.45 -3.54
C LEU J 218 -28.84 8.31 -2.86
N CYS J 219 -27.51 8.28 -2.91
CA CYS J 219 -26.80 7.07 -2.51
C CYS J 219 -26.91 6.80 -1.02
N TYR J 220 -27.03 5.52 -0.68
CA TYR J 220 -27.00 5.01 0.68
C TYR J 220 -25.65 4.37 0.99
N VAL J 221 -25.39 4.22 2.28
CA VAL J 221 -24.36 3.31 2.79
C VAL J 221 -25.07 2.19 3.54
N ALA J 222 -25.07 0.99 2.97
CA ALA J 222 -25.86 -0.12 3.50
C ALA J 222 -25.40 -0.47 4.91
N LEU J 223 -26.38 -0.63 5.81
CA LEU J 223 -26.06 -1.11 7.15
C LEU J 223 -25.66 -2.58 7.14
N ASP J 224 -26.41 -3.41 6.42
CA ASP J 224 -26.09 -4.80 6.17
C ASP J 224 -26.24 -5.00 4.67
N PHE J 225 -25.24 -5.59 4.02
CA PHE J 225 -25.21 -5.50 2.55
C PHE J 225 -26.14 -6.52 1.90
N GLU J 226 -25.84 -7.81 2.06
CA GLU J 226 -26.57 -8.81 1.32
C GLU J 226 -28.02 -8.89 1.77
N ASN J 227 -28.29 -8.64 3.05
CA ASN J 227 -29.66 -8.56 3.53
C ASN J 227 -30.42 -7.40 2.90
N GLU J 228 -29.72 -6.28 2.66
CA GLU J 228 -30.42 -5.16 2.03
C GLU J 228 -30.65 -5.37 0.54
N MET J 229 -29.77 -6.06 -0.19
CA MET J 229 -30.19 -6.44 -1.54
C MET J 229 -31.30 -7.48 -1.52
N ALA J 230 -31.29 -8.38 -0.53
CA ALA J 230 -32.35 -9.38 -0.43
C ALA J 230 -33.71 -8.73 -0.22
N THR J 231 -33.78 -7.73 0.66
CA THR J 231 -35.01 -6.97 0.80
C THR J 231 -35.21 -5.91 -0.27
N ALA J 232 -34.18 -5.59 -1.04
CA ALA J 232 -34.28 -4.65 -2.15
C ALA J 232 -34.67 -5.33 -3.45
N ALA J 233 -34.87 -6.65 -3.42
CA ALA J 233 -35.39 -7.37 -4.58
C ALA J 233 -36.56 -6.62 -5.23
N SER J 234 -37.65 -6.43 -4.48
CA SER J 234 -38.74 -5.60 -4.95
C SER J 234 -38.67 -4.16 -4.42
N SER J 235 -38.76 -4.00 -3.10
CA SER J 235 -38.56 -2.68 -2.50
C SER J 235 -39.14 -1.54 -3.31
N SER J 236 -40.44 -1.50 -3.41
CA SER J 236 -41.05 -0.37 -4.11
C SER J 236 -40.80 0.94 -3.38
N SER J 237 -40.95 0.93 -2.04
CA SER J 237 -40.69 2.14 -1.27
C SER J 237 -39.20 2.43 -1.18
N LEU J 238 -38.38 1.41 -0.91
CA LEU J 238 -36.95 1.62 -0.72
C LEU J 238 -36.25 2.03 -2.01
N GLU J 239 -36.74 1.55 -3.16
CA GLU J 239 -36.18 1.96 -4.44
C GLU J 239 -36.43 3.44 -4.68
N LYS J 240 -35.42 4.14 -5.19
CA LYS J 240 -35.48 5.59 -5.30
C LYS J 240 -35.19 6.02 -6.74
N SER J 241 -35.79 7.12 -7.15
CA SER J 241 -35.70 7.58 -8.53
C SER J 241 -35.04 8.95 -8.58
N TYR J 242 -34.52 9.28 -9.76
CA TYR J 242 -33.95 10.59 -10.03
C TYR J 242 -34.52 11.14 -11.33
N GLU J 243 -34.61 12.47 -11.39
CA GLU J 243 -35.10 13.20 -12.55
C GLU J 243 -33.90 13.81 -13.26
N LEU J 244 -33.45 13.15 -14.32
CA LEU J 244 -32.33 13.64 -15.10
C LEU J 244 -32.70 14.92 -15.84
N PRO J 245 -31.73 15.81 -16.06
CA PRO J 245 -32.07 17.14 -16.63
C PRO J 245 -32.79 17.07 -17.97
N ASP J 246 -32.56 16.02 -18.77
CA ASP J 246 -33.34 15.85 -19.99
C ASP J 246 -34.81 15.56 -19.70
N GLY J 247 -35.14 15.15 -18.48
CA GLY J 247 -36.50 14.85 -18.08
C GLY J 247 -36.84 13.39 -17.87
N GLN J 248 -36.00 12.44 -18.29
CA GLN J 248 -36.32 11.04 -18.06
C GLN J 248 -36.14 10.69 -16.59
N VAL J 249 -36.99 9.78 -16.12
CA VAL J 249 -36.96 9.32 -14.74
C VAL J 249 -36.16 8.02 -14.71
N ILE J 250 -35.02 8.04 -14.02
CA ILE J 250 -34.14 6.89 -13.90
C ILE J 250 -34.23 6.35 -12.48
N THR J 251 -34.61 5.09 -12.35
CA THR J 251 -34.88 4.46 -11.07
C THR J 251 -33.71 3.55 -10.70
N ILE J 252 -33.24 3.67 -9.45
CA ILE J 252 -32.14 2.87 -8.92
C ILE J 252 -32.55 2.36 -7.54
N GLY J 253 -32.23 1.10 -7.26
CA GLY J 253 -32.57 0.50 -6.00
C GLY J 253 -31.38 0.19 -5.11
N ASN J 254 -30.95 -1.07 -5.11
CA ASN J 254 -29.83 -1.48 -4.27
C ASN J 254 -28.53 -0.77 -4.65
N GLU J 255 -28.41 -0.34 -5.91
CA GLU J 255 -27.18 0.32 -6.36
C GLU J 255 -26.83 1.51 -5.49
N ARG J 256 -27.85 2.19 -4.92
CA ARG J 256 -27.61 3.32 -4.05
C ARG J 256 -26.63 2.99 -2.94
N PHE J 257 -26.80 1.82 -2.31
CA PHE J 257 -25.86 1.40 -1.29
C PHE J 257 -24.90 0.33 -1.77
N ARG J 258 -24.95 -0.06 -3.05
CA ARG J 258 -23.94 -0.96 -3.57
C ARG J 258 -22.76 -0.22 -4.20
N CYS J 259 -22.89 1.08 -4.45
CA CYS J 259 -21.75 1.86 -4.97
C CYS J 259 -20.67 2.30 -3.95
N PRO J 260 -21.04 2.97 -2.85
CA PRO J 260 -19.99 3.30 -1.87
C PRO J 260 -19.43 2.07 -1.18
N GLU J 261 -20.17 0.97 -1.19
CA GLU J 261 -19.75 -0.25 -0.52
C GLU J 261 -18.44 -0.75 -1.09
N THR J 262 -18.16 -0.47 -2.36
CA THR J 262 -16.95 -0.96 -2.98
C THR J 262 -15.70 -0.48 -2.25
N LEU J 263 -15.70 0.74 -1.72
CA LEU J 263 -14.54 1.17 -0.94
C LEU J 263 -14.39 0.25 0.26
N PHE J 264 -15.49 -0.06 0.93
CA PHE J 264 -15.47 -1.01 2.06
C PHE J 264 -15.19 -2.44 1.61
N GLN J 265 -15.65 -2.83 0.42
CA GLN J 265 -15.46 -4.18 -0.11
C GLN J 265 -14.73 -4.10 -1.46
N PRO J 266 -13.39 -3.91 -1.45
CA PRO J 266 -12.68 -3.71 -2.73
C PRO J 266 -12.67 -4.94 -3.62
N SER J 267 -12.95 -6.13 -3.09
CA SER J 267 -12.93 -7.34 -3.89
C SER J 267 -13.98 -7.33 -5.00
N PHE J 268 -14.94 -6.42 -4.94
CA PHE J 268 -15.91 -6.29 -6.02
C PHE J 268 -15.24 -6.01 -7.36
N ILE J 269 -14.26 -5.12 -7.39
CA ILE J 269 -13.56 -4.85 -8.63
C ILE J 269 -12.05 -5.08 -8.49
N GLY J 270 -11.66 -5.97 -7.57
CA GLY J 270 -10.32 -6.50 -7.59
C GLY J 270 -9.19 -5.66 -7.03
N MET J 271 -9.22 -5.36 -5.74
CA MET J 271 -8.07 -4.78 -5.05
C MET J 271 -7.61 -5.74 -3.96
N GLU J 272 -6.29 -5.92 -3.87
CA GLU J 272 -5.72 -6.71 -2.78
C GLU J 272 -6.01 -6.07 -1.42
N SER J 273 -5.89 -4.75 -1.34
CA SER J 273 -6.19 -4.03 -0.11
C SER J 273 -7.65 -4.22 0.27
N ALA J 274 -7.90 -4.40 1.56
CA ALA J 274 -9.26 -4.56 2.05
C ALA J 274 -9.92 -3.19 2.17
N GLY J 275 -11.06 -3.14 2.85
CA GLY J 275 -11.77 -1.88 3.00
C GLY J 275 -10.97 -0.84 3.75
N ILE J 276 -11.38 0.42 3.58
CA ILE J 276 -10.66 1.53 4.19
C ILE J 276 -10.68 1.45 5.71
N HIS J 277 -11.68 0.77 6.30
CA HIS J 277 -11.65 0.56 7.74
C HIS J 277 -10.48 -0.34 8.15
N GLU J 278 -10.15 -1.34 7.34
CA GLU J 278 -8.95 -2.12 7.60
C GLU J 278 -7.69 -1.24 7.51
N THR J 279 -7.69 -0.29 6.58
CA THR J 279 -6.54 0.59 6.43
C THR J 279 -6.45 1.49 7.64
N THR J 280 -7.52 1.96 8.22
CA THR J 280 -7.42 2.72 9.45
C THR J 280 -6.99 1.83 10.62
N TYR J 281 -7.54 0.61 10.69
CA TYR J 281 -7.13 -0.36 11.72
C TYR J 281 -5.63 -0.67 11.71
N ASN J 282 -5.09 -1.12 10.56
CA ASN J 282 -3.64 -1.40 10.50
C ASN J 282 -2.87 -0.15 10.89
N SER J 283 -3.27 1.01 10.34
CA SER J 283 -2.57 2.26 10.64
C SER J 283 -2.48 2.43 12.15
N ILE J 284 -3.60 2.18 12.84
CA ILE J 284 -3.63 2.37 14.29
C ILE J 284 -2.63 1.42 14.96
N MET J 285 -2.71 0.11 14.67
CA MET J 285 -1.81 -0.80 15.37
C MET J 285 -0.32 -0.61 15.06
N LYS J 286 0.04 -0.08 13.89
CA LYS J 286 1.44 0.14 13.57
C LYS J 286 2.15 0.94 14.66
N CYS J 287 1.46 1.88 15.28
CA CYS J 287 2.03 2.75 16.30
C CYS J 287 1.85 2.08 17.66
N ASP J 288 2.51 2.65 18.68
CA ASP J 288 2.42 2.08 20.03
C ASP J 288 0.99 1.76 20.45
N ILE J 289 0.87 0.67 21.21
CA ILE J 289 -0.42 0.16 21.65
C ILE J 289 -1.23 1.21 22.41
N ASP J 290 -0.60 1.88 23.37
CA ASP J 290 -1.33 2.60 24.41
C ASP J 290 -2.27 3.67 23.82
N ILE J 291 -1.74 4.53 22.94
CA ILE J 291 -2.53 5.65 22.44
C ILE J 291 -3.60 5.19 21.47
N ARG J 292 -3.59 3.91 21.09
CA ARG J 292 -4.51 3.43 20.06
C ARG J 292 -5.95 3.72 20.46
N LYS J 293 -6.27 3.55 21.75
CA LYS J 293 -7.64 3.84 22.20
C LYS J 293 -8.02 5.27 21.87
N ASP J 294 -7.12 6.23 22.13
CA ASP J 294 -7.40 7.63 21.80
C ASP J 294 -7.62 7.78 20.30
N LEU J 295 -6.82 7.08 19.49
CA LEU J 295 -7.04 7.14 18.05
C LEU J 295 -8.44 6.63 17.72
N TYR J 296 -8.87 5.55 18.39
CA TYR J 296 -10.21 5.05 18.19
C TYR J 296 -11.25 6.11 18.51
N ALA J 297 -11.02 6.87 19.58
CA ALA J 297 -12.02 7.83 20.04
C ALA J 297 -11.88 9.19 19.39
N ASN J 298 -10.83 9.42 18.60
CA ASN J 298 -10.57 10.75 18.05
C ASN J 298 -10.48 10.74 16.53
N ASN J 299 -11.02 9.72 15.88
CA ASN J 299 -10.94 9.67 14.43
C ASN J 299 -11.73 10.80 13.77
N VAL J 300 -11.13 11.42 12.76
CA VAL J 300 -11.77 12.49 12.01
C VAL J 300 -11.82 12.07 10.55
N MET J 301 -12.86 12.50 9.86
CA MET J 301 -13.00 12.27 8.43
C MET J 301 -13.18 13.61 7.72
N SER J 302 -12.53 13.78 6.57
CA SER J 302 -12.56 15.04 5.83
C SER J 302 -12.62 14.76 4.34
N GLY J 303 -13.25 15.68 3.61
CA GLY J 303 -13.36 15.61 2.17
C GLY J 303 -14.76 15.93 1.70
N GLY J 304 -14.88 16.24 0.40
CA GLY J 304 -16.19 16.54 -0.17
C GLY J 304 -17.14 15.36 -0.13
N THR J 305 -16.60 14.15 -0.27
CA THR J 305 -17.42 12.95 -0.24
C THR J 305 -18.18 12.86 1.07
N THR J 306 -17.56 13.32 2.16
CA THR J 306 -18.16 13.22 3.49
C THR J 306 -19.57 13.81 3.55
N MET J 307 -19.98 14.61 2.55
CA MET J 307 -21.37 15.05 2.56
C MET J 307 -22.36 13.89 2.43
N TYR J 308 -21.90 12.68 2.10
CA TYR J 308 -22.83 11.59 1.95
C TYR J 308 -23.22 11.05 3.32
N PRO J 309 -24.39 10.45 3.47
CA PRO J 309 -24.73 9.79 4.73
C PRO J 309 -24.09 8.41 4.80
N GLY J 310 -24.08 7.84 6.01
CA GLY J 310 -23.71 6.46 6.19
C GLY J 310 -22.25 6.18 6.52
N ILE J 311 -21.33 7.09 6.26
CA ILE J 311 -19.93 6.80 6.60
C ILE J 311 -19.74 6.67 8.11
N ALA J 312 -20.38 7.54 8.90
CA ALA J 312 -20.17 7.52 10.35
C ALA J 312 -20.62 6.21 11.00
N ASP J 313 -21.86 5.79 10.74
CA ASP J 313 -22.36 4.57 11.40
C ASP J 313 -21.53 3.36 10.98
N ARG J 314 -21.26 3.24 9.67
CA ARG J 314 -20.47 2.11 9.19
C ARG J 314 -19.11 2.12 9.84
N MET J 315 -18.48 3.29 9.89
CA MET J 315 -17.15 3.45 10.44
C MET J 315 -17.12 2.90 11.86
N GLN J 316 -17.95 3.48 12.73
CA GLN J 316 -17.91 3.07 14.14
C GLN J 316 -18.24 1.59 14.29
N LYS J 317 -19.31 1.10 13.66
CA LYS J 317 -19.67 -0.29 13.86
C LYS J 317 -18.52 -1.23 13.49
N GLU J 318 -17.93 -1.05 12.30
CA GLU J 318 -16.86 -1.95 11.89
C GLU J 318 -15.62 -1.83 12.78
N ILE J 319 -15.24 -0.61 13.20
CA ILE J 319 -14.08 -0.50 14.08
C ILE J 319 -14.37 -1.19 15.42
N THR J 320 -15.58 -1.02 15.96
CA THR J 320 -15.95 -1.72 17.18
C THR J 320 -15.94 -3.24 16.99
N ALA J 321 -16.33 -3.70 15.80
CA ALA J 321 -16.23 -5.13 15.51
C ALA J 321 -14.78 -5.60 15.52
N LEU J 322 -13.89 -4.81 14.93
CA LEU J 322 -12.48 -5.18 14.84
C LEU J 322 -11.73 -5.00 16.16
N ALA J 323 -11.96 -3.88 16.84
CA ALA J 323 -11.29 -3.49 18.08
C ALA J 323 -12.18 -3.83 19.27
N PRO J 324 -11.60 -4.05 20.45
CA PRO J 324 -12.43 -4.31 21.63
C PRO J 324 -13.39 -3.18 21.92
N SER J 325 -14.59 -3.54 22.39
CA SER J 325 -15.69 -2.62 22.59
C SER J 325 -15.76 -2.06 24.01
N THR J 326 -14.63 -1.89 24.69
CA THR J 326 -14.70 -1.32 26.04
C THR J 326 -14.91 0.19 25.94
N MET J 327 -13.95 0.89 25.32
CA MET J 327 -14.05 2.33 25.19
C MET J 327 -15.04 2.67 24.08
N LYS J 328 -15.75 3.78 24.24
CA LYS J 328 -16.71 4.23 23.23
C LYS J 328 -16.01 4.99 22.12
N ILE J 329 -16.27 4.58 20.87
CA ILE J 329 -15.73 5.24 19.68
C ILE J 329 -16.78 6.19 19.12
N LYS J 330 -16.37 7.44 18.85
CA LYS J 330 -17.24 8.44 18.27
C LYS J 330 -16.49 9.26 17.24
N ILE J 331 -17.12 9.49 16.10
CA ILE J 331 -16.56 10.26 14.99
C ILE J 331 -17.04 11.70 15.11
N ILE J 332 -16.21 12.64 14.66
CA ILE J 332 -16.56 14.05 14.63
C ILE J 332 -16.38 14.53 13.19
N ALA J 333 -17.36 15.29 12.70
CA ALA J 333 -17.34 15.80 11.33
C ALA J 333 -18.20 17.04 11.20
N PRO J 334 -17.62 18.23 11.23
CA PRO J 334 -18.42 19.46 11.13
C PRO J 334 -19.06 19.59 9.76
N PRO J 335 -20.27 20.14 9.69
CA PRO J 335 -20.91 20.36 8.39
C PRO J 335 -20.07 21.26 7.48
N GLU J 336 -20.14 20.97 6.18
CA GLU J 336 -19.39 21.70 5.15
C GLU J 336 -17.90 21.70 5.47
N ARG J 337 -17.36 20.49 5.65
CA ARG J 337 -15.95 20.34 6.01
C ARG J 337 -15.02 20.34 4.80
N LYS J 338 -15.57 20.32 3.58
CA LYS J 338 -14.72 20.42 2.40
C LYS J 338 -14.07 21.80 2.29
N TYR J 339 -14.68 22.82 2.88
CA TYR J 339 -14.07 24.13 2.99
C TYR J 339 -13.12 24.22 4.19
N SER J 340 -13.19 23.24 5.08
CA SER J 340 -12.48 23.32 6.36
C SER J 340 -10.99 23.52 6.17
N VAL J 341 -10.38 22.81 5.20
CA VAL J 341 -8.95 22.96 4.94
C VAL J 341 -8.63 24.43 4.67
N TRP J 342 -9.41 25.06 3.79
CA TRP J 342 -9.16 26.47 3.49
C TRP J 342 -9.32 27.32 4.74
N ILE J 343 -10.30 26.98 5.58
CA ILE J 343 -10.47 27.68 6.85
C ILE J 343 -9.18 27.59 7.65
N GLY J 344 -8.61 26.39 7.74
CA GLY J 344 -7.35 26.23 8.45
C GLY J 344 -6.24 27.08 7.86
N GLY J 345 -6.26 27.26 6.54
CA GLY J 345 -5.28 28.14 5.93
C GLY J 345 -5.42 29.55 6.46
N SER J 346 -6.66 30.04 6.53
CA SER J 346 -6.90 31.34 7.14
C SER J 346 -6.39 31.36 8.57
N ILE J 347 -6.61 30.25 9.30
CA ILE J 347 -6.13 30.15 10.67
C ILE J 347 -4.62 30.33 10.72
N LEU J 348 -3.93 29.73 9.74
CA LEU J 348 -2.47 29.88 9.69
C LEU J 348 -2.08 31.33 9.52
N ALA J 349 -2.81 32.06 8.69
CA ALA J 349 -2.48 33.48 8.52
C ALA J 349 -2.96 34.33 9.69
N SER J 350 -3.80 33.77 10.58
CA SER J 350 -4.33 34.56 11.68
C SER J 350 -3.24 35.03 12.63
N LEU J 351 -2.31 34.14 12.98
CA LEU J 351 -1.31 34.42 13.99
C LEU J 351 -0.09 35.13 13.40
N SER J 352 0.61 35.87 14.26
CA SER J 352 1.71 36.73 13.84
C SER J 352 3.05 35.99 13.75
N THR J 353 3.10 34.71 14.12
CA THR J 353 4.32 33.94 13.93
C THR J 353 4.44 33.37 12.52
N PHE J 354 3.34 33.33 11.77
CA PHE J 354 3.35 32.72 10.44
C PHE J 354 4.31 33.43 9.48
N GLN J 355 4.48 34.74 9.62
CA GLN J 355 5.40 35.44 8.73
C GLN J 355 6.87 35.26 9.12
N GLN J 356 7.16 34.50 10.17
CA GLN J 356 8.56 34.15 10.43
C GLN J 356 9.11 33.17 9.41
N MET J 357 8.26 32.31 8.82
CA MET J 357 8.75 31.29 7.89
C MET J 357 8.06 31.37 6.52
N TRP J 358 7.67 32.57 6.08
CA TRP J 358 7.35 32.76 4.68
C TRP J 358 8.56 32.45 3.80
N ILE J 359 8.32 31.75 2.70
CA ILE J 359 9.36 31.40 1.74
C ILE J 359 9.50 32.59 0.78
N THR J 360 10.45 33.47 1.06
CA THR J 360 10.60 34.69 0.29
C THR J 360 11.27 34.42 -1.05
N LYS J 361 11.23 35.43 -1.93
CA LYS J 361 11.83 35.32 -3.25
C LYS J 361 13.34 35.14 -3.19
N GLN J 362 14.01 35.90 -2.32
CA GLN J 362 15.47 35.87 -2.29
C GLN J 362 16.03 34.53 -1.81
N GLU J 363 15.33 33.84 -0.90
CA GLU J 363 15.79 32.51 -0.50
C GLU J 363 15.77 31.55 -1.68
N TYR J 364 14.70 31.57 -2.47
CA TYR J 364 14.64 30.74 -3.66
C TYR J 364 15.68 31.14 -4.69
N ASP J 365 15.92 32.44 -4.83
CA ASP J 365 16.96 32.90 -5.75
C ASP J 365 18.35 32.44 -5.32
N GLU J 366 18.59 32.37 -4.01
CA GLU J 366 19.89 31.90 -3.52
C GLU J 366 20.05 30.39 -3.72
N ALA J 367 19.15 29.61 -3.12
CA ALA J 367 19.35 28.16 -3.07
C ALA J 367 18.52 27.40 -4.11
N GLY J 368 17.90 28.08 -5.06
CA GLY J 368 17.07 27.42 -6.03
C GLY J 368 15.81 26.85 -5.40
N PRO J 369 15.17 25.89 -6.08
CA PRO J 369 14.05 25.19 -5.43
C PRO J 369 14.49 24.36 -4.23
N SER J 370 15.75 23.92 -4.21
CA SER J 370 16.23 23.00 -3.18
C SER J 370 16.02 23.56 -1.78
N ILE J 371 15.92 24.88 -1.64
CA ILE J 371 15.75 25.50 -0.33
C ILE J 371 14.49 24.99 0.35
N VAL J 372 13.45 24.65 -0.41
CA VAL J 372 12.23 24.20 0.23
C VAL J 372 12.48 22.91 1.01
N HIS J 373 13.45 22.11 0.55
CA HIS J 373 13.78 20.86 1.24
C HIS J 373 14.20 21.13 2.68
N ARG J 374 14.71 22.33 2.95
CA ARG J 374 15.13 22.73 4.27
C ARG J 374 14.21 23.77 4.89
N LYS J 375 13.31 24.36 4.11
CA LYS J 375 12.51 25.47 4.62
C LYS J 375 11.11 25.05 5.05
N CYS J 376 10.54 24.02 4.44
CA CYS J 376 9.25 23.50 4.89
C CYS J 376 9.44 22.37 5.90
N PHE J 377 10.16 21.33 5.51
CA PHE J 377 10.54 20.28 6.45
C PHE J 377 12.03 20.33 6.75
N ASP K 3 -32.37 -34.77 -38.16
CA ASP K 3 -31.97 -34.80 -36.75
C ASP K 3 -31.17 -36.06 -36.44
N GLU K 4 -30.07 -35.88 -35.72
CA GLU K 4 -29.25 -37.01 -35.29
C GLU K 4 -30.01 -37.88 -34.30
N ASP K 5 -29.74 -39.19 -34.36
CA ASP K 5 -30.40 -40.13 -33.45
C ASP K 5 -30.08 -39.83 -31.99
N GLU K 6 -28.92 -39.22 -31.73
CA GLU K 6 -28.50 -38.92 -30.38
C GLU K 6 -29.11 -37.57 -29.96
N THR K 7 -29.26 -37.39 -28.65
CA THR K 7 -29.90 -36.22 -28.07
C THR K 7 -28.92 -35.06 -27.84
N THR K 8 -27.89 -34.97 -28.68
CA THR K 8 -26.86 -33.94 -28.57
C THR K 8 -27.45 -32.54 -28.52
N ALA K 9 -26.70 -31.60 -27.97
CA ALA K 9 -27.22 -30.28 -27.68
C ALA K 9 -27.19 -29.38 -28.92
N LEU K 10 -27.98 -28.32 -28.87
CA LEU K 10 -27.97 -27.27 -29.88
C LEU K 10 -26.91 -26.24 -29.52
N VAL K 11 -26.18 -25.75 -30.53
CA VAL K 11 -25.17 -24.72 -30.35
C VAL K 11 -25.55 -23.54 -31.25
N CYS K 12 -25.85 -22.40 -30.63
CA CYS K 12 -26.35 -21.23 -31.35
C CYS K 12 -25.61 -20.00 -30.88
N ASP K 13 -24.93 -19.33 -31.80
CA ASP K 13 -24.28 -18.06 -31.55
C ASP K 13 -25.15 -16.95 -32.12
N ASN K 14 -25.84 -16.22 -31.24
CA ASN K 14 -26.60 -15.04 -31.65
C ASN K 14 -25.70 -13.80 -31.59
N GLY K 15 -24.68 -13.81 -32.45
CA GLY K 15 -23.75 -12.71 -32.49
C GLY K 15 -24.43 -11.43 -32.96
N SER K 16 -23.90 -10.30 -32.47
CA SER K 16 -24.46 -8.99 -32.79
C SER K 16 -24.14 -8.68 -34.24
N GLY K 17 -24.96 -9.21 -35.15
CA GLY K 17 -24.75 -9.02 -36.57
C GLY K 17 -24.95 -10.28 -37.38
N LEU K 18 -24.80 -11.45 -36.76
CA LEU K 18 -24.97 -12.72 -37.45
C LEU K 18 -25.45 -13.76 -36.46
N VAL K 19 -26.35 -14.64 -36.93
CA VAL K 19 -26.85 -15.76 -36.15
C VAL K 19 -26.36 -17.04 -36.81
N LYS K 20 -25.63 -17.85 -36.03
CA LYS K 20 -25.01 -19.08 -36.54
C LYS K 20 -25.42 -20.24 -35.64
N ALA K 21 -26.23 -21.16 -36.17
CA ALA K 21 -26.82 -22.21 -35.36
C ALA K 21 -26.53 -23.57 -35.96
N GLY K 22 -26.46 -24.57 -35.08
CA GLY K 22 -26.22 -25.93 -35.53
C GLY K 22 -26.26 -26.89 -34.37
N PHE K 23 -25.71 -28.08 -34.59
CA PHE K 23 -25.72 -29.14 -33.60
C PHE K 23 -24.36 -29.24 -32.92
N ALA K 24 -24.37 -29.73 -31.68
CA ALA K 24 -23.14 -29.99 -30.95
C ALA K 24 -22.40 -31.17 -31.57
N GLY K 25 -21.06 -31.09 -31.50
CA GLY K 25 -20.21 -32.05 -32.16
C GLY K 25 -19.91 -31.73 -33.61
N ASP K 26 -20.55 -30.72 -34.18
CA ASP K 26 -20.27 -30.28 -35.53
C ASP K 26 -19.13 -29.26 -35.55
N ASP K 27 -18.43 -29.19 -36.67
CA ASP K 27 -17.30 -28.29 -36.78
C ASP K 27 -17.70 -26.87 -37.13
N ALA K 28 -18.76 -26.70 -37.93
CA ALA K 28 -19.23 -25.37 -38.33
C ALA K 28 -20.74 -25.29 -38.17
N PRO K 29 -21.26 -24.10 -37.86
CA PRO K 29 -22.71 -23.95 -37.76
C PRO K 29 -23.39 -24.22 -39.10
N ARG K 30 -24.58 -24.82 -39.05
CA ARG K 30 -25.24 -25.21 -40.28
C ARG K 30 -26.04 -24.05 -40.87
N ALA K 31 -26.80 -23.33 -40.05
CA ALA K 31 -27.64 -22.24 -40.53
C ALA K 31 -27.02 -20.93 -40.06
N VAL K 32 -26.48 -20.16 -41.00
CA VAL K 32 -25.83 -18.88 -40.72
C VAL K 32 -26.53 -17.81 -41.53
N PHE K 33 -27.07 -16.80 -40.85
CA PHE K 33 -27.74 -15.72 -41.56
C PHE K 33 -27.50 -14.38 -40.85
N PRO K 34 -27.49 -13.28 -41.61
CA PRO K 34 -27.40 -11.96 -40.99
C PRO K 34 -28.66 -11.63 -40.19
N SER K 35 -28.51 -10.68 -39.26
CA SER K 35 -29.55 -10.36 -38.30
C SER K 35 -30.51 -9.28 -38.80
N ILE K 36 -30.68 -9.12 -40.11
CA ILE K 36 -31.62 -8.16 -40.67
C ILE K 36 -32.99 -8.83 -40.73
N VAL K 37 -34.05 -8.04 -40.59
CA VAL K 37 -35.41 -8.56 -40.64
C VAL K 37 -36.25 -7.65 -41.53
N GLY K 38 -36.91 -8.22 -42.52
CA GLY K 38 -37.70 -7.43 -43.46
C GLY K 38 -39.20 -7.56 -43.23
N ARG K 39 -39.89 -6.44 -43.42
CA ARG K 39 -41.33 -6.41 -43.23
C ARG K 39 -41.99 -5.73 -44.42
N PRO K 40 -43.21 -6.13 -44.78
CA PRO K 40 -43.88 -5.54 -45.96
C PRO K 40 -43.95 -4.03 -45.89
N ARG K 41 -43.39 -3.37 -46.90
CA ARG K 41 -43.40 -1.91 -46.96
C ARG K 41 -44.80 -1.33 -47.17
N HIS K 42 -45.73 -2.11 -47.73
CA HIS K 42 -47.09 -1.62 -47.95
C HIS K 42 -48.09 -2.68 -47.51
N GLN K 43 -49.37 -2.39 -47.76
CA GLN K 43 -50.48 -3.24 -47.33
C GLN K 43 -50.91 -4.20 -48.43
N GLY K 44 -51.80 -5.12 -48.04
CA GLY K 44 -52.28 -6.19 -48.90
C GLY K 44 -53.57 -5.97 -49.67
N VAL K 45 -53.50 -6.12 -50.99
CA VAL K 45 -54.65 -5.98 -51.88
C VAL K 45 -54.63 -7.12 -52.89
N MET K 46 -53.43 -7.57 -53.25
CA MET K 46 -53.19 -8.69 -54.14
C MET K 46 -53.44 -10.02 -53.43
N VAL K 47 -53.48 -11.10 -54.21
CA VAL K 47 -53.74 -12.44 -53.70
C VAL K 47 -53.04 -13.43 -54.62
N GLY K 48 -52.96 -14.69 -54.20
CA GLY K 48 -52.36 -15.75 -54.98
C GLY K 48 -50.96 -16.15 -54.57
N MET K 49 -50.26 -15.33 -53.79
CA MET K 49 -48.89 -15.63 -53.39
C MET K 49 -48.44 -14.61 -52.37
N GLY K 50 -47.31 -14.90 -51.73
CA GLY K 50 -46.75 -13.99 -50.75
C GLY K 50 -47.71 -13.62 -49.63
N GLN K 51 -47.83 -12.32 -49.38
CA GLN K 51 -48.69 -11.76 -48.33
C GLN K 51 -48.34 -12.35 -46.96
N LYS K 52 -47.04 -12.37 -46.66
CA LYS K 52 -46.56 -12.86 -45.38
C LYS K 52 -45.82 -11.72 -44.69
N ASP K 53 -46.07 -11.55 -43.40
CA ASP K 53 -45.46 -10.49 -42.62
C ASP K 53 -43.94 -10.65 -42.49
N SER K 54 -43.50 -11.44 -41.52
CA SER K 54 -42.07 -11.56 -41.26
C SER K 54 -41.34 -12.27 -42.41
N TYR K 55 -40.21 -11.68 -42.82
CA TYR K 55 -39.30 -12.29 -43.77
C TYR K 55 -37.91 -12.25 -43.15
N VAL K 56 -37.28 -13.41 -43.04
CA VAL K 56 -35.97 -13.54 -42.40
C VAL K 56 -35.04 -14.35 -43.31
N GLY K 57 -33.74 -14.17 -43.08
CA GLY K 57 -32.73 -14.93 -43.77
C GLY K 57 -32.58 -14.55 -45.23
N ASP K 58 -32.15 -15.53 -46.03
CA ASP K 58 -31.91 -15.28 -47.44
C ASP K 58 -33.19 -14.85 -48.16
N GLU K 59 -34.35 -15.25 -47.66
CA GLU K 59 -35.60 -14.76 -48.24
C GLU K 59 -35.66 -13.25 -48.19
N ALA K 60 -35.37 -12.67 -47.03
CA ALA K 60 -35.36 -11.22 -46.93
C ALA K 60 -34.22 -10.61 -47.73
N GLN K 61 -33.08 -11.32 -47.82
CA GLN K 61 -31.98 -10.82 -48.63
C GLN K 61 -32.40 -10.69 -50.09
N SER K 62 -33.15 -11.67 -50.61
CA SER K 62 -33.68 -11.57 -51.96
C SER K 62 -34.79 -10.53 -52.05
N LYS K 63 -35.54 -10.32 -50.96
CA LYS K 63 -36.67 -9.41 -50.98
C LYS K 63 -36.35 -8.10 -50.26
N ARG K 64 -35.09 -7.66 -50.34
CA ARG K 64 -34.66 -6.47 -49.63
C ARG K 64 -35.38 -5.23 -50.13
N GLY K 65 -35.58 -5.13 -51.45
CA GLY K 65 -36.17 -3.95 -52.02
C GLY K 65 -37.61 -3.70 -51.63
N ILE K 66 -38.36 -4.78 -51.41
CA ILE K 66 -39.79 -4.64 -51.14
C ILE K 66 -40.08 -4.48 -49.65
N LEU K 67 -39.10 -4.71 -48.79
CA LEU K 67 -39.33 -4.76 -47.36
C LEU K 67 -38.64 -3.58 -46.69
N THR K 68 -39.29 -3.02 -45.68
CA THR K 68 -38.58 -2.17 -44.74
C THR K 68 -37.65 -3.06 -43.91
N LEU K 69 -36.36 -2.77 -43.97
CA LEU K 69 -35.36 -3.60 -43.32
C LEU K 69 -35.08 -3.01 -41.95
N LYS K 70 -35.35 -3.79 -40.91
CA LYS K 70 -35.26 -3.35 -39.52
C LYS K 70 -34.35 -4.30 -38.76
N TYR K 71 -33.77 -3.79 -37.68
CA TYR K 71 -32.81 -4.54 -36.89
C TYR K 71 -33.44 -4.85 -35.54
N PRO K 72 -33.79 -6.10 -35.25
CA PRO K 72 -34.35 -6.42 -33.93
C PRO K 72 -33.39 -6.17 -32.78
N ILE K 73 -32.09 -6.12 -33.05
CA ILE K 73 -31.09 -5.81 -32.04
C ILE K 73 -30.10 -4.80 -32.63
N GLU K 74 -29.72 -3.82 -31.83
CA GLU K 74 -28.69 -2.86 -32.24
C GLU K 74 -27.88 -2.50 -31.00
N GLY K 76 -26.85 -4.38 -28.82
CA GLY K 76 -27.33 -5.15 -27.70
C GLY K 76 -28.77 -4.87 -27.29
N ILE K 77 -29.25 -3.66 -27.57
CA ILE K 77 -30.60 -3.27 -27.18
C ILE K 77 -31.62 -4.09 -27.95
N ILE K 78 -32.67 -4.53 -27.26
CA ILE K 78 -33.69 -5.39 -27.84
C ILE K 78 -34.93 -4.57 -28.13
N THR K 79 -35.41 -4.65 -29.37
CA THR K 79 -36.63 -3.94 -29.78
C THR K 79 -37.89 -4.74 -29.47
N ASN K 80 -38.04 -5.89 -30.13
CA ASN K 80 -39.27 -6.67 -30.04
C ASN K 80 -38.94 -8.15 -29.92
N TRP K 81 -39.30 -8.75 -28.78
CA TRP K 81 -39.05 -10.17 -28.58
C TRP K 81 -39.79 -11.05 -29.57
N ASP K 82 -40.92 -10.59 -30.10
CA ASP K 82 -41.63 -11.36 -31.12
C ASP K 82 -40.74 -11.60 -32.34
N ASP K 83 -39.89 -10.64 -32.68
CA ASP K 83 -38.99 -10.81 -33.81
C ASP K 83 -38.00 -11.95 -33.57
N MET K 84 -37.42 -12.01 -32.38
CA MET K 84 -36.56 -13.13 -32.02
C MET K 84 -37.34 -14.44 -31.99
N GLU K 85 -38.58 -14.41 -31.50
CA GLU K 85 -39.42 -15.60 -31.51
C GLU K 85 -39.54 -16.16 -32.92
N LYS K 86 -39.91 -15.30 -33.87
CA LYS K 86 -40.10 -15.74 -35.25
C LYS K 86 -38.78 -16.20 -35.88
N ILE K 87 -37.68 -15.47 -35.65
CA ILE K 87 -36.45 -15.86 -36.33
C ILE K 87 -35.91 -17.15 -35.75
N TRP K 88 -36.09 -17.38 -34.44
CA TRP K 88 -35.69 -18.65 -33.83
C TRP K 88 -36.57 -19.79 -34.32
N HIS K 89 -37.88 -19.56 -34.47
CA HIS K 89 -38.73 -20.56 -35.10
C HIS K 89 -38.22 -20.93 -36.48
N HIS K 90 -37.91 -19.92 -37.30
CA HIS K 90 -37.40 -20.15 -38.64
C HIS K 90 -36.09 -20.94 -38.61
N THR K 91 -35.18 -20.54 -37.73
CA THR K 91 -33.88 -21.20 -37.65
C THR K 91 -34.04 -22.66 -37.24
N PHE K 92 -34.86 -22.92 -36.21
CA PHE K 92 -34.97 -24.27 -35.67
C PHE K 92 -35.70 -25.19 -36.64
N TYR K 93 -36.75 -24.73 -37.29
CA TYR K 93 -37.61 -25.62 -38.06
C TYR K 93 -37.41 -25.53 -39.56
N ASN K 94 -37.30 -24.33 -40.11
CA ASN K 94 -37.12 -24.17 -41.55
C ASN K 94 -35.67 -24.25 -41.99
N GLU K 95 -34.73 -23.95 -41.10
CA GLU K 95 -33.31 -23.93 -41.45
C GLU K 95 -32.51 -25.05 -40.80
N LEU K 96 -32.71 -25.30 -39.50
CA LEU K 96 -32.02 -26.40 -38.83
C LEU K 96 -32.80 -27.70 -38.89
N ARG K 97 -34.10 -27.64 -39.19
CA ARG K 97 -34.97 -28.81 -39.25
C ARG K 97 -34.88 -29.62 -37.96
N VAL K 98 -34.87 -28.92 -36.83
CA VAL K 98 -34.73 -29.52 -35.51
C VAL K 98 -35.81 -29.00 -34.57
N ALA K 99 -36.22 -29.86 -33.64
CA ALA K 99 -37.16 -29.48 -32.61
C ALA K 99 -36.41 -29.24 -31.31
N PRO K 100 -36.59 -28.09 -30.65
CA PRO K 100 -35.83 -27.83 -29.41
C PRO K 100 -36.30 -28.62 -28.21
N GLU K 101 -37.33 -29.46 -28.35
CA GLU K 101 -37.81 -30.25 -27.23
C GLU K 101 -36.75 -31.22 -26.73
N GLU K 102 -36.02 -31.85 -27.64
CA GLU K 102 -35.13 -32.96 -27.30
C GLU K 102 -33.65 -32.56 -27.26
N HIS K 103 -33.33 -31.28 -27.40
CA HIS K 103 -31.93 -30.85 -27.38
C HIS K 103 -31.74 -29.60 -26.54
N PRO K 104 -30.93 -29.69 -25.48
CA PRO K 104 -30.55 -28.48 -24.74
C PRO K 104 -29.77 -27.51 -25.61
N THR K 105 -29.87 -26.23 -25.27
CA THR K 105 -29.30 -25.16 -26.08
C THR K 105 -28.17 -24.45 -25.34
N LEU K 106 -27.03 -24.32 -26.01
CA LEU K 106 -25.93 -23.46 -25.57
C LEU K 106 -25.94 -22.21 -26.43
N LEU K 107 -26.11 -21.06 -25.80
CA LEU K 107 -26.17 -19.77 -26.47
C LEU K 107 -25.02 -18.89 -26.05
N THR K 108 -24.63 -17.98 -26.94
CA THR K 108 -23.62 -16.98 -26.66
C THR K 108 -24.25 -15.61 -26.74
N GLU K 109 -23.89 -14.73 -25.80
CA GLU K 109 -24.48 -13.41 -25.72
C GLU K 109 -23.38 -12.35 -25.83
N ALA K 110 -23.78 -11.16 -26.28
CA ALA K 110 -22.85 -10.05 -26.39
C ALA K 110 -22.28 -9.68 -25.02
N PRO K 111 -21.02 -9.27 -24.97
CA PRO K 111 -20.40 -8.97 -23.68
C PRO K 111 -21.15 -7.88 -22.93
N LEU K 112 -21.28 -8.06 -21.61
CA LEU K 112 -21.90 -7.08 -20.73
C LEU K 112 -23.35 -6.77 -21.14
N ASN K 113 -24.07 -7.80 -21.57
CA ASN K 113 -25.46 -7.62 -21.93
C ASN K 113 -26.29 -7.39 -20.67
N PRO K 114 -27.40 -6.66 -20.79
CA PRO K 114 -28.18 -6.33 -19.59
C PRO K 114 -28.63 -7.58 -18.84
N LYS K 115 -28.60 -7.51 -17.52
CA LYS K 115 -29.10 -8.60 -16.70
C LYS K 115 -30.62 -8.71 -16.79
N ALA K 116 -31.30 -7.55 -16.88
CA ALA K 116 -32.74 -7.55 -17.12
C ALA K 116 -33.05 -8.16 -18.49
N ASN K 117 -32.23 -7.84 -19.48
CA ASN K 117 -32.37 -8.45 -20.80
C ASN K 117 -32.24 -9.96 -20.71
N ARG K 118 -31.27 -10.45 -19.94
CA ARG K 118 -31.12 -11.88 -19.78
C ARG K 118 -32.33 -12.51 -19.10
N GLU K 119 -32.83 -11.88 -18.03
CA GLU K 119 -33.97 -12.40 -17.30
C GLU K 119 -35.23 -12.45 -18.17
N LYS K 120 -35.51 -11.40 -18.94
CA LYS K 120 -36.69 -11.39 -19.81
C LYS K 120 -36.54 -12.38 -20.97
N MET K 121 -35.39 -12.38 -21.63
CA MET K 121 -35.21 -13.29 -22.76
C MET K 121 -35.28 -14.75 -22.30
N THR K 122 -34.70 -15.06 -21.14
CA THR K 122 -34.78 -16.44 -20.64
C THR K 122 -36.21 -16.82 -20.28
N GLN K 123 -36.97 -15.87 -19.72
CA GLN K 123 -38.33 -16.19 -19.31
C GLN K 123 -39.23 -16.42 -20.53
N ILE K 124 -39.19 -15.50 -21.51
CA ILE K 124 -39.97 -15.68 -22.72
C ILE K 124 -39.55 -16.95 -23.45
N MET K 125 -38.24 -17.22 -23.50
CA MET K 125 -37.74 -18.45 -24.09
C MET K 125 -38.36 -19.68 -23.44
N PHE K 126 -38.21 -19.80 -22.11
CA PHE K 126 -38.70 -20.98 -21.41
C PHE K 126 -40.22 -21.14 -21.56
N GLU K 127 -40.98 -20.04 -21.51
CA GLU K 127 -42.41 -20.17 -21.68
C GLU K 127 -42.77 -20.54 -23.12
N THR K 128 -42.24 -19.81 -24.10
CA THR K 128 -42.59 -20.05 -25.49
C THR K 128 -42.07 -21.39 -25.98
N PHE K 129 -40.81 -21.70 -25.72
CA PHE K 129 -40.19 -22.92 -26.21
C PHE K 129 -40.20 -24.01 -25.14
N ASN K 130 -39.79 -25.21 -25.54
CA ASN K 130 -39.75 -26.36 -24.65
C ASN K 130 -38.35 -26.97 -24.61
N VAL K 131 -37.33 -26.12 -24.61
CA VAL K 131 -35.95 -26.61 -24.53
C VAL K 131 -35.75 -27.34 -23.21
N PRO K 132 -35.10 -28.51 -23.20
CA PRO K 132 -34.94 -29.22 -21.92
C PRO K 132 -34.00 -28.52 -20.97
N ALA K 133 -32.90 -27.97 -21.48
CA ALA K 133 -31.87 -27.40 -20.62
C ALA K 133 -31.20 -26.24 -21.35
N MET K 134 -30.48 -25.43 -20.58
CA MET K 134 -29.99 -24.14 -21.04
C MET K 134 -28.59 -23.86 -20.53
N TYR K 135 -27.84 -23.11 -21.33
CA TYR K 135 -26.61 -22.48 -20.86
C TYR K 135 -26.32 -21.32 -21.79
N VAL K 136 -25.96 -20.18 -21.22
CA VAL K 136 -25.58 -19.01 -21.99
C VAL K 136 -24.24 -18.49 -21.48
N ALA K 137 -23.38 -18.10 -22.42
CA ALA K 137 -22.02 -17.68 -22.07
C ALA K 137 -21.64 -16.45 -22.87
N ILE K 138 -20.64 -15.72 -22.35
CA ILE K 138 -20.11 -14.55 -23.04
C ILE K 138 -19.26 -14.98 -24.22
N GLN K 139 -19.36 -14.24 -25.32
CA GLN K 139 -18.62 -14.61 -26.53
C GLN K 139 -17.11 -14.46 -26.36
N ALA K 140 -16.67 -13.74 -25.33
CA ALA K 140 -15.25 -13.53 -25.10
C ALA K 140 -14.55 -14.84 -24.79
N VAL K 141 -15.06 -15.59 -23.81
CA VAL K 141 -14.46 -16.86 -23.45
C VAL K 141 -14.62 -17.86 -24.60
N LEU K 142 -15.68 -17.72 -25.40
CA LEU K 142 -15.83 -18.59 -26.57
C LEU K 142 -14.72 -18.36 -27.58
N SER K 143 -14.40 -17.09 -27.87
CA SER K 143 -13.29 -16.81 -28.76
C SER K 143 -11.97 -17.27 -28.16
N LEU K 144 -11.84 -17.13 -26.83
CA LEU K 144 -10.68 -17.66 -26.13
C LEU K 144 -10.55 -19.16 -26.37
N TYR K 145 -11.67 -19.88 -26.25
CA TYR K 145 -11.66 -21.33 -26.44
C TYR K 145 -11.27 -21.68 -27.86
N ALA K 146 -11.78 -20.90 -28.82
CA ALA K 146 -11.39 -21.09 -30.21
C ALA K 146 -9.89 -20.90 -30.40
N SER K 147 -9.30 -19.91 -29.72
CA SER K 147 -7.86 -19.76 -29.75
C SER K 147 -7.16 -20.83 -28.91
N GLY K 148 -7.83 -21.34 -27.88
CA GLY K 148 -7.27 -22.39 -27.05
C GLY K 148 -6.06 -21.95 -26.26
N ARG K 149 -6.06 -20.70 -25.78
CA ARG K 149 -4.98 -20.20 -24.94
C ARG K 149 -5.58 -19.30 -23.87
N THR K 150 -5.38 -19.68 -22.61
CA THR K 150 -6.03 -19.03 -21.47
C THR K 150 -5.58 -17.60 -21.22
N THR K 151 -4.51 -17.14 -21.85
CA THR K 151 -4.01 -15.79 -21.63
C THR K 151 -4.18 -14.94 -22.89
N GLY K 152 -4.68 -13.73 -22.72
CA GLY K 152 -4.83 -12.82 -23.83
C GLY K 152 -5.95 -11.83 -23.60
N ILE K 153 -5.95 -10.78 -24.43
CA ILE K 153 -7.01 -9.79 -24.43
C ILE K 153 -7.79 -9.93 -25.73
N VAL K 154 -9.09 -10.10 -25.61
CA VAL K 154 -9.99 -10.36 -26.74
C VAL K 154 -10.58 -9.04 -27.20
N LEU K 155 -10.42 -8.75 -28.50
CA LEU K 155 -11.08 -7.64 -29.16
C LEU K 155 -12.22 -8.21 -29.99
N ASP K 156 -13.44 -8.16 -29.44
CA ASP K 156 -14.64 -8.64 -30.12
C ASP K 156 -15.26 -7.49 -30.91
N SER K 157 -15.13 -7.53 -32.23
CA SER K 157 -15.66 -6.47 -33.11
C SER K 157 -16.92 -6.98 -33.78
N GLY K 158 -18.05 -6.86 -33.09
CA GLY K 158 -19.34 -7.16 -33.66
C GLY K 158 -19.84 -6.08 -34.59
N ASP K 159 -21.12 -6.17 -34.93
CA ASP K 159 -21.76 -5.19 -35.79
C ASP K 159 -22.46 -4.07 -35.01
N GLY K 160 -22.52 -4.17 -33.68
CA GLY K 160 -23.11 -3.10 -32.90
C GLY K 160 -22.17 -2.49 -31.88
N VAL K 161 -21.25 -3.30 -31.34
CA VAL K 161 -20.32 -2.87 -30.31
C VAL K 161 -18.96 -3.53 -30.55
N THR K 162 -17.91 -2.84 -30.15
CA THR K 162 -16.57 -3.44 -30.07
C THR K 162 -16.16 -3.50 -28.60
N HIS K 163 -15.84 -4.70 -28.13
CA HIS K 163 -15.53 -4.95 -26.74
C HIS K 163 -14.06 -5.32 -26.59
N ASN K 164 -13.40 -4.74 -25.59
CA ASN K 164 -12.06 -5.19 -25.21
C ASN K 164 -12.13 -5.80 -23.83
N VAL K 165 -11.72 -7.06 -23.73
CA VAL K 165 -11.84 -7.85 -22.52
C VAL K 165 -10.51 -8.56 -22.24
N PRO K 166 -9.85 -8.28 -21.12
CA PRO K 166 -8.64 -9.04 -20.81
C PRO K 166 -8.94 -10.27 -19.96
N ILE K 167 -8.29 -11.38 -20.29
CA ILE K 167 -8.43 -12.62 -19.54
C ILE K 167 -7.05 -13.21 -19.39
N TYR K 168 -6.61 -13.38 -18.14
CA TYR K 168 -5.30 -13.93 -17.85
C TYR K 168 -5.47 -15.31 -17.24
N GLU K 169 -4.80 -16.30 -17.83
CA GLU K 169 -4.85 -17.68 -17.37
C GLU K 169 -6.29 -18.15 -17.16
N GLY K 170 -7.13 -17.86 -18.15
CA GLY K 170 -8.51 -18.27 -18.12
C GLY K 170 -9.32 -17.69 -16.98
N TYR K 171 -9.15 -16.39 -16.73
CA TYR K 171 -9.88 -15.68 -15.68
C TYR K 171 -10.34 -14.34 -16.22
N ALA K 172 -11.63 -14.07 -16.15
CA ALA K 172 -12.18 -12.81 -16.65
C ALA K 172 -11.75 -11.63 -15.77
N LEU K 173 -11.54 -10.48 -16.41
CA LEU K 173 -11.16 -9.23 -15.73
C LEU K 173 -12.18 -8.15 -16.03
N PRO K 174 -13.37 -8.23 -15.44
CA PRO K 174 -14.41 -7.22 -15.73
C PRO K 174 -13.98 -5.80 -15.39
N HIS K 175 -13.08 -5.63 -14.42
CA HIS K 175 -12.63 -4.29 -14.07
C HIS K 175 -11.87 -3.61 -15.19
N ALA K 176 -11.35 -4.38 -16.15
CA ALA K 176 -10.60 -3.84 -17.28
C ALA K 176 -11.30 -4.16 -18.60
N ILE K 177 -12.62 -4.29 -18.58
CA ILE K 177 -13.40 -4.57 -19.77
C ILE K 177 -14.17 -3.31 -20.17
N MET K 178 -14.16 -3.00 -21.46
CA MET K 178 -14.83 -1.82 -21.97
C MET K 178 -15.58 -2.13 -23.27
N ARG K 179 -16.65 -1.36 -23.49
CA ARG K 179 -17.46 -1.43 -24.70
C ARG K 179 -17.39 -0.09 -25.40
N LEU K 180 -17.16 -0.13 -26.71
CA LEU K 180 -17.10 1.05 -27.57
C LEU K 180 -18.21 0.97 -28.60
N ASP K 181 -18.92 2.07 -28.77
CA ASP K 181 -20.09 2.17 -29.64
C ASP K 181 -19.72 2.27 -31.12
N LEU K 182 -18.48 1.99 -31.49
CA LEU K 182 -18.08 1.96 -32.89
C LEU K 182 -18.14 0.53 -33.39
N ALA K 183 -18.75 0.33 -34.55
CA ALA K 183 -18.94 -0.99 -35.12
C ALA K 183 -19.29 -0.84 -36.59
N GLY K 184 -19.83 -1.90 -37.18
CA GLY K 184 -20.12 -1.88 -38.60
C GLY K 184 -21.05 -0.74 -38.95
N ARG K 185 -22.05 -0.48 -38.09
CA ARG K 185 -23.01 0.58 -38.35
C ARG K 185 -22.29 1.90 -38.62
N ASP K 186 -21.37 2.26 -37.72
CA ASP K 186 -20.60 3.48 -37.87
C ASP K 186 -19.82 3.46 -39.18
N LEU K 187 -19.17 2.33 -39.48
CA LEU K 187 -18.39 2.21 -40.70
C LEU K 187 -19.24 2.54 -41.92
N THR K 188 -20.42 1.91 -42.00
CA THR K 188 -21.34 2.17 -43.11
C THR K 188 -21.77 3.63 -43.15
N ASP K 189 -22.11 4.20 -42.00
CA ASP K 189 -22.51 5.61 -41.92
C ASP K 189 -21.42 6.53 -42.48
N TYR K 190 -20.23 6.45 -41.90
CA TYR K 190 -19.10 7.27 -42.36
C TYR K 190 -18.85 7.09 -43.85
N LEU K 191 -18.87 5.84 -44.33
CA LEU K 191 -18.67 5.61 -45.76
C LEU K 191 -19.80 6.22 -46.57
N MET K 192 -21.02 6.20 -46.01
CA MET K 192 -22.17 6.83 -46.67
C MET K 192 -21.95 8.31 -46.87
N LYS K 193 -21.48 9.00 -45.82
CA LYS K 193 -21.27 10.44 -45.96
C LYS K 193 -20.12 10.74 -46.92
N ILE K 194 -19.05 9.94 -46.89
CA ILE K 194 -17.96 10.17 -47.83
C ILE K 194 -18.42 9.94 -49.26
N LEU K 195 -19.18 8.86 -49.50
CA LEU K 195 -19.71 8.62 -50.83
C LEU K 195 -20.69 9.71 -51.25
N THR K 196 -21.42 10.28 -50.29
CA THR K 196 -22.23 11.46 -50.57
C THR K 196 -21.36 12.61 -51.05
N GLU K 197 -20.22 12.82 -50.40
CA GLU K 197 -19.27 13.81 -50.89
C GLU K 197 -18.60 13.38 -52.19
N ARG K 198 -18.73 12.12 -52.59
CA ARG K 198 -18.22 11.68 -53.88
C ARG K 198 -19.27 11.77 -54.99
N GLY K 199 -20.50 12.15 -54.66
CA GLY K 199 -21.55 12.35 -55.64
C GLY K 199 -22.68 11.36 -55.59
N TYR K 200 -22.58 10.32 -54.76
CA TYR K 200 -23.58 9.26 -54.68
C TYR K 200 -24.19 9.28 -53.28
N SER K 201 -25.48 9.60 -53.21
CA SER K 201 -26.16 9.84 -51.95
C SER K 201 -27.36 8.90 -51.87
N PHE K 202 -27.24 7.84 -51.06
CA PHE K 202 -28.32 6.89 -50.83
C PHE K 202 -28.58 6.75 -49.34
N VAL K 203 -29.81 6.37 -49.01
CA VAL K 203 -30.25 6.31 -47.61
C VAL K 203 -30.73 4.91 -47.25
N THR K 204 -31.24 4.17 -48.23
CA THR K 204 -31.89 2.89 -47.97
C THR K 204 -30.87 1.80 -47.65
N THR K 205 -31.38 0.70 -47.11
CA THR K 205 -30.54 -0.38 -46.58
C THR K 205 -29.90 -1.23 -47.66
N ALA K 206 -30.49 -1.31 -48.86
CA ALA K 206 -29.86 -2.08 -49.93
C ALA K 206 -28.49 -1.52 -50.25
N GLU K 207 -28.41 -0.19 -50.31
CA GLU K 207 -27.13 0.41 -50.57
C GLU K 207 -26.26 0.27 -49.33
N ARG K 208 -26.83 0.11 -48.14
CA ARG K 208 -26.04 -0.14 -46.94
C ARG K 208 -25.29 -1.46 -47.09
N GLU K 209 -25.99 -2.48 -47.57
CA GLU K 209 -25.37 -3.78 -47.77
C GLU K 209 -24.37 -3.73 -48.91
N ILE K 210 -24.68 -2.97 -49.96
CA ILE K 210 -23.72 -2.79 -51.06
C ILE K 210 -22.42 -2.17 -50.54
N VAL K 211 -22.52 -1.13 -49.73
CA VAL K 211 -21.31 -0.46 -49.27
C VAL K 211 -20.57 -1.28 -48.22
N ARG K 212 -21.28 -2.10 -47.43
CA ARG K 212 -20.54 -3.00 -46.54
C ARG K 212 -19.84 -4.09 -47.34
N ASP K 213 -20.45 -4.53 -48.45
CA ASP K 213 -19.76 -5.45 -49.35
C ASP K 213 -18.51 -4.80 -49.92
N ILE K 214 -18.61 -3.51 -50.30
CA ILE K 214 -17.44 -2.77 -50.76
C ILE K 214 -16.38 -2.77 -49.67
N LYS K 215 -16.78 -2.56 -48.42
CA LYS K 215 -15.83 -2.61 -47.31
C LYS K 215 -15.19 -3.99 -47.19
N GLU K 216 -15.97 -5.04 -47.44
CA GLU K 216 -15.44 -6.39 -47.38
C GLU K 216 -14.40 -6.61 -48.48
N LYS K 217 -14.62 -6.03 -49.66
CA LYS K 217 -13.78 -6.35 -50.81
C LYS K 217 -12.56 -5.43 -50.92
N LEU K 218 -12.78 -4.12 -51.01
CA LEU K 218 -11.74 -3.21 -51.48
C LEU K 218 -11.04 -2.42 -50.38
N CYS K 219 -11.58 -2.35 -49.17
CA CYS K 219 -11.08 -1.38 -48.21
C CYS K 219 -9.67 -1.72 -47.75
N TYR K 220 -8.87 -0.67 -47.56
CA TYR K 220 -7.54 -0.72 -46.96
C TYR K 220 -7.56 -0.25 -45.52
N VAL K 221 -6.50 -0.59 -44.80
CA VAL K 221 -6.14 0.06 -43.54
C VAL K 221 -4.81 0.78 -43.78
N ALA K 222 -4.87 2.12 -43.80
CA ALA K 222 -3.72 2.92 -44.19
C ALA K 222 -2.56 2.70 -43.23
N LEU K 223 -1.37 2.49 -43.78
CA LEU K 223 -0.18 2.41 -42.95
C LEU K 223 0.20 3.78 -42.38
N ASP K 224 0.17 4.81 -43.21
CA ASP K 224 0.34 6.20 -42.80
C ASP K 224 -0.79 6.96 -43.45
N PHE K 225 -1.53 7.76 -42.68
CA PHE K 225 -2.81 8.26 -43.18
C PHE K 225 -2.64 9.43 -44.13
N GLU K 226 -2.15 10.57 -43.61
CA GLU K 226 -2.14 11.78 -44.43
C GLU K 226 -1.17 11.65 -45.60
N ASN K 227 -0.08 10.92 -45.42
CA ASN K 227 0.83 10.65 -46.53
C ASN K 227 0.15 9.82 -47.61
N GLU K 228 -0.72 8.88 -47.22
CA GLU K 228 -1.39 8.08 -48.23
C GLU K 228 -2.49 8.85 -48.95
N MET K 229 -3.20 9.77 -48.30
CA MET K 229 -4.05 10.65 -49.12
C MET K 229 -3.22 11.59 -50.00
N ALA K 230 -2.06 12.04 -49.51
CA ALA K 230 -1.22 12.91 -50.31
C ALA K 230 -0.76 12.21 -51.59
N THR K 231 -0.35 10.95 -51.48
CA THR K 231 -0.02 10.17 -52.67
C THR K 231 -1.25 9.62 -53.38
N ALA K 232 -2.42 9.63 -52.74
CA ALA K 232 -3.65 9.20 -53.37
C ALA K 232 -4.37 10.32 -54.09
N ALA K 233 -3.79 11.52 -54.08
CA ALA K 233 -4.31 12.63 -54.87
C ALA K 233 -4.68 12.19 -56.29
N SER K 234 -3.70 11.70 -57.06
CA SER K 234 -3.99 11.10 -58.36
C SER K 234 -4.08 9.57 -58.29
N SER K 235 -2.98 8.91 -57.93
CA SER K 235 -3.03 7.46 -57.72
C SER K 235 -3.90 6.73 -58.70
N SER K 236 -3.51 6.71 -59.94
CA SER K 236 -4.29 5.93 -60.91
C SER K 236 -4.23 4.45 -60.60
N SER K 237 -3.04 3.93 -60.26
CA SER K 237 -2.93 2.52 -59.91
C SER K 237 -3.52 2.23 -58.54
N LEU K 238 -3.23 3.08 -57.55
CA LEU K 238 -3.69 2.83 -56.19
C LEU K 238 -5.21 2.96 -56.07
N GLU K 239 -5.82 3.85 -56.85
CA GLU K 239 -7.28 3.98 -56.85
C GLU K 239 -7.92 2.70 -57.37
N LYS K 240 -9.00 2.26 -56.72
CA LYS K 240 -9.60 0.97 -57.01
C LYS K 240 -11.08 1.14 -57.31
N SER K 241 -11.60 0.27 -58.16
CA SER K 241 -12.97 0.39 -58.64
C SER K 241 -13.76 -0.85 -58.24
N TYR K 242 -15.09 -0.70 -58.24
CA TYR K 242 -16.02 -1.79 -57.98
C TYR K 242 -17.10 -1.80 -59.05
N GLU K 243 -17.59 -3.00 -59.33
CA GLU K 243 -18.65 -3.23 -60.30
C GLU K 243 -19.94 -3.50 -59.52
N LEU K 244 -20.77 -2.47 -59.40
CA LEU K 244 -22.03 -2.61 -58.70
C LEU K 244 -23.00 -3.50 -59.49
N PRO K 245 -23.88 -4.23 -58.80
CA PRO K 245 -24.71 -5.23 -59.49
C PRO K 245 -25.54 -4.67 -60.62
N ASP K 246 -25.94 -3.39 -60.56
CA ASP K 246 -26.61 -2.76 -61.69
C ASP K 246 -25.71 -2.62 -62.90
N GLY K 247 -24.39 -2.71 -62.72
CA GLY K 247 -23.42 -2.60 -63.79
C GLY K 247 -22.59 -1.34 -63.83
N GLN K 248 -22.92 -0.31 -63.06
CA GLN K 248 -22.09 0.89 -63.09
C GLN K 248 -20.78 0.65 -62.35
N VAL K 249 -19.73 1.30 -62.83
CA VAL K 249 -18.40 1.18 -62.26
C VAL K 249 -18.22 2.38 -61.33
N ILE K 250 -18.06 2.10 -60.04
CA ILE K 250 -17.88 3.12 -59.02
C ILE K 250 -16.45 3.07 -58.51
N THR K 251 -15.74 4.18 -58.65
CA THR K 251 -14.32 4.25 -58.35
C THR K 251 -14.11 4.96 -57.02
N ILE K 252 -13.28 4.37 -56.15
CA ILE K 252 -12.95 4.92 -54.84
C ILE K 252 -11.45 4.85 -54.65
N GLY K 253 -10.88 5.91 -54.09
CA GLY K 253 -9.44 5.96 -53.86
C GLY K 253 -9.04 5.91 -52.40
N ASN K 254 -8.73 7.08 -51.83
CA ASN K 254 -8.31 7.15 -50.44
C ASN K 254 -9.38 6.66 -49.48
N GLU K 255 -10.66 6.75 -49.88
CA GLU K 255 -11.75 6.33 -48.99
C GLU K 255 -11.57 4.89 -48.52
N ARG K 256 -10.95 4.05 -49.35
CA ARG K 256 -10.71 2.65 -48.98
C ARG K 256 -10.03 2.55 -47.63
N PHE K 257 -9.00 3.38 -47.40
CA PHE K 257 -8.34 3.38 -46.11
C PHE K 257 -8.72 4.56 -45.24
N ARG K 258 -9.65 5.42 -45.70
CA ARG K 258 -10.15 6.46 -44.82
C ARG K 258 -11.40 6.04 -44.06
N CYS K 259 -12.02 4.92 -44.42
CA CYS K 259 -13.18 4.41 -43.66
C CYS K 259 -12.84 3.64 -42.36
N PRO K 260 -12.02 2.58 -42.42
CA PRO K 260 -11.70 1.92 -41.14
C PRO K 260 -10.88 2.80 -40.22
N GLU K 261 -10.21 3.81 -40.77
CA GLU K 261 -9.38 4.71 -39.96
C GLU K 261 -10.20 5.40 -38.91
N THR K 262 -11.49 5.62 -39.15
CA THR K 262 -12.33 6.33 -38.20
C THR K 262 -12.36 5.62 -36.85
N LEU K 263 -12.35 4.30 -36.83
CA LEU K 263 -12.30 3.62 -35.53
C LEU K 263 -11.01 4.00 -34.83
N PHE K 264 -9.90 4.01 -35.56
CA PHE K 264 -8.60 4.43 -35.01
C PHE K 264 -8.57 5.92 -34.69
N GLN K 265 -9.25 6.73 -35.49
CA GLN K 265 -9.28 8.20 -35.29
C GLN K 265 -10.74 8.65 -35.13
N PRO K 266 -11.31 8.48 -33.91
CA PRO K 266 -12.74 8.80 -33.73
C PRO K 266 -13.06 10.28 -33.88
N SER K 267 -12.06 11.16 -33.78
CA SER K 267 -12.31 12.59 -33.88
C SER K 267 -12.86 13.00 -35.23
N PHE K 268 -12.77 12.13 -36.24
CA PHE K 268 -13.36 12.42 -37.54
C PHE K 268 -14.86 12.69 -37.43
N ILE K 269 -15.58 11.87 -36.66
CA ILE K 269 -17.01 12.13 -36.49
C ILE K 269 -17.38 12.31 -35.02
N GLY K 270 -16.43 12.77 -34.21
CA GLY K 270 -16.76 13.28 -32.89
C GLY K 270 -17.02 12.30 -31.78
N MET K 271 -16.02 11.52 -31.39
CA MET K 271 -16.07 10.73 -30.16
C MET K 271 -14.99 11.21 -29.21
N GLU K 272 -15.35 11.35 -27.93
CA GLU K 272 -14.35 11.66 -26.91
C GLU K 272 -13.32 10.54 -26.79
N SER K 273 -13.78 9.30 -26.83
CA SER K 273 -12.88 8.16 -26.76
C SER K 273 -11.94 8.16 -27.95
N ALA K 274 -10.68 7.82 -27.70
CA ALA K 274 -9.67 7.76 -28.76
C ALA K 274 -9.81 6.45 -29.51
N GLY K 275 -8.82 6.12 -30.34
CA GLY K 275 -8.87 4.90 -31.12
C GLY K 275 -8.93 3.66 -30.25
N ILE K 276 -9.37 2.56 -30.86
CA ILE K 276 -9.53 1.30 -30.15
C ILE K 276 -8.20 0.79 -29.60
N HIS K 277 -7.08 1.17 -30.22
CA HIS K 277 -5.79 0.81 -29.65
C HIS K 277 -5.56 1.49 -28.30
N GLU K 278 -6.01 2.74 -28.14
CA GLU K 278 -5.97 3.36 -26.82
C GLU K 278 -6.83 2.61 -25.83
N THR K 279 -7.98 2.08 -26.29
CA THR K 279 -8.87 1.35 -25.40
C THR K 279 -8.20 0.05 -25.01
N THR K 280 -7.47 -0.62 -25.86
CA THR K 280 -6.72 -1.80 -25.43
C THR K 280 -5.57 -1.42 -24.50
N TYR K 281 -4.86 -0.33 -24.80
CA TYR K 281 -3.80 0.17 -23.93
C TYR K 281 -4.27 0.47 -22.49
N ASN K 282 -5.28 1.33 -22.34
CA ASN K 282 -5.79 1.63 -21.00
C ASN K 282 -6.21 0.34 -20.32
N SER K 283 -6.94 -0.52 -21.05
CA SER K 283 -7.40 -1.78 -20.46
C SER K 283 -6.21 -2.52 -19.88
N ILE K 284 -5.11 -2.58 -20.61
CA ILE K 284 -3.94 -3.31 -20.15
C ILE K 284 -3.40 -2.69 -18.86
N MET K 285 -3.15 -1.37 -18.86
CA MET K 285 -2.56 -0.80 -17.64
C MET K 285 -3.47 -0.83 -16.41
N LYS K 286 -4.79 -0.90 -16.57
CA LYS K 286 -5.67 -0.91 -15.40
C LYS K 286 -5.30 -2.06 -14.48
N CYS K 287 -4.86 -3.19 -15.03
CA CYS K 287 -4.54 -4.38 -14.27
C CYS K 287 -3.08 -4.30 -13.85
N ASP K 288 -2.65 -5.20 -12.96
CA ASP K 288 -1.27 -5.21 -12.48
C ASP K 288 -0.25 -5.08 -13.61
N ILE K 289 0.84 -4.38 -13.30
CA ILE K 289 1.89 -4.10 -14.27
C ILE K 289 2.47 -5.36 -14.89
N ASP K 290 2.80 -6.35 -14.05
CA ASP K 290 3.70 -7.43 -14.47
C ASP K 290 3.16 -8.19 -15.68
N ILE K 291 1.90 -8.65 -15.61
CA ILE K 291 1.38 -9.49 -16.70
C ILE K 291 1.13 -8.70 -17.97
N ARG K 292 1.27 -7.37 -17.91
CA ARG K 292 0.92 -6.55 -19.06
C ARG K 292 1.70 -6.98 -20.29
N LYS K 293 2.97 -7.33 -20.11
CA LYS K 293 3.79 -7.79 -21.24
C LYS K 293 3.12 -8.99 -21.92
N ASP K 294 2.65 -9.95 -21.13
CA ASP K 294 1.98 -11.11 -21.70
C ASP K 294 0.74 -10.68 -22.45
N LEU K 295 -0.01 -9.72 -21.91
CA LEU K 295 -1.16 -9.20 -22.64
C LEU K 295 -0.73 -8.62 -23.98
N TYR K 296 0.39 -7.90 -23.98
CA TYR K 296 0.92 -7.37 -25.22
C TYR K 296 1.20 -8.48 -26.21
N ALA K 297 1.75 -9.60 -25.73
CA ALA K 297 2.18 -10.67 -26.61
C ALA K 297 1.07 -11.67 -26.92
N ASN K 298 -0.08 -11.57 -26.25
CA ASN K 298 -1.13 -12.57 -26.40
C ASN K 298 -2.46 -11.97 -26.84
N ASN K 299 -2.44 -10.79 -27.44
CA ASN K 299 -3.69 -10.17 -27.88
C ASN K 299 -4.34 -10.98 -29.00
N VAL K 300 -5.66 -11.15 -28.89
CA VAL K 300 -6.44 -11.85 -29.90
C VAL K 300 -7.52 -10.89 -30.39
N MET K 301 -7.86 -11.03 -31.67
CA MET K 301 -8.94 -10.26 -32.27
C MET K 301 -9.95 -11.23 -32.88
N SER K 302 -11.24 -10.93 -32.72
CA SER K 302 -12.31 -11.79 -33.17
C SER K 302 -13.46 -10.97 -33.72
N GLY K 303 -14.17 -11.54 -34.70
CA GLY K 303 -15.33 -10.91 -35.30
C GLY K 303 -15.31 -11.05 -36.81
N GLY K 304 -16.49 -10.82 -37.42
CA GLY K 304 -16.57 -10.91 -38.87
C GLY K 304 -15.76 -9.84 -39.57
N THR K 305 -15.63 -8.66 -38.95
CA THR K 305 -14.86 -7.57 -39.54
C THR K 305 -13.42 -8.01 -39.77
N THR K 306 -12.90 -8.85 -38.87
CA THR K 306 -11.51 -9.28 -38.94
C THR K 306 -11.14 -9.86 -40.29
N MET K 307 -12.11 -10.22 -41.15
CA MET K 307 -11.73 -10.64 -42.49
C MET K 307 -11.04 -9.54 -43.28
N TYR K 308 -11.07 -8.28 -42.81
CA TYR K 308 -10.44 -7.23 -43.59
C TYR K 308 -8.93 -7.27 -43.36
N PRO K 309 -8.14 -6.80 -44.31
CA PRO K 309 -6.69 -6.68 -44.08
C PRO K 309 -6.38 -5.43 -43.29
N GLY K 310 -5.15 -5.37 -42.77
CA GLY K 310 -4.63 -4.17 -42.16
C GLY K 310 -4.81 -4.02 -40.66
N ILE K 311 -5.72 -4.75 -40.03
CA ILE K 311 -5.85 -4.59 -38.58
C ILE K 311 -4.60 -5.06 -37.84
N ALA K 312 -3.99 -6.17 -38.27
CA ALA K 312 -2.84 -6.71 -37.56
C ALA K 312 -1.63 -5.77 -37.56
N ASP K 313 -1.23 -5.29 -38.74
CA ASP K 313 -0.05 -4.43 -38.80
C ASP K 313 -0.27 -3.14 -38.02
N ARG K 314 -1.44 -2.52 -38.21
CA ARG K 314 -1.75 -1.28 -37.51
C ARG K 314 -1.71 -1.53 -36.00
N MET K 315 -2.35 -2.62 -35.58
CA MET K 315 -2.43 -2.97 -34.17
C MET K 315 -1.04 -3.01 -33.56
N GLN K 316 -0.19 -3.89 -34.10
CA GLN K 316 1.13 -4.06 -33.50
C GLN K 316 1.93 -2.77 -33.54
N LYS K 317 1.97 -2.08 -34.68
CA LYS K 317 2.79 -0.87 -34.76
C LYS K 317 2.38 0.15 -33.71
N GLU K 318 1.07 0.45 -33.60
CA GLU K 318 0.64 1.45 -32.63
C GLU K 318 0.89 1.01 -31.19
N ILE K 319 0.65 -0.27 -30.87
CA ILE K 319 0.93 -0.71 -29.49
C ILE K 319 2.41 -0.60 -29.19
N THR K 320 3.27 -0.97 -30.13
CA THR K 320 4.71 -0.80 -29.93
C THR K 320 5.09 0.67 -29.80
N ALA K 321 4.40 1.55 -30.51
CA ALA K 321 4.64 2.99 -30.33
C ALA K 321 4.26 3.44 -28.92
N LEU K 322 3.13 2.94 -28.41
CA LEU K 322 2.64 3.34 -27.09
C LEU K 322 3.41 2.66 -25.96
N ALA K 323 3.67 1.37 -26.07
CA ALA K 323 4.34 0.53 -25.09
C ALA K 323 5.81 0.36 -25.42
N PRO K 324 6.67 0.12 -24.43
CA PRO K 324 8.09 -0.09 -24.74
C PRO K 324 8.29 -1.28 -25.69
N SER K 325 9.27 -1.13 -26.58
CA SER K 325 9.53 -2.09 -27.65
C SER K 325 10.56 -3.13 -27.29
N THR K 326 10.65 -3.55 -26.03
CA THR K 326 11.61 -4.60 -25.69
C THR K 326 11.05 -5.95 -26.13
N MET K 327 9.92 -6.35 -25.56
CA MET K 327 9.33 -7.64 -25.91
C MET K 327 8.64 -7.52 -27.24
N LYS K 328 8.63 -8.61 -28.00
CA LYS K 328 7.98 -8.63 -29.31
C LYS K 328 6.49 -8.91 -29.17
N ILE K 329 5.68 -8.05 -29.79
CA ILE K 329 4.23 -8.20 -29.82
C ILE K 329 3.81 -8.86 -31.12
N LYS K 330 2.97 -9.90 -31.01
CA LYS K 330 2.44 -10.61 -32.17
C LYS K 330 0.98 -10.95 -31.94
N ILE K 331 0.17 -10.72 -32.97
CA ILE K 331 -1.27 -11.00 -32.96
C ILE K 331 -1.51 -12.38 -33.54
N ILE K 332 -2.55 -13.06 -33.07
CA ILE K 332 -2.95 -14.35 -33.60
C ILE K 332 -4.41 -14.24 -34.02
N ALA K 333 -4.73 -14.75 -35.21
CA ALA K 333 -6.09 -14.69 -35.73
C ALA K 333 -6.32 -15.79 -36.76
N PRO K 334 -6.95 -16.90 -36.37
CA PRO K 334 -7.18 -18.00 -37.32
C PRO K 334 -8.14 -17.60 -38.41
N PRO K 335 -7.94 -18.09 -39.64
CA PRO K 335 -8.89 -17.79 -40.72
C PRO K 335 -10.29 -18.26 -40.39
N GLU K 336 -11.28 -17.49 -40.88
CA GLU K 336 -12.69 -17.76 -40.66
C GLU K 336 -13.01 -17.86 -39.16
N ARG K 337 -12.62 -16.81 -38.43
CA ARG K 337 -12.79 -16.79 -36.99
C ARG K 337 -14.17 -16.32 -36.56
N LYS K 338 -15.00 -15.83 -37.50
CA LYS K 338 -16.36 -15.45 -37.14
C LYS K 338 -17.20 -16.67 -36.78
N TYR K 339 -16.84 -17.85 -37.27
CA TYR K 339 -17.46 -19.10 -36.84
C TYR K 339 -16.84 -19.62 -35.56
N SER K 340 -15.69 -19.07 -35.16
CA SER K 340 -14.90 -19.63 -34.07
C SER K 340 -15.71 -19.73 -32.78
N VAL K 341 -16.49 -18.69 -32.47
CA VAL K 341 -17.33 -18.71 -31.26
C VAL K 341 -18.21 -19.96 -31.27
N TRP K 342 -18.89 -20.22 -32.38
CA TRP K 342 -19.75 -21.38 -32.46
C TRP K 342 -18.94 -22.65 -32.28
N ILE K 343 -17.73 -22.68 -32.84
CA ILE K 343 -16.84 -23.83 -32.64
C ILE K 343 -16.61 -24.03 -31.15
N GLY K 344 -16.32 -22.96 -30.42
CA GLY K 344 -16.14 -23.07 -28.99
C GLY K 344 -17.37 -23.61 -28.29
N GLY K 345 -18.56 -23.26 -28.80
CA GLY K 345 -19.77 -23.83 -28.24
C GLY K 345 -19.77 -25.35 -28.37
N SER K 346 -19.41 -25.83 -29.56
CA SER K 346 -19.28 -27.27 -29.75
C SER K 346 -18.26 -27.83 -28.76
N ILE K 347 -17.17 -27.10 -28.55
CA ILE K 347 -16.14 -27.54 -27.61
C ILE K 347 -16.74 -27.69 -26.23
N LEU K 348 -17.63 -26.76 -25.84
CA LEU K 348 -18.28 -26.85 -24.54
C LEU K 348 -19.09 -28.12 -24.44
N ALA K 349 -19.79 -28.49 -25.51
CA ALA K 349 -20.57 -29.71 -25.47
C ALA K 349 -19.71 -30.96 -25.61
N SER K 350 -18.43 -30.81 -25.99
CA SER K 350 -17.57 -31.96 -26.20
C SER K 350 -17.36 -32.76 -24.92
N LEU K 351 -17.10 -32.06 -23.81
CA LEU K 351 -16.70 -32.71 -22.56
C LEU K 351 -17.94 -33.11 -21.75
N SER K 352 -17.75 -34.12 -20.89
CA SER K 352 -18.84 -34.73 -20.15
C SER K 352 -19.15 -34.00 -18.85
N THR K 353 -18.40 -32.96 -18.49
CA THR K 353 -18.75 -32.17 -17.32
C THR K 353 -19.78 -31.10 -17.62
N PHE K 354 -19.99 -30.79 -18.90
CA PHE K 354 -20.90 -29.71 -19.29
C PHE K 354 -22.33 -29.97 -18.85
N GLN K 355 -22.76 -31.23 -18.81
CA GLN K 355 -24.11 -31.52 -18.37
C GLN K 355 -24.28 -31.49 -16.87
N GLN K 356 -23.23 -31.20 -16.11
CA GLN K 356 -23.41 -30.96 -14.68
C GLN K 356 -24.13 -29.65 -14.40
N MET K 357 -23.99 -28.64 -15.27
CA MET K 357 -24.61 -27.34 -15.01
C MET K 357 -25.53 -26.88 -16.15
N TRP K 358 -26.19 -27.82 -16.82
CA TRP K 358 -27.34 -27.47 -17.65
C TRP K 358 -28.42 -26.82 -16.80
N ILE K 359 -29.02 -25.75 -17.32
CA ILE K 359 -30.11 -25.05 -16.65
C ILE K 359 -31.41 -25.76 -17.03
N THR K 360 -31.86 -26.67 -16.17
CA THR K 360 -33.00 -27.49 -16.49
C THR K 360 -34.32 -26.72 -16.29
N LYS K 361 -35.41 -27.31 -16.79
CA LYS K 361 -36.72 -26.68 -16.69
C LYS K 361 -37.16 -26.52 -15.24
N GLN K 362 -36.96 -27.56 -14.42
CA GLN K 362 -37.49 -27.52 -13.05
C GLN K 362 -36.81 -26.47 -12.19
N GLU K 363 -35.52 -26.19 -12.42
CA GLU K 363 -34.86 -25.12 -11.66
C GLU K 363 -35.51 -23.77 -11.96
N TYR K 364 -35.79 -23.51 -13.24
CA TYR K 364 -36.47 -22.27 -13.61
C TYR K 364 -37.89 -22.24 -13.07
N ASP K 365 -38.58 -23.38 -13.07
CA ASP K 365 -39.92 -23.42 -12.50
C ASP K 365 -39.92 -23.16 -11.01
N GLU K 366 -38.87 -23.60 -10.31
CA GLU K 366 -38.77 -23.34 -8.87
C GLU K 366 -38.46 -21.88 -8.58
N ALA K 367 -37.33 -21.39 -9.08
CA ALA K 367 -36.84 -20.08 -8.69
C ALA K 367 -37.12 -18.98 -9.71
N GLY K 368 -37.95 -19.24 -10.72
CA GLY K 368 -38.21 -18.26 -11.75
C GLY K 368 -36.98 -18.00 -12.59
N PRO K 369 -36.97 -16.87 -13.30
CA PRO K 369 -35.74 -16.48 -14.00
C PRO K 369 -34.59 -16.17 -13.07
N SER K 370 -34.89 -15.76 -11.82
CA SER K 370 -33.86 -15.31 -10.90
C SER K 370 -32.79 -16.37 -10.66
N ILE K 371 -33.13 -17.64 -10.89
CA ILE K 371 -32.17 -18.72 -10.67
C ILE K 371 -30.92 -18.53 -11.52
N VAL K 372 -31.06 -17.93 -12.70
CA VAL K 372 -29.87 -17.78 -13.54
C VAL K 372 -28.84 -16.89 -12.84
N HIS K 373 -29.31 -15.97 -12.00
CA HIS K 373 -28.39 -15.09 -11.27
C HIS K 373 -27.44 -15.89 -10.41
N ARG K 374 -27.83 -17.09 -10.02
CA ARG K 374 -27.02 -17.97 -9.21
C ARG K 374 -26.51 -19.18 -9.99
N LYS K 375 -27.05 -19.43 -11.19
CA LYS K 375 -26.71 -20.66 -11.90
C LYS K 375 -25.66 -20.46 -12.97
N CYS K 376 -25.58 -19.27 -13.57
CA CYS K 376 -24.52 -18.98 -14.53
C CYS K 376 -23.33 -18.34 -13.85
N PHE K 377 -23.55 -17.22 -13.16
CA PHE K 377 -22.52 -16.61 -12.34
C PHE K 377 -22.86 -16.75 -10.86
N ASP L 3 -24.05 51.09 -60.17
CA ASP L 3 -23.01 50.58 -59.30
C ASP L 3 -22.58 51.62 -58.27
N GLU L 4 -22.45 51.20 -57.02
CA GLU L 4 -21.99 52.08 -55.97
C GLU L 4 -20.53 52.48 -56.20
N ASP L 5 -20.19 53.71 -55.79
CA ASP L 5 -18.83 54.20 -55.95
C ASP L 5 -17.82 53.35 -55.17
N GLU L 6 -18.27 52.71 -54.09
CA GLU L 6 -17.40 51.90 -53.26
C GLU L 6 -17.31 50.50 -53.87
N THR L 7 -16.21 49.80 -53.55
CA THR L 7 -15.91 48.49 -54.11
C THR L 7 -16.52 47.36 -53.27
N THR L 8 -17.66 47.62 -52.63
CA THR L 8 -18.33 46.65 -51.77
C THR L 8 -18.59 45.34 -52.49
N ALA L 9 -18.75 44.26 -51.73
CA ALA L 9 -18.81 42.92 -52.29
C ALA L 9 -20.20 42.59 -52.82
N LEU L 10 -20.25 41.58 -53.68
CA LEU L 10 -21.50 41.02 -54.16
C LEU L 10 -21.99 39.94 -53.20
N VAL L 11 -23.29 39.91 -52.96
CA VAL L 11 -23.91 38.90 -52.10
C VAL L 11 -24.97 38.18 -52.92
N CYS L 12 -24.76 36.88 -53.15
CA CYS L 12 -25.61 36.09 -54.01
C CYS L 12 -25.94 34.77 -53.33
N ASP L 13 -27.24 34.54 -53.11
CA ASP L 13 -27.74 33.28 -52.60
C ASP L 13 -28.30 32.48 -53.76
N ASN L 14 -27.57 31.44 -54.17
CA ASN L 14 -28.06 30.51 -55.19
C ASN L 14 -28.82 29.37 -54.50
N GLY L 15 -29.92 29.73 -53.86
CA GLY L 15 -30.73 28.74 -53.17
C GLY L 15 -31.33 27.74 -54.13
N SER L 16 -31.54 26.53 -53.63
CA SER L 16 -32.09 25.44 -54.44
C SER L 16 -33.56 25.73 -54.69
N GLY L 17 -33.82 26.55 -55.70
CA GLY L 17 -35.16 26.95 -56.04
C GLY L 17 -35.32 28.44 -56.35
N LEU L 18 -34.41 29.25 -55.83
CA LEU L 18 -34.46 30.70 -56.05
C LEU L 18 -33.05 31.25 -56.01
N VAL L 19 -32.78 32.22 -56.89
CA VAL L 19 -31.52 32.94 -56.92
C VAL L 19 -31.78 34.38 -56.53
N LYS L 20 -31.10 34.84 -55.48
CA LYS L 20 -31.31 36.17 -54.91
C LYS L 20 -29.96 36.87 -54.81
N ALA L 21 -29.76 37.92 -55.62
CA ALA L 21 -28.46 38.55 -55.75
C ALA L 21 -28.57 40.04 -55.50
N GLY L 22 -27.49 40.62 -55.00
CA GLY L 22 -27.45 42.05 -54.74
C GLY L 22 -26.09 42.48 -54.23
N PHE L 23 -26.06 43.67 -53.66
CA PHE L 23 -24.81 44.25 -53.15
C PHE L 23 -24.71 44.09 -51.64
N ALA L 24 -23.48 44.05 -51.16
CA ALA L 24 -23.23 44.03 -49.72
C ALA L 24 -23.60 45.36 -49.08
N GLY L 25 -24.08 45.29 -47.84
CA GLY L 25 -24.61 46.45 -47.16
C GLY L 25 -26.08 46.73 -47.44
N ASP L 26 -26.69 46.01 -48.36
CA ASP L 26 -28.10 46.16 -48.66
C ASP L 26 -28.92 45.24 -47.75
N ASP L 27 -30.17 45.64 -47.51
CA ASP L 27 -31.03 44.87 -46.62
C ASP L 27 -31.70 43.70 -47.32
N ALA L 28 -32.04 43.84 -48.60
CA ALA L 28 -32.69 42.77 -49.35
C ALA L 28 -32.01 42.61 -50.70
N PRO L 29 -31.99 41.38 -51.23
CA PRO L 29 -31.41 41.18 -52.56
C PRO L 29 -32.19 41.93 -53.62
N ARG L 30 -31.47 42.45 -54.62
CA ARG L 30 -32.11 43.28 -55.64
C ARG L 30 -32.74 42.44 -56.74
N ALA L 31 -32.03 41.44 -57.23
CA ALA L 31 -32.52 40.60 -58.34
C ALA L 31 -32.84 39.23 -57.77
N VAL L 32 -34.14 38.90 -57.71
CA VAL L 32 -34.61 37.62 -57.19
C VAL L 32 -35.44 36.95 -58.26
N PHE L 33 -35.03 35.74 -58.65
CA PHE L 33 -35.77 35.02 -59.67
C PHE L 33 -35.77 33.52 -59.38
N PRO L 34 -36.80 32.81 -59.79
CA PRO L 34 -36.81 31.35 -59.67
C PRO L 34 -35.78 30.71 -60.59
N SER L 35 -35.40 29.48 -60.25
CA SER L 35 -34.32 28.78 -60.92
C SER L 35 -34.78 27.97 -62.13
N ILE L 36 -35.88 28.35 -62.77
CA ILE L 36 -36.35 27.66 -63.96
C ILE L 36 -35.63 28.28 -65.16
N VAL L 37 -35.40 27.48 -66.20
CA VAL L 37 -34.73 27.95 -67.41
C VAL L 37 -35.50 27.45 -68.62
N GLY L 38 -35.89 28.35 -69.52
CA GLY L 38 -36.67 27.99 -70.69
C GLY L 38 -35.85 27.98 -71.97
N ARG L 39 -36.15 27.02 -72.83
CA ARG L 39 -35.49 26.83 -74.11
C ARG L 39 -36.54 26.79 -75.21
N PRO L 40 -36.18 27.21 -76.42
CA PRO L 40 -37.14 27.13 -77.53
C PRO L 40 -37.61 25.71 -77.79
N ARG L 41 -38.94 25.51 -77.72
CA ARG L 41 -39.52 24.20 -77.95
C ARG L 41 -39.38 23.72 -79.39
N HIS L 42 -39.21 24.64 -80.35
CA HIS L 42 -39.07 24.26 -81.74
C HIS L 42 -37.92 25.04 -82.38
N GLN L 43 -37.75 24.84 -83.69
CA GLN L 43 -36.66 25.43 -84.44
C GLN L 43 -37.06 26.75 -85.11
N GLY L 44 -36.06 27.43 -85.67
CA GLY L 44 -36.20 28.73 -86.27
C GLY L 44 -36.45 28.82 -87.77
N VAL L 45 -37.55 29.48 -88.15
CA VAL L 45 -37.90 29.68 -89.55
C VAL L 45 -38.34 31.13 -89.74
N MET L 46 -38.92 31.71 -88.69
CA MET L 46 -39.36 33.09 -88.63
C MET L 46 -38.18 34.02 -88.43
N VAL L 47 -38.43 35.32 -88.60
CA VAL L 47 -37.40 36.34 -88.48
C VAL L 47 -38.08 37.63 -88.03
N GLY L 48 -37.27 38.62 -87.64
CA GLY L 48 -37.76 39.92 -87.21
C GLY L 48 -37.80 40.15 -85.71
N MET L 49 -37.72 39.10 -84.91
CA MET L 49 -37.80 39.24 -83.45
C MET L 49 -37.48 37.91 -82.81
N GLY L 50 -37.25 37.94 -81.50
CA GLY L 50 -36.97 36.72 -80.76
C GLY L 50 -35.80 35.93 -81.29
N GLN L 51 -36.02 34.63 -81.50
CA GLN L 51 -35.01 33.69 -81.99
C GLN L 51 -33.78 33.69 -81.10
N LYS L 52 -34.00 33.62 -79.80
CA LYS L 52 -32.92 33.58 -78.83
C LYS L 52 -33.04 32.27 -78.05
N ASP L 53 -31.91 31.60 -77.85
CA ASP L 53 -31.87 30.33 -77.14
C ASP L 53 -32.28 30.45 -75.67
N SER L 54 -31.34 30.80 -74.81
CA SER L 54 -31.62 30.84 -73.38
C SER L 54 -32.61 31.95 -73.02
N TYR L 55 -33.59 31.59 -72.20
CA TYR L 55 -34.53 32.54 -71.61
C TYR L 55 -34.55 32.28 -70.11
N VAL L 56 -34.26 33.32 -69.34
CA VAL L 56 -34.17 33.21 -67.88
C VAL L 56 -34.98 34.32 -67.23
N GLY L 57 -35.36 34.09 -65.97
CA GLY L 57 -36.03 35.09 -65.18
C GLY L 57 -37.48 35.31 -65.61
N ASP L 58 -37.96 36.53 -65.37
CA ASP L 58 -39.33 36.87 -65.69
C ASP L 58 -39.62 36.74 -67.18
N GLU L 59 -38.59 36.88 -68.02
CA GLU L 59 -38.80 36.65 -69.45
C GLU L 59 -39.29 35.23 -69.70
N ALA L 60 -38.63 34.25 -69.10
CA ALA L 60 -39.10 32.87 -69.24
C ALA L 60 -40.44 32.66 -68.55
N GLN L 61 -40.68 33.36 -67.44
CA GLN L 61 -41.97 33.24 -66.78
C GLN L 61 -43.10 33.69 -67.70
N SER L 62 -42.88 34.78 -68.44
CA SER L 62 -43.86 35.22 -69.43
C SER L 62 -43.90 34.27 -70.63
N LYS L 63 -42.77 33.64 -70.96
CA LYS L 63 -42.71 32.79 -72.14
C LYS L 63 -42.71 31.30 -71.77
N ARG L 64 -43.41 30.96 -70.69
CA ARG L 64 -43.41 29.59 -70.19
C ARG L 64 -44.02 28.63 -71.21
N GLY L 65 -45.10 29.07 -71.88
CA GLY L 65 -45.81 28.19 -72.79
C GLY L 65 -45.01 27.79 -74.01
N ILE L 66 -44.14 28.68 -74.48
CA ILE L 66 -43.42 28.42 -75.72
C ILE L 66 -42.11 27.68 -75.48
N LEU L 67 -41.67 27.57 -74.25
CA LEU L 67 -40.35 27.04 -73.93
C LEU L 67 -40.49 25.71 -73.22
N THR L 68 -39.58 24.79 -73.54
CA THR L 68 -39.37 23.65 -72.66
C THR L 68 -38.70 24.15 -71.40
N LEU L 69 -39.34 23.92 -70.25
CA LEU L 69 -38.87 24.46 -68.99
C LEU L 69 -38.03 23.37 -68.31
N LYS L 70 -36.76 23.67 -68.08
CA LYS L 70 -35.78 22.72 -67.58
C LYS L 70 -35.13 23.31 -66.34
N TYR L 71 -34.63 22.43 -65.48
CA TYR L 71 -34.04 22.82 -64.21
C TYR L 71 -32.54 22.57 -64.27
N PRO L 72 -31.70 23.59 -64.32
CA PRO L 72 -30.25 23.35 -64.33
C PRO L 72 -29.74 22.69 -63.06
N ILE L 73 -30.48 22.77 -61.97
CA ILE L 73 -30.13 22.10 -60.72
C ILE L 73 -31.37 21.42 -60.15
N GLU L 74 -31.20 20.21 -59.65
CA GLU L 74 -32.29 19.51 -58.98
C GLU L 74 -31.68 18.71 -57.84
N GLY L 76 -29.55 19.60 -55.84
CA GLY L 76 -28.12 19.85 -55.80
C GLY L 76 -27.32 19.40 -57.02
N ILE L 77 -27.84 18.40 -57.72
CA ILE L 77 -27.13 17.85 -58.88
C ILE L 77 -27.09 18.90 -59.99
N ILE L 78 -25.94 19.02 -60.64
CA ILE L 78 -25.72 20.01 -61.69
C ILE L 78 -25.81 19.35 -63.06
N THR L 79 -26.65 19.91 -63.93
CA THR L 79 -26.79 19.40 -65.29
C THR L 79 -25.75 19.99 -66.24
N ASN L 80 -25.82 21.30 -66.47
CA ASN L 80 -24.99 21.97 -67.46
C ASN L 80 -24.47 23.28 -66.92
N TRP L 81 -23.15 23.37 -66.77
CA TRP L 81 -22.54 24.60 -66.27
C TRP L 81 -22.77 25.79 -67.18
N ASP L 82 -22.95 25.56 -68.48
CA ASP L 82 -23.27 26.65 -69.40
C ASP L 82 -24.55 27.38 -68.97
N ASP L 83 -25.52 26.63 -68.44
CA ASP L 83 -26.76 27.25 -67.98
C ASP L 83 -26.51 28.23 -66.84
N MET L 84 -25.70 27.81 -65.86
CA MET L 84 -25.31 28.72 -64.79
C MET L 84 -24.50 29.90 -65.32
N GLU L 85 -23.62 29.66 -66.29
CA GLU L 85 -22.87 30.74 -66.91
C GLU L 85 -23.81 31.81 -67.46
N LYS L 86 -24.79 31.38 -68.26
CA LYS L 86 -25.73 32.34 -68.85
C LYS L 86 -26.58 33.02 -67.79
N ILE L 87 -27.08 32.28 -66.80
CA ILE L 87 -27.98 32.93 -65.84
C ILE L 87 -27.20 33.91 -64.97
N TRP L 88 -25.95 33.59 -64.64
CA TRP L 88 -25.12 34.52 -63.89
C TRP L 88 -24.77 35.75 -64.71
N HIS L 89 -24.49 35.57 -66.00
CA HIS L 89 -24.33 36.72 -66.89
C HIS L 89 -25.55 37.63 -66.85
N HIS L 90 -26.73 37.02 -67.00
CA HIS L 90 -27.98 37.77 -66.98
C HIS L 90 -28.16 38.51 -65.65
N THR L 91 -27.91 37.81 -64.54
CA THR L 91 -28.09 38.41 -63.22
C THR L 91 -27.14 39.58 -63.03
N PHE L 92 -25.86 39.39 -63.37
CA PHE L 92 -24.86 40.42 -63.12
C PHE L 92 -25.06 41.64 -64.00
N TYR L 93 -25.40 41.46 -65.27
CA TYR L 93 -25.38 42.57 -66.22
C TYR L 93 -26.76 43.08 -66.57
N ASN L 94 -27.72 42.20 -66.84
CA ASN L 94 -29.06 42.61 -67.21
C ASN L 94 -29.96 42.90 -66.01
N GLU L 95 -29.68 42.28 -64.86
CA GLU L 95 -30.51 42.43 -63.68
C GLU L 95 -29.85 43.21 -62.55
N LEU L 96 -28.58 42.93 -62.25
CA LEU L 96 -27.88 43.68 -61.22
C LEU L 96 -27.14 44.89 -61.79
N ARG L 97 -26.92 44.92 -63.10
CA ARG L 97 -26.21 46.01 -63.76
C ARG L 97 -24.84 46.24 -63.12
N VAL L 98 -24.15 45.15 -62.80
CA VAL L 98 -22.87 45.19 -62.12
C VAL L 98 -21.85 44.32 -62.85
N ALA L 99 -20.59 44.74 -62.79
CA ALA L 99 -19.50 43.96 -63.34
C ALA L 99 -18.77 43.25 -62.22
N PRO L 100 -18.58 41.93 -62.30
CA PRO L 100 -17.92 41.21 -61.20
C PRO L 100 -16.42 41.46 -61.09
N GLU L 101 -15.84 42.26 -61.99
CA GLU L 101 -14.41 42.53 -61.93
C GLU L 101 -14.02 43.25 -60.63
N GLU L 102 -14.84 44.21 -60.19
CA GLU L 102 -14.48 45.10 -59.09
C GLU L 102 -15.16 44.74 -57.78
N HIS L 103 -15.88 43.62 -57.70
CA HIS L 103 -16.55 43.26 -56.47
C HIS L 103 -16.37 41.77 -56.15
N PRO L 104 -15.76 41.45 -55.02
CA PRO L 104 -15.72 40.05 -54.56
C PRO L 104 -17.12 39.52 -54.29
N THR L 105 -17.27 38.21 -54.43
CA THR L 105 -18.56 37.56 -54.33
C THR L 105 -18.63 36.64 -53.12
N LEU L 106 -19.68 36.80 -52.32
CA LEU L 106 -20.04 35.85 -51.27
C LEU L 106 -21.23 35.05 -51.76
N LEU L 107 -21.06 33.73 -51.84
CA LEU L 107 -22.09 32.83 -52.31
C LEU L 107 -22.49 31.86 -51.20
N THR L 108 -23.73 31.39 -51.30
CA THR L 108 -24.25 30.37 -50.40
C THR L 108 -24.58 29.12 -51.19
N GLU L 109 -24.24 27.96 -50.64
CA GLU L 109 -24.46 26.70 -51.33
C GLU L 109 -25.35 25.80 -50.50
N ALA L 110 -26.02 24.87 -51.19
CA ALA L 110 -26.89 23.92 -50.53
C ALA L 110 -26.08 23.05 -49.57
N PRO L 111 -26.67 22.67 -48.42
CA PRO L 111 -25.93 21.88 -47.43
C PRO L 111 -25.41 20.58 -48.02
N LEU L 112 -24.18 20.23 -47.64
CA LEU L 112 -23.56 18.97 -48.03
C LEU L 112 -23.48 18.82 -49.56
N ASN L 113 -23.18 19.93 -50.24
CA ASN L 113 -23.03 19.89 -51.68
C ASN L 113 -21.73 19.15 -52.03
N PRO L 114 -21.67 18.50 -53.20
CA PRO L 114 -20.48 17.72 -53.53
C PRO L 114 -19.22 18.56 -53.53
N LYS L 115 -18.13 17.97 -53.02
CA LYS L 115 -16.83 18.64 -53.06
C LYS L 115 -16.31 18.75 -54.48
N ALA L 116 -16.54 17.71 -55.29
CA ALA L 116 -16.20 17.78 -56.71
C ALA L 116 -17.02 18.87 -57.41
N ASN L 117 -18.30 18.99 -57.02
CA ASN L 117 -19.13 20.07 -57.55
C ASN L 117 -18.54 21.42 -57.20
N ARG L 118 -18.07 21.58 -55.97
CA ARG L 118 -17.47 22.85 -55.56
C ARG L 118 -16.20 23.13 -56.36
N GLU L 119 -15.33 22.12 -56.52
CA GLU L 119 -14.09 22.30 -57.25
C GLU L 119 -14.32 22.65 -58.72
N LYS L 120 -15.27 21.99 -59.40
CA LYS L 120 -15.55 22.30 -60.80
C LYS L 120 -16.22 23.66 -60.94
N MET L 121 -17.23 23.96 -60.11
CA MET L 121 -17.91 25.25 -60.21
C MET L 121 -16.95 26.39 -59.93
N THR L 122 -16.07 26.24 -58.93
CA THR L 122 -15.11 27.30 -58.64
C THR L 122 -14.13 27.48 -59.80
N GLN L 123 -13.70 26.38 -60.42
CA GLN L 123 -12.73 26.49 -61.49
C GLN L 123 -13.33 27.16 -62.73
N ILE L 124 -14.52 26.70 -63.16
CA ILE L 124 -15.19 27.33 -64.29
C ILE L 124 -15.47 28.79 -63.99
N MET L 125 -15.92 29.09 -62.77
CA MET L 125 -16.16 30.46 -62.34
C MET L 125 -14.91 31.32 -62.52
N PHE L 126 -13.80 30.91 -61.89
CA PHE L 126 -12.58 31.71 -61.93
C PHE L 126 -12.07 31.88 -63.36
N GLU L 127 -12.15 30.84 -64.19
CA GLU L 127 -11.70 31.01 -65.57
C GLU L 127 -12.65 31.91 -66.36
N THR L 128 -13.95 31.63 -66.31
CA THR L 128 -14.91 32.39 -67.10
C THR L 128 -15.02 33.83 -66.63
N PHE L 129 -15.16 34.04 -65.32
CA PHE L 129 -15.36 35.36 -64.75
C PHE L 129 -14.05 35.93 -64.23
N ASN L 130 -14.09 37.20 -63.84
CA ASN L 130 -12.93 37.91 -63.33
C ASN L 130 -13.20 38.48 -61.93
N VAL L 131 -13.91 37.72 -61.11
CA VAL L 131 -14.18 38.16 -59.73
C VAL L 131 -12.87 38.32 -58.99
N PRO L 132 -12.67 39.40 -58.22
CA PRO L 132 -11.38 39.55 -57.52
C PRO L 132 -11.19 38.55 -56.40
N ALA L 133 -12.26 38.26 -55.65
CA ALA L 133 -12.14 37.41 -54.48
C ALA L 133 -13.43 36.65 -54.26
N MET L 134 -13.35 35.61 -53.43
CA MET L 134 -14.41 34.61 -53.31
C MET L 134 -14.61 34.19 -51.87
N TYR L 135 -15.85 33.83 -51.56
CA TYR L 135 -16.15 33.08 -50.35
C TYR L 135 -17.49 32.39 -50.57
N VAL L 136 -17.56 31.12 -50.19
CA VAL L 136 -18.79 30.35 -50.27
C VAL L 136 -19.06 29.70 -48.92
N ALA L 137 -20.33 29.72 -48.50
CA ALA L 137 -20.70 29.24 -47.19
C ALA L 137 -21.99 28.42 -47.29
N ILE L 138 -22.20 27.56 -46.27
CA ILE L 138 -23.42 26.77 -46.19
C ILE L 138 -24.58 27.65 -45.77
N GLN L 139 -25.75 27.41 -46.35
CA GLN L 139 -26.92 28.24 -46.05
C GLN L 139 -27.40 28.05 -44.60
N ALA L 140 -26.96 26.99 -43.93
CA ALA L 140 -27.39 26.73 -42.57
C ALA L 140 -26.91 27.84 -41.62
N VAL L 141 -25.61 28.12 -41.66
CA VAL L 141 -25.06 29.15 -40.79
C VAL L 141 -25.59 30.53 -41.21
N LEU L 142 -25.92 30.70 -42.49
CA LEU L 142 -26.54 31.95 -42.94
C LEU L 142 -27.91 32.16 -42.30
N SER L 143 -28.74 31.11 -42.28
CA SER L 143 -30.03 31.22 -41.61
C SER L 143 -29.84 31.43 -40.12
N LEU L 144 -28.82 30.78 -39.55
CA LEU L 144 -28.46 31.01 -38.15
C LEU L 144 -28.16 32.49 -37.91
N TYR L 145 -27.37 33.08 -38.80
CA TYR L 145 -26.99 34.49 -38.67
C TYR L 145 -28.21 35.37 -38.77
N ALA L 146 -29.13 35.04 -39.68
CA ALA L 146 -30.38 35.76 -39.79
C ALA L 146 -31.19 35.69 -38.49
N SER L 147 -31.20 34.52 -37.85
CA SER L 147 -31.83 34.42 -36.53
C SER L 147 -30.98 35.09 -35.46
N GLY L 148 -29.67 35.13 -35.65
CA GLY L 148 -28.79 35.78 -34.68
C GLY L 148 -28.74 35.08 -33.34
N ARG L 149 -28.80 33.75 -33.34
CA ARG L 149 -28.68 32.97 -32.11
C ARG L 149 -27.88 31.72 -32.41
N THR L 150 -26.75 31.57 -31.72
CA THR L 150 -25.78 30.53 -32.00
C THR L 150 -26.27 29.11 -31.69
N THR L 151 -27.38 28.95 -31.00
CA THR L 151 -27.89 27.64 -30.62
C THR L 151 -29.20 27.35 -31.35
N GLY L 152 -29.32 26.16 -31.92
CA GLY L 152 -30.55 25.76 -32.57
C GLY L 152 -30.29 24.74 -33.66
N ILE L 153 -31.38 24.12 -34.09
CA ILE L 153 -31.36 23.17 -35.21
C ILE L 153 -32.11 23.81 -36.38
N VAL L 154 -31.45 23.89 -37.52
CA VAL L 154 -31.96 24.57 -38.70
C VAL L 154 -32.61 23.52 -39.60
N LEU L 155 -33.87 23.77 -39.95
CA LEU L 155 -34.60 22.99 -40.95
C LEU L 155 -34.65 23.83 -42.23
N ASP L 156 -33.75 23.53 -43.16
CA ASP L 156 -33.70 24.23 -44.44
C ASP L 156 -34.56 23.48 -45.45
N SER L 157 -35.71 24.04 -45.80
CA SER L 157 -36.64 23.40 -46.74
C SER L 157 -36.54 24.12 -48.09
N GLY L 158 -35.58 23.70 -48.90
CA GLY L 158 -35.45 24.19 -50.26
C GLY L 158 -36.45 23.55 -51.19
N ASP L 159 -36.21 23.75 -52.49
CA ASP L 159 -37.07 23.17 -53.51
C ASP L 159 -36.56 21.83 -54.03
N GLY L 160 -35.38 21.40 -53.61
CA GLY L 160 -34.89 20.09 -54.02
C GLY L 160 -34.61 19.14 -52.87
N VAL L 161 -34.20 19.70 -51.72
CA VAL L 161 -33.84 18.91 -50.55
C VAL L 161 -34.32 19.63 -49.29
N THR L 162 -34.63 18.86 -48.26
CA THR L 162 -34.84 19.40 -46.92
C THR L 162 -33.74 18.88 -46.00
N HIS L 163 -33.02 19.81 -45.38
CA HIS L 163 -31.86 19.49 -44.56
C HIS L 163 -32.15 19.81 -43.10
N ASN L 164 -31.77 18.89 -42.21
CA ASN L 164 -31.80 19.17 -40.79
C ASN L 164 -30.36 19.18 -40.28
N VAL L 165 -29.98 20.32 -39.69
CA VAL L 165 -28.61 20.56 -39.26
C VAL L 165 -28.61 21.12 -37.84
N PRO L 166 -28.03 20.44 -36.86
CA PRO L 166 -27.94 21.03 -35.52
C PRO L 166 -26.65 21.81 -35.35
N ILE L 167 -26.77 22.98 -34.72
CA ILE L 167 -25.61 23.82 -34.41
C ILE L 167 -25.79 24.33 -32.99
N TYR L 168 -24.85 24.01 -32.12
CA TYR L 168 -24.88 24.41 -30.73
C TYR L 168 -23.79 25.43 -30.48
N GLU L 169 -24.18 26.59 -29.94
CA GLU L 169 -23.26 27.68 -29.64
C GLU L 169 -22.36 27.99 -30.83
N GLY L 170 -22.99 28.12 -32.00
CA GLY L 170 -22.29 28.45 -33.22
C GLY L 170 -21.22 27.45 -33.63
N TYR L 171 -21.51 26.15 -33.48
CA TYR L 171 -20.65 25.06 -33.94
C TYR L 171 -21.46 24.05 -34.76
N ALA L 172 -20.98 23.75 -35.97
CA ALA L 172 -21.67 22.78 -36.81
C ALA L 172 -21.52 21.37 -36.27
N LEU L 173 -22.57 20.57 -36.45
CA LEU L 173 -22.61 19.17 -36.03
C LEU L 173 -22.88 18.27 -37.23
N PRO L 174 -21.88 18.08 -38.12
CA PRO L 174 -22.13 17.25 -39.30
C PRO L 174 -22.53 15.83 -38.98
N HIS L 175 -22.11 15.30 -37.83
CA HIS L 175 -22.47 13.93 -37.47
C HIS L 175 -23.97 13.77 -37.26
N ALA L 176 -24.69 14.86 -37.01
CA ALA L 176 -26.12 14.82 -36.79
C ALA L 176 -26.87 15.63 -37.85
N ILE L 177 -26.30 15.71 -39.05
CA ILE L 177 -26.91 16.43 -40.17
C ILE L 177 -27.41 15.42 -41.20
N MET L 178 -28.63 15.65 -41.68
CA MET L 178 -29.25 14.76 -42.65
C MET L 178 -29.95 15.53 -43.76
N ARG L 179 -30.02 14.90 -44.92
CA ARG L 179 -30.70 15.42 -46.10
C ARG L 179 -31.83 14.47 -46.47
N LEU L 180 -33.01 15.03 -46.72
CA LEU L 180 -34.19 14.27 -47.12
C LEU L 180 -34.62 14.75 -48.50
N ASP L 181 -34.90 13.78 -49.38
CA ASP L 181 -35.23 14.02 -50.78
C ASP L 181 -36.66 14.51 -50.98
N LEU L 182 -37.34 14.95 -49.92
CA LEU L 182 -38.66 15.53 -50.05
C LEU L 182 -38.53 17.04 -50.08
N ALA L 183 -39.22 17.67 -51.04
CA ALA L 183 -39.13 19.10 -51.24
C ALA L 183 -40.30 19.54 -52.11
N GLY L 184 -40.20 20.74 -52.68
CA GLY L 184 -41.30 21.28 -53.45
C GLY L 184 -41.66 20.36 -54.59
N ARG L 185 -40.66 19.76 -55.24
CA ARG L 185 -40.91 18.87 -56.37
C ARG L 185 -41.90 17.78 -55.97
N ASP L 186 -41.61 17.11 -54.85
CA ASP L 186 -42.49 16.06 -54.36
C ASP L 186 -43.89 16.60 -54.09
N LEU L 187 -43.97 17.77 -53.45
CA LEU L 187 -45.27 18.37 -53.14
C LEU L 187 -46.09 18.55 -54.41
N THR L 188 -45.48 19.13 -55.44
CA THR L 188 -46.17 19.32 -56.72
C THR L 188 -46.58 17.98 -57.32
N ASP L 189 -45.67 17.00 -57.32
CA ASP L 189 -45.98 15.67 -57.85
C ASP L 189 -47.22 15.07 -57.17
N TYR L 190 -47.15 14.92 -55.85
CA TYR L 190 -48.27 14.37 -55.08
C TYR L 190 -49.57 15.13 -55.36
N LEU L 191 -49.50 16.47 -55.37
CA LEU L 191 -50.70 17.25 -55.67
C LEU L 191 -51.18 16.98 -57.08
N MET L 192 -50.25 16.76 -58.01
CA MET L 192 -50.60 16.44 -59.38
C MET L 192 -51.39 15.14 -59.46
N LYS L 193 -50.94 14.11 -58.74
CA LYS L 193 -51.67 12.85 -58.79
C LYS L 193 -53.03 12.97 -58.11
N ILE L 194 -53.11 13.71 -57.00
CA ILE L 194 -54.41 13.89 -56.36
C ILE L 194 -55.37 14.67 -57.26
N LEU L 195 -54.89 15.73 -57.90
CA LEU L 195 -55.72 16.48 -58.84
C LEU L 195 -56.10 15.62 -60.04
N THR L 196 -55.22 14.70 -60.45
CA THR L 196 -55.59 13.71 -61.46
C THR L 196 -56.76 12.86 -60.98
N GLU L 197 -56.72 12.43 -59.71
CA GLU L 197 -57.86 11.73 -59.15
C GLU L 197 -59.06 12.64 -58.94
N ARG L 198 -58.88 13.97 -59.02
CA ARG L 198 -60.00 14.89 -58.96
C ARG L 198 -60.58 15.22 -60.33
N GLY L 199 -59.97 14.73 -61.40
CA GLY L 199 -60.48 14.91 -62.75
C GLY L 199 -59.63 15.78 -63.65
N TYR L 200 -58.59 16.40 -63.12
CA TYR L 200 -57.75 17.34 -63.86
C TYR L 200 -56.34 16.76 -63.94
N SER L 201 -55.91 16.41 -65.16
CA SER L 201 -54.66 15.68 -65.37
C SER L 201 -53.79 16.49 -66.31
N PHE L 202 -52.76 17.15 -65.78
CA PHE L 202 -51.81 17.91 -66.57
C PHE L 202 -50.39 17.44 -66.26
N VAL L 203 -49.50 17.63 -67.23
CA VAL L 203 -48.13 17.13 -67.12
C VAL L 203 -47.12 18.27 -67.25
N THR L 204 -47.48 19.33 -67.98
CA THR L 204 -46.55 20.38 -68.31
C THR L 204 -46.25 21.28 -67.10
N THR L 205 -45.18 22.08 -67.24
CA THR L 205 -44.65 22.86 -66.13
C THR L 205 -45.50 24.08 -65.80
N ALA L 206 -46.27 24.61 -66.76
CA ALA L 206 -47.12 25.76 -66.46
C ALA L 206 -48.13 25.40 -65.38
N GLU L 207 -48.71 24.21 -65.51
CA GLU L 207 -49.63 23.77 -64.49
C GLU L 207 -48.85 23.43 -63.23
N ARG L 208 -47.57 23.09 -63.31
CA ARG L 208 -46.77 22.86 -62.11
C ARG L 208 -46.68 24.15 -61.30
N GLU L 209 -46.44 25.27 -61.99
CA GLU L 209 -46.37 26.55 -61.31
C GLU L 209 -47.73 26.97 -60.80
N ILE L 210 -48.79 26.68 -61.55
CA ILE L 210 -50.15 26.98 -61.09
C ILE L 210 -50.44 26.23 -59.78
N VAL L 211 -50.08 24.94 -59.73
CA VAL L 211 -50.42 24.16 -58.54
C VAL L 211 -49.50 24.52 -57.37
N ARG L 212 -48.26 24.94 -57.63
CA ARG L 212 -47.46 25.42 -56.51
C ARG L 212 -47.99 26.76 -56.00
N ASP L 213 -48.53 27.59 -56.89
CA ASP L 213 -49.22 28.81 -56.46
C ASP L 213 -50.42 28.45 -55.59
N ILE L 214 -51.18 27.42 -56.00
CA ILE L 214 -52.29 26.95 -55.17
C ILE L 214 -51.78 26.53 -53.80
N LYS L 215 -50.64 25.83 -53.76
CA LYS L 215 -50.05 25.46 -52.47
C LYS L 215 -49.68 26.69 -51.66
N GLU L 216 -49.19 27.74 -52.33
CA GLU L 216 -48.85 28.97 -51.62
C GLU L 216 -50.09 29.63 -51.04
N LYS L 217 -51.22 29.55 -51.73
CA LYS L 217 -52.39 30.31 -51.33
C LYS L 217 -53.29 29.54 -50.36
N LEU L 218 -53.77 28.37 -50.77
CA LEU L 218 -54.90 27.73 -50.10
C LEU L 218 -54.54 26.58 -49.16
N CYS L 219 -53.33 26.03 -49.24
CA CYS L 219 -53.06 24.77 -48.57
C CYS L 219 -53.08 24.92 -47.05
N TYR L 220 -53.61 23.90 -46.40
CA TYR L 220 -53.61 23.73 -44.94
C TYR L 220 -52.55 22.72 -44.52
N VAL L 221 -52.21 22.78 -43.23
CA VAL L 221 -51.52 21.69 -42.53
C VAL L 221 -52.50 21.14 -41.49
N ALA L 222 -52.99 19.93 -41.74
CA ALA L 222 -54.06 19.36 -40.92
C ALA L 222 -53.60 19.20 -39.48
N LEU L 223 -54.45 19.64 -38.54
CA LEU L 223 -54.16 19.41 -37.13
C LEU L 223 -54.32 17.93 -36.77
N ASP L 224 -55.41 17.31 -37.22
CA ASP L 224 -55.64 15.88 -37.11
C ASP L 224 -56.05 15.41 -38.50
N PHE L 225 -55.41 14.35 -39.01
CA PHE L 225 -55.53 14.09 -40.44
C PHE L 225 -56.83 13.37 -40.78
N GLU L 226 -57.01 12.15 -40.30
CA GLU L 226 -58.15 11.35 -40.74
C GLU L 226 -59.46 11.94 -40.24
N ASN L 227 -59.45 12.57 -39.07
CA ASN L 227 -60.64 13.27 -38.58
C ASN L 227 -60.98 14.45 -39.49
N GLU L 228 -59.97 15.14 -40.03
CA GLU L 228 -60.29 16.26 -40.90
C GLU L 228 -60.76 15.81 -42.28
N MET L 229 -60.27 14.69 -42.82
CA MET L 229 -60.97 14.21 -44.02
C MET L 229 -62.37 13.70 -43.69
N ALA L 230 -62.57 13.12 -42.50
CA ALA L 230 -63.90 12.65 -42.13
C ALA L 230 -64.89 13.80 -42.07
N THR L 231 -64.49 14.93 -41.47
CA THR L 231 -65.34 16.11 -41.49
C THR L 231 -65.27 16.88 -42.81
N ALA L 232 -64.29 16.59 -43.66
CA ALA L 232 -64.19 17.22 -44.97
C ALA L 232 -64.94 16.46 -46.04
N ALA L 233 -65.61 15.37 -45.66
CA ALA L 233 -66.48 14.65 -46.58
C ALA L 233 -67.38 15.61 -47.37
N SER L 234 -68.23 16.37 -46.66
CA SER L 234 -68.99 17.43 -47.30
C SER L 234 -68.34 18.81 -47.17
N SER L 235 -68.20 19.30 -45.93
CA SER L 235 -67.46 20.55 -45.71
C SER L 235 -67.69 21.59 -46.76
N SER L 236 -68.89 22.10 -46.85
CA SER L 236 -69.12 23.19 -47.80
C SER L 236 -68.32 24.43 -47.43
N SER L 237 -68.30 24.79 -46.14
CA SER L 237 -67.53 25.96 -45.73
C SER L 237 -66.03 25.66 -45.74
N LEU L 238 -65.62 24.50 -45.24
CA LEU L 238 -64.20 24.19 -45.15
C LEU L 238 -63.56 23.99 -46.53
N GLU L 239 -64.32 23.48 -47.50
CA GLU L 239 -63.82 23.33 -48.85
C GLU L 239 -63.55 24.70 -49.46
N LYS L 240 -62.42 24.82 -50.16
CA LYS L 240 -61.96 26.12 -50.65
C LYS L 240 -61.71 26.05 -52.14
N SER L 241 -61.92 27.17 -52.82
CA SER L 241 -61.83 27.23 -54.27
C SER L 241 -60.74 28.21 -54.70
N TYR L 242 -60.29 28.03 -55.94
CA TYR L 242 -59.32 28.92 -56.55
C TYR L 242 -59.80 29.32 -57.93
N GLU L 243 -59.41 30.53 -58.33
CA GLU L 243 -59.75 31.10 -59.62
C GLU L 243 -58.50 31.03 -60.51
N LEU L 244 -58.46 30.02 -61.37
CA LEU L 244 -57.33 29.85 -62.28
C LEU L 244 -57.30 30.96 -63.32
N PRO L 245 -56.12 31.34 -63.79
CA PRO L 245 -56.01 32.53 -64.67
C PRO L 245 -56.87 32.43 -65.92
N ASP L 246 -57.13 31.23 -66.43
CA ASP L 246 -58.07 31.08 -67.55
C ASP L 246 -59.49 31.46 -67.16
N GLY L 247 -59.80 31.49 -65.86
CA GLY L 247 -61.11 31.83 -65.36
C GLY L 247 -61.93 30.70 -64.77
N GLN L 248 -61.55 29.44 -64.96
CA GLN L 248 -62.33 28.37 -64.36
C GLN L 248 -62.11 28.31 -62.85
N VAL L 249 -63.17 27.93 -62.14
CA VAL L 249 -63.13 27.84 -60.68
C VAL L 249 -62.86 26.37 -60.35
N ILE L 250 -61.72 26.12 -59.70
CA ILE L 250 -61.31 24.78 -59.32
C ILE L 250 -61.41 24.66 -57.81
N THR L 251 -62.21 23.71 -57.34
CA THR L 251 -62.52 23.54 -55.93
C THR L 251 -61.74 22.37 -55.36
N ILE L 252 -61.09 22.59 -54.21
CA ILE L 252 -60.31 21.58 -53.52
C ILE L 252 -60.70 21.59 -52.04
N GLY L 253 -60.83 20.40 -51.46
CA GLY L 253 -61.19 20.29 -50.06
C GLY L 253 -60.10 19.76 -49.16
N ASN L 254 -60.17 18.47 -48.84
CA ASN L 254 -59.17 17.87 -47.96
C ASN L 254 -57.78 17.92 -48.54
N GLU L 255 -57.65 17.96 -49.87
CA GLU L 255 -56.34 17.98 -50.51
C GLU L 255 -55.48 19.12 -49.98
N ARG L 256 -56.10 20.24 -49.59
CA ARG L 256 -55.36 21.37 -49.06
C ARG L 256 -54.44 20.95 -47.92
N PHE L 257 -54.94 20.12 -47.01
CA PHE L 257 -54.09 19.62 -45.93
C PHE L 257 -53.65 18.18 -46.14
N ARG L 258 -54.00 17.56 -47.28
CA ARG L 258 -53.46 16.24 -47.57
C ARG L 258 -52.19 16.31 -48.40
N CYS L 259 -51.86 17.48 -48.97
CA CYS L 259 -50.60 17.62 -49.71
C CYS L 259 -49.32 17.85 -48.87
N PRO L 260 -49.30 18.87 -47.97
CA PRO L 260 -48.08 18.99 -47.15
C PRO L 260 -47.92 17.84 -46.18
N GLU L 261 -49.01 17.13 -45.88
CA GLU L 261 -48.96 16.04 -44.93
C GLU L 261 -47.99 14.97 -45.40
N THR L 262 -47.80 14.82 -46.69
CA THR L 262 -46.95 13.76 -47.20
C THR L 262 -45.52 13.88 -46.66
N LEU L 263 -45.01 15.08 -46.47
CA LEU L 263 -43.69 15.21 -45.84
C LEU L 263 -43.75 14.60 -44.46
N PHE L 264 -44.79 14.90 -43.70
CA PHE L 264 -44.97 14.30 -42.37
C PHE L 264 -45.28 12.80 -42.43
N GLN L 265 -45.99 12.36 -43.46
CA GLN L 265 -46.36 10.94 -43.61
C GLN L 265 -45.83 10.42 -44.95
N PRO L 266 -44.53 10.06 -45.03
CA PRO L 266 -43.96 9.67 -46.33
C PRO L 266 -44.50 8.37 -46.88
N SER L 267 -45.12 7.53 -46.05
CA SER L 267 -45.65 6.25 -46.50
C SER L 267 -46.74 6.41 -47.55
N PHE L 268 -47.30 7.61 -47.70
CA PHE L 268 -48.29 7.84 -48.76
C PHE L 268 -47.72 7.52 -50.13
N ILE L 269 -46.49 7.95 -50.42
CA ILE L 269 -45.90 7.64 -51.72
C ILE L 269 -44.58 6.88 -51.55
N GLY L 270 -44.43 6.16 -50.45
CA GLY L 270 -43.38 5.16 -50.37
C GLY L 270 -41.97 5.61 -50.07
N MET L 271 -41.73 6.19 -48.90
CA MET L 271 -40.38 6.42 -48.41
C MET L 271 -40.16 5.64 -47.13
N GLU L 272 -38.99 4.99 -47.02
CA GLU L 272 -38.63 4.33 -45.78
C GLU L 272 -38.49 5.32 -44.64
N SER L 273 -37.89 6.48 -44.90
CA SER L 273 -37.76 7.51 -43.89
C SER L 273 -39.12 8.00 -43.45
N ALA L 274 -39.27 8.22 -42.14
CA ALA L 274 -40.52 8.72 -41.59
C ALA L 274 -40.62 10.22 -41.81
N GLY L 275 -41.56 10.86 -41.14
CA GLY L 275 -41.75 12.30 -41.30
C GLY L 275 -40.54 13.09 -40.88
N ILE L 276 -40.49 14.34 -41.36
CA ILE L 276 -39.35 15.20 -41.07
C ILE L 276 -39.20 15.48 -39.59
N HIS L 277 -40.29 15.39 -38.81
CA HIS L 277 -40.17 15.52 -37.37
C HIS L 277 -39.37 14.37 -36.77
N GLU L 278 -39.52 13.15 -37.31
CA GLU L 278 -38.66 12.06 -36.88
C GLU L 278 -37.19 12.34 -37.23
N THR L 279 -36.96 13.00 -38.37
CA THR L 279 -35.59 13.29 -38.78
C THR L 279 -35.02 14.36 -37.84
N THR L 280 -35.79 15.32 -37.38
CA THR L 280 -35.28 16.24 -36.39
C THR L 280 -35.05 15.55 -35.05
N TYR L 281 -35.99 14.68 -34.64
CA TYR L 281 -35.84 13.89 -33.41
C TYR L 281 -34.56 13.05 -33.38
N ASN L 282 -34.37 12.16 -34.38
CA ASN L 282 -33.15 11.35 -34.40
C ASN L 282 -31.93 12.26 -34.38
N SER L 283 -31.94 13.33 -35.20
CA SER L 283 -30.82 14.25 -35.24
C SER L 283 -30.49 14.72 -33.84
N ILE L 284 -31.52 15.08 -33.08
CA ILE L 284 -31.30 15.59 -31.74
C ILE L 284 -30.64 14.52 -30.86
N MET L 285 -31.23 13.32 -30.80
CA MET L 285 -30.63 12.31 -29.90
C MET L 285 -29.23 11.84 -30.29
N LYS L 286 -28.85 11.93 -31.57
CA LYS L 286 -27.51 11.50 -31.97
C LYS L 286 -26.43 12.19 -31.15
N CYS L 287 -26.65 13.44 -30.78
CA CYS L 287 -25.68 14.24 -30.04
C CYS L 287 -25.92 14.03 -28.54
N ASP L 288 -24.99 14.51 -27.72
CA ASP L 288 -25.10 14.34 -26.27
C ASP L 288 -26.49 14.70 -25.75
N ILE L 289 -26.91 13.97 -24.73
CA ILE L 289 -28.23 14.10 -24.14
C ILE L 289 -28.50 15.51 -23.65
N ASP L 290 -27.56 16.09 -22.91
CA ASP L 290 -27.85 17.27 -22.08
C ASP L 290 -28.40 18.44 -22.91
N ILE L 291 -27.70 18.81 -23.99
CA ILE L 291 -28.10 19.99 -24.74
C ILE L 291 -29.37 19.77 -25.54
N ARG L 292 -29.87 18.53 -25.56
CA ARG L 292 -31.02 18.22 -26.41
C ARG L 292 -32.19 19.11 -26.06
N LYS L 293 -32.40 19.39 -24.77
CA LYS L 293 -33.49 20.27 -24.37
C LYS L 293 -33.37 21.63 -25.06
N ASP L 294 -32.16 22.19 -25.07
CA ASP L 294 -31.95 23.47 -25.75
C ASP L 294 -32.29 23.35 -27.23
N LEU L 295 -31.90 22.24 -27.86
CA LEU L 295 -32.27 22.03 -29.25
C LEU L 295 -33.78 22.03 -29.40
N TYR L 296 -34.48 21.40 -28.47
CA TYR L 296 -35.94 21.40 -28.49
C TYR L 296 -36.46 22.84 -28.44
N ALA L 297 -35.85 23.67 -27.60
CA ALA L 297 -36.36 25.01 -27.37
C ALA L 297 -35.83 26.04 -28.37
N ASN L 298 -34.86 25.65 -29.21
CA ASN L 298 -34.21 26.62 -30.10
C ASN L 298 -34.31 26.22 -31.56
N ASN L 299 -35.27 25.36 -31.92
CA ASN L 299 -35.40 24.95 -33.31
C ASN L 299 -35.79 26.12 -34.21
N VAL L 300 -35.14 26.21 -35.36
CA VAL L 300 -35.44 27.23 -36.35
C VAL L 300 -35.80 26.54 -37.65
N MET L 301 -36.69 27.17 -38.41
CA MET L 301 -37.08 26.68 -39.72
C MET L 301 -36.85 27.79 -40.75
N SER L 302 -36.34 27.42 -41.92
CA SER L 302 -36.00 28.38 -42.96
C SER L 302 -36.33 27.82 -44.33
N GLY L 303 -36.67 28.71 -45.25
CA GLY L 303 -36.97 28.36 -46.63
C GLY L 303 -38.21 29.07 -47.13
N GLY L 304 -38.37 29.09 -48.46
CA GLY L 304 -39.54 29.73 -49.04
C GLY L 304 -40.84 29.05 -48.67
N THR L 305 -40.79 27.73 -48.51
CA THR L 305 -41.99 26.98 -48.15
C THR L 305 -42.56 27.49 -46.84
N THR L 306 -41.69 27.91 -45.92
CA THR L 306 -42.13 28.36 -44.60
C THR L 306 -43.19 29.44 -44.66
N MET L 307 -43.40 30.09 -45.82
CA MET L 307 -44.54 31.01 -45.89
C MET L 307 -45.88 30.32 -45.68
N TYR L 308 -45.93 28.99 -45.70
CA TYR L 308 -47.22 28.33 -45.54
C TYR L 308 -47.58 28.31 -44.06
N PRO L 309 -48.87 28.27 -43.73
CA PRO L 309 -49.27 28.09 -42.33
C PRO L 309 -49.17 26.62 -41.93
N GLY L 310 -49.22 26.39 -40.61
CA GLY L 310 -49.36 25.05 -40.08
C GLY L 310 -48.08 24.32 -39.73
N ILE L 311 -46.92 24.73 -40.24
CA ILE L 311 -45.70 24.01 -39.88
C ILE L 311 -45.39 24.17 -38.40
N ALA L 312 -45.56 25.37 -37.85
CA ALA L 312 -45.20 25.61 -36.44
C ALA L 312 -46.01 24.77 -35.46
N ASP L 313 -47.34 24.80 -35.56
CA ASP L 313 -48.16 24.05 -34.61
C ASP L 313 -47.89 22.56 -34.72
N ARG L 314 -47.84 22.04 -35.95
CA ARG L 314 -47.58 20.62 -36.15
C ARG L 314 -46.23 20.25 -35.55
N MET L 315 -45.23 21.08 -35.84
CA MET L 315 -43.87 20.84 -35.37
C MET L 315 -43.86 20.66 -33.86
N GLN L 316 -44.32 21.69 -33.14
CA GLN L 316 -44.26 21.64 -31.69
C GLN L 316 -45.07 20.48 -31.14
N LYS L 317 -46.31 20.31 -31.60
CA LYS L 317 -47.13 19.24 -31.02
C LYS L 317 -46.46 17.88 -31.17
N GLU L 318 -45.99 17.54 -32.39
CA GLU L 318 -45.38 16.22 -32.57
C GLU L 318 -44.09 16.07 -31.77
N ILE L 319 -43.24 17.11 -31.70
CA ILE L 319 -42.03 16.97 -30.91
C ILE L 319 -42.37 16.78 -29.43
N THR L 320 -43.36 17.51 -28.93
CA THR L 320 -43.80 17.31 -27.55
C THR L 320 -44.37 15.91 -27.35
N ALA L 321 -45.05 15.36 -28.36
CA ALA L 321 -45.52 13.98 -28.26
C ALA L 321 -44.35 13.01 -28.18
N LEU L 322 -43.30 13.24 -28.97
CA LEU L 322 -42.15 12.34 -29.00
C LEU L 322 -41.23 12.52 -27.80
N ALA L 323 -40.94 13.77 -27.42
CA ALA L 323 -40.04 14.16 -26.35
C ALA L 323 -40.83 14.47 -25.08
N PRO L 324 -40.23 14.32 -23.90
CA PRO L 324 -40.96 14.67 -22.67
C PRO L 324 -41.39 16.12 -22.66
N SER L 325 -42.57 16.36 -22.09
CA SER L 325 -43.22 17.66 -22.11
C SER L 325 -42.92 18.50 -20.87
N THR L 326 -41.72 18.39 -20.30
CA THR L 326 -41.42 19.23 -19.14
C THR L 326 -41.08 20.64 -19.62
N MET L 327 -40.03 20.76 -20.46
CA MET L 327 -39.61 22.06 -20.93
C MET L 327 -40.52 22.49 -22.06
N LYS L 328 -40.76 23.78 -22.17
CA LYS L 328 -41.61 24.32 -23.24
C LYS L 328 -40.82 24.48 -24.54
N ILE L 329 -41.35 23.92 -25.62
CA ILE L 329 -40.77 24.04 -26.95
C ILE L 329 -41.47 25.16 -27.72
N LYS L 330 -40.67 26.05 -28.31
CA LYS L 330 -41.19 27.15 -29.12
C LYS L 330 -40.31 27.35 -30.34
N ILE L 331 -40.96 27.54 -31.49
CA ILE L 331 -40.31 27.76 -32.77
C ILE L 331 -40.20 29.25 -33.02
N ILE L 332 -39.15 29.67 -33.72
CA ILE L 332 -38.96 31.06 -34.11
C ILE L 332 -38.81 31.10 -35.62
N ALA L 333 -39.50 32.03 -36.26
CA ALA L 333 -39.46 32.16 -37.72
C ALA L 333 -39.82 33.58 -38.15
N PRO L 334 -38.85 34.43 -38.45
CA PRO L 334 -39.15 35.81 -38.84
C PRO L 334 -39.86 35.85 -40.18
N PRO L 335 -40.79 36.79 -40.36
CA PRO L 335 -41.46 36.93 -41.67
C PRO L 335 -40.48 37.21 -42.79
N GLU L 336 -40.80 36.67 -43.96
CA GLU L 336 -39.97 36.81 -45.17
C GLU L 336 -38.56 36.30 -44.91
N ARG L 337 -38.47 35.06 -44.42
CA ARG L 337 -37.18 34.46 -44.09
C ARG L 337 -36.47 33.84 -45.28
N LYS L 338 -37.13 33.74 -46.43
CA LYS L 338 -36.45 33.24 -47.62
C LYS L 338 -35.37 34.19 -48.10
N TYR L 339 -35.50 35.48 -47.79
CA TYR L 339 -34.44 36.44 -48.03
C TYR L 339 -33.39 36.43 -46.92
N SER L 340 -33.69 35.79 -45.80
CA SER L 340 -32.85 35.89 -44.61
C SER L 340 -31.42 35.45 -44.89
N VAL L 341 -31.24 34.36 -45.64
CA VAL L 341 -29.89 33.89 -45.98
C VAL L 341 -29.10 35.02 -46.63
N TRP L 342 -29.69 35.68 -47.62
CA TRP L 342 -29.01 36.78 -48.29
C TRP L 342 -28.68 37.89 -47.30
N ILE L 343 -29.61 38.15 -46.37
CA ILE L 343 -29.34 39.13 -45.33
C ILE L 343 -28.09 38.75 -44.55
N GLY L 344 -27.99 37.47 -44.18
CA GLY L 344 -26.80 37.02 -43.48
C GLY L 344 -25.55 37.22 -44.30
N GLY L 345 -25.66 37.08 -45.62
CA GLY L 345 -24.51 37.36 -46.47
C GLY L 345 -24.05 38.80 -46.31
N SER L 346 -25.02 39.72 -46.34
CA SER L 346 -24.70 41.12 -46.09
C SER L 346 -24.04 41.26 -44.72
N ILE L 347 -24.55 40.53 -43.73
CA ILE L 347 -23.98 40.58 -42.40
C ILE L 347 -22.52 40.16 -42.44
N LEU L 348 -22.20 39.14 -43.24
CA LEU L 348 -20.83 38.70 -43.36
C LEU L 348 -19.95 39.81 -43.91
N ALA L 349 -20.47 40.56 -44.89
CA ALA L 349 -19.67 41.65 -45.42
C ALA L 349 -19.66 42.87 -44.52
N SER L 350 -20.52 42.90 -43.48
CA SER L 350 -20.60 44.06 -42.61
C SER L 350 -19.30 44.29 -41.85
N LEU L 351 -18.72 43.22 -41.30
CA LEU L 351 -17.56 43.32 -40.43
C LEU L 351 -16.26 43.35 -41.21
N SER L 352 -15.24 43.94 -40.60
CA SER L 352 -13.96 44.19 -41.26
C SER L 352 -13.01 43.00 -41.18
N THR L 353 -13.38 41.92 -40.49
CA THR L 353 -12.55 40.72 -40.51
C THR L 353 -12.82 39.84 -41.72
N PHE L 354 -13.95 40.05 -42.41
CA PHE L 354 -14.31 39.20 -43.53
C PHE L 354 -13.30 39.25 -44.67
N GLN L 355 -12.64 40.38 -44.88
CA GLN L 355 -11.64 40.46 -45.94
C GLN L 355 -10.31 39.83 -45.56
N GLN L 356 -10.18 39.27 -44.35
CA GLN L 356 -8.99 38.49 -44.04
C GLN L 356 -8.96 37.15 -44.79
N MET L 357 -10.13 36.58 -45.11
CA MET L 357 -10.17 35.27 -45.77
C MET L 357 -10.94 35.28 -47.09
N TRP L 358 -10.92 36.41 -47.81
CA TRP L 358 -11.32 36.38 -49.21
C TRP L 358 -10.42 35.44 -50.01
N ILE L 359 -11.03 34.64 -50.89
CA ILE L 359 -10.31 33.71 -51.74
C ILE L 359 -9.87 34.50 -52.98
N THR L 360 -8.64 34.99 -52.97
CA THR L 360 -8.16 35.86 -54.03
C THR L 360 -7.78 35.04 -55.27
N LYS L 361 -7.58 35.75 -56.38
CA LYS L 361 -7.23 35.12 -57.65
C LYS L 361 -5.89 34.40 -57.57
N GLN L 362 -4.88 35.02 -56.96
CA GLN L 362 -3.54 34.44 -56.95
C GLN L 362 -3.46 33.15 -56.16
N GLU L 363 -4.24 33.01 -55.08
CA GLU L 363 -4.25 31.73 -54.37
C GLU L 363 -4.75 30.59 -55.24
N TYR L 364 -5.83 30.85 -55.99
CA TYR L 364 -6.35 29.86 -56.92
C TYR L 364 -5.37 29.58 -58.05
N ASP L 365 -4.68 30.62 -58.53
CA ASP L 365 -3.67 30.41 -59.57
C ASP L 365 -2.50 29.57 -59.06
N GLU L 366 -2.14 29.72 -57.79
CA GLU L 366 -1.06 28.93 -57.22
C GLU L 366 -1.47 27.48 -57.02
N ALA L 367 -2.51 27.24 -56.23
CA ALA L 367 -2.85 25.88 -55.80
C ALA L 367 -4.02 25.28 -56.58
N GLY L 368 -4.46 25.91 -57.66
CA GLY L 368 -5.59 25.41 -58.41
C GLY L 368 -6.88 25.52 -57.61
N PRO L 369 -7.90 24.76 -58.00
CA PRO L 369 -9.11 24.70 -57.16
C PRO L 369 -8.85 24.07 -55.81
N SER L 370 -7.84 23.20 -55.70
CA SER L 370 -7.62 22.43 -54.48
C SER L 370 -7.43 23.34 -53.27
N ILE L 371 -7.04 24.59 -53.48
CA ILE L 371 -6.81 25.51 -52.37
C ILE L 371 -8.07 25.69 -51.54
N VAL L 372 -9.25 25.61 -52.17
CA VAL L 372 -10.46 25.82 -51.39
C VAL L 372 -10.59 24.75 -50.32
N HIS L 373 -10.04 23.55 -50.58
CA HIS L 373 -10.11 22.48 -49.59
C HIS L 373 -9.45 22.88 -48.28
N ARG L 374 -8.51 23.82 -48.36
CA ARG L 374 -7.81 24.34 -47.19
C ARG L 374 -8.21 25.75 -46.84
N LYS L 375 -8.93 26.46 -47.72
CA LYS L 375 -9.21 27.87 -47.50
C LYS L 375 -10.59 28.13 -46.94
N CYS L 376 -11.57 27.28 -47.24
CA CYS L 376 -12.89 27.41 -46.64
C CYS L 376 -13.00 26.56 -45.38
N PHE L 377 -12.76 25.26 -45.50
CA PHE L 377 -12.68 24.40 -44.33
C PHE L 377 -11.25 23.93 -44.09
N ASP M 3 -77.38 -18.75 -71.99
CA ASP M 3 -76.85 -18.60 -70.64
C ASP M 3 -76.53 -19.95 -70.02
N GLU M 4 -75.37 -20.04 -69.39
CA GLU M 4 -74.98 -21.27 -68.70
C GLU M 4 -75.87 -21.51 -67.49
N ASP M 5 -76.12 -22.79 -67.20
CA ASP M 5 -76.95 -23.16 -66.07
C ASP M 5 -76.36 -22.66 -64.74
N GLU M 6 -75.04 -22.51 -64.69
CA GLU M 6 -74.37 -22.07 -63.47
C GLU M 6 -74.40 -20.54 -63.42
N THR M 7 -74.31 -20.01 -62.19
CA THR M 7 -74.40 -18.57 -61.94
C THR M 7 -73.04 -17.88 -62.05
N THR M 8 -72.15 -18.40 -62.91
CA THR M 8 -70.82 -17.85 -63.09
C THR M 8 -70.85 -16.36 -63.41
N ALA M 9 -69.74 -15.67 -63.14
CA ALA M 9 -69.69 -14.22 -63.21
C ALA M 9 -69.49 -13.74 -64.65
N LEU M 10 -69.83 -12.47 -64.87
CA LEU M 10 -69.56 -11.78 -66.12
C LEU M 10 -68.15 -11.19 -66.08
N VAL M 11 -67.44 -11.27 -67.19
CA VAL M 11 -66.10 -10.69 -67.32
C VAL M 11 -66.13 -9.73 -68.49
N CYS M 12 -65.93 -8.44 -68.20
CA CYS M 12 -66.04 -7.39 -69.20
C CYS M 12 -64.84 -6.45 -69.09
N ASP M 13 -64.08 -6.35 -70.16
CA ASP M 13 -62.98 -5.39 -70.28
C ASP M 13 -63.46 -4.21 -71.11
N ASN M 14 -63.71 -3.08 -70.44
CA ASN M 14 -64.03 -1.84 -71.14
C ASN M 14 -62.74 -1.07 -71.43
N GLY M 15 -61.91 -1.68 -72.27
CA GLY M 15 -60.65 -1.05 -72.63
C GLY M 15 -60.87 0.24 -73.40
N SER M 16 -59.92 1.15 -73.26
CA SER M 16 -59.99 2.46 -73.90
C SER M 16 -59.75 2.26 -75.39
N GLY M 17 -60.81 1.90 -76.10
CA GLY M 17 -60.73 1.64 -77.53
C GLY M 17 -61.48 0.40 -77.97
N LEU M 18 -61.68 -0.55 -77.06
CA LEU M 18 -62.38 -1.79 -77.37
C LEU M 18 -63.10 -2.29 -76.14
N VAL M 19 -64.30 -2.84 -76.33
CA VAL M 19 -65.08 -3.46 -75.26
C VAL M 19 -65.16 -4.94 -75.57
N LYS M 20 -64.71 -5.76 -74.63
CA LYS M 20 -64.64 -7.22 -74.80
C LYS M 20 -65.34 -7.88 -73.61
N ALA M 21 -66.48 -8.52 -73.85
CA ALA M 21 -67.31 -9.03 -72.78
C ALA M 21 -67.62 -10.50 -73.00
N GLY M 22 -67.82 -11.20 -71.89
CA GLY M 22 -68.14 -12.62 -71.96
C GLY M 22 -68.40 -13.18 -70.58
N PHE M 23 -68.35 -14.51 -70.49
CA PHE M 23 -68.62 -15.22 -69.25
C PHE M 23 -67.32 -15.66 -68.59
N ALA M 24 -67.37 -15.79 -67.27
CA ALA M 24 -66.24 -16.33 -66.53
C ALA M 24 -66.05 -17.80 -66.82
N GLY M 25 -64.79 -18.23 -66.80
CA GLY M 25 -64.43 -19.58 -67.21
C GLY M 25 -64.21 -19.76 -68.69
N ASP M 26 -64.49 -18.75 -69.49
CA ASP M 26 -64.25 -18.79 -70.93
C ASP M 26 -62.84 -18.33 -71.24
N ASP M 27 -62.30 -18.80 -72.35
CA ASP M 27 -60.93 -18.46 -72.73
C ASP M 27 -60.83 -17.11 -73.45
N ALA M 28 -61.84 -16.75 -74.23
CA ALA M 28 -61.83 -15.49 -74.95
C ALA M 28 -63.17 -14.80 -74.80
N PRO M 29 -63.19 -13.46 -74.80
CA PRO M 29 -64.46 -12.74 -74.71
C PRO M 29 -65.34 -13.04 -75.92
N ARG M 30 -66.65 -13.10 -75.68
CA ARG M 30 -67.57 -13.49 -76.74
C ARG M 30 -67.94 -12.29 -77.62
N ALA M 31 -68.28 -11.16 -77.00
CA ALA M 31 -68.71 -9.98 -77.73
C ALA M 31 -67.60 -8.94 -77.65
N VAL M 32 -66.94 -8.68 -78.77
CA VAL M 32 -65.84 -7.73 -78.85
C VAL M 32 -66.19 -6.69 -79.91
N PHE M 33 -66.23 -5.43 -79.52
CA PHE M 33 -66.54 -4.37 -80.47
C PHE M 33 -65.75 -3.11 -80.16
N PRO M 34 -65.44 -2.31 -81.18
CA PRO M 34 -64.79 -1.02 -80.93
C PRO M 34 -65.73 -0.05 -80.23
N SER M 35 -65.13 0.95 -79.60
CA SER M 35 -65.85 1.89 -78.73
C SER M 35 -66.41 3.09 -79.48
N ILE M 36 -66.66 2.98 -80.78
CA ILE M 36 -67.24 4.07 -81.55
C ILE M 36 -68.76 3.98 -81.41
N VAL M 37 -69.44 5.13 -81.45
CA VAL M 37 -70.89 5.18 -81.34
C VAL M 37 -71.43 6.12 -82.41
N GLY M 38 -72.37 5.62 -83.22
CA GLY M 38 -72.94 6.40 -84.31
C GLY M 38 -74.33 6.92 -84.01
N ARG M 39 -74.54 8.23 -84.31
CA ARG M 39 -75.83 8.96 -84.20
C ARG M 39 -76.36 9.54 -85.51
N PRO M 40 -77.70 9.37 -85.81
CA PRO M 40 -78.24 9.85 -87.09
C PRO M 40 -77.75 11.26 -87.43
N ARG M 41 -77.12 11.39 -88.60
CA ARG M 41 -76.60 12.67 -89.04
C ARG M 41 -77.70 13.68 -89.36
N HIS M 42 -78.91 13.22 -89.67
CA HIS M 42 -80.01 14.12 -90.00
C HIS M 42 -81.27 13.67 -89.27
N GLN M 43 -82.37 14.36 -89.56
CA GLN M 43 -83.65 14.14 -88.90
C GLN M 43 -84.55 13.18 -89.68
N GLY M 44 -85.65 12.80 -89.04
CA GLY M 44 -86.59 11.83 -89.57
C GLY M 44 -87.79 12.34 -90.35
N VAL M 45 -87.93 11.85 -91.58
CA VAL M 45 -89.07 12.21 -92.45
C VAL M 45 -89.59 10.94 -93.11
N MET M 46 -88.69 9.99 -93.37
CA MET M 46 -88.99 8.68 -93.93
C MET M 46 -89.61 7.77 -92.89
N VAL M 47 -90.14 6.64 -93.35
CA VAL M 47 -90.81 5.67 -92.50
C VAL M 47 -90.63 4.30 -93.13
N GLY M 48 -90.98 3.25 -92.39
CA GLY M 48 -90.91 1.88 -92.86
C GLY M 48 -89.71 1.07 -92.38
N MET M 49 -88.67 1.73 -91.88
CA MET M 49 -87.47 1.02 -91.44
C MET M 49 -86.56 2.00 -90.74
N GLY M 50 -85.54 1.47 -90.06
CA GLY M 50 -84.57 2.31 -89.38
C GLY M 50 -85.18 3.26 -88.38
N GLN M 51 -84.79 4.53 -88.48
CA GLN M 51 -85.25 5.61 -87.61
C GLN M 51 -84.97 5.29 -86.15
N LYS M 52 -83.75 4.83 -85.87
CA LYS M 52 -83.33 4.52 -84.52
C LYS M 52 -82.14 5.40 -84.18
N ASP M 53 -82.16 5.96 -82.97
CA ASP M 53 -81.11 6.86 -82.52
C ASP M 53 -79.75 6.17 -82.38
N SER M 54 -79.51 5.52 -81.25
CA SER M 54 -78.20 4.92 -80.99
C SER M 54 -77.93 3.74 -81.93
N TYR M 55 -76.72 3.73 -82.50
CA TYR M 55 -76.22 2.61 -83.28
C TYR M 55 -74.85 2.26 -82.72
N VAL M 56 -74.68 1.00 -82.32
CA VAL M 56 -73.44 0.54 -81.70
C VAL M 56 -72.99 -0.76 -82.36
N GLY M 57 -71.70 -1.04 -82.22
CA GLY M 57 -71.13 -2.28 -82.71
C GLY M 57 -71.03 -2.35 -84.22
N ASP M 58 -71.08 -3.58 -84.73
CA ASP M 58 -70.95 -3.77 -86.17
C ASP M 58 -72.05 -3.08 -86.95
N GLU M 59 -73.22 -2.86 -86.33
CA GLU M 59 -74.26 -2.10 -87.00
C GLU M 59 -73.76 -0.70 -87.35
N ALA M 60 -73.14 -0.02 -86.39
CA ALA M 60 -72.59 1.29 -86.69
C ALA M 60 -71.41 1.19 -87.65
N GLN M 61 -70.63 0.11 -87.57
CA GLN M 61 -69.53 -0.07 -88.51
C GLN M 61 -70.05 -0.13 -89.94
N SER M 62 -71.16 -0.85 -90.16
CA SER M 62 -71.78 -0.88 -91.47
C SER M 62 -72.43 0.45 -91.81
N LYS M 63 -72.91 1.19 -90.81
CA LYS M 63 -73.62 2.44 -91.04
C LYS M 63 -72.76 3.65 -90.72
N ARG M 64 -71.45 3.54 -90.93
CA ARG M 64 -70.52 4.61 -90.58
C ARG M 64 -70.80 5.86 -91.38
N GLY M 65 -71.12 5.71 -92.66
CA GLY M 65 -71.29 6.86 -93.52
C GLY M 65 -72.48 7.72 -93.18
N ILE M 66 -73.54 7.11 -92.67
CA ILE M 66 -74.78 7.85 -92.41
C ILE M 66 -74.81 8.46 -91.02
N LEU M 67 -73.88 8.09 -90.15
CA LEU M 67 -73.93 8.48 -88.75
C LEU M 67 -72.78 9.42 -88.44
N THR M 68 -73.05 10.41 -87.60
CA THR M 68 -71.97 11.11 -86.93
C THR M 68 -71.34 10.17 -85.92
N LEU M 69 -70.05 9.91 -86.08
CA LEU M 69 -69.36 8.94 -85.25
C LEU M 69 -68.70 9.69 -84.09
N LYS M 70 -69.11 9.34 -82.88
CA LYS M 70 -68.70 10.04 -81.67
C LYS M 70 -68.12 9.03 -80.69
N TYR M 71 -67.26 9.51 -79.81
CA TYR M 71 -66.55 8.66 -78.85
C TYR M 71 -67.08 8.95 -77.46
N PRO M 72 -67.83 8.04 -76.84
CA PRO M 72 -68.31 8.29 -75.47
C PRO M 72 -67.18 8.41 -74.46
N ILE M 73 -66.00 7.89 -74.76
CA ILE M 73 -64.83 8.03 -73.89
C ILE M 73 -63.62 8.40 -74.75
N GLU M 74 -62.81 9.33 -74.25
CA GLU M 74 -61.58 9.69 -74.92
C GLU M 74 -60.54 9.98 -73.84
N GLY M 76 -60.01 8.43 -71.27
CA GLY M 76 -60.60 8.20 -69.96
C GLY M 76 -61.78 9.11 -69.61
N ILE M 77 -61.81 10.30 -70.21
CA ILE M 77 -62.86 11.26 -69.90
C ILE M 77 -64.20 10.75 -70.40
N ILE M 78 -65.23 10.91 -69.59
CA ILE M 78 -66.57 10.41 -69.89
C ILE M 78 -67.45 11.55 -70.37
N THR M 79 -68.08 11.36 -71.54
CA THR M 79 -68.98 12.37 -72.09
C THR M 79 -70.40 12.22 -71.55
N ASN M 80 -71.05 11.09 -71.88
CA ASN M 80 -72.46 10.89 -71.56
C ASN M 80 -72.68 9.48 -71.05
N TRP M 81 -73.10 9.35 -69.79
CA TRP M 81 -73.36 8.03 -69.21
C TRP M 81 -74.48 7.29 -69.92
N ASP M 82 -75.43 8.02 -70.52
CA ASP M 82 -76.48 7.37 -71.28
C ASP M 82 -75.90 6.51 -72.41
N ASP M 83 -74.80 6.97 -73.02
CA ASP M 83 -74.18 6.19 -74.09
C ASP M 83 -73.65 4.86 -73.58
N MET M 84 -72.98 4.87 -72.42
CA MET M 84 -72.57 3.62 -71.79
C MET M 84 -73.76 2.76 -71.41
N GLU M 85 -74.83 3.37 -70.90
CA GLU M 85 -76.04 2.64 -70.58
C GLU M 85 -76.54 1.85 -71.79
N LYS M 86 -76.68 2.54 -72.92
CA LYS M 86 -77.18 1.88 -74.13
C LYS M 86 -76.20 0.81 -74.63
N ILE M 87 -74.90 1.09 -74.63
CA ILE M 87 -73.99 0.11 -75.21
C ILE M 87 -73.90 -1.11 -74.31
N TRP M 88 -73.99 -0.92 -72.98
CA TRP M 88 -74.00 -2.07 -72.08
C TRP M 88 -75.29 -2.88 -72.22
N HIS M 89 -76.44 -2.19 -72.40
CA HIS M 89 -77.67 -2.90 -72.72
C HIS M 89 -77.50 -3.77 -73.96
N HIS M 90 -76.94 -3.18 -75.03
CA HIS M 90 -76.72 -3.90 -76.27
C HIS M 90 -75.81 -5.10 -76.05
N THR M 91 -74.70 -4.89 -75.34
CA THR M 91 -73.74 -5.96 -75.11
C THR M 91 -74.37 -7.09 -74.32
N PHE M 92 -75.09 -6.77 -73.24
CA PHE M 92 -75.62 -7.79 -72.36
C PHE M 92 -76.75 -8.57 -73.02
N TYR M 93 -77.63 -7.90 -73.77
CA TYR M 93 -78.85 -8.56 -74.24
C TYR M 93 -78.81 -8.92 -75.71
N ASN M 94 -78.34 -8.02 -76.57
CA ASN M 94 -78.29 -8.28 -78.00
C ASN M 94 -77.04 -9.03 -78.43
N GLU M 95 -75.94 -8.91 -77.68
CA GLU M 95 -74.67 -9.52 -78.05
C GLU M 95 -74.27 -10.66 -77.13
N LEU M 96 -74.39 -10.51 -75.82
CA LEU M 96 -74.07 -11.59 -74.90
C LEU M 96 -75.27 -12.47 -74.58
N ARG M 97 -76.49 -11.97 -74.85
CA ARG M 97 -77.73 -12.70 -74.58
C ARG M 97 -77.78 -13.15 -73.12
N VAL M 98 -77.38 -12.25 -72.23
CA VAL M 98 -77.31 -12.53 -70.80
C VAL M 98 -78.00 -11.43 -70.02
N ALA M 99 -78.57 -11.81 -68.87
CA ALA M 99 -79.18 -10.86 -67.96
C ALA M 99 -78.24 -10.63 -66.79
N PRO M 100 -77.90 -9.38 -66.46
CA PRO M 100 -76.96 -9.14 -65.36
C PRO M 100 -77.54 -9.38 -63.98
N GLU M 101 -78.81 -9.76 -63.87
CA GLU M 101 -79.41 -10.01 -62.56
C GLU M 101 -78.72 -11.16 -61.84
N GLU M 102 -78.39 -12.23 -62.56
CA GLU M 102 -77.92 -13.47 -61.96
C GLU M 102 -76.41 -13.68 -62.06
N HIS M 103 -75.67 -12.70 -62.55
CA HIS M 103 -74.23 -12.85 -62.68
C HIS M 103 -73.48 -11.61 -62.19
N PRO M 104 -72.64 -11.74 -61.18
CA PRO M 104 -71.76 -10.64 -60.79
C PRO M 104 -70.79 -10.28 -61.91
N THR M 105 -70.37 -9.02 -61.92
CA THR M 105 -69.54 -8.48 -63.00
C THR M 105 -68.15 -8.11 -62.50
N LEU M 106 -67.14 -8.60 -63.20
CA LEU M 106 -65.76 -8.15 -63.03
C LEU M 106 -65.41 -7.24 -64.20
N LEU M 107 -65.07 -5.99 -63.89
CA LEU M 107 -64.74 -4.98 -64.89
C LEU M 107 -63.29 -4.54 -64.74
N THR M 108 -62.72 -4.09 -65.86
CA THR M 108 -61.38 -3.53 -65.88
C THR M 108 -61.47 -2.07 -66.29
N GLU M 109 -60.70 -1.21 -65.64
CA GLU M 109 -60.74 0.22 -65.90
C GLU M 109 -59.37 0.71 -66.32
N ALA M 110 -59.35 1.82 -67.06
CA ALA M 110 -58.10 2.42 -67.49
C ALA M 110 -57.28 2.86 -66.28
N PRO M 111 -55.95 2.74 -66.36
CA PRO M 111 -55.11 3.09 -65.22
C PRO M 111 -55.32 4.53 -64.78
N LEU M 112 -55.34 4.73 -63.45
CA LEU M 112 -55.45 6.06 -62.85
C LEU M 112 -56.72 6.79 -63.30
N ASN M 113 -57.82 6.05 -63.42
CA ASN M 113 -59.08 6.65 -63.79
C ASN M 113 -59.60 7.49 -62.62
N PRO M 114 -60.37 8.53 -62.89
CA PRO M 114 -60.82 9.42 -61.81
C PRO M 114 -61.61 8.65 -60.76
N LYS M 115 -61.39 9.03 -59.50
CA LYS M 115 -62.16 8.45 -58.41
C LYS M 115 -63.60 8.91 -58.44
N ALA M 116 -63.82 10.18 -58.81
CA ALA M 116 -65.17 10.68 -59.02
C ALA M 116 -65.85 9.94 -60.16
N ASN M 117 -65.09 9.66 -61.23
CA ASN M 117 -65.61 8.85 -62.32
C ASN M 117 -66.04 7.48 -61.84
N ARG M 118 -65.23 6.86 -60.99
CA ARG M 118 -65.59 5.56 -60.45
C ARG M 118 -66.85 5.63 -59.60
N GLU M 119 -66.95 6.64 -58.73
CA GLU M 119 -68.11 6.78 -57.86
C GLU M 119 -69.40 7.02 -58.66
N LYS M 120 -69.36 7.89 -59.69
CA LYS M 120 -70.55 8.14 -60.49
C LYS M 120 -70.92 6.93 -61.34
N MET M 121 -69.94 6.31 -62.01
CA MET M 121 -70.24 5.16 -62.86
C MET M 121 -70.78 4.01 -62.03
N THR M 122 -70.23 3.78 -60.83
CA THR M 122 -70.74 2.70 -59.98
C THR M 122 -72.16 3.01 -59.51
N GLN M 123 -72.45 4.27 -59.20
CA GLN M 123 -73.77 4.62 -58.70
C GLN M 123 -74.82 4.47 -59.78
N ILE M 124 -74.57 5.03 -60.97
CA ILE M 124 -75.51 4.89 -62.08
C ILE M 124 -75.68 3.41 -62.44
N MET M 125 -74.58 2.67 -62.46
CA MET M 125 -74.63 1.22 -62.70
C MET M 125 -75.57 0.53 -61.73
N PHE M 126 -75.33 0.68 -60.43
CA PHE M 126 -76.12 0.00 -59.42
C PHE M 126 -77.59 0.40 -59.49
N GLU M 127 -77.89 1.68 -59.72
CA GLU M 127 -79.29 2.07 -59.82
C GLU M 127 -79.93 1.54 -61.10
N THR M 128 -79.27 1.75 -62.25
CA THR M 128 -79.86 1.34 -63.52
C THR M 128 -79.94 -0.18 -63.65
N PHE M 129 -78.86 -0.87 -63.33
CA PHE M 129 -78.79 -2.32 -63.49
C PHE M 129 -79.06 -3.02 -62.17
N ASN M 130 -79.18 -4.35 -62.24
CA ASN M 130 -79.45 -5.18 -61.08
C ASN M 130 -78.37 -6.25 -60.91
N VAL M 131 -77.13 -5.88 -61.16
CA VAL M 131 -76.02 -6.83 -60.98
C VAL M 131 -75.95 -7.25 -59.51
N PRO M 132 -75.78 -8.54 -59.20
CA PRO M 132 -75.73 -8.93 -57.78
C PRO M 132 -74.49 -8.44 -57.07
N ALA M 133 -73.34 -8.50 -57.74
CA ALA M 133 -72.08 -8.17 -57.09
C ALA M 133 -71.11 -7.58 -58.11
N MET M 134 -70.06 -6.95 -57.61
CA MET M 134 -69.19 -6.10 -58.40
C MET M 134 -67.74 -6.28 -58.01
N TYR M 135 -66.87 -6.09 -59.00
CA TYR M 135 -65.45 -5.89 -58.74
C TYR M 135 -64.87 -5.19 -59.96
N VAL M 136 -64.04 -4.17 -59.72
CA VAL M 136 -63.36 -3.44 -60.78
C VAL M 136 -61.88 -3.38 -60.46
N ALA M 137 -61.05 -3.59 -61.49
CA ALA M 137 -59.62 -3.66 -61.29
C ALA M 137 -58.90 -2.90 -62.41
N ILE M 138 -57.65 -2.51 -62.12
CA ILE M 138 -56.82 -1.84 -63.10
C ILE M 138 -56.33 -2.84 -64.15
N GLN M 139 -56.29 -2.41 -65.41
CA GLN M 139 -55.89 -3.31 -66.49
C GLN M 139 -54.42 -3.72 -66.39
N ALA M 140 -53.62 -3.00 -65.60
CA ALA M 140 -52.21 -3.30 -65.48
C ALA M 140 -52.00 -4.67 -64.84
N VAL M 141 -52.64 -4.89 -63.69
CA VAL M 141 -52.50 -6.18 -63.01
C VAL M 141 -53.15 -7.29 -63.83
N LEU M 142 -54.17 -6.95 -64.62
CA LEU M 142 -54.78 -7.94 -65.52
C LEU M 142 -53.78 -8.40 -66.57
N SER M 143 -53.07 -7.46 -67.20
CA SER M 143 -52.05 -7.85 -68.17
C SER M 143 -50.93 -8.62 -67.48
N LEU M 144 -50.59 -8.24 -66.25
CA LEU M 144 -49.63 -8.99 -65.46
C LEU M 144 -50.09 -10.43 -65.29
N TYR M 145 -51.37 -10.62 -64.95
CA TYR M 145 -51.92 -11.95 -64.74
C TYR M 145 -51.86 -12.75 -66.03
N ALA M 146 -52.16 -12.09 -67.16
CA ALA M 146 -52.04 -12.75 -68.45
C ALA M 146 -50.61 -13.21 -68.71
N SER M 147 -49.63 -12.38 -68.34
CA SER M 147 -48.24 -12.81 -68.44
C SER M 147 -47.90 -13.84 -67.36
N GLY M 148 -48.57 -13.78 -66.22
CA GLY M 148 -48.33 -14.73 -65.15
C GLY M 148 -46.96 -14.62 -64.53
N ARG M 149 -46.44 -13.40 -64.40
CA ARG M 149 -45.16 -13.16 -63.75
C ARG M 149 -45.26 -11.87 -62.94
N THR M 150 -45.05 -11.98 -61.63
CA THR M 150 -45.27 -10.90 -60.69
C THR M 150 -44.30 -9.73 -60.85
N THR M 151 -43.23 -9.88 -61.61
CA THR M 151 -42.24 -8.82 -61.77
C THR M 151 -42.25 -8.30 -63.20
N GLY M 152 -42.24 -6.99 -63.34
CA GLY M 152 -42.17 -6.39 -64.66
C GLY M 152 -42.82 -5.01 -64.68
N ILE M 153 -42.54 -4.28 -65.76
CA ILE M 153 -43.14 -2.98 -66.01
C ILE M 153 -44.08 -3.13 -67.21
N VAL M 154 -45.34 -2.74 -67.01
CA VAL M 154 -46.39 -2.90 -68.02
C VAL M 154 -46.51 -1.60 -68.80
N LEU M 155 -46.42 -1.72 -70.13
CA LEU M 155 -46.70 -0.62 -71.04
C LEU M 155 -48.07 -0.90 -71.67
N ASP M 156 -49.10 -0.25 -71.13
CA ASP M 156 -50.47 -0.38 -71.64
C ASP M 156 -50.71 0.69 -72.69
N SER M 157 -50.76 0.30 -73.95
CA SER M 157 -50.98 1.23 -75.06
C SER M 157 -52.42 1.10 -75.55
N GLY M 158 -53.33 1.82 -74.89
CA GLY M 158 -54.70 1.90 -75.33
C GLY M 158 -54.87 2.84 -76.51
N ASP M 159 -56.13 3.17 -76.78
CA ASP M 159 -56.47 4.09 -77.86
C ASP M 159 -56.60 5.53 -77.40
N GLY M 160 -56.54 5.80 -76.09
CA GLY M 160 -56.59 7.16 -75.61
C GLY M 160 -55.37 7.58 -74.81
N VAL M 161 -54.76 6.63 -74.09
CA VAL M 161 -53.62 6.91 -73.23
C VAL M 161 -52.64 5.75 -73.33
N THR M 162 -51.36 6.04 -73.14
CA THR M 162 -50.34 5.02 -72.92
C THR M 162 -49.81 5.15 -71.51
N HIS M 163 -49.88 4.07 -70.75
CA HIS M 163 -49.52 4.06 -69.34
C HIS M 163 -48.28 3.20 -69.13
N ASN M 164 -47.34 3.70 -68.33
CA ASN M 164 -46.23 2.88 -67.89
C ASN M 164 -46.34 2.69 -66.38
N VAL M 165 -46.41 1.43 -65.96
CA VAL M 165 -46.67 1.06 -64.58
C VAL M 165 -45.67 0.00 -64.15
N PRO M 166 -44.82 0.25 -63.16
CA PRO M 166 -43.93 -0.83 -62.68
C PRO M 166 -44.57 -1.59 -61.53
N ILE M 167 -44.42 -2.92 -61.57
CA ILE M 167 -44.90 -3.78 -60.51
C ILE M 167 -43.83 -4.81 -60.22
N TYR M 168 -43.33 -4.83 -59.00
CA TYR M 168 -42.29 -5.76 -58.59
C TYR M 168 -42.87 -6.78 -57.62
N GLU M 169 -42.69 -8.05 -57.94
CA GLU M 169 -43.19 -9.16 -57.14
C GLU M 169 -44.66 -8.97 -56.78
N GLY M 170 -45.45 -8.63 -57.80
CA GLY M 170 -46.88 -8.44 -57.62
C GLY M 170 -47.26 -7.35 -56.66
N TYR M 171 -46.58 -6.21 -56.72
CA TYR M 171 -46.87 -5.03 -55.93
C TYR M 171 -46.88 -3.78 -56.82
N ALA M 172 -47.98 -3.02 -56.78
CA ALA M 172 -48.08 -1.82 -57.59
C ALA M 172 -47.15 -0.73 -57.07
N LEU M 173 -46.61 0.06 -58.00
CA LEU M 173 -45.72 1.19 -57.68
C LEU M 173 -46.30 2.49 -58.24
N PRO M 174 -47.37 3.01 -57.62
CA PRO M 174 -47.98 4.24 -58.16
C PRO M 174 -47.02 5.42 -58.23
N HIS M 175 -46.01 5.46 -57.35
CA HIS M 175 -45.05 6.56 -57.37
C HIS M 175 -44.25 6.61 -58.66
N ALA M 176 -44.16 5.49 -59.39
CA ALA M 176 -43.41 5.41 -60.63
C ALA M 176 -44.33 5.09 -61.80
N ILE M 177 -45.59 5.48 -61.72
CA ILE M 177 -46.56 5.25 -62.78
C ILE M 177 -46.87 6.56 -63.48
N MET M 178 -46.91 6.52 -64.81
CA MET M 178 -47.16 7.73 -65.60
C MET M 178 -48.11 7.42 -66.76
N ARG M 179 -48.83 8.47 -67.15
CA ARG M 179 -49.77 8.43 -68.28
C ARG M 179 -49.31 9.43 -69.32
N LEU M 180 -49.26 8.99 -70.58
CA LEU M 180 -48.87 9.82 -71.71
C LEU M 180 -50.05 9.92 -72.67
N ASP M 181 -50.33 11.15 -73.11
CA ASP M 181 -51.48 11.47 -73.94
C ASP M 181 -51.28 11.07 -75.41
N LEU M 182 -50.29 10.24 -75.72
CA LEU M 182 -50.11 9.73 -77.07
C LEU M 182 -50.73 8.36 -77.16
N ALA M 183 -51.51 8.14 -78.21
CA ALA M 183 -52.24 6.90 -78.41
C ALA M 183 -52.69 6.82 -79.85
N GLY M 184 -53.66 5.93 -80.13
CA GLY M 184 -54.10 5.73 -81.49
C GLY M 184 -54.58 7.02 -82.11
N ARG M 185 -55.28 7.84 -81.34
CA ARG M 185 -55.82 9.10 -81.85
C ARG M 185 -54.70 9.92 -82.47
N ASP M 186 -53.62 10.10 -81.72
CA ASP M 186 -52.47 10.86 -82.21
C ASP M 186 -51.92 10.23 -83.48
N LEU M 187 -51.78 8.90 -83.49
CA LEU M 187 -51.25 8.21 -84.65
C LEU M 187 -52.07 8.53 -85.89
N THR M 188 -53.39 8.40 -85.79
CA THR M 188 -54.28 8.72 -86.90
C THR M 188 -54.14 10.18 -87.31
N ASP M 189 -54.11 11.10 -86.34
CA ASP M 189 -53.96 12.52 -86.65
C ASP M 189 -52.69 12.78 -87.45
N TYR M 190 -51.54 12.41 -86.90
CA TYR M 190 -50.25 12.59 -87.58
C TYR M 190 -50.28 11.97 -88.98
N LEU M 191 -50.80 10.75 -89.11
CA LEU M 191 -50.88 10.13 -90.43
C LEU M 191 -51.80 10.92 -91.35
N MET M 192 -52.86 11.50 -90.79
CA MET M 192 -53.77 12.34 -91.55
C MET M 192 -53.05 13.53 -92.14
N LYS M 193 -52.23 14.21 -91.33
CA LYS M 193 -51.53 15.38 -91.85
C LYS M 193 -50.48 14.98 -92.88
N ILE M 194 -49.78 13.86 -92.66
CA ILE M 194 -48.81 13.42 -93.65
C ILE M 194 -49.49 13.05 -94.97
N LEU M 195 -50.61 12.32 -94.90
CA LEU M 195 -51.36 12.00 -96.10
C LEU M 195 -51.91 13.24 -96.77
N THR M 196 -52.27 14.27 -95.99
CA THR M 196 -52.60 15.56 -96.55
C THR M 196 -51.45 16.14 -97.34
N GLU M 197 -50.23 16.03 -96.79
CA GLU M 197 -49.05 16.44 -97.56
C GLU M 197 -48.76 15.49 -98.71
N ARG M 198 -49.38 14.32 -98.75
CA ARG M 198 -49.24 13.42 -99.88
C ARG M 198 -50.30 13.65 -100.95
N GLY M 199 -51.26 14.52 -100.71
CA GLY M 199 -52.27 14.89 -101.69
C GLY M 199 -53.68 14.44 -101.34
N TYR M 200 -53.85 13.67 -100.27
CA TYR M 200 -55.15 13.13 -99.89
C TYR M 200 -55.55 13.72 -98.54
N SER M 201 -56.61 14.52 -98.53
CA SER M 201 -57.00 15.31 -97.36
C SER M 201 -58.44 14.95 -97.00
N PHE M 202 -58.61 14.14 -95.95
CA PHE M 202 -59.94 13.77 -95.46
C PHE M 202 -60.04 14.11 -93.97
N VAL M 203 -61.27 14.33 -93.52
CA VAL M 203 -61.53 14.78 -92.15
C VAL M 203 -62.44 13.80 -91.41
N THR M 204 -63.31 13.10 -92.16
CA THR M 204 -64.34 12.28 -91.55
C THR M 204 -63.75 10.99 -90.97
N THR M 205 -64.57 10.33 -90.14
CA THR M 205 -64.13 9.17 -89.36
C THR M 205 -63.97 7.90 -90.19
N ALA M 206 -64.69 7.79 -91.32
CA ALA M 206 -64.53 6.59 -92.14
C ALA M 206 -63.10 6.49 -92.63
N GLU M 207 -62.54 7.62 -93.05
CA GLU M 207 -61.17 7.61 -93.49
C GLU M 207 -60.28 7.44 -92.27
N ARG M 208 -60.71 7.81 -91.07
CA ARG M 208 -59.93 7.56 -89.87
C ARG M 208 -59.74 6.06 -89.67
N GLU M 209 -60.82 5.31 -89.84
CA GLU M 209 -60.75 3.87 -89.70
C GLU M 209 -59.94 3.25 -90.84
N ILE M 210 -60.08 3.80 -92.05
CA ILE M 210 -59.27 3.32 -93.17
C ILE M 210 -57.78 3.49 -92.87
N VAL M 211 -57.39 4.66 -92.36
CA VAL M 211 -55.98 4.90 -92.13
C VAL M 211 -55.46 4.13 -90.91
N ARG M 212 -56.31 3.86 -89.91
CA ARG M 212 -55.85 3.00 -88.84
C ARG M 212 -55.71 1.56 -89.32
N ASP M 213 -56.56 1.14 -90.25
CA ASP M 213 -56.38 -0.16 -90.90
C ASP M 213 -55.05 -0.20 -91.65
N ILE M 214 -54.72 0.89 -92.35
CA ILE M 214 -53.43 0.99 -93.02
C ILE M 214 -52.31 0.84 -92.00
N LYS M 215 -52.46 1.48 -90.84
CA LYS M 215 -51.46 1.34 -89.78
C LYS M 215 -51.36 -0.11 -89.31
N GLU M 216 -52.51 -0.80 -89.25
CA GLU M 216 -52.49 -2.20 -88.85
C GLU M 216 -51.75 -3.06 -89.86
N LYS M 217 -51.89 -2.74 -91.15
CA LYS M 217 -51.36 -3.62 -92.19
C LYS M 217 -49.92 -3.31 -92.57
N LEU M 218 -49.66 -2.07 -93.00
CA LEU M 218 -48.43 -1.77 -93.72
C LEU M 218 -47.35 -1.07 -92.89
N CYS M 219 -47.68 -0.52 -91.73
CA CYS M 219 -46.74 0.39 -91.07
C CYS M 219 -45.50 -0.35 -90.57
N TYR M 220 -44.36 0.32 -90.68
CA TYR M 220 -43.08 -0.09 -90.13
C TYR M 220 -42.75 0.68 -88.87
N VAL M 221 -41.82 0.14 -88.10
CA VAL M 221 -41.09 0.88 -87.07
C VAL M 221 -39.63 0.96 -87.52
N ALA M 222 -39.19 2.16 -87.90
CA ALA M 222 -37.88 2.34 -88.51
C ALA M 222 -36.78 1.94 -87.56
N LEU M 223 -35.82 1.15 -88.06
CA LEU M 223 -34.64 0.82 -87.26
C LEU M 223 -33.73 2.03 -87.08
N ASP M 224 -33.48 2.77 -88.16
CA ASP M 224 -32.77 4.03 -88.14
C ASP M 224 -33.62 5.00 -88.95
N PHE M 225 -33.90 6.18 -88.41
CA PHE M 225 -34.97 6.98 -88.99
C PHE M 225 -34.50 7.74 -90.23
N GLU M 226 -33.57 8.69 -90.05
CA GLU M 226 -33.21 9.56 -91.15
C GLU M 226 -32.51 8.80 -92.26
N ASN M 227 -31.75 7.77 -91.91
CA ASN M 227 -31.14 6.92 -92.93
C ASN M 227 -32.20 6.18 -93.74
N GLU M 228 -33.30 5.77 -93.09
CA GLU M 228 -34.33 5.08 -93.84
C GLU M 228 -35.16 6.02 -94.72
N MET M 229 -35.40 7.27 -94.32
CA MET M 229 -35.96 8.17 -95.32
C MET M 229 -34.96 8.48 -96.44
N ALA M 230 -33.67 8.55 -96.11
CA ALA M 230 -32.66 8.81 -97.13
C ALA M 230 -32.65 7.71 -98.18
N THR M 231 -32.72 6.45 -97.75
CA THR M 231 -32.85 5.35 -98.70
C THR M 231 -34.27 5.16 -99.21
N ALA M 232 -35.27 5.78 -98.57
CA ALA M 232 -36.65 5.72 -99.04
C ALA M 232 -36.98 6.82 -100.02
N ALA M 233 -36.01 7.66 -100.35
CA ALA M 233 -36.19 8.67 -101.39
C ALA M 233 -36.85 8.08 -102.62
N SER M 234 -36.22 7.08 -103.26
CA SER M 234 -36.86 6.34 -104.35
C SER M 234 -37.50 5.04 -103.88
N SER M 235 -36.70 4.11 -103.36
CA SER M 235 -37.24 2.88 -102.77
C SER M 235 -38.43 2.34 -103.50
N SER M 236 -38.23 1.87 -104.71
CA SER M 236 -39.35 1.25 -105.42
C SER M 236 -39.80 -0.02 -104.71
N SER M 237 -38.86 -0.87 -104.28
CA SER M 237 -39.23 -2.09 -103.57
C SER M 237 -39.70 -1.79 -102.15
N LEU M 238 -39.01 -0.90 -101.43
CA LEU M 238 -39.36 -0.62 -100.05
C LEU M 238 -40.70 0.11 -99.93
N GLU M 239 -41.03 0.95 -100.91
CA GLU M 239 -42.32 1.62 -100.92
C GLU M 239 -43.46 0.61 -101.06
N LYS M 240 -44.52 0.79 -100.29
CA LYS M 240 -45.58 -0.19 -100.21
C LYS M 240 -46.93 0.45 -100.52
N SER M 241 -47.82 -0.33 -101.10
CA SER M 241 -49.11 0.19 -101.55
C SER M 241 -50.25 -0.52 -100.83
N TYR M 242 -51.41 0.14 -100.83
CA TYR M 242 -52.63 -0.42 -100.28
C TYR M 242 -53.77 -0.26 -101.27
N GLU M 243 -54.70 -1.21 -101.21
CA GLU M 243 -55.88 -1.23 -102.07
C GLU M 243 -57.07 -0.79 -101.22
N LEU M 244 -57.45 0.47 -101.35
CA LEU M 244 -58.59 1.00 -100.61
C LEU M 244 -59.89 0.39 -101.12
N PRO M 245 -60.88 0.25 -100.24
CA PRO M 245 -62.10 -0.49 -100.61
C PRO M 245 -62.80 0.07 -101.85
N ASP M 246 -62.68 1.37 -102.11
CA ASP M 246 -63.22 1.92 -103.35
C ASP M 246 -62.48 1.40 -104.59
N GLY M 247 -61.28 0.86 -104.41
CA GLY M 247 -60.48 0.32 -105.49
C GLY M 247 -59.25 1.12 -105.88
N GLN M 248 -59.08 2.35 -105.42
CA GLN M 248 -57.88 3.09 -105.78
C GLN M 248 -56.67 2.55 -105.04
N VAL M 249 -55.53 2.60 -105.70
CA VAL M 249 -54.26 2.13 -105.14
C VAL M 249 -53.56 3.35 -104.56
N ILE M 250 -53.35 3.35 -103.25
CA ILE M 250 -52.68 4.44 -102.55
C ILE M 250 -51.33 3.95 -102.08
N THR M 251 -50.27 4.63 -102.52
CA THR M 251 -48.90 4.23 -102.28
C THR M 251 -48.28 5.09 -101.19
N ILE M 252 -47.63 4.46 -100.23
CA ILE M 252 -46.97 5.13 -99.11
C ILE M 252 -45.58 4.53 -98.95
N GLY M 253 -44.60 5.40 -98.70
CA GLY M 253 -43.24 4.94 -98.52
C GLY M 253 -42.69 5.09 -97.11
N ASN M 254 -41.92 6.15 -96.89
CA ASN M 254 -41.33 6.38 -95.57
C ASN M 254 -42.38 6.59 -94.49
N GLU M 255 -43.57 7.07 -94.87
CA GLU M 255 -44.62 7.33 -93.88
C GLU M 255 -44.93 6.09 -93.04
N ARG M 256 -44.77 4.90 -93.63
CA ARG M 256 -45.02 3.66 -92.91
C ARG M 256 -44.25 3.62 -91.60
N PHE M 257 -42.99 4.02 -91.62
CA PHE M 257 -42.20 4.07 -90.39
C PHE M 257 -42.02 5.49 -89.86
N ARG M 258 -42.62 6.50 -90.50
CA ARG M 258 -42.60 7.83 -89.93
C ARG M 258 -43.81 8.12 -89.06
N CYS M 259 -44.78 7.21 -89.07
CA CYS M 259 -45.95 7.36 -88.19
C CYS M 259 -45.78 6.88 -86.73
N PRO M 260 -45.39 5.60 -86.49
CA PRO M 260 -45.20 5.23 -85.08
C PRO M 260 -44.00 5.91 -84.45
N GLU M 261 -43.10 6.42 -85.28
CA GLU M 261 -41.90 7.07 -84.77
C GLU M 261 -42.27 8.26 -83.92
N THR M 262 -43.38 8.92 -84.21
CA THR M 262 -43.76 10.11 -83.47
C THR M 262 -43.92 9.83 -81.98
N LEU M 263 -44.43 8.66 -81.60
CA LEU M 263 -44.49 8.35 -80.17
C LEU M 263 -43.08 8.36 -79.62
N PHE M 264 -42.14 7.75 -80.33
CA PHE M 264 -40.74 7.76 -79.93
C PHE M 264 -40.10 9.15 -80.03
N GLN M 265 -40.53 9.95 -81.01
CA GLN M 265 -39.99 11.30 -81.23
C GLN M 265 -41.14 12.32 -81.17
N PRO M 266 -41.59 12.68 -79.94
CA PRO M 266 -42.77 13.56 -79.83
C PRO M 266 -42.54 14.96 -80.35
N SER M 267 -41.29 15.40 -80.51
CA SER M 267 -41.00 16.74 -80.99
C SER M 267 -41.53 16.99 -82.40
N PHE M 268 -41.90 15.94 -83.13
CA PHE M 268 -42.48 16.12 -84.45
C PHE M 268 -43.76 16.96 -84.38
N ILE M 269 -44.62 16.70 -83.41
CA ILE M 269 -45.83 17.52 -83.28
C ILE M 269 -45.92 18.17 -81.90
N GLY M 270 -44.77 18.40 -81.27
CA GLY M 270 -44.74 19.31 -80.14
C GLY M 270 -45.20 18.81 -78.79
N MET M 271 -44.51 17.81 -78.22
CA MET M 271 -44.70 17.43 -76.83
C MET M 271 -43.40 17.66 -76.07
N GLU M 272 -43.53 18.24 -74.86
CA GLU M 272 -42.37 18.37 -73.99
C GLU M 272 -41.82 17.00 -73.58
N SER M 273 -42.70 16.06 -73.28
CA SER M 273 -42.29 14.71 -72.93
C SER M 273 -41.55 14.06 -74.10
N ALA M 274 -40.48 13.34 -73.80
CA ALA M 274 -39.72 12.66 -74.82
C ALA M 274 -40.42 11.35 -75.19
N GLY M 275 -39.73 10.48 -75.92
CA GLY M 275 -40.32 9.23 -76.34
C GLY M 275 -40.72 8.35 -75.17
N ILE M 276 -41.60 7.39 -75.46
CA ILE M 276 -42.11 6.51 -74.43
C ILE M 276 -41.01 5.66 -73.80
N HIS M 277 -39.91 5.43 -74.51
CA HIS M 277 -38.78 4.74 -73.90
C HIS M 277 -38.16 5.59 -72.79
N GLU M 278 -38.11 6.91 -72.96
CA GLU M 278 -37.67 7.76 -71.86
C GLU M 278 -38.62 7.67 -70.68
N THR M 279 -39.93 7.50 -70.94
CA THR M 279 -40.90 7.42 -69.86
C THR M 279 -40.72 6.08 -69.14
N THR M 280 -40.40 5.02 -69.83
CA THR M 280 -40.09 3.79 -69.12
C THR M 280 -38.77 3.90 -68.34
N TYR M 281 -37.76 4.53 -68.95
CA TYR M 281 -36.49 4.77 -68.25
C TYR M 281 -36.64 5.56 -66.95
N ASN M 282 -37.24 6.76 -67.01
CA ASN M 282 -37.43 7.54 -65.79
C ASN M 282 -38.21 6.72 -64.78
N SER M 283 -39.29 6.06 -65.23
CA SER M 283 -40.10 5.26 -64.33
C SER M 283 -39.21 4.27 -63.58
N ILE M 284 -38.30 3.62 -64.30
CA ILE M 284 -37.43 2.63 -63.68
C ILE M 284 -36.55 3.29 -62.62
N MET M 285 -35.82 4.36 -62.99
CA MET M 285 -34.93 4.94 -61.97
C MET M 285 -35.62 5.56 -60.76
N LYS M 286 -36.88 5.98 -60.86
CA LYS M 286 -37.57 6.57 -59.72
C LYS M 286 -37.54 5.63 -58.52
N CYS M 287 -37.61 4.32 -58.77
CA CYS M 287 -37.65 3.32 -57.72
C CYS M 287 -36.21 2.93 -57.38
N ASP M 288 -36.05 2.17 -56.28
CA ASP M 288 -34.72 1.75 -55.84
C ASP M 288 -33.88 1.20 -56.99
N ILE M 289 -32.58 1.47 -56.90
CA ILE M 289 -31.62 1.09 -57.93
C ILE M 289 -31.63 -0.41 -58.19
N ASP M 290 -31.58 -1.21 -57.14
CA ASP M 290 -31.20 -2.62 -57.27
C ASP M 290 -32.12 -3.40 -58.22
N ILE M 291 -33.43 -3.29 -58.02
CA ILE M 291 -34.36 -4.09 -58.81
C ILE M 291 -34.46 -3.60 -60.24
N ARG M 292 -33.84 -2.47 -60.55
CA ARG M 292 -33.99 -1.86 -61.87
C ARG M 292 -33.59 -2.85 -62.95
N LYS M 293 -32.52 -3.61 -62.72
CA LYS M 293 -32.07 -4.60 -63.70
C LYS M 293 -33.21 -5.58 -64.02
N ASP M 294 -33.90 -6.07 -62.98
CA ASP M 294 -35.01 -6.98 -63.20
C ASP M 294 -36.10 -6.29 -64.03
N LEU M 295 -36.38 -5.01 -63.75
CA LEU M 295 -37.33 -4.28 -64.55
C LEU M 295 -36.89 -4.25 -66.01
N TYR M 296 -35.58 -4.04 -66.23
CA TYR M 296 -35.05 -4.07 -67.59
C TYR M 296 -35.33 -5.42 -68.24
N ALA M 297 -35.17 -6.50 -67.49
CA ALA M 297 -35.28 -7.84 -68.06
C ALA M 297 -36.70 -8.38 -68.06
N ASN M 298 -37.64 -7.68 -67.43
CA ASN M 298 -38.99 -8.20 -67.28
C ASN M 298 -40.05 -7.27 -67.84
N ASN M 299 -39.68 -6.36 -68.74
CA ASN M 299 -40.65 -5.43 -69.30
C ASN M 299 -41.70 -6.16 -70.14
N VAL M 300 -42.95 -5.78 -69.97
CA VAL M 300 -44.04 -6.35 -70.74
C VAL M 300 -44.76 -5.20 -71.45
N MET M 301 -45.28 -5.50 -72.63
CA MET M 301 -46.07 -4.54 -73.38
C MET M 301 -47.43 -5.15 -73.69
N SER M 302 -48.49 -4.34 -73.60
CA SER M 302 -49.85 -4.83 -73.78
C SER M 302 -50.68 -3.77 -74.50
N GLY M 303 -51.66 -4.24 -75.27
CA GLY M 303 -52.58 -3.38 -76.00
C GLY M 303 -52.79 -3.86 -77.42
N GLY M 304 -53.86 -3.36 -78.04
CA GLY M 304 -54.15 -3.75 -79.41
C GLY M 304 -53.09 -3.28 -80.39
N THR M 305 -52.48 -2.12 -80.11
CA THR M 305 -51.44 -1.60 -80.99
C THR M 305 -50.29 -2.60 -81.12
N THR M 306 -50.01 -3.33 -80.03
CA THR M 306 -48.90 -4.27 -80.02
C THR M 306 -48.93 -5.26 -81.18
N MET M 307 -50.06 -5.40 -81.87
CA MET M 307 -50.03 -6.24 -83.07
C MET M 307 -49.09 -5.72 -84.15
N TYR M 308 -48.59 -4.48 -84.03
CA TYR M 308 -47.72 -3.97 -85.07
C TYR M 308 -46.32 -4.54 -84.87
N PRO M 309 -45.53 -4.64 -85.93
CA PRO M 309 -44.13 -5.04 -85.78
C PRO M 309 -43.28 -3.85 -85.35
N GLY M 310 -42.07 -4.15 -84.89
CA GLY M 310 -41.08 -3.13 -84.65
C GLY M 310 -41.00 -2.57 -83.23
N ILE M 311 -42.02 -2.72 -82.40
CA ILE M 311 -41.92 -2.18 -81.05
C ILE M 311 -40.84 -2.91 -80.24
N ALA M 312 -40.74 -4.24 -80.37
CA ALA M 312 -39.79 -4.99 -79.57
C ALA M 312 -38.33 -4.62 -79.85
N ASP M 313 -37.92 -4.63 -81.12
CA ASP M 313 -36.53 -4.33 -81.43
C ASP M 313 -36.17 -2.91 -81.02
N ARG M 314 -37.04 -1.95 -81.35
CA ARG M 314 -36.78 -0.57 -80.98
C ARG M 314 -36.66 -0.44 -79.48
N MET M 315 -37.59 -1.06 -78.77
CA MET M 315 -37.63 -1.01 -77.31
C MET M 315 -36.29 -1.43 -76.75
N GLN M 316 -35.89 -2.68 -77.04
CA GLN M 316 -34.66 -3.19 -76.45
C GLN M 316 -33.46 -2.35 -76.85
N LYS M 317 -33.30 -2.04 -78.14
CA LYS M 317 -32.11 -1.29 -78.55
C LYS M 317 -31.99 0.03 -77.80
N GLU M 318 -33.07 0.82 -77.76
CA GLU M 318 -32.98 2.12 -77.07
C GLU M 318 -32.75 1.97 -75.58
N ILE M 319 -33.40 1.00 -74.92
CA ILE M 319 -33.13 0.84 -73.49
C ILE M 319 -31.68 0.44 -73.25
N THR M 320 -31.14 -0.45 -74.08
CA THR M 320 -29.73 -0.81 -73.96
C THR M 320 -28.82 0.38 -74.23
N ALA M 321 -29.22 1.27 -75.15
CA ALA M 321 -28.45 2.49 -75.36
C ALA M 321 -28.47 3.38 -74.12
N LEU M 322 -29.63 3.49 -73.46
CA LEU M 322 -29.76 4.35 -72.29
C LEU M 322 -29.16 3.72 -71.04
N ALA M 323 -29.42 2.44 -70.81
CA ALA M 323 -28.99 1.68 -69.64
C ALA M 323 -27.73 0.89 -69.95
N PRO M 324 -26.91 0.56 -68.96
CA PRO M 324 -25.72 -0.24 -69.23
C PRO M 324 -26.08 -1.60 -69.82
N SER M 325 -25.23 -2.06 -70.75
CA SER M 325 -25.47 -3.27 -71.52
C SER M 325 -24.86 -4.51 -70.92
N THR M 326 -24.78 -4.61 -69.59
CA THR M 326 -24.24 -5.84 -69.00
C THR M 326 -25.29 -6.93 -69.05
N MET M 327 -26.42 -6.72 -68.37
CA MET M 327 -27.48 -7.72 -68.35
C MET M 327 -28.24 -7.67 -69.66
N LYS M 328 -28.73 -8.82 -70.10
CA LYS M 328 -29.50 -8.91 -71.34
C LYS M 328 -30.96 -8.54 -71.10
N ILE M 329 -31.47 -7.61 -71.90
CA ILE M 329 -32.87 -7.19 -71.86
C ILE M 329 -33.67 -7.93 -72.93
N LYS M 330 -34.79 -8.51 -72.52
CA LYS M 330 -35.68 -9.21 -73.43
C LYS M 330 -37.13 -8.90 -73.10
N ILE M 331 -37.92 -8.64 -74.14
CA ILE M 331 -39.34 -8.31 -74.02
C ILE M 331 -40.14 -9.60 -74.21
N ILE M 332 -41.30 -9.69 -73.55
CA ILE M 332 -42.20 -10.81 -73.71
C ILE M 332 -43.57 -10.24 -74.10
N ALA M 333 -44.19 -10.86 -75.11
CA ALA M 333 -45.49 -10.41 -75.60
C ALA M 333 -46.23 -11.56 -76.28
N PRO M 334 -47.17 -12.21 -75.60
CA PRO M 334 -47.90 -13.32 -76.21
C PRO M 334 -48.77 -12.85 -77.36
N PRO M 335 -48.91 -13.66 -78.40
CA PRO M 335 -49.81 -13.29 -79.51
C PRO M 335 -51.24 -13.08 -79.04
N GLU M 336 -51.92 -12.13 -79.69
CA GLU M 336 -53.30 -11.78 -79.37
C GLU M 336 -53.44 -11.39 -77.90
N ARG M 337 -52.61 -10.44 -77.48
CA ARG M 337 -52.59 -10.00 -76.10
C ARG M 337 -53.64 -8.94 -75.79
N LYS M 338 -54.33 -8.40 -76.80
CA LYS M 338 -55.41 -7.47 -76.54
C LYS M 338 -56.60 -8.13 -75.84
N TYR M 339 -56.75 -9.45 -76.02
CA TYR M 339 -57.72 -10.22 -75.24
C TYR M 339 -57.18 -10.63 -73.88
N SER M 340 -55.87 -10.47 -73.67
CA SER M 340 -55.22 -11.03 -72.48
C SER M 340 -55.84 -10.48 -71.20
N VAL M 341 -56.15 -9.18 -71.16
CA VAL M 341 -56.78 -8.60 -69.98
C VAL M 341 -58.05 -9.36 -69.62
N TRP M 342 -58.90 -9.59 -70.62
CA TRP M 342 -60.14 -10.33 -70.37
C TRP M 342 -59.83 -11.73 -69.86
N ILE M 343 -58.79 -12.35 -70.42
CA ILE M 343 -58.37 -13.66 -69.94
C ILE M 343 -58.06 -13.58 -68.45
N GLY M 344 -57.30 -12.55 -68.05
CA GLY M 344 -57.00 -12.38 -66.64
C GLY M 344 -58.25 -12.24 -65.80
N GLY M 345 -59.28 -11.59 -66.36
CA GLY M 345 -60.54 -11.49 -65.64
C GLY M 345 -61.10 -12.87 -65.36
N SER M 346 -61.10 -13.72 -66.38
CA SER M 346 -61.53 -15.10 -66.18
C SER M 346 -60.67 -15.76 -65.10
N ILE M 347 -59.37 -15.47 -65.12
CA ILE M 347 -58.47 -16.04 -64.12
C ILE M 347 -58.92 -15.61 -62.73
N LEU M 348 -59.34 -14.35 -62.59
CA LEU M 348 -59.81 -13.87 -61.30
C LEU M 348 -61.02 -14.67 -60.84
N ALA M 349 -61.93 -14.98 -61.76
CA ALA M 349 -63.09 -15.76 -61.38
C ALA M 349 -62.77 -17.24 -61.21
N SER M 350 -61.62 -17.73 -61.65
CA SER M 350 -61.29 -19.15 -61.45
C SER M 350 -61.25 -19.57 -60.03
N LEU M 351 -60.53 -18.80 -59.22
CA LEU M 351 -60.27 -19.22 -57.86
C LEU M 351 -61.45 -18.91 -56.94
N SER M 352 -61.54 -19.68 -55.86
CA SER M 352 -62.67 -19.62 -54.94
C SER M 352 -62.54 -18.54 -53.88
N THR M 353 -61.42 -17.82 -53.83
CA THR M 353 -61.31 -16.70 -52.91
C THR M 353 -61.91 -15.42 -53.47
N PHE M 354 -62.14 -15.37 -54.79
CA PHE M 354 -62.63 -14.15 -55.42
C PHE M 354 -64.00 -13.72 -54.89
N GLN M 355 -64.85 -14.68 -54.52
CA GLN M 355 -66.16 -14.30 -53.99
C GLN M 355 -66.11 -13.85 -52.54
N GLN M 356 -64.93 -13.82 -51.90
CA GLN M 356 -64.85 -13.19 -50.58
C GLN M 356 -64.99 -11.67 -50.66
N MET M 357 -64.61 -11.04 -51.76
CA MET M 357 -64.67 -9.59 -51.86
C MET M 357 -65.49 -9.09 -53.05
N TRP M 358 -66.52 -9.83 -53.44
CA TRP M 358 -67.55 -9.27 -54.31
C TRP M 358 -68.21 -8.07 -53.64
N ILE M 359 -68.43 -7.01 -54.41
CA ILE M 359 -69.10 -5.81 -53.92
C ILE M 359 -70.60 -6.03 -54.07
N THR M 360 -71.25 -6.47 -52.99
CA THR M 360 -72.65 -6.83 -53.06
C THR M 360 -73.55 -5.60 -53.05
N LYS M 361 -74.83 -5.82 -53.35
CA LYS M 361 -75.80 -4.73 -53.40
C LYS M 361 -75.98 -4.07 -52.03
N GLN M 362 -76.07 -4.87 -50.96
CA GLN M 362 -76.37 -4.31 -49.65
C GLN M 362 -75.26 -3.43 -49.11
N GLU M 363 -73.99 -3.73 -49.43
CA GLU M 363 -72.91 -2.85 -49.01
C GLU M 363 -73.04 -1.46 -49.63
N TYR M 364 -73.35 -1.43 -50.94
CA TYR M 364 -73.58 -0.16 -51.62
C TYR M 364 -74.81 0.55 -51.07
N ASP M 365 -75.86 -0.20 -50.75
CA ASP M 365 -77.05 0.41 -50.17
C ASP M 365 -76.76 1.01 -48.79
N GLU M 366 -75.87 0.38 -48.02
CA GLU M 366 -75.52 0.92 -46.71
C GLU M 366 -74.66 2.16 -46.83
N ALA M 367 -73.49 2.05 -47.47
CA ALA M 367 -72.51 3.12 -47.45
C ALA M 367 -72.49 3.97 -48.72
N GLY M 368 -73.48 3.79 -49.61
CA GLY M 368 -73.49 4.53 -50.85
C GLY M 368 -72.37 4.09 -51.77
N PRO M 369 -72.02 4.93 -52.75
CA PRO M 369 -70.83 4.63 -53.56
C PRO M 369 -69.54 4.68 -52.75
N SER M 370 -69.53 5.46 -51.66
CA SER M 370 -68.29 5.69 -50.91
C SER M 370 -67.67 4.39 -50.43
N ILE M 371 -68.47 3.32 -50.30
CA ILE M 371 -67.95 2.05 -49.82
C ILE M 371 -66.83 1.53 -50.71
N VAL M 372 -66.88 1.83 -52.02
CA VAL M 372 -65.83 1.31 -52.88
C VAL M 372 -64.48 1.88 -52.48
N HIS M 373 -64.47 3.08 -51.90
CA HIS M 373 -63.22 3.70 -51.46
C HIS M 373 -62.51 2.81 -50.44
N ARG M 374 -63.28 1.99 -49.73
CA ARG M 374 -62.74 1.08 -48.73
C ARG M 374 -62.82 -0.37 -49.16
N LYS M 375 -63.54 -0.68 -50.24
CA LYS M 375 -63.77 -2.07 -50.60
C LYS M 375 -62.86 -2.56 -51.72
N CYS M 376 -62.43 -1.68 -52.61
CA CYS M 376 -61.47 -2.05 -53.63
C CYS M 376 -60.03 -1.77 -53.17
N PHE M 377 -59.76 -0.52 -52.81
CA PHE M 377 -58.49 -0.18 -52.21
C PHE M 377 -58.66 0.17 -50.73
N ASP N 3 -41.57 48.94 -115.87
CA ASP N 3 -40.68 48.29 -114.90
C ASP N 3 -39.79 49.32 -114.22
N GLU N 4 -39.68 49.19 -112.90
CA GLU N 4 -38.80 50.07 -112.14
C GLU N 4 -37.34 49.81 -112.49
N ASP N 5 -36.54 50.88 -112.44
CA ASP N 5 -35.11 50.76 -112.74
C ASP N 5 -34.41 49.81 -111.78
N GLU N 6 -34.91 49.68 -110.56
CA GLU N 6 -34.31 48.83 -109.56
C GLU N 6 -34.80 47.40 -109.76
N THR N 7 -34.00 46.44 -109.28
CA THR N 7 -34.28 45.01 -109.46
C THR N 7 -35.14 44.45 -108.34
N THR N 8 -36.02 45.27 -107.77
CA THR N 8 -36.90 44.88 -106.67
C THR N 8 -37.69 43.62 -107.00
N ALA N 9 -38.14 42.92 -105.96
CA ALA N 9 -38.75 41.60 -106.14
C ALA N 9 -40.22 41.71 -106.54
N LEU N 10 -40.73 40.62 -107.09
CA LEU N 10 -42.16 40.46 -107.38
C LEU N 10 -42.87 39.94 -106.15
N VAL N 11 -44.07 40.46 -105.89
CA VAL N 11 -44.90 40.01 -104.78
C VAL N 11 -46.23 39.56 -105.35
N CYS N 12 -46.53 38.27 -105.22
CA CYS N 12 -47.71 37.68 -105.83
C CYS N 12 -48.42 36.80 -104.80
N ASP N 13 -49.67 37.13 -104.50
CA ASP N 13 -50.53 36.33 -103.65
C ASP N 13 -51.49 35.54 -104.54
N ASN N 14 -51.23 34.24 -104.68
CA ASN N 14 -52.15 33.35 -105.38
C ASN N 14 -53.18 32.79 -104.40
N GLY N 15 -53.98 33.70 -103.87
CA GLY N 15 -55.01 33.29 -102.92
C GLY N 15 -56.05 32.39 -103.57
N SER N 16 -56.62 31.51 -102.74
CA SER N 16 -57.62 30.55 -103.21
C SER N 16 -58.90 31.31 -103.51
N GLY N 17 -58.95 31.89 -104.71
CA GLY N 17 -60.10 32.67 -105.12
C GLY N 17 -59.74 33.97 -105.83
N LEU N 18 -58.55 34.49 -105.55
CA LEU N 18 -58.09 35.74 -106.16
C LEU N 18 -56.58 35.72 -106.31
N VAL N 19 -56.09 36.25 -107.42
CA VAL N 19 -54.66 36.40 -107.65
C VAL N 19 -54.34 37.89 -107.67
N LYS N 20 -53.42 38.30 -106.79
CA LYS N 20 -53.06 39.70 -106.61
C LYS N 20 -51.54 39.84 -106.73
N ALA N 21 -51.08 40.49 -107.79
CA ALA N 21 -49.66 40.53 -108.12
C ALA N 21 -49.20 41.97 -108.29
N GLY N 22 -47.92 42.19 -107.97
CA GLY N 22 -47.35 43.51 -108.13
C GLY N 22 -45.87 43.49 -107.77
N PHE N 23 -45.34 44.69 -107.53
CA PHE N 23 -43.92 44.86 -107.24
C PHE N 23 -43.70 45.05 -105.74
N ALA N 24 -42.52 44.67 -105.28
CA ALA N 24 -42.13 44.91 -103.90
C ALA N 24 -41.92 46.39 -103.65
N GLY N 25 -42.24 46.82 -102.43
CA GLY N 25 -42.23 48.22 -102.08
C GLY N 25 -43.51 48.96 -102.39
N ASP N 26 -44.44 48.33 -103.09
CA ASP N 26 -45.74 48.91 -103.38
C ASP N 26 -46.71 48.64 -102.24
N ASP N 27 -47.70 49.52 -102.11
CA ASP N 27 -48.67 49.39 -101.02
C ASP N 27 -49.80 48.43 -101.36
N ALA N 28 -50.21 48.37 -102.62
CA ALA N 28 -51.28 47.48 -103.05
C ALA N 28 -50.88 46.74 -104.31
N PRO N 29 -51.36 45.51 -104.49
CA PRO N 29 -51.06 44.78 -105.73
C PRO N 29 -51.64 45.49 -106.93
N ARG N 30 -50.89 45.43 -108.05
CA ARG N 30 -51.31 46.16 -109.24
C ARG N 30 -52.33 45.38 -110.07
N ALA N 31 -52.09 44.09 -110.28
CA ALA N 31 -52.98 43.26 -111.10
C ALA N 31 -53.71 42.30 -110.17
N VAL N 32 -55.01 42.51 -110.01
CA VAL N 32 -55.85 41.69 -109.14
C VAL N 32 -56.99 41.14 -109.98
N PHE N 33 -57.10 39.82 -110.04
CA PHE N 33 -58.17 39.20 -110.81
C PHE N 33 -58.66 37.93 -110.12
N PRO N 34 -59.95 37.59 -110.31
CA PRO N 34 -60.46 36.32 -109.78
C PRO N 34 -59.85 35.14 -110.51
N SER N 35 -59.90 33.98 -109.85
CA SER N 35 -59.23 32.78 -110.32
C SER N 35 -60.09 31.93 -111.26
N ILE N 36 -61.05 32.52 -111.95
CA ILE N 36 -61.87 31.80 -112.91
C ILE N 36 -61.13 31.79 -114.24
N VAL N 37 -61.32 30.73 -115.04
CA VAL N 37 -60.68 30.59 -116.34
C VAL N 37 -61.72 30.13 -117.35
N GLY N 38 -61.86 30.86 -118.45
CA GLY N 38 -62.86 30.56 -119.46
C GLY N 38 -62.25 29.93 -120.70
N ARG N 39 -62.98 28.96 -121.25
CA ARG N 39 -62.55 28.30 -122.47
C ARG N 39 -63.69 28.29 -123.49
N PRO N 40 -63.36 28.25 -124.77
CA PRO N 40 -64.41 28.28 -125.81
C PRO N 40 -65.40 27.13 -125.65
N ARG N 41 -66.67 27.48 -125.52
CA ARG N 41 -67.72 26.47 -125.36
C ARG N 41 -67.93 25.64 -126.62
N HIS N 42 -67.56 26.14 -127.80
CA HIS N 42 -67.73 25.41 -129.05
C HIS N 42 -66.46 25.51 -129.89
N GLN N 43 -66.53 24.95 -131.09
CA GLN N 43 -65.39 24.87 -132.00
C GLN N 43 -65.37 26.04 -132.99
N GLY N 44 -64.26 26.12 -133.73
CA GLY N 44 -64.00 27.20 -134.66
C GLY N 44 -64.37 26.99 -136.12
N VAL N 45 -65.18 27.90 -136.65
CA VAL N 45 -65.60 27.87 -138.04
C VAL N 45 -65.51 29.28 -138.62
N MET N 46 -65.73 30.28 -137.76
CA MET N 46 -65.62 31.70 -138.08
C MET N 46 -64.16 32.13 -138.16
N VAL N 47 -63.94 33.33 -138.67
CA VAL N 47 -62.60 33.88 -138.85
C VAL N 47 -62.71 35.40 -138.76
N GLY N 48 -61.57 36.08 -138.66
CA GLY N 48 -61.50 37.52 -138.60
C GLY N 48 -61.27 38.11 -137.22
N MET N 49 -61.48 37.34 -136.15
CA MET N 49 -61.32 37.86 -134.80
C MET N 49 -61.44 36.70 -133.82
N GLY N 50 -61.06 36.98 -132.58
CA GLY N 50 -61.16 35.97 -131.53
C GLY N 50 -60.42 34.68 -131.85
N GLN N 51 -61.12 33.56 -131.68
CA GLN N 51 -60.60 32.21 -131.92
C GLN N 51 -59.34 31.96 -131.09
N LYS N 52 -59.42 32.31 -129.81
CA LYS N 52 -58.32 32.10 -128.88
C LYS N 52 -58.82 31.18 -127.77
N ASP N 53 -57.98 30.20 -127.42
CA ASP N 53 -58.33 29.22 -126.39
C ASP N 53 -58.50 29.84 -125.01
N SER N 54 -57.39 30.01 -124.29
CA SER N 54 -57.47 30.50 -122.91
C SER N 54 -57.93 31.96 -122.85
N TYR N 55 -58.89 32.22 -121.95
CA TYR N 55 -59.33 33.56 -121.63
C TYR N 55 -59.26 33.72 -120.13
N VAL N 56 -58.53 34.72 -119.65
CA VAL N 56 -58.32 34.94 -118.23
C VAL N 56 -58.59 36.41 -117.90
N GLY N 57 -58.87 36.65 -116.62
CA GLY N 57 -59.04 38.00 -116.12
C GLY N 57 -60.34 38.64 -116.57
N ASP N 58 -60.31 39.98 -116.66
CA ASP N 58 -61.50 40.72 -117.05
C ASP N 58 -61.99 40.33 -118.43
N GLU N 59 -61.09 39.87 -119.30
CA GLU N 59 -61.54 39.39 -120.61
C GLU N 59 -62.54 38.25 -120.45
N ALA N 60 -62.21 37.27 -119.61
CA ALA N 60 -63.16 36.19 -119.37
C ALA N 60 -64.39 36.67 -118.63
N GLN N 61 -64.22 37.66 -117.74
CA GLN N 61 -65.39 38.23 -117.06
C GLN N 61 -66.37 38.82 -118.05
N SER N 62 -65.86 39.53 -119.06
CA SER N 62 -66.73 40.04 -120.11
C SER N 62 -67.25 38.93 -121.01
N LYS N 63 -66.47 37.85 -121.18
CA LYS N 63 -66.86 36.77 -122.08
C LYS N 63 -67.36 35.55 -121.30
N ARG N 64 -68.01 35.76 -120.17
CA ARG N 64 -68.45 34.67 -119.32
C ARG N 64 -69.47 33.80 -120.03
N GLY N 65 -70.39 34.43 -120.77
CA GLY N 65 -71.48 33.70 -121.39
C GLY N 65 -71.03 32.73 -122.46
N ILE N 66 -69.95 33.08 -123.19
CA ILE N 66 -69.53 32.26 -124.31
C ILE N 66 -68.56 31.17 -123.91
N LEU N 67 -68.05 31.21 -122.69
CA LEU N 67 -66.98 30.31 -122.27
C LEU N 67 -67.51 29.34 -121.22
N THR N 68 -67.04 28.10 -121.29
CA THR N 68 -67.16 27.23 -120.13
C THR N 68 -66.20 27.73 -119.06
N LEU N 69 -66.75 28.06 -117.89
CA LEU N 69 -65.96 28.66 -116.83
C LEU N 69 -65.50 27.54 -115.90
N LYS N 70 -64.18 27.38 -115.78
CA LYS N 70 -63.57 26.30 -115.05
C LYS N 70 -62.61 26.87 -114.02
N TYR N 71 -62.37 26.10 -112.97
CA TYR N 71 -61.52 26.55 -111.86
C TYR N 71 -60.24 25.74 -111.87
N PRO N 72 -59.10 26.32 -112.22
CA PRO N 72 -57.85 25.55 -112.19
C PRO N 72 -57.46 25.07 -110.80
N ILE N 73 -57.99 25.70 -109.74
CA ILE N 73 -57.75 25.28 -108.37
C ILE N 73 -59.08 25.29 -107.63
N GLU N 74 -59.30 24.25 -106.81
CA GLU N 74 -60.48 24.22 -105.95
C GLU N 74 -60.07 23.56 -104.65
N GLY N 76 -57.54 24.03 -103.01
CA GLY N 76 -56.12 23.72 -103.06
C GLY N 76 -55.70 22.72 -104.12
N ILE N 77 -56.62 21.84 -104.52
CA ILE N 77 -56.30 20.81 -105.50
C ILE N 77 -56.02 21.45 -106.85
N ILE N 78 -54.99 20.95 -107.53
CA ILE N 78 -54.54 21.50 -108.81
C ILE N 78 -55.04 20.61 -109.93
N THR N 79 -55.70 21.21 -110.92
CA THR N 79 -56.19 20.47 -112.08
C THR N 79 -55.13 20.37 -113.17
N ASN N 80 -54.75 21.51 -113.75
CA ASN N 80 -53.85 21.53 -114.91
C ASN N 80 -52.84 22.64 -114.75
N TRP N 81 -51.55 22.27 -114.65
CA TRP N 81 -50.48 23.25 -114.51
C TRP N 81 -50.38 24.17 -115.72
N ASP N 82 -50.78 23.71 -116.91
CA ASP N 82 -50.79 24.58 -118.07
C ASP N 82 -51.66 25.82 -117.84
N ASP N 83 -52.77 25.66 -117.11
CA ASP N 83 -53.63 26.80 -116.83
C ASP N 83 -52.91 27.85 -116.00
N MET N 84 -52.20 27.41 -114.95
CA MET N 84 -51.37 28.34 -114.18
C MET N 84 -50.27 28.95 -115.03
N GLU N 85 -49.66 28.15 -115.90
CA GLU N 85 -48.64 28.68 -116.80
C GLU N 85 -49.20 29.86 -117.61
N LYS N 86 -50.35 29.66 -118.24
CA LYS N 86 -50.94 30.72 -119.06
C LYS N 86 -51.35 31.91 -118.22
N ILE N 87 -51.97 31.69 -117.06
CA ILE N 87 -52.45 32.84 -116.30
C ILE N 87 -51.28 33.63 -115.73
N TRP N 88 -50.19 32.96 -115.36
CA TRP N 88 -49.00 33.66 -114.90
C TRP N 88 -48.33 34.42 -116.03
N HIS N 89 -48.28 33.83 -117.23
CA HIS N 89 -47.82 34.58 -118.40
C HIS N 89 -48.63 35.86 -118.59
N HIS N 90 -49.95 35.73 -118.54
CA HIS N 90 -50.84 36.88 -118.71
C HIS N 90 -50.57 37.93 -117.63
N THR N 91 -50.46 37.49 -116.38
CA THR N 91 -50.26 38.42 -115.27
C THR N 91 -48.93 39.15 -115.41
N PHE N 92 -47.86 38.41 -115.73
CA PHE N 92 -46.53 39.00 -115.77
C PHE N 92 -46.38 39.95 -116.95
N TYR N 93 -46.91 39.60 -118.13
CA TYR N 93 -46.61 40.35 -119.33
C TYR N 93 -47.74 41.24 -119.80
N ASN N 94 -48.97 40.76 -119.79
CA ASN N 94 -50.11 41.55 -120.24
C ASN N 94 -50.69 42.44 -119.15
N GLU N 95 -50.51 42.07 -117.87
CA GLU N 95 -51.10 42.81 -116.76
C GLU N 95 -50.06 43.53 -115.91
N LEU N 96 -48.96 42.87 -115.56
CA LEU N 96 -47.91 43.53 -114.79
C LEU N 96 -46.86 44.19 -115.68
N ARG N 97 -46.80 43.81 -116.95
CA ARG N 97 -45.83 44.34 -117.90
C ARG N 97 -44.41 44.19 -117.36
N VAL N 98 -44.13 43.03 -116.78
CA VAL N 98 -42.84 42.74 -116.15
C VAL N 98 -42.31 41.41 -116.64
N ALA N 99 -40.98 41.31 -116.70
CA ALA N 99 -40.32 40.06 -117.05
C ALA N 99 -39.78 39.43 -115.78
N PRO N 100 -40.08 38.16 -115.51
CA PRO N 100 -39.60 37.54 -114.26
C PRO N 100 -38.12 37.21 -114.25
N GLU N 101 -37.39 37.49 -115.34
CA GLU N 101 -35.96 37.21 -115.38
C GLU N 101 -35.19 38.01 -114.33
N GLU N 102 -35.55 39.28 -114.16
CA GLU N 102 -34.76 40.22 -113.35
C GLU N 102 -35.36 40.48 -111.98
N HIS N 103 -36.43 39.78 -111.59
CA HIS N 103 -37.04 40.01 -110.28
C HIS N 103 -37.37 38.70 -109.58
N PRO N 104 -36.78 38.46 -108.41
CA PRO N 104 -37.20 37.31 -107.60
C PRO N 104 -38.64 37.44 -107.16
N THR N 105 -39.28 36.28 -106.93
CA THR N 105 -40.71 36.23 -106.64
C THR N 105 -40.96 35.73 -105.23
N LEU N 106 -41.77 36.48 -104.49
CA LEU N 106 -42.32 36.03 -103.21
C LEU N 106 -43.78 35.64 -103.43
N LEU N 107 -44.10 34.38 -103.16
CA LEU N 107 -45.44 33.85 -103.34
C LEU N 107 -46.03 33.42 -102.02
N THR N 108 -47.36 33.45 -101.96
CA THR N 108 -48.10 32.96 -100.79
C THR N 108 -48.96 31.78 -101.22
N GLU N 109 -49.00 30.75 -100.38
CA GLU N 109 -49.73 29.54 -100.69
C GLU N 109 -50.79 29.27 -99.63
N ALA N 110 -51.82 28.54 -100.04
CA ALA N 110 -52.89 28.19 -99.12
C ALA N 110 -52.35 27.34 -97.97
N PRO N 111 -52.90 27.50 -96.76
CA PRO N 111 -52.38 26.77 -95.60
C PRO N 111 -52.43 25.26 -95.82
N LEU N 112 -51.38 24.58 -95.38
CA LEU N 112 -51.31 23.11 -95.43
C LEU N 112 -51.46 22.58 -96.85
N ASN N 113 -50.87 23.29 -97.81
CA ASN N 113 -50.92 22.83 -99.19
C ASN N 113 -50.03 21.60 -99.35
N PRO N 114 -50.34 20.71 -100.29
CA PRO N 114 -49.57 19.47 -100.42
C PRO N 114 -48.09 19.75 -100.66
N LYS N 115 -47.24 18.92 -100.04
CA LYS N 115 -45.81 19.04 -100.27
C LYS N 115 -45.45 18.57 -101.67
N ALA N 116 -46.14 17.54 -102.17
CA ALA N 116 -45.96 17.12 -103.56
C ALA N 116 -46.41 18.22 -104.52
N ASN N 117 -47.50 18.92 -104.17
CA ASN N 117 -47.94 20.06 -104.95
C ASN N 117 -46.87 21.13 -105.00
N ARG N 118 -46.23 21.40 -103.85
CA ARG N 118 -45.16 22.39 -103.82
C ARG N 118 -43.98 21.97 -104.69
N GLU N 119 -43.58 20.69 -104.59
CA GLU N 119 -42.44 20.20 -105.34
C GLU N 119 -42.70 20.23 -106.86
N LYS N 120 -43.90 19.84 -107.31
CA LYS N 120 -44.22 19.89 -108.74
C LYS N 120 -44.36 21.32 -109.24
N MET N 121 -45.07 22.17 -108.50
CA MET N 121 -45.26 23.55 -108.94
C MET N 121 -43.93 24.29 -109.00
N THR N 122 -43.05 24.05 -108.01
CA THR N 122 -41.74 24.71 -108.04
C THR N 122 -40.91 24.21 -109.21
N GLN N 123 -40.99 22.91 -109.52
CA GLN N 123 -40.16 22.37 -110.60
C GLN N 123 -40.63 22.90 -111.96
N ILE N 124 -41.93 22.83 -112.23
CA ILE N 124 -42.46 23.37 -113.48
C ILE N 124 -42.17 24.86 -113.58
N MET N 125 -42.33 25.59 -112.48
CA MET N 125 -42.00 27.00 -112.45
C MET N 125 -40.56 27.25 -112.87
N PHE N 126 -39.61 26.62 -112.18
CA PHE N 126 -38.19 26.86 -112.45
C PHE N 126 -37.83 26.48 -113.88
N GLU N 127 -38.38 25.37 -114.39
CA GLU N 127 -38.07 25.00 -115.78
C GLU N 127 -38.71 25.97 -116.77
N THR N 128 -40.01 26.23 -116.62
CA THR N 128 -40.71 27.07 -117.57
C THR N 128 -40.24 28.53 -117.50
N PHE N 129 -40.13 29.07 -116.30
CA PHE N 129 -39.78 30.48 -116.12
C PHE N 129 -38.30 30.61 -115.80
N ASN N 130 -37.83 31.86 -115.76
CA ASN N 130 -36.44 32.18 -115.48
C ASN N 130 -36.32 33.12 -114.29
N VAL N 131 -37.15 32.91 -113.28
CA VAL N 131 -37.08 33.76 -112.08
C VAL N 131 -35.71 33.58 -111.42
N PRO N 132 -35.05 34.66 -110.98
CA PRO N 132 -33.72 34.47 -110.37
C PRO N 132 -33.78 33.79 -109.03
N ALA N 133 -34.77 34.12 -108.20
CA ALA N 133 -34.83 33.61 -106.84
C ALA N 133 -36.28 33.48 -106.41
N MET N 134 -36.49 32.73 -105.33
CA MET N 134 -37.81 32.28 -104.93
C MET N 134 -37.98 32.33 -103.42
N TYR N 135 -39.22 32.56 -103.01
CA TYR N 135 -39.63 32.31 -101.64
C TYR N 135 -41.14 32.15 -101.63
N VAL N 136 -41.62 31.13 -100.92
CA VAL N 136 -43.05 30.90 -100.76
C VAL N 136 -43.37 30.75 -99.28
N ALA N 137 -44.49 31.35 -98.87
CA ALA N 137 -44.86 31.39 -97.46
C ALA N 137 -46.34 31.13 -97.31
N ILE N 138 -46.72 30.69 -96.11
CA ILE N 138 -48.13 30.47 -95.78
C ILE N 138 -48.84 31.80 -95.60
N GLN N 139 -50.09 31.89 -96.08
CA GLN N 139 -50.83 33.15 -95.98
C GLN N 139 -51.16 33.52 -94.55
N ALA N 140 -51.06 32.57 -93.62
CA ALA N 140 -51.40 32.85 -92.22
C ALA N 140 -50.44 33.87 -91.62
N VAL N 141 -49.13 33.63 -91.76
CA VAL N 141 -48.15 34.56 -91.22
C VAL N 141 -48.20 35.87 -91.99
N LEU N 142 -48.59 35.84 -93.27
CA LEU N 142 -48.76 37.07 -94.03
C LEU N 142 -49.87 37.94 -93.44
N SER N 143 -51.02 37.33 -93.13
CA SER N 143 -52.09 38.09 -92.49
C SER N 143 -51.66 38.57 -91.11
N LEU N 144 -50.90 37.75 -90.39
CA LEU N 144 -50.31 38.17 -89.13
C LEU N 144 -49.46 39.42 -89.31
N TYR N 145 -48.62 39.43 -90.34
CA TYR N 145 -47.75 40.56 -90.61
C TYR N 145 -48.58 41.79 -90.93
N ALA N 146 -49.65 41.62 -91.69
CA ALA N 146 -50.56 42.72 -91.98
C ALA N 146 -51.17 43.27 -90.70
N SER N 147 -51.54 42.40 -89.76
CA SER N 147 -52.00 42.88 -88.46
C SER N 147 -50.85 43.41 -87.62
N GLY N 148 -49.63 42.91 -87.83
CA GLY N 148 -48.48 43.39 -87.09
C GLY N 148 -48.52 43.08 -85.62
N ARG N 149 -49.06 41.91 -85.24
CA ARG N 149 -49.09 41.48 -83.85
C ARG N 149 -48.83 39.98 -83.81
N THR N 150 -47.76 39.60 -83.12
CA THR N 150 -47.28 38.22 -83.12
C THR N 150 -48.20 37.23 -82.43
N THR N 151 -49.22 37.68 -81.71
CA THR N 151 -50.12 36.79 -80.98
C THR N 151 -51.51 36.85 -81.58
N GLY N 152 -52.11 35.71 -81.80
CA GLY N 152 -53.48 35.65 -82.29
C GLY N 152 -53.74 34.38 -83.07
N ILE N 153 -55.02 34.12 -83.30
CA ILE N 153 -55.48 33.00 -84.12
C ILE N 153 -56.08 33.56 -85.40
N VAL N 154 -55.57 33.11 -86.53
CA VAL N 154 -55.96 33.61 -87.85
C VAL N 154 -57.03 32.70 -88.41
N LEU N 155 -58.15 33.32 -88.79
CA LEU N 155 -59.22 32.66 -89.53
C LEU N 155 -59.11 33.11 -90.98
N ASP N 156 -58.50 32.28 -91.82
CA ASP N 156 -58.35 32.56 -93.25
C ASP N 156 -59.54 31.95 -94.00
N SER N 157 -60.45 32.81 -94.46
CA SER N 157 -61.64 32.37 -95.18
C SER N 157 -61.45 32.64 -96.67
N GLY N 158 -60.81 31.70 -97.36
CA GLY N 158 -60.67 31.75 -98.80
C GLY N 158 -61.95 31.33 -99.50
N ASP N 159 -61.81 31.10 -100.81
CA ASP N 159 -62.94 30.65 -101.63
C ASP N 159 -63.01 29.13 -101.76
N GLY N 160 -62.02 28.40 -101.26
CA GLY N 160 -62.08 26.95 -101.30
C GLY N 160 -62.03 26.29 -99.94
N VAL N 161 -61.32 26.91 -99.00
CA VAL N 161 -61.13 26.35 -97.66
C VAL N 161 -61.16 27.50 -96.65
N THR N 162 -61.61 27.18 -95.43
CA THR N 162 -61.45 28.07 -94.28
C THR N 162 -60.52 27.42 -93.28
N HIS N 163 -59.44 28.13 -92.94
CA HIS N 163 -58.39 27.60 -92.09
C HIS N 163 -58.37 28.35 -90.77
N ASN N 164 -58.25 27.61 -89.67
CA ASN N 164 -58.00 28.23 -88.37
C ASN N 164 -56.61 27.82 -87.91
N VAL N 165 -55.77 28.83 -87.66
CA VAL N 165 -54.36 28.63 -87.34
C VAL N 165 -53.99 29.48 -86.13
N PRO N 166 -53.59 28.89 -85.01
CA PRO N 166 -53.13 29.72 -83.89
C PRO N 166 -51.63 29.97 -83.94
N ILE N 167 -51.25 31.21 -83.66
CA ILE N 167 -49.84 31.59 -83.61
C ILE N 167 -49.64 32.47 -82.39
N TYR N 168 -48.78 32.02 -81.47
CA TYR N 168 -48.52 32.75 -80.25
C TYR N 168 -47.10 33.30 -80.31
N GLU N 169 -46.98 34.61 -80.10
CA GLU N 169 -45.70 35.31 -80.11
C GLU N 169 -44.90 34.95 -81.37
N GLY N 170 -45.58 35.01 -82.51
CA GLY N 170 -44.94 34.74 -83.79
C GLY N 170 -44.38 33.35 -83.92
N TYR N 171 -45.06 32.32 -83.35
CA TYR N 171 -44.65 30.91 -83.56
C TYR N 171 -45.86 30.05 -84.01
N ALA N 172 -45.77 29.39 -85.17
CA ALA N 172 -46.86 28.57 -85.71
C ALA N 172 -47.16 27.39 -84.80
N LEU N 173 -48.45 27.03 -84.74
CA LEU N 173 -48.94 25.90 -83.95
C LEU N 173 -49.65 24.90 -84.85
N PRO N 174 -48.91 24.15 -85.66
CA PRO N 174 -49.57 23.20 -86.59
C PRO N 174 -50.42 22.16 -85.88
N HIS N 175 -50.09 21.82 -84.63
CA HIS N 175 -50.88 20.83 -83.89
C HIS N 175 -52.30 21.30 -83.63
N ALA N 176 -52.53 22.61 -83.68
CA ALA N 176 -53.85 23.18 -83.43
C ALA N 176 -54.38 23.91 -84.67
N ILE N 177 -53.96 23.48 -85.85
CA ILE N 177 -54.40 24.08 -87.11
C ILE N 177 -55.35 23.12 -87.81
N MET N 178 -56.45 23.66 -88.32
CA MET N 178 -57.46 22.86 -89.00
C MET N 178 -57.97 23.54 -90.26
N ARG N 179 -58.39 22.72 -91.22
CA ARG N 179 -58.97 23.15 -92.48
C ARG N 179 -60.40 22.64 -92.56
N LEU N 180 -61.32 23.53 -92.92
CA LEU N 180 -62.73 23.21 -93.09
C LEU N 180 -63.12 23.45 -94.54
N ASP N 181 -63.83 22.49 -95.11
CA ASP N 181 -64.22 22.48 -96.52
C ASP N 181 -65.38 23.41 -96.83
N LEU N 182 -65.73 24.32 -95.92
CA LEU N 182 -66.77 25.31 -96.18
C LEU N 182 -66.10 26.60 -96.63
N ALA N 183 -66.62 27.18 -97.70
CA ALA N 183 -66.03 28.38 -98.29
C ALA N 183 -67.07 28.99 -99.23
N GLY N 184 -66.61 29.89 -100.10
CA GLY N 184 -67.52 30.59 -100.98
C GLY N 184 -68.33 29.63 -101.81
N ARG N 185 -67.69 28.55 -102.29
CA ARG N 185 -68.38 27.58 -103.13
C ARG N 185 -69.63 27.08 -102.43
N ASP N 186 -69.49 26.65 -101.17
CA ASP N 186 -70.61 26.17 -100.40
C ASP N 186 -71.69 27.25 -100.28
N LEU N 187 -71.25 28.49 -99.97
CA LEU N 187 -72.20 29.59 -99.83
C LEU N 187 -73.05 29.74 -101.07
N THR N 188 -72.40 29.78 -102.24
CA THR N 188 -73.11 29.89 -103.51
C THR N 188 -74.04 28.71 -103.72
N ASP N 189 -73.58 27.49 -103.46
CA ASP N 189 -74.41 26.30 -103.60
C ASP N 189 -75.68 26.40 -102.76
N TYR N 190 -75.51 26.57 -101.45
CA TYR N 190 -76.66 26.69 -100.55
C TYR N 190 -77.61 27.79 -101.00
N LEU N 191 -77.07 28.96 -101.37
CA LEU N 191 -77.93 30.03 -101.85
C LEU N 191 -78.64 29.63 -103.14
N MET N 192 -77.97 28.86 -103.98
CA MET N 192 -78.57 28.35 -105.22
C MET N 192 -79.78 27.49 -104.91
N LYS N 193 -79.65 26.58 -103.94
CA LYS N 193 -80.79 25.71 -103.64
C LYS N 193 -81.92 26.50 -103.00
N ILE N 194 -81.60 27.48 -102.13
CA ILE N 194 -82.67 28.28 -101.55
C ILE N 194 -83.37 29.12 -102.61
N LEU N 195 -82.61 29.73 -103.52
CA LEU N 195 -83.23 30.47 -104.61
C LEU N 195 -84.04 29.56 -105.52
N THR N 196 -83.60 28.31 -105.69
CA THR N 196 -84.42 27.31 -106.38
C THR N 196 -85.75 27.12 -105.67
N GLU N 197 -85.72 27.03 -104.33
CA GLU N 197 -86.96 26.99 -103.58
C GLU N 197 -87.72 28.32 -103.61
N ARG N 198 -87.09 29.39 -104.05
CA ARG N 198 -87.77 30.66 -104.23
C ARG N 198 -88.36 30.83 -105.63
N GLY N 199 -88.10 29.90 -106.53
CA GLY N 199 -88.66 29.92 -107.87
C GLY N 199 -87.67 30.16 -108.98
N TYR N 200 -86.41 30.45 -108.66
CA TYR N 200 -85.38 30.77 -109.65
C TYR N 200 -84.30 29.70 -109.60
N SER N 201 -84.18 28.93 -110.67
CA SER N 201 -83.31 27.74 -110.69
C SER N 201 -82.32 27.90 -111.84
N PHE N 202 -81.07 28.23 -111.51
CA PHE N 202 -80.01 28.35 -112.50
C PHE N 202 -78.83 27.47 -112.09
N VAL N 203 -78.05 27.06 -113.10
CA VAL N 203 -76.95 26.12 -112.89
C VAL N 203 -75.62 26.72 -113.33
N THR N 204 -75.67 27.62 -114.32
CA THR N 204 -74.45 28.12 -114.94
C THR N 204 -73.71 29.11 -114.03
N THR N 205 -72.45 29.38 -114.40
CA THR N 205 -71.55 30.15 -113.55
C THR N 205 -71.85 31.65 -113.55
N ALA N 206 -72.48 32.17 -114.61
CA ALA N 206 -72.81 33.59 -114.62
C ALA N 206 -73.75 33.92 -113.47
N GLU N 207 -74.73 33.05 -113.26
CA GLU N 207 -75.63 33.26 -112.14
C GLU N 207 -74.88 32.98 -110.85
N ARG N 208 -73.83 32.16 -110.85
CA ARG N 208 -73.03 31.95 -109.66
C ARG N 208 -72.39 33.26 -109.23
N GLU N 209 -71.84 33.99 -110.20
CA GLU N 209 -71.22 35.28 -109.90
C GLU N 209 -72.28 36.31 -109.49
N ILE N 210 -73.45 36.26 -110.13
CA ILE N 210 -74.54 37.15 -109.73
C ILE N 210 -74.93 36.92 -108.27
N VAL N 211 -75.06 35.65 -107.88
CA VAL N 211 -75.51 35.38 -106.51
C VAL N 211 -74.39 35.64 -105.50
N ARG N 212 -73.11 35.48 -105.88
CA ARG N 212 -72.06 35.88 -104.95
C ARG N 212 -72.02 37.40 -104.82
N ASP N 213 -72.33 38.12 -105.90
CA ASP N 213 -72.47 39.57 -105.80
C ASP N 213 -73.61 39.93 -104.85
N ILE N 214 -74.72 39.20 -104.94
CA ILE N 214 -75.83 39.41 -104.01
C ILE N 214 -75.35 39.18 -102.58
N LYS N 215 -74.54 38.13 -102.37
CA LYS N 215 -73.98 37.89 -101.04
C LYS N 215 -73.09 39.05 -100.60
N GLU N 216 -72.34 39.64 -101.54
CA GLU N 216 -71.49 40.77 -101.21
C GLU N 216 -72.33 41.98 -100.79
N LYS N 217 -73.49 42.17 -101.43
CA LYS N 217 -74.26 43.39 -101.22
C LYS N 217 -75.25 43.28 -100.07
N LEU N 218 -76.17 42.32 -100.13
CA LEU N 218 -77.36 42.35 -99.30
C LEU N 218 -77.33 41.41 -98.09
N CYS N 219 -76.42 40.45 -98.04
CA CYS N 219 -76.55 39.39 -97.05
C CYS N 219 -76.33 39.90 -95.63
N TYR N 220 -77.12 39.35 -94.70
CA TYR N 220 -76.99 39.57 -93.27
C TYR N 220 -76.33 38.37 -92.59
N VAL N 221 -75.85 38.61 -91.39
CA VAL N 221 -75.53 37.56 -90.43
C VAL N 221 -76.50 37.69 -89.26
N ALA N 222 -77.43 36.74 -89.15
CA ALA N 222 -78.52 36.84 -88.19
C ALA N 222 -77.99 36.88 -86.77
N LEU N 223 -78.50 37.82 -85.98
CA LEU N 223 -78.15 37.85 -84.56
C LEU N 223 -78.80 36.69 -83.80
N ASP N 224 -80.07 36.43 -84.06
CA ASP N 224 -80.80 35.27 -83.56
C ASP N 224 -81.51 34.67 -84.75
N PHE N 225 -81.36 33.37 -84.96
CA PHE N 225 -81.74 32.81 -86.26
C PHE N 225 -83.24 32.59 -86.38
N GLU N 226 -83.79 31.68 -85.58
CA GLU N 226 -85.18 31.30 -85.77
C GLU N 226 -86.12 32.45 -85.44
N ASN N 227 -85.74 33.29 -84.47
CA ASN N 227 -86.54 34.49 -84.17
C ASN N 227 -86.54 35.45 -85.36
N GLU N 228 -85.42 35.54 -86.08
CA GLU N 228 -85.40 36.44 -87.23
C GLU N 228 -86.17 35.89 -88.42
N MET N 229 -86.19 34.58 -88.65
CA MET N 229 -87.15 34.11 -89.65
C MET N 229 -88.59 34.27 -89.18
N ALA N 230 -88.84 34.12 -87.88
CA ALA N 230 -90.20 34.31 -87.37
C ALA N 230 -90.69 35.73 -87.60
N THR N 231 -89.84 36.72 -87.35
CA THR N 231 -90.20 38.09 -87.67
C THR N 231 -90.01 38.43 -89.15
N ALA N 232 -89.30 37.59 -89.91
CA ALA N 232 -89.14 37.79 -91.34
C ALA N 232 -90.25 37.13 -92.15
N ALA N 233 -91.21 36.50 -91.48
CA ALA N 233 -92.39 35.97 -92.15
C ALA N 233 -92.97 36.98 -93.15
N SER N 234 -93.39 38.15 -92.67
CA SER N 234 -93.79 39.23 -93.57
C SER N 234 -92.67 40.24 -93.82
N SER N 235 -92.18 40.90 -92.77
CA SER N 235 -91.04 41.80 -92.91
C SER N 235 -91.00 42.57 -94.21
N SER N 236 -91.94 43.46 -94.40
CA SER N 236 -91.88 44.28 -95.62
C SER N 236 -90.65 45.18 -95.62
N SER N 237 -90.35 45.81 -94.48
CA SER N 237 -89.16 46.66 -94.39
C SER N 237 -87.88 45.82 -94.37
N LEU N 238 -87.86 44.75 -93.56
CA LEU N 238 -86.65 43.96 -93.42
C LEU N 238 -86.30 43.20 -94.70
N GLU N 239 -87.31 42.79 -95.48
CA GLU N 239 -87.05 42.14 -96.75
C GLU N 239 -86.37 43.10 -97.72
N LYS N 240 -85.37 42.60 -98.44
CA LYS N 240 -84.54 43.46 -99.27
C LYS N 240 -84.50 42.94 -100.70
N SER N 241 -84.37 43.86 -101.65
CA SER N 241 -84.44 43.52 -103.06
C SER N 241 -83.13 43.86 -103.75
N TYR N 242 -82.92 43.23 -104.90
CA TYR N 242 -81.78 43.49 -105.76
C TYR N 242 -82.24 43.70 -107.19
N GLU N 243 -81.48 44.53 -107.91
CA GLU N 243 -81.74 44.85 -109.31
C GLU N 243 -80.72 44.09 -110.15
N LEU N 244 -81.15 42.96 -110.71
CA LEU N 244 -80.28 42.16 -111.55
C LEU N 244 -79.98 42.88 -112.86
N PRO N 245 -78.79 42.65 -113.44
CA PRO N 245 -78.38 43.44 -114.61
C PRO N 245 -79.35 43.38 -115.77
N ASP N 246 -80.09 42.28 -115.93
CA ASP N 246 -81.14 42.24 -116.94
C ASP N 246 -82.28 43.21 -116.64
N GLY N 247 -82.39 43.67 -115.40
CA GLY N 247 -83.43 44.60 -115.00
C GLY N 247 -84.52 44.05 -114.11
N GLN N 248 -84.64 42.74 -113.94
CA GLN N 248 -85.69 42.22 -113.06
C GLN N 248 -85.32 42.47 -111.60
N VAL N 249 -86.35 42.71 -110.80
CA VAL N 249 -86.19 42.96 -109.37
C VAL N 249 -86.42 41.64 -108.65
N ILE N 250 -85.38 41.15 -107.99
CA ILE N 250 -85.45 39.88 -107.25
C ILE N 250 -85.39 40.19 -105.76
N THR N 251 -86.43 39.76 -105.05
CA THR N 251 -86.61 40.08 -103.65
C THR N 251 -86.24 38.87 -102.78
N ILE N 252 -85.44 39.11 -101.74
CA ILE N 252 -85.00 38.08 -100.82
C ILE N 252 -85.17 38.61 -99.39
N GLY N 253 -85.66 37.73 -98.51
CA GLY N 253 -85.87 38.13 -97.13
C GLY N 253 -84.94 37.46 -96.13
N ASN N 254 -85.44 36.41 -95.47
CA ASN N 254 -84.64 35.72 -94.47
C ASN N 254 -83.38 35.08 -95.07
N GLU N 255 -83.41 34.75 -96.37
CA GLU N 255 -82.26 34.11 -97.00
C GLU N 255 -80.99 34.92 -96.83
N ARG N 256 -81.12 36.25 -96.74
CA ARG N 256 -79.96 37.12 -96.55
C ARG N 256 -79.13 36.67 -95.36
N PHE N 257 -79.78 36.35 -94.24
CA PHE N 257 -79.06 35.85 -93.08
C PHE N 257 -79.20 34.34 -92.90
N ARG N 258 -79.88 33.65 -93.81
CA ARG N 258 -79.88 32.19 -93.75
C ARG N 258 -78.79 31.55 -94.58
N CYS N 259 -78.12 32.32 -95.45
CA CYS N 259 -76.98 31.78 -96.22
C CYS N 259 -75.62 31.68 -95.51
N PRO N 260 -75.13 32.77 -94.86
CA PRO N 260 -73.87 32.60 -94.12
C PRO N 260 -74.05 31.67 -92.94
N GLU N 261 -75.28 31.50 -92.47
CA GLU N 261 -75.57 30.65 -91.33
C GLU N 261 -75.21 29.20 -91.61
N THR N 262 -75.13 28.79 -92.87
CA THR N 262 -74.71 27.43 -93.15
C THR N 262 -73.31 27.17 -92.61
N LEU N 263 -72.40 28.13 -92.71
CA LEU N 263 -71.07 27.93 -92.10
C LEU N 263 -71.20 27.80 -90.60
N PHE N 264 -71.99 28.66 -89.97
CA PHE N 264 -72.22 28.60 -88.52
C PHE N 264 -72.98 27.36 -88.10
N GLN N 265 -73.93 26.92 -88.91
CA GLN N 265 -74.76 25.74 -88.60
C GLN N 265 -74.62 24.75 -89.78
N PRO N 266 -73.56 23.91 -89.76
CA PRO N 266 -73.33 23.02 -90.91
C PRO N 266 -74.38 21.93 -91.07
N SER N 267 -75.15 21.62 -90.03
CA SER N 267 -76.16 20.58 -90.11
C SER N 267 -77.23 20.88 -91.15
N PHE N 268 -77.33 22.12 -91.63
CA PHE N 268 -78.29 22.44 -92.67
C PHE N 268 -78.05 21.60 -93.92
N ILE N 269 -76.79 21.45 -94.34
CA ILE N 269 -76.51 20.61 -95.50
C ILE N 269 -75.54 19.48 -95.16
N GLY N 270 -75.54 19.05 -93.90
CA GLY N 270 -74.91 17.79 -93.57
C GLY N 270 -73.41 17.72 -93.44
N MET N 271 -72.84 18.43 -92.47
CA MET N 271 -71.44 18.25 -92.08
C MET N 271 -71.38 17.78 -90.64
N GLU N 272 -70.52 16.79 -90.38
CA GLU N 272 -70.28 16.36 -89.01
C GLU N 272 -69.66 17.48 -88.19
N SER N 273 -68.71 18.22 -88.78
CA SER N 273 -68.09 19.34 -88.08
C SER N 273 -69.14 20.40 -87.76
N ALA N 274 -69.02 20.98 -86.57
CA ALA N 274 -69.94 22.03 -86.15
C ALA N 274 -69.51 23.36 -86.77
N GLY N 275 -70.08 24.45 -86.29
CA GLY N 275 -69.76 25.76 -86.83
C GLY N 275 -68.29 26.11 -86.66
N ILE N 276 -67.85 27.08 -87.46
CA ILE N 276 -66.45 27.49 -87.44
C ILE N 276 -66.03 28.05 -86.08
N HIS N 277 -66.99 28.57 -85.30
CA HIS N 277 -66.66 29.01 -83.95
C HIS N 277 -66.26 27.82 -83.08
N GLU N 278 -66.91 26.66 -83.26
CA GLU N 278 -66.45 25.47 -82.56
C GLU N 278 -65.04 25.07 -83.00
N THR N 279 -64.71 25.29 -84.28
CA THR N 279 -63.38 24.93 -84.77
C THR N 279 -62.37 25.89 -84.17
N THR N 280 -62.68 27.15 -83.98
CA THR N 280 -61.75 28.02 -83.28
C THR N 280 -61.64 27.65 -81.81
N TYR N 281 -62.77 27.33 -81.16
CA TYR N 281 -62.76 26.88 -79.78
C TYR N 281 -61.89 25.64 -79.53
N ASN N 282 -62.15 24.55 -80.25
CA ASN N 282 -61.32 23.35 -80.08
C ASN N 282 -59.86 23.71 -80.33
N SER N 283 -59.58 24.45 -81.40
CA SER N 283 -58.21 24.83 -81.72
C SER N 283 -57.57 25.48 -80.50
N ILE N 284 -58.31 26.38 -79.85
CA ILE N 284 -57.75 27.08 -78.69
C ILE N 284 -57.43 26.09 -77.57
N MET N 285 -58.40 25.25 -77.17
CA MET N 285 -58.11 24.36 -76.05
C MET N 285 -57.03 23.31 -76.32
N LYS N 286 -56.78 22.93 -77.58
CA LYS N 286 -55.77 21.92 -77.87
C LYS N 286 -54.43 22.34 -77.28
N CYS N 287 -54.13 23.63 -77.26
CA CYS N 287 -52.86 24.16 -76.79
C CYS N 287 -52.98 24.42 -75.29
N ASP N 288 -51.84 24.71 -74.65
CA ASP N 288 -51.84 24.97 -73.20
C ASP N 288 -52.93 25.94 -72.78
N ILE N 289 -53.46 25.69 -71.58
CA ILE N 289 -54.57 26.45 -71.03
C ILE N 289 -54.25 27.94 -70.95
N ASP N 290 -53.07 28.28 -70.41
CA ASP N 290 -52.83 29.65 -69.94
C ASP N 290 -52.99 30.69 -71.03
N ILE N 291 -52.35 30.49 -72.19
CA ILE N 291 -52.38 31.51 -73.23
C ILE N 291 -53.72 31.59 -73.91
N ARG N 292 -54.65 30.67 -73.59
CA ARG N 292 -55.91 30.63 -74.30
C ARG N 292 -56.64 31.96 -74.20
N LYS N 293 -56.57 32.60 -73.02
CA LYS N 293 -57.21 33.90 -72.86
C LYS N 293 -56.69 34.90 -73.89
N ASP N 294 -55.37 34.94 -74.08
CA ASP N 294 -54.81 35.83 -75.09
C ASP N 294 -55.33 35.49 -76.47
N LEU N 295 -55.44 34.19 -76.78
CA LEU N 295 -56.02 33.80 -78.05
C LEU N 295 -57.44 34.34 -78.18
N TYR N 296 -58.21 34.27 -77.09
CA TYR N 296 -59.55 34.83 -77.09
C TYR N 296 -59.52 36.31 -77.41
N ALA N 297 -58.55 37.04 -76.86
CA ALA N 297 -58.51 38.48 -77.00
C ALA N 297 -57.76 38.94 -78.24
N ASN N 298 -57.10 38.03 -78.97
CA ASN N 298 -56.26 38.41 -80.09
C ASN N 298 -56.67 37.73 -81.39
N ASN N 299 -57.91 37.25 -81.49
CA ASN N 299 -58.34 36.59 -82.71
C ASN N 299 -58.39 37.56 -83.89
N VAL N 300 -57.89 37.10 -85.03
CA VAL N 300 -57.91 37.89 -86.26
C VAL N 300 -58.66 37.09 -87.31
N MET N 301 -59.34 37.80 -88.19
CA MET N 301 -60.04 37.19 -89.32
C MET N 301 -59.54 37.83 -90.61
N SER N 302 -59.34 37.02 -91.65
CA SER N 302 -58.79 37.50 -92.91
C SER N 302 -59.47 36.78 -94.07
N GLY N 303 -59.58 37.48 -95.20
CA GLY N 303 -60.14 36.94 -96.42
C GLY N 303 -61.09 37.93 -97.08
N GLY N 304 -61.39 37.67 -98.36
CA GLY N 304 -62.31 38.55 -99.08
C GLY N 304 -63.71 38.52 -98.52
N THR N 305 -64.13 37.36 -98.00
CA THR N 305 -65.46 37.24 -97.42
C THR N 305 -65.65 38.24 -96.29
N THR N 306 -64.59 38.51 -95.54
CA THR N 306 -64.66 39.40 -94.39
C THR N 306 -65.27 40.75 -94.72
N MET N 307 -65.37 41.13 -96.01
CA MET N 307 -66.09 42.37 -96.31
C MET N 307 -67.56 42.31 -95.91
N TYR N 308 -68.09 41.13 -95.56
CA TYR N 308 -69.49 41.09 -95.21
C TYR N 308 -69.67 41.58 -93.77
N PRO N 309 -70.84 42.10 -93.42
CA PRO N 309 -71.10 42.44 -92.02
C PRO N 309 -71.50 41.20 -91.23
N GLY N 310 -71.47 41.33 -89.90
CA GLY N 310 -72.02 40.33 -89.02
C GLY N 310 -71.05 39.28 -88.51
N ILE N 311 -69.89 39.07 -89.13
CA ILE N 311 -68.99 38.05 -88.61
C ILE N 311 -68.46 38.44 -87.23
N ALA N 312 -68.12 39.72 -87.01
CA ALA N 312 -67.54 40.13 -85.74
C ALA N 312 -68.48 39.93 -84.54
N ASP N 313 -69.71 40.45 -84.63
CA ASP N 313 -70.62 40.33 -83.50
C ASP N 313 -70.93 38.87 -83.20
N ARG N 314 -71.21 38.08 -84.25
CA ARG N 314 -71.52 36.68 -84.05
C ARG N 314 -70.33 35.99 -83.40
N MET N 315 -69.13 36.26 -83.92
CA MET N 315 -67.91 35.65 -83.42
C MET N 315 -67.80 35.86 -81.93
N GLN N 316 -67.75 37.14 -81.51
CA GLN N 316 -67.54 37.42 -80.10
C GLN N 316 -68.65 36.82 -79.24
N LYS N 317 -69.91 37.03 -79.61
CA LYS N 317 -70.99 36.54 -78.76
C LYS N 317 -70.88 35.03 -78.54
N GLU N 318 -70.72 34.25 -79.62
CA GLU N 318 -70.64 32.80 -79.44
C GLU N 318 -69.41 32.37 -78.66
N ILE N 319 -68.25 32.99 -78.89
CA ILE N 319 -67.08 32.60 -78.11
C ILE N 319 -67.30 32.92 -76.63
N THR N 320 -67.89 34.07 -76.32
CA THR N 320 -68.20 34.40 -74.94
C THR N 320 -69.22 33.42 -74.36
N ALA N 321 -70.15 32.94 -75.16
CA ALA N 321 -71.08 31.91 -74.70
C ALA N 321 -70.34 30.62 -74.36
N LEU N 322 -69.38 30.24 -75.21
CA LEU N 322 -68.64 28.99 -75.01
C LEU N 322 -67.58 29.10 -73.92
N ALA N 323 -66.82 30.20 -73.90
CA ALA N 323 -65.73 30.46 -72.99
C ALA N 323 -66.20 31.35 -71.84
N PRO N 324 -65.54 31.29 -70.68
CA PRO N 324 -65.95 32.17 -69.57
C PRO N 324 -65.82 33.63 -69.96
N SER N 325 -66.76 34.44 -69.45
CA SER N 325 -66.89 35.84 -69.81
C SER N 325 -66.16 36.78 -68.87
N THR N 326 -65.03 36.37 -68.29
CA THR N 326 -64.30 37.29 -67.43
C THR N 326 -63.53 38.29 -68.27
N MET N 327 -62.64 37.80 -69.14
CA MET N 327 -61.82 38.68 -69.94
C MET N 327 -62.64 39.12 -71.14
N LYS N 328 -62.41 40.34 -71.59
CA LYS N 328 -63.12 40.88 -72.75
C LYS N 328 -62.49 40.41 -74.06
N ILE N 329 -63.32 39.84 -74.94
CA ILE N 329 -62.89 39.40 -76.26
C ILE N 329 -63.23 40.47 -77.28
N LYS N 330 -62.24 40.82 -78.11
CA LYS N 330 -62.40 41.79 -79.18
C LYS N 330 -61.67 41.33 -80.43
N ILE N 331 -62.34 41.47 -81.57
CA ILE N 331 -61.80 41.10 -82.87
C ILE N 331 -61.19 42.33 -83.53
N ILE N 332 -60.14 42.13 -84.33
CA ILE N 332 -59.52 43.20 -85.09
C ILE N 332 -59.54 42.79 -86.55
N ALA N 333 -59.92 43.73 -87.42
CA ALA N 333 -60.01 43.47 -88.86
C ALA N 333 -59.88 44.77 -89.65
N PRO N 334 -58.70 45.08 -90.19
CA PRO N 334 -58.53 46.33 -90.94
C PRO N 334 -59.34 46.31 -92.23
N PRO N 335 -59.88 47.45 -92.64
CA PRO N 335 -60.60 47.51 -93.92
C PRO N 335 -59.73 47.11 -95.09
N GLU N 336 -60.36 46.46 -96.07
CA GLU N 336 -59.68 45.97 -97.28
C GLU N 336 -58.53 45.04 -96.91
N ARG N 337 -58.84 44.03 -96.11
CA ARG N 337 -57.84 43.09 -95.64
C ARG N 337 -57.54 41.97 -96.63
N LYS N 338 -58.32 41.85 -97.70
CA LYS N 338 -58.02 40.85 -98.72
C LYS N 338 -56.73 41.17 -99.46
N TYR N 339 -56.34 42.44 -99.50
CA TYR N 339 -55.03 42.83 -100.02
C TYR N 339 -53.94 42.70 -98.98
N SER N 340 -54.32 42.52 -97.71
CA SER N 340 -53.36 42.58 -96.60
C SER N 340 -52.24 41.58 -96.77
N VAL N 341 -52.55 40.35 -97.21
CA VAL N 341 -51.52 39.34 -97.42
C VAL N 341 -50.45 39.88 -98.37
N TRP N 342 -50.88 40.45 -99.49
CA TRP N 342 -49.92 41.00 -100.45
C TRP N 342 -49.11 42.11 -99.81
N ILE N 343 -49.76 42.93 -98.97
CA ILE N 343 -49.04 43.96 -98.24
C ILE N 343 -47.92 43.33 -97.42
N GLY N 344 -48.25 42.25 -96.70
CA GLY N 344 -47.23 41.56 -95.92
C GLY N 344 -46.09 41.06 -96.79
N GLY N 345 -46.40 40.65 -98.03
CA GLY N 345 -45.35 40.25 -98.93
C GLY N 345 -44.38 41.39 -99.18
N SER N 346 -44.94 42.59 -99.44
CA SER N 346 -44.11 43.77 -99.59
C SER N 346 -43.29 43.99 -98.32
N ILE N 347 -43.91 43.77 -97.16
CA ILE N 347 -43.20 43.93 -95.90
C ILE N 347 -42.01 42.99 -95.84
N LEU N 348 -42.18 41.76 -96.36
CA LEU N 348 -41.08 40.81 -96.37
C LEU N 348 -39.93 41.34 -97.21
N ALA N 349 -40.25 41.95 -98.35
CA ALA N 349 -39.19 42.49 -99.18
C ALA N 349 -38.64 43.80 -98.63
N SER N 350 -39.30 44.41 -97.64
CA SER N 350 -38.84 45.69 -97.12
C SER N 350 -37.47 45.58 -96.46
N LEU N 351 -37.26 44.55 -95.66
CA LEU N 351 -36.05 44.42 -94.86
C LEU N 351 -34.92 43.74 -95.64
N SER N 352 -33.69 44.04 -95.23
CA SER N 352 -32.50 43.61 -95.95
C SER N 352 -32.03 42.21 -95.58
N THR N 353 -32.69 41.56 -94.61
CA THR N 353 -32.36 40.17 -94.31
C THR N 353 -33.07 39.18 -95.23
N PHE N 354 -34.12 39.63 -95.94
CA PHE N 354 -34.90 38.74 -96.78
C PHE N 354 -34.08 38.11 -97.89
N GLN N 355 -33.08 38.82 -98.41
CA GLN N 355 -32.26 38.24 -99.47
C GLN N 355 -31.21 37.27 -98.96
N GLN N 356 -31.15 37.03 -97.65
CA GLN N 356 -30.29 35.95 -97.16
C GLN N 356 -30.84 34.57 -97.51
N MET N 357 -32.17 34.42 -97.64
CA MET N 357 -32.76 33.11 -97.92
C MET N 357 -33.62 33.08 -99.18
N TRP N 358 -33.29 33.90 -100.18
CA TRP N 358 -33.83 33.68 -101.51
C TRP N 358 -33.44 32.30 -102.03
N ILE N 359 -34.38 31.61 -102.65
CA ILE N 359 -34.15 30.30 -103.24
C ILE N 359 -33.61 30.52 -104.65
N THR N 360 -32.29 30.50 -104.79
CA THR N 360 -31.67 30.82 -106.06
C THR N 360 -31.77 29.65 -107.03
N LYS N 361 -31.45 29.93 -108.30
CA LYS N 361 -31.51 28.91 -109.35
C LYS N 361 -30.52 27.79 -109.10
N GLN N 362 -29.29 28.11 -108.69
CA GLN N 362 -28.26 27.08 -108.56
C GLN N 362 -28.56 26.09 -107.44
N GLU N 363 -29.21 26.53 -106.35
CA GLU N 363 -29.58 25.58 -105.31
C GLU N 363 -30.57 24.54 -105.84
N TYR N 364 -31.56 24.99 -106.60
CA TYR N 364 -32.51 24.07 -107.22
C TYR N 364 -31.83 23.17 -108.25
N ASP N 365 -30.88 23.72 -109.01
CA ASP N 365 -30.15 22.90 -109.96
C ASP N 365 -29.31 21.83 -109.27
N GLU N 366 -28.77 22.14 -108.08
CA GLU N 366 -27.99 21.15 -107.34
C GLU N 366 -28.88 20.06 -106.75
N ALA N 367 -29.83 20.45 -105.90
CA ALA N 367 -30.59 19.48 -105.12
C ALA N 367 -31.97 19.19 -105.69
N GLY N 368 -32.28 19.65 -106.89
CA GLY N 368 -33.60 19.46 -107.45
C GLY N 368 -34.65 20.24 -106.69
N PRO N 369 -35.92 19.85 -106.84
CA PRO N 369 -36.96 20.46 -106.00
C PRO N 369 -36.79 20.14 -104.53
N SER N 370 -36.16 19.02 -104.21
CA SER N 370 -36.08 18.55 -102.83
C SER N 370 -35.44 19.58 -101.91
N ILE N 371 -34.64 20.49 -102.46
CA ILE N 371 -33.96 21.50 -101.65
C ILE N 371 -34.97 22.35 -100.90
N VAL N 372 -36.17 22.56 -101.45
CA VAL N 372 -37.12 23.41 -100.73
C VAL N 372 -37.50 22.76 -99.41
N HIS N 373 -37.46 21.43 -99.33
CA HIS N 373 -37.80 20.73 -98.10
C HIS N 373 -36.87 21.17 -96.96
N ARG N 374 -35.68 21.64 -97.30
CA ARG N 374 -34.71 22.11 -96.33
C ARG N 374 -34.52 23.62 -96.38
N LYS N 375 -35.04 24.30 -97.41
CA LYS N 375 -34.76 25.72 -97.58
C LYS N 375 -35.88 26.62 -97.08
N CYS N 376 -37.12 26.15 -97.12
CA CYS N 376 -38.22 26.92 -96.56
C CYS N 376 -38.48 26.52 -95.12
N PHE N 377 -38.74 25.24 -94.88
CA PHE N 377 -38.85 24.72 -93.52
C PHE N 377 -37.66 23.83 -93.19
N ASP O 3 -117.66 4.87 -107.60
CA ASP O 3 -116.95 5.11 -106.34
C ASP O 3 -117.09 3.93 -105.39
N GLU O 4 -115.97 3.53 -104.79
CA GLU O 4 -115.99 2.46 -103.80
C GLU O 4 -116.76 2.88 -102.55
N ASP O 5 -117.42 1.91 -101.93
CA ASP O 5 -118.18 2.19 -100.72
C ASP O 5 -117.28 2.70 -99.60
N GLU O 6 -116.01 2.32 -99.60
CA GLU O 6 -115.08 2.73 -98.57
C GLU O 6 -114.51 4.11 -98.92
N THR O 7 -114.07 4.84 -97.89
CA THR O 7 -113.58 6.20 -98.03
C THR O 7 -112.09 6.25 -98.36
N THR O 8 -111.58 5.24 -99.07
CA THR O 8 -110.16 5.14 -99.42
C THR O 8 -109.66 6.40 -100.12
N ALA O 9 -108.36 6.64 -100.08
CA ALA O 9 -107.79 7.88 -100.54
C ALA O 9 -107.60 7.89 -102.05
N LEU O 10 -107.46 9.10 -102.59
CA LEU O 10 -107.10 9.30 -104.00
C LEU O 10 -105.58 9.28 -104.14
N VAL O 11 -105.10 8.66 -105.21
CA VAL O 11 -103.68 8.60 -105.52
C VAL O 11 -103.49 9.20 -106.91
N CYS O 12 -102.77 10.32 -106.98
CA CYS O 12 -102.61 11.06 -108.22
C CYS O 12 -101.14 11.45 -108.38
N ASP O 13 -100.54 10.99 -109.48
CA ASP O 13 -99.19 11.36 -109.87
C ASP O 13 -99.28 12.40 -110.96
N ASN O 14 -99.00 13.65 -110.63
CA ASN O 14 -98.92 14.72 -111.62
C ASN O 14 -97.48 14.82 -112.14
N GLY O 15 -97.06 13.75 -112.80
CA GLY O 15 -95.72 13.72 -113.35
C GLY O 15 -95.52 14.76 -114.44
N SER O 16 -94.29 15.23 -114.56
CA SER O 16 -93.94 16.26 -115.53
C SER O 16 -93.98 15.64 -116.92
N GLY O 17 -95.18 15.57 -117.47
CA GLY O 17 -95.39 14.97 -118.78
C GLY O 17 -96.60 14.07 -118.86
N LEU O 18 -97.03 13.53 -117.72
CA LEU O 18 -98.18 12.63 -117.68
C LEU O 18 -98.87 12.77 -116.34
N VAL O 19 -100.21 12.72 -116.35
CA VAL O 19 -101.01 12.73 -115.14
C VAL O 19 -101.70 11.37 -115.03
N LYS O 20 -101.48 10.69 -113.91
CA LYS O 20 -101.98 9.34 -113.69
C LYS O 20 -102.72 9.31 -112.36
N ALA O 21 -104.04 9.15 -112.39
CA ALA O 21 -104.86 9.28 -111.19
C ALA O 21 -105.72 8.04 -111.00
N GLY O 22 -106.03 7.76 -109.75
CA GLY O 22 -106.87 6.62 -109.43
C GLY O 22 -107.14 6.55 -107.94
N PHE O 23 -107.59 5.38 -107.50
CA PHE O 23 -107.95 5.14 -106.12
C PHE O 23 -106.84 4.39 -105.38
N ALA O 24 -106.76 4.61 -104.08
CA ALA O 24 -105.83 3.86 -103.25
C ALA O 24 -106.26 2.40 -103.14
N GLY O 25 -105.26 1.52 -103.04
CA GLY O 25 -105.49 0.09 -103.08
C GLY O 25 -105.55 -0.51 -104.46
N ASP O 26 -105.54 0.31 -105.51
CA ASP O 26 -105.51 -0.16 -106.88
C ASP O 26 -104.08 -0.38 -107.33
N ASP O 27 -103.91 -1.28 -108.30
CA ASP O 27 -102.57 -1.62 -108.78
C ASP O 27 -102.07 -0.64 -109.83
N ALA O 28 -102.95 -0.10 -110.66
CA ALA O 28 -102.56 0.85 -111.70
C ALA O 28 -103.50 2.04 -111.69
N PRO O 29 -103.02 3.22 -112.05
CA PRO O 29 -103.90 4.39 -112.13
C PRO O 29 -104.97 4.19 -113.20
N ARG O 30 -106.17 4.71 -112.92
CA ARG O 30 -107.29 4.50 -113.82
C ARG O 30 -107.30 5.49 -114.96
N ALA O 31 -107.09 6.78 -114.67
CA ALA O 31 -107.13 7.83 -115.68
C ALA O 31 -105.71 8.33 -115.91
N VAL O 32 -105.15 8.02 -117.07
CA VAL O 32 -103.79 8.41 -117.43
C VAL O 32 -103.86 9.21 -118.71
N PHE O 33 -103.37 10.44 -118.68
CA PHE O 33 -103.37 11.27 -119.87
C PHE O 33 -102.13 12.16 -119.92
N PRO O 34 -101.67 12.49 -121.12
CA PRO O 34 -100.55 13.45 -121.26
C PRO O 34 -100.96 14.84 -120.81
N SER O 35 -99.95 15.65 -120.49
CA SER O 35 -100.14 16.96 -119.89
C SER O 35 -100.29 18.07 -120.92
N ILE O 36 -100.74 17.76 -122.13
CA ILE O 36 -100.96 18.78 -123.16
C ILE O 36 -102.36 19.34 -122.95
N VAL O 37 -102.55 20.61 -123.29
CA VAL O 37 -103.85 21.28 -123.15
C VAL O 37 -104.14 22.06 -124.42
N GLY O 38 -105.29 21.81 -125.05
CA GLY O 38 -105.65 22.46 -126.29
C GLY O 38 -106.68 23.55 -126.12
N ARG O 39 -106.44 24.72 -126.76
CA ARG O 39 -107.43 25.83 -126.73
C ARG O 39 -107.73 26.35 -128.14
N PRO O 40 -109.07 26.65 -128.42
CA PRO O 40 -109.55 27.00 -129.76
C PRO O 40 -108.61 27.96 -130.48
N ARG O 41 -108.14 27.54 -131.66
CA ARG O 41 -107.23 28.37 -132.44
C ARG O 41 -107.90 29.63 -132.99
N HIS O 42 -109.23 29.63 -133.13
CA HIS O 42 -109.94 30.79 -133.66
C HIS O 42 -111.17 31.07 -132.82
N GLN O 43 -111.95 32.05 -133.25
CA GLN O 43 -113.13 32.53 -132.52
C GLN O 43 -114.41 31.84 -132.99
N GLY O 44 -115.48 32.10 -132.26
CA GLY O 44 -116.78 31.49 -132.49
C GLY O 44 -117.79 32.23 -133.34
N VAL O 45 -118.27 31.57 -134.39
CA VAL O 45 -119.27 32.13 -135.29
C VAL O 45 -120.32 31.06 -135.58
N MET O 46 -119.90 29.79 -135.69
CA MET O 46 -120.81 28.68 -135.85
C MET O 46 -121.61 28.40 -134.59
N VAL O 47 -122.48 27.42 -134.65
CA VAL O 47 -123.36 27.03 -133.55
C VAL O 47 -123.81 25.59 -133.80
N GLY O 48 -124.42 24.98 -132.79
CA GLY O 48 -124.93 23.62 -132.88
C GLY O 48 -124.08 22.54 -132.24
N MET O 49 -122.81 22.82 -131.95
CA MET O 49 -121.92 21.83 -131.38
C MET O 49 -120.61 22.49 -130.98
N GLY O 50 -119.81 21.78 -130.22
CA GLY O 50 -118.51 22.28 -129.80
C GLY O 50 -118.57 23.62 -129.08
N GLN O 51 -117.75 24.56 -129.53
CA GLN O 51 -117.65 25.91 -128.96
C GLN O 51 -117.33 25.85 -127.46
N LYS O 52 -116.35 25.03 -127.12
CA LYS O 52 -115.91 24.90 -125.73
C LYS O 52 -114.44 25.29 -125.68
N ASP O 53 -114.09 26.08 -124.66
CA ASP O 53 -112.73 26.56 -124.49
C ASP O 53 -111.73 25.45 -124.21
N SER O 54 -111.61 25.03 -122.95
CA SER O 54 -110.60 24.04 -122.58
C SER O 54 -110.92 22.67 -123.17
N TYR O 55 -109.89 22.04 -123.74
CA TYR O 55 -109.95 20.66 -124.21
C TYR O 55 -108.76 19.93 -123.61
N VAL O 56 -109.03 18.85 -122.88
CA VAL O 56 -107.99 18.09 -122.19
C VAL O 56 -108.16 16.61 -122.50
N GLY O 57 -107.06 15.87 -122.33
CA GLY O 57 -107.08 14.44 -122.47
C GLY O 57 -107.20 13.97 -123.91
N ASP O 58 -107.79 12.79 -124.08
CA ASP O 58 -107.92 12.22 -125.42
C ASP O 58 -108.77 13.10 -126.32
N GLU O 59 -109.68 13.90 -125.76
CA GLU O 59 -110.42 14.83 -126.58
C GLU O 59 -109.48 15.79 -127.30
N ALA O 60 -108.53 16.37 -126.58
CA ALA O 60 -107.56 17.24 -127.23
C ALA O 60 -106.64 16.46 -128.15
N GLN O 61 -106.33 15.20 -127.80
CA GLN O 61 -105.51 14.38 -128.69
C GLN O 61 -106.19 14.20 -130.04
N SER O 62 -107.51 13.96 -130.03
CA SER O 62 -108.26 13.87 -131.28
C SER O 62 -108.40 15.23 -131.94
N LYS O 63 -108.43 16.31 -131.16
CA LYS O 63 -108.64 17.64 -131.70
C LYS O 63 -107.35 18.45 -131.73
N ARG O 64 -106.22 17.77 -131.94
CA ARG O 64 -104.92 18.44 -131.91
C ARG O 64 -104.80 19.48 -133.01
N GLY O 65 -105.31 19.16 -134.20
CA GLY O 65 -105.14 20.04 -135.33
C GLY O 65 -105.86 21.36 -135.20
N ILE O 66 -107.00 21.37 -134.52
CA ILE O 66 -107.81 22.57 -134.44
C ILE O 66 -107.44 23.46 -133.27
N LEU O 67 -106.62 22.96 -132.35
CA LEU O 67 -106.34 23.65 -131.10
C LEU O 67 -104.89 24.10 -131.08
N THR O 68 -104.65 25.29 -130.53
CA THR O 68 -103.32 25.64 -130.10
C THR O 68 -102.97 24.79 -128.89
N LEU O 69 -101.89 24.01 -129.01
CA LEU O 69 -101.52 23.07 -127.97
C LEU O 69 -100.49 23.74 -127.07
N LYS O 70 -100.84 23.89 -125.79
CA LYS O 70 -100.05 24.62 -124.82
C LYS O 70 -99.77 23.72 -123.63
N TYR O 71 -98.68 24.02 -122.92
CA TYR O 71 -98.24 23.21 -121.81
C TYR O 71 -98.43 24.00 -120.52
N PRO O 72 -99.39 23.64 -119.66
CA PRO O 72 -99.55 24.38 -118.40
C PRO O 72 -98.35 24.28 -117.48
N ILE O 73 -97.49 23.27 -117.66
CA ILE O 73 -96.26 23.13 -116.89
C ILE O 73 -95.12 22.78 -117.85
N GLU O 74 -93.97 23.40 -117.63
CA GLU O 74 -92.78 23.06 -118.40
C GLU O 74 -91.58 23.17 -117.47
N GLY O 76 -91.35 22.17 -114.59
CA GLY O 76 -91.82 22.53 -113.26
C GLY O 76 -92.50 23.87 -113.13
N ILE O 77 -92.15 24.81 -114.03
CA ILE O 77 -92.72 26.15 -113.96
C ILE O 77 -94.20 26.11 -114.27
N ILE O 78 -94.99 26.87 -113.51
CA ILE O 78 -96.45 26.88 -113.63
C ILE O 78 -96.88 28.13 -114.38
N THR O 79 -97.67 27.93 -115.44
CA THR O 79 -98.20 29.05 -116.22
C THR O 79 -99.48 29.62 -115.62
N ASN O 80 -100.54 28.81 -115.62
CA ASN O 80 -101.87 29.27 -115.22
C ASN O 80 -102.55 28.22 -114.35
N TRP O 81 -102.81 28.57 -113.10
CA TRP O 81 -103.47 27.64 -112.18
C TRP O 81 -104.88 27.27 -112.63
N ASP O 82 -105.54 28.16 -113.38
CA ASP O 82 -106.86 27.81 -113.92
C ASP O 82 -106.79 26.56 -114.79
N ASP O 83 -105.69 26.38 -115.52
CA ASP O 83 -105.55 25.20 -116.36
C ASP O 83 -105.52 23.92 -115.52
N MET O 84 -104.75 23.94 -114.43
CA MET O 84 -104.76 22.81 -113.51
C MET O 84 -106.12 22.62 -112.87
N GLU O 85 -106.81 23.71 -112.53
CA GLU O 85 -108.16 23.62 -111.99
C GLU O 85 -109.06 22.83 -112.93
N LYS O 86 -109.08 23.23 -114.20
CA LYS O 86 -109.93 22.55 -115.17
C LYS O 86 -109.52 21.11 -115.39
N ILE O 87 -108.22 20.84 -115.51
CA ILE O 87 -107.82 19.47 -115.82
C ILE O 87 -108.09 18.56 -114.62
N TRP O 88 -107.93 19.07 -113.40
CA TRP O 88 -108.26 18.28 -112.22
C TRP O 88 -109.77 18.05 -112.11
N HIS O 89 -110.58 19.06 -112.43
CA HIS O 89 -112.02 18.86 -112.53
C HIS O 89 -112.35 17.72 -113.50
N HIS O 90 -111.75 17.78 -114.70
CA HIS O 90 -111.98 16.75 -115.71
C HIS O 90 -111.57 15.37 -115.19
N THR O 91 -110.39 15.29 -114.59
CA THR O 91 -109.88 14.01 -114.11
C THR O 91 -110.78 13.44 -113.02
N PHE O 92 -111.18 14.27 -112.06
CA PHE O 92 -111.95 13.79 -110.92
C PHE O 92 -113.36 13.39 -111.33
N TYR O 93 -114.02 14.16 -112.19
CA TYR O 93 -115.44 13.96 -112.45
C TYR O 93 -115.73 13.27 -113.77
N ASN O 94 -115.07 13.68 -114.85
CA ASN O 94 -115.31 13.09 -116.16
C ASN O 94 -114.49 11.83 -116.40
N GLU O 95 -113.35 11.68 -115.74
CA GLU O 95 -112.47 10.54 -115.96
C GLU O 95 -112.41 9.57 -114.78
N LEU O 96 -112.29 10.08 -113.56
CA LEU O 96 -112.29 9.20 -112.39
C LEU O 96 -113.69 8.98 -111.82
N ARG O 97 -114.65 9.84 -112.19
CA ARG O 97 -116.02 9.75 -111.70
C ARG O 97 -116.05 9.72 -110.17
N VAL O 98 -115.23 10.57 -109.56
CA VAL O 98 -115.09 10.63 -108.11
C VAL O 98 -115.20 12.07 -107.63
N ALA O 99 -115.73 12.23 -106.42
CA ALA O 99 -115.81 13.53 -105.77
C ALA O 99 -114.71 13.64 -104.73
N PRO O 100 -113.88 14.68 -104.76
CA PRO O 100 -112.78 14.78 -103.78
C PRO O 100 -113.22 15.12 -102.37
N GLU O 101 -114.53 15.32 -102.14
CA GLU O 101 -115.00 15.65 -100.79
C GLU O 101 -114.72 14.52 -99.80
N GLU O 102 -114.91 13.27 -100.23
CA GLU O 102 -114.88 12.12 -99.33
C GLU O 102 -113.59 11.31 -99.40
N HIS O 103 -112.59 11.77 -100.16
CA HIS O 103 -111.33 11.03 -100.28
C HIS O 103 -110.13 11.95 -100.17
N PRO O 104 -109.27 11.73 -99.16
CA PRO O 104 -108.00 12.45 -99.11
C PRO O 104 -107.12 12.12 -100.31
N THR O 105 -106.26 13.06 -100.67
CA THR O 105 -105.44 12.96 -101.87
C THR O 105 -103.96 12.85 -101.53
N LEU O 106 -103.30 11.85 -102.10
CA LEU O 106 -101.85 11.73 -102.08
C LEU O 106 -101.33 12.13 -103.46
N LEU O 107 -100.50 13.17 -103.50
CA LEU O 107 -99.95 13.69 -104.75
C LEU O 107 -98.44 13.54 -104.75
N THR O 108 -97.88 13.45 -105.95
CA THR O 108 -96.45 13.41 -106.17
C THR O 108 -96.03 14.64 -106.95
N GLU O 109 -94.92 15.25 -106.57
CA GLU O 109 -94.45 16.47 -107.21
C GLU O 109 -93.05 16.25 -107.77
N ALA O 110 -92.72 17.06 -108.78
CA ALA O 110 -91.40 16.98 -109.39
C ALA O 110 -90.33 17.34 -108.36
N PRO O 111 -89.16 16.69 -108.45
CA PRO O 111 -88.10 16.92 -107.45
C PRO O 111 -87.69 18.39 -107.40
N LEU O 112 -87.48 18.89 -106.19
CA LEU O 112 -87.00 20.25 -105.96
C LEU O 112 -87.93 21.30 -106.55
N ASN O 113 -89.23 21.05 -106.45
CA ASN O 113 -90.22 22.00 -106.93
C ASN O 113 -90.23 23.23 -106.01
N PRO O 114 -90.58 24.40 -106.54
CA PRO O 114 -90.51 25.62 -105.73
C PRO O 114 -91.38 25.50 -104.49
N LYS O 115 -90.88 26.05 -103.38
CA LYS O 115 -91.66 26.09 -102.15
C LYS O 115 -92.81 27.08 -102.27
N ALA O 116 -92.58 28.19 -102.97
CA ALA O 116 -93.66 29.13 -103.27
C ALA O 116 -94.71 28.48 -104.16
N ASN O 117 -94.26 27.67 -105.12
CA ASN O 117 -95.18 26.90 -105.95
C ASN O 117 -96.04 25.97 -105.11
N ARG O 118 -95.42 25.30 -104.14
CA ARG O 118 -96.17 24.42 -103.26
C ARG O 118 -97.19 25.18 -102.44
N GLU O 119 -96.78 26.33 -101.86
CA GLU O 119 -97.69 27.12 -101.03
C GLU O 119 -98.88 27.66 -101.83
N LYS O 120 -98.66 28.17 -103.05
CA LYS O 120 -99.75 28.67 -103.87
C LYS O 120 -100.65 27.55 -104.36
N MET O 121 -100.07 26.46 -104.86
CA MET O 121 -100.89 25.36 -105.36
C MET O 121 -101.73 24.76 -104.24
N THR O 122 -101.15 24.60 -103.04
CA THR O 122 -101.91 24.06 -101.93
C THR O 122 -103.03 25.00 -101.52
N GLN O 123 -102.77 26.31 -101.55
CA GLN O 123 -103.80 27.26 -101.12
C GLN O 123 -104.96 27.29 -102.11
N ILE O 124 -104.66 27.41 -103.40
CA ILE O 124 -105.72 27.40 -104.41
C ILE O 124 -106.48 26.08 -104.37
N MET O 125 -105.77 24.97 -104.20
CA MET O 125 -106.39 23.66 -104.05
C MET O 125 -107.39 23.66 -102.91
N PHE O 126 -106.93 23.99 -101.70
CA PHE O 126 -107.80 23.94 -100.53
C PHE O 126 -109.00 24.87 -100.66
N GLU O 127 -108.81 26.06 -101.23
CA GLU O 127 -109.96 26.95 -101.39
C GLU O 127 -110.92 26.42 -102.46
N THR O 128 -110.38 26.09 -103.64
CA THR O 128 -111.24 25.66 -104.75
C THR O 128 -111.91 24.31 -104.46
N PHE O 129 -111.13 23.33 -104.00
CA PHE O 129 -111.64 21.99 -103.77
C PHE O 129 -111.98 21.79 -102.30
N ASN O 130 -112.60 20.64 -102.01
CA ASN O 130 -113.02 20.29 -100.66
C ASN O 130 -112.42 18.95 -100.23
N VAL O 131 -111.16 18.72 -100.61
CA VAL O 131 -110.49 17.48 -100.20
C VAL O 131 -110.39 17.42 -98.68
N PRO O 132 -110.69 16.29 -98.04
CA PRO O 132 -110.61 16.26 -96.57
C PRO O 132 -109.20 16.37 -96.05
N ALA O 133 -108.24 15.70 -96.71
CA ALA O 133 -106.88 15.63 -96.20
C ALA O 133 -105.91 15.54 -97.36
N MET O 134 -104.64 15.80 -97.07
CA MET O 134 -103.62 16.01 -98.08
C MET O 134 -102.31 15.36 -97.70
N TYR O 135 -101.57 14.95 -98.72
CA TYR O 135 -100.15 14.63 -98.57
C TYR O 135 -99.51 14.73 -99.94
N VAL O 136 -98.35 15.36 -99.99
CA VAL O 136 -97.58 15.48 -101.23
C VAL O 136 -96.15 15.01 -100.97
N ALA O 137 -95.61 14.26 -101.93
CA ALA O 137 -94.29 13.66 -101.76
C ALA O 137 -93.49 13.79 -103.05
N ILE O 138 -92.16 13.71 -102.90
CA ILE O 138 -91.27 13.74 -104.05
C ILE O 138 -91.35 12.41 -104.81
N GLN O 139 -91.30 12.48 -106.14
CA GLN O 139 -91.41 11.26 -106.94
C GLN O 139 -90.21 10.34 -106.78
N ALA O 140 -89.10 10.86 -106.23
CA ALA O 140 -87.91 10.05 -106.06
C ALA O 140 -88.15 8.90 -105.08
N VAL O 141 -88.68 9.22 -103.91
CA VAL O 141 -88.94 8.19 -102.91
C VAL O 141 -90.07 7.28 -103.39
N LEU O 142 -90.98 7.79 -104.21
CA LEU O 142 -92.02 6.96 -104.80
C LEU O 142 -91.43 5.90 -105.72
N SER O 143 -90.49 6.29 -106.59
CA SER O 143 -89.83 5.31 -107.44
C SER O 143 -89.01 4.33 -106.60
N LEU O 144 -88.40 4.84 -105.53
CA LEU O 144 -87.70 3.98 -104.58
C LEU O 144 -88.64 2.93 -104.02
N TYR O 145 -89.84 3.35 -103.62
CA TYR O 145 -90.82 2.44 -103.06
C TYR O 145 -91.23 1.40 -104.08
N ALA O 146 -91.41 1.83 -105.33
CA ALA O 146 -91.71 0.90 -106.41
C ALA O 146 -90.60 -0.13 -106.58
N SER O 147 -89.35 0.29 -106.46
CA SER O 147 -88.26 -0.67 -106.46
C SER O 147 -88.18 -1.46 -105.17
N GLY O 148 -88.64 -0.87 -104.07
CA GLY O 148 -88.64 -1.56 -102.78
C GLY O 148 -87.25 -1.86 -102.25
N ARG O 149 -86.31 -0.95 -102.47
CA ARG O 149 -84.95 -1.10 -101.93
C ARG O 149 -84.46 0.26 -101.50
N THR O 150 -84.15 0.40 -100.21
CA THR O 150 -83.82 1.67 -99.59
C THR O 150 -82.50 2.28 -100.07
N THR O 151 -81.67 1.54 -100.80
CA THR O 151 -80.38 2.05 -101.25
C THR O 151 -80.38 2.17 -102.77
N GLY O 152 -79.89 3.30 -103.27
CA GLY O 152 -79.77 3.50 -104.70
C GLY O 152 -79.84 4.96 -105.07
N ILE O 153 -79.46 5.25 -106.31
CA ILE O 153 -79.55 6.59 -106.89
C ILE O 153 -80.61 6.54 -107.97
N VAL O 154 -81.60 7.43 -107.87
CA VAL O 154 -82.75 7.47 -108.76
C VAL O 154 -82.46 8.49 -109.85
N LEU O 155 -82.60 8.04 -111.10
CA LEU O 155 -82.56 8.91 -112.28
C LEU O 155 -83.99 9.06 -112.76
N ASP O 156 -84.63 10.17 -112.40
CA ASP O 156 -85.99 10.48 -112.82
C ASP O 156 -85.94 11.28 -114.11
N SER O 157 -86.31 10.65 -115.22
CA SER O 157 -86.29 11.30 -116.54
C SER O 157 -87.73 11.65 -116.94
N GLY O 158 -88.19 12.80 -116.48
CA GLY O 158 -89.49 13.32 -116.89
C GLY O 158 -89.44 13.95 -118.26
N ASP O 159 -90.50 14.67 -118.59
CA ASP O 159 -90.60 15.37 -119.86
C ASP O 159 -90.11 16.81 -119.80
N GLY O 160 -89.79 17.32 -118.61
CA GLY O 160 -89.26 18.67 -118.51
C GLY O 160 -87.88 18.74 -117.89
N VAL O 161 -87.59 17.84 -116.96
CA VAL O 161 -86.32 17.82 -116.23
C VAL O 161 -85.89 16.38 -116.03
N THR O 162 -84.57 16.17 -115.96
CA THR O 162 -84.00 14.91 -115.51
C THR O 162 -83.27 15.14 -114.19
N HIS O 163 -83.66 14.40 -113.17
CA HIS O 163 -83.15 14.57 -111.83
C HIS O 163 -82.32 13.37 -111.41
N ASN O 164 -81.16 13.62 -110.80
CA ASN O 164 -80.39 12.56 -110.18
C ASN O 164 -80.38 12.81 -108.68
N VAL O 165 -80.86 11.80 -107.94
CA VAL O 165 -81.06 11.91 -106.50
C VAL O 165 -80.49 10.66 -105.82
N PRO O 166 -79.50 10.77 -104.96
CA PRO O 166 -79.03 9.59 -104.23
C PRO O 166 -79.75 9.44 -102.90
N ILE O 167 -80.12 8.19 -102.59
CA ILE O 167 -80.77 7.87 -101.33
C ILE O 167 -80.12 6.59 -100.80
N TYR O 168 -79.52 6.66 -99.63
CA TYR O 168 -78.87 5.52 -99.02
C TYR O 168 -79.66 5.09 -97.80
N GLU O 169 -80.02 3.80 -97.76
CA GLU O 169 -80.78 3.21 -96.68
C GLU O 169 -82.01 4.06 -96.35
N GLY O 170 -82.74 4.43 -97.40
CA GLY O 170 -83.96 5.21 -97.26
C GLY O 170 -83.77 6.56 -96.61
N TYR O 171 -82.72 7.29 -96.98
CA TYR O 171 -82.51 8.65 -96.54
C TYR O 171 -82.10 9.54 -97.70
N ALA O 172 -82.81 10.65 -97.87
CA ALA O 172 -82.54 11.56 -98.97
C ALA O 172 -81.21 12.29 -98.77
N LEU O 173 -80.53 12.55 -99.89
CA LEU O 173 -79.26 13.27 -99.92
C LEU O 173 -79.37 14.51 -100.79
N PRO O 174 -80.06 15.55 -100.31
CA PRO O 174 -80.22 16.76 -101.14
C PRO O 174 -78.91 17.41 -101.53
N HIS O 175 -77.86 17.25 -100.73
CA HIS O 175 -76.57 17.84 -101.07
C HIS O 175 -75.98 17.25 -102.34
N ALA O 176 -76.42 16.06 -102.74
CA ALA O 176 -75.92 15.38 -103.93
C ALA O 176 -77.03 15.19 -104.96
N ILE O 177 -78.03 16.07 -104.95
CA ILE O 177 -79.15 16.00 -105.89
C ILE O 177 -79.02 17.12 -106.90
N MET O 178 -79.24 16.78 -108.18
CA MET O 178 -79.12 17.75 -109.26
C MET O 178 -80.25 17.61 -110.26
N ARG O 179 -80.58 18.72 -110.91
CA ARG O 179 -81.59 18.79 -111.95
C ARG O 179 -80.91 19.26 -113.24
N LEU O 180 -81.19 18.55 -114.33
CA LEU O 180 -80.68 18.86 -115.65
C LEU O 180 -81.84 19.20 -116.57
N ASP O 181 -81.70 20.29 -117.32
CA ASP O 181 -82.74 20.84 -118.19
C ASP O 181 -82.89 20.06 -119.49
N LEU O 182 -82.33 18.86 -119.59
CA LEU O 182 -82.53 18.01 -120.76
C LEU O 182 -83.64 17.02 -120.47
N ALA O 183 -84.57 16.89 -121.41
CA ALA O 183 -85.73 16.04 -121.23
C ALA O 183 -86.36 15.81 -122.61
N GLY O 184 -87.61 15.35 -122.60
CA GLY O 184 -88.26 15.02 -123.85
C GLY O 184 -88.30 16.20 -124.79
N ARG O 185 -88.54 17.40 -124.25
CA ARG O 185 -88.63 18.60 -125.07
C ARG O 185 -87.37 18.74 -125.91
N ASP O 186 -86.20 18.65 -125.26
CA ASP O 186 -84.93 18.75 -125.97
C ASP O 186 -84.82 17.67 -127.04
N LEU O 187 -85.19 16.43 -126.68
CA LEU O 187 -85.12 15.33 -127.63
C LEU O 187 -85.91 15.64 -128.90
N THR O 188 -87.16 16.09 -128.72
CA THR O 188 -88.00 16.47 -129.86
C THR O 188 -87.37 17.61 -130.66
N ASP O 189 -86.88 18.63 -129.97
CA ASP O 189 -86.23 19.76 -130.64
C ASP O 189 -85.07 19.30 -131.52
N TYR O 190 -84.09 18.63 -130.91
CA TYR O 190 -82.93 18.12 -131.65
C TYR O 190 -83.36 17.25 -132.84
N LEU O 191 -84.33 16.36 -132.62
CA LEU O 191 -84.80 15.53 -133.72
C LEU O 191 -85.47 16.37 -134.79
N MET O 192 -86.14 17.44 -134.38
CA MET O 192 -86.76 18.36 -135.32
C MET O 192 -85.72 19.00 -136.23
N LYS O 193 -84.61 19.47 -135.65
CA LYS O 193 -83.59 20.10 -136.49
C LYS O 193 -82.91 19.08 -137.39
N ILE O 194 -82.68 17.87 -136.90
CA ILE O 194 -82.07 16.85 -137.77
C ILE O 194 -83.01 16.48 -138.90
N LEU O 195 -84.30 16.30 -138.62
CA LEU O 195 -85.27 16.03 -139.67
C LEU O 195 -85.38 17.20 -140.64
N THR O 196 -85.22 18.43 -140.15
CA THR O 196 -85.11 19.58 -141.03
C THR O 196 -83.93 19.44 -141.98
N GLU O 197 -82.78 18.99 -141.44
CA GLU O 197 -81.65 18.69 -142.32
C GLU O 197 -81.89 17.47 -143.18
N ARG O 198 -82.91 16.67 -142.89
CA ARG O 198 -83.27 15.55 -143.74
C ARG O 198 -84.29 15.92 -144.81
N GLY O 199 -84.80 17.15 -144.79
CA GLY O 199 -85.72 17.64 -145.80
C GLY O 199 -87.13 17.89 -145.32
N TYR O 200 -87.45 17.54 -144.07
CA TYR O 200 -88.80 17.66 -143.53
C TYR O 200 -88.77 18.66 -142.38
N SER O 201 -89.43 19.80 -142.57
CA SER O 201 -89.34 20.92 -141.63
C SER O 201 -90.76 21.26 -141.15
N PHE O 202 -91.07 20.87 -139.93
CA PHE O 202 -92.36 21.18 -139.31
C PHE O 202 -92.15 21.87 -137.98
N VAL O 203 -93.14 22.66 -137.57
CA VAL O 203 -93.03 23.48 -136.37
C VAL O 203 -94.14 23.15 -135.38
N THR O 204 -95.28 22.71 -135.88
CA THR O 204 -96.47 22.54 -135.05
C THR O 204 -96.35 21.29 -134.16
N THR O 205 -97.24 21.23 -133.17
CA THR O 205 -97.17 20.22 -132.11
C THR O 205 -97.61 18.84 -132.58
N ALA O 206 -98.46 18.75 -133.61
CA ALA O 206 -98.87 17.44 -134.09
C ALA O 206 -97.67 16.66 -134.58
N GLU O 207 -96.78 17.34 -135.30
CA GLU O 207 -95.58 16.68 -135.75
C GLU O 207 -94.66 16.47 -134.55
N ARG O 208 -94.78 17.24 -133.48
CA ARG O 208 -93.99 16.99 -132.28
C ARG O 208 -94.36 15.63 -131.68
N GLU O 209 -95.67 15.36 -131.63
CA GLU O 209 -96.13 14.08 -131.11
C GLU O 209 -95.77 12.95 -132.05
N ILE O 210 -95.84 13.20 -133.37
CA ILE O 210 -95.42 12.19 -134.33
C ILE O 210 -93.95 11.82 -134.14
N VAL O 211 -93.09 12.82 -133.95
CA VAL O 211 -91.67 12.52 -133.83
C VAL O 211 -91.34 11.92 -132.47
N ARG O 212 -92.09 12.27 -131.41
CA ARG O 212 -91.85 11.57 -130.15
C ARG O 212 -92.33 10.12 -130.24
N ASP O 213 -93.40 9.87 -131.01
CA ASP O 213 -93.80 8.49 -131.29
C ASP O 213 -92.70 7.74 -132.04
N ILE O 214 -92.07 8.42 -133.01
CA ILE O 214 -90.93 7.83 -133.71
C ILE O 214 -89.83 7.50 -132.72
N LYS O 215 -89.57 8.40 -131.76
CA LYS O 215 -88.58 8.12 -130.73
C LYS O 215 -88.98 6.91 -129.89
N GLU O 216 -90.27 6.77 -129.62
CA GLU O 216 -90.74 5.61 -128.86
C GLU O 216 -90.52 4.32 -129.63
N LYS O 217 -90.69 4.35 -130.95
CA LYS O 217 -90.69 3.12 -131.73
C LYS O 217 -89.28 2.73 -132.21
N LEU O 218 -88.63 3.62 -132.96
CA LEU O 218 -87.48 3.22 -133.77
C LEU O 218 -86.12 3.61 -133.19
N CYS O 219 -86.06 4.51 -132.21
CA CYS O 219 -84.78 5.08 -131.84
C CYS O 219 -83.86 4.06 -131.18
N TYR O 220 -82.58 4.17 -131.51
CA TYR O 220 -81.49 3.42 -130.89
C TYR O 220 -80.73 4.28 -129.89
N VAL O 221 -79.98 3.60 -129.02
CA VAL O 221 -78.90 4.21 -128.25
C VAL O 221 -77.59 3.59 -128.74
N ALA O 222 -76.79 4.39 -129.44
CA ALA O 222 -75.60 3.89 -130.11
C ALA O 222 -74.61 3.31 -129.10
N LEU O 223 -74.09 2.11 -129.40
CA LEU O 223 -73.05 1.54 -128.57
C LEU O 223 -71.73 2.29 -128.75
N ASP O 224 -71.36 2.58 -129.99
CA ASP O 224 -70.22 3.43 -130.33
C ASP O 224 -70.74 4.43 -131.34
N PHE O 225 -70.48 5.72 -131.13
CA PHE O 225 -71.23 6.72 -131.89
C PHE O 225 -70.66 6.91 -133.28
N GLU O 226 -69.43 7.42 -133.39
CA GLU O 226 -68.91 7.80 -134.69
C GLU O 226 -68.70 6.58 -135.58
N ASN O 227 -68.35 5.44 -134.98
CA ASN O 227 -68.25 4.20 -135.75
C ASN O 227 -69.60 3.78 -136.30
N GLU O 228 -70.68 4.01 -135.55
CA GLU O 228 -71.99 3.64 -136.06
C GLU O 228 -72.50 4.59 -137.14
N MET O 229 -72.20 5.89 -137.08
CA MET O 229 -72.50 6.68 -138.28
C MET O 229 -71.60 6.29 -139.45
N ALA O 230 -70.35 5.91 -139.19
CA ALA O 230 -69.46 5.50 -140.27
C ALA O 230 -70.01 4.27 -140.99
N THR O 231 -70.50 3.29 -140.24
CA THR O 231 -71.15 2.14 -140.85
C THR O 231 -72.59 2.42 -141.26
N ALA O 232 -73.19 3.51 -140.78
CA ALA O 232 -74.54 3.89 -141.18
C ALA O 232 -74.55 4.78 -142.41
N ALA O 233 -73.37 5.07 -142.98
CA ALA O 233 -73.30 5.77 -144.25
C ALA O 233 -74.29 5.22 -145.27
N SER O 234 -74.16 3.94 -145.63
CA SER O 234 -75.17 3.29 -146.46
C SER O 234 -76.19 2.49 -145.63
N SER O 235 -75.76 1.46 -144.92
CA SER O 235 -76.65 0.74 -144.00
C SER O 235 -78.03 0.55 -144.53
N SER O 236 -78.17 -0.21 -145.57
CA SER O 236 -79.52 -0.49 -146.06
C SER O 236 -80.34 -1.27 -145.03
N SER O 237 -79.72 -2.28 -144.41
CA SER O 237 -80.43 -3.05 -143.39
C SER O 237 -80.58 -2.26 -142.10
N LEU O 238 -79.51 -1.58 -141.66
CA LEU O 238 -79.55 -0.87 -140.39
C LEU O 238 -80.49 0.33 -140.45
N GLU O 239 -80.60 0.98 -141.60
CA GLU O 239 -81.53 2.10 -141.76
C GLU O 239 -82.97 1.61 -141.60
N LYS O 240 -83.78 2.38 -140.87
CA LYS O 240 -85.12 1.95 -140.52
C LYS O 240 -86.14 2.99 -140.94
N SER O 241 -87.34 2.53 -141.27
CA SER O 241 -88.36 3.39 -141.82
C SER O 241 -89.58 3.39 -140.90
N TYR O 242 -90.40 4.44 -141.06
CA TYR O 242 -91.66 4.56 -140.34
C TYR O 242 -92.78 4.91 -141.31
N GLU O 243 -93.98 4.46 -140.99
CA GLU O 243 -95.18 4.71 -141.77
C GLU O 243 -96.00 5.77 -141.05
N LEU O 244 -95.88 7.02 -141.50
CA LEU O 244 -96.63 8.11 -140.91
C LEU O 244 -98.12 7.97 -141.20
N PRO O 245 -98.97 8.45 -140.29
CA PRO O 245 -100.42 8.19 -140.43
C PRO O 245 -101.01 8.68 -141.74
N ASP O 246 -100.44 9.72 -142.34
CA ASP O 246 -100.88 10.12 -143.68
C ASP O 246 -100.55 9.08 -144.74
N GLY O 247 -99.64 8.16 -144.46
CA GLY O 247 -99.25 7.11 -145.37
C GLY O 247 -97.87 7.23 -145.99
N GLN O 248 -97.19 8.36 -145.88
CA GLN O 248 -95.86 8.47 -146.45
C GLN O 248 -94.85 7.68 -145.62
N VAL O 249 -93.87 7.11 -146.30
CA VAL O 249 -92.83 6.32 -145.66
C VAL O 249 -91.63 7.24 -145.46
N ILE O 250 -91.28 7.48 -144.20
CA ILE O 250 -90.17 8.34 -143.83
C ILE O 250 -89.04 7.48 -143.28
N THR O 251 -87.89 7.56 -143.92
CA THR O 251 -86.75 6.71 -143.61
C THR O 251 -85.71 7.49 -142.81
N ILE O 252 -85.23 6.89 -141.71
CA ILE O 252 -84.23 7.48 -140.85
C ILE O 252 -83.16 6.45 -140.56
N GLY O 253 -81.90 6.87 -140.57
CA GLY O 253 -80.80 5.97 -140.32
C GLY O 253 -80.06 6.21 -139.01
N ASN O 254 -78.92 6.91 -139.09
CA ASN O 254 -78.13 7.18 -137.90
C ASN O 254 -78.88 8.03 -136.89
N GLU O 255 -79.84 8.84 -137.36
CA GLU O 255 -80.58 9.73 -136.45
C GLU O 255 -81.21 8.95 -135.31
N ARG O 256 -81.60 7.69 -135.56
CA ARG O 256 -82.20 6.87 -134.52
C ARG O 256 -81.34 6.83 -133.27
N PHE O 257 -80.03 6.67 -133.42
CA PHE O 257 -79.14 6.70 -132.27
C PHE O 257 -78.37 8.01 -132.15
N ARG O 258 -78.62 8.98 -133.03
CA ARG O 258 -78.02 10.30 -132.83
C ARG O 258 -78.91 11.24 -132.04
N CYS O 259 -80.19 10.92 -131.86
CA CYS O 259 -81.07 11.74 -131.02
C CYS O 259 -80.95 11.57 -129.49
N PRO O 260 -81.07 10.33 -128.97
CA PRO O 260 -80.86 10.20 -127.51
C PRO O 260 -79.43 10.49 -127.10
N GLU O 261 -78.49 10.39 -128.03
CA GLU O 261 -77.08 10.62 -127.72
C GLU O 261 -76.84 12.03 -127.21
N THR O 262 -77.67 12.99 -127.59
CA THR O 262 -77.48 14.38 -127.18
C THR O 262 -77.50 14.52 -125.65
N LEU O 263 -78.34 13.75 -124.97
CA LEU O 263 -78.31 13.81 -123.50
C LEU O 263 -76.94 13.39 -123.02
N PHE O 264 -76.39 12.32 -123.58
CA PHE O 264 -75.03 11.86 -123.25
C PHE O 264 -73.95 12.81 -123.73
N GLN O 265 -74.17 13.46 -124.87
CA GLN O 265 -73.19 14.40 -125.46
C GLN O 265 -73.86 15.77 -125.62
N PRO O 266 -73.98 16.55 -124.52
CA PRO O 266 -74.70 17.83 -124.63
C PRO O 266 -74.03 18.85 -125.51
N SER O 267 -72.74 18.69 -125.81
CA SER O 267 -72.03 19.67 -126.64
C SER O 267 -72.60 19.76 -128.05
N PHE O 268 -73.43 18.80 -128.46
CA PHE O 268 -74.07 18.89 -129.77
C PHE O 268 -74.91 20.16 -129.90
N ILE O 269 -75.68 20.50 -128.87
CA ILE O 269 -76.45 21.73 -128.93
C ILE O 269 -76.12 22.67 -127.77
N GLY O 270 -74.89 22.57 -127.26
CA GLY O 270 -74.37 23.63 -126.41
C GLY O 270 -74.82 23.69 -124.97
N MET O 271 -74.49 22.67 -124.17
CA MET O 271 -74.63 22.73 -122.72
C MET O 271 -73.26 22.60 -122.08
N GLU O 272 -73.00 23.44 -121.07
CA GLU O 272 -71.77 23.30 -120.30
C GLU O 272 -71.73 21.97 -119.56
N SER O 273 -72.87 21.56 -118.99
CA SER O 273 -72.94 20.28 -118.30
C SER O 273 -72.67 19.13 -119.28
N ALA O 274 -71.92 18.14 -118.81
CA ALA O 274 -71.61 16.98 -119.64
C ALA O 274 -72.80 16.02 -119.62
N GLY O 275 -72.58 14.80 -120.11
CA GLY O 275 -73.66 13.83 -120.16
C GLY O 275 -74.20 13.48 -118.80
N ILE O 276 -75.42 12.92 -118.80
CA ILE O 276 -76.09 12.59 -117.54
C ILE O 276 -75.32 11.55 -116.75
N HIS O 277 -74.49 10.73 -117.40
CA HIS O 277 -73.62 9.82 -116.65
C HIS O 277 -72.60 10.57 -115.83
N GLU O 278 -72.08 11.69 -116.34
CA GLU O 278 -71.21 12.53 -115.52
C GLU O 278 -71.97 13.10 -114.34
N THR O 279 -73.26 13.43 -114.52
CA THR O 279 -74.04 13.99 -113.42
C THR O 279 -74.29 12.91 -112.39
N THR O 280 -74.49 11.66 -112.77
CA THR O 280 -74.58 10.63 -111.76
C THR O 280 -73.23 10.38 -111.08
N TYR O 281 -72.14 10.38 -111.85
CA TYR O 281 -70.80 10.26 -111.27
C TYR O 281 -70.46 11.33 -110.23
N ASN O 282 -70.56 12.61 -110.60
CA ASN O 282 -70.29 13.67 -109.62
C ASN O 282 -71.19 13.49 -108.41
N SER O 283 -72.49 13.24 -108.64
CA SER O 283 -73.42 13.06 -107.53
C SER O 283 -72.88 12.01 -106.57
N ILE O 284 -72.38 10.90 -107.12
CA ILE O 284 -71.88 9.82 -106.28
C ILE O 284 -70.69 10.29 -105.46
N MET O 285 -69.67 10.87 -106.10
CA MET O 285 -68.49 11.27 -105.30
C MET O 285 -68.74 12.38 -104.29
N LYS O 286 -69.76 13.23 -104.47
CA LYS O 286 -69.99 14.30 -103.51
C LYS O 286 -70.17 13.72 -102.10
N CYS O 287 -70.78 12.54 -101.99
CA CYS O 287 -71.06 11.92 -100.71
C CYS O 287 -69.85 11.09 -100.31
N ASP O 288 -69.84 10.60 -99.06
CA ASP O 288 -68.73 9.82 -98.56
C ASP O 288 -68.32 8.71 -99.53
N ILE O 289 -67.00 8.45 -99.55
CA ILE O 289 -66.40 7.49 -100.47
C ILE O 289 -67.02 6.10 -100.32
N ASP O 290 -67.13 5.61 -99.08
CA ASP O 290 -67.34 4.18 -98.85
C ASP O 290 -68.59 3.65 -99.53
N ILE O 291 -69.74 4.31 -99.33
CA ILE O 291 -70.99 3.78 -99.86
C ILE O 291 -71.08 3.93 -101.37
N ARG O 292 -70.11 4.61 -101.99
CA ARG O 292 -70.21 4.89 -103.41
C ARG O 292 -70.34 3.61 -104.21
N LYS O 293 -69.62 2.56 -103.79
CA LYS O 293 -69.72 1.28 -104.49
C LYS O 293 -71.16 0.78 -104.51
N ASP O 294 -71.84 0.87 -103.36
CA ASP O 294 -73.25 0.47 -103.31
C ASP O 294 -74.08 1.29 -104.26
N LEU O 295 -73.81 2.61 -104.32
CA LEU O 295 -74.52 3.45 -105.27
C LEU O 295 -74.29 2.95 -106.69
N TYR O 296 -73.05 2.56 -106.99
CA TYR O 296 -72.74 2.01 -108.31
C TYR O 296 -73.59 0.77 -108.58
N ALA O 297 -73.76 -0.08 -107.56
CA ALA O 297 -74.44 -1.35 -107.76
C ALA O 297 -75.94 -1.26 -107.58
N ASN O 298 -76.47 -0.11 -107.12
CA ASN O 298 -77.88 0.00 -106.80
C ASN O 298 -78.57 1.12 -107.57
N ASN O 299 -77.99 1.56 -108.69
CA ASN O 299 -78.60 2.64 -109.45
C ASN O 299 -79.95 2.20 -110.05
N VAL O 300 -80.93 3.09 -109.95
CA VAL O 300 -82.26 2.84 -110.51
C VAL O 300 -82.56 3.98 -111.49
N MET O 301 -83.31 3.65 -112.53
CA MET O 301 -83.76 4.63 -113.50
C MET O 301 -85.29 4.55 -113.60
N SER O 302 -85.93 5.71 -113.69
CA SER O 302 -87.39 5.79 -113.71
C SER O 302 -87.84 6.88 -114.67
N GLY O 303 -89.01 6.68 -115.26
CA GLY O 303 -89.62 7.63 -116.17
C GLY O 303 -90.19 6.96 -117.40
N GLY O 304 -91.06 7.68 -118.11
CA GLY O 304 -91.64 7.13 -119.33
C GLY O 304 -90.62 6.89 -120.42
N THR O 305 -89.59 7.74 -120.47
CA THR O 305 -88.55 7.57 -121.48
C THR O 305 -87.90 6.21 -121.36
N THR O 306 -87.77 5.70 -120.13
CA THR O 306 -87.10 4.43 -119.90
C THR O 306 -87.65 3.29 -120.75
N MET O 307 -88.84 3.45 -121.34
CA MET O 307 -89.28 2.42 -122.27
C MET O 307 -88.36 2.25 -123.47
N TYR O 308 -87.42 3.18 -123.70
CA TYR O 308 -86.56 3.04 -124.86
C TYR O 308 -85.46 2.02 -124.55
N PRO O 309 -84.92 1.35 -125.57
CA PRO O 309 -83.76 0.49 -125.34
C PRO O 309 -82.48 1.30 -125.27
N GLY O 310 -81.43 0.66 -124.78
CA GLY O 310 -80.09 1.22 -124.84
C GLY O 310 -79.63 2.02 -123.63
N ILE O 311 -80.53 2.49 -122.77
CA ILE O 311 -80.04 3.25 -121.62
C ILE O 311 -79.24 2.37 -120.66
N ALA O 312 -79.66 1.12 -120.44
CA ALA O 312 -78.97 0.26 -119.48
C ALA O 312 -77.53 -0.05 -119.89
N ASP O 313 -77.33 -0.53 -121.12
CA ASP O 313 -75.97 -0.90 -121.53
C ASP O 313 -75.05 0.32 -121.53
N ARG O 314 -75.53 1.44 -122.08
CA ARG O 314 -74.72 2.64 -122.11
C ARG O 314 -74.37 3.06 -120.70
N MET O 315 -75.36 3.05 -119.81
CA MET O 315 -75.19 3.47 -118.43
C MET O 315 -74.05 2.68 -117.80
N GLN O 316 -74.19 1.35 -117.77
CA GLN O 316 -73.18 0.54 -117.09
C GLN O 316 -71.82 0.72 -117.73
N LYS O 317 -71.73 0.63 -119.06
CA LYS O 317 -70.40 0.71 -119.68
C LYS O 317 -69.70 2.02 -119.32
N GLU O 318 -70.38 3.16 -119.46
CA GLU O 318 -69.72 4.44 -119.16
C GLU O 318 -69.36 4.56 -117.67
N ILE O 319 -70.25 4.11 -116.76
CA ILE O 319 -69.88 4.20 -115.35
C ILE O 319 -68.67 3.33 -115.04
N THR O 320 -68.62 2.12 -115.62
CA THR O 320 -67.45 1.27 -115.45
C THR O 320 -66.20 1.90 -116.05
N ALA O 321 -66.35 2.63 -117.15
CA ALA O 321 -65.20 3.36 -117.71
C ALA O 321 -64.73 4.44 -116.74
N LEU O 322 -65.66 5.16 -116.12
CA LEU O 322 -65.31 6.25 -115.22
C LEU O 322 -64.83 5.76 -113.85
N ALA O 323 -65.52 4.77 -113.29
CA ALA O 323 -65.27 4.20 -111.97
C ALA O 323 -64.46 2.92 -112.10
N PRO O 324 -63.70 2.54 -111.06
CA PRO O 324 -62.94 1.29 -111.13
C PRO O 324 -63.87 0.10 -111.35
N SER O 325 -63.38 -0.87 -112.12
CA SER O 325 -64.16 -2.03 -112.55
C SER O 325 -64.00 -3.24 -111.63
N THR O 326 -63.79 -3.04 -110.34
CA THR O 326 -63.68 -4.20 -109.46
C THR O 326 -65.08 -4.77 -109.19
N MET O 327 -65.94 -3.97 -108.56
CA MET O 327 -67.28 -4.43 -108.24
C MET O 327 -68.13 -4.39 -109.50
N LYS O 328 -69.07 -5.32 -109.61
CA LYS O 328 -69.97 -5.38 -110.76
C LYS O 328 -71.14 -4.41 -110.59
N ILE O 329 -71.36 -3.57 -111.60
CA ILE O 329 -72.47 -2.62 -111.64
C ILE O 329 -73.61 -3.22 -112.46
N LYS O 330 -74.82 -3.19 -111.88
CA LYS O 330 -76.02 -3.67 -112.55
C LYS O 330 -77.19 -2.73 -112.27
N ILE O 331 -77.95 -2.44 -113.32
CA ILE O 331 -79.11 -1.56 -113.25
C ILE O 331 -80.36 -2.42 -113.07
N ILE O 332 -81.36 -1.88 -112.39
CA ILE O 332 -82.64 -2.55 -112.22
C ILE O 332 -83.72 -1.60 -112.72
N ALA O 333 -84.66 -2.13 -113.51
CA ALA O 333 -85.74 -1.33 -114.07
C ALA O 333 -86.94 -2.21 -114.41
N PRO O 334 -87.96 -2.24 -113.56
CA PRO O 334 -89.13 -3.09 -113.83
C PRO O 334 -89.90 -2.59 -115.04
N PRO O 335 -90.47 -3.51 -115.83
CA PRO O 335 -91.30 -3.08 -116.97
C PRO O 335 -92.47 -2.22 -116.54
N GLU O 336 -92.82 -1.25 -117.40
CA GLU O 336 -93.91 -0.31 -117.15
C GLU O 336 -93.69 0.43 -115.84
N ARG O 337 -92.52 1.05 -115.72
CA ARG O 337 -92.15 1.76 -114.50
C ARG O 337 -92.68 3.18 -114.45
N LYS O 338 -93.24 3.69 -115.55
CA LYS O 338 -93.84 5.02 -115.51
C LYS O 338 -95.09 5.06 -114.64
N TYR O 339 -95.75 3.92 -114.45
CA TYR O 339 -96.83 3.80 -113.49
C TYR O 339 -96.32 3.56 -112.08
N SER O 340 -95.04 3.22 -111.94
CA SER O 340 -94.49 2.76 -110.67
C SER O 340 -94.69 3.78 -109.56
N VAL O 341 -94.48 5.06 -109.87
CA VAL O 341 -94.68 6.11 -108.87
C VAL O 341 -96.09 6.02 -108.29
N TRP O 342 -97.09 5.93 -109.17
CA TRP O 342 -98.47 5.83 -108.70
C TRP O 342 -98.65 4.58 -107.85
N ILE O 343 -98.00 3.48 -108.24
CA ILE O 343 -98.05 2.27 -107.43
C ILE O 343 -97.54 2.56 -106.03
N GLY O 344 -96.41 3.27 -105.94
CA GLY O 344 -95.89 3.62 -104.64
C GLY O 344 -96.87 4.47 -103.84
N GLY O 345 -97.64 5.31 -104.52
CA GLY O 345 -98.66 6.08 -103.83
C GLY O 345 -99.67 5.15 -103.17
N SER O 346 -100.12 4.14 -103.93
CA SER O 346 -101.00 3.14 -103.35
C SER O 346 -100.34 2.47 -102.17
N ILE O 347 -99.03 2.20 -102.29
CA ILE O 347 -98.30 1.57 -101.19
C ILE O 347 -98.36 2.46 -99.96
N LEU O 348 -98.26 3.78 -100.15
CA LEU O 348 -98.34 4.70 -99.03
C LEU O 348 -99.69 4.58 -98.34
N ALA O 349 -100.76 4.45 -99.13
CA ALA O 349 -102.07 4.32 -98.51
C ALA O 349 -102.31 2.91 -97.96
N SER O 350 -101.45 1.95 -98.28
CA SER O 350 -101.66 0.59 -97.83
C SER O 350 -101.60 0.47 -96.31
N LEU O 351 -100.61 1.11 -95.69
CA LEU O 351 -100.35 0.96 -94.27
C LEU O 351 -101.19 1.91 -93.44
N SER O 352 -101.42 1.53 -92.18
CA SER O 352 -102.33 2.25 -91.30
C SER O 352 -101.66 3.41 -90.56
N THR O 353 -100.36 3.60 -90.73
CA THR O 353 -99.71 4.77 -90.15
C THR O 353 -99.85 6.02 -91.02
N PHE O 354 -100.20 5.84 -92.29
CA PHE O 354 -100.28 6.97 -93.22
C PHE O 354 -101.30 8.01 -92.79
N GLN O 355 -102.39 7.60 -92.15
CA GLN O 355 -103.38 8.56 -91.71
C GLN O 355 -102.99 9.30 -90.43
N GLN O 356 -101.82 9.01 -89.87
CA GLN O 356 -101.32 9.84 -88.77
C GLN O 356 -100.90 11.23 -89.23
N MET O 357 -100.44 11.38 -90.48
CA MET O 357 -99.96 12.67 -90.96
C MET O 357 -100.68 13.14 -92.23
N TRP O 358 -101.96 12.80 -92.38
CA TRP O 358 -102.79 13.52 -93.34
C TRP O 358 -102.87 15.00 -92.99
N ILE O 359 -102.77 15.85 -94.02
CA ILE O 359 -102.86 17.29 -93.86
C ILE O 359 -104.34 17.65 -93.90
N THR O 360 -104.95 17.78 -92.73
CA THR O 360 -106.39 18.00 -92.66
C THR O 360 -106.74 19.46 -92.96
N LYS O 361 -108.03 19.70 -93.15
CA LYS O 361 -108.51 21.05 -93.46
C LYS O 361 -108.26 22.02 -92.33
N GLN O 362 -108.50 21.60 -91.09
CA GLN O 362 -108.41 22.53 -89.96
C GLN O 362 -106.97 22.99 -89.70
N GLU O 363 -105.97 22.14 -89.97
CA GLU O 363 -104.59 22.59 -89.82
C GLU O 363 -104.27 23.72 -90.79
N TYR O 364 -104.71 23.57 -92.04
CA TYR O 364 -104.52 24.63 -93.03
C TYR O 364 -105.31 25.87 -92.67
N ASP O 365 -106.52 25.71 -92.13
CA ASP O 365 -107.30 26.86 -91.70
C ASP O 365 -106.64 27.60 -90.54
N GLU O 366 -105.96 26.86 -89.66
CA GLU O 366 -105.27 27.51 -88.54
C GLU O 366 -104.02 28.25 -89.02
N ALA O 367 -103.08 27.53 -89.63
CA ALA O 367 -101.76 28.09 -89.92
C ALA O 367 -101.60 28.53 -91.38
N GLY O 368 -102.67 28.56 -92.16
CA GLY O 368 -102.57 28.92 -93.55
C GLY O 368 -101.82 27.87 -94.34
N PRO O 369 -101.32 28.25 -95.52
CA PRO O 369 -100.43 27.31 -96.25
C PRO O 369 -99.14 27.04 -95.52
N SER O 370 -98.68 27.97 -94.68
CA SER O 370 -97.37 27.86 -94.04
C SER O 370 -97.23 26.57 -93.25
N ILE O 371 -98.35 25.98 -92.82
CA ILE O 371 -98.30 24.76 -92.02
C ILE O 371 -97.59 23.64 -92.78
N VAL O 372 -97.68 23.63 -94.11
CA VAL O 372 -97.03 22.53 -94.83
C VAL O 372 -95.53 22.59 -94.63
N HIS O 373 -94.98 23.79 -94.39
CA HIS O 373 -93.54 23.94 -94.16
C HIS O 373 -93.10 23.13 -92.96
N ARG O 374 -94.02 22.86 -92.03
CA ARG O 374 -93.76 22.08 -90.84
C ARG O 374 -94.42 20.72 -90.87
N LYS O 375 -95.35 20.48 -91.81
CA LYS O 375 -96.13 19.26 -91.78
C LYS O 375 -95.63 18.20 -92.75
N CYS O 376 -95.01 18.60 -93.86
CA CYS O 376 -94.40 17.63 -94.76
C CYS O 376 -92.93 17.43 -94.42
N PHE O 377 -92.15 18.50 -94.42
CA PHE O 377 -90.77 18.44 -93.96
C PHE O 377 -90.61 19.18 -92.63
N ASP P 3 -65.85 41.98 -168.48
CA ASP P 3 -65.11 41.28 -167.42
C ASP P 3 -63.84 42.03 -167.05
N GLU P 4 -63.61 42.15 -165.75
CA GLU P 4 -62.39 42.80 -165.25
C GLU P 4 -61.16 41.97 -165.60
N ASP P 5 -60.05 42.67 -165.85
CA ASP P 5 -58.80 41.99 -166.19
C ASP P 5 -58.34 41.08 -165.06
N GLU P 6 -58.70 41.40 -163.83
CA GLU P 6 -58.29 40.62 -162.67
C GLU P 6 -59.25 39.45 -162.49
N THR P 7 -58.77 38.39 -161.83
CA THR P 7 -59.52 37.15 -161.64
C THR P 7 -60.38 37.19 -160.38
N THR P 8 -60.84 38.37 -159.99
CA THR P 8 -61.65 38.55 -158.79
C THR P 8 -62.86 37.62 -158.77
N ALA P 9 -63.39 37.36 -157.58
CA ALA P 9 -64.41 36.34 -157.39
C ALA P 9 -65.80 36.88 -157.74
N LEU P 10 -66.72 35.94 -157.98
CA LEU P 10 -68.13 36.25 -158.17
C LEU P 10 -68.82 36.29 -156.80
N VAL P 11 -69.72 37.24 -156.63
CA VAL P 11 -70.51 37.38 -155.41
C VAL P 11 -71.97 37.32 -155.78
N CYS P 12 -72.67 36.27 -155.33
CA CYS P 12 -74.05 36.02 -155.72
C CYS P 12 -74.87 35.69 -154.48
N ASP P 13 -75.89 36.51 -154.21
CA ASP P 13 -76.85 36.27 -153.15
C ASP P 13 -78.12 35.69 -153.78
N ASN P 14 -78.34 34.39 -153.60
CA ASN P 14 -79.58 33.75 -154.02
C ASN P 14 -80.60 33.82 -152.90
N GLY P 15 -80.99 35.04 -152.56
CA GLY P 15 -81.95 35.24 -151.50
C GLY P 15 -83.30 34.66 -151.85
N SER P 16 -84.03 34.23 -150.81
CA SER P 16 -85.34 33.61 -150.99
C SER P 16 -86.32 34.70 -151.40
N GLY P 17 -86.34 35.00 -152.70
CA GLY P 17 -87.20 36.03 -153.24
C GLY P 17 -86.52 36.93 -154.25
N LEU P 18 -85.19 37.03 -154.17
CA LEU P 18 -84.43 37.88 -155.08
C LEU P 18 -83.04 37.28 -155.29
N VAL P 19 -82.55 37.37 -156.52
CA VAL P 19 -81.20 36.95 -156.86
C VAL P 19 -80.41 38.19 -157.24
N LYS P 20 -79.30 38.41 -156.54
CA LYS P 20 -78.47 39.61 -156.72
C LYS P 20 -77.02 39.16 -156.95
N ALA P 21 -76.51 39.37 -158.16
CA ALA P 21 -75.21 38.83 -158.53
C ALA P 21 -74.32 39.94 -159.07
N GLY P 22 -73.01 39.76 -158.89
CA GLY P 22 -72.05 40.72 -159.38
C GLY P 22 -70.64 40.26 -159.11
N PHE P 23 -69.71 41.20 -159.19
CA PHE P 23 -68.29 40.92 -159.02
C PHE P 23 -67.83 41.33 -157.62
N ALA P 24 -66.79 40.65 -157.14
CA ALA P 24 -66.17 41.02 -155.87
C ALA P 24 -65.44 42.36 -156.00
N GLY P 25 -65.44 43.12 -154.90
CA GLY P 25 -64.91 44.47 -154.91
C GLY P 25 -65.90 45.53 -155.33
N ASP P 26 -67.08 45.13 -155.80
CA ASP P 26 -68.13 46.07 -156.17
C ASP P 26 -68.99 46.41 -154.96
N ASP P 27 -69.59 47.60 -154.99
CA ASP P 27 -70.40 48.05 -153.87
C ASP P 27 -71.82 47.50 -153.90
N ALA P 28 -72.39 47.32 -155.09
CA ALA P 28 -73.74 46.80 -155.23
C ALA P 28 -73.78 45.72 -156.30
N PRO P 29 -74.67 44.73 -156.15
CA PRO P 29 -74.78 43.70 -157.18
C PRO P 29 -75.24 44.30 -158.51
N ARG P 30 -74.72 43.75 -159.61
CA ARG P 30 -75.01 44.31 -160.92
C ARG P 30 -76.33 43.78 -161.47
N ALA P 31 -76.56 42.47 -161.39
CA ALA P 31 -77.78 41.87 -161.93
C ALA P 31 -78.67 41.45 -160.77
N VAL P 32 -79.78 42.14 -160.60
CA VAL P 32 -80.73 41.87 -159.52
C VAL P 32 -82.08 41.60 -160.15
N PHE P 33 -82.64 40.42 -159.88
CA PHE P 33 -83.94 40.08 -160.42
C PHE P 33 -84.74 39.25 -159.43
N PRO P 34 -86.07 39.36 -159.46
CA PRO P 34 -86.91 38.49 -158.62
C PRO P 34 -86.83 37.04 -159.07
N SER P 35 -87.19 36.14 -158.15
CA SER P 35 -87.03 34.71 -158.34
C SER P 35 -88.23 34.04 -159.00
N ILE P 36 -89.02 34.79 -159.78
CA ILE P 36 -90.15 34.22 -160.49
C ILE P 36 -89.64 33.65 -161.81
N VAL P 37 -90.28 32.59 -162.30
CA VAL P 37 -89.89 31.97 -163.57
C VAL P 37 -91.15 31.71 -164.39
N GLY P 38 -91.16 32.20 -165.63
CA GLY P 38 -92.33 32.05 -166.48
C GLY P 38 -92.14 31.00 -167.57
N ARG P 39 -93.21 30.26 -167.84
CA ARG P 39 -93.20 29.22 -168.86
C ARG P 39 -94.39 29.43 -169.79
N PRO P 40 -94.26 29.01 -171.05
CA PRO P 40 -95.36 29.19 -172.01
C PRO P 40 -96.64 28.53 -171.54
N ARG P 41 -97.70 29.33 -171.43
CA ARG P 41 -99.00 28.82 -170.99
C ARG P 41 -99.64 27.87 -172.00
N HIS P 42 -99.27 27.94 -173.27
CA HIS P 42 -99.83 27.08 -174.29
C HIS P 42 -98.73 26.54 -175.19
N GLN P 43 -99.14 25.80 -176.22
CA GLN P 43 -98.22 25.14 -177.13
C GLN P 43 -97.93 25.98 -178.38
N GLY P 44 -96.97 25.50 -179.17
CA GLY P 44 -96.49 26.19 -180.34
C GLY P 44 -97.09 25.83 -181.69
N VAL P 45 -97.62 26.84 -182.39
CA VAL P 45 -98.20 26.67 -183.71
C VAL P 45 -97.71 27.79 -184.61
N MET P 46 -97.47 28.96 -184.02
CA MET P 46 -96.94 30.14 -184.68
C MET P 46 -95.44 29.99 -184.92
N VAL P 47 -94.90 30.91 -185.72
CA VAL P 47 -93.49 30.89 -186.10
C VAL P 47 -93.06 32.34 -186.36
N GLY P 48 -91.76 32.57 -186.49
CA GLY P 48 -91.21 33.87 -186.78
C GLY P 48 -90.62 34.62 -185.60
N MET P 49 -90.93 34.22 -184.38
CA MET P 49 -90.43 34.91 -183.20
C MET P 49 -90.81 34.11 -181.97
N GLY P 50 -90.20 34.48 -180.84
CA GLY P 50 -90.49 33.82 -179.58
C GLY P 50 -90.27 32.33 -179.61
N GLN P 51 -91.29 31.58 -179.14
CA GLN P 51 -91.28 30.12 -179.07
C GLN P 51 -90.08 29.62 -178.26
N LYS P 52 -89.88 30.24 -177.10
CA LYS P 52 -88.80 29.85 -176.20
C LYS P 52 -89.42 29.42 -174.88
N ASP P 53 -88.93 28.31 -174.33
CA ASP P 53 -89.45 27.77 -173.09
C ASP P 53 -89.21 28.68 -171.89
N SER P 54 -88.03 28.60 -171.29
CA SER P 54 -87.77 29.37 -170.08
C SER P 54 -87.71 30.86 -170.34
N TYR P 55 -88.39 31.63 -169.49
CA TYR P 55 -88.31 33.08 -169.49
C TYR P 55 -88.00 33.51 -168.07
N VAL P 56 -86.93 34.26 -167.90
CA VAL P 56 -86.46 34.70 -166.58
C VAL P 56 -86.18 36.19 -166.60
N GLY P 57 -86.20 36.79 -165.40
CA GLY P 57 -85.84 38.18 -165.24
C GLY P 57 -86.90 39.13 -165.77
N ASP P 58 -86.44 40.31 -166.19
CA ASP P 58 -87.36 41.33 -166.68
C ASP P 58 -88.12 40.86 -167.90
N GLU P 59 -87.55 39.94 -168.68
CA GLU P 59 -88.28 39.38 -169.81
C GLU P 59 -89.59 38.74 -169.33
N ALA P 60 -89.50 37.91 -168.29
CA ALA P 60 -90.71 37.31 -167.75
C ALA P 60 -91.60 38.34 -167.10
N GLN P 61 -91.01 39.38 -166.49
CA GLN P 61 -91.82 40.44 -165.90
C GLN P 61 -92.66 41.12 -166.96
N SER P 62 -92.09 41.38 -168.14
CA SER P 62 -92.86 41.92 -169.24
C SER P 62 -93.83 40.91 -169.82
N LYS P 63 -93.49 39.62 -169.74
CA LYS P 63 -94.32 38.58 -170.34
C LYS P 63 -95.10 37.80 -169.28
N ARG P 64 -95.47 38.47 -168.18
CA ARG P 64 -96.16 37.79 -167.08
C ARG P 64 -97.49 37.24 -167.52
N GLY P 65 -98.23 37.98 -168.34
CA GLY P 65 -99.57 37.57 -168.71
C GLY P 65 -99.62 36.31 -169.54
N ILE P 66 -98.63 36.01 -170.36
CA ILE P 66 -98.77 34.82 -171.20
C ILE P 66 -97.99 33.64 -170.70
N LEU P 67 -97.37 33.81 -169.53
CA LEU P 67 -96.63 32.71 -168.95
C LEU P 67 -97.30 32.24 -167.67
N THR P 68 -97.30 30.93 -167.46
CA THR P 68 -97.55 30.41 -166.12
C THR P 68 -96.34 30.76 -165.25
N LEU P 69 -96.59 31.50 -164.18
CA LEU P 69 -95.53 31.98 -163.33
C LEU P 69 -95.35 31.00 -162.18
N LYS P 70 -94.16 30.42 -162.09
CA LYS P 70 -93.86 29.36 -161.15
C LYS P 70 -92.62 29.75 -160.33
N TYR P 71 -92.52 29.19 -159.13
CA TYR P 71 -91.44 29.53 -158.21
C TYR P 71 -90.52 28.33 -158.09
N PRO P 72 -89.31 28.38 -158.62
CA PRO P 72 -88.38 27.24 -158.46
C PRO P 72 -88.01 26.96 -157.02
N ILE P 73 -88.15 27.95 -156.13
CA ILE P 73 -87.90 27.77 -154.70
C ILE P 73 -89.04 28.41 -153.92
N GLU P 74 -89.48 27.72 -152.87
CA GLU P 74 -90.49 28.29 -151.98
C GLU P 74 -90.16 27.82 -150.56
N GLY P 76 -87.43 27.68 -149.21
CA GLY P 76 -86.21 26.90 -149.24
C GLY P 76 -86.29 25.61 -150.06
N ILE P 77 -87.50 25.06 -150.19
CA ILE P 77 -87.67 23.80 -150.90
C ILE P 77 -87.37 23.99 -152.37
N ILE P 78 -86.67 23.02 -152.96
CA ILE P 78 -86.23 23.10 -154.35
C ILE P 78 -87.13 22.22 -155.20
N THR P 79 -87.68 22.80 -156.28
CA THR P 79 -88.54 22.05 -157.20
C THR P 79 -87.71 21.35 -158.29
N ASN P 80 -87.05 22.13 -159.14
CA ASN P 80 -86.36 21.59 -160.31
C ASN P 80 -85.01 22.28 -160.47
N TRP P 81 -83.94 21.50 -160.34
CA TRP P 81 -82.59 22.04 -160.50
C TRP P 81 -82.34 22.59 -161.89
N ASP P 82 -83.03 22.06 -162.91
CA ASP P 82 -82.89 22.61 -164.26
C ASP P 82 -83.26 24.09 -164.29
N ASP P 83 -84.25 24.49 -163.49
CA ASP P 83 -84.64 25.90 -163.46
C ASP P 83 -83.50 26.78 -162.94
N MET P 84 -82.85 26.35 -161.85
CA MET P 84 -81.67 27.06 -161.37
C MET P 84 -80.54 27.04 -162.39
N GLU P 85 -80.35 25.92 -163.08
CA GLU P 85 -79.35 25.85 -164.13
C GLU P 85 -79.57 26.95 -165.17
N LYS P 86 -80.80 27.04 -165.68
CA LYS P 86 -81.11 28.04 -166.70
C LYS P 86 -80.98 29.46 -166.16
N ILE P 87 -81.48 29.72 -164.94
CA ILE P 87 -81.45 31.10 -164.47
C ILE P 87 -80.02 31.52 -164.17
N TRP P 88 -79.17 30.60 -163.69
CA TRP P 88 -77.77 30.91 -163.46
C TRP P 88 -77.03 31.12 -164.78
N HIS P 89 -77.34 30.32 -165.81
CA HIS P 89 -76.82 30.58 -167.15
C HIS P 89 -77.17 32.00 -167.60
N HIS P 90 -78.44 32.37 -167.46
CA HIS P 90 -78.89 33.70 -167.86
C HIS P 90 -78.15 34.78 -167.09
N THR P 91 -78.05 34.61 -165.76
CA THR P 91 -77.40 35.61 -164.93
C THR P 91 -75.94 35.77 -165.31
N PHE P 92 -75.23 34.65 -165.48
CA PHE P 92 -73.78 34.72 -165.73
C PHE P 92 -73.48 35.28 -167.11
N TYR P 93 -74.25 34.89 -168.13
CA TYR P 93 -73.87 35.21 -169.50
C TYR P 93 -74.68 36.33 -170.12
N ASN P 94 -76.00 36.34 -169.93
CA ASN P 94 -76.86 37.36 -170.51
C ASN P 94 -76.95 38.60 -169.65
N GLU P 95 -76.75 38.47 -168.33
CA GLU P 95 -76.91 39.59 -167.40
C GLU P 95 -75.59 40.05 -166.80
N LEU P 96 -74.73 39.14 -166.35
CA LEU P 96 -73.44 39.53 -165.81
C LEU P 96 -72.34 39.57 -166.88
N ARG P 97 -72.59 38.93 -168.04
CA ARG P 97 -71.62 38.88 -169.13
C ARG P 97 -70.28 38.34 -168.63
N VAL P 98 -70.33 37.31 -167.80
CA VAL P 98 -69.14 36.73 -167.19
C VAL P 98 -69.15 35.21 -167.36
N ALA P 99 -67.96 34.64 -167.45
CA ALA P 99 -67.80 33.20 -167.51
C ALA P 99 -67.34 32.70 -166.16
N PRO P 100 -68.01 31.70 -165.57
CA PRO P 100 -67.61 31.24 -164.23
C PRO P 100 -66.34 30.41 -164.22
N GLU P 101 -65.71 30.18 -165.37
CA GLU P 101 -64.48 29.40 -165.41
C GLU P 101 -63.35 30.08 -164.63
N GLU P 102 -63.23 31.40 -164.75
CA GLU P 102 -62.09 32.14 -164.24
C GLU P 102 -62.38 32.88 -162.94
N HIS P 103 -63.56 32.70 -162.34
CA HIS P 103 -63.88 33.41 -161.11
C HIS P 103 -64.54 32.48 -160.09
N PRO P 104 -63.92 32.30 -158.92
CA PRO P 104 -64.59 31.57 -157.84
C PRO P 104 -65.84 32.29 -157.38
N THR P 105 -66.78 31.53 -156.85
CA THR P 105 -68.10 32.04 -156.49
C THR P 105 -68.32 31.97 -154.98
N LEU P 106 -68.73 33.10 -154.41
CA LEU P 106 -69.24 33.15 -153.04
C LEU P 106 -70.75 33.28 -153.09
N LEU P 107 -71.44 32.31 -152.50
CA LEU P 107 -72.89 32.25 -152.49
C LEU P 107 -73.42 32.35 -151.08
N THR P 108 -74.64 32.86 -150.95
CA THR P 108 -75.34 32.93 -149.68
C THR P 108 -76.58 32.07 -149.76
N GLU P 109 -76.87 31.32 -148.69
CA GLU P 109 -78.00 30.41 -148.67
C GLU P 109 -78.93 30.78 -147.54
N ALA P 110 -80.20 30.39 -147.69
CA ALA P 110 -81.20 30.64 -146.67
C ALA P 110 -80.82 29.92 -145.37
N PRO P 111 -81.12 30.52 -144.22
CA PRO P 111 -80.73 29.91 -142.94
C PRO P 111 -81.33 28.52 -142.79
N LEU P 112 -80.51 27.60 -142.24
CA LEU P 112 -80.93 26.24 -141.94
C LEU P 112 -81.45 25.51 -143.18
N ASN P 113 -80.78 25.74 -144.30
CA ASN P 113 -81.16 25.04 -145.53
C ASN P 113 -80.76 23.57 -145.43
N PRO P 114 -81.47 22.68 -146.11
CA PRO P 114 -81.18 21.24 -145.97
C PRO P 114 -79.74 20.93 -146.34
N LYS P 115 -79.15 20.01 -145.58
CA LYS P 115 -77.80 19.54 -145.89
C LYS P 115 -77.79 18.70 -147.16
N ALA P 116 -78.85 17.90 -147.36
CA ALA P 116 -79.01 17.17 -148.61
C ALA P 116 -79.18 18.13 -149.78
N ASN P 117 -79.92 19.22 -149.56
CA ASN P 117 -80.04 20.25 -150.57
C ASN P 117 -78.69 20.84 -150.93
N ARG P 118 -77.86 21.09 -149.92
CA ARG P 118 -76.54 21.63 -150.18
C ARG P 118 -75.68 20.63 -150.97
N GLU P 119 -75.71 19.35 -150.57
CA GLU P 119 -74.92 18.33 -151.26
C GLU P 119 -75.35 18.14 -152.72
N LYS P 120 -76.65 18.12 -153.01
CA LYS P 120 -77.12 17.98 -154.38
C LYS P 120 -76.83 19.23 -155.21
N MET P 121 -77.13 20.40 -154.67
CA MET P 121 -76.89 21.63 -155.42
C MET P 121 -75.42 21.81 -155.72
N THR P 122 -74.54 21.50 -154.75
CA THR P 122 -73.10 21.63 -155.00
C THR P 122 -72.64 20.63 -156.05
N GLN P 123 -73.19 19.41 -156.03
CA GLN P 123 -72.75 18.40 -156.98
C GLN P 123 -73.18 18.76 -158.40
N ILE P 124 -74.46 19.11 -158.58
CA ILE P 124 -74.93 19.52 -159.90
C ILE P 124 -74.17 20.75 -160.38
N MET P 125 -73.94 21.70 -159.48
CA MET P 125 -73.14 22.88 -159.81
C MET P 125 -71.77 22.50 -160.34
N PHE P 126 -71.01 21.73 -159.56
CA PHE P 126 -69.64 21.39 -159.95
C PHE P 126 -69.62 20.60 -161.27
N GLU P 127 -70.57 19.69 -161.47
CA GLU P 127 -70.57 18.95 -162.73
C GLU P 127 -70.98 19.86 -163.90
N THR P 128 -72.09 20.58 -163.75
CA THR P 128 -72.59 21.41 -164.86
C THR P 128 -71.65 22.57 -165.15
N PHE P 129 -71.21 23.29 -164.13
CA PHE P 129 -70.38 24.48 -164.30
C PHE P 129 -68.91 24.14 -164.10
N ASN P 130 -68.06 25.12 -164.39
CA ASN P 130 -66.61 24.98 -164.26
C ASN P 130 -66.03 26.04 -163.35
N VAL P 131 -66.74 26.36 -162.27
CA VAL P 131 -66.24 27.35 -161.32
C VAL P 131 -64.94 26.85 -160.70
N PRO P 132 -63.90 27.68 -160.57
CA PRO P 132 -62.64 27.17 -160.00
C PRO P 132 -62.77 26.85 -158.53
N ALA P 133 -63.48 27.68 -157.76
CA ALA P 133 -63.51 27.52 -156.32
C ALA P 133 -64.86 28.01 -155.80
N MET P 134 -65.16 27.63 -154.56
CA MET P 134 -66.50 27.78 -154.00
C MET P 134 -66.45 28.20 -152.55
N TYR P 135 -67.47 28.93 -152.14
CA TYR P 135 -67.76 29.14 -150.73
C TYR P 135 -69.23 29.53 -150.62
N VAL P 136 -69.92 28.93 -149.66
CA VAL P 136 -71.31 29.26 -149.38
C VAL P 136 -71.48 29.55 -147.90
N ALA P 137 -72.25 30.58 -147.59
CA ALA P 137 -72.41 31.05 -146.22
C ALA P 137 -73.87 31.37 -145.94
N ILE P 138 -74.21 31.37 -144.65
CA ILE P 138 -75.56 31.73 -144.21
C ILE P 138 -75.75 33.24 -144.33
N GLN P 139 -76.95 33.66 -144.75
CA GLN P 139 -77.21 35.09 -144.94
C GLN P 139 -77.21 35.85 -143.62
N ALA P 140 -77.31 35.15 -142.49
CA ALA P 140 -77.35 35.81 -141.19
C ALA P 140 -76.04 36.53 -140.91
N VAL P 141 -74.92 35.81 -141.04
CA VAL P 141 -73.62 36.42 -140.79
C VAL P 141 -73.32 37.48 -141.85
N LEU P 142 -73.86 37.31 -143.06
CA LEU P 142 -73.70 38.34 -144.09
C LEU P 142 -74.38 39.65 -143.68
N SER P 143 -75.61 39.56 -143.18
CA SER P 143 -76.28 40.77 -142.69
C SER P 143 -75.54 41.35 -141.49
N LEU P 144 -75.01 40.48 -140.64
CA LEU P 144 -74.16 40.92 -139.53
C LEU P 144 -72.97 41.71 -140.06
N TYR P 145 -72.31 41.21 -141.09
CA TYR P 145 -71.16 41.88 -141.67
C TYR P 145 -71.56 43.23 -142.23
N ALA P 146 -72.72 43.28 -142.89
CA ALA P 146 -73.24 44.55 -143.39
C ALA P 146 -73.44 45.55 -142.26
N SER P 147 -73.97 45.07 -141.12
CA SER P 147 -74.07 45.95 -139.95
C SER P 147 -72.70 46.20 -139.32
N GLY P 148 -71.77 45.27 -139.46
CA GLY P 148 -70.44 45.45 -138.92
C GLY P 148 -70.39 45.49 -137.41
N ARG P 149 -71.23 44.70 -136.74
CA ARG P 149 -71.23 44.61 -135.28
C ARG P 149 -71.48 43.17 -134.90
N THR P 150 -70.52 42.57 -134.19
CA THR P 150 -70.53 41.15 -133.87
C THR P 150 -71.63 40.72 -132.92
N THR P 151 -72.33 41.66 -132.28
CA THR P 151 -73.38 41.32 -131.32
C THR P 151 -74.74 41.75 -131.85
N GLY P 152 -75.72 40.87 -131.75
CA GLY P 152 -77.07 41.20 -132.16
C GLY P 152 -77.85 39.97 -132.57
N ILE P 153 -79.15 40.14 -132.68
CA ILE P 153 -80.06 39.11 -133.18
C ILE P 153 -80.60 39.57 -134.53
N VAL P 154 -80.42 38.73 -135.55
CA VAL P 154 -80.77 39.04 -136.92
C VAL P 154 -82.17 38.49 -137.19
N LEU P 155 -83.06 39.37 -137.67
CA LEU P 155 -84.37 38.99 -138.17
C LEU P 155 -84.31 39.05 -139.69
N ASP P 156 -84.12 37.91 -140.33
CA ASP P 156 -84.07 37.80 -141.79
C ASP P 156 -85.48 37.52 -142.31
N SER P 157 -86.10 38.53 -142.93
CA SER P 157 -87.46 38.40 -143.47
C SER P 157 -87.38 38.26 -144.98
N GLY P 158 -87.18 37.03 -145.44
CA GLY P 158 -87.22 36.73 -146.86
C GLY P 158 -88.64 36.64 -147.38
N ASP P 159 -88.76 36.11 -148.60
CA ASP P 159 -90.07 35.93 -149.22
C ASP P 159 -90.66 34.54 -148.99
N GLY P 160 -89.92 33.63 -148.37
CA GLY P 160 -90.47 32.33 -148.05
C GLY P 160 -90.47 31.99 -146.58
N VAL P 161 -89.47 32.49 -145.85
CA VAL P 161 -89.31 32.22 -144.42
C VAL P 161 -88.83 33.48 -143.72
N THR P 162 -89.19 33.61 -142.44
CA THR P 162 -88.61 34.60 -141.56
C THR P 162 -87.81 33.88 -140.48
N HIS P 163 -86.54 34.22 -140.36
CA HIS P 163 -85.61 33.55 -139.46
C HIS P 163 -85.18 34.51 -138.36
N ASN P 164 -85.17 34.02 -137.13
CA ASN P 164 -84.56 34.76 -136.03
C ASN P 164 -83.34 33.99 -135.54
N VAL P 165 -82.19 34.67 -135.59
CA VAL P 165 -80.90 34.05 -135.30
C VAL P 165 -80.12 34.96 -134.34
N PRO P 166 -79.78 34.50 -133.13
CA PRO P 166 -78.94 35.33 -132.27
C PRO P 166 -77.47 35.02 -132.46
N ILE P 167 -76.65 36.07 -132.50
CA ILE P 167 -75.21 35.92 -132.62
C ILE P 167 -74.57 36.91 -131.65
N TYR P 168 -73.80 36.39 -130.70
CA TYR P 168 -73.15 37.23 -129.69
C TYR P 168 -71.65 37.21 -129.95
N GLU P 169 -71.07 38.41 -130.08
CA GLU P 169 -69.63 38.58 -130.32
C GLU P 169 -69.17 37.71 -131.49
N GLY P 170 -69.93 37.76 -132.57
CA GLY P 170 -69.60 37.02 -133.78
C GLY P 170 -69.55 35.52 -133.59
N TYR P 171 -70.55 34.96 -132.94
CA TYR P 171 -70.64 33.52 -132.85
C TYR P 171 -72.10 33.16 -132.98
N ALA P 172 -72.34 32.14 -133.78
CA ALA P 172 -73.70 31.68 -134.06
C ALA P 172 -74.27 30.91 -132.87
N LEU P 173 -75.58 31.04 -132.66
CA LEU P 173 -76.31 30.35 -131.61
C LEU P 173 -77.43 29.51 -132.20
N PRO P 174 -77.10 28.38 -132.85
CA PRO P 174 -78.15 27.56 -133.47
C PRO P 174 -79.20 27.08 -132.49
N HIS P 175 -78.84 26.90 -131.21
CA HIS P 175 -79.81 26.44 -130.22
C HIS P 175 -80.94 27.43 -130.02
N ALA P 176 -80.73 28.70 -130.37
CA ALA P 176 -81.74 29.74 -130.22
C ALA P 176 -82.15 30.32 -131.56
N ILE P 177 -82.06 29.53 -132.62
CA ILE P 177 -82.43 29.97 -133.96
C ILE P 177 -83.72 29.29 -134.36
N MET P 178 -84.64 30.06 -134.95
CA MET P 178 -85.94 29.54 -135.36
C MET P 178 -86.34 30.09 -136.73
N ARG P 179 -87.14 29.28 -137.42
CA ARG P 179 -87.69 29.63 -138.73
C ARG P 179 -89.22 29.65 -138.62
N LEU P 180 -89.83 30.71 -139.14
CA LEU P 180 -91.27 30.89 -139.16
C LEU P 180 -91.74 30.93 -140.60
N ASP P 181 -92.80 30.18 -140.89
CA ASP P 181 -93.34 30.02 -142.24
C ASP P 181 -94.15 31.21 -142.70
N LEU P 182 -94.07 32.36 -142.02
CA LEU P 182 -94.72 33.58 -142.47
C LEU P 182 -93.73 34.42 -143.25
N ALA P 183 -94.16 34.91 -144.41
CA ALA P 183 -93.29 35.67 -145.30
C ALA P 183 -94.17 36.39 -146.30
N GLY P 184 -93.55 36.86 -147.39
CA GLY P 184 -94.28 37.64 -148.37
C GLY P 184 -95.47 36.87 -148.91
N ARG P 185 -95.29 35.57 -149.14
CA ARG P 185 -96.37 34.75 -149.68
C ARG P 185 -97.62 34.89 -148.83
N ASP P 186 -97.46 34.71 -147.51
CA ASP P 186 -98.58 34.85 -146.58
C ASP P 186 -99.19 36.23 -146.69
N LEU P 187 -98.36 37.27 -146.71
CA LEU P 187 -98.84 38.64 -146.79
C LEU P 187 -99.74 38.82 -148.00
N THR P 188 -99.27 38.37 -149.16
CA THR P 188 -100.07 38.46 -150.39
C THR P 188 -101.36 37.67 -150.27
N ASP P 189 -101.29 36.45 -149.73
CA ASP P 189 -102.49 35.63 -149.54
C ASP P 189 -103.53 36.35 -148.69
N TYR P 190 -103.16 36.72 -147.47
CA TYR P 190 -104.06 37.44 -146.57
C TYR P 190 -104.64 38.68 -147.23
N LEU P 191 -103.80 39.47 -147.91
CA LEU P 191 -104.31 40.66 -148.59
C LEU P 191 -105.26 40.27 -149.71
N MET P 192 -105.01 39.14 -150.36
CA MET P 192 -105.89 38.65 -151.40
C MET P 192 -107.28 38.35 -150.85
N LYS P 193 -107.34 37.68 -149.70
CA LYS P 193 -108.65 37.36 -149.14
C LYS P 193 -109.36 38.62 -148.66
N ILE P 194 -108.63 39.57 -148.07
CA ILE P 194 -109.28 40.81 -147.64
C ILE P 194 -109.78 41.60 -148.84
N LEU P 195 -108.99 41.69 -149.91
CA LEU P 195 -109.46 42.35 -151.12
C LEU P 195 -110.64 41.62 -151.75
N THR P 196 -110.66 40.29 -151.63
CA THR P 196 -111.85 39.53 -152.02
C THR P 196 -113.07 39.97 -151.21
N GLU P 197 -112.90 40.17 -149.91
CA GLU P 197 -113.98 40.73 -149.10
C GLU P 197 -114.24 42.20 -149.41
N ARG P 198 -113.34 42.87 -150.14
CA ARG P 198 -113.59 44.23 -150.59
C ARG P 198 -114.25 44.29 -151.95
N GLY P 199 -114.43 43.15 -152.62
CA GLY P 199 -115.13 43.10 -153.90
C GLY P 199 -114.27 42.72 -155.07
N TYR P 200 -112.95 42.61 -154.89
CA TYR P 200 -112.02 42.34 -155.98
C TYR P 200 -111.36 40.98 -155.71
N SER P 201 -111.64 40.00 -156.57
CA SER P 201 -111.24 38.62 -156.35
C SER P 201 -110.40 38.17 -157.54
N PHE P 202 -109.08 38.09 -157.37
CA PHE P 202 -108.18 37.62 -158.40
C PHE P 202 -107.33 36.48 -157.85
N VAL P 203 -106.86 35.62 -158.76
CA VAL P 203 -106.12 34.42 -158.38
C VAL P 203 -104.74 34.40 -159.02
N THR P 204 -104.60 35.02 -160.19
CA THR P 204 -103.38 34.91 -160.97
C THR P 204 -102.25 35.74 -160.37
N THR P 205 -101.03 35.47 -160.84
CA THR P 205 -99.82 36.02 -160.25
C THR P 205 -99.60 37.49 -160.61
N ALA P 206 -100.15 37.97 -161.72
CA ALA P 206 -99.98 39.38 -162.06
C ALA P 206 -100.60 40.25 -160.99
N GLU P 207 -101.77 39.85 -160.52
CA GLU P 207 -102.40 40.60 -159.45
C GLU P 207 -101.63 40.35 -158.16
N ARG P 208 -100.92 39.23 -158.03
CA ARG P 208 -100.08 39.01 -156.85
C ARG P 208 -99.00 40.07 -156.78
N GLU P 209 -98.36 40.33 -157.92
CA GLU P 209 -97.32 41.34 -157.98
C GLU P 209 -97.91 42.74 -157.78
N ILE P 210 -99.11 42.99 -158.33
CA ILE P 210 -99.77 44.27 -158.12
C ILE P 210 -100.02 44.50 -156.63
N VAL P 211 -100.52 43.47 -155.92
CA VAL P 211 -100.85 43.68 -154.52
C VAL P 211 -99.60 43.73 -153.65
N ARG P 212 -98.51 43.04 -154.05
CA ARG P 212 -97.27 43.24 -153.29
C ARG P 212 -96.71 44.62 -153.53
N ASP P 213 -96.88 45.17 -154.74
CA ASP P 213 -96.52 46.56 -154.99
C ASP P 213 -97.34 47.50 -154.11
N ILE P 214 -98.64 47.20 -153.97
CA ILE P 214 -99.49 47.98 -153.06
C ILE P 214 -98.92 47.90 -151.64
N LYS P 215 -98.49 46.71 -151.22
CA LYS P 215 -97.88 46.57 -149.90
C LYS P 215 -96.60 47.40 -149.80
N GLU P 216 -95.83 47.48 -150.88
CA GLU P 216 -94.62 48.28 -150.88
C GLU P 216 -94.95 49.76 -150.73
N LYS P 217 -96.03 50.21 -151.34
CA LYS P 217 -96.31 51.64 -151.40
C LYS P 217 -97.12 52.15 -150.21
N LEU P 218 -98.32 51.57 -149.99
CA LEU P 218 -99.32 52.20 -149.14
C LEU P 218 -99.44 51.60 -147.74
N CYS P 219 -98.91 50.40 -147.50
CA CYS P 219 -99.26 49.70 -146.27
C CYS P 219 -98.71 50.38 -145.03
N TYR P 220 -99.50 50.36 -143.97
CA TYR P 220 -99.13 50.81 -142.64
C TYR P 220 -98.82 49.64 -141.73
N VAL P 221 -98.13 49.93 -140.64
CA VAL P 221 -98.06 49.05 -139.46
C VAL P 221 -98.78 49.77 -138.33
N ALA P 222 -99.96 49.26 -137.94
CA ALA P 222 -100.81 49.94 -136.99
C ALA P 222 -100.11 50.09 -135.64
N LEU P 223 -100.17 51.30 -135.07
CA LEU P 223 -99.66 51.50 -133.73
C LEU P 223 -100.55 50.83 -132.68
N ASP P 224 -101.87 51.00 -132.80
CA ASP P 224 -102.86 50.31 -132.01
C ASP P 224 -103.88 49.75 -132.99
N PHE P 225 -104.20 48.47 -132.88
CA PHE P 225 -104.91 47.83 -133.98
C PHE P 225 -106.41 48.14 -133.98
N GLU P 226 -107.12 47.68 -132.95
CA GLU P 226 -108.56 47.78 -132.97
C GLU P 226 -109.02 49.24 -132.88
N ASN P 227 -108.26 50.08 -132.17
CA ASN P 227 -108.56 51.50 -132.14
C ASN P 227 -108.39 52.12 -133.53
N GLU P 228 -107.41 51.66 -134.30
CA GLU P 228 -107.24 52.24 -135.63
C GLU P 228 -108.29 51.76 -136.62
N MET P 229 -108.78 50.51 -136.52
CA MET P 229 -109.97 50.22 -137.34
C MET P 229 -111.19 50.98 -136.84
N ALA P 230 -111.32 51.21 -135.53
CA ALA P 230 -112.45 51.97 -135.01
C ALA P 230 -112.46 53.38 -135.57
N THR P 231 -111.31 54.04 -135.60
CA THR P 231 -111.22 55.35 -136.24
C THR P 231 -111.12 55.27 -137.76
N ALA P 232 -110.84 54.10 -138.32
CA ALA P 232 -110.81 53.92 -139.76
C ALA P 232 -112.17 53.54 -140.34
N ALA P 233 -113.18 53.45 -139.49
CA ALA P 233 -114.55 53.25 -139.96
C ALA P 233 -114.87 54.16 -141.14
N SER P 234 -114.82 55.48 -140.94
CA SER P 234 -114.95 56.41 -142.05
C SER P 234 -113.60 56.88 -142.60
N SER P 235 -112.80 57.59 -141.79
CA SER P 235 -111.45 57.94 -142.18
C SER P 235 -111.31 58.35 -143.61
N SER P 236 -111.92 59.44 -143.98
CA SER P 236 -111.75 59.90 -145.35
C SER P 236 -110.30 60.28 -145.63
N SER P 237 -109.66 60.99 -144.70
CA SER P 237 -108.25 61.36 -144.88
C SER P 237 -107.34 60.15 -144.70
N LEU P 238 -107.57 59.34 -143.68
CA LEU P 238 -106.69 58.20 -143.40
C LEU P 238 -106.78 57.13 -144.47
N GLU P 239 -107.96 56.95 -145.07
CA GLU P 239 -108.11 56.00 -146.16
C GLU P 239 -107.27 56.42 -147.36
N LYS P 240 -106.59 55.46 -147.99
CA LYS P 240 -105.64 55.77 -149.04
C LYS P 240 -105.97 54.99 -150.30
N SER P 241 -105.66 55.57 -151.45
CA SER P 241 -106.03 55.00 -152.73
C SER P 241 -104.78 54.69 -153.54
N TYR P 242 -104.94 53.79 -154.52
CA TYR P 242 -103.90 53.45 -155.47
C TYR P 242 -104.44 53.50 -156.88
N GLU P 243 -103.55 53.84 -157.81
CA GLU P 243 -103.86 53.92 -159.23
C GLU P 243 -103.28 52.70 -159.92
N LEU P 244 -104.12 51.69 -160.16
CA LEU P 244 -103.69 50.48 -160.82
C LEU P 244 -103.34 50.76 -162.28
N PRO P 245 -102.38 50.01 -162.84
CA PRO P 245 -101.87 50.33 -164.19
C PRO P 245 -102.96 50.37 -165.25
N ASP P 246 -104.04 49.60 -165.11
CA ASP P 246 -105.16 49.72 -166.02
C ASP P 246 -105.86 51.07 -165.92
N GLY P 247 -105.66 51.80 -164.83
CA GLY P 247 -106.26 53.10 -164.61
C GLY P 247 -107.35 53.18 -163.56
N GLN P 248 -107.88 52.05 -163.08
CA GLN P 248 -108.91 52.14 -162.05
C GLN P 248 -108.30 52.55 -160.71
N VAL P 249 -109.08 53.30 -159.94
CA VAL P 249 -108.65 53.78 -158.63
C VAL P 249 -109.22 52.80 -157.60
N ILE P 250 -108.33 52.13 -156.89
CA ILE P 250 -108.72 51.16 -155.86
C ILE P 250 -108.38 51.74 -154.50
N THR P 251 -109.39 51.86 -153.65
CA THR P 251 -109.27 52.51 -152.36
C THR P 251 -109.22 51.47 -151.25
N ILE P 252 -108.26 51.61 -150.33
CA ILE P 252 -108.07 50.72 -149.21
C ILE P 252 -107.87 51.55 -147.95
N GLY P 253 -108.50 51.13 -146.85
CA GLY P 253 -108.39 51.85 -145.60
C GLY P 253 -107.62 51.12 -144.52
N ASN P 254 -108.35 50.48 -143.60
CA ASN P 254 -107.70 49.77 -142.50
C ASN P 254 -106.83 48.62 -142.99
N GLU P 255 -107.13 48.06 -144.17
CA GLU P 255 -106.36 46.93 -144.68
C GLU P 255 -104.88 47.26 -144.76
N ARG P 256 -104.54 48.53 -145.01
CA ARG P 256 -103.13 48.94 -145.08
C ARG P 256 -102.36 48.50 -143.85
N PHE P 257 -102.93 48.66 -142.67
CA PHE P 257 -102.28 48.19 -141.45
C PHE P 257 -102.89 46.92 -140.90
N ARG P 258 -103.87 46.33 -141.59
CA ARG P 258 -104.36 45.03 -141.17
C ARG P 258 -103.65 43.88 -141.88
N CYS P 259 -102.85 44.17 -142.91
CA CYS P 259 -102.05 43.11 -143.57
C CYS P 259 -100.74 42.72 -142.86
N PRO P 260 -99.82 43.69 -142.59
CA PRO P 260 -98.60 43.25 -141.87
C PRO P 260 -98.88 42.84 -140.43
N GLU P 261 -100.02 43.24 -139.89
CA GLU P 261 -100.38 42.88 -138.53
C GLU P 261 -100.47 41.36 -138.39
N THR P 262 -100.82 40.65 -139.45
CA THR P 262 -100.98 39.20 -139.36
C THR P 262 -99.69 38.52 -138.93
N LEU P 263 -98.53 39.00 -139.36
CA LEU P 263 -97.28 38.40 -138.86
C LEU P 263 -97.24 38.59 -137.35
N PHE P 264 -97.57 39.78 -136.87
CA PHE P 264 -97.64 40.04 -135.43
C PHE P 264 -98.78 39.31 -134.73
N GLN P 265 -99.90 39.10 -135.43
CA GLN P 265 -101.08 38.42 -134.88
C GLN P 265 -101.44 37.22 -135.76
N PRO P 266 -100.72 36.08 -135.60
CA PRO P 266 -100.95 34.94 -136.51
C PRO P 266 -102.30 34.28 -136.34
N SER P 267 -102.99 34.51 -135.23
CA SER P 267 -104.30 33.89 -135.01
C SER P 267 -105.33 34.32 -136.03
N PHE P 268 -105.07 35.39 -136.79
CA PHE P 268 -106.00 35.80 -137.83
C PHE P 268 -106.21 34.69 -138.86
N ILE P 269 -105.14 34.02 -139.28
CA ILE P 269 -105.30 32.91 -140.21
C ILE P 269 -104.74 31.61 -139.66
N GLY P 270 -104.72 31.48 -138.33
CA GLY P 270 -104.52 30.17 -137.73
C GLY P 270 -103.11 29.61 -137.65
N MET P 271 -102.22 30.26 -136.92
CA MET P 271 -100.93 29.68 -136.57
C MET P 271 -100.85 29.54 -135.06
N GLU P 272 -100.33 28.38 -134.61
CA GLU P 272 -100.07 28.19 -133.19
C GLU P 272 -99.01 29.17 -132.69
N SER P 273 -97.97 29.38 -133.48
CA SER P 273 -96.92 30.32 -133.11
C SER P 273 -97.50 31.72 -133.01
N ALA P 274 -97.05 32.47 -132.00
CA ALA P 274 -97.50 33.84 -131.80
C ALA P 274 -96.73 34.76 -132.75
N GLY P 275 -96.83 36.07 -132.52
CA GLY P 275 -96.17 37.02 -133.38
C GLY P 275 -94.66 36.86 -133.37
N ILE P 276 -94.02 37.42 -134.41
CA ILE P 276 -92.58 37.30 -134.55
C ILE P 276 -91.82 37.95 -133.39
N HIS P 277 -92.43 38.92 -132.72
CA HIS P 277 -91.80 39.49 -131.52
C HIS P 277 -91.73 38.45 -130.41
N GLU P 278 -92.74 37.59 -130.27
CA GLU P 278 -92.63 36.48 -129.33
C GLU P 278 -91.50 35.54 -129.72
N THR P 279 -91.28 35.35 -131.03
CA THR P 279 -90.21 34.44 -131.48
C THR P 279 -88.86 35.07 -131.18
N THR P 280 -88.73 36.38 -131.30
CA THR P 280 -87.47 36.98 -130.87
C THR P 280 -87.31 36.92 -129.36
N TYR P 281 -88.38 37.17 -128.61
CA TYR P 281 -88.35 37.05 -127.14
C TYR P 281 -87.91 35.67 -126.65
N ASN P 282 -88.62 34.60 -127.07
CA ASN P 282 -88.22 33.25 -126.66
C ASN P 282 -86.77 33.01 -127.04
N SER P 283 -86.40 33.36 -128.28
CA SER P 283 -85.04 33.15 -128.75
C SER P 283 -84.07 33.77 -127.75
N ILE P 284 -84.37 34.99 -127.30
CA ILE P 284 -83.47 35.68 -126.38
C ILE P 284 -83.35 34.90 -125.08
N MET P 285 -84.49 34.56 -124.44
CA MET P 285 -84.37 33.88 -123.14
C MET P 285 -83.75 32.48 -123.20
N LYS P 286 -83.81 31.78 -124.33
CA LYS P 286 -83.23 30.45 -124.43
C LYS P 286 -81.76 30.46 -124.03
N CYS P 287 -81.05 31.55 -124.33
CA CYS P 287 -79.63 31.68 -124.06
C CYS P 287 -79.46 32.27 -122.66
N ASP P 288 -78.22 32.27 -122.16
CA ASP P 288 -77.95 32.80 -120.82
C ASP P 288 -78.58 34.16 -120.60
N ILE P 289 -79.00 34.38 -119.36
CA ILE P 289 -79.71 35.59 -118.96
C ILE P 289 -78.89 36.85 -119.26
N ASP P 290 -77.62 36.86 -118.87
CA ASP P 290 -76.88 38.11 -118.75
C ASP P 290 -76.82 38.88 -120.06
N ILE P 291 -76.44 38.23 -121.16
CA ILE P 291 -76.26 38.95 -122.41
C ILE P 291 -77.57 39.36 -123.04
N ARG P 292 -78.70 38.92 -122.45
CA ARG P 292 -79.99 39.18 -123.07
C ARG P 292 -80.21 40.67 -123.26
N LYS P 293 -79.78 41.48 -122.28
CA LYS P 293 -79.93 42.93 -122.41
C LYS P 293 -79.24 43.43 -123.68
N ASP P 294 -78.01 42.96 -123.93
CA ASP P 294 -77.31 43.35 -125.15
C ASP P 294 -78.10 42.93 -126.39
N LEU P 295 -78.68 41.74 -126.36
CA LEU P 295 -79.51 41.31 -127.48
C LEU P 295 -80.67 42.28 -127.66
N TYR P 296 -81.28 42.72 -126.56
CA TYR P 296 -82.34 43.71 -126.64
C TYR P 296 -81.85 44.97 -127.31
N ALA P 297 -80.64 45.41 -126.98
CA ALA P 297 -80.14 46.67 -127.48
C ALA P 297 -79.45 46.57 -128.83
N ASN P 298 -79.23 45.36 -129.34
CA ASN P 298 -78.46 45.17 -130.56
C ASN P 298 -79.24 44.42 -131.63
N ASN P 299 -80.56 44.40 -131.55
CA ASN P 299 -81.35 43.69 -132.55
C ASN P 299 -81.23 44.34 -133.93
N VAL P 300 -81.06 43.52 -134.95
CA VAL P 300 -80.97 43.98 -136.33
C VAL P 300 -82.07 43.29 -137.12
N MET P 301 -82.59 44.00 -138.12
CA MET P 301 -83.58 43.44 -139.02
C MET P 301 -83.08 43.59 -140.45
N SER P 302 -83.30 42.55 -141.28
CA SER P 302 -82.79 42.53 -142.64
C SER P 302 -83.81 41.88 -143.56
N GLY P 303 -83.82 42.31 -144.81
CA GLY P 303 -84.69 41.76 -145.83
C GLY P 303 -85.33 42.86 -146.68
N GLY P 304 -85.85 42.47 -147.84
CA GLY P 304 -86.50 43.43 -148.71
C GLY P 304 -87.75 44.02 -148.09
N THR P 305 -88.47 43.23 -147.28
CA THR P 305 -89.67 43.71 -146.64
C THR P 305 -89.37 44.93 -145.78
N THR P 306 -88.19 44.96 -145.17
CA THR P 306 -87.82 46.03 -144.26
C THR P 306 -87.97 47.42 -144.88
N MET P 307 -88.10 47.52 -146.22
CA MET P 307 -88.40 48.83 -146.78
C MET P 307 -89.74 49.40 -146.30
N TYR P 308 -90.59 48.59 -145.65
CA TYR P 308 -91.87 49.12 -145.24
C TYR P 308 -91.68 49.93 -143.95
N PRO P 309 -92.56 50.90 -143.68
CA PRO P 309 -92.50 51.60 -142.40
C PRO P 309 -93.19 50.77 -141.31
N GLY P 310 -92.95 51.17 -140.06
CA GLY P 310 -93.68 50.63 -138.94
C GLY P 310 -93.07 49.44 -138.23
N ILE P 311 -92.14 48.71 -138.84
CA ILE P 311 -91.56 47.57 -138.12
C ILE P 311 -90.76 48.03 -136.91
N ALA P 312 -90.00 49.12 -137.03
CA ALA P 312 -89.14 49.55 -135.93
C ALA P 312 -89.92 49.95 -134.68
N ASP P 313 -90.92 50.84 -134.82
CA ASP P 313 -91.66 51.31 -133.65
C ASP P 313 -92.40 50.14 -132.99
N ARG P 314 -93.06 49.31 -133.80
CA ARG P 314 -93.79 48.18 -133.26
C ARG P 314 -92.84 47.26 -132.51
N MET P 315 -91.69 46.98 -133.14
CA MET P 315 -90.69 46.09 -132.57
C MET P 315 -90.31 46.56 -131.18
N GLN P 316 -89.80 47.79 -131.09
CA GLN P 316 -89.32 48.27 -129.80
C GLN P 316 -90.44 48.31 -128.77
N LYS P 317 -91.61 48.88 -129.12
CA LYS P 317 -92.66 48.98 -128.12
C LYS P 317 -93.04 47.62 -127.55
N GLU P 318 -93.29 46.62 -128.41
CA GLU P 318 -93.68 45.30 -127.90
C GLU P 318 -92.57 44.65 -127.09
N ILE P 319 -91.31 44.75 -127.51
CA ILE P 319 -90.24 44.14 -126.72
C ILE P 319 -90.15 44.82 -125.35
N THR P 320 -90.27 46.14 -125.31
CA THR P 320 -90.28 46.85 -124.03
C THR P 320 -91.48 46.44 -123.18
N ALA P 321 -92.62 46.16 -123.81
CA ALA P 321 -93.77 45.66 -123.05
C ALA P 321 -93.46 44.29 -122.45
N LEU P 322 -92.81 43.42 -123.22
CA LEU P 322 -92.51 42.07 -122.77
C LEU P 322 -91.34 42.02 -121.79
N ALA P 323 -90.27 42.75 -122.07
CA ALA P 323 -89.04 42.79 -121.30
C ALA P 323 -89.02 44.01 -120.38
N PRO P 324 -88.29 43.97 -119.27
CA PRO P 324 -88.22 45.15 -118.40
C PRO P 324 -87.67 46.36 -119.14
N SER P 325 -88.21 47.53 -118.79
CA SER P 325 -87.91 48.78 -119.47
C SER P 325 -86.79 49.58 -118.82
N THR P 326 -85.81 48.91 -118.21
CA THR P 326 -84.70 49.67 -117.63
C THR P 326 -83.77 50.14 -118.74
N MET P 327 -83.16 49.18 -119.46
CA MET P 327 -82.23 49.53 -120.52
C MET P 327 -83.02 49.98 -121.74
N LYS P 328 -82.45 50.91 -122.51
CA LYS P 328 -83.09 51.40 -123.72
C LYS P 328 -82.83 50.48 -124.90
N ILE P 329 -83.90 50.06 -125.58
CA ILE P 329 -83.82 49.23 -126.78
C ILE P 329 -83.90 50.10 -128.02
N LYS P 330 -82.97 49.90 -128.95
CA LYS P 330 -82.94 50.63 -130.21
C LYS P 330 -82.57 49.69 -131.34
N ILE P 331 -83.30 49.80 -132.45
CA ILE P 331 -83.10 48.99 -133.64
C ILE P 331 -82.19 49.76 -134.61
N ILE P 332 -81.39 49.04 -135.38
CA ILE P 332 -80.55 49.64 -136.41
C ILE P 332 -80.89 48.96 -137.73
N ALA P 333 -81.04 49.77 -138.78
CA ALA P 333 -81.39 49.25 -140.10
C ALA P 333 -80.95 50.22 -141.19
N PRO P 334 -79.81 49.97 -141.84
CA PRO P 334 -79.33 50.89 -142.89
C PRO P 334 -80.26 50.90 -144.09
N PRO P 335 -80.43 52.04 -144.74
CA PRO P 335 -81.25 52.08 -145.96
C PRO P 335 -80.71 51.15 -147.04
N GLU P 336 -81.65 50.58 -147.80
CA GLU P 336 -81.34 49.64 -148.89
C GLU P 336 -80.52 48.46 -148.36
N ARG P 337 -81.05 47.81 -147.33
CA ARG P 337 -80.36 46.70 -146.69
C ARG P 337 -80.60 45.37 -147.38
N LYS P 338 -81.51 45.31 -148.36
CA LYS P 338 -81.69 44.07 -149.11
C LYS P 338 -80.47 43.75 -149.98
N TYR P 339 -79.70 44.76 -150.34
CA TYR P 339 -78.41 44.54 -151.00
C TYR P 339 -77.30 44.25 -150.01
N SER P 340 -77.55 44.49 -148.72
CA SER P 340 -76.50 44.44 -147.70
C SER P 340 -75.80 43.09 -147.68
N VAL P 341 -76.56 42.00 -147.79
CA VAL P 341 -75.97 40.67 -147.80
C VAL P 341 -74.91 40.58 -148.90
N TRP P 342 -75.26 41.01 -150.11
CA TRP P 342 -74.31 40.97 -151.21
C TRP P 342 -73.09 41.82 -150.89
N ILE P 343 -73.32 42.98 -150.26
CA ILE P 343 -72.21 43.82 -149.83
C ILE P 343 -71.27 43.02 -148.93
N GLY P 344 -71.85 42.31 -147.96
CA GLY P 344 -71.03 41.48 -147.09
C GLY P 344 -70.25 40.43 -147.86
N GLY P 345 -70.82 39.91 -148.94
CA GLY P 345 -70.08 38.98 -149.77
C GLY P 345 -68.85 39.63 -150.34
N SER P 346 -69.00 40.85 -150.86
CA SER P 346 -67.84 41.61 -151.33
C SER P 346 -66.84 41.78 -150.19
N ILE P 347 -67.34 42.04 -148.98
CA ILE P 347 -66.46 42.20 -147.83
C ILE P 347 -65.66 40.94 -147.61
N LEU P 348 -66.30 39.77 -147.79
CA LEU P 348 -65.59 38.51 -147.62
C LEU P 348 -64.45 38.41 -148.62
N ALA P 349 -64.69 38.83 -149.86
CA ALA P 349 -63.63 38.78 -150.85
C ALA P 349 -62.60 39.89 -150.67
N SER P 350 -62.88 40.88 -149.82
CA SER P 350 -61.96 42.00 -149.65
C SER P 350 -60.63 41.55 -149.05
N LEU P 351 -60.68 40.70 -148.03
CA LEU P 351 -59.49 40.32 -147.27
C LEU P 351 -58.76 39.15 -147.93
N SER P 352 -57.46 39.07 -147.66
CA SER P 352 -56.59 38.10 -148.30
C SER P 352 -56.58 36.74 -147.63
N THR P 353 -57.27 36.58 -146.50
CA THR P 353 -57.40 35.26 -145.88
C THR P 353 -58.51 34.43 -146.51
N PHE P 354 -59.43 35.05 -147.25
CA PHE P 354 -60.56 34.34 -147.81
C PHE P 354 -60.16 33.24 -148.78
N GLN P 355 -59.06 33.42 -149.50
CA GLN P 355 -58.62 32.38 -150.43
C GLN P 355 -57.90 31.24 -149.74
N GLN P 356 -57.76 31.26 -148.41
CA GLN P 356 -57.25 30.08 -147.73
C GLN P 356 -58.27 28.95 -147.71
N MET P 357 -59.57 29.25 -147.72
CA MET P 357 -60.60 28.21 -147.65
C MET P 357 -61.58 28.23 -148.82
N TRP P 358 -61.12 28.64 -150.01
CA TRP P 358 -61.86 28.35 -151.22
C TRP P 358 -62.04 26.85 -151.41
N ILE P 359 -63.24 26.43 -151.79
CA ILE P 359 -63.53 25.02 -152.05
C ILE P 359 -63.14 24.74 -153.50
N THR P 360 -61.93 24.22 -153.70
CA THR P 360 -61.40 24.02 -155.04
C THR P 360 -62.01 22.78 -155.68
N LYS P 361 -61.78 22.66 -157.00
CA LYS P 361 -62.31 21.54 -157.76
C LYS P 361 -61.74 20.21 -157.29
N GLN P 362 -60.43 20.15 -157.03
CA GLN P 362 -59.79 18.88 -156.70
C GLN P 362 -60.26 18.33 -155.36
N GLU P 363 -60.58 19.18 -154.39
CA GLU P 363 -61.11 18.67 -153.13
C GLU P 363 -62.45 17.96 -153.34
N TYR P 364 -63.32 18.56 -154.14
CA TYR P 364 -64.60 17.94 -154.48
C TYR P 364 -64.39 16.67 -155.29
N ASP P 365 -63.42 16.66 -156.20
CA ASP P 365 -63.13 15.44 -156.96
C ASP P 365 -62.61 14.32 -156.07
N GLU P 366 -61.87 14.67 -155.02
CA GLU P 366 -61.37 13.64 -154.10
C GLU P 366 -62.48 13.09 -153.22
N ALA P 367 -63.13 13.96 -152.44
CA ALA P 367 -64.06 13.51 -151.42
C ALA P 367 -65.53 13.62 -151.83
N GLY P 368 -65.82 13.90 -153.09
CA GLY P 368 -67.19 14.07 -153.53
C GLY P 368 -67.81 15.32 -152.94
N PRO P 369 -69.15 15.39 -152.93
CA PRO P 369 -69.80 16.49 -152.22
C PRO P 369 -69.56 16.45 -150.72
N SER P 370 -69.30 15.27 -150.16
CA SER P 370 -69.21 15.10 -148.71
C SER P 370 -68.15 16.01 -148.10
N ILE P 371 -67.17 16.43 -148.90
CA ILE P 371 -66.10 17.28 -148.39
C ILE P 371 -66.65 18.57 -147.81
N VAL P 372 -67.77 19.08 -148.35
CA VAL P 372 -68.28 20.34 -147.82
C VAL P 372 -68.68 20.17 -146.36
N HIS P 373 -69.08 18.96 -145.96
CA HIS P 373 -69.46 18.70 -144.58
C HIS P 373 -68.32 19.00 -143.63
N ARG P 374 -67.08 18.93 -144.13
CA ARG P 374 -65.90 19.23 -143.35
C ARG P 374 -65.23 20.52 -143.77
N LYS P 375 -65.62 21.11 -144.90
CA LYS P 375 -64.89 22.27 -145.43
C LYS P 375 -65.58 23.59 -145.12
N CYS P 376 -66.90 23.60 -144.98
CA CYS P 376 -67.60 24.81 -144.57
C CYS P 376 -67.79 24.84 -143.06
N PHE P 377 -68.43 23.82 -142.50
CA PHE P 377 -68.52 23.68 -141.06
C PHE P 377 -67.66 22.50 -140.59
N ASP Q 3 -150.67 31.63 -146.46
CA ASP Q 3 -149.79 31.86 -145.32
C ASP Q 3 -150.22 31.04 -144.11
N GLU Q 4 -149.25 30.39 -143.46
CA GLU Q 4 -149.52 29.64 -142.25
C GLU Q 4 -149.95 30.56 -141.12
N ASP Q 5 -150.84 30.05 -140.26
CA ASP Q 5 -151.31 30.83 -139.12
C ASP Q 5 -150.18 31.21 -138.18
N GLU Q 6 -149.13 30.41 -138.15
CA GLU Q 6 -148.00 30.67 -137.26
C GLU Q 6 -147.04 31.64 -137.95
N THR Q 7 -146.26 32.35 -137.13
CA THR Q 7 -145.35 33.39 -137.60
C THR Q 7 -143.98 32.83 -137.97
N THR Q 8 -143.93 31.57 -138.43
CA THR Q 8 -142.69 30.90 -138.79
C THR Q 8 -141.87 31.72 -139.78
N ALA Q 9 -140.56 31.47 -139.83
CA ALA Q 9 -139.65 32.30 -140.59
C ALA Q 9 -139.63 31.92 -142.07
N LEU Q 10 -139.14 32.84 -142.89
CA LEU Q 10 -138.90 32.60 -144.30
C LEU Q 10 -137.51 32.00 -144.48
N VAL Q 11 -137.40 31.03 -145.38
CA VAL Q 11 -136.12 30.41 -145.71
C VAL Q 11 -135.89 30.58 -147.20
N CYS Q 12 -134.85 31.33 -147.56
CA CYS Q 12 -134.57 31.69 -148.94
C CYS Q 12 -133.09 31.47 -149.23
N ASP Q 13 -132.81 30.59 -150.20
CA ASP Q 13 -131.47 30.35 -150.71
C ASP Q 13 -131.32 31.11 -152.02
N ASN Q 14 -130.58 32.22 -151.99
CA ASN Q 14 -130.24 32.95 -153.22
C ASN Q 14 -128.93 32.41 -153.78
N GLY Q 15 -128.98 31.14 -154.18
CA GLY Q 15 -127.80 30.51 -154.74
C GLY Q 15 -127.38 31.16 -156.04
N SER Q 16 -126.07 31.11 -156.31
CA SER Q 16 -125.50 31.72 -157.51
C SER Q 16 -125.91 30.87 -158.71
N GLY Q 17 -127.12 31.13 -159.20
CA GLY Q 17 -127.66 30.38 -160.32
C GLY Q 17 -129.11 29.98 -160.15
N LEU Q 18 -129.58 29.89 -158.90
CA LEU Q 18 -130.94 29.50 -158.63
C LEU Q 18 -131.40 30.16 -157.32
N VAL Q 19 -132.66 30.59 -157.30
CA VAL Q 19 -133.28 31.15 -156.10
C VAL Q 19 -134.37 30.19 -155.66
N LYS Q 20 -134.27 29.72 -154.41
CA LYS Q 20 -135.18 28.73 -153.85
C LYS Q 20 -135.73 29.25 -152.53
N ALA Q 21 -137.02 29.57 -152.49
CA ALA Q 21 -137.62 30.24 -151.35
C ALA Q 21 -138.83 29.47 -150.85
N GLY Q 22 -139.07 29.59 -149.55
CA GLY Q 22 -140.21 28.93 -148.95
C GLY Q 22 -140.32 29.27 -147.48
N PHE Q 23 -141.10 28.47 -146.76
CA PHE Q 23 -141.36 28.68 -145.35
C PHE Q 23 -140.50 27.75 -144.50
N ALA Q 24 -140.21 28.20 -143.28
CA ALA Q 24 -139.51 27.35 -142.31
C ALA Q 24 -140.40 26.21 -141.85
N GLY Q 25 -139.77 25.07 -141.58
CA GLY Q 25 -140.47 23.85 -141.26
C GLY Q 25 -140.90 23.03 -142.46
N ASP Q 26 -140.71 23.55 -143.67
CA ASP Q 26 -141.00 22.83 -144.90
C ASP Q 26 -139.78 22.01 -145.32
N ASP Q 27 -140.05 20.92 -146.04
CA ASP Q 27 -138.98 20.04 -146.47
C ASP Q 27 -138.28 20.52 -147.74
N ALA Q 28 -139.00 21.15 -148.65
CA ALA Q 28 -138.43 21.64 -149.89
C ALA Q 28 -138.90 23.08 -150.14
N PRO Q 29 -138.07 23.90 -150.79
CA PRO Q 29 -138.51 25.26 -151.12
C PRO Q 29 -139.69 25.24 -152.08
N ARG Q 30 -140.60 26.20 -151.90
CA ARG Q 30 -141.82 26.21 -152.69
C ARG Q 30 -141.61 26.88 -154.05
N ALA Q 31 -140.94 28.04 -154.06
CA ALA Q 31 -140.72 28.79 -155.30
C ALA Q 31 -139.25 28.69 -155.67
N VAL Q 32 -138.97 27.96 -156.74
CA VAL Q 32 -137.61 27.74 -157.22
C VAL Q 32 -137.53 28.22 -158.67
N PHE Q 33 -136.64 29.17 -158.93
CA PHE Q 33 -136.49 29.67 -160.29
C PHE Q 33 -135.04 30.02 -160.58
N PRO Q 34 -134.63 29.89 -161.84
CA PRO Q 34 -133.27 30.33 -162.23
C PRO Q 34 -133.13 31.84 -162.11
N SER Q 35 -131.87 32.28 -162.01
CA SER Q 35 -131.54 33.67 -161.74
C SER Q 35 -131.39 34.52 -163.00
N ILE Q 36 -132.05 34.14 -164.09
CA ILE Q 36 -132.02 34.91 -165.32
C ILE Q 36 -133.11 35.97 -165.23
N VAL Q 37 -132.88 37.14 -165.84
CA VAL Q 37 -133.86 38.23 -165.84
C VAL Q 37 -133.99 38.77 -167.26
N GLY Q 38 -135.22 38.83 -167.77
CA GLY Q 38 -135.47 39.29 -169.12
C GLY Q 38 -136.04 40.69 -169.18
N ARG Q 39 -135.60 41.45 -170.18
CA ARG Q 39 -136.12 42.80 -170.36
C ARG Q 39 -136.46 43.02 -171.82
N PRO Q 40 -137.45 43.88 -172.08
CA PRO Q 40 -137.93 44.08 -173.47
C PRO Q 40 -136.80 44.46 -174.41
N ARG Q 41 -136.63 43.67 -175.47
CA ARG Q 41 -135.59 43.92 -176.45
C ARG Q 41 -135.84 45.19 -177.27
N HIS Q 42 -137.09 45.64 -177.37
CA HIS Q 42 -137.41 46.83 -178.14
C HIS Q 42 -138.37 47.72 -177.34
N GLN Q 43 -138.81 48.80 -177.99
CA GLN Q 43 -139.66 49.80 -177.36
C GLN Q 43 -141.14 49.54 -177.63
N GLY Q 44 -141.98 50.32 -176.93
CA GLY Q 44 -143.42 50.18 -176.98
C GLY Q 44 -144.19 51.04 -177.95
N VAL Q 45 -144.98 50.39 -178.81
CA VAL Q 45 -145.83 51.08 -179.79
C VAL Q 45 -147.21 50.42 -179.79
N MET Q 46 -147.24 49.12 -179.51
CA MET Q 46 -148.45 48.32 -179.39
C MET Q 46 -149.15 48.58 -178.07
N VAL Q 47 -150.37 48.09 -177.96
CA VAL Q 47 -151.20 48.29 -176.77
C VAL Q 47 -152.14 47.09 -176.67
N GLY Q 48 -152.82 46.97 -175.52
CA GLY Q 48 -153.77 45.91 -175.28
C GLY Q 48 -153.28 44.76 -174.42
N MET Q 49 -151.97 44.61 -174.24
CA MET Q 49 -151.42 43.50 -173.47
C MET Q 49 -149.92 43.72 -173.28
N GLY Q 50 -149.34 42.94 -172.38
CA GLY Q 50 -147.91 43.03 -172.13
C GLY Q 50 -147.43 44.42 -171.74
N GLN Q 51 -146.39 44.88 -172.43
CA GLN Q 51 -145.77 46.18 -172.21
C GLN Q 51 -145.32 46.34 -170.76
N LYS Q 52 -144.65 45.31 -170.24
CA LYS Q 52 -144.14 45.32 -168.88
C LYS Q 52 -142.63 45.17 -168.96
N ASP Q 53 -141.91 45.96 -168.17
CA ASP Q 53 -140.46 45.95 -168.15
C ASP Q 53 -139.88 44.63 -167.64
N SER Q 54 -139.76 44.49 -166.33
CA SER Q 54 -139.13 43.30 -165.76
C SER Q 54 -139.96 42.05 -165.99
N TYR Q 55 -139.29 40.98 -166.43
CA TYR Q 55 -139.87 39.65 -166.55
C TYR Q 55 -138.95 38.69 -165.83
N VAL Q 56 -139.49 37.96 -164.86
CA VAL Q 56 -138.71 37.04 -164.04
C VAL Q 56 -139.41 35.69 -163.98
N GLY Q 57 -138.62 34.66 -163.67
CA GLY Q 57 -139.14 33.32 -163.46
C GLY Q 57 -139.57 32.66 -164.74
N ASP Q 58 -140.55 31.76 -164.61
CA ASP Q 58 -141.03 31.00 -165.77
C ASP Q 58 -141.60 31.90 -166.84
N GLU Q 59 -142.12 33.08 -166.45
CA GLU Q 59 -142.58 34.04 -167.46
C GLU Q 59 -141.46 34.40 -168.42
N ALA Q 60 -140.28 34.74 -167.87
CA ALA Q 60 -139.16 35.04 -168.73
C ALA Q 60 -138.67 33.81 -169.47
N GLN Q 61 -138.78 32.63 -168.84
CA GLN Q 61 -138.40 31.40 -169.54
C GLN Q 61 -139.24 31.18 -170.78
N SER Q 62 -140.55 31.45 -170.67
CA SER Q 62 -141.41 31.37 -171.85
C SER Q 62 -141.15 32.52 -172.82
N LYS Q 63 -140.71 33.68 -172.30
CA LYS Q 63 -140.52 34.85 -173.15
C LYS Q 63 -139.03 35.11 -173.40
N ARG Q 64 -138.24 34.04 -173.48
CA ARG Q 64 -136.80 34.18 -173.64
C ARG Q 64 -136.45 34.85 -174.96
N GLY Q 65 -137.16 34.49 -176.03
CA GLY Q 65 -136.82 34.99 -177.34
C GLY Q 65 -137.03 36.48 -177.50
N ILE Q 66 -138.01 37.04 -176.81
CA ILE Q 66 -138.35 38.44 -177.00
C ILE Q 66 -137.57 39.36 -176.08
N LEU Q 67 -136.87 38.81 -175.09
CA LEU Q 67 -136.23 39.60 -174.05
C LEU Q 67 -134.72 39.50 -174.18
N THR Q 68 -134.03 40.60 -173.93
CA THR Q 68 -132.62 40.53 -173.63
C THR Q 68 -132.45 39.88 -172.27
N LEU Q 69 -131.73 38.76 -172.23
CA LEU Q 69 -131.59 37.99 -171.00
C LEU Q 69 -130.31 38.43 -170.31
N LYS Q 70 -130.44 38.96 -169.10
CA LYS Q 70 -129.34 39.54 -168.36
C LYS Q 70 -129.26 38.88 -166.99
N TYR Q 71 -128.06 38.91 -166.41
CA TYR Q 71 -127.81 38.24 -165.14
C TYR Q 71 -127.58 39.31 -164.07
N PRO Q 72 -128.50 39.51 -163.13
CA PRO Q 72 -128.25 40.51 -162.08
C PRO Q 72 -127.07 40.18 -161.20
N ILE Q 73 -126.63 38.92 -161.15
CA ILE Q 73 -125.45 38.51 -160.41
C ILE Q 73 -124.63 37.58 -161.27
N GLU Q 74 -123.30 37.77 -161.25
CA GLU Q 74 -122.40 36.87 -161.94
C GLU Q 74 -121.14 36.72 -161.09
N GLY Q 76 -120.94 36.36 -158.07
CA GLY Q 76 -121.11 37.13 -156.85
C GLY Q 76 -121.28 38.63 -157.03
N ILE Q 77 -120.73 39.16 -158.12
CA ILE Q 77 -120.78 40.59 -158.37
C ILE Q 77 -122.22 41.03 -158.62
N ILE Q 78 -122.60 42.16 -158.04
CA ILE Q 78 -123.97 42.67 -158.12
C ILE Q 78 -124.03 43.80 -159.14
N THR Q 79 -124.95 43.69 -160.09
CA THR Q 79 -125.13 44.73 -161.11
C THR Q 79 -126.08 45.83 -160.62
N ASN Q 80 -127.35 45.48 -160.41
CA ASN Q 80 -128.38 46.46 -160.09
C ASN Q 80 -129.28 45.94 -158.98
N TRP Q 81 -129.26 46.62 -157.84
CA TRP Q 81 -130.09 46.21 -156.71
C TRP Q 81 -131.58 46.29 -157.02
N ASP Q 82 -131.98 47.16 -157.94
CA ASP Q 82 -133.39 47.21 -158.35
C ASP Q 82 -133.86 45.87 -158.89
N ASP Q 83 -132.97 45.15 -159.59
CA ASP Q 83 -133.34 43.84 -160.13
C ASP Q 83 -133.66 42.86 -159.01
N MET Q 84 -132.81 42.83 -157.97
CA MET Q 84 -133.11 42.00 -156.81
C MET Q 84 -134.38 42.46 -156.11
N GLU Q 85 -134.60 43.77 -156.02
CA GLU Q 85 -135.83 44.28 -155.43
C GLU Q 85 -137.04 43.70 -156.14
N LYS Q 86 -137.07 43.79 -157.47
CA LYS Q 86 -138.21 43.28 -158.23
C LYS Q 86 -138.34 41.77 -158.11
N ILE Q 87 -137.24 41.03 -158.19
CA ILE Q 87 -137.37 39.58 -158.18
C ILE Q 87 -137.80 39.10 -156.80
N TRP Q 88 -137.35 39.77 -155.74
CA TRP Q 88 -137.80 39.43 -154.39
C TRP Q 88 -139.26 39.78 -154.19
N HIS Q 89 -139.70 40.93 -154.72
CA HIS Q 89 -141.14 41.24 -154.73
C HIS Q 89 -141.94 40.13 -155.39
N HIS Q 90 -141.50 39.70 -156.58
CA HIS Q 90 -142.18 38.64 -157.31
C HIS Q 90 -142.21 37.35 -156.50
N THR Q 91 -141.07 36.98 -155.93
CA THR Q 91 -140.99 35.73 -155.16
C THR Q 91 -141.90 35.77 -153.95
N PHE Q 92 -141.88 36.88 -153.20
CA PHE Q 92 -142.64 36.96 -151.96
C PHE Q 92 -144.14 37.01 -152.22
N TYR Q 93 -144.57 37.76 -153.23
CA TYR Q 93 -146.01 38.03 -153.39
C TYR Q 93 -146.65 37.24 -154.51
N ASN Q 94 -146.02 37.14 -155.67
CA ASN Q 94 -146.59 36.42 -156.80
C ASN Q 94 -146.30 34.92 -156.76
N GLU Q 95 -145.21 34.52 -156.10
CA GLU Q 95 -144.79 33.12 -156.07
C GLU Q 95 -144.96 32.47 -154.70
N LEU Q 96 -144.53 33.15 -153.63
CA LEU Q 96 -144.70 32.60 -152.29
C LEU Q 96 -146.02 33.03 -151.65
N ARG Q 97 -146.66 34.07 -152.19
CA ARG Q 97 -147.91 34.59 -151.65
C ARG Q 97 -147.78 34.90 -150.16
N VAL Q 98 -146.65 35.50 -149.79
CA VAL Q 98 -146.35 35.82 -148.40
C VAL Q 98 -145.90 37.27 -148.27
N ALA Q 99 -146.20 37.86 -147.12
CA ALA Q 99 -145.76 39.20 -146.80
C ALA Q 99 -144.59 39.12 -145.85
N PRO Q 100 -143.46 39.77 -146.14
CA PRO Q 100 -142.29 39.67 -145.25
C PRO Q 100 -142.43 40.44 -143.94
N GLU Q 101 -143.54 41.14 -143.73
CA GLU Q 101 -143.73 41.90 -142.50
C GLU Q 101 -143.74 40.98 -141.27
N GLU Q 102 -144.39 39.82 -141.38
CA GLU Q 102 -144.67 38.97 -140.23
C GLU Q 102 -143.75 37.75 -140.15
N HIS Q 103 -142.74 37.65 -141.01
CA HIS Q 103 -141.84 36.49 -141.00
C HIS Q 103 -140.39 36.91 -141.13
N PRO Q 104 -139.56 36.61 -140.13
CA PRO Q 104 -138.11 36.83 -140.28
C PRO Q 104 -137.54 35.95 -141.38
N THR Q 105 -136.45 36.42 -141.99
CA THR Q 105 -135.86 35.77 -143.15
C THR Q 105 -134.48 35.21 -142.83
N LEU Q 106 -134.28 33.94 -143.16
CA LEU Q 106 -132.95 33.32 -143.17
C LEU Q 106 -132.49 33.21 -144.61
N LEU Q 107 -131.37 33.83 -144.92
CA LEU Q 107 -130.81 33.85 -146.26
C LEU Q 107 -129.45 33.16 -146.28
N THR Q 108 -129.10 32.63 -147.44
CA THR Q 108 -127.79 32.02 -147.67
C THR Q 108 -127.07 32.83 -148.75
N GLU Q 109 -125.78 33.06 -148.54
CA GLU Q 109 -124.99 33.86 -149.47
C GLU Q 109 -123.82 33.04 -150.00
N ALA Q 110 -123.36 33.44 -151.18
CA ALA Q 110 -122.22 32.77 -151.78
C ALA Q 110 -120.98 32.91 -150.91
N PRO Q 111 -120.12 31.89 -150.86
CA PRO Q 111 -118.95 31.94 -149.98
C PRO Q 111 -118.05 33.12 -150.29
N LEU Q 112 -117.55 33.75 -149.23
CA LEU Q 112 -116.60 34.87 -149.35
C LEU Q 112 -117.18 36.03 -150.16
N ASN Q 113 -118.47 36.30 -149.95
CA ASN Q 113 -119.10 37.42 -150.63
C ASN Q 113 -118.59 38.72 -150.04
N PRO Q 114 -118.57 39.81 -150.81
CA PRO Q 114 -118.00 41.06 -150.31
C PRO Q 114 -118.73 41.54 -149.05
N LYS Q 115 -117.95 42.09 -148.12
CA LYS Q 115 -118.52 42.66 -146.92
C LYS Q 115 -119.27 43.95 -147.24
N ALA Q 116 -118.74 44.73 -148.19
CA ALA Q 116 -119.45 45.91 -148.66
C ALA Q 116 -120.76 45.50 -149.35
N ASN Q 117 -120.72 44.41 -150.11
CA ASN Q 117 -121.93 43.87 -150.71
C ASN Q 117 -122.96 43.51 -149.64
N ARG Q 118 -122.51 42.89 -148.55
CA ARG Q 118 -123.42 42.53 -147.48
C ARG Q 118 -124.02 43.78 -146.83
N GLU Q 119 -123.18 44.79 -146.56
CA GLU Q 119 -123.66 46.02 -145.92
C GLU Q 119 -124.66 46.78 -146.79
N LYS Q 120 -124.42 46.88 -148.10
CA LYS Q 120 -125.35 47.57 -148.99
C LYS Q 120 -126.64 46.77 -149.17
N MET Q 121 -126.53 45.46 -149.42
CA MET Q 121 -127.72 44.65 -149.61
C MET Q 121 -128.59 44.64 -148.35
N THR Q 122 -127.97 44.55 -147.17
CA THR Q 122 -128.75 44.57 -145.95
C THR Q 122 -129.42 45.92 -145.74
N GLN Q 123 -128.74 47.01 -146.09
CA GLN Q 123 -129.31 48.33 -145.88
C GLN Q 123 -130.49 48.57 -146.80
N ILE Q 124 -130.32 48.29 -148.10
CA ILE Q 124 -131.42 48.45 -149.05
C ILE Q 124 -132.58 47.53 -148.66
N MET Q 125 -132.27 46.31 -148.26
CA MET Q 125 -133.30 45.37 -147.79
C MET Q 125 -134.11 45.96 -146.66
N PHE Q 126 -133.43 46.37 -145.57
CA PHE Q 126 -134.13 46.88 -144.40
C PHE Q 126 -134.94 48.13 -144.72
N GLU Q 127 -134.41 49.02 -145.55
CA GLU Q 127 -135.20 50.21 -145.90
C GLU Q 127 -136.39 49.85 -146.79
N THR Q 128 -136.14 49.10 -147.87
CA THR Q 128 -137.20 48.78 -148.81
C THR Q 128 -138.25 47.87 -148.19
N PHE Q 129 -137.82 46.81 -147.53
CA PHE Q 129 -138.73 45.81 -146.97
C PHE Q 129 -138.96 46.06 -145.49
N ASN Q 130 -139.90 45.30 -144.92
CA ASN Q 130 -140.26 45.43 -143.52
C ASN Q 130 -140.12 44.08 -142.80
N VAL Q 131 -139.07 43.35 -143.14
CA VAL Q 131 -138.83 42.06 -142.48
C VAL Q 131 -138.59 42.29 -140.98
N PRO Q 132 -139.18 41.50 -140.08
CA PRO Q 132 -138.96 41.77 -138.65
C PRO Q 132 -137.54 41.46 -138.21
N ALA Q 133 -136.96 40.37 -138.72
CA ALA Q 133 -135.66 39.93 -138.24
C ALA Q 133 -134.91 39.25 -139.38
N MET Q 134 -133.61 39.08 -139.18
CA MET Q 134 -132.70 38.70 -140.26
C MET Q 134 -131.64 37.72 -139.76
N TYR Q 135 -131.21 36.86 -140.68
CA TYR Q 135 -129.99 36.09 -140.48
C TYR Q 135 -129.51 35.65 -141.85
N VAL Q 136 -128.21 35.80 -142.09
CA VAL Q 136 -127.60 35.35 -143.34
C VAL Q 136 -126.40 34.48 -143.02
N ALA Q 137 -126.25 33.39 -143.78
CA ALA Q 137 -125.21 32.41 -143.51
C ALA Q 137 -124.56 31.97 -144.82
N ILE Q 138 -123.34 31.44 -144.69
CA ILE Q 138 -122.63 30.90 -145.84
C ILE Q 138 -123.23 29.56 -146.25
N GLN Q 139 -123.31 29.33 -147.56
CA GLN Q 139 -123.92 28.09 -148.06
C GLN Q 139 -123.10 26.85 -147.70
N ALA Q 140 -121.83 27.04 -147.33
CA ALA Q 140 -120.98 25.90 -147.00
C ALA Q 140 -121.50 25.16 -145.77
N VAL Q 141 -121.74 25.90 -144.68
CA VAL Q 141 -122.24 25.27 -143.48
C VAL Q 141 -123.65 24.75 -143.69
N LEU Q 142 -124.42 25.37 -144.59
CA LEU Q 142 -125.75 24.85 -144.93
C LEU Q 142 -125.65 23.48 -145.59
N SER Q 143 -124.75 23.32 -146.56
CA SER Q 143 -124.55 22.00 -147.17
C SER Q 143 -124.04 21.01 -146.14
N LEU Q 144 -123.17 21.48 -145.24
CA LEU Q 144 -122.71 20.64 -144.13
C LEU Q 144 -123.90 20.14 -143.31
N TYR Q 145 -124.82 21.05 -142.99
CA TYR Q 145 -125.99 20.69 -142.19
C TYR Q 145 -126.85 19.69 -142.93
N ALA Q 146 -127.00 19.87 -144.25
CA ALA Q 146 -127.72 18.90 -145.06
C ALA Q 146 -127.06 17.53 -145.00
N SER Q 147 -125.73 17.49 -145.03
CA SER Q 147 -125.05 16.21 -144.84
C SER Q 147 -125.10 15.76 -143.38
N GLY Q 148 -125.20 16.69 -142.44
CA GLY Q 148 -125.30 16.34 -141.04
C GLY Q 148 -124.06 15.68 -140.48
N ARG Q 149 -122.89 16.11 -140.93
CA ARG Q 149 -121.61 15.60 -140.42
C ARG Q 149 -120.63 16.75 -140.34
N THR Q 150 -120.16 17.03 -139.12
CA THR Q 150 -119.34 18.20 -138.84
C THR Q 150 -117.96 18.18 -139.49
N THR Q 151 -117.52 17.05 -140.03
CA THR Q 151 -116.19 16.94 -140.63
C THR Q 151 -116.31 16.75 -142.14
N GLY Q 152 -115.53 17.49 -142.90
CA GLY Q 152 -115.51 17.32 -144.34
C GLY Q 152 -115.11 18.60 -145.05
N ILE Q 153 -114.79 18.45 -146.33
CA ILE Q 153 -114.47 19.58 -147.20
C ILE Q 153 -115.60 19.69 -148.23
N VAL Q 154 -116.19 20.88 -148.30
CA VAL Q 154 -117.35 21.14 -149.14
C VAL Q 154 -116.87 21.73 -150.46
N LEU Q 155 -117.28 21.10 -151.56
CA LEU Q 155 -117.07 21.62 -152.91
C LEU Q 155 -118.42 22.18 -153.38
N ASP Q 156 -118.58 23.50 -153.27
CA ASP Q 156 -119.79 24.17 -153.71
C ASP Q 156 -119.61 24.62 -155.16
N SER Q 157 -120.30 23.94 -156.08
CA SER Q 157 -120.20 24.24 -157.52
C SER Q 157 -121.46 24.99 -157.95
N GLY Q 158 -121.45 26.30 -157.76
CA GLY Q 158 -122.51 27.16 -158.24
C GLY Q 158 -122.41 27.41 -159.74
N ASP Q 159 -123.18 28.39 -160.19
CA ASP Q 159 -123.18 28.78 -161.60
C ASP Q 159 -122.22 29.94 -161.89
N GLY Q 160 -121.61 30.53 -160.87
CA GLY Q 160 -120.64 31.58 -161.11
C GLY Q 160 -119.26 31.29 -160.55
N VAL Q 161 -119.20 30.56 -159.44
CA VAL Q 161 -117.95 30.24 -158.77
C VAL Q 161 -118.01 28.81 -158.24
N THR Q 162 -116.85 28.17 -158.16
CA THR Q 162 -116.70 26.91 -157.44
C THR Q 162 -115.80 27.14 -156.23
N HIS Q 163 -116.30 26.82 -155.05
CA HIS Q 163 -115.61 27.09 -153.79
C HIS Q 163 -115.21 25.77 -153.15
N ASN Q 164 -113.98 25.72 -152.64
CA ASN Q 164 -113.56 24.60 -151.80
C ASN Q 164 -113.30 25.14 -150.40
N VAL Q 165 -114.02 24.57 -149.43
CA VAL Q 165 -114.00 25.04 -148.05
C VAL Q 165 -113.84 23.84 -147.11
N PRO Q 166 -112.77 23.77 -146.33
CA PRO Q 166 -112.65 22.68 -145.36
C PRO Q 166 -113.24 23.08 -144.02
N ILE Q 167 -113.98 22.16 -143.41
CA ILE Q 167 -114.55 22.36 -142.09
C ILE Q 167 -114.34 21.08 -141.29
N TYR Q 168 -113.62 21.18 -140.17
CA TYR Q 168 -113.33 20.04 -139.33
C TYR Q 168 -114.09 20.19 -138.02
N GLU Q 169 -114.87 19.16 -137.68
CA GLU Q 169 -115.67 19.13 -136.45
C GLU Q 169 -116.48 20.41 -136.31
N GLY Q 170 -117.14 20.79 -137.40
CA GLY Q 170 -118.00 21.96 -137.40
C GLY Q 170 -117.29 23.26 -137.10
N TYR Q 171 -116.19 23.48 -137.81
CA TYR Q 171 -115.48 24.71 -137.63
C TYR Q 171 -114.96 25.09 -139.00
N ALA Q 172 -115.12 26.35 -139.33
CA ALA Q 172 -114.68 26.86 -140.61
C ALA Q 172 -113.16 27.08 -140.64
N LEU Q 173 -112.56 26.84 -141.81
CA LEU Q 173 -111.13 27.02 -142.03
C LEU Q 173 -110.90 28.01 -143.17
N PRO Q 174 -111.13 29.30 -142.94
CA PRO Q 174 -110.97 30.28 -144.02
C PRO Q 174 -109.56 30.31 -144.60
N HIS Q 175 -108.54 29.96 -143.81
CA HIS Q 175 -107.17 29.95 -144.32
C HIS Q 175 -106.97 28.93 -145.42
N ALA Q 176 -107.84 27.93 -145.52
CA ALA Q 176 -107.73 26.89 -146.53
C ALA Q 176 -108.95 26.89 -147.45
N ILE Q 177 -109.58 28.05 -147.62
CA ILE Q 177 -110.74 28.19 -148.49
C ILE Q 177 -110.35 28.95 -149.74
N MET Q 178 -110.80 28.45 -150.89
CA MET Q 178 -110.49 29.06 -152.18
C MET Q 178 -111.70 29.12 -153.08
N ARG Q 179 -111.69 30.11 -153.97
CA ARG Q 179 -112.72 30.32 -154.98
C ARG Q 179 -112.08 30.22 -156.35
N LEU Q 180 -112.71 29.45 -157.24
CA LEU Q 180 -112.27 29.27 -158.61
C LEU Q 180 -113.33 29.80 -159.55
N ASP Q 181 -112.89 30.58 -160.54
CA ASP Q 181 -113.77 31.26 -161.48
C ASP Q 181 -114.33 30.34 -162.56
N LEU Q 182 -114.24 29.02 -162.39
CA LEU Q 182 -114.84 28.08 -163.31
C LEU Q 182 -116.19 27.65 -162.77
N ALA Q 183 -117.20 27.67 -163.62
CA ALA Q 183 -118.56 27.35 -163.22
C ALA Q 183 -119.38 27.07 -164.48
N GLY Q 184 -120.70 27.11 -164.34
CA GLY Q 184 -121.57 26.77 -165.45
C GLY Q 184 -121.29 27.67 -166.65
N ARG Q 185 -121.04 28.95 -166.39
CA ARG Q 185 -120.79 29.90 -167.48
C ARG Q 185 -119.67 29.40 -168.36
N ASP Q 186 -118.54 29.03 -167.73
CA ASP Q 186 -117.40 28.51 -168.47
C ASP Q 186 -117.79 27.26 -169.26
N LEU Q 187 -118.52 26.35 -168.62
CA LEU Q 187 -118.95 25.12 -169.28
C LEU Q 187 -119.71 25.42 -170.56
N THR Q 188 -120.70 26.32 -170.47
CA THR Q 188 -121.48 26.72 -171.64
C THR Q 188 -120.59 27.35 -172.70
N ASP Q 189 -119.69 28.26 -172.28
CA ASP Q 189 -118.78 28.90 -173.23
C ASP Q 189 -117.95 27.88 -174.00
N TYR Q 190 -117.20 27.05 -173.27
CA TYR Q 190 -116.39 26.01 -173.91
C TYR Q 190 -117.21 25.13 -174.83
N LEU Q 191 -118.39 24.70 -174.38
CA LEU Q 191 -119.24 23.89 -175.24
C LEU Q 191 -119.69 24.67 -176.47
N MET Q 192 -119.91 25.98 -176.31
CA MET Q 192 -120.27 26.84 -177.43
C MET Q 192 -119.18 26.85 -178.49
N LYS Q 193 -117.92 26.99 -178.06
CA LYS Q 193 -116.85 27.02 -179.04
C LYS Q 193 -116.66 25.66 -179.70
N ILE Q 194 -116.80 24.57 -178.94
CA ILE Q 194 -116.68 23.25 -179.56
C ILE Q 194 -117.82 23.01 -180.56
N LEU Q 195 -119.04 23.38 -180.20
CA LEU Q 195 -120.15 23.25 -181.12
C LEU Q 195 -119.97 24.15 -182.35
N THR Q 196 -119.35 25.32 -182.15
CA THR Q 196 -118.95 26.14 -183.30
C THR Q 196 -117.99 25.38 -184.21
N GLU Q 197 -117.02 24.67 -183.62
CA GLU Q 197 -116.17 23.81 -184.43
C GLU Q 197 -116.90 22.59 -184.97
N ARG Q 198 -118.10 22.30 -184.47
CA ARG Q 198 -118.91 21.23 -185.02
C ARG Q 198 -119.85 21.70 -186.12
N GLY Q 199 -119.91 23.02 -186.38
CA GLY Q 199 -120.71 23.57 -187.46
C GLY Q 199 -121.88 24.41 -187.01
N TYR Q 200 -122.17 24.47 -185.71
CA TYR Q 200 -123.32 25.19 -185.17
C TYR Q 200 -122.82 26.32 -184.29
N SER Q 201 -123.06 27.56 -184.72
CA SER Q 201 -122.50 28.74 -184.08
C SER Q 201 -123.64 29.66 -183.66
N PHE Q 202 -123.94 29.68 -182.37
CA PHE Q 202 -124.96 30.56 -181.82
C PHE Q 202 -124.37 31.40 -180.69
N VAL Q 203 -124.97 32.56 -180.45
CA VAL Q 203 -124.46 33.52 -179.48
C VAL Q 203 -125.51 33.84 -178.41
N THR Q 204 -126.78 33.74 -178.77
CA THR Q 204 -127.85 34.19 -177.88
C THR Q 204 -128.07 33.20 -176.73
N THR Q 205 -128.81 33.68 -175.73
CA THR Q 205 -128.98 32.96 -174.47
C THR Q 205 -129.92 31.77 -174.58
N ALA Q 206 -130.85 31.78 -175.53
CA ALA Q 206 -131.74 30.63 -175.68
C ALA Q 206 -130.94 29.38 -176.00
N GLU Q 207 -129.97 29.52 -176.89
CA GLU Q 207 -129.12 28.39 -177.19
C GLU Q 207 -128.21 28.12 -176.00
N ARG Q 208 -127.92 29.09 -175.15
CA ARG Q 208 -127.15 28.84 -173.94
C ARG Q 208 -127.90 27.87 -173.04
N GLU Q 209 -129.19 28.11 -172.87
CA GLU Q 209 -130.02 27.22 -172.05
C GLU Q 209 -130.17 25.87 -172.72
N ILE Q 210 -130.29 25.84 -174.05
CA ILE Q 210 -130.37 24.56 -174.76
C ILE Q 210 -129.10 23.75 -174.52
N VAL Q 211 -127.93 24.38 -174.61
CA VAL Q 211 -126.70 23.62 -174.46
C VAL Q 211 -126.44 23.25 -172.99
N ARG Q 212 -126.91 24.05 -172.03
CA ARG Q 212 -126.79 23.60 -170.64
C ARG Q 212 -127.75 22.44 -170.38
N ASP Q 213 -128.92 22.43 -171.04
CA ASP Q 213 -129.79 21.27 -170.97
C ASP Q 213 -129.11 20.03 -171.54
N ILE Q 214 -128.40 20.22 -172.66
CA ILE Q 214 -127.61 19.12 -173.24
C ILE Q 214 -126.59 18.62 -172.23
N LYS Q 215 -125.93 19.55 -171.52
CA LYS Q 215 -125.00 19.16 -170.48
C LYS Q 215 -125.69 18.39 -169.36
N GLU Q 216 -126.91 18.79 -169.03
CA GLU Q 216 -127.66 18.07 -168.01
C GLU Q 216 -127.99 16.65 -168.46
N LYS Q 217 -128.28 16.47 -169.73
CA LYS Q 217 -128.78 15.18 -170.20
C LYS Q 217 -127.68 14.21 -170.62
N LEU Q 218 -126.83 14.62 -171.58
CA LEU Q 218 -125.99 13.67 -172.29
C LEU Q 218 -124.53 13.66 -171.86
N CYS Q 219 -124.06 14.66 -171.11
CA CYS Q 219 -122.62 14.80 -170.93
C CYS Q 219 -122.04 13.68 -170.08
N TYR Q 220 -120.83 13.25 -170.45
CA TYR Q 220 -120.02 12.30 -169.70
C TYR Q 220 -118.90 13.02 -168.96
N VAL Q 221 -118.34 12.32 -167.97
CA VAL Q 221 -117.04 12.64 -167.41
C VAL Q 221 -116.09 11.51 -167.76
N ALA Q 222 -115.14 11.80 -168.66
CA ALA Q 222 -114.28 10.77 -169.22
C ALA Q 222 -113.45 10.10 -168.13
N LEU Q 223 -113.42 8.76 -168.15
CA LEU Q 223 -112.54 8.04 -167.23
C LEU Q 223 -111.07 8.21 -167.62
N ASP Q 224 -110.76 8.07 -168.90
CA ASP Q 224 -109.45 8.36 -169.46
C ASP Q 224 -109.70 9.24 -170.68
N PHE Q 225 -108.99 10.37 -170.78
CA PHE Q 225 -109.42 11.39 -171.73
C PHE Q 225 -108.98 11.06 -173.16
N GLU Q 226 -107.67 11.05 -173.40
CA GLU Q 226 -107.21 10.93 -174.78
C GLU Q 226 -107.53 9.56 -175.36
N ASN Q 227 -107.53 8.53 -174.51
CA ASN Q 227 -107.94 7.20 -174.97
C ASN Q 227 -109.41 7.19 -175.37
N GLU Q 228 -110.25 7.95 -174.66
CA GLU Q 228 -111.66 7.98 -175.03
C GLU Q 228 -111.93 8.80 -176.28
N MET Q 229 -111.19 9.88 -176.55
CA MET Q 229 -111.33 10.45 -177.89
C MET Q 229 -110.76 9.53 -178.97
N ALA Q 230 -109.69 8.78 -178.66
CA ALA Q 230 -109.13 7.86 -179.64
C ALA Q 230 -110.13 6.79 -180.03
N THR Q 231 -110.84 6.23 -179.04
CA THR Q 231 -111.92 5.29 -179.35
C THR Q 231 -113.21 5.98 -179.77
N ALA Q 232 -113.34 7.29 -179.56
CA ALA Q 232 -114.51 8.04 -180.00
C ALA Q 232 -114.35 8.58 -181.40
N ALA Q 233 -113.22 8.30 -182.05
CA ALA Q 233 -113.05 8.64 -183.45
C ALA Q 233 -114.28 8.28 -184.28
N SER Q 234 -114.63 7.00 -184.33
CA SER Q 234 -115.89 6.60 -184.96
C SER Q 234 -117.03 6.42 -183.95
N SER Q 235 -116.90 5.47 -183.01
CA SER Q 235 -117.88 5.34 -181.93
C SER Q 235 -119.29 5.55 -182.36
N SER Q 236 -119.79 4.69 -183.19
CA SER Q 236 -121.20 4.83 -183.56
C SER Q 236 -122.11 4.62 -182.36
N SER Q 237 -121.83 3.62 -181.53
CA SER Q 237 -122.64 3.39 -180.33
C SER Q 237 -122.37 4.43 -179.26
N LEU Q 238 -121.09 4.76 -179.02
CA LEU Q 238 -120.74 5.70 -177.97
C LEU Q 238 -121.20 7.11 -178.28
N GLU Q 239 -121.21 7.49 -179.55
CA GLU Q 239 -121.71 8.81 -179.95
C GLU Q 239 -123.19 8.92 -179.63
N LYS Q 240 -123.61 10.06 -179.09
CA LYS Q 240 -124.97 10.23 -178.61
C LYS Q 240 -125.61 11.46 -179.25
N SER Q 241 -126.92 11.40 -179.42
CA SER Q 241 -127.65 12.43 -180.13
C SER Q 241 -128.69 13.07 -179.20
N TYR Q 242 -129.10 14.28 -179.58
CA TYR Q 242 -130.15 15.00 -178.87
C TYR Q 242 -131.17 15.52 -179.88
N GLU Q 243 -132.42 15.61 -179.42
CA GLU Q 243 -133.54 16.11 -180.20
C GLU Q 243 -133.85 17.52 -179.74
N LEU Q 244 -133.37 18.51 -180.48
CA LEU Q 244 -133.62 19.90 -180.14
C LEU Q 244 -135.09 20.25 -180.36
N PRO Q 245 -135.62 21.18 -179.56
CA PRO Q 245 -137.08 21.44 -179.59
C PRO Q 245 -137.60 21.82 -180.96
N ASP Q 246 -136.78 22.43 -181.82
CA ASP Q 246 -137.20 22.67 -183.20
C ASP Q 246 -137.37 21.38 -183.98
N GLY Q 247 -136.80 20.28 -183.52
CA GLY Q 247 -136.90 18.99 -184.17
C GLY Q 247 -135.64 18.47 -184.84
N GLN Q 248 -134.61 19.28 -185.02
CA GLN Q 248 -133.39 18.76 -185.63
C GLN Q 248 -132.64 17.87 -184.67
N VAL Q 249 -131.99 16.85 -185.22
CA VAL Q 249 -131.22 15.88 -184.44
C VAL Q 249 -129.76 16.35 -184.49
N ILE Q 250 -129.22 16.70 -183.32
CA ILE Q 250 -127.84 17.16 -183.21
C ILE Q 250 -127.03 16.08 -182.50
N THR Q 251 -125.99 15.61 -183.16
CA THR Q 251 -125.19 14.48 -182.70
C THR Q 251 -123.87 14.99 -182.13
N ILE Q 252 -123.51 14.51 -180.95
CA ILE Q 252 -122.27 14.86 -180.26
C ILE Q 252 -121.60 13.60 -179.77
N GLY Q 253 -120.28 13.53 -179.92
CA GLY Q 253 -119.54 12.36 -179.48
C GLY Q 253 -118.62 12.60 -178.29
N ASN Q 254 -117.33 12.80 -178.57
CA ASN Q 254 -116.36 13.01 -177.50
C ASN Q 254 -116.66 14.28 -176.70
N GLU Q 255 -117.32 15.26 -177.32
CA GLU Q 255 -117.60 16.52 -176.63
C GLU Q 255 -118.34 16.29 -175.31
N ARG Q 256 -119.16 15.23 -175.25
CA ARG Q 256 -119.89 14.91 -174.03
C ARG Q 256 -118.97 14.84 -172.82
N PHE Q 257 -117.82 14.20 -172.98
CA PHE Q 257 -116.85 14.15 -171.89
C PHE Q 257 -115.67 15.08 -172.10
N ARG Q 258 -115.66 15.87 -173.18
CA ARG Q 258 -114.63 16.88 -173.31
C ARG Q 258 -115.05 18.23 -172.76
N CYS Q 259 -116.34 18.42 -172.44
CA CYS Q 259 -116.79 19.67 -171.81
C CYS Q 259 -116.55 19.84 -170.30
N PRO Q 260 -116.96 18.85 -169.46
CA PRO Q 260 -116.64 19.02 -168.04
C PRO Q 260 -115.13 18.95 -167.80
N GLU Q 261 -114.40 18.34 -168.73
CA GLU Q 261 -112.95 18.21 -168.60
C GLU Q 261 -112.25 19.57 -168.57
N THR Q 262 -112.87 20.63 -169.06
CA THR Q 262 -112.24 21.94 -168.95
C THR Q 262 -112.01 22.31 -167.49
N LEU Q 263 -112.94 22.00 -166.60
CA LEU Q 263 -112.71 22.25 -165.18
C LEU Q 263 -111.54 21.42 -164.67
N PHE Q 264 -111.50 20.15 -165.03
CA PHE Q 264 -110.40 19.25 -164.62
C PHE Q 264 -109.07 19.62 -165.26
N GLN Q 265 -109.10 20.07 -166.52
CA GLN Q 265 -107.89 20.43 -167.25
C GLN Q 265 -108.06 21.88 -167.73
N PRO Q 266 -107.79 22.87 -166.85
CA PRO Q 266 -108.04 24.26 -167.23
C PRO Q 266 -107.15 24.78 -168.36
N SER Q 267 -106.04 24.10 -168.64
CA SER Q 267 -105.14 24.55 -169.69
C SER Q 267 -105.78 24.54 -171.07
N PHE Q 268 -106.94 23.88 -171.22
CA PHE Q 268 -107.65 23.91 -172.49
C PHE Q 268 -108.00 25.33 -172.90
N ILE Q 269 -108.49 26.15 -171.96
CA ILE Q 269 -108.80 27.54 -172.29
C ILE Q 269 -108.03 28.50 -171.40
N GLY Q 270 -106.87 28.09 -170.91
CA GLY Q 270 -105.93 29.03 -170.35
C GLY Q 270 -106.17 29.56 -168.95
N MET Q 271 -106.12 28.69 -167.95
CA MET Q 271 -106.07 29.11 -166.56
C MET Q 271 -104.76 28.62 -165.94
N GLU Q 272 -104.12 29.50 -165.17
CA GLU Q 272 -102.94 29.10 -164.41
C GLU Q 272 -103.28 28.04 -163.37
N SER Q 273 -104.42 28.19 -162.70
CA SER Q 273 -104.85 27.20 -161.72
C SER Q 273 -105.10 25.86 -162.41
N ALA Q 274 -104.70 24.79 -161.74
CA ALA Q 274 -104.89 23.44 -162.26
C ALA Q 274 -106.34 23.01 -161.99
N GLY Q 275 -106.60 21.71 -162.18
CA GLY Q 275 -107.95 21.20 -161.98
C GLY Q 275 -108.43 21.38 -160.56
N ILE Q 276 -109.75 21.31 -160.39
CA ILE Q 276 -110.35 21.51 -159.08
C ILE Q 276 -109.90 20.47 -158.07
N HIS Q 277 -109.49 19.28 -158.53
CA HIS Q 277 -108.92 18.30 -157.61
C HIS Q 277 -107.60 18.79 -157.02
N GLU Q 278 -106.78 19.50 -157.81
CA GLU Q 278 -105.60 20.13 -157.23
C GLU Q 278 -105.99 21.18 -156.19
N THR Q 279 -107.09 21.90 -156.42
CA THR Q 279 -107.51 22.93 -155.47
C THR Q 279 -108.00 22.26 -154.20
N THR Q 280 -108.65 21.12 -154.26
CA THR Q 280 -108.99 20.42 -153.03
C THR Q 280 -107.74 19.86 -152.35
N TYR Q 281 -106.80 19.30 -153.12
CA TYR Q 281 -105.53 18.83 -152.58
C TYR Q 281 -104.74 19.89 -151.82
N ASN Q 282 -104.42 21.02 -152.48
CA ASN Q 282 -103.69 22.09 -151.80
C ASN Q 282 -104.47 22.51 -150.55
N SER Q 283 -105.79 22.69 -150.68
CA SER Q 283 -106.60 23.11 -149.54
C SER Q 283 -106.35 22.16 -148.37
N ILE Q 284 -106.33 20.86 -148.65
CA ILE Q 284 -106.14 19.87 -147.59
C ILE Q 284 -104.77 20.05 -146.94
N MET Q 285 -103.70 20.08 -147.74
CA MET Q 285 -102.38 20.17 -147.09
C MET Q 285 -102.11 21.49 -146.35
N LYS Q 286 -102.79 22.59 -146.70
CA LYS Q 286 -102.53 23.85 -146.02
C LYS Q 286 -102.74 23.69 -144.52
N CYS Q 287 -103.70 22.86 -144.10
CA CYS Q 287 -104.04 22.67 -142.71
C CYS Q 287 -103.16 21.56 -142.15
N ASP Q 288 -103.18 21.39 -140.82
CA ASP Q 288 -102.35 20.37 -140.18
C ASP Q 288 -102.46 19.01 -140.87
N ILE Q 289 -101.33 18.31 -140.86
CA ILE Q 289 -101.20 17.02 -141.55
C ILE Q 289 -102.23 16.01 -141.06
N ASP Q 290 -102.38 15.88 -139.73
CA ASP Q 290 -103.03 14.70 -139.17
C ASP Q 290 -104.46 14.52 -139.67
N ILE Q 291 -105.28 15.58 -139.59
CA ILE Q 291 -106.69 15.43 -139.95
C ILE Q 291 -106.89 15.27 -141.45
N ARG Q 292 -105.82 15.42 -142.24
CA ARG Q 292 -105.97 15.40 -143.68
C ARG Q 292 -106.62 14.11 -144.14
N LYS Q 293 -106.26 12.99 -143.51
CA LYS Q 293 -106.88 11.72 -143.88
C LYS Q 293 -108.40 11.78 -143.74
N ASP Q 294 -108.88 12.35 -142.63
CA ASP Q 294 -110.32 12.50 -142.45
C ASP Q 294 -110.91 13.36 -143.55
N LEU Q 295 -110.22 14.44 -143.92
CA LEU Q 295 -110.69 15.25 -145.02
C LEU Q 295 -110.80 14.42 -146.29
N TYR Q 296 -109.80 13.56 -146.53
CA TYR Q 296 -109.86 12.66 -147.69
C TYR Q 296 -111.10 11.79 -147.62
N ALA Q 297 -111.45 11.30 -146.43
CA ALA Q 297 -112.54 10.34 -146.30
C ALA Q 297 -113.89 11.01 -146.11
N ASN Q 298 -113.93 12.33 -145.93
CA ASN Q 298 -115.18 13.00 -145.60
C ASN Q 298 -115.52 14.11 -146.60
N ASN Q 299 -114.96 14.06 -147.80
CA ASN Q 299 -115.24 15.11 -148.78
C ASN Q 299 -116.70 15.08 -149.22
N VAL Q 300 -117.31 16.25 -149.31
CA VAL Q 300 -118.69 16.38 -149.76
C VAL Q 300 -118.69 17.31 -150.97
N MET Q 301 -119.61 17.06 -151.88
CA MET Q 301 -119.81 17.92 -153.04
C MET Q 301 -121.26 18.37 -153.08
N SER Q 302 -121.48 19.64 -153.43
CA SER Q 302 -122.81 20.24 -153.43
C SER Q 302 -122.96 21.19 -154.61
N GLY Q 303 -124.19 21.30 -155.10
CA GLY Q 303 -124.52 22.20 -156.19
C GLY Q 303 -125.42 21.52 -157.22
N GLY Q 304 -126.06 22.34 -158.05
CA GLY Q 304 -126.93 21.79 -159.08
C GLY Q 304 -126.18 20.98 -160.11
N THR Q 305 -124.93 21.36 -160.39
CA THR Q 305 -124.12 20.62 -161.37
C THR Q 305 -123.98 19.17 -160.95
N THR Q 306 -123.90 18.93 -159.63
CA THR Q 306 -123.68 17.58 -159.12
C THR Q 306 -124.69 16.57 -159.66
N MET Q 307 -125.81 17.01 -160.25
CA MET Q 307 -126.69 16.04 -160.89
C MET Q 307 -126.00 15.29 -162.04
N TYR Q 308 -124.84 15.76 -162.51
CA TYR Q 308 -124.21 15.06 -163.62
C TYR Q 308 -123.51 13.81 -163.12
N PRO Q 309 -123.34 12.80 -163.96
CA PRO Q 309 -122.54 11.64 -163.56
C PRO Q 309 -121.05 11.93 -163.72
N GLY Q 310 -120.23 11.07 -163.12
CA GLY Q 310 -118.80 11.09 -163.34
C GLY Q 310 -117.97 11.90 -162.38
N ILE Q 311 -118.55 12.84 -161.62
CA ILE Q 311 -117.71 13.60 -160.70
C ILE Q 311 -117.16 12.71 -159.59
N ALA Q 312 -117.96 11.78 -159.06
CA ALA Q 312 -117.51 10.95 -157.94
C ALA Q 312 -116.31 10.05 -158.30
N ASP Q 313 -116.42 9.28 -159.40
CA ASP Q 313 -115.33 8.38 -159.74
C ASP Q 313 -114.05 9.15 -160.05
N ARG Q 314 -114.18 10.23 -160.84
CA ARG Q 314 -113.01 11.02 -161.18
C ARG Q 314 -112.37 11.57 -159.92
N MET Q 315 -113.22 12.11 -159.03
CA MET Q 315 -112.75 12.72 -157.79
C MET Q 315 -111.90 11.73 -157.02
N GLN Q 316 -112.48 10.58 -156.67
CA GLN Q 316 -111.75 9.62 -155.85
C GLN Q 316 -110.48 9.15 -156.55
N LYS Q 317 -110.58 8.75 -157.81
CA LYS Q 317 -109.39 8.22 -158.48
C LYS Q 317 -108.23 9.23 -158.45
N GLU Q 318 -108.49 10.48 -158.85
CA GLU Q 318 -107.40 11.47 -158.87
C GLU Q 318 -106.87 11.77 -157.47
N ILE Q 319 -107.74 11.87 -156.46
CA ILE Q 319 -107.21 12.13 -155.11
C ILE Q 319 -106.35 10.96 -154.65
N THR Q 320 -106.79 9.72 -154.93
CA THR Q 320 -105.97 8.56 -154.58
C THR Q 320 -104.66 8.56 -155.35
N ALA Q 321 -104.66 9.04 -156.59
CA ALA Q 321 -103.41 9.17 -157.33
C ALA Q 321 -102.48 10.18 -156.66
N LEU Q 322 -103.04 11.31 -156.20
CA LEU Q 322 -102.24 12.37 -155.60
C LEU Q 322 -101.81 12.03 -154.17
N ALA Q 323 -102.73 11.51 -153.37
CA ALA Q 323 -102.55 11.18 -151.96
C ALA Q 323 -102.24 9.70 -151.79
N PRO Q 324 -101.56 9.30 -150.73
CA PRO Q 324 -101.29 7.87 -150.52
C PRO Q 324 -102.59 7.08 -150.41
N SER Q 325 -102.56 5.85 -150.94
CA SER Q 325 -103.72 4.99 -151.07
C SER Q 325 -103.89 4.03 -149.90
N THR Q 326 -103.48 4.41 -148.69
CA THR Q 326 -103.68 3.51 -147.56
C THR Q 326 -105.15 3.55 -147.13
N MET Q 327 -105.61 4.73 -146.69
CA MET Q 327 -106.98 4.87 -146.24
C MET Q 327 -107.90 4.94 -147.44
N LYS Q 328 -109.11 4.41 -147.29
CA LYS Q 328 -110.09 4.44 -148.38
C LYS Q 328 -110.83 5.78 -148.42
N ILE Q 329 -110.86 6.39 -149.60
CA ILE Q 329 -111.58 7.65 -149.82
C ILE Q 329 -112.93 7.35 -150.44
N LYS Q 330 -113.99 7.93 -149.86
CA LYS Q 330 -115.34 7.78 -150.36
C LYS Q 330 -116.07 9.12 -150.28
N ILE Q 331 -116.79 9.45 -151.35
CA ILE Q 331 -117.57 10.67 -151.47
C ILE Q 331 -119.01 10.38 -151.06
N ILE Q 332 -119.68 11.38 -150.48
CA ILE Q 332 -121.10 11.27 -150.13
C ILE Q 332 -121.83 12.41 -150.81
N ALA Q 333 -122.97 12.10 -151.42
CA ALA Q 333 -123.76 13.09 -152.14
C ALA Q 333 -125.22 12.66 -152.22
N PRO Q 334 -126.10 13.17 -151.36
CA PRO Q 334 -127.51 12.77 -151.38
C PRO Q 334 -128.19 13.25 -152.66
N PRO Q 335 -129.12 12.46 -153.20
CA PRO Q 335 -129.87 12.90 -154.37
C PRO Q 335 -130.62 14.20 -154.13
N GLU Q 336 -130.70 15.01 -155.19
CA GLU Q 336 -131.37 16.31 -155.15
C GLU Q 336 -130.76 17.19 -154.05
N ARG Q 337 -129.45 17.36 -154.11
CA ARG Q 337 -128.73 18.12 -153.11
C ARG Q 337 -128.72 19.62 -153.39
N LYS Q 338 -129.19 20.05 -154.56
CA LYS Q 338 -129.28 21.48 -154.83
C LYS Q 338 -130.33 22.15 -153.95
N TYR Q 339 -131.33 21.40 -153.48
CA TYR Q 339 -132.26 21.89 -152.48
C TYR Q 339 -131.72 21.77 -151.07
N SER Q 340 -130.63 21.03 -150.89
CA SER Q 340 -130.14 20.68 -149.56
C SER Q 340 -129.85 21.92 -148.73
N VAL Q 341 -129.24 22.95 -149.33
CA VAL Q 341 -128.96 24.19 -148.61
C VAL Q 341 -130.24 24.74 -148.00
N TRP Q 342 -131.31 24.82 -148.79
CA TRP Q 342 -132.57 25.33 -148.28
C TRP Q 342 -133.08 24.45 -147.15
N ILE Q 343 -132.89 23.13 -147.29
CA ILE Q 343 -133.27 22.22 -146.21
C ILE Q 343 -132.54 22.60 -144.94
N GLY Q 344 -131.23 22.84 -145.05
CA GLY Q 344 -130.48 23.27 -143.87
C GLY Q 344 -131.02 24.55 -143.28
N GLY Q 345 -131.51 25.46 -144.12
CA GLY Q 345 -132.13 26.66 -143.60
C GLY Q 345 -133.32 26.32 -142.72
N SER Q 346 -134.17 25.42 -143.20
CA SER Q 346 -135.28 24.94 -142.38
C SER Q 346 -134.76 24.35 -141.08
N ILE Q 347 -133.64 23.60 -141.17
CA ILE Q 347 -133.05 23.01 -139.98
C ILE Q 347 -132.67 24.09 -138.99
N LEU Q 348 -132.14 25.21 -139.50
CA LEU Q 348 -131.78 26.31 -138.61
C LEU Q 348 -133.00 26.84 -137.89
N ALA Q 349 -134.12 26.94 -138.60
CA ALA Q 349 -135.33 27.42 -137.93
C ALA Q 349 -135.98 26.36 -137.06
N SER Q 350 -135.53 25.10 -137.16
CA SER Q 350 -136.16 24.03 -136.38
C SER Q 350 -135.97 24.23 -134.89
N LEU Q 351 -134.76 24.58 -134.47
CA LEU Q 351 -134.40 24.65 -133.06
C LEU Q 351 -134.77 26.01 -132.45
N SER Q 352 -134.99 26.01 -131.14
CA SER Q 352 -135.49 27.17 -130.42
C SER Q 352 -134.39 28.13 -130.00
N THR Q 353 -133.11 27.81 -130.25
CA THR Q 353 -132.04 28.76 -129.98
C THR Q 353 -131.85 29.75 -131.12
N PHE Q 354 -132.38 29.45 -132.30
CA PHE Q 354 -132.16 30.30 -133.47
C PHE Q 354 -132.71 31.71 -133.27
N GLN Q 355 -133.79 31.87 -132.52
CA GLN Q 355 -134.34 33.21 -132.30
C GLN Q 355 -133.57 33.99 -131.24
N GLN Q 356 -132.52 33.43 -130.66
CA GLN Q 356 -131.65 34.24 -129.80
C GLN Q 356 -130.83 35.24 -130.59
N MET Q 357 -130.49 34.95 -131.85
CA MET Q 357 -129.65 35.85 -132.63
C MET Q 357 -130.29 36.28 -133.96
N TRP Q 358 -131.62 36.39 -133.98
CA TRP Q 358 -132.26 37.14 -135.07
C TRP Q 358 -131.78 38.58 -135.09
N ILE Q 359 -131.51 39.09 -136.28
CA ILE Q 359 -131.07 40.47 -136.47
C ILE Q 359 -132.33 41.33 -136.56
N THR Q 360 -132.74 41.91 -135.44
CA THR Q 360 -133.99 42.65 -135.38
C THR Q 360 -133.84 44.04 -136.01
N LYS Q 361 -135.00 44.69 -136.23
CA LYS Q 361 -135.01 46.02 -136.83
C LYS Q 361 -134.31 47.06 -135.97
N GLN Q 362 -134.55 47.03 -134.65
CA GLN Q 362 -134.01 48.06 -133.78
C GLN Q 362 -132.49 48.01 -133.68
N GLU Q 363 -131.88 46.84 -133.76
CA GLU Q 363 -130.41 46.77 -133.76
C GLU Q 363 -129.84 47.48 -134.98
N TYR Q 364 -130.44 47.24 -136.15
CA TYR Q 364 -130.01 47.92 -137.37
C TYR Q 364 -130.27 49.41 -137.29
N ASP Q 365 -131.40 49.81 -136.70
CA ASP Q 365 -131.67 51.23 -136.54
C ASP Q 365 -130.67 51.91 -135.60
N GLU Q 366 -130.20 51.18 -134.58
CA GLU Q 366 -129.21 51.76 -133.67
C GLU Q 366 -127.85 51.88 -134.35
N ALA Q 367 -127.28 50.75 -134.80
CA ALA Q 367 -125.90 50.72 -135.25
C ALA Q 367 -125.75 50.76 -136.77
N GLY Q 368 -126.83 51.01 -137.51
CA GLY Q 368 -126.76 51.00 -138.95
C GLY Q 368 -126.51 49.61 -139.49
N PRO Q 369 -126.04 49.52 -140.73
CA PRO Q 369 -125.63 48.20 -141.25
C PRO Q 369 -124.43 47.63 -140.51
N SER Q 370 -123.60 48.50 -139.92
CA SER Q 370 -122.34 48.06 -139.32
C SER Q 370 -122.56 47.01 -138.24
N ILE Q 371 -123.76 46.97 -137.65
CA ILE Q 371 -124.04 46.01 -136.59
C ILE Q 371 -123.85 44.58 -137.07
N VAL Q 372 -124.09 44.31 -138.36
CA VAL Q 372 -123.94 42.93 -138.83
C VAL Q 372 -122.50 42.49 -138.67
N HIS Q 373 -121.54 43.43 -138.75
CA HIS Q 373 -120.13 43.09 -138.60
C HIS Q 373 -119.87 42.45 -137.25
N ARG Q 374 -120.72 42.74 -136.27
CA ARG Q 374 -120.61 42.18 -134.93
C ARG Q 374 -121.70 41.18 -134.62
N LYS Q 375 -122.75 41.10 -135.45
CA LYS Q 375 -123.90 40.28 -135.10
C LYS Q 375 -123.89 38.92 -135.81
N CYS Q 376 -123.30 38.84 -136.99
CA CYS Q 376 -123.18 37.54 -137.66
C CYS Q 376 -121.83 36.89 -137.32
N PHE Q 377 -120.74 37.60 -137.59
CA PHE Q 377 -119.42 37.14 -137.17
C PHE Q 377 -118.88 38.03 -136.06
N ASP R 3 -94.29 31.06 -213.76
CA ASP R 3 -93.81 30.40 -212.55
C ASP R 3 -92.34 30.67 -212.32
N GLU R 4 -91.98 31.00 -211.08
CA GLU R 4 -90.59 31.22 -210.73
C GLU R 4 -89.80 29.92 -210.83
N ASP R 5 -88.52 30.06 -211.20
CA ASP R 5 -87.65 28.89 -211.32
C ASP R 5 -87.50 28.16 -209.99
N GLU R 6 -87.63 28.88 -208.88
CA GLU R 6 -87.47 28.30 -207.57
C GLU R 6 -88.80 27.67 -207.13
N THR R 7 -88.71 26.69 -206.23
CA THR R 7 -89.86 25.93 -205.77
C THR R 7 -90.56 26.59 -204.58
N THR R 8 -90.52 27.92 -204.50
CA THR R 8 -91.11 28.68 -203.41
C THR R 8 -92.57 28.32 -203.20
N ALA R 9 -93.08 28.57 -201.99
CA ALA R 9 -94.40 28.11 -201.61
C ALA R 9 -95.50 29.04 -202.12
N LEU R 10 -96.72 28.51 -202.16
CA LEU R 10 -97.91 29.29 -202.45
C LEU R 10 -98.45 29.91 -201.16
N VAL R 11 -98.90 31.15 -201.25
CA VAL R 11 -99.50 31.85 -200.12
C VAL R 11 -100.90 32.28 -200.52
N CYS R 12 -101.90 31.73 -199.85
CA CYS R 12 -103.30 31.95 -200.21
C CYS R 12 -104.10 32.26 -198.96
N ASP R 13 -104.71 33.44 -198.93
CA ASP R 13 -105.62 33.86 -197.87
C ASP R 13 -107.05 33.69 -198.39
N ASN R 14 -107.73 32.65 -197.90
CA ASN R 14 -109.15 32.46 -198.20
C ASN R 14 -110.00 33.18 -197.15
N GLY R 15 -109.86 34.50 -197.14
CA GLY R 15 -110.61 35.30 -196.18
C GLY R 15 -112.10 35.22 -196.43
N SER R 16 -112.86 35.37 -195.35
CA SER R 16 -114.32 35.28 -195.41
C SER R 16 -114.84 36.53 -196.10
N GLY R 17 -114.82 36.49 -197.43
CA GLY R 17 -115.25 37.62 -198.23
C GLY R 17 -114.35 37.92 -199.41
N LEU R 18 -113.08 37.52 -199.32
CA LEU R 18 -112.11 37.77 -200.38
C LEU R 18 -111.08 36.66 -200.40
N VAL R 19 -110.67 36.25 -201.59
CA VAL R 19 -109.61 35.27 -201.78
C VAL R 19 -108.42 35.97 -202.42
N LYS R 20 -107.27 35.91 -201.76
CA LYS R 20 -106.06 36.61 -202.20
C LYS R 20 -104.92 35.61 -202.27
N ALA R 21 -104.44 35.30 -203.47
CA ALA R 21 -103.48 34.23 -203.66
C ALA R 21 -102.27 34.74 -204.42
N GLY R 22 -101.12 34.12 -204.16
CA GLY R 22 -99.90 34.49 -204.84
C GLY R 22 -98.75 33.60 -204.42
N PHE R 23 -97.54 34.06 -204.70
CA PHE R 23 -96.33 33.30 -204.41
C PHE R 23 -95.66 33.82 -203.14
N ALA R 24 -94.93 32.93 -202.48
CA ALA R 24 -94.14 33.32 -201.32
C ALA R 24 -92.96 34.19 -201.75
N GLY R 25 -92.60 35.13 -200.87
CA GLY R 25 -91.60 36.12 -201.18
C GLY R 25 -92.13 37.35 -201.89
N ASP R 26 -93.40 37.35 -202.29
CA ASP R 26 -94.03 38.50 -202.90
C ASP R 26 -94.61 39.42 -201.84
N ASP R 27 -94.72 40.70 -202.17
CA ASP R 27 -95.22 41.68 -201.22
C ASP R 27 -96.73 41.73 -201.17
N ALA R 28 -97.41 41.52 -202.29
CA ALA R 28 -98.86 41.55 -202.35
C ALA R 28 -99.37 40.35 -203.12
N PRO R 29 -100.55 39.85 -202.77
CA PRO R 29 -101.14 38.72 -203.52
C PRO R 29 -101.41 39.12 -204.97
N ARG R 30 -101.21 38.17 -205.88
CA ARG R 30 -101.36 38.47 -207.30
C ARG R 30 -102.81 38.39 -207.75
N ALA R 31 -103.51 37.33 -207.36
CA ALA R 31 -104.90 37.13 -207.78
C ALA R 31 -105.81 37.37 -206.58
N VAL R 32 -106.56 38.47 -206.62
CA VAL R 32 -107.46 38.85 -205.54
C VAL R 32 -108.86 38.98 -206.12
N PHE R 33 -109.80 38.21 -205.59
CA PHE R 33 -111.17 38.28 -206.07
C PHE R 33 -112.16 38.08 -204.94
N PRO R 34 -113.35 38.69 -205.04
CA PRO R 34 -114.39 38.44 -204.04
C PRO R 34 -114.91 37.01 -204.13
N SER R 35 -115.52 36.57 -203.02
CA SER R 35 -115.93 35.18 -202.86
C SER R 35 -117.34 34.89 -203.37
N ILE R 36 -117.83 35.67 -204.34
CA ILE R 36 -119.14 35.44 -204.92
C ILE R 36 -118.97 34.43 -206.05
N VAL R 37 -120.00 33.62 -206.29
CA VAL R 37 -119.96 32.60 -207.35
C VAL R 37 -121.27 32.66 -208.13
N GLY R 38 -121.19 32.82 -209.45
CA GLY R 38 -122.37 32.94 -210.28
C GLY R 38 -122.66 31.67 -211.07
N ARG R 39 -123.95 31.36 -211.17
CA ARG R 39 -124.40 30.21 -211.92
C ARG R 39 -125.49 30.61 -212.91
N PRO R 40 -125.60 29.90 -214.03
CA PRO R 40 -126.61 30.25 -215.04
C PRO R 40 -128.02 30.28 -214.45
N ARG R 41 -128.69 31.42 -214.58
CA ARG R 41 -130.05 31.57 -214.07
C ARG R 41 -131.07 30.74 -214.84
N HIS R 42 -130.78 30.36 -216.09
CA HIS R 42 -131.70 29.57 -216.88
C HIS R 42 -130.94 28.45 -217.58
N GLN R 43 -131.67 27.71 -218.42
CA GLN R 43 -131.14 26.54 -219.12
C GLN R 43 -130.63 26.88 -220.51
N GLY R 44 -129.98 25.90 -221.13
CA GLY R 44 -129.35 26.04 -222.42
C GLY R 44 -130.13 25.64 -223.66
N VAL R 45 -130.27 26.58 -224.59
CA VAL R 45 -130.96 26.34 -225.86
C VAL R 45 -130.14 26.95 -226.99
N MET R 46 -129.43 28.03 -226.69
CA MET R 46 -128.53 28.72 -227.60
C MET R 46 -127.22 27.96 -227.75
N VAL R 47 -126.42 28.37 -228.73
CA VAL R 47 -125.15 27.72 -229.04
C VAL R 47 -124.23 28.79 -229.64
N GLY R 48 -122.95 28.45 -229.78
CA GLY R 48 -121.96 29.33 -230.36
C GLY R 48 -121.06 30.04 -229.39
N MET R 49 -121.41 30.10 -228.10
CA MET R 49 -120.61 30.81 -227.12
C MET R 49 -121.18 30.53 -225.73
N GLY R 50 -120.41 30.90 -224.72
CA GLY R 50 -120.86 30.72 -223.34
C GLY R 50 -121.23 29.29 -223.00
N GLN R 51 -122.41 29.13 -222.41
CA GLN R 51 -122.95 27.84 -221.97
C GLN R 51 -121.99 27.12 -221.03
N LYS R 52 -121.49 27.86 -220.04
CA LYS R 52 -120.59 27.32 -219.05
C LYS R 52 -121.25 27.49 -217.69
N ASP R 53 -121.19 26.43 -216.88
CA ASP R 53 -121.79 26.45 -215.55
C ASP R 53 -121.14 27.45 -214.60
N SER R 54 -120.05 27.06 -213.96
CA SER R 54 -119.42 27.93 -212.95
C SER R 54 -118.81 29.17 -213.58
N TYR R 55 -119.10 30.32 -212.96
CA TYR R 55 -118.47 31.59 -213.31
C TYR R 55 -117.93 32.19 -212.02
N VAL R 56 -116.62 32.48 -212.00
CA VAL R 56 -115.95 33.00 -210.82
C VAL R 56 -115.12 34.22 -211.19
N GLY R 57 -114.84 35.04 -210.17
CA GLY R 57 -113.96 36.18 -210.34
C GLY R 57 -114.61 37.31 -211.12
N ASP R 58 -113.76 38.09 -211.80
CA ASP R 58 -114.24 39.24 -212.55
C ASP R 58 -115.20 38.83 -213.66
N GLU R 59 -115.08 37.60 -214.17
CA GLU R 59 -116.05 37.12 -215.15
C GLU R 59 -117.47 37.16 -214.57
N ALA R 60 -117.64 36.63 -213.36
CA ALA R 60 -118.95 36.70 -212.73
C ALA R 60 -119.33 38.12 -212.37
N GLN R 61 -118.34 38.96 -212.01
CA GLN R 61 -118.65 40.35 -211.73
C GLN R 61 -119.24 41.04 -212.95
N SER R 62 -118.68 40.76 -214.14
CA SER R 62 -119.25 41.29 -215.36
C SER R 62 -120.58 40.62 -215.70
N LYS R 63 -120.75 39.37 -215.31
CA LYS R 63 -121.96 38.62 -215.66
C LYS R 63 -122.90 38.48 -214.47
N ARG R 64 -122.92 39.49 -213.59
CA ARG R 64 -123.73 39.42 -212.38
C ARG R 64 -125.21 39.32 -212.70
N GLY R 65 -125.66 40.08 -213.70
CA GLY R 65 -127.07 40.13 -214.01
C GLY R 65 -127.65 38.83 -214.50
N ILE R 66 -126.85 38.04 -215.22
CA ILE R 66 -127.37 36.83 -215.84
C ILE R 66 -127.26 35.62 -214.93
N LEU R 67 -126.55 35.74 -213.82
CA LEU R 67 -126.24 34.60 -212.97
C LEU R 67 -126.96 34.74 -211.64
N THR R 68 -127.44 33.63 -211.11
CA THR R 68 -127.78 33.58 -209.70
C THR R 68 -126.49 33.62 -208.90
N LEU R 69 -126.36 34.63 -208.04
CA LEU R 69 -125.14 34.86 -207.30
C LEU R 69 -125.27 34.18 -205.94
N LYS R 70 -124.40 33.23 -205.68
CA LYS R 70 -124.45 32.39 -204.49
C LYS R 70 -123.12 32.46 -203.76
N TYR R 71 -123.16 32.19 -202.46
CA TYR R 71 -121.98 32.30 -201.62
C TYR R 71 -121.58 30.90 -201.16
N PRO R 72 -120.47 30.35 -201.67
CA PRO R 72 -120.05 29.01 -201.20
C PRO R 72 -119.72 28.97 -199.72
N ILE R 73 -119.42 30.11 -199.10
CA ILE R 73 -119.16 30.19 -197.67
C ILE R 73 -119.91 31.39 -197.11
N GLU R 74 -120.52 31.20 -195.93
CA GLU R 74 -121.16 32.30 -195.23
C GLU R 74 -120.96 32.09 -193.75
N GLY R 76 -118.39 31.23 -192.31
CA GLY R 76 -117.58 30.04 -192.12
C GLY R 76 -118.20 28.74 -192.58
N ILE R 77 -119.52 28.68 -192.62
CA ILE R 77 -120.22 27.46 -193.01
C ILE R 77 -119.96 27.17 -194.48
N ILE R 78 -119.72 25.89 -194.79
CA ILE R 78 -119.39 25.46 -196.14
C ILE R 78 -120.60 24.82 -196.79
N THR R 79 -120.96 25.30 -197.98
CA THR R 79 -122.09 24.75 -198.73
C THR R 79 -121.68 23.55 -199.57
N ASN R 80 -120.82 23.79 -200.58
CA ASN R 80 -120.47 22.76 -201.55
C ASN R 80 -118.98 22.81 -201.83
N TRP R 81 -118.27 21.73 -201.48
CA TRP R 81 -116.83 21.67 -201.72
C TRP R 81 -116.48 21.73 -203.20
N ASP R 82 -117.39 21.28 -204.08
CA ASP R 82 -117.13 21.39 -205.52
C ASP R 82 -116.91 22.85 -205.92
N ASP R 83 -117.62 23.78 -205.28
CA ASP R 83 -117.43 25.20 -205.60
C ASP R 83 -116.03 25.66 -205.27
N MET R 84 -115.51 25.27 -204.10
CA MET R 84 -114.12 25.58 -203.76
C MET R 84 -113.16 24.88 -204.71
N GLU R 85 -113.46 23.64 -205.09
CA GLU R 85 -112.63 22.94 -206.07
C GLU R 85 -112.49 23.76 -207.35
N LYS R 86 -113.61 24.20 -207.91
CA LYS R 86 -113.57 24.97 -209.15
C LYS R 86 -112.88 26.31 -208.96
N ILE R 87 -113.16 27.03 -207.87
CA ILE R 87 -112.57 28.35 -207.74
C ILE R 87 -111.07 28.24 -207.50
N TRP R 88 -110.62 27.21 -206.78
CA TRP R 88 -109.19 26.99 -206.60
C TRP R 88 -108.52 26.59 -207.91
N HIS R 89 -109.17 25.75 -208.72
CA HIS R 89 -108.67 25.47 -210.06
C HIS R 89 -108.49 26.75 -210.86
N HIS R 90 -109.51 27.62 -210.85
CA HIS R 90 -109.45 28.87 -211.57
C HIS R 90 -108.30 29.74 -211.06
N THR R 91 -108.18 29.86 -209.74
CA THR R 91 -107.15 30.70 -209.15
C THR R 91 -105.76 30.19 -209.51
N PHE R 92 -105.54 28.88 -209.38
CA PHE R 92 -104.21 28.31 -209.59
C PHE R 92 -103.80 28.36 -211.06
N TYR R 93 -104.73 28.08 -211.98
CA TYR R 93 -104.34 27.89 -213.38
C TYR R 93 -104.70 29.07 -214.27
N ASN R 94 -105.91 29.62 -214.14
CA ASN R 94 -106.34 30.73 -214.97
C ASN R 94 -105.90 32.08 -214.44
N GLU R 95 -105.67 32.20 -213.12
CA GLU R 95 -105.33 33.47 -212.50
C GLU R 95 -103.90 33.52 -211.99
N LEU R 96 -103.43 32.47 -211.31
CA LEU R 96 -102.05 32.45 -210.84
C LEU R 96 -101.11 31.81 -211.85
N ARG R 97 -101.64 31.06 -212.81
CA ARG R 97 -100.84 30.38 -213.83
C ARG R 97 -99.78 29.50 -213.18
N VAL R 98 -100.17 28.80 -212.11
CA VAL R 98 -99.26 27.97 -211.34
C VAL R 98 -99.86 26.58 -211.14
N ALA R 99 -98.98 25.58 -211.06
CA ALA R 99 -99.39 24.22 -210.76
C ALA R 99 -99.08 23.91 -209.31
N PRO R 100 -100.03 23.43 -208.52
CA PRO R 100 -99.76 23.17 -207.10
C PRO R 100 -98.90 21.95 -206.84
N GLU R 101 -98.49 21.22 -207.88
CA GLU R 101 -97.65 20.05 -207.69
C GLU R 101 -96.30 20.40 -207.07
N GLU R 102 -95.70 21.51 -207.49
CA GLU R 102 -94.33 21.84 -207.14
C GLU R 102 -94.21 22.93 -206.07
N HIS R 103 -95.34 23.36 -205.49
CA HIS R 103 -95.28 24.41 -204.48
C HIS R 103 -96.18 24.08 -203.28
N PRO R 104 -95.60 23.95 -202.09
CA PRO R 104 -96.42 23.82 -200.88
C PRO R 104 -97.27 25.06 -200.65
N THR R 105 -98.40 24.86 -199.99
CA THR R 105 -99.39 25.91 -199.80
C THR R 105 -99.52 26.29 -198.32
N LEU R 106 -99.43 27.59 -198.06
CA LEU R 106 -99.79 28.16 -196.76
C LEU R 106 -101.14 28.84 -196.89
N LEU R 107 -102.11 28.38 -196.11
CA LEU R 107 -103.46 28.89 -196.14
C LEU R 107 -103.82 29.53 -194.79
N THR R 108 -104.74 30.48 -194.84
CA THR R 108 -105.28 31.12 -193.65
C THR R 108 -106.76 30.81 -193.56
N GLU R 109 -107.23 30.51 -192.35
CA GLU R 109 -108.62 30.13 -192.15
C GLU R 109 -109.28 31.10 -191.16
N ALA R 110 -110.60 31.20 -191.26
CA ALA R 110 -111.35 32.06 -190.36
C ALA R 110 -111.21 31.57 -188.92
N PRO R 111 -111.17 32.49 -187.96
CA PRO R 111 -110.96 32.10 -186.56
C PRO R 111 -112.03 31.13 -186.08
N LEU R 112 -111.59 30.12 -185.31
CA LEU R 112 -112.49 29.14 -184.70
C LEU R 112 -113.33 28.40 -185.74
N ASN R 113 -112.70 28.08 -186.87
CA ASN R 113 -113.39 27.31 -187.90
C ASN R 113 -113.58 25.88 -187.42
N PRO R 114 -114.62 25.19 -187.89
CA PRO R 114 -114.89 23.84 -187.40
C PRO R 114 -113.71 22.91 -187.63
N LYS R 115 -113.47 22.03 -186.66
CA LYS R 115 -112.42 21.03 -186.81
C LYS R 115 -112.83 19.98 -187.83
N ALA R 116 -114.12 19.63 -187.86
CA ALA R 116 -114.63 18.74 -188.90
C ALA R 116 -114.49 19.38 -190.28
N ASN R 117 -114.75 20.70 -190.35
CA ASN R 117 -114.54 21.43 -191.59
C ASN R 117 -113.07 21.33 -192.03
N ARG R 118 -112.15 21.49 -191.09
CA ARG R 118 -110.74 21.38 -191.42
C ARG R 118 -110.39 19.98 -191.92
N GLU R 119 -110.88 18.94 -191.24
CA GLU R 119 -110.59 17.56 -191.62
C GLU R 119 -111.14 17.21 -193.01
N LYS R 120 -112.37 17.64 -193.32
CA LYS R 120 -112.95 17.35 -194.63
C LYS R 120 -112.27 18.17 -195.73
N MET R 121 -112.05 19.47 -195.50
CA MET R 121 -111.42 20.29 -196.52
C MET R 121 -109.99 19.81 -196.80
N THR R 122 -109.25 19.41 -195.77
CA THR R 122 -107.90 18.92 -195.98
C THR R 122 -107.91 17.60 -196.75
N GLN R 123 -108.89 16.73 -196.44
CA GLN R 123 -108.93 15.44 -197.11
C GLN R 123 -109.29 15.58 -198.59
N ILE R 124 -110.34 16.34 -198.89
CA ILE R 124 -110.71 16.58 -200.29
C ILE R 124 -109.57 17.28 -201.02
N MET R 125 -108.92 18.24 -200.38
CA MET R 125 -107.77 18.91 -200.95
C MET R 125 -106.68 17.92 -201.34
N PHE R 126 -106.22 17.13 -200.37
CA PHE R 126 -105.13 16.20 -200.62
C PHE R 126 -105.48 15.18 -201.70
N GLU R 127 -106.72 14.67 -201.71
CA GLU R 127 -107.09 13.73 -202.75
C GLU R 127 -107.19 14.42 -204.11
N THR R 128 -107.93 15.53 -204.20
CA THR R 128 -108.15 16.19 -205.48
C THR R 128 -106.85 16.80 -206.02
N PHE R 129 -106.11 17.51 -205.18
CA PHE R 129 -104.90 18.20 -205.62
C PHE R 129 -103.66 17.39 -205.28
N ASN R 130 -102.52 17.86 -205.77
CA ASN R 130 -101.24 17.20 -205.57
C ASN R 130 -100.24 18.14 -204.92
N VAL R 131 -100.70 18.96 -203.98
CA VAL R 131 -99.79 19.87 -203.28
C VAL R 131 -98.74 19.07 -202.53
N PRO R 132 -97.46 19.44 -202.57
CA PRO R 132 -96.46 18.63 -201.85
C PRO R 132 -96.60 18.74 -200.34
N ALA R 133 -96.88 19.93 -199.83
CA ALA R 133 -96.89 20.16 -198.39
C ALA R 133 -97.90 21.23 -198.05
N MET R 134 -98.25 21.30 -196.77
CA MET R 134 -99.39 22.07 -196.30
C MET R 134 -99.08 22.78 -194.99
N TYR R 135 -99.72 23.93 -194.81
CA TYR R 135 -99.81 24.56 -193.50
C TYR R 135 -101.00 25.49 -193.53
N VAL R 136 -101.81 25.47 -192.48
CA VAL R 136 -102.96 26.35 -192.34
C VAL R 136 -102.89 27.03 -190.98
N ALA R 137 -103.20 28.33 -190.96
CA ALA R 137 -103.08 29.12 -189.75
C ALA R 137 -104.28 30.04 -189.60
N ILE R 138 -104.51 30.47 -188.36
CA ILE R 138 -105.58 31.43 -188.07
C ILE R 138 -105.19 32.82 -188.55
N GLN R 139 -106.16 33.55 -189.10
CA GLN R 139 -105.87 34.88 -189.64
C GLN R 139 -105.49 35.88 -188.55
N ALA R 140 -105.78 35.56 -187.29
CA ALA R 140 -105.47 36.46 -186.18
C ALA R 140 -103.97 36.66 -186.04
N VAL R 141 -103.23 35.56 -185.96
CA VAL R 141 -101.77 35.66 -185.82
C VAL R 141 -101.17 36.23 -187.09
N LEU R 142 -101.81 36.01 -188.25
CA LEU R 142 -101.34 36.62 -189.49
C LEU R 142 -101.42 38.14 -189.43
N SER R 143 -102.56 38.67 -188.96
CA SER R 143 -102.68 40.12 -188.81
C SER R 143 -101.70 40.63 -187.77
N LEU R 144 -101.49 39.84 -186.71
CA LEU R 144 -100.47 40.17 -185.71
C LEU R 144 -99.10 40.30 -186.37
N TYR R 145 -98.76 39.34 -187.24
CA TYR R 145 -97.48 39.36 -187.92
C TYR R 145 -97.36 40.59 -188.81
N ALA R 146 -98.45 40.93 -189.49
CA ALA R 146 -98.48 42.14 -190.30
C ALA R 146 -98.22 43.38 -189.46
N SER R 147 -98.80 43.43 -188.26
CA SER R 147 -98.48 44.52 -187.33
C SER R 147 -97.09 44.37 -186.74
N GLY R 148 -96.59 43.14 -186.63
CA GLY R 148 -95.26 42.91 -186.10
C GLY R 148 -95.11 43.29 -184.65
N ARG R 149 -96.13 43.08 -183.84
CA ARG R 149 -96.07 43.33 -182.40
C ARG R 149 -96.84 42.24 -181.68
N THR R 150 -96.14 41.51 -180.82
CA THR R 150 -96.66 40.31 -180.16
C THR R 150 -97.79 40.58 -179.17
N THR R 151 -98.03 41.84 -178.80
CA THR R 151 -99.06 42.17 -177.82
C THR R 151 -100.18 42.95 -178.48
N GLY R 152 -101.42 42.57 -178.20
CA GLY R 152 -102.57 43.29 -178.71
C GLY R 152 -103.77 42.39 -178.86
N ILE R 153 -104.92 43.04 -179.04
CA ILE R 153 -106.18 42.35 -179.31
C ILE R 153 -106.59 42.65 -180.74
N VAL R 154 -106.82 41.59 -181.52
CA VAL R 154 -107.12 41.68 -182.94
C VAL R 154 -108.63 41.66 -183.12
N LEU R 155 -109.14 42.67 -183.81
CA LEU R 155 -110.53 42.73 -184.25
C LEU R 155 -110.55 42.40 -185.74
N ASP R 156 -110.86 41.15 -186.07
CA ASP R 156 -110.94 40.70 -187.46
C ASP R 156 -112.38 40.87 -187.95
N SER R 157 -112.61 41.86 -188.81
CA SER R 157 -113.94 42.15 -189.34
C SER R 157 -114.03 41.63 -190.77
N GLY R 158 -114.34 40.35 -190.92
CA GLY R 158 -114.59 39.76 -192.22
C GLY R 158 -115.96 40.12 -192.76
N ASP R 159 -116.36 39.40 -193.80
CA ASP R 159 -117.67 39.59 -194.41
C ASP R 159 -118.73 38.64 -193.86
N GLY R 160 -118.36 37.69 -193.01
CA GLY R 160 -119.34 36.81 -192.41
C GLY R 160 -119.37 36.87 -190.90
N VAL R 161 -118.22 37.10 -190.28
CA VAL R 161 -118.08 37.12 -188.83
C VAL R 161 -117.11 38.23 -188.44
N THR R 162 -117.31 38.79 -187.24
CA THR R 162 -116.33 39.66 -186.60
C THR R 162 -115.80 38.96 -185.36
N HIS R 163 -114.49 38.79 -185.29
CA HIS R 163 -113.84 38.05 -184.22
C HIS R 163 -113.00 39.00 -183.38
N ASN R 164 -113.10 38.85 -182.05
CA ASN R 164 -112.18 39.53 -181.15
C ASN R 164 -111.32 38.49 -180.46
N VAL R 165 -110.00 38.64 -180.62
CA VAL R 165 -109.04 37.66 -180.15
C VAL R 165 -107.91 38.39 -179.43
N PRO R 166 -107.69 38.14 -178.13
CA PRO R 166 -106.54 38.76 -177.47
C PRO R 166 -105.32 37.87 -177.53
N ILE R 167 -104.17 38.47 -177.80
CA ILE R 167 -102.90 37.77 -177.83
C ILE R 167 -101.87 38.62 -177.11
N TYR R 168 -101.32 38.07 -176.01
CA TYR R 168 -100.31 38.78 -175.23
C TYR R 168 -98.96 38.16 -175.48
N GLU R 169 -97.96 38.97 -175.83
CA GLU R 169 -96.60 38.51 -176.07
C GLU R 169 -96.58 37.27 -176.97
N GLY R 170 -97.42 37.26 -178.00
CA GLY R 170 -97.37 36.19 -178.99
C GLY R 170 -97.87 34.82 -178.61
N TYR R 171 -98.80 34.71 -177.67
CA TYR R 171 -99.43 33.42 -177.36
C TYR R 171 -100.93 33.64 -177.30
N ALA R 172 -101.70 32.79 -177.98
CA ALA R 172 -103.15 33.01 -178.07
C ALA R 172 -103.95 32.88 -176.78
N LEU R 173 -105.11 33.54 -176.70
CA LEU R 173 -105.98 33.46 -175.52
C LEU R 173 -107.38 33.00 -175.94
N PRO R 174 -107.53 31.72 -176.28
CA PRO R 174 -108.86 31.25 -176.72
C PRO R 174 -109.96 31.44 -175.69
N HIS R 175 -109.61 31.45 -174.39
CA HIS R 175 -110.62 31.65 -173.36
C HIS R 175 -111.27 33.03 -173.43
N ALA R 176 -110.61 33.99 -174.08
CA ALA R 176 -111.12 35.34 -174.20
C ALA R 176 -111.36 35.70 -175.67
N ILE R 177 -111.65 34.71 -176.51
CA ILE R 177 -111.92 34.93 -177.92
C ILE R 177 -113.40 34.73 -178.19
N MET R 178 -113.98 35.63 -178.97
CA MET R 178 -115.41 35.58 -179.28
C MET R 178 -115.66 35.90 -180.76
N ARG R 179 -116.75 35.33 -181.27
CA ARG R 179 -117.21 35.54 -182.63
C ARG R 179 -118.60 36.17 -182.58
N LEU R 180 -118.79 37.23 -183.36
CA LEU R 180 -120.05 37.94 -183.46
C LEU R 180 -120.56 37.83 -184.89
N ASP R 181 -121.85 37.50 -185.02
CA ASP R 181 -122.50 37.24 -186.30
C ASP R 181 -122.82 38.51 -187.07
N LEU R 182 -122.25 39.66 -186.69
CA LEU R 182 -122.43 40.90 -187.44
C LEU R 182 -121.23 41.08 -188.37
N ALA R 183 -121.51 41.41 -189.62
CA ALA R 183 -120.49 41.54 -190.64
C ALA R 183 -121.08 42.29 -191.83
N GLY R 184 -120.41 42.21 -192.97
CA GLY R 184 -120.85 42.95 -194.13
C GLY R 184 -122.27 42.60 -194.50
N ARG R 185 -122.62 41.31 -194.40
CA ARG R 185 -123.96 40.88 -194.77
C ARG R 185 -125.00 41.69 -194.01
N ASP R 186 -124.84 41.78 -192.69
CA ASP R 186 -125.76 42.54 -191.86
C ASP R 186 -125.80 44.00 -192.32
N LEU R 187 -124.63 44.58 -192.56
CA LEU R 187 -124.56 45.98 -192.99
C LEU R 187 -125.40 46.21 -194.24
N THR R 188 -125.22 45.35 -195.25
CA THR R 188 -125.99 45.45 -196.48
C THR R 188 -127.49 45.28 -196.20
N ASP R 189 -127.84 44.29 -195.39
CA ASP R 189 -129.25 44.07 -195.04
C ASP R 189 -129.88 45.31 -194.44
N TYR R 190 -129.31 45.78 -193.32
CA TYR R 190 -129.82 46.98 -192.66
C TYR R 190 -129.91 48.16 -193.61
N LEU R 191 -128.88 48.38 -194.44
CA LEU R 191 -128.94 49.47 -195.40
C LEU R 191 -130.05 49.24 -196.42
N MET R 192 -130.28 47.97 -196.78
CA MET R 192 -131.36 47.62 -197.70
C MET R 192 -132.71 48.02 -197.13
N LYS R 193 -132.95 47.73 -195.85
CA LYS R 193 -134.24 48.09 -195.27
C LYS R 193 -134.38 49.59 -195.13
N ILE R 194 -133.30 50.30 -194.77
CA ILE R 194 -133.40 51.75 -194.68
C ILE R 194 -133.65 52.37 -196.05
N LEU R 195 -132.95 51.89 -197.09
CA LEU R 195 -133.20 52.38 -198.44
C LEU R 195 -134.61 52.03 -198.90
N THR R 196 -135.15 50.89 -198.46
CA THR R 196 -136.55 50.58 -198.69
C THR R 196 -137.45 51.64 -198.06
N GLU R 197 -137.13 52.05 -196.83
CA GLU R 197 -137.86 53.16 -196.23
C GLU R 197 -137.55 54.50 -196.90
N ARG R 198 -136.53 54.57 -197.73
CA ARG R 198 -136.26 55.77 -198.50
C ARG R 198 -136.94 55.77 -199.87
N GLY R 199 -137.58 54.67 -200.24
CA GLY R 199 -138.33 54.59 -201.49
C GLY R 199 -137.76 53.64 -202.51
N TYR R 200 -136.58 53.08 -202.26
CA TYR R 200 -135.89 52.21 -203.22
C TYR R 200 -135.78 50.82 -202.62
N SER R 201 -136.47 49.84 -203.21
CA SER R 201 -136.61 48.50 -202.65
C SER R 201 -136.10 47.50 -203.68
N PHE R 202 -134.90 46.97 -203.44
CA PHE R 202 -134.32 45.94 -204.30
C PHE R 202 -133.92 44.73 -203.47
N VAL R 203 -133.88 43.56 -204.12
CA VAL R 203 -133.64 42.30 -203.44
C VAL R 203 -132.42 41.59 -204.00
N THR R 204 -132.13 41.82 -205.29
CA THR R 204 -131.10 41.07 -205.98
C THR R 204 -129.70 41.52 -205.56
N THR R 205 -128.71 40.68 -205.91
CA THR R 205 -127.34 40.85 -205.44
C THR R 205 -126.60 41.99 -206.14
N ALA R 206 -126.99 42.36 -207.35
CA ALA R 206 -126.33 43.48 -208.02
C ALA R 206 -126.50 44.75 -207.20
N GLU R 207 -127.70 44.96 -206.70
CA GLU R 207 -127.92 46.12 -205.86
C GLU R 207 -127.22 45.90 -204.53
N ARG R 208 -126.99 44.66 -204.10
CA ARG R 208 -126.22 44.42 -202.88
C ARG R 208 -124.81 44.95 -203.03
N GLU R 209 -124.19 44.68 -204.18
CA GLU R 209 -122.86 45.17 -204.45
C GLU R 209 -122.85 46.68 -204.62
N ILE R 210 -123.90 47.23 -205.25
CA ILE R 210 -124.01 48.68 -205.37
C ILE R 210 -124.05 49.34 -204.00
N VAL R 211 -124.85 48.79 -203.08
CA VAL R 211 -124.99 49.42 -201.77
C VAL R 211 -123.75 49.18 -200.90
N ARG R 212 -123.05 48.07 -201.08
CA ARG R 212 -121.77 47.94 -200.36
C ARG R 212 -120.74 48.89 -200.91
N ASP R 213 -120.77 49.17 -202.22
CA ASP R 213 -119.93 50.21 -202.79
C ASP R 213 -120.26 51.57 -202.18
N ILE R 214 -121.56 51.85 -202.02
CA ILE R 214 -121.98 53.08 -201.36
C ILE R 214 -121.41 53.13 -199.95
N LYS R 215 -121.44 51.99 -199.23
CA LYS R 215 -120.83 51.94 -197.91
C LYS R 215 -119.34 52.22 -197.97
N GLU R 216 -118.67 51.72 -199.00
CA GLU R 216 -117.24 51.97 -199.16
C GLU R 216 -116.96 53.45 -199.39
N LYS R 217 -117.84 54.13 -200.12
CA LYS R 217 -117.56 55.50 -200.54
C LYS R 217 -118.03 56.55 -199.53
N LEU R 218 -119.34 56.55 -199.22
CA LEU R 218 -119.96 57.70 -198.58
C LEU R 218 -120.22 57.54 -197.09
N CYS R 219 -120.17 56.33 -196.54
CA CYS R 219 -120.68 56.12 -195.19
C CYS R 219 -119.82 56.82 -194.14
N TYR R 220 -120.50 57.35 -193.13
CA TYR R 220 -119.89 57.92 -191.93
C TYR R 220 -120.00 56.97 -190.76
N VAL R 221 -119.18 57.23 -189.75
CA VAL R 221 -119.38 56.70 -188.40
C VAL R 221 -119.68 57.88 -187.49
N ALA R 222 -120.94 57.96 -187.03
CA ALA R 222 -121.41 59.13 -186.30
C ALA R 222 -120.62 59.32 -185.00
N LEU R 223 -120.17 60.54 -184.75
CA LEU R 223 -119.54 60.84 -183.47
C LEU R 223 -120.54 60.84 -182.33
N ASP R 224 -121.69 61.47 -182.53
CA ASP R 224 -122.82 61.43 -181.62
C ASP R 224 -124.05 61.09 -182.47
N PHE R 225 -124.84 60.10 -182.07
CA PHE R 225 -125.79 59.55 -183.00
C PHE R 225 -127.06 60.41 -183.12
N GLU R 226 -127.82 60.50 -182.03
CA GLU R 226 -129.12 61.17 -182.12
C GLU R 226 -128.97 62.65 -182.41
N ASN R 227 -127.90 63.26 -181.90
CA ASN R 227 -127.63 64.67 -182.23
C ASN R 227 -127.33 64.84 -183.72
N GLU R 228 -126.65 63.85 -184.32
CA GLU R 228 -126.36 63.99 -185.74
C GLU R 228 -127.58 63.73 -186.62
N MET R 229 -128.50 62.84 -186.23
CA MET R 229 -129.76 62.84 -186.99
C MET R 229 -130.57 64.11 -186.74
N ALA R 230 -130.51 64.67 -185.53
CA ALA R 230 -131.23 65.91 -185.25
C ALA R 230 -130.74 67.05 -186.13
N THR R 231 -129.42 67.17 -186.29
CA THR R 231 -128.88 68.16 -187.21
C THR R 231 -128.92 67.69 -188.67
N ALA R 232 -129.15 66.41 -188.93
CA ALA R 232 -129.28 65.90 -190.28
C ALA R 232 -130.71 65.95 -190.79
N ALA R 233 -131.64 66.47 -189.97
CA ALA R 233 -133.00 66.70 -190.42
C ALA R 233 -133.03 67.36 -191.81
N SER R 234 -132.45 68.56 -191.93
CA SER R 234 -132.29 69.18 -193.24
C SER R 234 -130.90 68.94 -193.84
N SER R 235 -129.85 69.45 -193.18
CA SER R 235 -128.50 69.16 -193.60
C SER R 235 -128.31 69.12 -195.09
N SER R 236 -128.47 70.25 -195.74
CA SER R 236 -128.22 70.27 -197.18
C SER R 236 -126.76 69.98 -197.49
N SER R 237 -125.83 70.58 -196.73
CA SER R 237 -124.41 70.32 -196.95
C SER R 237 -124.02 68.93 -196.47
N LEU R 238 -124.48 68.54 -195.27
CA LEU R 238 -124.08 67.26 -194.70
C LEU R 238 -124.65 66.08 -195.48
N GLU R 239 -125.84 66.24 -196.06
CA GLU R 239 -126.41 65.18 -196.90
C GLU R 239 -125.56 64.96 -198.13
N LYS R 240 -125.34 63.70 -198.49
CA LYS R 240 -124.41 63.35 -199.55
C LYS R 240 -125.10 62.48 -200.60
N SER R 241 -124.66 62.61 -201.84
CA SER R 241 -125.30 61.94 -202.95
C SER R 241 -124.32 60.99 -203.63
N TYR R 242 -124.88 60.03 -204.36
CA TYR R 242 -124.11 59.09 -205.16
C TYR R 242 -124.68 59.01 -206.57
N GLU R 243 -123.79 58.75 -207.52
CA GLU R 243 -124.15 58.61 -208.93
C GLU R 243 -124.12 57.12 -209.27
N LEU R 244 -125.30 56.51 -209.29
CA LEU R 244 -125.41 55.10 -209.62
C LEU R 244 -125.06 54.86 -211.10
N PRO R 245 -124.51 53.69 -211.42
CA PRO R 245 -124.01 53.47 -212.80
C PRO R 245 -125.07 53.67 -213.88
N ASP R 246 -126.35 53.44 -213.57
CA ASP R 246 -127.40 53.76 -214.53
C ASP R 246 -127.52 55.26 -214.78
N GLY R 247 -126.98 56.09 -213.89
CA GLY R 247 -127.02 57.53 -214.02
C GLY R 247 -127.93 58.27 -213.06
N GLN R 248 -128.81 57.59 -212.33
CA GLN R 248 -129.66 58.31 -211.39
C GLN R 248 -128.86 58.75 -210.17
N VAL R 249 -129.23 59.90 -209.63
CA VAL R 249 -128.58 60.48 -208.46
C VAL R 249 -129.41 60.07 -207.26
N ILE R 250 -128.80 59.29 -206.36
CA ILE R 250 -129.46 58.82 -205.15
C ILE R 250 -128.83 59.52 -203.95
N THR R 251 -129.67 60.23 -203.19
CA THR R 251 -129.22 61.07 -202.10
C THR R 251 -129.50 60.37 -200.76
N ILE R 252 -128.50 60.36 -199.89
CA ILE R 252 -128.60 59.75 -198.57
C ILE R 252 -128.01 60.71 -197.54
N GLY R 253 -128.68 60.83 -196.40
CA GLY R 253 -128.23 61.73 -195.36
C GLY R 253 -127.72 61.04 -194.11
N ASN R 254 -128.58 60.97 -193.08
CA ASN R 254 -128.17 60.34 -191.82
C ASN R 254 -127.84 58.87 -191.99
N GLU R 255 -128.42 58.20 -193.01
CA GLU R 255 -128.17 56.78 -193.20
C GLU R 255 -126.69 56.48 -193.31
N ARG R 256 -125.90 57.43 -193.84
CA ARG R 256 -124.47 57.23 -193.98
C ARG R 256 -123.84 56.82 -192.65
N PHE R 257 -124.22 57.48 -191.56
CA PHE R 257 -123.72 57.09 -190.25
C PHE R 257 -124.74 56.31 -189.42
N ARG R 258 -125.91 56.02 -189.97
CA ARG R 258 -126.83 55.13 -189.27
C ARG R 258 -126.66 53.68 -189.66
N CYS R 259 -125.89 53.37 -190.70
CA CYS R 259 -125.60 51.97 -191.05
C CYS R 259 -124.50 51.25 -190.22
N PRO R 260 -123.28 51.81 -190.11
CA PRO R 260 -122.28 51.13 -189.26
C PRO R 260 -122.62 51.19 -187.78
N GLU R 261 -123.48 52.12 -187.38
CA GLU R 261 -123.88 52.26 -185.99
C GLU R 261 -124.58 50.99 -185.51
N THR R 262 -125.19 50.23 -186.40
CA THR R 262 -125.86 48.98 -186.02
C THR R 262 -124.90 48.00 -185.36
N LEU R 263 -123.67 47.90 -185.83
CA LEU R 263 -122.71 47.02 -185.14
C LEU R 263 -122.52 47.55 -183.73
N PHE R 264 -122.36 48.86 -183.58
CA PHE R 264 -122.22 49.48 -182.25
C PHE R 264 -123.51 49.41 -181.43
N GLN R 265 -124.67 49.50 -182.06
CA GLN R 265 -125.96 49.47 -181.39
C GLN R 265 -126.80 48.33 -181.99
N PRO R 266 -126.54 47.07 -181.57
CA PRO R 266 -127.24 45.93 -182.19
C PRO R 266 -128.73 45.91 -181.92
N SER R 267 -129.21 46.64 -180.91
CA SER R 267 -130.63 46.65 -180.58
C SER R 267 -131.50 47.19 -181.71
N PHE R 268 -130.89 47.86 -182.70
CA PHE R 268 -131.65 48.33 -183.86
C PHE R 268 -132.34 47.19 -184.58
N ILE R 269 -131.64 46.07 -184.78
CA ILE R 269 -132.28 44.93 -185.44
C ILE R 269 -132.22 43.69 -184.55
N GLY R 270 -132.16 43.87 -183.24
CA GLY R 270 -132.44 42.77 -182.33
C GLY R 270 -131.35 41.75 -182.08
N MET R 271 -130.23 42.15 -181.49
CA MET R 271 -129.25 41.22 -180.97
C MET R 271 -129.12 41.41 -179.47
N GLU R 272 -129.07 40.29 -178.74
CA GLU R 272 -128.81 40.36 -177.30
C GLU R 272 -127.43 40.94 -177.02
N SER R 273 -126.43 40.52 -177.81
CA SER R 273 -125.08 41.06 -177.65
C SER R 273 -125.07 42.56 -177.91
N ALA R 274 -124.30 43.28 -177.10
CA ALA R 274 -124.18 44.72 -177.25
C ALA R 274 -123.18 45.02 -178.37
N GLY R 275 -122.76 46.28 -178.47
CA GLY R 275 -121.83 46.68 -179.51
C GLY R 275 -120.51 45.95 -179.41
N ILE R 276 -119.77 45.95 -180.53
CA ILE R 276 -118.50 45.25 -180.60
C ILE R 276 -117.48 45.82 -179.61
N HIS R 277 -117.63 47.08 -179.22
CA HIS R 277 -116.76 47.61 -178.18
C HIS R 277 -117.01 46.93 -176.84
N GLU R 278 -118.26 46.58 -176.53
CA GLU R 278 -118.52 45.77 -175.34
C GLU R 278 -117.87 44.40 -175.45
N THR R 279 -117.84 43.83 -176.67
CA THR R 279 -117.22 42.51 -176.85
C THR R 279 -115.72 42.63 -176.67
N THR R 280 -115.10 43.71 -177.09
CA THR R 280 -113.68 43.86 -176.79
C THR R 280 -113.45 44.10 -175.30
N TYR R 281 -114.30 44.91 -174.66
CA TYR R 281 -114.22 45.15 -173.22
C TYR R 281 -114.32 43.85 -172.39
N ASN R 282 -115.40 43.08 -172.56
CA ASN R 282 -115.52 41.82 -171.81
C ASN R 282 -114.30 40.95 -172.09
N SER R 283 -113.91 40.84 -173.37
CA SER R 283 -112.76 40.01 -173.72
C SER R 283 -111.57 40.42 -172.87
N ILE R 284 -111.34 41.72 -172.74
CA ILE R 284 -110.19 42.21 -171.99
C ILE R 284 -110.30 41.78 -170.52
N MET R 285 -111.44 42.08 -169.87
CA MET R 285 -111.50 41.72 -168.44
C MET R 285 -111.47 40.22 -168.15
N LYS R 286 -111.88 39.35 -169.07
CA LYS R 286 -111.86 37.92 -168.80
C LYS R 286 -110.46 37.47 -168.37
N CYS R 287 -109.42 38.07 -168.92
CA CYS R 287 -108.04 37.70 -168.64
C CYS R 287 -107.56 38.51 -167.44
N ASP R 288 -106.39 38.14 -166.91
CA ASP R 288 -105.84 38.82 -165.73
C ASP R 288 -105.90 40.34 -165.86
N ILE R 289 -106.12 40.98 -164.72
CA ILE R 289 -106.29 42.43 -164.65
C ILE R 289 -105.07 43.17 -165.22
N ASP R 290 -103.86 42.76 -164.80
CA ASP R 290 -102.69 43.63 -164.96
C ASP R 290 -102.43 44.00 -166.43
N ILE R 291 -102.40 43.00 -167.32
CA ILE R 291 -102.04 43.27 -168.70
C ILE R 291 -103.14 44.01 -169.45
N ARG R 292 -104.30 44.18 -168.81
CA ARG R 292 -105.43 44.76 -169.52
C ARG R 292 -105.08 46.14 -170.07
N LYS R 293 -104.31 46.92 -169.31
CA LYS R 293 -103.89 48.23 -169.79
C LYS R 293 -103.15 48.12 -171.11
N ASP R 294 -102.23 47.17 -171.21
CA ASP R 294 -101.51 46.96 -172.46
C ASP R 294 -102.47 46.61 -173.58
N LEU R 295 -103.46 45.76 -173.29
CA LEU R 295 -104.47 45.45 -174.29
C LEU R 295 -105.17 46.71 -174.74
N TYR R 296 -105.49 47.60 -173.80
CA TYR R 296 -106.10 48.87 -174.14
C TYR R 296 -105.21 49.65 -175.09
N ALA R 297 -103.90 49.65 -174.85
CA ALA R 297 -102.99 50.47 -175.62
C ALA R 297 -102.48 49.78 -176.87
N ASN R 298 -102.78 48.50 -177.06
CA ASN R 298 -102.22 47.75 -178.18
C ASN R 298 -103.29 47.13 -179.07
N ASN R 299 -104.51 47.64 -179.03
CA ASN R 299 -105.58 47.08 -179.85
C ASN R 299 -105.30 47.28 -181.34
N VAL R 300 -105.53 46.24 -182.13
CA VAL R 300 -105.37 46.29 -183.57
C VAL R 300 -106.69 45.92 -184.21
N MET R 301 -106.97 46.52 -185.36
CA MET R 301 -108.16 46.19 -186.14
C MET R 301 -107.72 45.79 -187.54
N SER R 302 -108.37 44.76 -188.09
CA SER R 302 -108.01 44.22 -189.40
C SER R 302 -109.26 43.80 -190.16
N GLY R 303 -109.18 43.91 -191.48
CA GLY R 303 -110.26 43.52 -192.37
C GLY R 303 -110.48 44.54 -193.47
N GLY R 304 -111.19 44.11 -194.51
CA GLY R 304 -111.48 45.03 -195.62
C GLY R 304 -112.37 46.19 -195.21
N THR R 305 -113.27 45.95 -194.25
CA THR R 305 -114.17 47.00 -193.78
C THR R 305 -113.36 48.16 -193.23
N THR R 306 -112.22 47.87 -192.61
CA THR R 306 -111.41 48.90 -191.98
C THR R 306 -111.07 50.05 -192.93
N MET R 307 -111.22 49.87 -194.24
CA MET R 307 -111.03 51.03 -195.12
C MET R 307 -112.02 52.16 -194.83
N TYR R 308 -113.06 51.93 -194.04
CA TYR R 308 -114.02 53.00 -193.80
C TYR R 308 -113.46 53.94 -192.74
N PRO R 309 -113.86 55.21 -192.75
CA PRO R 309 -113.47 56.11 -191.67
C PRO R 309 -114.35 55.91 -190.44
N GLY R 310 -113.89 56.46 -189.32
CA GLY R 310 -114.70 56.52 -188.13
C GLY R 310 -114.55 55.40 -187.12
N ILE R 311 -114.01 54.24 -187.51
CA ILE R 311 -113.87 53.17 -186.52
C ILE R 311 -112.87 53.56 -185.42
N ALA R 312 -111.76 54.19 -185.79
CA ALA R 312 -110.73 54.52 -184.79
C ALA R 312 -111.23 55.48 -183.71
N ASP R 313 -111.81 56.61 -184.10
CA ASP R 313 -112.24 57.59 -183.10
C ASP R 313 -113.32 57.00 -182.20
N ARG R 314 -114.30 56.32 -182.80
CA ARG R 314 -115.37 55.72 -182.02
C ARG R 314 -114.79 54.72 -181.05
N MET R 315 -113.88 53.87 -181.55
CA MET R 315 -113.27 52.82 -180.76
C MET R 315 -112.65 53.43 -179.50
N GLN R 316 -111.70 54.34 -179.70
CA GLN R 316 -110.99 54.89 -178.55
C GLN R 316 -111.94 55.61 -177.60
N LYS R 317 -112.82 56.47 -178.11
CA LYS R 317 -113.69 57.21 -177.20
C LYS R 317 -114.52 56.28 -176.33
N GLU R 318 -115.19 55.28 -176.94
CA GLU R 318 -116.02 54.39 -176.13
C GLU R 318 -115.20 53.56 -175.14
N ILE R 319 -114.03 53.06 -175.55
CA ILE R 319 -113.22 52.29 -174.59
C ILE R 319 -112.78 53.19 -173.43
N THR R 320 -112.39 54.43 -173.72
CA THR R 320 -112.05 55.36 -172.64
C THR R 320 -113.24 55.66 -171.75
N ALA R 321 -114.45 55.71 -172.34
CA ALA R 321 -115.64 55.88 -171.52
C ALA R 321 -115.85 54.69 -170.60
N LEU R 322 -115.63 53.47 -171.11
CA LEU R 322 -115.85 52.25 -170.33
C LEU R 322 -114.72 52.00 -169.33
N ALA R 323 -113.47 52.16 -169.75
CA ALA R 323 -112.28 51.91 -168.98
C ALA R 323 -111.74 53.20 -168.38
N PRO R 324 -111.01 53.15 -167.26
CA PRO R 324 -110.43 54.37 -166.70
C PRO R 324 -109.51 55.07 -167.69
N SER R 325 -109.53 56.40 -167.66
CA SER R 325 -108.83 57.24 -168.62
C SER R 325 -107.44 57.67 -168.14
N THR R 326 -106.75 56.84 -167.36
CA THR R 326 -105.40 57.23 -166.95
C THR R 326 -104.43 57.01 -168.11
N MET R 327 -104.32 55.78 -168.58
CA MET R 327 -103.38 55.47 -169.64
C MET R 327 -104.01 55.85 -170.96
N LYS R 328 -103.17 56.30 -171.89
CA LYS R 328 -103.65 56.71 -173.22
C LYS R 328 -103.85 55.50 -174.13
N ILE R 329 -105.03 55.39 -174.72
CA ILE R 329 -105.36 54.34 -175.68
C ILE R 329 -105.18 54.85 -177.10
N LYS R 330 -104.46 54.09 -177.92
CA LYS R 330 -104.24 54.42 -179.31
C LYS R 330 -104.33 53.17 -180.17
N ILE R 331 -105.03 53.30 -181.30
CA ILE R 331 -105.23 52.22 -182.25
C ILE R 331 -104.16 52.33 -183.34
N ILE R 332 -103.76 51.19 -183.89
CA ILE R 332 -102.82 51.15 -185.01
C ILE R 332 -103.47 50.37 -186.14
N ALA R 333 -103.37 50.90 -187.35
CA ALA R 333 -103.98 50.27 -188.53
C ALA R 333 -103.27 50.70 -189.80
N PRO R 334 -102.36 49.89 -190.34
CA PRO R 334 -101.64 50.28 -191.55
C PRO R 334 -102.57 50.34 -192.75
N PRO R 335 -102.33 51.28 -193.67
CA PRO R 335 -103.15 51.35 -194.88
C PRO R 335 -103.08 50.05 -195.69
N GLU R 336 -104.21 49.73 -196.33
CA GLU R 336 -104.36 48.52 -197.14
C GLU R 336 -104.02 47.28 -196.31
N ARG R 337 -104.70 47.15 -195.17
CA ARG R 337 -104.44 46.04 -194.25
C ARG R 337 -105.22 44.78 -194.61
N LYS R 338 -106.14 44.84 -195.57
CA LYS R 338 -106.83 43.64 -196.01
C LYS R 338 -105.89 42.68 -196.73
N TYR R 339 -104.80 43.19 -197.30
CA TYR R 339 -103.75 42.35 -197.85
C TYR R 339 -102.76 41.89 -196.78
N SER R 340 -102.82 42.50 -195.59
CA SER R 340 -101.80 42.29 -194.58
C SER R 340 -101.68 40.82 -194.19
N VAL R 341 -102.80 40.12 -194.06
CA VAL R 341 -102.77 38.70 -193.73
C VAL R 341 -101.91 37.95 -194.73
N TRP R 342 -102.14 38.19 -196.03
CA TRP R 342 -101.36 37.52 -197.05
C TRP R 342 -99.88 37.89 -196.91
N ILE R 343 -99.60 39.15 -196.58
CA ILE R 343 -98.23 39.57 -196.34
C ILE R 343 -97.61 38.71 -195.24
N GLY R 344 -98.35 38.53 -194.14
CA GLY R 344 -97.85 37.67 -193.08
C GLY R 344 -97.59 36.26 -193.54
N GLY R 345 -98.40 35.77 -194.48
CA GLY R 345 -98.12 34.44 -195.04
C GLY R 345 -96.77 34.41 -195.71
N SER R 346 -96.48 35.44 -196.50
CA SER R 346 -95.15 35.56 -197.11
C SER R 346 -94.09 35.59 -196.03
N ILE R 347 -94.38 36.30 -194.93
CA ILE R 347 -93.43 36.38 -193.82
C ILE R 347 -93.15 34.99 -193.28
N LEU R 348 -94.21 34.16 -193.18
CA LEU R 348 -94.02 32.80 -192.70
C LEU R 348 -93.09 32.03 -193.61
N ALA R 349 -93.22 32.21 -194.92
CA ALA R 349 -92.32 31.52 -195.82
C ALA R 349 -90.93 32.15 -195.88
N SER R 350 -90.77 33.34 -195.31
CA SER R 350 -89.47 34.03 -195.39
C SER R 350 -88.38 33.25 -194.65
N LEU R 351 -88.68 32.75 -193.46
CA LEU R 351 -87.68 32.13 -192.60
C LEU R 351 -87.51 30.66 -192.93
N SER R 352 -86.33 30.15 -192.60
CA SER R 352 -85.93 28.78 -192.96
C SER R 352 -86.40 27.73 -191.97
N THR R 353 -87.03 28.12 -190.87
CA THR R 353 -87.61 27.15 -189.96
C THR R 353 -88.99 26.68 -190.39
N PHE R 354 -89.64 27.43 -191.30
CA PHE R 354 -91.01 27.10 -191.70
C PHE R 354 -91.11 25.73 -192.36
N GLN R 355 -90.08 25.29 -193.08
CA GLN R 355 -90.13 23.98 -193.70
C GLN R 355 -89.86 22.84 -192.73
N GLN R 356 -89.63 23.12 -191.45
CA GLN R 356 -89.58 22.03 -190.47
C GLN R 356 -90.95 21.42 -190.21
N MET R 357 -92.04 22.19 -190.35
CA MET R 357 -93.37 21.69 -190.06
C MET R 357 -94.34 21.81 -191.23
N TRP R 358 -93.84 21.71 -192.46
CA TRP R 358 -94.72 21.46 -193.59
C TRP R 358 -95.46 20.14 -193.42
N ILE R 359 -96.75 20.14 -193.73
CA ILE R 359 -97.58 18.94 -193.65
C ILE R 359 -97.42 18.20 -194.96
N THR R 360 -96.52 17.22 -194.99
CA THR R 360 -96.19 16.52 -196.22
C THR R 360 -97.28 15.49 -196.58
N LYS R 361 -97.19 14.99 -197.81
CA LYS R 361 -98.16 14.00 -198.30
C LYS R 361 -98.11 12.71 -197.50
N GLN R 362 -96.91 12.21 -197.19
CA GLN R 362 -96.79 10.91 -196.55
C GLN R 362 -97.35 10.91 -195.12
N GLU R 363 -97.25 12.03 -194.40
CA GLU R 363 -97.85 12.08 -193.07
C GLU R 363 -99.37 11.92 -193.15
N TYR R 364 -100.00 12.61 -194.11
CA TYR R 364 -101.44 12.46 -194.31
C TYR R 364 -101.79 11.05 -194.78
N ASP R 365 -100.95 10.45 -195.63
CA ASP R 365 -101.20 9.08 -196.06
C ASP R 365 -101.10 8.10 -194.90
N GLU R 366 -100.20 8.36 -193.95
CA GLU R 366 -100.08 7.47 -192.80
C GLU R 366 -101.26 7.62 -191.85
N ALA R 367 -101.47 8.83 -191.33
CA ALA R 367 -102.44 9.03 -190.25
C ALA R 367 -103.77 9.60 -190.72
N GLY R 368 -104.02 9.66 -192.03
CA GLY R 368 -105.24 10.24 -192.53
C GLY R 368 -105.30 11.73 -192.28
N PRO R 369 -106.50 12.31 -192.34
CA PRO R 369 -106.64 13.72 -191.94
C PRO R 369 -106.34 13.94 -190.47
N SER R 370 -106.51 12.92 -189.62
CA SER R 370 -106.40 13.08 -188.18
C SER R 370 -105.03 13.63 -187.78
N ILE R 371 -104.02 13.43 -188.62
CA ILE R 371 -102.67 13.90 -188.30
C ILE R 371 -102.65 15.40 -188.07
N VAL R 372 -103.52 16.16 -188.74
CA VAL R 372 -103.48 17.60 -188.55
C VAL R 372 -103.81 17.95 -187.11
N HIS R 373 -104.61 17.11 -186.45
CA HIS R 373 -104.97 17.36 -185.06
C HIS R 373 -103.74 17.42 -184.18
N ARG R 374 -102.66 16.75 -184.60
CA ARG R 374 -101.41 16.75 -183.88
C ARG R 374 -100.32 17.54 -184.58
N LYS R 375 -100.53 17.95 -185.84
CA LYS R 375 -99.46 18.57 -186.59
C LYS R 375 -99.56 20.09 -186.64
N CYS R 376 -100.77 20.64 -186.55
CA CYS R 376 -100.92 22.09 -186.48
C CYS R 376 -100.99 22.55 -185.02
N PHE R 377 -101.94 22.01 -184.26
CA PHE R 377 -101.98 22.26 -182.83
C PHE R 377 -101.61 21.00 -182.05
N ASP S 28 -150.32 17.56 -173.56
CA ASP S 28 -150.26 16.94 -172.25
C ASP S 28 -149.94 15.45 -172.35
N LYS S 29 -150.62 14.77 -173.28
CA LYS S 29 -150.48 13.32 -173.38
C LYS S 29 -149.06 12.93 -173.79
N LYS S 30 -148.49 13.63 -174.78
CA LYS S 30 -147.13 13.29 -175.21
C LYS S 30 -146.12 13.54 -174.10
N ALA S 31 -146.27 14.66 -173.38
CA ALA S 31 -145.39 14.94 -172.26
C ALA S 31 -145.56 13.92 -171.16
N ALA S 32 -146.81 13.51 -170.90
CA ALA S 32 -147.07 12.48 -169.90
C ALA S 32 -146.42 11.16 -170.29
N GLU S 33 -146.45 10.81 -171.59
CA GLU S 33 -145.84 9.56 -172.03
C GLU S 33 -144.32 9.60 -171.91
N ASP S 34 -143.70 10.71 -172.35
CA ASP S 34 -142.25 10.85 -172.19
C ASP S 34 -141.86 10.77 -170.72
N ARG S 35 -142.61 11.50 -169.87
CA ARG S 35 -142.36 11.49 -168.44
C ARG S 35 -142.48 10.08 -167.89
N SER S 36 -143.54 9.35 -168.27
CA SER S 36 -143.75 8.01 -167.73
C SER S 36 -142.66 7.06 -168.18
N LYS S 37 -142.24 7.12 -169.44
CA LYS S 37 -141.12 6.31 -169.91
C LYS S 37 -139.88 6.57 -169.05
N GLN S 38 -139.48 7.84 -168.96
CA GLN S 38 -138.33 8.21 -168.15
C GLN S 38 -138.49 7.70 -166.72
N LEU S 39 -139.65 7.94 -166.13
CA LEU S 39 -139.90 7.56 -164.74
C LEU S 39 -139.78 6.04 -164.56
N GLU S 40 -140.40 5.25 -165.43
CA GLU S 40 -140.31 3.80 -165.35
C GLU S 40 -138.84 3.39 -165.31
N ASP S 41 -138.08 3.94 -166.27
CA ASP S 41 -136.65 3.66 -166.35
C ASP S 41 -135.99 4.05 -165.03
N GLU S 42 -136.27 5.27 -164.57
CA GLU S 42 -135.68 5.78 -163.34
C GLU S 42 -135.94 4.80 -162.21
N LEU S 43 -137.14 4.21 -162.18
CA LEU S 43 -137.48 3.22 -161.15
C LEU S 43 -136.58 1.99 -161.25
N VAL S 44 -136.35 1.49 -162.47
CA VAL S 44 -135.44 0.35 -162.63
C VAL S 44 -134.04 0.75 -162.13
N SER S 45 -133.62 1.97 -162.45
CA SER S 45 -132.29 2.46 -162.06
C SER S 45 -132.22 2.49 -160.54
N LEU S 46 -133.34 2.80 -159.88
CA LEU S 46 -133.38 2.88 -158.43
C LEU S 46 -133.30 1.47 -157.89
N GLN S 47 -133.86 0.51 -158.60
CA GLN S 47 -133.67 -0.89 -158.23
C GLN S 47 -132.19 -1.29 -158.31
N LYS S 48 -131.46 -0.90 -159.38
CA LYS S 48 -130.05 -1.32 -159.48
C LYS S 48 -129.22 -0.71 -158.36
N LYS S 49 -129.34 0.60 -158.13
CA LYS S 49 -128.60 1.17 -157.00
C LYS S 49 -129.00 0.48 -155.70
N LEU S 50 -130.27 0.10 -155.53
CA LEU S 50 -130.69 -0.63 -154.36
C LEU S 50 -130.07 -2.04 -154.29
N LYS S 51 -129.87 -2.71 -155.42
CA LYS S 51 -129.34 -4.07 -155.37
C LYS S 51 -127.95 -3.97 -154.77
N GLY S 52 -127.10 -3.04 -155.21
CA GLY S 52 -125.79 -2.78 -154.64
C GLY S 52 -125.88 -2.37 -153.19
N THR S 53 -126.90 -1.59 -152.83
CA THR S 53 -127.04 -1.23 -151.43
C THR S 53 -127.12 -2.52 -150.61
N GLU S 54 -128.10 -3.37 -150.93
CA GLU S 54 -128.31 -4.62 -150.20
C GLU S 54 -127.10 -5.56 -150.31
N ASP S 55 -126.52 -5.67 -151.49
CA ASP S 55 -125.37 -6.54 -151.71
C ASP S 55 -124.23 -6.13 -150.79
N GLU S 56 -123.98 -4.83 -150.71
CA GLU S 56 -122.93 -4.32 -149.84
C GLU S 56 -123.33 -4.55 -148.39
N LEU S 57 -124.60 -4.32 -148.06
CA LEU S 57 -125.05 -4.53 -146.69
C LEU S 57 -124.76 -5.96 -146.24
N ASP S 58 -125.18 -6.95 -147.03
CA ASP S 58 -124.96 -8.35 -146.71
C ASP S 58 -123.47 -8.67 -146.57
N LYS S 59 -122.68 -8.34 -147.60
CA LYS S 59 -121.23 -8.58 -147.55
C LYS S 59 -120.55 -7.88 -146.38
N TYR S 60 -120.89 -6.62 -146.12
CA TYR S 60 -120.32 -5.90 -144.99
C TYR S 60 -120.76 -6.48 -143.66
N SER S 61 -122.01 -6.96 -143.58
CA SER S 61 -122.49 -7.60 -142.35
C SER S 61 -121.71 -8.88 -142.05
N GLU S 62 -121.57 -9.75 -143.04
CA GLU S 62 -120.81 -10.98 -142.81
C GLU S 62 -119.35 -10.66 -142.50
N ALA S 63 -118.78 -9.67 -143.20
CA ALA S 63 -117.41 -9.27 -142.91
C ALA S 63 -117.30 -8.73 -141.50
N LEU S 64 -118.31 -7.98 -141.04
CA LEU S 64 -118.31 -7.47 -139.68
C LEU S 64 -118.34 -8.60 -138.67
N LYS S 65 -119.18 -9.62 -138.90
CA LYS S 65 -119.18 -10.76 -137.97
C LYS S 65 -117.82 -11.41 -137.92
N ASP S 66 -117.21 -11.67 -139.08
CA ASP S 66 -115.92 -12.34 -139.09
C ASP S 66 -114.85 -11.47 -138.41
N ALA S 67 -114.84 -10.17 -138.71
CA ALA S 67 -113.88 -9.27 -138.10
C ALA S 67 -114.07 -9.20 -136.59
N GLN S 68 -115.31 -9.19 -136.13
CA GLN S 68 -115.58 -9.07 -134.70
C GLN S 68 -115.19 -10.34 -133.95
N GLU S 69 -115.51 -11.52 -134.51
CA GLU S 69 -115.08 -12.77 -133.86
C GLU S 69 -113.56 -12.82 -133.80
N LYS S 70 -112.92 -12.36 -134.88
CA LYS S 70 -111.46 -12.30 -134.89
C LYS S 70 -110.98 -11.37 -133.79
N LEU S 71 -111.64 -10.21 -133.62
CA LEU S 71 -111.29 -9.31 -132.52
C LEU S 71 -111.41 -10.01 -131.18
N GLU S 72 -112.51 -10.72 -130.94
CA GLU S 72 -112.66 -11.38 -129.64
C GLU S 72 -111.51 -12.35 -129.38
N LEU S 73 -111.19 -13.18 -130.37
CA LEU S 73 -110.11 -14.14 -130.14
C LEU S 73 -108.77 -13.43 -129.96
N ALA S 74 -108.50 -12.40 -130.76
CA ALA S 74 -107.26 -11.64 -130.59
C ALA S 74 -107.16 -10.98 -129.22
N GLU S 75 -108.28 -10.42 -128.74
CA GLU S 75 -108.28 -9.82 -127.40
C GLU S 75 -108.06 -10.87 -126.32
N LYS S 76 -108.69 -12.04 -126.46
CA LYS S 76 -108.50 -13.08 -125.46
C LYS S 76 -107.05 -13.57 -125.43
N LYS S 77 -106.46 -13.75 -126.62
CA LYS S 77 -105.05 -14.14 -126.68
C LYS S 77 -104.16 -13.04 -126.11
N ALA S 78 -104.52 -11.77 -126.36
CA ALA S 78 -103.74 -10.68 -125.81
C ALA S 78 -103.77 -10.69 -124.28
N THR S 79 -104.95 -10.90 -123.70
CA THR S 79 -105.05 -10.93 -122.24
C THR S 79 -104.27 -12.10 -121.67
N ASP S 80 -104.41 -13.28 -122.28
CA ASP S 80 -103.67 -14.46 -121.85
C ASP S 80 -102.17 -14.18 -121.87
N ALA S 81 -101.66 -13.73 -123.02
CA ALA S 81 -100.22 -13.57 -123.17
C ALA S 81 -99.70 -12.43 -122.30
N GLU S 82 -100.51 -11.39 -122.08
CA GLU S 82 -100.09 -10.32 -121.17
C GLU S 82 -99.94 -10.82 -119.75
N ALA S 83 -100.90 -11.64 -119.28
CA ALA S 83 -100.77 -12.22 -117.95
C ALA S 83 -99.55 -13.13 -117.87
N ASP S 84 -99.31 -13.92 -118.91
CA ASP S 84 -98.12 -14.77 -118.95
C ASP S 84 -96.85 -13.93 -118.91
N VAL S 85 -96.81 -12.82 -119.65
CA VAL S 85 -95.66 -11.94 -119.67
C VAL S 85 -95.41 -11.35 -118.29
N ALA S 86 -96.48 -10.93 -117.61
CA ALA S 86 -96.31 -10.36 -116.27
C ALA S 86 -95.76 -11.40 -115.30
N SER S 87 -96.29 -12.62 -115.34
CA SER S 87 -95.78 -13.68 -114.48
C SER S 87 -94.32 -13.98 -114.78
N LEU S 88 -93.97 -14.04 -116.07
CA LEU S 88 -92.59 -14.32 -116.46
C LEU S 88 -91.65 -13.18 -116.04
N ASN S 89 -92.12 -11.94 -116.14
CA ASN S 89 -91.30 -10.81 -115.71
C ASN S 89 -91.03 -10.88 -114.22
N ARG S 90 -92.06 -11.18 -113.43
CA ARG S 90 -91.85 -11.35 -111.99
C ARG S 90 -90.85 -12.47 -111.71
N ARG S 91 -91.00 -13.60 -112.40
CA ARG S 91 -90.10 -14.72 -112.17
C ARG S 91 -88.67 -14.39 -112.56
N ILE S 92 -88.46 -13.70 -113.69
CA ILE S 92 -87.09 -13.42 -114.09
C ILE S 92 -86.48 -12.34 -113.20
N GLN S 93 -87.29 -11.42 -112.69
CA GLN S 93 -86.81 -10.52 -111.63
C GLN S 93 -86.31 -11.34 -110.44
N LEU S 94 -87.10 -12.33 -110.02
CA LEU S 94 -86.69 -13.18 -108.90
C LEU S 94 -85.38 -13.88 -109.19
N VAL S 95 -85.23 -14.42 -110.40
CA VAL S 95 -84.03 -15.19 -110.72
C VAL S 95 -82.83 -14.26 -110.83
N GLU S 96 -83.02 -13.06 -111.37
CA GLU S 96 -81.92 -12.09 -111.45
C GLU S 96 -81.43 -11.73 -110.06
N GLU S 97 -82.35 -11.37 -109.15
CA GLU S 97 -81.90 -11.03 -107.80
C GLU S 97 -81.22 -12.22 -107.14
N GLU S 98 -81.79 -13.42 -107.32
CA GLU S 98 -81.17 -14.62 -106.77
C GLU S 98 -79.74 -14.80 -107.30
N LEU S 99 -79.53 -14.59 -108.60
CA LEU S 99 -78.18 -14.69 -109.16
C LEU S 99 -77.27 -13.68 -108.49
N ASP S 100 -77.81 -12.47 -108.24
CA ASP S 100 -77.05 -11.46 -107.52
C ASP S 100 -76.66 -11.94 -106.14
N ARG S 101 -77.59 -12.62 -105.45
CA ARG S 101 -77.33 -13.16 -104.11
C ARG S 101 -76.20 -14.17 -104.19
N ALA S 102 -76.24 -15.00 -105.21
CA ALA S 102 -75.21 -16.01 -105.40
C ALA S 102 -73.87 -15.32 -105.53
N GLN S 103 -73.84 -14.23 -106.31
CA GLN S 103 -72.58 -13.52 -106.50
C GLN S 103 -72.02 -12.98 -105.18
N GLU S 104 -72.82 -12.26 -104.37
CA GLU S 104 -72.21 -11.73 -103.15
C GLU S 104 -71.70 -12.86 -102.27
N ARG S 105 -72.52 -13.91 -102.07
CA ARG S 105 -72.06 -14.99 -101.20
C ARG S 105 -70.79 -15.63 -101.75
N LEU S 106 -70.69 -15.78 -103.08
CA LEU S 106 -69.46 -16.32 -103.65
C LEU S 106 -68.28 -15.44 -103.29
N ALA S 107 -68.47 -14.11 -103.37
CA ALA S 107 -67.41 -13.18 -103.02
C ALA S 107 -67.00 -13.37 -101.56
N THR S 108 -67.99 -13.50 -100.68
CA THR S 108 -67.70 -13.69 -99.26
C THR S 108 -66.88 -14.95 -99.05
N ALA S 109 -67.27 -16.04 -99.73
CA ALA S 109 -66.53 -17.29 -99.58
C ALA S 109 -65.10 -17.13 -100.07
N LEU S 110 -64.88 -16.46 -101.20
CA LEU S 110 -63.52 -16.37 -101.70
C LEU S 110 -62.64 -15.47 -100.81
N GLN S 111 -63.19 -14.41 -100.19
CA GLN S 111 -62.37 -13.60 -99.29
C GLN S 111 -62.08 -14.37 -98.00
N LYS S 112 -63.08 -15.05 -97.45
CA LYS S 112 -62.86 -15.82 -96.23
C LYS S 112 -61.80 -16.90 -96.48
N LEU S 113 -61.88 -17.58 -97.62
CA LEU S 113 -60.88 -18.61 -97.93
C LEU S 113 -59.50 -18.00 -98.03
N GLU S 114 -59.38 -16.82 -98.65
CA GLU S 114 -58.07 -16.17 -98.74
C GLU S 114 -57.55 -15.85 -97.35
N GLU S 115 -58.43 -15.36 -96.47
CA GLU S 115 -58.02 -15.09 -95.09
C GLU S 115 -57.49 -16.35 -94.43
N ALA S 116 -58.23 -17.46 -94.56
CA ALA S 116 -57.81 -18.71 -93.94
C ALA S 116 -56.47 -19.18 -94.50
N GLU S 117 -56.30 -19.10 -95.82
CA GLU S 117 -55.06 -19.54 -96.46
C GLU S 117 -53.88 -18.72 -95.97
N LYS S 118 -54.03 -17.38 -95.91
CA LYS S 118 -52.93 -16.55 -95.46
C LYS S 118 -52.61 -16.84 -94.00
N ALA S 119 -53.64 -17.07 -93.19
CA ALA S 119 -53.41 -17.41 -91.79
C ALA S 119 -52.61 -18.70 -91.69
N ALA S 120 -53.04 -19.74 -92.43
CA ALA S 120 -52.33 -21.01 -92.43
C ALA S 120 -50.87 -20.83 -92.83
N ASP S 121 -50.60 -20.00 -93.85
CA ASP S 121 -49.22 -19.80 -94.29
C ASP S 121 -48.41 -19.07 -93.21
N GLU S 122 -49.02 -18.09 -92.56
CA GLU S 122 -48.36 -17.39 -91.45
C GLU S 122 -48.04 -18.39 -90.36
N SER S 123 -48.98 -19.28 -90.06
CA SER S 123 -48.73 -20.28 -89.02
C SER S 123 -47.65 -21.24 -89.44
N GLU S 124 -47.51 -21.55 -90.73
CA GLU S 124 -46.39 -22.39 -91.19
C GLU S 124 -45.06 -21.69 -90.94
N ARG S 125 -44.99 -20.39 -91.26
CA ARG S 125 -43.77 -19.63 -91.04
C ARG S 125 -43.42 -19.68 -89.55
N GLY S 126 -44.45 -19.52 -88.72
CA GLY S 126 -44.23 -19.61 -87.28
C GLY S 126 -43.78 -21.01 -86.90
N MET S 127 -44.38 -22.03 -87.49
CA MET S 127 -43.99 -23.37 -87.15
C MET S 127 -42.49 -23.40 -87.27
N LYS S 128 -41.94 -23.23 -88.47
CA LYS S 128 -40.50 -23.41 -88.67
C LYS S 128 -39.67 -22.52 -87.74
N VAL S 129 -40.07 -21.25 -87.57
CA VAL S 129 -39.27 -20.34 -86.75
C VAL S 129 -39.16 -20.89 -85.32
N ILE S 130 -40.30 -21.17 -84.69
CA ILE S 130 -40.29 -21.62 -83.30
C ILE S 130 -39.63 -22.99 -83.16
N GLU S 131 -39.88 -23.92 -84.10
CA GLU S 131 -39.23 -25.23 -84.00
C GLU S 131 -37.73 -25.05 -83.95
N SER S 132 -37.18 -24.27 -84.90
CA SER S 132 -35.75 -24.03 -84.91
C SER S 132 -35.29 -23.44 -83.59
N ARG S 133 -36.00 -22.41 -83.10
CA ARG S 133 -35.64 -21.83 -81.81
C ARG S 133 -35.48 -22.92 -80.74
N ALA S 134 -36.46 -23.81 -80.65
CA ALA S 134 -36.43 -24.86 -79.63
C ALA S 134 -35.23 -25.78 -79.80
N GLN S 135 -34.95 -26.20 -81.03
CA GLN S 135 -33.81 -27.09 -81.26
C GLN S 135 -32.51 -26.40 -80.87
N LYS S 136 -32.39 -25.12 -81.22
CA LYS S 136 -31.21 -24.35 -80.85
C LYS S 136 -31.07 -24.33 -79.33
N ASP S 137 -32.18 -24.09 -78.62
CA ASP S 137 -32.15 -24.11 -77.16
C ASP S 137 -31.62 -25.44 -76.65
N GLU S 138 -32.05 -26.56 -77.25
CA GLU S 138 -31.58 -27.87 -76.80
C GLU S 138 -30.06 -27.99 -76.99
N GLU S 139 -29.56 -27.49 -78.12
CA GLU S 139 -28.11 -27.50 -78.35
C GLU S 139 -27.41 -26.70 -77.26
N LYS S 140 -27.95 -25.52 -76.97
CA LYS S 140 -27.37 -24.67 -75.93
C LYS S 140 -27.38 -25.42 -74.61
N MET S 141 -28.46 -26.18 -74.36
CA MET S 141 -28.58 -26.94 -73.12
C MET S 141 -27.41 -27.88 -72.97
N GLU S 142 -27.10 -28.62 -74.05
CA GLU S 142 -25.98 -29.57 -73.98
C GLU S 142 -24.66 -28.85 -73.74
N ILE S 143 -24.43 -27.75 -74.46
CA ILE S 143 -23.20 -26.97 -74.26
C ILE S 143 -23.09 -26.51 -72.81
N GLN S 144 -24.16 -25.93 -72.28
CA GLN S 144 -24.15 -25.46 -70.90
C GLN S 144 -23.92 -26.60 -69.93
N GLU S 145 -24.46 -27.77 -70.24
CA GLU S 145 -24.32 -28.91 -69.34
C GLU S 145 -22.86 -29.33 -69.23
N ILE S 146 -22.20 -29.51 -70.37
CA ILE S 146 -20.81 -29.95 -70.33
C ILE S 146 -19.92 -28.88 -69.69
N GLN S 147 -20.19 -27.60 -69.99
CA GLN S 147 -19.42 -26.54 -69.34
C GLN S 147 -19.63 -26.53 -67.83
N LEU S 148 -20.87 -26.75 -67.38
CA LEU S 148 -21.14 -26.78 -65.94
C LEU S 148 -20.44 -27.95 -65.27
N LYS S 149 -20.42 -29.12 -65.93
CA LYS S 149 -19.68 -30.25 -65.38
C LYS S 149 -18.20 -29.95 -65.24
N GLU S 150 -17.61 -29.34 -66.28
CA GLU S 150 -16.20 -28.97 -66.19
C GLU S 150 -15.95 -27.97 -65.06
N ALA S 151 -16.84 -26.98 -64.94
CA ALA S 151 -16.69 -25.97 -63.89
C ALA S 151 -16.77 -26.60 -62.50
N LYS S 152 -17.71 -27.54 -62.31
CA LYS S 152 -17.81 -28.22 -61.03
C LYS S 152 -16.56 -29.03 -60.72
N HIS S 153 -16.03 -29.72 -61.73
CA HIS S 153 -14.77 -30.44 -61.54
C HIS S 153 -13.66 -29.50 -61.09
N ILE S 154 -13.54 -28.35 -61.76
CA ILE S 154 -12.49 -27.40 -61.42
C ILE S 154 -12.69 -26.86 -60.01
N ALA S 155 -13.94 -26.60 -59.63
CA ALA S 155 -14.22 -26.11 -58.28
C ALA S 155 -13.82 -27.12 -57.23
N GLU S 156 -14.14 -28.39 -57.44
CA GLU S 156 -13.72 -29.43 -56.49
C GLU S 156 -12.20 -29.51 -56.42
N ASP S 157 -11.53 -29.44 -57.57
CA ASP S 157 -10.07 -29.44 -57.60
C ASP S 157 -9.52 -28.31 -56.74
N ALA S 158 -10.04 -27.09 -56.94
CA ALA S 158 -9.53 -25.93 -56.22
C ALA S 158 -9.78 -26.07 -54.72
N ASP S 159 -10.98 -26.55 -54.35
CA ASP S 159 -11.25 -26.81 -52.93
C ASP S 159 -10.22 -27.73 -52.33
N ARG S 160 -9.97 -28.87 -52.98
CA ARG S 160 -9.00 -29.84 -52.48
C ARG S 160 -7.63 -29.20 -52.32
N LYS S 161 -7.19 -28.49 -53.35
CA LYS S 161 -5.87 -27.85 -53.30
C LYS S 161 -5.77 -26.89 -52.12
N TYR S 162 -6.76 -26.01 -51.98
CA TYR S 162 -6.74 -25.01 -50.91
C TYR S 162 -6.72 -25.69 -49.55
N GLU S 163 -7.53 -26.73 -49.38
CA GLU S 163 -7.59 -27.42 -48.10
C GLU S 163 -6.27 -28.09 -47.76
N GLU S 164 -5.63 -28.71 -48.75
CA GLU S 164 -4.32 -29.34 -48.52
C GLU S 164 -3.29 -28.29 -48.12
N VAL S 165 -3.29 -27.16 -48.82
CA VAL S 165 -2.37 -26.08 -48.50
C VAL S 165 -2.63 -25.58 -47.09
N ALA S 166 -3.91 -25.47 -46.71
CA ALA S 166 -4.25 -25.01 -45.37
C ALA S 166 -3.73 -25.97 -44.30
N ARG S 167 -3.85 -27.27 -44.55
CA ARG S 167 -3.34 -28.23 -43.57
C ARG S 167 -1.83 -28.11 -43.43
N LYS S 168 -1.13 -27.99 -44.57
CA LYS S 168 0.31 -27.79 -44.52
C LYS S 168 0.65 -26.51 -43.77
N LEU S 169 -0.11 -25.44 -44.03
CA LEU S 169 0.09 -24.17 -43.34
C LEU S 169 -0.04 -24.36 -41.84
N VAL S 170 -1.09 -25.06 -41.39
CA VAL S 170 -1.30 -25.25 -39.97
C VAL S 170 -0.11 -25.97 -39.35
N ILE S 171 0.40 -26.99 -40.05
CA ILE S 171 1.61 -27.67 -39.58
C ILE S 171 2.79 -26.70 -39.48
N ILE S 172 2.95 -25.84 -40.49
CA ILE S 172 4.07 -24.91 -40.50
C ILE S 172 3.95 -23.88 -39.39
N GLU S 173 2.74 -23.37 -39.14
CA GLU S 173 2.56 -22.40 -38.06
C GLU S 173 2.81 -23.04 -36.71
N SER S 174 2.39 -24.30 -36.53
CA SER S 174 2.68 -24.99 -35.28
C SER S 174 4.19 -25.13 -35.08
N ASP S 175 4.90 -25.49 -36.16
CA ASP S 175 6.35 -25.59 -36.07
C ASP S 175 6.97 -24.24 -35.72
N LEU S 176 6.47 -23.17 -36.35
CA LEU S 176 6.99 -21.83 -36.06
C LEU S 176 6.77 -21.47 -34.59
N GLU S 177 5.59 -21.80 -34.06
CA GLU S 177 5.30 -21.48 -32.67
C GLU S 177 6.23 -22.23 -31.73
N ARG S 178 6.48 -23.52 -32.01
CA ARG S 178 7.41 -24.26 -31.17
C ARG S 178 8.82 -23.70 -31.28
N ALA S 179 9.23 -23.31 -32.50
CA ALA S 179 10.55 -22.74 -32.70
C ALA S 179 10.72 -21.43 -31.94
N GLU S 180 9.71 -20.56 -31.98
CA GLU S 180 9.82 -19.30 -31.25
C GLU S 180 9.89 -19.57 -29.76
N GLU S 181 9.00 -20.42 -29.22
CA GLU S 181 9.05 -20.72 -27.78
C GLU S 181 10.44 -21.19 -27.38
N ARG S 182 10.99 -22.12 -28.16
CA ARG S 182 12.32 -22.66 -27.88
C ARG S 182 13.37 -21.54 -27.93
N ALA S 183 13.24 -20.61 -28.88
CA ALA S 183 14.16 -19.50 -28.94
C ALA S 183 14.10 -18.64 -27.67
N GLU S 184 12.89 -18.30 -27.22
CA GLU S 184 12.81 -17.48 -26.00
C GLU S 184 13.34 -18.22 -24.78
N LEU S 185 13.06 -19.52 -24.66
CA LEU S 185 13.57 -20.23 -23.49
C LEU S 185 15.09 -20.23 -23.49
N SER S 186 15.71 -20.46 -24.65
CA SER S 186 17.17 -20.45 -24.70
C SER S 186 17.72 -19.06 -24.44
N GLU S 187 17.02 -18.02 -24.91
CA GLU S 187 17.49 -16.65 -24.72
C GLU S 187 17.40 -16.24 -23.26
N GLY S 188 16.31 -16.62 -22.59
CA GLY S 188 16.19 -16.31 -21.17
C GLY S 188 17.20 -17.05 -20.33
N LYS S 189 17.45 -18.33 -20.65
CA LYS S 189 18.50 -19.05 -19.93
C LYS S 189 19.86 -18.39 -20.16
N CYS S 190 20.10 -17.90 -21.38
CA CYS S 190 21.36 -17.22 -21.69
C CYS S 190 21.49 -15.92 -20.88
N ALA S 191 20.41 -15.14 -20.80
CA ALA S 191 20.46 -13.89 -20.04
C ALA S 191 20.69 -14.14 -18.55
N GLU S 192 20.01 -15.16 -18.00
CA GLU S 192 20.24 -15.49 -16.60
C GLU S 192 21.67 -15.96 -16.38
N LEU S 193 22.21 -16.73 -17.32
CA LEU S 193 23.60 -17.16 -17.24
C LEU S 193 24.54 -15.96 -17.28
N GLU S 194 24.25 -14.97 -18.12
CA GLU S 194 25.09 -13.79 -18.21
C GLU S 194 25.07 -12.96 -16.93
N GLU S 195 23.88 -12.78 -16.34
CA GLU S 195 23.83 -12.01 -15.09
C GLU S 195 24.53 -12.76 -13.96
N GLU S 196 24.39 -14.09 -13.92
CA GLU S 196 25.16 -14.87 -12.96
C GLU S 196 26.66 -14.70 -13.20
N LEU S 197 27.09 -14.69 -14.46
CA LEU S 197 28.49 -14.48 -14.81
C LEU S 197 28.99 -13.15 -14.26
N LYS S 198 28.25 -12.08 -14.48
CA LYS S 198 28.76 -10.78 -14.06
C LYS S 198 28.74 -10.64 -12.54
N THR S 199 27.75 -11.22 -11.85
CA THR S 199 27.77 -11.21 -10.39
C THR S 199 28.96 -12.00 -9.85
N VAL S 200 29.25 -13.16 -10.47
CA VAL S 200 30.40 -13.95 -10.04
C VAL S 200 31.70 -13.22 -10.33
N THR S 201 31.75 -12.44 -11.41
CA THR S 201 32.95 -11.65 -11.70
C THR S 201 33.14 -10.54 -10.66
N ASN S 202 32.05 -9.88 -10.25
CA ASN S 202 32.12 -8.98 -9.11
C ASN S 202 32.71 -9.66 -7.88
N ASN S 203 32.16 -10.83 -7.53
CA ASN S 203 32.64 -11.54 -6.35
C ASN S 203 34.11 -11.93 -6.50
N LEU S 204 34.51 -12.30 -7.71
CA LEU S 204 35.88 -12.70 -7.98
C LEU S 204 36.85 -11.53 -7.76
N LYS S 205 36.51 -10.37 -8.31
CA LYS S 205 37.37 -9.20 -8.11
C LYS S 205 37.43 -8.83 -6.62
N SER S 206 36.30 -8.94 -5.92
CA SER S 206 36.28 -8.61 -4.50
C SER S 206 37.19 -9.54 -3.71
N LEU S 207 37.10 -10.85 -3.96
CA LEU S 207 37.96 -11.78 -3.22
C LEU S 207 39.42 -11.66 -3.65
N GLU S 208 39.69 -11.28 -4.90
CA GLU S 208 41.07 -11.03 -5.31
C GLU S 208 41.67 -9.88 -4.51
N ALA S 209 40.93 -8.77 -4.41
CA ALA S 209 41.42 -7.65 -3.60
C ALA S 209 41.57 -8.05 -2.14
N GLN S 210 40.62 -8.84 -1.63
CA GLN S 210 40.71 -9.32 -0.25
C GLN S 210 41.98 -10.11 -0.01
N ALA S 211 42.27 -11.07 -0.91
CA ALA S 211 43.47 -11.89 -0.75
C ALA S 211 44.74 -11.06 -0.86
N GLU S 212 44.75 -10.08 -1.77
CA GLU S 212 45.89 -9.18 -1.85
C GLU S 212 46.12 -8.46 -0.52
N LYS S 213 45.04 -7.96 0.08
CA LYS S 213 45.16 -7.25 1.35
C LYS S 213 45.62 -8.19 2.46
N TYR S 214 45.12 -9.43 2.48
CA TYR S 214 45.57 -10.38 3.49
C TYR S 214 47.05 -10.68 3.35
N SER S 215 47.54 -10.84 2.11
CA SER S 215 48.97 -11.10 1.92
C SER S 215 49.81 -9.90 2.38
N GLN S 216 49.37 -8.69 2.04
CA GLN S 216 50.10 -7.50 2.49
C GLN S 216 50.14 -7.42 4.01
N LYS S 217 48.99 -7.67 4.66
CA LYS S 217 48.94 -7.64 6.12
C LYS S 217 49.80 -8.73 6.72
N GLU S 218 49.89 -9.89 6.07
CA GLU S 218 50.72 -10.98 6.56
C GLU S 218 52.18 -10.58 6.55
N ASP S 219 52.66 -10.04 5.43
CA ASP S 219 54.02 -9.52 5.36
C ASP S 219 54.27 -8.49 6.47
N ARG S 220 53.39 -7.48 6.54
CA ARG S 220 53.52 -6.42 7.53
C ARG S 220 53.66 -7.00 8.94
N TYR S 221 52.78 -7.94 9.28
CA TYR S 221 52.79 -8.53 10.60
C TYR S 221 54.06 -9.35 10.81
N GLU S 222 54.63 -9.90 9.75
CA GLU S 222 55.90 -10.61 9.87
C GLU S 222 57.01 -9.66 10.33
N GLU S 223 57.17 -8.52 9.66
CA GLU S 223 58.24 -7.64 10.14
C GLU S 223 57.89 -7.05 11.50
N GLU S 224 56.60 -6.82 11.76
CA GLU S 224 56.19 -6.31 13.07
C GLU S 224 56.58 -7.28 14.19
N ILE S 225 56.33 -8.57 13.99
CA ILE S 225 56.64 -9.54 15.03
C ILE S 225 58.15 -9.71 15.17
N LYS S 226 58.90 -9.59 14.07
CA LYS S 226 60.36 -9.62 14.19
C LYS S 226 60.86 -8.48 15.06
N VAL S 227 60.37 -7.26 14.80
CA VAL S 227 60.78 -6.11 15.60
C VAL S 227 60.35 -6.27 17.05
N LEU S 228 59.15 -6.83 17.27
CA LEU S 228 58.66 -7.05 18.62
C LEU S 228 59.56 -8.03 19.38
N SER S 229 59.98 -9.11 18.72
CA SER S 229 60.90 -10.05 19.35
C SER S 229 62.22 -9.36 19.70
N ASP S 230 62.73 -8.52 18.80
CA ASP S 230 63.97 -7.80 19.10
C ASP S 230 63.80 -6.91 20.33
N LYS S 231 62.70 -6.18 20.41
CA LYS S 231 62.45 -5.31 21.56
C LYS S 231 62.33 -6.12 22.84
N LEU S 232 61.67 -7.28 22.77
CA LEU S 232 61.59 -8.14 23.94
C LEU S 232 62.98 -8.58 24.39
N LYS S 233 63.85 -8.94 23.44
CA LYS S 233 65.21 -9.33 23.81
C LYS S 233 65.98 -8.20 24.47
N GLU S 234 65.87 -6.97 23.94
CA GLU S 234 66.58 -5.84 24.55
C GLU S 234 66.08 -5.60 25.98
N ALA S 235 64.75 -5.64 26.17
CA ALA S 235 64.20 -5.40 27.50
C ALA S 235 64.61 -6.50 28.48
N GLU S 236 64.61 -7.76 28.02
CA GLU S 236 65.04 -8.85 28.87
C GLU S 236 66.50 -8.70 29.27
N THR S 237 67.35 -8.29 28.32
CA THR S 237 68.75 -8.04 28.64
C THR S 237 68.90 -6.99 29.74
N ARG S 238 68.19 -5.87 29.59
CA ARG S 238 68.28 -4.81 30.60
C ARG S 238 67.76 -5.29 31.95
N ALA S 239 66.67 -6.05 31.94
CA ALA S 239 66.11 -6.56 33.20
C ALA S 239 67.10 -7.48 33.90
N GLU S 240 67.76 -8.37 33.13
CA GLU S 240 68.74 -9.27 33.74
C GLU S 240 69.92 -8.49 34.31
N PHE S 241 70.40 -7.48 33.58
CA PHE S 241 71.44 -6.60 34.11
C PHE S 241 71.03 -6.02 35.45
N ALA S 242 69.83 -5.45 35.51
CA ALA S 242 69.35 -4.83 36.75
C ALA S 242 69.27 -5.86 37.88
N GLU S 243 68.80 -7.07 37.58
CA GLU S 243 68.61 -8.08 38.62
C GLU S 243 69.95 -8.55 39.17
N ARG S 244 70.95 -8.72 38.30
CA ARG S 244 72.28 -9.08 38.78
C ARG S 244 72.85 -7.96 39.64
N SER S 245 72.63 -6.71 39.24
CA SER S 245 73.00 -5.59 40.12
C SER S 245 72.33 -5.70 41.47
N VAL S 246 71.04 -6.05 41.49
CA VAL S 246 70.31 -6.19 42.75
C VAL S 246 71.02 -7.20 43.65
N THR S 247 71.31 -8.38 43.10
CA THR S 247 71.89 -9.45 43.91
C THR S 247 73.27 -9.06 44.43
N LYS S 248 74.10 -8.45 43.58
CA LYS S 248 75.43 -8.06 44.02
C LYS S 248 75.37 -6.99 45.11
N LEU S 249 74.48 -6.01 44.97
CA LEU S 249 74.34 -5.01 46.02
C LEU S 249 73.85 -5.65 47.31
N GLU S 250 72.94 -6.62 47.22
CA GLU S 250 72.47 -7.32 48.42
C GLU S 250 73.61 -8.02 49.14
N LYS S 251 74.48 -8.70 48.39
CA LYS S 251 75.64 -9.35 49.01
C LYS S 251 76.56 -8.33 49.68
N SER S 252 76.83 -7.21 49.01
CA SER S 252 77.67 -6.18 49.60
C SER S 252 77.05 -5.66 50.89
N ILE S 253 75.73 -5.45 50.88
CA ILE S 253 75.03 -4.98 52.07
C ILE S 253 75.19 -6.01 53.19
N ASP S 254 75.07 -7.29 52.87
CA ASP S 254 75.27 -8.35 53.86
C ASP S 254 76.62 -8.23 54.55
N ASP S 255 77.69 -8.14 53.74
CA ASP S 255 79.03 -8.06 54.33
C ASP S 255 79.17 -6.84 55.22
N LEU S 256 78.70 -5.70 54.73
CA LEU S 256 78.80 -4.46 55.51
C LEU S 256 78.00 -4.59 56.81
N GLU S 257 76.84 -5.25 56.72
CA GLU S 257 75.96 -5.40 57.86
C GLU S 257 76.65 -6.19 58.97
N ASP S 258 77.29 -7.29 58.59
CA ASP S 258 77.99 -8.11 59.58
C ASP S 258 79.13 -7.32 60.21
N GLU S 259 79.89 -6.59 59.40
CA GLU S 259 81.01 -5.83 59.95
C GLU S 259 80.54 -4.75 60.91
N LEU S 260 79.48 -4.02 60.55
CA LEU S 260 78.96 -2.98 61.44
C LEU S 260 78.47 -3.57 62.75
N TYR S 261 77.74 -4.69 62.69
CA TYR S 261 77.23 -5.27 63.93
C TYR S 261 78.37 -5.70 64.85
N ALA S 262 79.41 -6.33 64.29
CA ALA S 262 80.55 -6.73 65.11
C ALA S 262 81.24 -5.51 65.71
N GLN S 263 81.40 -4.45 64.90
CA GLN S 263 81.98 -3.20 65.38
C GLN S 263 81.22 -2.69 66.60
N LYS S 264 79.89 -2.60 66.50
CA LYS S 264 79.11 -2.12 67.64
C LYS S 264 79.14 -3.05 68.83
N LEU S 265 79.23 -4.36 68.62
CA LEU S 265 79.37 -5.26 69.75
C LEU S 265 80.63 -4.91 70.54
N LYS S 266 81.77 -4.81 69.84
CA LYS S 266 83.02 -4.53 70.55
C LYS S 266 83.04 -3.10 71.08
N TYR S 267 82.36 -2.16 70.41
CA TYR S 267 82.22 -0.81 70.93
C TYR S 267 81.51 -0.80 72.27
N LYS S 268 80.38 -1.49 72.36
CA LYS S 268 79.67 -1.53 73.62
C LYS S 268 80.48 -2.24 74.69
N ALA S 269 81.23 -3.28 74.31
CA ALA S 269 82.13 -3.91 75.27
C ALA S 269 83.13 -2.91 75.86
N ILE S 270 83.86 -2.19 74.99
CA ILE S 270 84.88 -1.28 75.49
C ILE S 270 84.27 -0.11 76.26
N SER S 271 83.05 0.31 75.91
CA SER S 271 82.40 1.39 76.63
C SER S 271 82.01 0.93 78.03
N GLU S 272 81.36 -0.23 78.12
CA GLU S 272 81.02 -0.80 79.41
C GLU S 272 82.27 -0.95 80.27
N GLU S 273 83.38 -1.40 79.68
CA GLU S 273 84.59 -1.61 80.49
C GLU S 273 85.20 -0.30 80.97
N LEU S 274 85.14 0.76 80.15
CA LEU S 274 85.57 2.07 80.65
C LEU S 274 84.69 2.50 81.82
N ASP S 275 83.38 2.26 81.69
CA ASP S 275 82.46 2.55 82.80
C ASP S 275 82.82 1.73 84.04
N HIS S 276 83.19 0.46 83.86
CA HIS S 276 83.58 -0.37 84.99
C HIS S 276 84.77 0.26 85.70
N ALA S 277 85.76 0.71 84.92
CA ALA S 277 86.92 1.37 85.53
C ALA S 277 86.46 2.59 86.33
N LEU S 278 85.49 3.32 85.80
CA LEU S 278 84.95 4.46 86.55
C LEU S 278 84.32 3.98 87.86
N ASN S 279 83.67 2.81 87.82
CA ASN S 279 83.11 2.24 89.05
C ASN S 279 84.25 1.99 90.03
N ASP S 280 85.41 1.62 89.48
CA ASP S 280 86.59 1.43 90.33
C ASP S 280 86.88 2.76 91.03
N MET S 281 86.84 3.87 90.28
CA MET S 281 87.01 5.19 90.91
C MET S 281 86.04 5.36 92.07
N THR S 282 84.80 4.89 91.91
CA THR S 282 83.86 4.98 93.03
C THR S 282 84.28 4.12 94.22
N SER S 283 84.72 2.88 93.98
CA SER S 283 85.19 2.02 95.07
C SER S 283 86.39 2.61 95.82
N ILE S 284 87.35 3.19 95.11
CA ILE S 284 88.52 3.84 95.74
C ILE S 284 88.13 4.86 96.81
N ASP T 28 -157.11 8.78 -172.48
CA ASP T 28 -155.72 8.35 -172.66
C ASP T 28 -154.79 9.23 -171.83
N LYS T 29 -155.02 10.54 -171.82
CA LYS T 29 -154.19 11.46 -171.06
C LYS T 29 -154.38 11.26 -169.56
N LYS T 30 -155.61 10.96 -169.12
CA LYS T 30 -155.85 10.71 -167.70
C LYS T 30 -155.09 9.48 -167.22
N ALA T 31 -155.13 8.39 -167.99
CA ALA T 31 -154.42 7.17 -167.58
C ALA T 31 -152.92 7.40 -167.53
N ALA T 32 -152.37 8.13 -168.51
CA ALA T 32 -150.94 8.42 -168.49
C ALA T 32 -150.56 9.26 -167.28
N GLU T 33 -151.36 10.28 -166.97
CA GLU T 33 -151.07 11.13 -165.82
C GLU T 33 -151.13 10.33 -164.51
N ASP T 34 -152.15 9.48 -164.37
CA ASP T 34 -152.27 8.64 -163.17
C ASP T 34 -151.08 7.70 -163.04
N ARG T 35 -150.69 7.06 -164.15
CA ARG T 35 -149.56 6.13 -164.11
C ARG T 35 -148.28 6.85 -163.73
N SER T 36 -148.04 8.02 -164.31
CA SER T 36 -146.83 8.76 -164.00
C SER T 36 -146.82 9.22 -162.54
N LYS T 37 -147.96 9.67 -162.02
CA LYS T 37 -148.01 10.10 -160.62
C LYS T 37 -147.73 8.94 -159.67
N GLN T 38 -148.34 7.78 -159.92
CA GLN T 38 -148.08 6.62 -159.08
C GLN T 38 -146.63 6.18 -159.14
N LEU T 39 -146.05 6.18 -160.34
CA LEU T 39 -144.66 5.82 -160.52
C LEU T 39 -143.75 6.78 -159.76
N GLU T 40 -144.05 8.09 -159.82
CA GLU T 40 -143.24 9.09 -159.16
C GLU T 40 -143.28 8.93 -157.64
N ASP T 41 -144.47 8.67 -157.10
CA ASP T 41 -144.60 8.50 -155.65
C ASP T 41 -143.80 7.28 -155.19
N GLU T 42 -143.93 6.18 -155.92
CA GLU T 42 -143.17 4.98 -155.59
C GLU T 42 -141.68 5.25 -155.66
N LEU T 43 -141.25 6.10 -156.61
CA LEU T 43 -139.82 6.36 -156.74
C LEU T 43 -139.33 7.19 -155.57
N VAL T 44 -140.12 8.19 -155.16
CA VAL T 44 -139.77 9.03 -154.02
C VAL T 44 -139.49 8.14 -152.81
N SER T 45 -140.48 7.32 -152.46
CA SER T 45 -140.35 6.47 -151.27
C SER T 45 -139.15 5.54 -151.41
N LEU T 46 -138.98 4.91 -152.57
CA LEU T 46 -137.88 3.96 -152.73
C LEU T 46 -136.55 4.68 -152.51
N GLN T 47 -136.42 5.93 -153.01
CA GLN T 47 -135.20 6.72 -152.82
C GLN T 47 -134.89 7.01 -151.36
N LYS T 48 -135.90 7.38 -150.57
CA LYS T 48 -135.69 7.63 -149.14
C LYS T 48 -135.31 6.35 -148.39
N LYS T 49 -136.00 5.25 -148.68
CA LYS T 49 -135.60 3.96 -148.13
C LYS T 49 -134.13 3.71 -148.46
N LEU T 50 -133.73 4.05 -149.68
CA LEU T 50 -132.35 3.79 -150.10
C LEU T 50 -131.39 4.61 -149.25
N LYS T 51 -131.76 5.84 -148.92
CA LYS T 51 -130.92 6.64 -148.03
C LYS T 51 -130.69 5.92 -146.71
N GLY T 52 -131.77 5.42 -146.10
CA GLY T 52 -131.63 4.72 -144.83
C GLY T 52 -130.73 3.50 -144.95
N THR T 53 -130.96 2.69 -145.97
CA THR T 53 -130.15 1.49 -146.17
C THR T 53 -128.69 1.86 -146.41
N GLU T 54 -128.44 2.94 -147.18
CA GLU T 54 -127.07 3.38 -147.42
C GLU T 54 -126.42 3.84 -146.13
N ASP T 55 -127.19 4.49 -145.25
CA ASP T 55 -126.66 4.91 -143.96
C ASP T 55 -126.17 3.69 -143.18
N GLU T 56 -127.00 2.64 -143.13
CA GLU T 56 -126.57 1.41 -142.46
C GLU T 56 -125.33 0.82 -143.14
N LEU T 57 -125.33 0.79 -144.48
CA LEU T 57 -124.19 0.29 -145.25
C LEU T 57 -122.92 1.04 -144.89
N ASP T 58 -123.01 2.35 -144.81
CA ASP T 58 -121.88 3.20 -144.41
C ASP T 58 -121.41 2.86 -143.01
N LYS T 59 -122.34 2.81 -142.06
CA LYS T 59 -121.97 2.48 -140.69
C LYS T 59 -121.21 1.17 -140.62
N TYR T 60 -121.70 0.14 -141.33
CA TYR T 60 -120.95 -1.12 -141.37
C TYR T 60 -119.59 -0.97 -142.04
N SER T 61 -119.49 -0.15 -143.09
CA SER T 61 -118.21 0.04 -143.75
C SER T 61 -117.18 0.62 -142.78
N GLU T 62 -117.54 1.70 -142.08
CA GLU T 62 -116.62 2.26 -141.10
C GLU T 62 -116.32 1.27 -139.98
N ALA T 63 -117.35 0.58 -139.49
CA ALA T 63 -117.14 -0.38 -138.42
C ALA T 63 -116.20 -1.50 -138.86
N LEU T 64 -116.30 -1.92 -140.11
CA LEU T 64 -115.42 -2.96 -140.63
C LEU T 64 -113.98 -2.46 -140.76
N LYS T 65 -113.79 -1.22 -141.24
CA LYS T 65 -112.44 -0.66 -141.31
C LYS T 65 -111.81 -0.57 -139.93
N ASP T 66 -112.56 -0.02 -138.97
CA ASP T 66 -112.07 0.09 -137.60
C ASP T 66 -111.79 -1.28 -137.03
N ALA T 67 -112.68 -2.25 -137.29
CA ALA T 67 -112.52 -3.60 -136.78
C ALA T 67 -111.27 -4.26 -137.33
N GLN T 68 -111.02 -4.09 -138.63
CA GLN T 68 -109.82 -4.66 -139.22
C GLN T 68 -108.56 -4.04 -138.60
N GLU T 69 -108.56 -2.71 -138.40
CA GLU T 69 -107.36 -2.10 -137.82
C GLU T 69 -107.12 -2.56 -136.39
N LYS T 70 -108.17 -2.57 -135.55
CA LYS T 70 -107.99 -3.01 -134.17
C LYS T 70 -107.64 -4.49 -134.11
N LEU T 71 -108.26 -5.32 -134.95
CA LEU T 71 -107.92 -6.73 -135.03
C LEU T 71 -106.43 -6.89 -135.33
N GLU T 72 -105.94 -6.16 -136.34
CA GLU T 72 -104.53 -6.24 -136.71
C GLU T 72 -103.62 -5.80 -135.58
N LEU T 73 -103.98 -4.70 -134.90
CA LEU T 73 -103.17 -4.22 -133.78
C LEU T 73 -103.11 -5.25 -132.65
N ALA T 74 -104.26 -5.82 -132.29
CA ALA T 74 -104.28 -6.83 -131.24
C ALA T 74 -103.47 -8.05 -131.64
N GLU T 75 -103.62 -8.49 -132.90
CA GLU T 75 -102.92 -9.68 -133.36
C GLU T 75 -101.41 -9.48 -133.33
N LYS T 76 -100.93 -8.33 -133.82
CA LYS T 76 -99.49 -8.08 -133.79
C LYS T 76 -98.98 -7.96 -132.35
N LYS T 77 -99.72 -7.23 -131.51
CA LYS T 77 -99.38 -7.11 -130.10
C LYS T 77 -99.20 -8.49 -129.47
N ALA T 78 -100.16 -9.38 -129.69
CA ALA T 78 -100.13 -10.64 -128.96
C ALA T 78 -99.22 -11.68 -129.60
N THR T 79 -98.95 -11.58 -130.90
CA THR T 79 -97.88 -12.39 -131.48
C THR T 79 -96.53 -11.98 -130.91
N ASP T 80 -96.28 -10.68 -130.81
CA ASP T 80 -95.07 -10.21 -130.13
C ASP T 80 -95.03 -10.70 -128.69
N ALA T 81 -96.18 -10.68 -128.01
CA ALA T 81 -96.22 -11.11 -126.62
C ALA T 81 -95.91 -12.59 -126.49
N GLU T 82 -96.43 -13.42 -127.40
CA GLU T 82 -96.15 -14.86 -127.34
C GLU T 82 -94.68 -15.15 -127.66
N ALA T 83 -94.12 -14.45 -128.65
CA ALA T 83 -92.69 -14.59 -128.91
C ALA T 83 -91.87 -14.21 -127.68
N ASP T 84 -92.29 -13.13 -127.00
CA ASP T 84 -91.64 -12.74 -125.75
C ASP T 84 -91.81 -13.83 -124.70
N VAL T 85 -92.98 -14.48 -124.67
CA VAL T 85 -93.22 -15.56 -123.72
C VAL T 85 -92.19 -16.67 -123.92
N ALA T 86 -92.01 -17.11 -125.16
CA ALA T 86 -91.07 -18.20 -125.44
C ALA T 86 -89.64 -17.77 -125.10
N SER T 87 -89.25 -16.57 -125.57
CA SER T 87 -87.89 -16.09 -125.32
C SER T 87 -87.63 -15.97 -123.83
N LEU T 88 -88.61 -15.46 -123.09
CA LEU T 88 -88.43 -15.23 -121.66
C LEU T 88 -88.42 -16.55 -120.90
N ASN T 89 -89.18 -17.55 -121.39
CA ASN T 89 -89.07 -18.89 -120.84
C ASN T 89 -87.63 -19.38 -120.92
N ARG T 90 -87.05 -19.29 -122.12
CA ARG T 90 -85.67 -19.76 -122.28
C ARG T 90 -84.69 -18.96 -121.42
N ARG T 91 -84.89 -17.65 -121.31
CA ARG T 91 -84.01 -16.84 -120.47
C ARG T 91 -84.13 -17.26 -119.01
N ILE T 92 -85.36 -17.49 -118.53
CA ILE T 92 -85.55 -17.91 -117.15
C ILE T 92 -84.88 -19.25 -116.90
N GLN T 93 -85.04 -20.20 -117.82
CA GLN T 93 -84.43 -21.51 -117.61
C GLN T 93 -82.90 -21.40 -117.58
N LEU T 94 -82.31 -20.61 -118.48
CA LEU T 94 -80.85 -20.50 -118.48
C LEU T 94 -80.34 -19.83 -117.19
N VAL T 95 -80.98 -18.74 -116.76
CA VAL T 95 -80.51 -18.13 -115.52
C VAL T 95 -80.76 -19.06 -114.34
N GLU T 96 -81.83 -19.86 -114.38
CA GLU T 96 -82.10 -20.78 -113.28
C GLU T 96 -81.04 -21.87 -113.21
N GLU T 97 -80.62 -22.40 -114.36
CA GLU T 97 -79.55 -23.40 -114.36
C GLU T 97 -78.24 -22.79 -113.86
N GLU T 98 -77.92 -21.57 -114.31
CA GLU T 98 -76.76 -20.88 -113.74
C GLU T 98 -76.87 -20.77 -112.23
N LEU T 99 -78.08 -20.49 -111.73
CA LEU T 99 -78.26 -20.34 -110.30
C LEU T 99 -78.04 -21.66 -109.58
N ASP T 100 -78.59 -22.75 -110.14
CA ASP T 100 -78.36 -24.07 -109.57
C ASP T 100 -76.88 -24.39 -109.50
N ARG T 101 -76.16 -24.15 -110.60
CA ARG T 101 -74.71 -24.37 -110.64
C ARG T 101 -74.03 -23.58 -109.54
N ALA T 102 -74.46 -22.35 -109.35
CA ALA T 102 -73.89 -21.50 -108.32
C ALA T 102 -74.13 -22.14 -106.97
N GLN T 103 -75.32 -22.70 -106.77
CA GLN T 103 -75.65 -23.36 -105.50
C GLN T 103 -74.73 -24.55 -105.22
N GLU T 104 -74.45 -25.40 -106.22
CA GLU T 104 -73.51 -26.49 -105.93
C GLU T 104 -72.14 -25.93 -105.58
N ARG T 105 -71.68 -24.95 -106.36
CA ARG T 105 -70.37 -24.38 -106.10
C ARG T 105 -70.31 -23.81 -104.70
N LEU T 106 -71.35 -23.06 -104.33
CA LEU T 106 -71.40 -22.40 -103.02
C LEU T 106 -71.47 -23.42 -101.90
N ALA T 107 -72.16 -24.55 -102.12
CA ALA T 107 -72.18 -25.60 -101.11
C ALA T 107 -70.78 -26.11 -100.86
N THR T 108 -70.07 -26.46 -101.94
CA THR T 108 -68.71 -26.93 -101.80
C THR T 108 -67.85 -25.85 -101.16
N ALA T 109 -68.13 -24.60 -101.50
CA ALA T 109 -67.39 -23.47 -100.95
C ALA T 109 -67.54 -23.43 -99.44
N LEU T 110 -68.76 -23.57 -98.95
CA LEU T 110 -68.96 -23.54 -97.50
C LEU T 110 -68.25 -24.72 -96.85
N GLN T 111 -68.31 -25.90 -97.49
CA GLN T 111 -67.59 -27.06 -96.94
C GLN T 111 -66.10 -26.77 -96.80
N LYS T 112 -65.50 -26.26 -97.87
CA LYS T 112 -64.06 -25.96 -97.86
C LYS T 112 -63.75 -24.88 -96.83
N LEU T 113 -64.60 -23.87 -96.70
CA LEU T 113 -64.37 -22.83 -95.70
C LEU T 113 -64.28 -23.47 -94.32
N GLU T 114 -65.25 -24.33 -93.98
CA GLU T 114 -65.23 -25.00 -92.69
C GLU T 114 -63.97 -25.84 -92.51
N GLU T 115 -63.58 -26.57 -93.55
CA GLU T 115 -62.37 -27.39 -93.47
C GLU T 115 -61.15 -26.51 -93.20
N ALA T 116 -61.03 -25.41 -93.94
CA ALA T 116 -59.88 -24.53 -93.80
C ALA T 116 -59.80 -23.95 -92.39
N GLU T 117 -60.95 -23.52 -91.85
CA GLU T 117 -60.92 -22.91 -90.53
C GLU T 117 -60.55 -23.95 -89.47
N LYS T 118 -61.08 -25.18 -89.60
CA LYS T 118 -60.68 -26.25 -88.68
C LYS T 118 -59.18 -26.49 -88.74
N ALA T 119 -58.63 -26.54 -89.96
CA ALA T 119 -57.18 -26.69 -90.13
C ALA T 119 -56.44 -25.55 -89.45
N ALA T 120 -56.93 -24.33 -89.60
CA ALA T 120 -56.28 -23.19 -88.96
C ALA T 120 -56.33 -23.32 -87.45
N ASP T 121 -57.40 -23.92 -86.92
CA ASP T 121 -57.52 -24.10 -85.47
C ASP T 121 -56.52 -25.13 -84.97
N GLU T 122 -56.37 -26.24 -85.70
CA GLU T 122 -55.36 -27.22 -85.29
C GLU T 122 -53.96 -26.62 -85.42
N SER T 123 -53.74 -25.76 -86.42
CA SER T 123 -52.46 -25.08 -86.49
C SER T 123 -52.26 -24.15 -85.29
N GLU T 124 -53.34 -23.53 -84.82
CA GLU T 124 -53.24 -22.66 -83.65
C GLU T 124 -52.86 -23.47 -82.41
N ARG T 125 -53.42 -24.68 -82.30
CA ARG T 125 -53.00 -25.58 -81.24
C ARG T 125 -51.52 -25.93 -81.38
N GLY T 126 -51.05 -26.09 -82.62
CA GLY T 126 -49.62 -26.27 -82.83
C GLY T 126 -48.78 -25.12 -82.26
N MET T 127 -49.10 -23.88 -82.64
CA MET T 127 -48.53 -22.72 -81.94
C MET T 127 -48.50 -22.89 -80.43
N LYS T 128 -49.66 -23.16 -79.82
CA LYS T 128 -49.70 -23.23 -78.36
C LYS T 128 -48.71 -24.26 -77.82
N VAL T 129 -48.68 -25.46 -78.38
CA VAL T 129 -47.84 -26.48 -77.80
C VAL T 129 -46.36 -26.22 -78.10
N ILE T 130 -46.05 -25.66 -79.27
CA ILE T 130 -44.65 -25.37 -79.58
C ILE T 130 -44.15 -24.18 -78.76
N GLU T 131 -45.03 -23.21 -78.48
CA GLU T 131 -44.69 -22.12 -77.57
C GLU T 131 -44.42 -22.67 -76.18
N SER T 132 -45.21 -23.67 -75.76
CA SER T 132 -44.96 -24.30 -74.47
C SER T 132 -43.59 -24.97 -74.46
N ARG T 133 -43.21 -25.63 -75.57
CA ARG T 133 -41.89 -26.24 -75.65
C ARG T 133 -40.79 -25.19 -75.54
N ALA T 134 -40.96 -24.08 -76.26
CA ALA T 134 -39.97 -23.01 -76.22
C ALA T 134 -39.83 -22.43 -74.83
N GLN T 135 -40.96 -22.26 -74.11
CA GLN T 135 -40.89 -21.60 -72.82
C GLN T 135 -40.30 -22.53 -71.75
N LYS T 136 -40.62 -23.83 -71.80
CA LYS T 136 -39.97 -24.74 -70.87
C LYS T 136 -38.47 -24.80 -71.13
N ASP T 137 -38.08 -24.80 -72.42
CA ASP T 137 -36.66 -24.75 -72.74
C ASP T 137 -36.01 -23.49 -72.17
N GLU T 138 -36.71 -22.36 -72.26
CA GLU T 138 -36.15 -21.09 -71.79
C GLU T 138 -35.99 -21.11 -70.27
N GLU T 139 -36.94 -21.73 -69.56
CA GLU T 139 -36.80 -21.90 -68.12
C GLU T 139 -35.54 -22.70 -67.79
N LYS T 140 -35.32 -23.80 -68.52
CA LYS T 140 -34.13 -24.60 -68.26
C LYS T 140 -32.87 -23.80 -68.61
N MET T 141 -32.97 -22.93 -69.60
CA MET T 141 -31.84 -22.08 -69.97
C MET T 141 -31.44 -21.18 -68.82
N GLU T 142 -32.44 -20.57 -68.17
CA GLU T 142 -32.14 -19.70 -67.04
C GLU T 142 -31.53 -20.50 -65.89
N ILE T 143 -32.09 -21.69 -65.61
CA ILE T 143 -31.55 -22.53 -64.55
C ILE T 143 -30.08 -22.82 -64.78
N GLN T 144 -29.75 -23.34 -65.95
CA GLN T 144 -28.37 -23.79 -66.17
C GLN T 144 -27.39 -22.61 -66.32
N GLU T 145 -27.86 -21.46 -66.82
CA GLU T 145 -26.96 -20.32 -66.95
C GLU T 145 -26.65 -19.73 -65.57
N ILE T 146 -27.65 -19.66 -64.69
CA ILE T 146 -27.40 -19.23 -63.32
C ILE T 146 -26.43 -20.19 -62.64
N GLN T 147 -26.64 -21.50 -62.82
CA GLN T 147 -25.71 -22.47 -62.23
C GLN T 147 -24.29 -22.25 -62.74
N LEU T 148 -24.15 -21.89 -64.02
CA LEU T 148 -22.82 -21.63 -64.58
C LEU T 148 -22.18 -20.41 -63.93
N LYS T 149 -22.94 -19.32 -63.75
CA LYS T 149 -22.40 -18.16 -63.05
C LYS T 149 -21.91 -18.55 -61.66
N GLU T 150 -22.75 -19.27 -60.91
CA GLU T 150 -22.36 -19.61 -59.54
C GLU T 150 -21.10 -20.46 -59.52
N ALA T 151 -21.01 -21.45 -60.43
CA ALA T 151 -19.83 -22.30 -60.47
C ALA T 151 -18.57 -21.51 -60.78
N LYS T 152 -18.64 -20.61 -61.76
CA LYS T 152 -17.44 -19.86 -62.13
C LYS T 152 -17.01 -18.90 -61.02
N HIS T 153 -17.98 -18.30 -60.33
CA HIS T 153 -17.66 -17.37 -59.25
C HIS T 153 -16.99 -18.13 -58.10
N ILE T 154 -17.51 -19.31 -57.77
CA ILE T 154 -16.91 -20.10 -56.69
C ILE T 154 -15.50 -20.54 -57.07
N ALA T 155 -15.31 -20.94 -58.33
CA ALA T 155 -13.98 -21.36 -58.77
C ALA T 155 -12.97 -20.23 -58.68
N GLU T 156 -13.35 -19.03 -59.13
CA GLU T 156 -12.45 -17.89 -59.04
C GLU T 156 -12.09 -17.55 -57.60
N ASP T 157 -13.09 -17.57 -56.71
CA ASP T 157 -12.82 -17.27 -55.31
C ASP T 157 -11.88 -18.30 -54.69
N ALA T 158 -12.09 -19.58 -55.03
CA ALA T 158 -11.22 -20.62 -54.50
C ALA T 158 -9.79 -20.47 -55.01
N ASP T 159 -9.63 -20.11 -56.28
CA ASP T 159 -8.28 -19.88 -56.82
C ASP T 159 -7.59 -18.73 -56.09
N ARG T 160 -8.32 -17.63 -55.86
CA ARG T 160 -7.71 -16.51 -55.15
C ARG T 160 -7.33 -16.89 -53.73
N LYS T 161 -8.18 -17.67 -53.05
CA LYS T 161 -7.85 -18.13 -51.71
C LYS T 161 -6.62 -19.02 -51.72
N TYR T 162 -6.49 -19.90 -52.72
CA TYR T 162 -5.32 -20.74 -52.84
C TYR T 162 -4.05 -19.93 -53.02
N GLU T 163 -4.09 -18.90 -53.86
CA GLU T 163 -2.91 -18.05 -54.04
C GLU T 163 -2.55 -17.33 -52.74
N GLU T 164 -3.56 -16.82 -52.03
CA GLU T 164 -3.29 -16.10 -50.79
C GLU T 164 -2.67 -17.03 -49.74
N VAL T 165 -3.19 -18.26 -49.62
CA VAL T 165 -2.66 -19.17 -48.61
C VAL T 165 -1.27 -19.66 -49.01
N ALA T 166 -0.98 -19.77 -50.32
CA ALA T 166 0.38 -20.08 -50.74
C ALA T 166 1.36 -18.97 -50.33
N ARG T 167 0.95 -17.71 -50.54
CA ARG T 167 1.80 -16.60 -50.12
C ARG T 167 2.03 -16.62 -48.61
N LYS T 168 0.97 -16.87 -47.83
CA LYS T 168 1.10 -16.97 -46.39
C LYS T 168 2.07 -18.09 -46.00
N LEU T 169 1.96 -19.24 -46.68
CA LEU T 169 2.84 -20.36 -46.37
C LEU T 169 4.30 -19.99 -46.63
N VAL T 170 4.57 -19.31 -47.74
CA VAL T 170 5.94 -18.91 -48.05
C VAL T 170 6.48 -17.98 -46.98
N ILE T 171 5.69 -16.99 -46.59
CA ILE T 171 6.15 -16.02 -45.60
C ILE T 171 6.42 -16.72 -44.26
N ILE T 172 5.51 -17.60 -43.84
CA ILE T 172 5.68 -18.28 -42.55
C ILE T 172 6.85 -19.24 -42.60
N GLU T 173 7.13 -19.86 -43.75
CA GLU T 173 8.32 -20.70 -43.86
C GLU T 173 9.59 -19.88 -43.71
N SER T 174 9.63 -18.68 -44.31
CA SER T 174 10.78 -17.81 -44.12
C SER T 174 10.95 -17.44 -42.65
N ASP T 175 9.84 -17.13 -41.98
CA ASP T 175 9.90 -16.80 -40.56
C ASP T 175 10.41 -17.99 -39.75
N LEU T 176 9.98 -19.20 -40.09
CA LEU T 176 10.45 -20.39 -39.39
C LEU T 176 11.95 -20.58 -39.57
N GLU T 177 12.46 -20.36 -40.78
CA GLU T 177 13.90 -20.44 -41.00
C GLU T 177 14.65 -19.44 -40.13
N ARG T 178 14.16 -18.20 -40.09
CA ARG T 178 14.80 -17.18 -39.25
C ARG T 178 14.80 -17.60 -37.79
N ALA T 179 13.66 -18.10 -37.29
CA ALA T 179 13.57 -18.49 -35.90
C ALA T 179 14.51 -19.65 -35.58
N GLU T 180 14.61 -20.62 -36.49
CA GLU T 180 15.49 -21.77 -36.27
C GLU T 180 16.95 -21.32 -36.17
N GLU T 181 17.38 -20.44 -37.09
CA GLU T 181 18.76 -19.97 -37.04
C GLU T 181 19.04 -19.18 -35.76
N ARG T 182 18.10 -18.30 -35.38
CA ARG T 182 18.28 -17.52 -34.15
C ARG T 182 18.39 -18.44 -32.93
N ALA T 183 17.53 -19.46 -32.86
CA ALA T 183 17.56 -20.36 -31.72
C ALA T 183 18.84 -21.17 -31.68
N GLU T 184 19.32 -21.66 -32.83
CA GLU T 184 20.57 -22.41 -32.84
C GLU T 184 21.72 -21.54 -32.34
N LEU T 185 21.78 -20.29 -32.80
CA LEU T 185 22.82 -19.37 -32.32
C LEU T 185 22.71 -19.18 -30.80
N SER T 186 21.49 -18.97 -30.31
CA SER T 186 21.30 -18.72 -28.88
C SER T 186 21.71 -19.93 -28.06
N GLU T 187 21.35 -21.13 -28.51
CA GLU T 187 21.70 -22.34 -27.77
C GLU T 187 23.21 -22.55 -27.73
N GLY T 188 23.89 -22.32 -28.86
CA GLY T 188 25.35 -22.41 -28.85
C GLY T 188 25.98 -21.42 -27.88
N LYS T 189 25.47 -20.18 -27.89
CA LYS T 189 25.99 -19.17 -26.98
C LYS T 189 25.76 -19.57 -25.52
N CYS T 190 24.57 -20.12 -25.22
CA CYS T 190 24.27 -20.55 -23.86
C CYS T 190 25.20 -21.66 -23.41
N ALA T 191 25.48 -22.63 -24.30
CA ALA T 191 26.40 -23.70 -23.94
C ALA T 191 27.80 -23.15 -23.66
N GLU T 192 28.27 -22.23 -24.51
CA GLU T 192 29.58 -21.63 -24.28
C GLU T 192 29.63 -20.87 -22.96
N LEU T 193 28.57 -20.13 -22.65
CA LEU T 193 28.54 -19.38 -21.39
C LEU T 193 28.49 -20.31 -20.19
N GLU T 194 27.78 -21.43 -20.30
CA GLU T 194 27.79 -22.43 -19.23
C GLU T 194 29.20 -22.98 -18.99
N GLU T 195 29.91 -23.30 -20.08
CA GLU T 195 31.29 -23.76 -19.93
C GLU T 195 32.14 -22.72 -19.22
N GLU T 196 32.02 -21.46 -19.66
CA GLU T 196 32.81 -20.40 -19.05
C GLU T 196 32.45 -20.21 -17.58
N LEU T 197 31.16 -20.35 -17.24
CA LEU T 197 30.74 -20.25 -15.85
C LEU T 197 31.37 -21.34 -15.00
N LYS T 198 31.42 -22.57 -15.53
CA LYS T 198 32.03 -23.66 -14.77
C LYS T 198 33.51 -23.40 -14.54
N THR T 199 34.22 -22.92 -15.57
CA THR T 199 35.62 -22.59 -15.40
C THR T 199 35.83 -21.49 -14.36
N VAL T 200 35.00 -20.44 -14.44
CA VAL T 200 35.12 -19.32 -13.50
C VAL T 200 34.81 -19.79 -12.08
N THR T 201 33.86 -20.72 -11.94
CA THR T 201 33.52 -21.25 -10.62
C THR T 201 34.68 -22.04 -10.03
N ASN T 202 35.34 -22.86 -10.85
CA ASN T 202 36.52 -23.57 -10.38
C ASN T 202 37.60 -22.58 -9.91
N ASN T 203 37.87 -21.56 -10.72
CA ASN T 203 38.85 -20.55 -10.33
C ASN T 203 38.43 -19.85 -9.03
N LEU T 204 37.13 -19.56 -8.90
CA LEU T 204 36.63 -18.86 -7.72
C LEU T 204 36.83 -19.70 -6.47
N LYS T 205 36.53 -21.00 -6.55
CA LYS T 205 36.68 -21.84 -5.35
C LYS T 205 38.15 -22.04 -5.00
N SER T 206 39.03 -22.15 -6.02
CA SER T 206 40.46 -22.20 -5.73
C SER T 206 40.92 -20.94 -5.01
N LEU T 207 40.48 -19.77 -5.49
CA LEU T 207 40.89 -18.53 -4.84
C LEU T 207 40.28 -18.38 -3.45
N GLU T 208 39.07 -18.90 -3.25
CA GLU T 208 38.47 -18.91 -1.92
C GLU T 208 39.29 -19.75 -0.95
N ALA T 209 39.74 -20.93 -1.41
CA ALA T 209 40.64 -21.74 -0.60
C ALA T 209 41.91 -20.95 -0.25
N GLN T 210 42.52 -20.31 -1.26
CA GLN T 210 43.72 -19.52 -1.02
C GLN T 210 43.47 -18.45 0.04
N ALA T 211 42.35 -17.73 -0.08
CA ALA T 211 42.03 -16.68 0.88
C ALA T 211 41.83 -17.24 2.28
N GLU T 212 41.19 -18.41 2.40
CA GLU T 212 41.00 -19.01 3.71
C GLU T 212 42.34 -19.39 4.34
N LYS T 213 43.26 -19.93 3.54
CA LYS T 213 44.60 -20.22 4.04
C LYS T 213 45.27 -18.94 4.54
N TYR T 214 45.21 -17.86 3.73
CA TYR T 214 45.83 -16.60 4.15
C TYR T 214 45.22 -16.10 5.45
N SER T 215 43.90 -16.21 5.59
CA SER T 215 43.25 -15.77 6.82
C SER T 215 43.73 -16.59 8.02
N GLN T 216 43.87 -17.90 7.84
CA GLN T 216 44.37 -18.74 8.92
C GLN T 216 45.77 -18.31 9.35
N LYS T 217 46.67 -18.14 8.38
CA LYS T 217 48.03 -17.74 8.73
C LYS T 217 48.06 -16.37 9.40
N GLU T 218 47.27 -15.42 8.90
CA GLU T 218 47.23 -14.10 9.51
C GLU T 218 46.69 -14.16 10.94
N ASP T 219 45.72 -15.03 11.19
CA ASP T 219 45.21 -15.18 12.55
C ASP T 219 46.27 -15.75 13.47
N ARG T 220 47.01 -16.76 12.99
CA ARG T 220 48.09 -17.32 13.81
C ARG T 220 49.17 -16.27 14.08
N TYR T 221 49.47 -15.44 13.06
CA TYR T 221 50.43 -14.37 13.23
C TYR T 221 49.98 -13.40 14.32
N GLU T 222 48.71 -12.98 14.27
CA GLU T 222 48.20 -12.03 15.26
C GLU T 222 48.21 -12.62 16.66
N GLU T 223 47.88 -13.92 16.78
CA GLU T 223 47.95 -14.57 18.08
C GLU T 223 49.37 -14.55 18.63
N GLU T 224 50.35 -14.87 17.78
CA GLU T 224 51.75 -14.83 18.23
C GLU T 224 52.18 -13.41 18.58
N ILE T 225 51.69 -12.42 17.82
CA ILE T 225 52.01 -11.02 18.10
C ILE T 225 51.50 -10.63 19.47
N LYS T 226 50.25 -10.97 19.79
CA LYS T 226 49.70 -10.58 21.08
C LYS T 226 50.39 -11.32 22.22
N VAL T 227 50.78 -12.58 22.00
CA VAL T 227 51.54 -13.31 23.01
C VAL T 227 52.86 -12.60 23.30
N LEU T 228 53.60 -12.28 22.24
CA LEU T 228 54.90 -11.63 22.43
C LEU T 228 54.74 -10.23 23.02
N SER T 229 53.64 -9.53 22.69
CA SER T 229 53.39 -8.23 23.28
C SER T 229 53.14 -8.34 24.78
N ASP T 230 52.38 -9.37 25.19
CA ASP T 230 52.17 -9.59 26.62
C ASP T 230 53.49 -9.89 27.31
N LYS T 231 54.32 -10.72 26.68
CA LYS T 231 55.66 -10.97 27.23
C LYS T 231 56.48 -9.70 27.33
N LEU T 232 56.29 -8.76 26.39
CA LEU T 232 57.07 -7.53 26.41
C LEU T 232 56.62 -6.61 27.53
N LYS T 233 55.31 -6.49 27.78
CA LYS T 233 54.88 -5.75 28.95
C LYS T 233 55.34 -6.41 30.24
N GLU T 234 55.34 -7.74 30.30
CA GLU T 234 55.86 -8.40 31.49
C GLU T 234 57.35 -8.13 31.69
N ALA T 235 58.10 -8.07 30.60
CA ALA T 235 59.51 -7.71 30.67
C ALA T 235 59.70 -6.28 31.17
N GLU T 236 58.88 -5.36 30.67
CA GLU T 236 58.99 -3.98 31.15
C GLU T 236 58.61 -3.87 32.63
N THR T 237 57.63 -4.66 33.06
CA THR T 237 57.26 -4.68 34.48
C THR T 237 58.41 -5.16 35.34
N ARG T 238 59.03 -6.29 34.96
CA ARG T 238 60.14 -6.80 35.76
C ARG T 238 61.33 -5.85 35.71
N ALA T 239 61.54 -5.18 34.58
CA ALA T 239 62.63 -4.21 34.48
C ALA T 239 62.43 -3.04 35.44
N GLU T 240 61.22 -2.47 35.47
CA GLU T 240 60.93 -1.38 36.39
C GLU T 240 61.05 -1.83 37.83
N PHE T 241 60.54 -3.04 38.13
CA PHE T 241 60.70 -3.61 39.48
C PHE T 241 62.16 -3.65 39.88
N ALA T 242 63.01 -4.24 39.03
CA ALA T 242 64.42 -4.37 39.36
C ALA T 242 65.10 -3.01 39.45
N GLU T 243 64.68 -2.03 38.65
CA GLU T 243 65.33 -0.72 38.71
C GLU T 243 64.98 0.02 39.99
N ARG T 244 63.72 -0.05 40.41
CA ARG T 244 63.34 0.53 41.69
C ARG T 244 64.08 -0.15 42.84
N SER T 245 64.19 -1.48 42.78
CA SER T 245 64.97 -2.20 43.79
C SER T 245 66.42 -1.74 43.80
N VAL T 246 67.00 -1.53 42.61
CA VAL T 246 68.38 -1.07 42.52
C VAL T 246 68.53 0.29 43.19
N THR T 247 67.61 1.21 42.90
CA THR T 247 67.69 2.55 43.49
C THR T 247 67.61 2.48 45.01
N LYS T 248 66.65 1.70 45.53
CA LYS T 248 66.53 1.51 46.97
C LYS T 248 67.82 0.96 47.56
N LEU T 249 68.38 -0.07 46.93
CA LEU T 249 69.59 -0.70 47.46
C LEU T 249 70.77 0.25 47.42
N GLU T 250 70.90 1.04 46.36
CA GLU T 250 71.99 2.01 46.28
C GLU T 250 71.90 3.03 47.40
N LYS T 251 70.71 3.59 47.63
CA LYS T 251 70.55 4.55 48.71
C LYS T 251 70.86 3.89 50.06
N SER T 252 70.40 2.65 50.25
CA SER T 252 70.69 1.92 51.47
C SER T 252 72.20 1.75 51.67
N ILE T 253 72.91 1.39 50.60
CA ILE T 253 74.36 1.21 50.69
C ILE T 253 75.03 2.51 51.10
N ASP T 254 74.64 3.62 50.47
CA ASP T 254 75.25 4.90 50.79
C ASP T 254 75.04 5.26 52.25
N ASP T 255 73.79 5.17 52.72
CA ASP T 255 73.51 5.51 54.11
C ASP T 255 74.22 4.58 55.08
N LEU T 256 74.24 3.28 54.77
CA LEU T 256 74.90 2.32 55.64
C LEU T 256 76.39 2.56 55.72
N GLU T 257 77.01 2.90 54.59
CA GLU T 257 78.44 3.19 54.59
C GLU T 257 78.75 4.44 55.39
N ASP T 258 77.93 5.49 55.26
CA ASP T 258 78.15 6.69 56.06
C ASP T 258 78.00 6.40 57.55
N GLU T 259 76.97 5.63 57.92
CA GLU T 259 76.77 5.28 59.33
C GLU T 259 77.95 4.49 59.87
N LEU T 260 78.35 3.44 59.13
CA LEU T 260 79.52 2.66 59.52
C LEU T 260 80.75 3.55 59.67
N TYR T 261 80.93 4.49 58.75
CA TYR T 261 82.04 5.44 58.83
C TYR T 261 82.04 6.17 60.16
N ALA T 262 80.92 6.84 60.48
CA ALA T 262 80.89 7.65 61.69
C ALA T 262 81.08 6.79 62.93
N GLN T 263 80.47 5.60 62.93
CA GLN T 263 80.65 4.66 64.04
C GLN T 263 82.12 4.30 64.23
N LYS T 264 82.78 3.87 63.15
CA LYS T 264 84.20 3.52 63.22
C LYS T 264 85.04 4.70 63.69
N LEU T 265 84.70 5.91 63.24
CA LEU T 265 85.45 7.08 63.68
C LEU T 265 85.31 7.32 65.18
N LYS T 266 84.10 7.17 65.72
CA LYS T 266 83.94 7.35 67.17
C LYS T 266 84.71 6.27 67.94
N TYR T 267 84.65 5.02 67.46
CA TYR T 267 85.42 3.96 68.09
C TYR T 267 86.91 4.24 68.00
N LYS T 268 87.36 4.78 66.87
CA LYS T 268 88.75 5.14 66.72
C LYS T 268 89.15 6.22 67.71
N ALA T 269 88.26 7.19 67.95
CA ALA T 269 88.57 8.24 68.93
C ALA T 269 88.71 7.66 70.34
N ILE T 270 87.81 6.77 70.72
CA ILE T 270 87.94 6.17 72.05
C ILE T 270 89.19 5.31 72.11
N SER T 271 89.51 4.61 71.02
CA SER T 271 90.70 3.76 70.99
C SER T 271 91.97 4.59 71.10
N GLU T 272 92.05 5.70 70.37
CA GLU T 272 93.08 6.72 70.56
C GLU T 272 93.25 7.03 72.03
N GLU T 273 92.16 7.48 72.68
CA GLU T 273 92.27 7.90 74.08
C GLU T 273 92.80 6.76 74.94
N LEU T 274 92.34 5.54 74.67
CA LEU T 274 92.78 4.39 75.48
C LEU T 274 94.25 4.10 75.23
N ASP T 275 94.70 4.28 73.98
CA ASP T 275 96.12 4.09 73.67
C ASP T 275 96.96 5.10 74.43
N HIS T 276 96.46 6.33 74.54
CA HIS T 276 97.18 7.33 75.33
C HIS T 276 97.25 6.87 76.79
N ALA T 277 96.18 6.25 77.29
CA ALA T 277 96.21 5.70 78.64
C ALA T 277 97.25 4.60 78.78
N LEU T 278 97.38 3.74 77.75
CA LEU T 278 98.41 2.71 77.79
C LEU T 278 99.80 3.33 77.84
N ASN T 279 100.01 4.38 77.03
CA ASN T 279 101.32 5.02 77.01
C ASN T 279 101.65 5.59 78.39
N ASP T 280 100.64 6.20 79.04
CA ASP T 280 100.86 6.71 80.38
C ASP T 280 101.21 5.58 81.34
N MET T 281 100.54 4.43 81.21
CA MET T 281 100.88 3.31 82.09
C MET T 281 102.35 2.94 81.89
N THR T 282 102.79 2.84 80.63
CA THR T 282 104.18 2.49 80.36
C THR T 282 105.12 3.50 81.01
N SER T 283 104.76 4.79 80.96
CA SER T 283 105.63 5.81 81.54
C SER T 283 105.85 5.60 83.03
N ILE T 284 104.99 4.82 83.69
CA ILE T 284 105.10 4.57 85.12
C ILE T 284 106.20 3.55 85.40
N MET U 1 89.99 -0.76 81.40
CA MET U 1 90.30 -1.97 80.69
C MET U 1 90.67 -2.99 81.79
N ASP U 2 90.75 -4.29 81.48
CA ASP U 2 91.12 -5.26 82.51
C ASP U 2 92.53 -4.95 83.01
N ALA U 3 93.41 -4.54 82.10
CA ALA U 3 94.76 -4.16 82.46
C ALA U 3 94.74 -3.00 83.44
N ILE U 4 93.84 -2.04 83.21
CA ILE U 4 93.68 -0.91 84.13
C ILE U 4 93.22 -1.41 85.49
N LYS U 5 92.27 -2.35 85.52
CA LYS U 5 91.82 -2.91 86.79
C LYS U 5 93.01 -3.43 87.58
N LYS U 6 93.80 -4.31 86.94
CA LYS U 6 94.95 -4.91 87.62
C LYS U 6 95.95 -3.84 88.05
N LYS U 7 96.18 -2.83 87.20
CA LYS U 7 97.12 -1.77 87.55
C LYS U 7 96.69 -1.09 88.84
N MET U 8 95.45 -0.61 88.89
CA MET U 8 95.03 0.05 90.11
C MET U 8 95.13 -0.91 91.29
N GLN U 9 94.82 -2.19 91.06
CA GLN U 9 94.88 -3.15 92.15
C GLN U 9 96.28 -3.30 92.74
N MET U 10 97.28 -3.53 91.90
CA MET U 10 98.62 -3.75 92.44
C MET U 10 99.07 -2.46 93.13
N LEU U 11 98.84 -1.30 92.51
CA LEU U 11 99.30 -0.04 93.08
C LEU U 11 98.63 0.29 94.41
N LYS U 12 97.30 0.22 94.47
CA LYS U 12 96.57 0.47 95.71
C LYS U 12 96.90 -0.53 96.80
N LEU U 13 97.06 -1.81 96.43
CA LEU U 13 97.35 -2.82 97.43
C LEU U 13 98.76 -2.66 97.98
N ASP U 14 99.75 -2.41 97.12
CA ASP U 14 101.08 -2.07 97.59
C ASP U 14 101.07 -0.82 98.46
N LYS U 15 100.20 0.15 98.14
CA LYS U 15 100.07 1.33 98.98
C LYS U 15 99.59 0.95 100.39
N GLU U 16 98.53 0.15 100.46
CA GLU U 16 98.02 -0.30 101.75
C GLU U 16 99.06 -1.15 102.47
N ASN U 17 99.79 -1.99 101.73
CA ASN U 17 100.86 -2.80 102.31
C ASN U 17 101.94 -1.93 102.93
N ALA U 18 102.35 -0.87 102.24
CA ALA U 18 103.38 0.02 102.77
C ALA U 18 102.87 0.74 104.01
N LEU U 19 101.63 1.26 103.94
CA LEU U 19 101.05 1.90 105.12
C LEU U 19 100.99 0.92 106.30
N ASP U 20 100.65 -0.33 106.00
CA ASP U 20 100.48 -1.32 107.05
C ASP U 20 101.80 -1.73 107.67
N ARG U 21 102.86 -1.81 106.86
CA ARG U 21 104.19 -2.00 107.42
C ARG U 21 104.58 -0.80 108.27
N ALA U 22 104.17 0.41 107.84
CA ALA U 22 104.36 1.59 108.67
C ALA U 22 103.71 1.42 110.04
N GLU U 23 102.46 0.96 110.07
CA GLU U 23 101.80 0.86 111.38
C GLU U 23 102.29 -0.33 112.19
N GLN U 24 102.71 -1.44 111.57
CA GLN U 24 103.31 -2.51 112.37
C GLN U 24 104.63 -2.04 112.98
N ALA U 25 105.44 -1.31 112.21
CA ALA U 25 106.61 -0.65 112.78
C ALA U 25 106.20 0.25 113.94
N GLU U 26 105.11 1.02 113.76
CA GLU U 26 104.65 1.92 114.81
C GLU U 26 104.21 1.15 116.05
N ALA U 27 103.67 -0.06 115.87
CA ALA U 27 103.34 -0.91 117.00
C ALA U 27 104.60 -1.35 117.74
N ASP U 28 105.64 -1.72 116.98
CA ASP U 28 106.90 -2.07 117.62
C ASP U 28 107.46 -0.86 118.36
N LYS U 29 107.29 0.32 117.78
CA LYS U 29 107.73 1.57 118.40
C LYS U 29 106.98 1.80 119.71
N LYS U 30 105.67 1.52 119.72
CA LYS U 30 104.89 1.65 120.94
C LYS U 30 105.39 0.69 122.01
N ALA U 31 105.61 -0.57 121.64
CA ALA U 31 106.17 -1.52 122.60
C ALA U 31 107.56 -1.09 123.06
N ALA U 32 108.24 -0.27 122.25
CA ALA U 32 109.56 0.21 122.63
C ALA U 32 109.45 1.32 123.65
N GLU U 33 108.55 2.29 123.44
CA GLU U 33 108.29 3.26 124.50
C GLU U 33 107.79 2.58 125.76
N ASP U 34 107.06 1.46 125.61
CA ASP U 34 106.63 0.71 126.79
C ASP U 34 107.83 0.19 127.57
N ARG U 35 108.74 -0.51 126.86
CA ARG U 35 109.93 -1.04 127.51
C ARG U 35 110.73 0.08 128.16
N SER U 36 110.84 1.22 127.49
CA SER U 36 111.54 2.37 128.05
C SER U 36 110.86 2.84 129.33
N LYS U 37 109.52 2.84 129.33
CA LYS U 37 108.78 3.26 130.52
C LYS U 37 109.07 2.34 131.71
N GLN U 38 109.02 1.02 131.49
CA GLN U 38 109.34 0.12 132.61
C GLN U 38 110.78 0.29 133.05
N LEU U 39 111.71 0.49 132.12
CA LEU U 39 113.10 0.66 132.50
C LEU U 39 113.32 1.93 133.30
N GLU U 40 112.66 3.03 132.92
CA GLU U 40 112.77 4.27 133.68
C GLU U 40 112.11 4.14 135.05
N ASP U 41 110.98 3.42 135.12
CA ASP U 41 110.36 3.17 136.42
C ASP U 41 111.30 2.41 137.34
N GLU U 42 111.93 1.36 136.81
CA GLU U 42 112.88 0.59 137.62
C GLU U 42 114.08 1.45 138.03
N LEU U 43 114.55 2.31 137.13
CA LEU U 43 115.67 3.19 137.45
C LEU U 43 115.30 4.16 138.57
N VAL U 44 114.11 4.74 138.52
CA VAL U 44 113.69 5.68 139.56
C VAL U 44 113.51 4.97 140.88
N SER U 45 112.90 3.78 140.88
CA SER U 45 112.77 3.01 142.11
C SER U 45 114.13 2.64 142.67
N LEU U 46 115.09 2.32 141.80
CA LEU U 46 116.44 1.99 142.25
C LEU U 46 117.12 3.21 142.86
N GLN U 47 116.92 4.39 142.26
CA GLN U 47 117.46 5.63 142.83
C GLN U 47 116.88 5.88 144.22
N LYS U 48 115.57 5.67 144.38
CA LYS U 48 114.96 5.80 145.71
C LYS U 48 115.59 4.83 146.68
N LYS U 49 115.79 3.58 146.24
CA LYS U 49 116.42 2.58 147.10
C LYS U 49 117.82 3.01 147.51
N LEU U 50 118.59 3.57 146.57
CA LEU U 50 119.96 3.99 146.87
C LEU U 50 119.98 5.14 147.86
N LYS U 51 119.06 6.10 147.71
CA LYS U 51 119.03 7.23 148.63
C LYS U 51 118.63 6.77 150.02
N GLY U 52 117.62 5.89 150.10
CA GLY U 52 117.30 5.28 151.38
C GLY U 52 118.47 4.51 151.94
N THR U 53 119.23 3.83 151.08
CA THR U 53 120.46 3.14 151.48
C THR U 53 121.42 4.09 152.18
N GLU U 54 121.69 5.23 151.56
CA GLU U 54 122.67 6.16 152.14
C GLU U 54 122.15 6.71 153.46
N ASP U 55 120.85 7.01 153.53
CA ASP U 55 120.24 7.50 154.76
C ASP U 55 120.34 6.46 155.87
N GLU U 56 120.01 5.20 155.57
CA GLU U 56 120.17 4.13 156.56
C GLU U 56 121.62 4.01 157.01
N LEU U 57 122.54 4.12 156.06
CA LEU U 57 123.97 4.05 156.37
C LEU U 57 124.38 5.11 157.38
N ASP U 58 124.01 6.36 157.12
CA ASP U 58 124.33 7.44 158.06
C ASP U 58 123.72 7.20 159.43
N LYS U 59 122.44 6.84 159.47
CA LYS U 59 121.75 6.68 160.74
C LYS U 59 122.42 5.59 161.58
N TYR U 60 122.65 4.42 160.98
CA TYR U 60 123.34 3.37 161.70
C TYR U 60 124.78 3.76 162.02
N SER U 61 125.37 4.65 161.22
CA SER U 61 126.73 5.11 161.48
C SER U 61 126.81 5.79 162.84
N GLU U 62 126.06 6.87 163.04
CA GLU U 62 126.20 7.46 164.37
C GLU U 62 125.42 6.72 165.44
N ALA U 63 124.57 5.75 165.07
CA ALA U 63 124.12 4.78 166.06
C ALA U 63 125.29 3.97 166.61
N LEU U 64 126.18 3.51 165.72
CA LEU U 64 127.34 2.75 166.16
C LEU U 64 128.28 3.60 167.00
N LYS U 65 128.52 4.86 166.58
CA LYS U 65 129.36 5.73 167.39
C LYS U 65 128.78 5.96 168.78
N MET V 1 88.00 8.95 82.07
CA MET V 1 89.15 9.18 81.21
C MET V 1 90.21 10.00 81.94
N ASP V 2 90.04 11.32 81.95
CA ASP V 2 90.99 12.21 82.61
C ASP V 2 91.05 11.90 84.10
N ALA V 3 89.90 11.51 84.66
CA ALA V 3 89.84 11.18 86.08
C ALA V 3 90.79 10.02 86.38
N ILE V 4 90.87 9.04 85.46
CA ILE V 4 91.80 7.94 85.67
C ILE V 4 93.22 8.49 85.70
N LYS V 5 93.50 9.53 84.91
CA LYS V 5 94.82 10.16 84.92
C LYS V 5 95.13 10.76 86.30
N LYS V 6 94.15 11.47 86.85
CA LYS V 6 94.33 12.02 88.19
C LYS V 6 94.58 10.87 89.13
N LYS V 7 93.90 9.75 88.88
CA LYS V 7 94.05 8.54 89.68
C LYS V 7 95.51 8.09 89.65
N MET V 8 96.14 8.09 88.48
CA MET V 8 97.51 7.65 88.43
C MET V 8 98.25 8.51 89.44
N GLN V 9 98.11 9.83 89.34
CA GLN V 9 98.84 10.76 90.20
C GLN V 9 98.55 10.55 91.68
N MET V 10 97.27 10.54 92.07
CA MET V 10 96.95 10.44 93.49
C MET V 10 97.38 9.11 94.08
N LEU V 11 97.18 8.01 93.35
CA LEU V 11 97.60 6.71 93.84
C LEU V 11 99.11 6.64 94.03
N LYS V 12 99.88 7.15 93.05
CA LYS V 12 101.32 7.13 93.21
C LYS V 12 101.77 7.99 94.38
N LEU V 13 101.21 9.20 94.49
CA LEU V 13 101.57 10.09 95.59
C LEU V 13 101.26 9.47 96.94
N ASP V 14 100.08 8.88 97.08
CA ASP V 14 99.72 8.22 98.33
C ASP V 14 100.67 7.06 98.62
N LYS V 15 101.06 6.31 97.59
CA LYS V 15 102.01 5.22 97.78
C LYS V 15 103.35 5.73 98.29
N GLU V 16 103.85 6.82 97.68
CA GLU V 16 105.14 7.38 98.13
C GLU V 16 105.03 7.93 99.55
N ASN V 17 103.90 8.56 99.88
CA ASN V 17 103.69 9.04 101.24
C ASN V 17 103.70 7.88 102.23
N ALA V 18 103.05 6.77 101.86
CA ALA V 18 103.07 5.58 102.71
C ALA V 18 104.49 5.05 102.88
N LEU V 19 105.25 5.02 101.78
CA LEU V 19 106.64 4.58 101.86
C LEU V 19 107.44 5.44 102.83
N ASP V 20 107.32 6.76 102.70
CA ASP V 20 108.05 7.67 103.58
C ASP V 20 107.62 7.48 105.03
N ARG V 21 106.32 7.30 105.25
CA ARG V 21 105.81 7.08 106.60
C ARG V 21 106.38 5.80 107.19
N ALA V 22 106.46 4.74 106.39
CA ALA V 22 107.03 3.48 106.86
C ALA V 22 108.49 3.65 107.21
N GLU V 23 109.23 4.39 106.39
CA GLU V 23 110.66 4.56 106.65
C GLU V 23 110.88 5.36 107.92
N GLN V 24 110.10 6.43 108.09
CA GLN V 24 110.23 7.26 109.28
C GLN V 24 109.84 6.48 110.53
N ALA V 25 108.78 5.67 110.44
CA ALA V 25 108.35 4.86 111.58
C ALA V 25 109.42 3.84 111.96
N GLU V 26 110.08 3.23 110.97
CA GLU V 26 111.16 2.30 111.26
C GLU V 26 112.35 3.00 111.89
N ALA V 27 112.68 4.20 111.41
CA ALA V 27 113.77 4.95 112.00
C ALA V 27 113.48 5.27 113.47
N ASP V 28 112.26 5.72 113.76
CA ASP V 28 111.89 6.00 115.14
C ASP V 28 111.90 4.74 115.98
N LYS V 29 111.47 3.62 115.42
CA LYS V 29 111.60 2.32 116.07
C LYS V 29 113.03 2.09 116.53
N LYS V 30 113.97 2.11 115.58
CA LYS V 30 115.37 1.86 115.90
C LYS V 30 115.87 2.82 116.97
N ALA V 31 115.52 4.11 116.86
CA ALA V 31 115.91 5.08 117.87
C ALA V 31 115.36 4.68 119.24
N ALA V 32 114.15 4.12 119.27
CA ALA V 32 113.55 3.75 120.54
C ALA V 32 114.25 2.56 121.17
N GLU V 33 114.70 1.59 120.37
CA GLU V 33 115.52 0.55 120.99
C GLU V 33 116.88 1.08 121.41
N ASP V 34 117.40 2.10 120.73
CA ASP V 34 118.63 2.73 121.18
C ASP V 34 118.45 3.35 122.57
N ARG V 35 117.37 4.11 122.76
CA ARG V 35 117.13 4.73 124.06
C ARG V 35 116.84 3.67 125.12
N SER V 36 116.13 2.59 124.76
CA SER V 36 115.91 1.51 125.70
C SER V 36 117.22 0.89 126.15
N LYS V 37 118.14 0.70 125.21
CA LYS V 37 119.43 0.09 125.56
C LYS V 37 120.24 0.99 126.48
N GLN V 38 120.28 2.30 126.20
CA GLN V 38 121.02 3.19 127.11
C GLN V 38 120.39 3.20 128.50
N LEU V 39 119.06 3.27 128.57
CA LEU V 39 118.38 3.21 129.88
C LEU V 39 118.75 1.94 130.62
N GLU V 40 118.73 0.80 129.91
CA GLU V 40 119.19 -0.45 130.50
C GLU V 40 120.60 -0.32 131.04
N ASP V 41 121.47 0.37 130.30
CA ASP V 41 122.86 0.53 130.74
C ASP V 41 122.93 1.20 132.11
N GLU V 42 122.29 2.37 132.26
CA GLU V 42 122.45 3.03 133.56
C GLU V 42 121.71 2.25 134.64
N LEU V 43 120.61 1.59 134.31
CA LEU V 43 119.90 0.79 135.30
C LEU V 43 120.78 -0.32 135.82
N VAL V 44 121.50 -1.02 134.93
CA VAL V 44 122.38 -2.09 135.34
C VAL V 44 123.51 -1.57 136.21
N SER V 45 124.11 -0.43 135.81
CA SER V 45 125.18 0.13 136.62
C SER V 45 124.70 0.46 138.03
N LEU V 46 123.55 1.12 138.13
CA LEU V 46 123.04 1.53 139.44
C LEU V 46 122.66 0.31 140.28
N GLN V 47 122.15 -0.75 139.65
CA GLN V 47 121.86 -1.99 140.37
C GLN V 47 123.14 -2.62 140.91
N LYS V 48 124.21 -2.60 140.11
CA LYS V 48 125.47 -3.16 140.56
C LYS V 48 126.01 -2.40 141.77
N LYS V 49 125.79 -1.08 141.80
CA LYS V 49 126.09 -0.34 143.03
C LYS V 49 125.17 -0.76 144.18
N LEU V 50 123.88 -0.91 143.89
CA LEU V 50 122.90 -1.18 144.93
C LEU V 50 123.20 -2.48 145.66
N LYS V 51 123.70 -3.48 144.93
CA LYS V 51 123.97 -4.78 145.55
C LYS V 51 125.02 -4.65 146.67
N GLY V 52 126.14 -4.00 146.36
CA GLY V 52 127.15 -3.78 147.38
C GLY V 52 126.65 -2.92 148.53
N THR V 53 125.79 -1.93 148.22
CA THR V 53 125.22 -1.13 149.30
C THR V 53 124.38 -2.00 150.22
N GLU V 54 123.60 -2.93 149.66
CA GLU V 54 122.80 -3.84 150.45
C GLU V 54 123.66 -4.71 151.35
N ASP V 55 124.77 -5.23 150.81
CA ASP V 55 125.67 -6.07 151.59
C ASP V 55 126.28 -5.29 152.76
N GLU V 56 126.80 -4.09 152.48
CA GLU V 56 127.41 -3.31 153.54
C GLU V 56 126.37 -2.94 154.60
N LEU V 57 125.13 -2.62 154.18
CA LEU V 57 124.10 -2.30 155.16
C LEU V 57 123.81 -3.48 156.07
N ASP V 58 123.70 -4.68 155.51
CA ASP V 58 123.40 -5.84 156.34
C ASP V 58 124.52 -6.11 157.34
N LYS V 59 125.78 -6.06 156.90
CA LYS V 59 126.88 -6.29 157.83
C LYS V 59 126.96 -5.21 158.90
N TYR V 60 126.76 -3.95 158.51
CA TYR V 60 126.81 -2.87 159.48
C TYR V 60 125.71 -3.00 160.53
N SER V 61 124.49 -3.37 160.09
CA SER V 61 123.40 -3.56 161.04
C SER V 61 123.70 -4.70 162.00
N GLU V 62 124.28 -5.79 161.49
CA GLU V 62 124.60 -6.90 162.38
C GLU V 62 125.64 -6.47 163.42
N ALA V 63 126.64 -5.68 162.99
CA ALA V 63 127.63 -5.18 163.94
C ALA V 63 126.98 -4.29 164.99
N LEU V 64 126.01 -3.47 164.59
CA LEU V 64 125.31 -2.61 165.54
C LEU V 64 124.58 -3.46 166.59
N LYS V 65 123.91 -4.52 166.15
CA LYS V 65 123.17 -5.36 167.10
C LYS V 65 124.12 -6.01 168.10
N ASP W 89 107.74 -19.62 102.41
CA ASP W 89 108.46 -19.93 101.19
C ASP W 89 107.52 -19.95 100.00
N ILE W 90 106.39 -20.62 100.16
CA ILE W 90 105.40 -20.64 99.09
C ILE W 90 104.90 -19.21 98.85
N HIS W 91 104.73 -18.45 99.92
CA HIS W 91 104.29 -17.06 99.79
C HIS W 91 105.31 -16.16 99.08
N ARG W 92 106.60 -16.31 99.38
CA ARG W 92 107.62 -15.53 98.69
C ARG W 92 107.67 -15.93 97.23
N LYS W 93 107.51 -17.22 96.96
CA LYS W 93 107.48 -17.70 95.58
C LYS W 93 106.27 -17.05 94.91
N ARG W 94 105.17 -16.95 95.64
CA ARG W 94 103.97 -16.33 95.10
C ARG W 94 104.24 -14.87 94.78
N MET W 95 104.97 -14.20 95.65
CA MET W 95 105.28 -12.78 95.45
C MET W 95 106.07 -12.57 94.16
N GLU W 96 107.03 -13.45 93.89
CA GLU W 96 107.88 -13.30 92.69
C GLU W 96 107.10 -13.53 91.41
N LYS W 97 106.19 -14.49 91.38
CA LYS W 97 105.39 -14.80 90.21
C LYS W 97 104.49 -13.62 89.89
N ASP W 98 103.92 -12.99 90.93
CA ASP W 98 103.09 -11.82 90.70
C ASP W 98 103.96 -10.79 89.98
N LEU W 99 105.19 -10.61 90.46
CA LEU W 99 106.09 -9.68 89.80
C LEU W 99 106.21 -10.10 88.34
N ASN W 100 106.39 -11.38 88.06
CA ASN W 100 106.46 -11.83 86.67
C ASN W 100 105.22 -11.36 85.93
N GLU W 101 104.03 -11.60 86.50
CA GLU W 101 102.81 -11.17 85.82
C GLU W 101 102.80 -9.66 85.65
N LEU W 102 103.30 -8.96 86.66
CA LEU W 102 103.31 -7.50 86.62
C LEU W 102 104.06 -7.02 85.39
N GLN W 103 105.29 -7.49 85.22
CA GLN W 103 105.95 -6.98 84.04
C GLN W 103 105.24 -7.48 82.80
N ALA W 104 104.60 -8.67 82.89
CA ALA W 104 103.91 -9.26 81.74
C ALA W 104 102.80 -8.36 81.28
N LEU W 105 102.38 -7.49 82.18
CA LEU W 105 101.31 -6.55 81.89
C LEU W 105 101.59 -5.85 80.56
N ILE W 106 102.81 -5.32 80.40
CA ILE W 106 103.17 -4.61 79.18
C ILE W 106 103.11 -5.56 77.98
N GLU W 107 103.49 -6.82 78.19
CA GLU W 107 103.40 -7.83 77.13
C GLU W 107 101.95 -8.07 76.70
N ALA W 108 101.02 -8.00 77.65
CA ALA W 108 99.60 -8.04 77.28
C ALA W 108 99.22 -6.81 76.47
N HIS W 109 99.86 -5.67 76.74
CA HIS W 109 99.59 -4.46 75.99
C HIS W 109 99.98 -4.60 74.52
N PHE W 110 101.09 -5.30 74.24
CA PHE W 110 101.63 -5.34 72.89
C PHE W 110 100.63 -5.92 71.88
N GLU W 111 100.02 -7.06 72.18
CA GLU W 111 99.11 -7.64 71.19
C GLU W 111 97.93 -6.70 70.94
N ASN W 112 97.40 -6.08 72.01
CA ASN W 112 96.32 -5.13 71.85
C ASN W 112 96.75 -3.94 71.00
N ARG W 113 98.00 -3.49 71.15
CA ARG W 113 98.48 -2.35 70.38
C ARG W 113 98.66 -2.70 68.90
N LYS W 114 99.20 -3.89 68.61
CA LYS W 114 99.25 -4.33 67.22
C LYS W 114 97.87 -4.49 66.61
N LYS W 115 96.91 -5.02 67.37
CA LYS W 115 95.55 -5.13 66.85
C LYS W 115 94.95 -3.74 66.59
N GLU W 116 95.24 -2.78 67.48
CA GLU W 116 94.80 -1.41 67.28
C GLU W 116 95.40 -0.82 66.02
N GLU W 117 96.70 -1.04 65.79
CA GLU W 117 97.36 -0.51 64.60
C GLU W 117 96.83 -1.18 63.33
N GLU W 118 96.47 -2.47 63.42
CA GLU W 118 95.87 -3.15 62.27
C GLU W 118 94.51 -2.55 61.95
N GLU W 119 93.70 -2.30 62.97
CA GLU W 119 92.44 -1.60 62.76
C GLU W 119 92.66 -0.21 62.17
N LEU W 120 93.66 0.51 62.70
CA LEU W 120 94.10 1.78 62.13
C LEU W 120 94.28 1.69 60.62
N VAL W 121 95.20 0.82 60.19
CA VAL W 121 95.57 0.78 58.78
C VAL W 121 94.40 0.30 57.93
N SER W 122 93.60 -0.64 58.45
CA SER W 122 92.44 -1.11 57.70
C SER W 122 91.43 0.01 57.48
N LEU W 123 91.14 0.79 58.52
CA LEU W 123 90.23 1.92 58.37
C LEU W 123 90.79 2.96 57.41
N LYS W 124 92.09 3.24 57.50
CA LYS W 124 92.71 4.23 56.62
C LYS W 124 92.64 3.81 55.16
N ASP W 125 92.86 2.53 54.86
CA ASP W 125 92.71 2.11 53.47
C ASP W 125 91.24 2.03 53.07
N ARG W 126 90.37 1.69 54.02
CA ARG W 126 88.94 1.72 53.77
C ARG W 126 88.47 3.11 53.38
N ILE W 127 89.16 4.16 53.83
CA ILE W 127 88.83 5.51 53.42
C ILE W 127 88.81 5.61 51.89
N GLU W 128 89.98 5.40 51.29
CA GLU W 128 90.10 5.53 49.84
C GLU W 128 89.31 4.45 49.13
N ARG W 129 89.16 3.26 49.74
CA ARG W 129 88.31 2.23 49.13
C ARG W 129 86.87 2.72 49.02
N ARG W 130 86.35 3.35 50.09
CA ARG W 130 85.00 3.89 50.05
C ARG W 130 84.87 5.00 49.01
N ARG W 131 85.86 5.89 48.94
CA ARG W 131 85.78 6.98 47.98
C ARG W 131 85.77 6.45 46.54
N ALA W 132 86.69 5.53 46.23
CA ALA W 132 86.75 4.95 44.90
C ALA W 132 85.48 4.17 44.59
N GLU W 133 84.92 3.47 45.58
CA GLU W 133 83.68 2.75 45.39
C GLU W 133 82.53 3.70 45.08
N ARG W 134 82.49 4.85 45.78
CA ARG W 134 81.46 5.84 45.49
C ARG W 134 81.57 6.35 44.06
N ALA W 135 82.80 6.65 43.62
CA ALA W 135 82.99 7.09 42.24
C ALA W 135 82.55 6.01 41.26
N GLU W 136 82.94 4.76 41.52
CA GLU W 136 82.58 3.65 40.65
C GLU W 136 81.07 3.48 40.56
N GLN W 137 80.38 3.54 41.70
CA GLN W 137 78.93 3.37 41.70
C GLN W 137 78.24 4.56 41.04
N GLN W 138 78.79 5.76 41.15
CA GLN W 138 78.25 6.89 40.40
C GLN W 138 78.35 6.64 38.90
N ARG W 139 79.50 6.13 38.44
CA ARG W 139 79.64 5.79 37.03
C ARG W 139 78.65 4.70 36.63
N ILE W 140 78.49 3.69 37.48
CA ILE W 140 77.56 2.60 37.18
C ILE W 140 76.14 3.13 37.08
N ARG W 141 75.74 4.01 37.99
CA ARG W 141 74.39 4.58 37.93
C ARG W 141 74.23 5.48 36.71
N ASN W 142 75.31 6.13 36.27
CA ASN W 142 75.24 6.87 35.02
C ASN W 142 74.94 5.93 33.86
N GLU W 143 75.62 4.77 33.82
CA GLU W 143 75.33 3.81 32.76
C GLU W 143 73.90 3.30 32.87
N ARG W 144 73.43 3.10 34.10
CA ARG W 144 72.03 2.73 34.32
C ARG W 144 71.09 3.77 33.71
N GLU W 145 71.34 5.05 33.98
CA GLU W 145 70.45 6.08 33.43
C GLU W 145 70.48 6.07 31.90
N LYS W 146 71.67 5.98 31.29
CA LYS W 146 71.71 6.03 29.82
C LYS W 146 70.99 4.83 29.24
N GLU W 147 71.15 3.65 29.84
CA GLU W 147 70.41 2.50 29.36
C GLU W 147 68.92 2.67 29.61
N ARG W 148 68.56 3.45 30.63
CA ARG W 148 67.14 3.67 30.93
C ARG W 148 66.49 4.48 29.81
N GLN W 149 67.12 5.61 29.42
CA GLN W 149 66.47 6.37 28.34
C GLN W 149 66.62 5.66 27.01
N ASN W 150 67.68 4.85 26.85
CA ASN W 150 67.87 4.13 25.60
C ASN W 150 66.76 3.13 25.34
N ARG W 151 66.05 2.69 26.37
CA ARG W 151 64.91 1.79 26.21
C ARG W 151 63.60 2.55 26.32
N GLY X 199 17.21 30.20 -16.73
CA GLY X 199 16.48 30.79 -17.84
C GLY X 199 15.80 32.09 -17.46
N LYS X 200 16.12 33.15 -18.19
CA LYS X 200 15.62 34.51 -17.97
C LYS X 200 16.02 35.10 -16.62
N ARG X 201 16.85 34.36 -15.86
CA ARG X 201 17.30 34.79 -14.54
C ARG X 201 18.13 36.06 -14.64
N GLN X 202 19.01 36.12 -15.64
CA GLN X 202 19.88 37.28 -15.81
C GLN X 202 19.23 38.31 -16.70
N THR X 203 18.47 37.87 -17.70
CA THR X 203 17.77 38.80 -18.59
C THR X 203 16.97 39.83 -17.80
N GLU X 204 16.06 39.37 -16.92
CA GLU X 204 15.22 40.34 -16.20
C GLU X 204 16.06 41.30 -15.35
N ARG X 205 17.00 40.75 -14.57
CA ARG X 205 17.78 41.57 -13.64
C ARG X 205 18.64 42.60 -14.37
N GLU X 206 19.27 42.19 -15.47
CA GLU X 206 20.20 43.10 -16.12
C GLU X 206 19.53 43.96 -17.16
N LYS X 207 18.32 43.58 -17.61
CA LYS X 207 17.47 44.53 -18.33
C LYS X 207 17.05 45.65 -17.41
N LYS X 208 16.62 45.31 -16.19
CA LYS X 208 16.21 46.35 -15.24
C LYS X 208 17.38 47.25 -14.88
N LYS X 209 18.55 46.66 -14.61
CA LYS X 209 19.72 47.47 -14.28
C LYS X 209 20.18 48.33 -15.47
N LYS X 210 20.10 47.78 -16.69
CA LYS X 210 20.42 48.56 -17.88
C LYS X 210 19.47 49.75 -18.05
N ILE X 211 18.17 49.52 -17.83
CA ILE X 211 17.19 50.60 -17.97
C ILE X 211 17.46 51.68 -16.94
N LEU X 212 17.73 51.28 -15.70
CA LEU X 212 18.02 52.28 -14.67
C LEU X 212 19.36 52.96 -14.92
N ALA X 213 20.26 52.31 -15.67
CA ALA X 213 21.52 52.96 -16.03
C ALA X 213 21.33 54.01 -17.13
N GLU X 214 20.55 53.71 -18.17
CA GLU X 214 20.34 54.75 -19.19
C GLU X 214 19.49 55.88 -18.66
N ARG X 215 18.53 55.57 -17.78
CA ARG X 215 17.67 56.63 -17.25
C ARG X 215 18.44 57.55 -16.31
N ARG X 216 19.22 56.98 -15.39
CA ARG X 216 19.92 57.81 -14.42
C ARG X 216 21.24 58.28 -15.01
N LYS X 217 21.77 59.36 -14.44
CA LYS X 217 23.01 59.96 -14.89
C LYS X 217 24.07 59.84 -13.80
N VAL X 218 25.28 59.47 -14.19
CA VAL X 218 26.36 59.22 -13.25
C VAL X 218 27.26 60.45 -13.18
N LEU X 219 27.59 60.87 -11.97
CA LEU X 219 28.36 62.08 -11.73
C LEU X 219 29.75 61.69 -11.24
N ALA X 220 30.78 62.30 -11.83
CA ALA X 220 32.16 62.14 -11.35
C ALA X 220 32.34 63.08 -10.15
N ILE X 221 31.71 62.68 -9.04
CA ILE X 221 31.57 63.57 -7.89
C ILE X 221 32.93 63.97 -7.31
N ASP X 222 33.92 63.09 -7.36
CA ASP X 222 35.17 63.36 -6.65
C ASP X 222 35.83 64.67 -7.09
N HIS X 223 35.82 64.94 -8.40
CA HIS X 223 36.43 66.15 -8.95
C HIS X 223 35.52 67.38 -8.88
N LEU X 224 34.24 67.19 -8.61
CA LEU X 224 33.28 68.28 -8.62
C LEU X 224 33.74 69.40 -7.71
N ASN X 225 33.65 70.63 -8.21
CA ASN X 225 34.12 71.81 -7.49
C ASN X 225 33.03 72.27 -6.51
N GLU X 226 33.42 73.23 -5.66
CA GLU X 226 32.55 73.81 -4.63
C GLU X 226 31.20 74.23 -5.23
N ASP X 227 31.27 75.13 -6.22
CA ASP X 227 30.09 75.65 -6.90
C ASP X 227 29.35 74.50 -7.55
N GLN X 228 30.12 73.54 -8.07
CA GLN X 228 29.50 72.41 -8.77
C GLN X 228 28.66 71.61 -7.81
N LEU X 229 29.15 71.35 -6.60
CA LEU X 229 28.27 70.68 -5.62
C LEU X 229 27.02 71.50 -5.38
N ARG X 230 27.15 72.81 -5.34
CA ARG X 230 25.97 73.65 -5.18
C ARG X 230 24.95 73.37 -6.29
N GLU X 231 25.24 73.80 -7.52
CA GLU X 231 24.34 73.65 -8.66
C GLU X 231 23.80 72.24 -8.80
N LYS X 232 24.66 71.21 -8.67
CA LYS X 232 24.21 69.83 -8.84
C LYS X 232 23.33 69.32 -7.71
N ALA X 233 23.63 69.59 -6.44
CA ALA X 233 22.71 69.09 -5.43
C ALA X 233 21.37 69.80 -5.53
N LYS X 234 21.35 71.08 -5.93
CA LYS X 234 20.08 71.70 -6.30
C LYS X 234 19.37 70.94 -7.43
N GLU X 235 20.10 70.65 -8.51
CA GLU X 235 19.49 69.96 -9.66
C GLU X 235 18.99 68.56 -9.29
N LEU X 236 19.78 67.83 -8.50
CA LEU X 236 19.39 66.49 -8.09
C LEU X 236 18.16 66.53 -7.19
N TRP X 237 18.11 67.48 -6.26
CA TRP X 237 16.93 67.61 -5.42
C TRP X 237 15.70 67.96 -6.25
N GLN X 238 15.85 68.84 -7.24
CA GLN X 238 14.73 69.17 -8.11
C GLN X 238 14.30 67.95 -8.94
N SER X 239 15.26 67.16 -9.41
CA SER X 239 14.94 65.94 -10.14
C SER X 239 14.15 64.97 -9.27
N ILE X 240 14.60 64.79 -8.03
CA ILE X 240 13.87 63.93 -7.09
C ILE X 240 12.47 64.48 -6.84
N TYR X 241 12.36 65.81 -6.76
CA TYR X 241 11.06 66.45 -6.59
C TYR X 241 10.11 66.08 -7.73
N ASN X 242 10.58 66.24 -8.96
CA ASN X 242 9.74 65.91 -10.12
C ASN X 242 9.43 64.42 -10.18
N LEU X 243 10.43 63.59 -9.84
CA LEU X 243 10.21 62.15 -9.82
C LEU X 243 9.14 61.77 -8.82
N GLU X 244 9.14 62.38 -7.64
CA GLU X 244 8.08 62.11 -6.67
C GLU X 244 6.75 62.67 -7.14
N ALA X 245 6.76 63.81 -7.84
CA ALA X 245 5.54 64.37 -8.39
C ALA X 245 4.83 63.39 -9.29
N GLU X 246 5.52 62.95 -10.34
CA GLU X 246 4.85 62.04 -11.25
C GLU X 246 4.96 60.58 -10.82
N LYS X 247 5.65 60.27 -9.73
CA LYS X 247 5.39 59.04 -8.99
C LYS X 247 4.00 59.07 -8.35
N PHE X 248 3.67 60.16 -7.67
CA PHE X 248 2.32 60.31 -7.12
C PHE X 248 1.29 60.24 -8.24
N ASP X 249 1.59 60.88 -9.37
CA ASP X 249 0.71 60.75 -10.54
C ASP X 249 0.59 59.29 -10.98
N LEU X 250 1.70 58.57 -11.04
CA LEU X 250 1.65 57.15 -11.38
C LEU X 250 0.83 56.36 -10.39
N GLN X 251 0.96 56.66 -9.09
CA GLN X 251 0.19 55.96 -8.07
C GLN X 251 -1.30 56.18 -8.25
N GLU X 252 -1.70 57.45 -8.38
CA GLU X 252 -3.11 57.77 -8.64
C GLU X 252 -3.60 57.01 -9.87
N LYS X 253 -2.89 57.15 -10.98
CA LYS X 253 -3.37 56.57 -12.23
C LYS X 253 -3.31 55.04 -12.19
N PHE X 254 -2.42 54.49 -11.37
CA PHE X 254 -2.46 53.08 -11.04
C PHE X 254 -3.79 52.72 -10.39
N LYS X 255 -4.22 53.54 -9.42
CA LYS X 255 -5.52 53.29 -8.79
C LYS X 255 -6.66 53.34 -9.80
N GLN X 256 -6.64 54.32 -10.71
CA GLN X 256 -7.73 54.36 -11.70
C GLN X 256 -7.66 53.20 -12.67
N GLN X 257 -6.46 52.79 -13.11
CA GLN X 257 -6.39 51.63 -13.98
C GLN X 257 -6.87 50.37 -13.26
N LYS X 258 -6.64 50.28 -11.95
CA LYS X 258 -7.33 49.27 -11.15
C LYS X 258 -8.83 49.41 -11.27
N TYR X 259 -9.34 50.64 -11.19
CA TYR X 259 -10.78 50.85 -11.31
C TYR X 259 -11.32 50.34 -12.64
N GLU X 260 -10.60 50.60 -13.73
CA GLU X 260 -11.10 50.12 -15.02
C GLU X 260 -10.93 48.61 -15.15
N ILE X 261 -9.94 48.03 -14.49
CA ILE X 261 -9.92 46.58 -14.33
C ILE X 261 -11.20 46.11 -13.64
N ASN X 262 -11.61 46.81 -12.59
CA ASN X 262 -12.85 46.49 -11.90
C ASN X 262 -14.02 46.51 -12.87
N VAL X 263 -14.08 47.58 -13.67
CA VAL X 263 -15.09 47.73 -14.72
C VAL X 263 -15.14 46.50 -15.60
N LEU X 264 -13.99 46.12 -16.17
CA LEU X 264 -13.98 45.12 -17.22
C LEU X 264 -14.22 43.73 -16.64
N ARG X 265 -13.68 43.45 -15.46
CA ARG X 265 -13.91 42.17 -14.83
C ARG X 265 -15.38 41.99 -14.47
N ASN X 266 -16.05 43.08 -14.05
CA ASN X 266 -17.49 42.96 -13.78
C ASN X 266 -18.28 42.77 -15.07
N ARG X 267 -17.91 43.50 -16.12
CA ARG X 267 -18.47 43.22 -17.45
C ARG X 267 -18.33 41.74 -17.80
N ILE X 268 -17.19 41.13 -17.45
CA ILE X 268 -16.99 39.71 -17.73
C ILE X 268 -17.92 38.84 -16.88
N ASN X 269 -17.99 39.10 -15.58
CA ASN X 269 -18.72 38.17 -14.72
C ASN X 269 -20.21 38.20 -15.06
N ASP X 270 -20.73 39.39 -15.42
CA ASP X 270 -22.12 39.47 -15.86
C ASP X 270 -22.38 38.69 -17.15
N ASN X 271 -21.33 38.29 -17.88
CA ASN X 271 -21.49 37.81 -19.25
C ASN X 271 -22.08 36.40 -19.35
N GLN X 272 -21.99 35.60 -18.29
CA GLN X 272 -22.31 34.17 -18.35
C GLN X 272 -23.58 33.82 -19.13
N ILE Y 41 -45.13 64.61 -20.67
CA ILE Y 41 -44.10 63.85 -21.37
C ILE Y 41 -42.89 63.63 -20.47
N SER Y 42 -42.68 62.38 -20.05
CA SER Y 42 -41.64 62.08 -19.08
C SER Y 42 -40.24 62.16 -19.68
N ALA Y 43 -40.11 62.02 -21.00
CA ALA Y 43 -38.80 62.04 -21.63
C ALA Y 43 -38.10 63.38 -21.40
N SER Y 44 -38.85 64.48 -21.49
CA SER Y 44 -38.31 65.79 -21.14
C SER Y 44 -37.68 65.77 -19.75
N ARG Y 45 -38.45 65.32 -18.76
CA ARG Y 45 -37.95 65.28 -17.38
C ARG Y 45 -36.69 64.44 -17.28
N LYS Y 46 -36.71 63.23 -17.84
CA LYS Y 46 -35.56 62.33 -17.74
C LYS Y 46 -34.33 62.97 -18.38
N LEU Y 47 -34.50 63.56 -19.56
CA LEU Y 47 -33.37 64.16 -20.27
C LEU Y 47 -32.79 65.32 -19.49
N GLN Y 48 -33.64 66.17 -18.90
CA GLN Y 48 -33.08 67.29 -18.15
C GLN Y 48 -32.48 66.82 -16.82
N LEU Y 49 -33.01 65.73 -16.25
CA LEU Y 49 -32.37 65.13 -15.08
C LEU Y 49 -30.95 64.71 -15.41
N LYS Y 50 -30.78 63.96 -16.50
CA LYS Y 50 -29.44 63.48 -16.84
C LYS Y 50 -28.53 64.62 -17.30
N THR Y 51 -29.09 65.67 -17.91
CA THR Y 51 -28.28 66.84 -18.27
C THR Y 51 -27.72 67.53 -17.03
N LEU Y 52 -28.59 67.85 -16.07
CA LEU Y 52 -28.11 68.45 -14.82
C LEU Y 52 -27.15 67.50 -14.11
N LEU Y 53 -27.44 66.21 -14.17
CA LEU Y 53 -26.57 65.19 -13.59
C LEU Y 53 -25.15 65.30 -14.15
N LEU Y 54 -25.02 65.33 -15.47
CA LEU Y 54 -23.70 65.39 -16.09
C LEU Y 54 -23.02 66.73 -15.85
N GLN Y 55 -23.80 67.81 -15.74
CA GLN Y 55 -23.17 69.10 -15.44
C GLN Y 55 -22.57 69.11 -14.03
N ILE Y 56 -23.32 68.60 -13.05
CA ILE Y 56 -22.78 68.45 -11.70
C ILE Y 56 -21.62 67.48 -11.70
N ALA Y 57 -21.65 66.49 -12.61
CA ALA Y 57 -20.51 65.59 -12.78
C ALA Y 57 -19.27 66.36 -13.22
N LYS Y 58 -19.42 67.28 -14.17
CA LYS Y 58 -18.27 68.07 -14.57
C LYS Y 58 -17.74 68.90 -13.39
N GLN Y 59 -18.65 69.48 -12.59
CA GLN Y 59 -18.22 70.21 -11.39
C GLN Y 59 -17.41 69.33 -10.44
N GLU Y 60 -17.94 68.13 -10.14
CA GLU Y 60 -17.22 67.19 -9.29
C GLU Y 60 -15.88 66.78 -9.89
N LEU Y 61 -15.79 66.69 -11.23
CA LEU Y 61 -14.52 66.42 -11.88
C LEU Y 61 -13.51 67.50 -11.56
N GLU Y 62 -13.92 68.77 -11.72
CA GLU Y 62 -13.03 69.88 -11.42
C GLU Y 62 -12.59 69.83 -9.96
N ARG Y 63 -13.54 69.61 -9.04
CA ARG Y 63 -13.22 69.59 -7.62
C ARG Y 63 -12.28 68.45 -7.26
N GLU Y 64 -12.55 67.24 -7.75
CA GLU Y 64 -11.66 66.12 -7.47
C GLU Y 64 -10.26 66.37 -8.05
N ALA Y 65 -10.19 66.98 -9.23
CA ALA Y 65 -8.87 67.32 -9.79
C ALA Y 65 -8.13 68.28 -8.87
N GLU Y 66 -8.84 69.27 -8.31
CA GLU Y 66 -8.21 70.19 -7.38
C GLU Y 66 -7.74 69.48 -6.12
N GLU Y 67 -8.55 68.53 -5.62
CA GLU Y 67 -8.14 67.76 -4.45
C GLU Y 67 -6.91 66.92 -4.74
N ARG Y 68 -6.84 66.33 -5.94
CA ARG Y 68 -5.66 65.58 -6.34
C ARG Y 68 -4.42 66.48 -6.34
N ARG Y 69 -4.56 67.69 -6.90
CA ARG Y 69 -3.43 68.62 -6.93
C ARG Y 69 -3.00 68.99 -5.52
N GLY Y 70 -3.96 69.24 -4.62
CA GLY Y 70 -3.62 69.59 -3.25
C GLY Y 70 -2.92 68.46 -2.53
N GLU Y 71 -3.41 67.23 -2.70
CA GLU Y 71 -2.77 66.08 -2.08
C GLU Y 71 -1.36 65.88 -2.63
N LYS Y 72 -1.17 66.12 -3.93
CA LYS Y 72 0.17 66.05 -4.50
C LYS Y 72 1.08 67.09 -3.87
N GLY Y 73 0.58 68.30 -3.67
CA GLY Y 73 1.40 69.35 -3.07
C GLY Y 73 1.79 69.04 -1.64
N ARG Y 74 0.84 68.56 -0.83
CA ARG Y 74 1.17 68.23 0.55
C ARG Y 74 2.12 67.04 0.63
N ALA Y 75 1.93 66.05 -0.24
CA ALA Y 75 2.86 64.92 -0.26
C ALA Y 75 4.25 65.36 -0.72
N LEU Y 76 4.31 66.37 -1.59
CA LEU Y 76 5.60 66.97 -1.95
C LEU Y 76 6.24 67.63 -0.73
N SER Y 77 5.46 68.38 0.04
CA SER Y 77 5.99 69.02 1.23
C SER Y 77 6.49 68.01 2.24
N THR Y 78 5.82 66.86 2.34
CA THR Y 78 6.17 65.88 3.38
C THR Y 78 7.25 64.89 2.94
N ARG Y 79 7.38 64.63 1.64
CA ARG Y 79 8.38 63.68 1.14
C ARG Y 79 9.74 64.32 0.88
N CYS Y 80 9.79 65.60 0.53
CA CYS Y 80 11.04 66.30 0.21
C CYS Y 80 11.03 67.63 0.96
N GLN Y 81 11.53 67.60 2.19
CA GLN Y 81 11.53 68.76 3.06
C GLN Y 81 12.57 69.79 2.59
N PRO Y 82 12.41 71.07 3.01
CA PRO Y 82 13.32 72.13 2.58
C PRO Y 82 14.80 71.84 2.79
N LEU Y 83 15.63 72.65 2.14
CA LEU Y 83 17.07 72.40 2.02
C LEU Y 83 17.76 72.51 3.37
N GLU Y 84 18.91 71.84 3.47
CA GLU Y 84 19.66 71.72 4.72
C GLU Y 84 21.10 72.20 4.62
N LEU Y 85 21.49 72.88 3.53
CA LEU Y 85 22.89 73.14 3.25
C LEU Y 85 23.45 74.36 3.97
N ALA Y 86 22.59 75.19 4.55
CA ALA Y 86 23.02 76.44 5.18
C ALA Y 86 24.02 76.22 6.32
N GLY Y 87 25.26 76.68 6.12
CA GLY Y 87 26.29 76.63 7.13
C GLY Y 87 27.00 75.30 7.30
N LEU Y 88 26.87 74.40 6.35
CA LEU Y 88 27.41 73.05 6.40
C LEU Y 88 28.86 73.00 5.93
N GLY Y 89 29.55 71.94 6.35
CA GLY Y 89 30.95 71.73 6.00
C GLY Y 89 31.08 71.04 4.66
N PHE Y 90 31.97 71.58 3.83
CA PHE Y 90 32.20 71.11 2.46
C PHE Y 90 32.32 69.59 2.36
N ALA Y 91 33.02 68.95 3.31
CA ALA Y 91 33.19 67.51 3.25
C ALA Y 91 31.87 66.79 3.43
N GLU Y 92 31.09 67.25 4.42
CA GLU Y 92 29.74 66.74 4.61
C GLU Y 92 28.89 67.00 3.39
N LEU Y 93 29.08 68.13 2.70
CA LEU Y 93 28.31 68.39 1.49
C LEU Y 93 28.68 67.44 0.36
N GLN Y 94 29.95 67.00 0.29
CA GLN Y 94 30.31 65.85 -0.54
C GLN Y 94 29.47 64.63 -0.19
N ASP Y 95 29.39 64.32 1.10
CA ASP Y 95 28.61 63.16 1.53
C ASP Y 95 27.13 63.34 1.22
N LEU Y 96 26.63 64.57 1.34
CA LEU Y 96 25.24 64.89 1.01
C LEU Y 96 24.97 64.67 -0.47
N CYS Y 97 25.91 65.08 -1.33
CA CYS Y 97 25.73 64.88 -2.76
C CYS Y 97 25.69 63.39 -3.09
N ARG Y 98 26.59 62.60 -2.48
CA ARG Y 98 26.54 61.16 -2.71
C ARG Y 98 25.23 60.56 -2.19
N GLN Y 99 24.74 61.04 -1.05
CA GLN Y 99 23.49 60.55 -0.51
C GLN Y 99 22.31 60.88 -1.43
N LEU Y 100 22.28 62.09 -1.97
CA LEU Y 100 21.22 62.46 -2.92
C LEU Y 100 21.35 61.69 -4.22
N HIS Y 101 22.58 61.30 -4.60
CA HIS Y 101 22.74 60.44 -5.76
C HIS Y 101 22.10 59.07 -5.52
N ALA Y 102 22.38 58.47 -4.36
CA ALA Y 102 21.73 57.20 -4.02
C ALA Y 102 20.21 57.37 -3.96
N ARG Y 103 19.75 58.50 -3.41
CA ARG Y 103 18.32 58.77 -3.31
C ARG Y 103 17.67 58.81 -4.68
N VAL Y 104 18.25 59.59 -5.60
CA VAL Y 104 17.68 59.70 -6.94
C VAL Y 104 17.71 58.35 -7.65
N ASP Y 105 18.78 57.57 -7.43
CA ASP Y 105 18.84 56.23 -8.01
C ASP Y 105 17.66 55.37 -7.55
N LYS Y 106 17.45 55.28 -6.23
CA LYS Y 106 16.42 54.37 -5.75
C LYS Y 106 15.02 54.88 -6.08
N VAL Y 107 14.83 56.20 -6.12
CA VAL Y 107 13.48 56.68 -6.43
C VAL Y 107 13.19 56.52 -7.91
N ASP Y 108 14.22 56.62 -8.77
CA ASP Y 108 14.06 56.23 -10.17
C ASP Y 108 13.71 54.75 -10.30
N GLU Y 109 14.35 53.90 -9.50
CA GLU Y 109 14.02 52.48 -9.50
C GLU Y 109 12.55 52.24 -9.13
N GLU Y 110 12.07 52.93 -8.10
CA GLU Y 110 10.67 52.79 -7.70
C GLU Y 110 9.74 53.28 -8.80
N ARG Y 111 10.09 54.39 -9.44
CA ARG Y 111 9.30 54.86 -10.59
C ARG Y 111 9.26 53.81 -11.69
N TYR Y 112 10.40 53.19 -11.99
CA TYR Y 112 10.44 52.15 -13.01
C TYR Y 112 9.48 51.02 -12.66
N ASP Y 113 9.51 50.58 -11.41
CA ASP Y 113 8.65 49.48 -11.00
C ASP Y 113 7.17 49.86 -11.17
N ILE Y 114 6.81 51.07 -10.73
CA ILE Y 114 5.42 51.49 -10.81
C ILE Y 114 4.97 51.61 -12.27
N GLU Y 115 5.80 52.22 -13.12
CA GLU Y 115 5.41 52.40 -14.51
C GLU Y 115 5.34 51.05 -15.23
N ALA Y 116 6.19 50.09 -14.86
CA ALA Y 116 6.07 48.76 -15.42
C ALA Y 116 4.74 48.11 -15.04
N LYS Y 117 4.35 48.26 -13.76
CA LYS Y 117 3.03 47.79 -13.35
C LYS Y 117 1.94 48.42 -14.20
N VAL Y 118 2.03 49.72 -14.43
CA VAL Y 118 1.04 50.42 -15.25
C VAL Y 118 1.05 49.87 -16.68
N THR Y 119 2.23 49.58 -17.22
CA THR Y 119 2.32 49.11 -18.59
C THR Y 119 1.65 47.74 -18.76
N LYS Y 120 1.90 46.83 -17.81
CA LYS Y 120 1.16 45.57 -17.81
C LYS Y 120 -0.34 45.82 -17.71
N ASN Y 121 -0.74 46.74 -16.83
CA ASN Y 121 -2.15 47.10 -16.71
C ASN Y 121 -2.72 47.52 -18.06
N ILE Y 122 -2.00 48.38 -18.78
CA ILE Y 122 -2.51 48.92 -20.03
C ILE Y 122 -2.58 47.84 -21.10
N THR Y 123 -1.61 46.92 -21.12
CA THR Y 123 -1.68 45.81 -22.06
C THR Y 123 -2.92 44.95 -21.80
N GLU Y 124 -3.20 44.66 -20.52
CA GLU Y 124 -4.41 43.93 -20.19
C GLU Y 124 -5.64 44.72 -20.59
N ILE Y 125 -5.64 46.03 -20.33
CA ILE Y 125 -6.70 46.92 -20.82
C ILE Y 125 -6.97 46.68 -22.29
N ALA Y 126 -5.92 46.75 -23.12
CA ALA Y 126 -6.12 46.66 -24.56
C ALA Y 126 -6.70 45.31 -24.96
N ASP Y 127 -6.12 44.22 -24.45
CA ASP Y 127 -6.61 42.89 -24.82
C ASP Y 127 -8.05 42.69 -24.37
N LEU Y 128 -8.34 43.02 -23.12
CA LEU Y 128 -9.69 42.89 -22.59
C LEU Y 128 -10.67 43.77 -23.36
N THR Y 129 -10.21 44.97 -23.78
CA THR Y 129 -11.01 45.91 -24.58
C THR Y 129 -11.40 45.31 -25.92
N GLN Y 130 -10.47 44.65 -26.58
CA GLN Y 130 -10.79 43.98 -27.83
C GLN Y 130 -11.81 42.87 -27.61
N LYS Y 131 -11.62 42.09 -26.54
CA LYS Y 131 -12.61 41.07 -26.20
C LYS Y 131 -13.98 41.69 -25.98
N ILE Y 132 -14.02 42.86 -25.34
CA ILE Y 132 -15.28 43.60 -25.16
C ILE Y 132 -15.90 43.94 -26.50
N PHE Y 133 -15.09 44.46 -27.43
CA PHE Y 133 -15.64 44.86 -28.73
C PHE Y 133 -16.34 43.67 -29.38
N ASP Y 134 -15.65 42.53 -29.41
CA ASP Y 134 -16.24 41.35 -30.03
C ASP Y 134 -17.49 40.90 -29.27
N LEU Y 135 -17.42 40.85 -27.94
CA LEU Y 135 -18.55 40.35 -27.18
C LEU Y 135 -19.78 41.22 -27.33
N ARG Y 136 -19.60 42.54 -27.36
CA ARG Y 136 -20.72 43.43 -27.64
C ARG Y 136 -21.24 43.18 -29.04
N GLY Y 137 -20.32 42.89 -29.97
CA GLY Y 137 -20.74 42.58 -31.32
C GLY Y 137 -21.69 41.40 -31.34
N LYS Y 138 -21.48 40.41 -30.46
CA LYS Y 138 -22.34 39.24 -30.48
C LYS Y 138 -23.81 39.63 -30.29
N PHE Y 139 -24.07 40.55 -29.37
CA PHE Y 139 -25.41 41.02 -29.05
C PHE Y 139 -25.93 42.14 -29.96
N LYS Y 140 -25.09 42.81 -30.75
CA LYS Y 140 -25.65 43.92 -31.50
C LYS Y 140 -25.19 44.06 -32.95
N ARG Y 141 -24.50 43.08 -33.51
CA ARG Y 141 -23.96 43.23 -34.86
C ARG Y 141 -24.99 43.00 -35.96
N PRO Y 142 -25.81 41.92 -35.92
CA PRO Y 142 -26.82 41.74 -36.97
C PRO Y 142 -28.02 42.67 -36.90
N THR Y 143 -28.00 43.67 -36.02
CA THR Y 143 -29.21 44.41 -35.70
C THR Y 143 -29.23 45.87 -36.14
N LEU Y 144 -28.14 46.42 -36.66
CA LEU Y 144 -28.15 47.79 -37.15
C LEU Y 144 -27.59 47.82 -38.56
N ARG Y 145 -28.48 47.84 -39.55
CA ARG Y 145 -28.17 48.15 -40.94
C ARG Y 145 -29.50 48.39 -41.64
N ARG Y 146 -29.49 48.46 -42.97
CA ARG Y 146 -30.62 48.96 -43.72
C ARG Y 146 -31.89 48.14 -43.42
N VAL Y 147 -33.03 48.82 -43.38
CA VAL Y 147 -34.30 48.22 -42.98
C VAL Y 147 -35.34 48.65 -44.02
N ARG Y 148 -35.53 47.81 -45.04
CA ARG Y 148 -36.52 48.00 -46.10
C ARG Y 148 -36.24 49.21 -46.99
N ILE Y 149 -35.05 49.82 -46.88
CA ILE Y 149 -34.75 51.00 -47.67
C ILE Y 149 -34.81 50.67 -49.16
N SER Y 150 -34.11 49.63 -49.58
CA SER Y 150 -34.12 49.26 -51.00
C SER Y 150 -35.50 48.77 -51.44
N ALA Y 151 -36.25 48.16 -50.52
CA ALA Y 151 -37.61 47.72 -50.84
C ALA Y 151 -38.44 48.86 -51.41
N ASP Y 152 -38.17 50.09 -50.98
CA ASP Y 152 -38.82 51.27 -51.52
C ASP Y 152 -38.28 51.52 -52.91
N ALA Y 153 -39.11 51.33 -53.93
CA ALA Y 153 -38.68 51.48 -55.31
C ALA Y 153 -39.92 51.64 -56.20
N MET Y 154 -39.77 51.59 -57.52
CA MET Y 154 -40.83 51.72 -58.50
C MET Y 154 -41.35 50.31 -58.79
N MET Y 155 -42.37 49.85 -58.05
CA MET Y 155 -42.86 48.49 -58.26
C MET Y 155 -43.60 48.33 -59.58
N GLN Y 156 -43.78 49.43 -60.32
CA GLN Y 156 -44.51 49.44 -61.58
C GLN Y 156 -43.58 49.58 -62.76
N ALA Y 157 -42.31 49.93 -62.54
CA ALA Y 157 -41.34 50.06 -63.62
C ALA Y 157 -41.21 48.77 -64.41
N LEU Y 158 -41.12 47.62 -63.74
CA LEU Y 158 -41.06 46.35 -64.47
C LEU Y 158 -42.27 46.18 -65.39
N LEU Y 159 -43.48 46.42 -64.85
CA LEU Y 159 -44.67 46.36 -65.67
C LEU Y 159 -44.58 47.33 -66.85
N GLY Y 160 -44.22 48.59 -66.55
CA GLY Y 160 -44.04 49.57 -67.61
C GLY Y 160 -43.07 49.12 -68.66
N ALA Y 161 -42.01 48.39 -68.27
CA ALA Y 161 -41.03 47.88 -69.22
C ALA Y 161 -41.64 46.82 -70.12
N ARG Y 162 -42.43 45.92 -69.52
CA ARG Y 162 -43.12 44.91 -70.32
C ARG Y 162 -44.06 45.56 -71.33
N ALA Y 163 -44.86 46.53 -70.85
CA ALA Y 163 -45.79 47.23 -71.73
C ALA Y 163 -45.05 47.98 -72.83
N LYS Y 164 -43.96 48.67 -72.47
CA LYS Y 164 -43.17 49.39 -73.47
C LYS Y 164 -42.61 48.44 -74.51
N GLU Y 165 -42.07 47.29 -74.09
CA GLU Y 165 -41.48 46.36 -75.04
C GLU Y 165 -42.54 45.84 -76.00
N SER Y 166 -43.69 45.42 -75.47
CA SER Y 166 -44.76 44.90 -76.32
C SER Y 166 -45.23 45.97 -77.30
N LEU Y 167 -45.57 47.16 -76.78
CA LEU Y 167 -46.10 48.22 -77.62
C LEU Y 167 -45.05 48.73 -78.60
N ASP Y 168 -43.78 48.66 -78.24
CA ASP Y 168 -42.72 49.10 -79.14
C ASP Y 168 -42.57 48.13 -80.31
N LEU Y 169 -42.62 46.82 -80.01
CA LEU Y 169 -42.62 45.84 -81.10
C LEU Y 169 -43.83 46.05 -82.02
N ARG Y 170 -45.00 46.26 -81.41
CA ARG Y 170 -46.21 46.50 -82.19
C ARG Y 170 -46.07 47.74 -83.06
N ALA Y 171 -45.55 48.83 -82.49
CA ALA Y 171 -45.38 50.06 -83.25
C ALA Y 171 -44.30 49.93 -84.31
N HIS Y 172 -43.30 49.08 -84.08
CA HIS Y 172 -42.27 48.86 -85.10
C HIS Y 172 -42.86 48.15 -86.31
N LEU Y 173 -43.70 47.13 -86.06
CA LEU Y 173 -44.35 46.47 -87.18
C LEU Y 173 -45.34 47.41 -87.86
N LYS Y 174 -46.02 48.25 -87.06
CA LYS Y 174 -46.94 49.22 -87.64
C LYS Y 174 -46.20 50.20 -88.56
N GLN Y 175 -45.07 50.73 -88.10
CA GLN Y 175 -44.31 51.69 -88.89
C GLN Y 175 -43.74 51.04 -90.16
N VAL Y 176 -43.25 49.80 -90.06
CA VAL Y 176 -42.76 49.17 -91.28
C VAL Y 176 -43.91 49.01 -92.27
N LYS Y 177 -45.11 48.70 -91.76
CA LYS Y 177 -46.27 48.64 -92.65
C LYS Y 177 -46.58 50.00 -93.26
N LYS Y 178 -46.48 51.09 -92.48
CA LYS Y 178 -46.75 52.40 -93.06
C LYS Y 178 -45.77 52.76 -94.17
N GLU Y 179 -44.52 52.31 -94.06
CA GLU Y 179 -43.51 52.72 -95.04
C GLU Y 179 -43.95 52.41 -96.48
N ASP Y 180 -44.54 51.24 -96.70
CA ASP Y 180 -44.99 50.87 -98.04
C ASP Y 180 -46.03 51.85 -98.57
N THR Y 181 -46.98 52.25 -97.73
CA THR Y 181 -47.96 53.25 -98.15
C THR Y 181 -47.31 54.61 -98.37
N GLU Y 182 -46.30 54.93 -97.56
CA GLU Y 182 -45.59 56.20 -97.71
C GLU Y 182 -44.89 56.27 -99.06
N LYS Y 183 -44.32 55.16 -99.52
CA LYS Y 183 -43.62 55.12 -100.79
C LYS Y 183 -44.49 55.62 -101.93
N GLU Y 184 -45.56 54.89 -102.23
CA GLU Y 184 -46.52 55.31 -103.24
C GLU Y 184 -47.93 55.16 -102.68
N ASN Y 185 -48.85 55.97 -103.20
CA ASN Y 185 -50.26 55.87 -102.80
C ASN Y 185 -51.25 55.99 -103.94
N ARG Y 186 -50.86 56.49 -105.12
CA ARG Y 186 -51.82 56.73 -106.19
C ARG Y 186 -51.39 56.07 -107.49
N GLU Y 187 -50.09 55.91 -107.68
CA GLU Y 187 -49.57 55.35 -108.93
C GLU Y 187 -49.89 53.86 -109.09
N VAL Y 188 -50.68 53.27 -108.20
CA VAL Y 188 -51.09 51.88 -108.36
C VAL Y 188 -52.39 51.80 -109.16
N GLY Y 189 -53.25 52.80 -109.06
CA GLY Y 189 -54.49 52.80 -109.81
C GLY Y 189 -54.24 53.09 -111.28
N ASP Y 190 -55.14 52.61 -112.12
CA ASP Y 190 -55.04 52.89 -113.55
C ASP Y 190 -55.55 54.31 -113.80
N TRP Y 191 -55.47 54.76 -115.05
CA TRP Y 191 -55.76 56.14 -115.40
C TRP Y 191 -57.10 56.24 -116.12
N ARG Y 192 -57.47 57.47 -116.45
CA ARG Y 192 -58.78 57.71 -117.05
C ARG Y 192 -58.75 57.66 -118.57
N LYS Y 193 -59.75 56.98 -119.13
CA LYS Y 193 -59.93 56.89 -120.58
C LYS Y 193 -61.42 56.76 -120.86
N ASN Y 194 -62.24 57.65 -120.31
CA ASN Y 194 -63.67 57.48 -120.54
C ASN Y 194 -64.03 57.90 -121.96
N ILE Y 195 -65.13 57.34 -122.45
CA ILE Y 195 -65.64 57.66 -123.79
C ILE Y 195 -66.50 58.92 -123.70
N ASP Y 196 -66.31 59.83 -124.64
CA ASP Y 196 -67.06 61.09 -124.67
C ASP Y 196 -66.69 61.80 -125.97
N ALA Y 197 -67.46 62.86 -126.28
CA ALA Y 197 -67.28 63.69 -127.49
C ALA Y 197 -67.29 62.86 -128.78
N LEU Y 198 -66.33 63.05 -129.71
CA LEU Y 198 -66.28 62.34 -131.02
C LEU Y 198 -67.35 62.84 -132.01
N SER Y 199 -68.13 63.85 -131.65
CA SER Y 199 -69.22 64.32 -132.51
C SER Y 199 -68.81 64.78 -133.89
N GLY Y 200 -67.60 65.35 -134.02
CA GLY Y 200 -67.08 65.90 -135.26
C GLY Y 200 -66.65 64.89 -136.29
N MET Y 201 -66.56 63.61 -135.89
CA MET Y 201 -66.16 62.55 -136.82
C MET Y 201 -67.18 62.46 -137.93
N GLU Y 202 -66.76 62.01 -139.12
CA GLU Y 202 -67.68 61.97 -140.24
C GLU Y 202 -68.53 60.70 -140.25
N GLY Y 203 -69.60 60.77 -141.04
CA GLY Y 203 -70.62 59.75 -141.22
C GLY Y 203 -70.31 58.72 -142.26
N ARG Y 204 -69.73 59.12 -143.38
CA ARG Y 204 -69.31 58.15 -144.37
C ARG Y 204 -67.88 57.80 -144.02
N LYS Y 205 -67.75 56.69 -143.31
CA LYS Y 205 -66.46 56.19 -142.87
C LYS Y 205 -65.65 55.84 -144.09
N LYS Y 206 -64.35 56.09 -144.02
CA LYS Y 206 -63.51 55.69 -145.13
C LYS Y 206 -63.59 54.20 -145.42
N LYS Y 207 -64.11 53.39 -144.50
CA LYS Y 207 -64.29 51.97 -144.72
C LYS Y 207 -65.78 51.67 -144.86
N PHE Y 208 -66.12 50.51 -145.43
CA PHE Y 208 -67.54 50.14 -145.56
C PHE Y 208 -68.19 49.55 -144.31
N GLU Y 209 -67.61 49.67 -143.11
CA GLU Y 209 -68.32 49.18 -141.93
C GLU Y 209 -69.29 50.25 -141.48
N SER Y 210 -69.64 51.11 -142.43
CA SER Y 210 -70.57 52.20 -142.47
C SER Y 210 -71.81 51.72 -143.22
N ASP Z 2 -42.19 75.15 -22.54
CA ASP Z 2 -41.89 73.85 -21.94
C ASP Z 2 -40.39 73.61 -21.88
N ASP Z 3 -39.99 72.50 -21.25
CA ASP Z 3 -38.59 72.20 -21.05
C ASP Z 3 -37.96 71.48 -22.23
N ILE Z 4 -38.78 70.90 -23.11
CA ILE Z 4 -38.25 70.24 -24.29
C ILE Z 4 -37.60 71.25 -25.24
N TYR Z 5 -38.13 72.47 -25.32
CA TYR Z 5 -37.54 73.46 -26.22
C TYR Z 5 -36.14 73.84 -25.78
N LYS Z 6 -35.95 74.11 -24.49
CA LYS Z 6 -34.61 74.47 -24.03
C LYS Z 6 -33.69 73.25 -23.98
N ALA Z 7 -34.23 72.06 -23.75
CA ALA Z 7 -33.39 70.87 -23.80
C ALA Z 7 -32.88 70.63 -25.21
N ALA Z 8 -33.73 70.82 -26.21
CA ALA Z 8 -33.29 70.76 -27.61
C ALA Z 8 -32.27 71.85 -27.92
N VAL Z 9 -32.45 73.04 -27.34
CA VAL Z 9 -31.44 74.09 -27.50
C VAL Z 9 -30.10 73.63 -26.92
N GLU Z 10 -30.12 73.01 -25.74
CA GLU Z 10 -28.89 72.67 -25.05
C GLU Z 10 -28.19 71.47 -25.68
N GLN Z 11 -28.95 70.56 -26.28
CA GLN Z 11 -28.41 69.31 -26.79
C GLN Z 11 -27.90 69.42 -28.23
N LEU Z 12 -27.95 70.62 -28.81
CA LEU Z 12 -27.51 70.83 -30.19
C LEU Z 12 -26.56 72.01 -30.23
N THR Z 13 -25.50 71.88 -31.04
CA THR Z 13 -24.49 72.92 -31.09
C THR Z 13 -24.97 74.10 -31.94
N GLU Z 14 -24.25 75.21 -31.82
CA GLU Z 14 -24.70 76.46 -32.44
C GLU Z 14 -24.56 76.44 -33.96
N GLU Z 15 -23.41 75.93 -34.45
CA GLU Z 15 -23.19 75.90 -35.90
C GLU Z 15 -24.23 75.05 -36.60
N GLN Z 16 -24.59 73.89 -36.01
CA GLN Z 16 -25.58 73.02 -36.63
C GLN Z 16 -26.92 73.74 -36.78
N LYS Z 17 -27.41 74.34 -35.70
CA LYS Z 17 -28.72 74.98 -35.76
C LYS Z 17 -28.70 76.22 -36.64
N ASN Z 18 -27.60 76.97 -36.67
CA ASN Z 18 -27.51 78.12 -37.55
C ASN Z 18 -27.56 77.70 -39.01
N GLU Z 19 -26.80 76.66 -39.38
CA GLU Z 19 -26.89 76.15 -40.74
C GLU Z 19 -28.27 75.59 -41.04
N PHE Z 20 -28.88 74.93 -40.06
CA PHE Z 20 -30.21 74.36 -40.23
C PHE Z 20 -31.23 75.44 -40.56
N LYS Z 21 -31.19 76.57 -39.85
CA LYS Z 21 -32.17 77.63 -40.09
C LYS Z 21 -31.87 78.36 -41.39
N ALA Z 22 -30.61 78.75 -41.61
CA ALA Z 22 -30.25 79.43 -42.84
C ALA Z 22 -30.49 78.55 -44.07
N ALA Z 23 -30.59 77.24 -43.89
CA ALA Z 23 -30.83 76.31 -44.99
C ALA Z 23 -32.31 75.97 -45.15
N PHE Z 24 -33.07 75.94 -44.05
CA PHE Z 24 -34.52 75.98 -44.15
C PHE Z 24 -34.99 77.19 -44.93
N ASP Z 25 -34.23 78.28 -44.87
CA ASP Z 25 -34.58 79.46 -45.66
C ASP Z 25 -34.30 79.26 -47.14
N ILE Z 26 -34.12 78.02 -47.58
CA ILE Z 26 -34.06 77.73 -49.02
C ILE Z 26 -35.44 77.62 -49.64
N PHE Z 27 -36.47 77.34 -48.84
CA PHE Z 27 -37.82 77.20 -49.41
C PHE Z 27 -38.49 78.55 -49.57
N VAL Z 28 -38.36 79.43 -48.58
CA VAL Z 28 -38.94 80.76 -48.67
C VAL Z 28 -38.27 81.54 -49.79
N LEU Z 29 -39.08 82.23 -50.57
CA LEU Z 29 -38.58 83.02 -51.70
C LEU Z 29 -39.10 84.44 -51.67
N GLY Z 30 -40.35 84.65 -51.28
CA GLY Z 30 -40.93 85.98 -51.22
C GLY Z 30 -42.44 85.97 -51.14
N ALA Z 31 -42.99 86.93 -50.39
CA ALA Z 31 -44.43 87.06 -50.19
C ALA Z 31 -45.05 85.77 -49.66
N GLU Z 32 -44.32 85.10 -48.77
CA GLU Z 32 -44.80 83.87 -48.14
C GLU Z 32 -44.90 84.05 -46.63
N ASP Z 33 -45.68 83.16 -46.01
CA ASP Z 33 -45.80 83.16 -44.55
C ASP Z 33 -44.48 82.92 -43.85
N GLY Z 34 -43.51 82.29 -44.53
CA GLY Z 34 -42.23 81.98 -43.96
C GLY Z 34 -42.13 80.61 -43.33
N CYS Z 35 -43.24 79.89 -43.20
CA CYS Z 35 -43.27 78.53 -42.71
C CYS Z 35 -43.83 77.63 -43.80
N ILE Z 36 -43.02 76.69 -44.28
CA ILE Z 36 -43.40 75.87 -45.42
C ILE Z 36 -44.25 74.70 -44.97
N SER Z 37 -44.97 74.11 -45.92
CA SER Z 37 -45.83 72.96 -45.63
C SER Z 37 -45.02 71.80 -45.09
N THR Z 38 -45.68 70.96 -44.30
CA THR Z 38 -45.00 69.86 -43.62
C THR Z 38 -44.25 68.95 -44.60
N LYS Z 39 -44.86 68.64 -45.75
CA LYS Z 39 -44.25 67.65 -46.63
C LYS Z 39 -42.93 68.16 -47.22
N GLU Z 40 -42.83 69.48 -47.40
CA GLU Z 40 -41.61 70.04 -47.97
C GLU Z 40 -40.43 69.80 -47.05
N LEU Z 41 -40.71 69.48 -45.79
CA LEU Z 41 -39.65 69.25 -44.81
C LEU Z 41 -38.81 68.06 -45.25
N GLY Z 42 -39.45 67.03 -45.79
CA GLY Z 42 -38.69 65.88 -46.28
C GLY Z 42 -37.61 66.30 -47.26
N LYS Z 43 -37.92 67.30 -48.09
CA LYS Z 43 -36.96 67.74 -49.10
C LYS Z 43 -35.73 68.37 -48.46
N VAL Z 44 -35.90 69.22 -47.44
CA VAL Z 44 -34.69 69.77 -46.82
C VAL Z 44 -33.85 68.64 -46.24
N MET Z 45 -34.48 67.54 -45.81
CA MET Z 45 -33.70 66.43 -45.28
C MET Z 45 -32.78 65.84 -46.33
N ARG Z 46 -33.21 65.79 -47.59
CA ARG Z 46 -32.30 65.28 -48.61
C ARG Z 46 -31.05 66.14 -48.66
N MET Z 47 -31.21 67.46 -48.46
CA MET Z 47 -30.06 68.35 -48.42
C MET Z 47 -29.12 67.98 -47.27
N LEU Z 48 -29.70 67.53 -46.15
CA LEU Z 48 -28.91 67.19 -44.96
C LEU Z 48 -27.98 66.00 -45.19
N GLY Z 49 -28.25 65.19 -46.21
CA GLY Z 49 -27.44 64.04 -46.55
C GLY Z 49 -28.01 62.71 -46.12
N GLN Z 50 -29.13 62.70 -45.42
CA GLN Z 50 -29.81 61.47 -45.02
C GLN Z 50 -30.86 61.10 -46.07
N ASN Z 51 -31.21 59.81 -46.11
CA ASN Z 51 -32.23 59.26 -47.01
C ASN Z 51 -33.30 58.52 -46.22
N PRO Z 52 -34.22 59.24 -45.56
CA PRO Z 52 -35.22 58.56 -44.73
C PRO Z 52 -36.25 57.77 -45.54
N THR Z 53 -37.14 57.09 -44.84
CA THR Z 53 -38.09 56.16 -45.45
C THR Z 53 -39.52 56.43 -45.02
N PRO Z 54 -40.51 56.01 -45.84
CA PRO Z 54 -41.94 56.24 -45.55
C PRO Z 54 -42.36 56.06 -44.09
N GLU Z 55 -41.86 55.03 -43.42
CA GLU Z 55 -42.26 54.79 -42.03
C GLU Z 55 -41.75 55.90 -41.14
N GLU Z 56 -40.44 56.17 -41.21
CA GLU Z 56 -39.89 57.23 -40.38
C GLU Z 56 -40.43 58.57 -40.84
N LEU Z 57 -40.51 58.77 -42.15
CA LEU Z 57 -41.01 60.05 -42.66
C LEU Z 57 -42.40 60.35 -42.10
N GLN Z 58 -43.35 59.42 -42.29
CA GLN Z 58 -44.70 59.64 -41.78
C GLN Z 58 -44.73 59.79 -40.26
N GLU Z 59 -43.95 58.98 -39.53
CA GLU Z 59 -43.87 59.14 -38.08
C GLU Z 59 -43.39 60.52 -37.69
N MET Z 60 -42.27 60.94 -38.27
CA MET Z 60 -41.65 62.23 -38.01
C MET Z 60 -42.64 63.35 -38.35
N ILE Z 61 -43.41 63.15 -39.42
CA ILE Z 61 -44.46 64.08 -39.81
C ILE Z 61 -45.43 64.23 -38.64
N ASP Z 62 -45.75 63.09 -38.02
CA ASP Z 62 -46.63 63.06 -36.86
C ASP Z 62 -45.95 63.75 -35.68
N GLU Z 63 -44.63 63.91 -35.71
CA GLU Z 63 -43.91 64.50 -34.59
C GLU Z 63 -43.94 66.03 -34.62
N VAL Z 64 -44.59 66.62 -35.61
CA VAL Z 64 -44.65 68.07 -35.75
C VAL Z 64 -46.13 68.45 -35.84
N ASP Z 65 -46.45 69.65 -35.39
CA ASP Z 65 -47.82 70.19 -35.47
C ASP Z 65 -48.78 69.33 -34.63
N GLU Z 66 -48.57 69.34 -33.31
CA GLU Z 66 -49.44 68.57 -32.42
C GLU Z 66 -50.84 69.17 -32.36
N ASP Z 67 -50.94 70.51 -32.33
CA ASP Z 67 -52.24 71.16 -32.21
C ASP Z 67 -53.04 71.12 -33.50
N GLY Z 68 -52.44 70.71 -34.61
CA GLY Z 68 -53.16 70.53 -35.85
C GLY Z 68 -53.41 71.81 -36.61
N SER Z 69 -52.34 72.50 -36.99
CA SER Z 69 -52.43 73.67 -37.86
C SER Z 69 -51.98 73.39 -39.29
N GLY Z 70 -51.38 72.23 -39.54
CA GLY Z 70 -50.85 71.93 -40.87
C GLY Z 70 -49.59 72.68 -41.21
N THR Z 71 -48.86 73.16 -40.21
CA THR Z 71 -47.69 74.00 -40.45
C THR Z 71 -46.76 73.84 -39.25
N VAL Z 72 -45.48 74.17 -39.46
CA VAL Z 72 -44.43 73.92 -38.46
C VAL Z 72 -43.83 75.26 -38.07
N ASP Z 73 -43.69 75.48 -36.76
CA ASP Z 73 -43.01 76.66 -36.23
C ASP Z 73 -41.52 76.36 -36.02
N PHE Z 74 -40.78 77.38 -35.60
CA PHE Z 74 -39.33 77.24 -35.45
C PHE Z 74 -38.92 76.47 -34.20
N ASP Z 75 -39.69 76.54 -33.11
CA ASP Z 75 -39.34 75.75 -31.93
C ASP Z 75 -39.64 74.28 -32.15
N GLU Z 76 -40.79 73.97 -32.76
CA GLU Z 76 -41.06 72.59 -33.17
C GLU Z 76 -40.04 72.12 -34.19
N PHE Z 77 -39.58 73.04 -35.02
CA PHE Z 77 -38.52 72.78 -36.00
C PHE Z 77 -37.23 72.36 -35.31
N LEU Z 78 -36.83 73.09 -34.27
CA LEU Z 78 -35.62 72.75 -33.55
C LEU Z 78 -35.76 71.45 -32.78
N VAL Z 79 -36.90 71.21 -32.13
CA VAL Z 79 -37.07 69.95 -31.42
C VAL Z 79 -37.09 68.76 -32.36
N MET Z 80 -37.78 68.87 -33.51
CA MET Z 80 -37.75 67.74 -34.44
C MET Z 80 -36.34 67.51 -34.97
N MET Z 81 -35.59 68.58 -35.30
CA MET Z 81 -34.23 68.37 -35.79
C MET Z 81 -33.37 67.71 -34.73
N VAL Z 82 -33.49 68.15 -33.48
CA VAL Z 82 -32.73 67.52 -32.39
C VAL Z 82 -33.17 66.08 -32.25
N ARG Z 83 -34.40 65.78 -32.59
CA ARG Z 83 -34.93 64.44 -32.54
C ARG Z 83 -34.68 63.66 -33.83
N CYS Z 84 -33.91 64.20 -34.79
CA CYS Z 84 -33.72 63.42 -36.02
C CYS Z 84 -32.37 62.71 -36.09
N MET Z 85 -31.30 63.44 -36.40
CA MET Z 85 -29.98 62.82 -36.32
C MET Z 85 -29.69 62.52 -34.86
N LYS Z 86 -29.20 61.31 -34.58
CA LYS Z 86 -28.89 60.95 -33.20
C LYS Z 86 -27.41 61.11 -32.86
N ASP Z 87 -26.64 61.73 -33.77
CA ASP Z 87 -25.23 61.90 -33.50
C ASP Z 87 -24.94 63.14 -32.65
N ASP Z 88 -25.71 63.37 -31.58
CA ASP Z 88 -25.55 64.57 -30.76
C ASP Z 88 -24.12 64.79 -30.28
N SER Z 89 -23.84 66.00 -29.81
CA SER Z 89 -22.52 66.41 -29.31
C SER Z 89 -21.38 65.97 -30.23
N LYS Z 90 -21.66 65.89 -31.53
CA LYS Z 90 -20.69 65.40 -32.52
C LYS Z 90 -20.00 64.13 -32.03
N GLY Z 91 -20.78 63.18 -31.55
CA GLY Z 91 -20.19 61.99 -30.98
C GLY Z 91 -19.88 62.20 -29.51
N LYS Z 92 -20.73 61.69 -28.63
CA LYS Z 92 -20.47 61.81 -27.19
C LYS Z 92 -19.18 61.07 -26.86
N SER Z 93 -18.40 61.61 -25.92
CA SER Z 93 -17.16 60.94 -25.56
C SER Z 93 -17.44 59.74 -24.68
N GLU Z 94 -16.38 58.99 -24.34
CA GLU Z 94 -16.56 57.84 -23.46
C GLU Z 94 -15.51 57.72 -22.35
N GLU Z 95 -14.26 58.09 -22.62
CA GLU Z 95 -13.21 58.01 -21.61
C GLU Z 95 -13.53 58.87 -20.37
N GLU Z 96 -13.53 60.21 -20.50
CA GLU Z 96 -13.92 61.02 -19.33
C GLU Z 96 -15.22 60.47 -18.74
N LEU Z 97 -16.12 60.01 -19.60
CA LEU Z 97 -17.39 59.42 -19.14
C LEU Z 97 -17.11 58.26 -18.18
N SER Z 98 -16.10 57.43 -18.47
CA SER Z 98 -15.73 56.32 -17.57
C SER Z 98 -15.24 56.92 -16.28
N ASP Z 99 -14.58 58.07 -16.35
CA ASP Z 99 -14.23 58.78 -15.11
C ASP Z 99 -15.51 59.13 -14.35
N LEU Z 100 -16.51 59.63 -15.08
CA LEU Z 100 -17.81 59.96 -14.49
C LEU Z 100 -18.50 58.70 -13.96
N PHE Z 101 -18.25 57.54 -14.59
CA PHE Z 101 -18.74 56.29 -14.05
C PHE Z 101 -18.14 56.04 -12.69
N ARG Z 102 -16.83 56.26 -12.60
CA ARG Z 102 -16.16 56.26 -11.30
C ARG Z 102 -16.88 57.23 -10.37
N MET Z 103 -17.29 58.39 -10.87
CA MET Z 103 -17.99 59.37 -10.04
C MET Z 103 -19.32 58.82 -9.48
N PHE Z 104 -20.12 58.10 -10.28
CA PHE Z 104 -21.41 57.65 -9.77
C PHE Z 104 -21.24 56.76 -8.56
N ASP Z 105 -20.15 56.00 -8.57
CA ASP Z 105 -19.88 55.07 -7.50
C ASP Z 105 -19.07 55.78 -6.41
N LYS Z 106 -19.49 55.74 -5.14
CA LYS Z 106 -18.75 56.32 -4.03
C LYS Z 106 -18.30 55.28 -3.00
N ASN Z 107 -18.47 53.99 -3.28
CA ASN Z 107 -17.93 52.94 -2.43
C ASN Z 107 -16.90 52.05 -3.12
N ALA Z 108 -16.59 52.32 -4.38
CA ALA Z 108 -15.57 51.60 -5.15
C ALA Z 108 -15.87 50.11 -5.22
N ASP Z 109 -16.99 49.80 -5.86
CA ASP Z 109 -17.43 48.42 -6.05
C ASP Z 109 -17.42 47.97 -7.50
N GLY Z 110 -17.73 48.86 -8.44
CA GLY Z 110 -17.75 48.46 -9.83
C GLY Z 110 -19.05 48.82 -10.53
N TYR Z 111 -19.97 49.47 -9.81
CA TYR Z 111 -21.31 49.69 -10.30
C TYR Z 111 -21.98 50.76 -9.45
N ILE Z 112 -23.21 51.13 -9.83
CA ILE Z 112 -23.94 52.23 -9.24
C ILE Z 112 -25.05 51.65 -8.38
N ASP Z 113 -25.03 51.95 -7.08
CA ASP Z 113 -26.12 51.55 -6.21
C ASP Z 113 -27.29 52.53 -6.32
N LEU Z 114 -28.47 52.06 -5.92
CA LEU Z 114 -29.66 52.91 -5.95
C LEU Z 114 -29.57 54.03 -4.92
N ASP Z 115 -28.99 53.76 -3.75
CA ASP Z 115 -28.79 54.80 -2.75
C ASP Z 115 -27.83 55.88 -3.25
N GLU Z 116 -26.79 55.44 -3.97
CA GLU Z 116 -25.82 56.38 -4.55
C GLU Z 116 -26.52 57.22 -5.62
N LEU Z 117 -27.45 56.65 -6.36
CA LEU Z 117 -28.23 57.42 -7.32
C LEU Z 117 -29.13 58.43 -6.63
N LYS Z 118 -29.78 58.02 -5.54
CA LYS Z 118 -30.68 58.93 -4.83
C LYS Z 118 -29.93 60.12 -4.26
N ILE Z 119 -28.77 59.89 -3.65
CA ILE Z 119 -27.99 61.01 -3.14
C ILE Z 119 -27.48 61.87 -4.28
N MET Z 120 -27.07 61.25 -5.39
CA MET Z 120 -26.61 61.99 -6.56
C MET Z 120 -27.71 62.89 -7.11
N LEU Z 121 -28.94 62.39 -7.16
CA LEU Z 121 -30.05 63.17 -7.69
C LEU Z 121 -30.46 64.30 -6.74
N GLN Z 122 -30.47 64.03 -5.43
CA GLN Z 122 -30.84 65.07 -4.50
C GLN Z 122 -29.76 66.14 -4.35
N ALA Z 123 -28.51 65.79 -4.67
CA ALA Z 123 -27.44 66.78 -4.65
C ALA Z 123 -27.65 67.88 -5.68
N THR Z 124 -28.54 67.68 -6.66
CA THR Z 124 -28.80 68.73 -7.64
C THR Z 124 -29.60 69.87 -7.02
N GLY Z 125 -30.59 69.55 -6.19
CA GLY Z 125 -31.46 70.53 -5.59
C GLY Z 125 -32.91 70.10 -5.63
N GLU Z 126 -33.21 69.17 -6.53
CA GLU Z 126 -34.52 68.53 -6.59
C GLU Z 126 -34.55 67.33 -5.65
N THR Z 127 -35.64 67.22 -4.88
CA THR Z 127 -35.80 66.09 -3.97
C THR Z 127 -36.09 64.81 -4.77
N ILE Z 128 -36.45 63.75 -4.05
CA ILE Z 128 -36.89 62.50 -4.68
C ILE Z 128 -38.40 62.55 -4.88
N THR Z 129 -38.83 62.34 -6.12
CA THR Z 129 -40.18 61.88 -6.39
C THR Z 129 -40.15 60.50 -7.03
N GLU Z 130 -41.32 59.87 -7.08
CA GLU Z 130 -41.38 58.44 -7.45
C GLU Z 130 -41.16 58.24 -8.94
N ASP Z 131 -41.86 59.01 -9.77
CA ASP Z 131 -41.71 58.88 -11.22
C ASP Z 131 -40.29 59.17 -11.67
N ASP Z 132 -39.55 59.98 -10.92
CA ASP Z 132 -38.17 60.28 -11.25
C ASP Z 132 -37.35 58.99 -11.26
N ILE Z 133 -37.10 58.42 -10.07
CA ILE Z 133 -36.26 57.25 -9.97
C ILE Z 133 -36.84 56.07 -10.76
N GLU Z 134 -38.16 55.91 -10.73
CA GLU Z 134 -38.79 54.82 -11.47
C GLU Z 134 -38.47 54.90 -12.97
N GLU Z 135 -38.73 56.05 -13.58
CA GLU Z 135 -38.45 56.21 -15.00
C GLU Z 135 -36.96 56.14 -15.28
N LEU Z 136 -36.14 56.65 -14.35
CA LEU Z 136 -34.69 56.59 -14.55
C LEU Z 136 -34.21 55.14 -14.57
N MET Z 137 -34.84 54.29 -13.75
CA MET Z 137 -34.55 52.85 -13.75
C MET Z 137 -35.02 52.18 -15.03
N LYS Z 138 -36.21 52.55 -15.52
CA LYS Z 138 -36.66 51.96 -16.78
C LYS Z 138 -35.72 52.35 -17.92
N ASP Z 139 -35.29 53.60 -17.95
CA ASP Z 139 -34.35 54.05 -18.98
C ASP Z 139 -33.01 53.33 -18.86
N GLY Z 140 -32.48 53.21 -17.64
CA GLY Z 140 -31.16 52.65 -17.44
C GLY Z 140 -31.04 51.13 -17.51
N ASP Z 141 -32.04 50.40 -17.04
CA ASP Z 141 -31.90 48.96 -16.88
C ASP Z 141 -32.87 48.24 -17.80
N LYS Z 142 -32.62 46.95 -18.03
CA LYS Z 142 -33.48 46.13 -18.89
C LYS Z 142 -33.96 44.83 -18.26
N ASN Z 143 -33.28 44.29 -17.24
CA ASN Z 143 -33.61 42.96 -16.74
C ASN Z 143 -33.68 42.91 -15.22
N ASN Z 144 -33.77 44.05 -14.55
CA ASN Z 144 -33.73 44.14 -13.09
C ASN Z 144 -32.45 43.49 -12.54
N ASP Z 145 -31.31 44.05 -12.96
CA ASP Z 145 -30.02 43.63 -12.42
C ASP Z 145 -29.65 44.39 -11.16
N GLY Z 146 -30.41 45.41 -10.77
CA GLY Z 146 -30.20 46.09 -9.52
C GLY Z 146 -29.10 47.14 -9.52
N ARG Z 147 -28.49 47.42 -10.67
CA ARG Z 147 -27.37 48.35 -10.72
C ARG Z 147 -27.27 48.91 -12.13
N ILE Z 148 -26.51 49.99 -12.25
CA ILE Z 148 -26.23 50.63 -13.53
C ILE Z 148 -24.74 50.50 -13.82
N ASP Z 149 -24.41 49.62 -14.77
CA ASP Z 149 -23.01 49.45 -15.16
C ASP Z 149 -22.66 50.41 -16.30
N TYR Z 150 -21.42 50.32 -16.77
CA TYR Z 150 -20.90 51.34 -17.69
C TYR Z 150 -21.56 51.27 -19.07
N ASP Z 151 -22.07 50.10 -19.45
CA ASP Z 151 -22.80 50.01 -20.71
C ASP Z 151 -24.16 50.69 -20.55
N GLU Z 152 -24.90 50.38 -19.48
CA GLU Z 152 -26.17 51.04 -19.22
C GLU Z 152 -25.95 52.51 -18.88
N PHE Z 153 -24.80 52.82 -18.27
CA PHE Z 153 -24.40 54.19 -18.02
C PHE Z 153 -24.31 54.97 -19.33
N LEU Z 154 -23.50 54.47 -20.26
CA LEU Z 154 -23.34 55.10 -21.57
C LEU Z 154 -24.68 55.23 -22.30
N GLU Z 155 -25.40 54.11 -22.43
CA GLU Z 155 -26.72 54.05 -23.05
C GLU Z 155 -27.70 55.10 -22.53
N PHE Z 156 -27.83 55.21 -21.21
CA PHE Z 156 -28.86 56.09 -20.63
C PHE Z 156 -28.70 57.55 -21.02
N MET Z 157 -27.48 58.07 -20.98
CA MET Z 157 -27.20 59.49 -21.22
C MET Z 157 -26.67 59.80 -22.62
N LYS Z 158 -26.91 58.93 -23.60
CA LYS Z 158 -26.36 59.13 -24.93
C LYS Z 158 -26.73 60.50 -25.48
N GLY Z 159 -25.72 61.21 -26.00
CA GLY Z 159 -25.87 62.54 -26.54
C GLY Z 159 -25.84 63.66 -25.51
N VAL Z 160 -26.03 63.36 -24.23
CA VAL Z 160 -26.11 64.39 -23.19
C VAL Z 160 -24.73 64.94 -22.88
N GLU Z 161 -24.67 66.26 -22.69
CA GLU Z 161 -23.42 66.95 -22.37
C GLU Z 161 -23.42 67.43 -20.92
N LYS AA 48 -104.76 66.57 -197.66
CA LYS AA 48 -105.20 67.01 -196.32
C LYS AA 48 -104.79 66.01 -195.24
N LYS AA 49 -104.96 64.73 -195.52
CA LYS AA 49 -104.54 63.74 -194.55
C LYS AA 49 -103.04 63.89 -194.31
N LEU AA 50 -102.30 64.13 -195.38
CA LEU AA 50 -100.86 64.33 -195.27
C LEU AA 50 -100.51 65.60 -194.49
N LYS AA 51 -101.27 66.70 -194.60
CA LYS AA 51 -100.84 67.88 -193.84
C LYS AA 51 -100.94 67.57 -192.36
N GLY AA 52 -102.00 66.91 -191.89
CA GLY AA 52 -102.09 66.46 -190.51
C GLY AA 52 -100.98 65.51 -190.16
N THR AA 53 -100.60 64.64 -191.10
CA THR AA 53 -99.49 63.75 -190.79
C THR AA 53 -98.28 64.60 -190.41
N GLU AA 54 -97.88 65.51 -191.32
CA GLU AA 54 -96.71 66.35 -191.09
C GLU AA 54 -96.88 67.27 -189.88
N ASP AA 55 -98.07 67.85 -189.72
CA ASP AA 55 -98.35 68.74 -188.61
C ASP AA 55 -98.13 68.02 -187.29
N GLU AA 56 -98.64 66.79 -187.22
CA GLU AA 56 -98.48 65.99 -186.01
C GLU AA 56 -97.02 65.63 -185.85
N LEU AA 57 -96.35 65.27 -186.96
CA LEU AA 57 -94.95 64.91 -186.88
C LEU AA 57 -94.13 66.04 -186.26
N ASP AA 58 -94.29 67.26 -186.79
CA ASP AA 58 -93.56 68.41 -186.28
C ASP AA 58 -93.87 68.68 -184.81
N LYS AA 59 -95.16 68.79 -184.47
CA LYS AA 59 -95.55 69.01 -183.07
C LYS AA 59 -95.06 67.91 -182.13
N TYR AA 60 -95.19 66.65 -182.54
CA TYR AA 60 -94.72 65.54 -181.72
C TYR AA 60 -93.20 65.54 -181.61
N SER AA 61 -92.49 65.93 -182.66
CA SER AA 61 -91.05 66.02 -182.61
C SER AA 61 -90.58 67.08 -181.62
N GLU AA 62 -91.16 68.28 -181.69
CA GLU AA 62 -90.78 69.32 -180.74
C GLU AA 62 -91.17 68.92 -179.32
N ALA AA 63 -92.34 68.29 -179.16
CA ALA AA 63 -92.75 67.83 -177.84
C ALA AA 63 -91.78 66.77 -177.33
N LEU AA 64 -91.31 65.90 -178.22
CA LEU AA 64 -90.34 64.88 -177.82
C LEU AA 64 -89.04 65.52 -177.35
N LYS AA 65 -88.55 66.54 -178.07
CA LYS AA 65 -87.33 67.20 -177.61
C LYS AA 65 -87.54 67.80 -176.23
N ASP AA 66 -88.66 68.51 -176.03
CA ASP AA 66 -88.89 69.13 -174.73
C ASP AA 66 -89.02 68.09 -173.63
N ALA AA 67 -89.77 67.01 -173.90
CA ALA AA 67 -89.94 65.95 -172.92
C ALA AA 67 -88.61 65.29 -172.60
N GLN AA 68 -87.76 65.08 -173.60
CA GLN AA 68 -86.50 64.39 -173.36
C GLN AA 68 -85.53 65.27 -172.59
N GLU AA 69 -85.44 66.57 -172.92
CA GLU AA 69 -84.57 67.45 -172.12
C GLU AA 69 -85.07 67.50 -170.69
N LYS AA 70 -86.40 67.52 -170.51
CA LYS AA 70 -86.95 67.48 -169.17
C LYS AA 70 -86.55 66.18 -168.46
N LEU AA 71 -86.59 65.06 -169.19
CA LEU AA 71 -86.13 63.80 -168.61
C LEU AA 71 -84.67 63.90 -168.17
N GLU AA 72 -83.80 64.45 -169.02
CA GLU AA 72 -82.39 64.52 -168.62
C GLU AA 72 -82.23 65.32 -167.34
N LEU AA 73 -82.88 66.49 -167.26
CA LEU AA 73 -82.72 67.30 -166.05
C LEU AA 73 -83.32 66.59 -164.83
N ALA AA 74 -84.49 65.96 -164.99
CA ALA AA 74 -85.09 65.20 -163.89
C ALA AA 74 -84.20 64.06 -163.42
N GLU AA 75 -83.58 63.34 -164.37
CA GLU AA 75 -82.67 62.27 -164.00
C GLU AA 75 -81.44 62.79 -163.28
N LYS AA 76 -80.89 63.91 -163.76
CA LYS AA 76 -79.72 64.48 -163.10
C LYS AA 76 -80.05 64.92 -161.68
N LYS AA 77 -81.20 65.57 -161.50
CA LYS AA 77 -81.62 65.97 -160.17
C LYS AA 77 -81.87 64.74 -159.29
N ALA AA 78 -82.43 63.68 -159.88
CA ALA AA 78 -82.66 62.46 -159.12
C ALA AA 78 -81.34 61.86 -158.63
N THR AA 79 -80.33 61.82 -159.49
CA THR AA 79 -79.05 61.25 -159.09
C THR AA 79 -78.40 62.11 -158.01
N ASP AA 80 -78.43 63.43 -158.19
CA ASP AA 80 -77.90 64.35 -157.19
C ASP AA 80 -78.56 64.12 -155.84
N ALA AA 81 -79.90 64.18 -155.81
CA ALA AA 81 -80.61 64.09 -154.55
C ALA AA 81 -80.49 62.71 -153.94
N GLU AA 82 -80.39 61.66 -154.75
CA GLU AA 82 -80.18 60.32 -154.19
C GLU AA 82 -78.83 60.22 -153.51
N ALA AA 83 -77.78 60.78 -154.12
CA ALA AA 83 -76.47 60.78 -153.48
C ALA AA 83 -76.51 61.58 -152.18
N ASP AA 84 -77.19 62.73 -152.21
CA ASP AA 84 -77.34 63.54 -151.00
C ASP AA 84 -78.09 62.76 -149.91
N VAL AA 85 -79.15 62.05 -150.29
CA VAL AA 85 -79.92 61.26 -149.33
C VAL AA 85 -79.06 60.17 -148.72
N ALA AA 86 -78.24 59.50 -149.54
CA ALA AA 86 -77.37 58.45 -149.01
C ALA AA 86 -76.36 59.01 -148.01
N SER AA 87 -75.74 60.15 -148.37
CA SER AA 87 -74.80 60.79 -147.45
C SER AA 87 -75.48 61.19 -146.15
N LEU AA 88 -76.67 61.77 -146.25
CA LEU AA 88 -77.42 62.19 -145.07
C LEU AA 88 -77.82 61.00 -144.21
N ASN AA 89 -78.21 59.88 -144.85
CA ASN AA 89 -78.57 58.69 -144.09
C ASN AA 89 -77.37 58.17 -143.32
N ARG AA 90 -76.20 58.12 -143.97
CA ARG AA 90 -74.99 57.70 -143.27
C ARG AA 90 -74.70 58.62 -142.08
N ARG AA 91 -74.81 59.93 -142.30
CA ARG AA 91 -74.52 60.88 -141.24
C ARG AA 91 -75.51 60.76 -140.08
N ILE AA 92 -76.79 60.56 -140.37
CA ILE AA 92 -77.74 60.49 -139.26
C ILE AA 92 -77.61 59.15 -138.54
N GLN AA 93 -77.23 58.09 -139.25
CA GLN AA 93 -76.83 56.86 -138.56
C GLN AA 93 -75.70 57.14 -137.58
N LEU AA 94 -74.68 57.86 -138.04
CA LEU AA 94 -73.56 58.20 -137.17
C LEU AA 94 -74.03 58.98 -135.94
N VAL AA 95 -74.91 59.95 -136.15
CA VAL AA 95 -75.33 60.80 -135.03
C VAL AA 95 -76.21 60.01 -134.07
N GLU AA 96 -77.06 59.11 -134.60
CA GLU AA 96 -77.88 58.28 -133.74
C GLU AA 96 -77.02 57.39 -132.86
N GLU AA 97 -76.04 56.69 -133.45
CA GLU AA 97 -75.18 55.84 -132.62
C GLU AA 97 -74.42 56.69 -131.61
N GLU AA 98 -73.91 57.85 -132.03
CA GLU AA 98 -73.23 58.74 -131.10
C GLU AA 98 -74.13 59.13 -129.93
N LEU AA 99 -75.39 59.46 -130.21
CA LEU AA 99 -76.33 59.79 -129.13
C LEU AA 99 -76.48 58.60 -128.19
N ASP AA 100 -76.51 57.39 -128.76
CA ASP AA 100 -76.57 56.18 -127.96
C ASP AA 100 -75.34 56.08 -127.05
N ARG AA 101 -74.16 56.42 -127.59
CA ARG AA 101 -72.92 56.38 -126.83
C ARG AA 101 -73.03 57.34 -125.66
N ALA AA 102 -73.57 58.53 -125.94
CA ALA AA 102 -73.72 59.53 -124.91
C ALA AA 102 -74.58 58.97 -123.80
N GLN AA 103 -75.67 58.28 -124.18
CA GLN AA 103 -76.56 57.72 -123.18
C GLN AA 103 -75.84 56.71 -122.27
N GLU AA 104 -75.13 55.71 -122.85
CA GLU AA 104 -74.51 54.74 -121.94
C GLU AA 104 -73.52 55.43 -121.01
N ARG AA 105 -72.66 56.31 -121.55
CA ARG AA 105 -71.69 56.95 -120.68
C ARG AA 105 -72.38 57.78 -119.61
N LEU AA 106 -73.49 58.45 -119.94
CA LEU AA 106 -74.23 59.18 -118.92
C LEU AA 106 -74.68 58.24 -117.81
N ALA AA 107 -75.18 57.06 -118.20
CA ALA AA 107 -75.61 56.07 -117.22
C ALA AA 107 -74.46 55.66 -116.33
N THR AA 108 -73.28 55.44 -116.93
CA THR AA 108 -72.12 55.05 -116.15
C THR AA 108 -71.77 56.12 -115.14
N ALA AA 109 -71.79 57.38 -115.58
CA ALA AA 109 -71.47 58.48 -114.67
C ALA AA 109 -72.47 58.55 -113.53
N LEU AA 110 -73.75 58.37 -113.80
CA LEU AA 110 -74.72 58.51 -112.72
C LEU AA 110 -74.62 57.34 -111.73
N GLN AA 111 -74.29 56.12 -112.17
CA GLN AA 111 -74.13 55.03 -111.21
C GLN AA 111 -72.85 55.22 -110.40
N LYS AA 112 -71.75 55.61 -111.06
CA LYS AA 112 -70.51 55.84 -110.32
C LYS AA 112 -70.70 56.93 -109.27
N LEU AA 113 -71.39 58.03 -109.64
CA LEU AA 113 -71.63 59.10 -108.68
C LEU AA 113 -72.46 58.60 -107.50
N GLU AA 114 -73.47 57.77 -107.78
CA GLU AA 114 -74.26 57.21 -106.68
C GLU AA 114 -73.39 56.38 -105.76
N GLU AA 115 -72.51 55.56 -106.33
CA GLU AA 115 -71.58 54.76 -105.52
C GLU AA 115 -70.73 55.67 -104.63
N ALA AA 116 -70.17 56.73 -105.22
CA ALA AA 116 -69.32 57.63 -104.45
C ALA AA 116 -70.11 58.31 -103.33
N GLU AA 117 -71.33 58.75 -103.64
CA GLU AA 117 -72.16 59.42 -102.64
C GLU AA 117 -72.49 58.49 -101.48
N LYS AA 118 -72.88 57.25 -101.78
CA LYS AA 118 -73.21 56.32 -100.72
C LYS AA 118 -71.98 56.00 -99.89
N ALA AA 119 -70.82 55.87 -100.54
CA ALA AA 119 -69.59 55.64 -99.80
C ALA AA 119 -69.30 56.79 -98.85
N ALA AA 120 -69.39 58.02 -99.36
CA ALA AA 120 -69.18 59.20 -98.52
C ALA AA 120 -70.12 59.22 -97.32
N ASP AA 121 -71.40 58.86 -97.53
CA ASP AA 121 -72.36 58.87 -96.43
C ASP AA 121 -72.02 57.78 -95.41
N GLU AA 122 -71.60 56.61 -95.89
CA GLU AA 122 -71.16 55.55 -95.00
C GLU AA 122 -69.97 56.02 -94.18
N SER AA 123 -69.07 56.74 -94.87
CA SER AA 123 -67.88 57.28 -94.23
C SER AA 123 -68.27 58.26 -93.14
N GLU AA 124 -69.30 59.07 -93.38
CA GLU AA 124 -69.78 60.03 -92.38
C GLU AA 124 -70.32 59.31 -91.16
N ARG AA 125 -71.10 58.24 -91.39
CA ARG AA 125 -71.64 57.48 -90.27
C ARG AA 125 -70.49 56.93 -89.44
N GLY AA 126 -69.46 56.44 -90.12
CA GLY AA 126 -68.28 55.96 -89.43
C GLY AA 126 -67.60 57.08 -88.69
N MET AA 127 -67.49 58.25 -89.32
CA MET AA 127 -66.85 59.35 -88.65
C MET AA 127 -67.49 59.45 -87.28
N LYS AA 128 -68.77 59.76 -87.21
CA LYS AA 128 -69.41 60.03 -85.91
C LYS AA 128 -69.26 58.85 -84.95
N VAL AA 129 -69.44 57.62 -85.43
CA VAL AA 129 -69.37 56.47 -84.53
C VAL AA 129 -68.00 56.40 -83.87
N ILE AA 130 -66.94 56.40 -84.68
CA ILE AA 130 -65.58 56.25 -84.14
C ILE AA 130 -65.20 57.46 -83.29
N GLU AA 131 -65.56 58.68 -83.71
CA GLU AA 131 -65.21 59.86 -82.89
C GLU AA 131 -65.80 59.69 -81.50
N SER AA 132 -67.08 59.35 -81.42
CA SER AA 132 -67.72 59.16 -80.13
C SER AA 132 -66.98 58.09 -79.33
N ARG AA 133 -66.68 56.95 -79.96
CA ARG AA 133 -65.93 55.90 -79.27
C ARG AA 133 -64.69 56.47 -78.61
N ALA AA 134 -63.91 57.25 -79.37
CA ALA AA 134 -62.66 57.81 -78.85
C ALA AA 134 -62.90 58.73 -77.66
N GLN AA 135 -63.89 59.61 -77.77
CA GLN AA 135 -64.16 60.53 -76.66
C GLN AA 135 -64.57 59.75 -75.42
N LYS AA 136 -65.40 58.72 -75.60
CA LYS AA 136 -65.79 57.88 -74.47
C LYS AA 136 -64.56 57.26 -73.84
N ASP AA 137 -63.65 56.75 -74.66
CA ASP AA 137 -62.41 56.19 -74.13
C ASP AA 137 -61.67 57.21 -73.28
N GLU AA 138 -61.60 58.46 -73.74
CA GLU AA 138 -60.90 59.50 -72.96
C GLU AA 138 -61.56 59.70 -71.61
N GLU AA 139 -62.90 59.70 -71.58
CA GLU AA 139 -63.63 59.81 -70.32
C GLU AA 139 -63.26 58.65 -69.40
N LYS AA 140 -63.25 57.44 -69.96
CA LYS AA 140 -62.90 56.26 -69.19
C LYS AA 140 -61.48 56.42 -68.65
N MET AA 141 -60.59 57.00 -69.46
CA MET AA 141 -59.20 57.20 -69.05
C MET AA 141 -59.17 58.02 -67.77
N GLU AA 142 -59.91 59.13 -67.76
CA GLU AA 142 -59.91 59.99 -66.57
C GLU AA 142 -60.45 59.24 -65.35
N ILE AA 143 -61.58 58.53 -65.53
CA ILE AA 143 -62.13 57.76 -64.43
C ILE AA 143 -61.12 56.75 -63.89
N GLN AA 144 -60.49 55.99 -64.78
CA GLN AA 144 -59.50 55.00 -64.38
C GLN AA 144 -58.32 55.67 -63.67
N GLU AA 145 -57.94 56.86 -64.13
CA GLU AA 145 -56.81 57.56 -63.53
C GLU AA 145 -57.10 57.91 -62.08
N ILE AA 146 -58.24 58.54 -61.83
CA ILE AA 146 -58.55 58.95 -60.45
C ILE AA 146 -58.73 57.71 -59.57
N GLN AA 147 -59.37 56.65 -60.09
CA GLN AA 147 -59.49 55.43 -59.30
C GLN AA 147 -58.13 54.82 -58.98
N LEU AA 148 -57.21 54.83 -59.95
CA LEU AA 148 -55.88 54.29 -59.71
C LEU AA 148 -55.12 55.09 -58.67
N LYS AA 149 -55.26 56.42 -58.72
CA LYS AA 149 -54.63 57.26 -57.69
C LYS AA 149 -55.17 56.93 -56.30
N GLU AA 150 -56.50 56.80 -56.18
CA GLU AA 150 -57.08 56.45 -54.89
C GLU AA 150 -56.58 55.08 -54.43
N ALA AA 151 -56.52 54.11 -55.34
CA ALA AA 151 -56.06 52.77 -54.97
C ALA AA 151 -54.62 52.79 -54.51
N LYS AA 152 -53.76 53.57 -55.18
CA LYS AA 152 -52.37 53.68 -54.75
C LYS AA 152 -52.27 54.30 -53.37
N HIS AA 153 -53.06 55.35 -53.11
CA HIS AA 153 -53.09 55.96 -51.78
C HIS AA 153 -53.47 54.92 -50.73
N ILE AA 154 -54.51 54.13 -51.00
CA ILE AA 154 -54.97 53.14 -50.03
C ILE AA 154 -53.90 52.08 -49.82
N ALA AA 155 -53.20 51.68 -50.89
CA ALA AA 155 -52.14 50.69 -50.76
C ALA AA 155 -51.00 51.20 -49.88
N GLU AA 156 -50.59 52.46 -50.08
CA GLU AA 156 -49.55 53.03 -49.23
C GLU AA 156 -50.02 53.09 -47.78
N ASP AA 157 -51.28 53.49 -47.56
CA ASP AA 157 -51.83 53.52 -46.21
C ASP AA 157 -51.72 52.14 -45.56
N ALA AA 158 -52.17 51.10 -46.27
CA ALA AA 158 -52.17 49.76 -45.72
C ALA AA 158 -50.74 49.29 -45.42
N ASP AA 159 -49.81 49.57 -46.33
CA ASP AA 159 -48.41 49.22 -46.09
C ASP AA 159 -47.93 49.86 -44.79
N ARG AA 160 -48.15 51.17 -44.63
CA ARG AA 160 -47.70 51.85 -43.43
C ARG AA 160 -48.31 51.22 -42.18
N LYS AA 161 -49.63 50.98 -42.21
CA LYS AA 161 -50.31 50.39 -41.05
C LYS AA 161 -49.69 49.05 -40.69
N TYR AA 162 -49.55 48.18 -41.69
CA TYR AA 162 -49.02 46.84 -41.44
C TYR AA 162 -47.61 46.91 -40.87
N GLU AA 163 -46.77 47.79 -41.43
CA GLU AA 163 -45.40 47.90 -40.95
C GLU AA 163 -45.35 48.40 -39.51
N GLU AA 164 -46.20 49.37 -39.16
CA GLU AA 164 -46.23 49.87 -37.79
C GLU AA 164 -46.66 48.76 -36.83
N VAL AA 165 -47.69 48.00 -37.23
CA VAL AA 165 -48.15 46.90 -36.40
C VAL AA 165 -47.05 45.87 -36.23
N ALA AA 166 -46.30 45.61 -37.31
CA ALA AA 166 -45.21 44.64 -37.24
C ALA AA 166 -44.13 45.10 -36.27
N ARG AA 167 -43.80 46.40 -36.28
CA ARG AA 167 -42.80 46.90 -35.34
C ARG AA 167 -43.27 46.74 -33.90
N LYS AA 168 -44.54 47.09 -33.65
CA LYS AA 168 -45.11 46.90 -32.33
C LYS AA 168 -45.08 45.44 -31.93
N LEU AA 169 -45.42 44.56 -32.88
CA LEU AA 169 -45.38 43.12 -32.62
C LEU AA 169 -43.98 42.68 -32.22
N VAL AA 170 -42.96 43.15 -32.94
CA VAL AA 170 -41.59 42.74 -32.63
C VAL AA 170 -41.23 43.18 -31.21
N ILE AA 171 -41.64 44.39 -30.83
CA ILE AA 171 -41.43 44.84 -29.46
C ILE AA 171 -42.13 43.92 -28.47
N ILE AA 172 -43.38 43.54 -28.77
CA ILE AA 172 -44.15 42.70 -27.86
C ILE AA 172 -43.53 41.31 -27.73
N GLU AA 173 -43.06 40.74 -28.84
CA GLU AA 173 -42.46 39.42 -28.77
C GLU AA 173 -41.15 39.46 -28.00
N SER AA 174 -40.38 40.55 -28.15
CA SER AA 174 -39.16 40.68 -27.37
C SER AA 174 -39.49 40.76 -25.88
N ASP AA 175 -40.53 41.51 -25.53
CA ASP AA 175 -40.95 41.59 -24.14
C ASP AA 175 -41.38 40.22 -23.63
N LEU AA 176 -42.14 39.48 -24.45
CA LEU AA 176 -42.57 38.14 -24.05
C LEU AA 176 -41.38 37.22 -23.81
N GLU AA 177 -40.37 37.30 -24.68
CA GLU AA 177 -39.20 36.45 -24.52
C GLU AA 177 -38.47 36.77 -23.23
N ARG AA 178 -38.31 38.07 -22.92
CA ARG AA 178 -37.66 38.43 -21.66
C ARG AA 178 -38.48 37.97 -20.47
N ALA AA 179 -39.81 38.10 -20.55
CA ALA AA 179 -40.68 37.68 -19.47
C ALA AA 179 -40.60 36.18 -19.23
N GLU AA 180 -40.58 35.39 -20.30
CA GLU AA 180 -40.47 33.94 -20.12
C GLU AA 180 -39.12 33.58 -19.52
N GLU AA 181 -38.02 34.15 -20.04
CA GLU AA 181 -36.71 33.84 -19.47
C GLU AA 181 -36.70 34.13 -17.98
N ARG AA 182 -37.22 35.30 -17.61
CA ARG AA 182 -37.26 35.69 -16.20
C ARG AA 182 -38.11 34.71 -15.39
N ALA AA 183 -39.20 34.23 -15.96
CA ALA AA 183 -40.03 33.24 -15.27
C ALA AA 183 -39.24 31.95 -15.01
N GLU AA 184 -38.53 31.45 -16.04
CA GLU AA 184 -37.78 30.21 -15.81
C GLU AA 184 -36.66 30.41 -14.80
N LEU AA 185 -35.95 31.55 -14.84
CA LEU AA 185 -34.88 31.74 -13.88
C LEU AA 185 -35.44 31.76 -12.45
N SER AA 186 -36.57 32.44 -12.24
CA SER AA 186 -37.15 32.46 -10.91
C SER AA 186 -37.65 31.08 -10.50
N GLU AA 187 -38.19 30.32 -11.45
CA GLU AA 187 -38.71 28.99 -11.13
C GLU AA 187 -37.58 28.03 -10.77
N GLY AA 188 -36.47 28.10 -11.51
CA GLY AA 188 -35.34 27.24 -11.19
C GLY AA 188 -34.72 27.60 -9.85
N LYS AA 189 -34.61 28.90 -9.55
CA LYS AA 189 -34.10 29.29 -8.23
C LYS AA 189 -35.05 28.79 -7.14
N CYS AA 190 -36.36 28.84 -7.40
CA CYS AA 190 -37.33 28.34 -6.43
C CYS AA 190 -37.18 26.84 -6.21
N ALA AA 191 -37.00 26.08 -7.28
CA ALA AA 191 -36.85 24.63 -7.16
C ALA AA 191 -35.57 24.27 -6.41
N GLU AA 192 -34.47 24.96 -6.70
CA GLU AA 192 -33.23 24.72 -5.97
C GLU AA 192 -33.40 25.08 -4.50
N LEU AA 193 -34.11 26.17 -4.21
CA LEU AA 193 -34.39 26.54 -2.83
C LEU AA 193 -35.21 25.47 -2.13
N GLU AA 194 -36.19 24.89 -2.83
CA GLU AA 194 -37.03 23.85 -2.23
C GLU AA 194 -36.24 22.58 -1.94
N GLU AA 195 -35.36 22.16 -2.86
CA GLU AA 195 -34.56 20.97 -2.59
C GLU AA 195 -33.58 21.21 -1.46
N GLU AA 196 -33.00 22.42 -1.38
CA GLU AA 196 -32.17 22.75 -0.24
C GLU AA 196 -32.99 22.71 1.05
N LEU AA 197 -34.23 23.22 1.01
CA LEU AA 197 -35.10 23.18 2.18
C LEU AA 197 -35.33 21.75 2.66
N LYS AA 198 -35.64 20.83 1.74
CA LYS AA 198 -35.94 19.48 2.17
C LYS AA 198 -34.71 18.74 2.66
N THR AA 199 -33.54 18.99 2.05
CA THR AA 199 -32.30 18.40 2.57
C THR AA 199 -31.99 18.93 3.96
N VAL AA 200 -32.18 20.23 4.18
CA VAL AA 200 -31.94 20.81 5.50
C VAL AA 200 -32.95 20.26 6.52
N THR AA 201 -34.18 19.98 6.09
CA THR AA 201 -35.15 19.38 7.00
C THR AA 201 -34.76 17.96 7.38
N ASN AA 202 -34.25 17.18 6.42
CA ASN AA 202 -33.65 15.89 6.74
C ASN AA 202 -32.57 16.04 7.80
N ASN AA 203 -31.63 16.95 7.57
CA ASN AA 203 -30.53 17.14 8.51
C ASN AA 203 -31.04 17.58 9.87
N LEU AA 204 -32.09 18.41 9.89
CA LEU AA 204 -32.67 18.89 11.14
C LEU AA 204 -33.27 17.76 11.95
N LYS AA 205 -34.06 16.90 11.29
CA LYS AA 205 -34.63 15.76 12.00
C LYS AA 205 -33.53 14.82 12.51
N SER AA 206 -32.48 14.64 11.70
CA SER AA 206 -31.38 13.77 12.12
C SER AA 206 -30.70 14.31 13.38
N LEU AA 207 -30.39 15.61 13.39
CA LEU AA 207 -29.73 16.18 14.56
C LEU AA 207 -30.66 16.25 15.76
N GLU AA 208 -31.97 16.41 15.53
CA GLU AA 208 -32.92 16.36 16.64
C GLU AA 208 -32.89 14.99 17.31
N ALA AA 209 -32.95 13.92 16.52
CA ALA AA 209 -32.86 12.58 17.08
C ALA AA 209 -31.52 12.37 17.77
N GLN AA 210 -30.44 12.88 17.18
CA GLN AA 210 -29.12 12.77 17.79
C GLN AA 210 -29.09 13.42 19.17
N ALA AA 211 -29.60 14.65 19.27
CA ALA AA 211 -29.59 15.36 20.54
C ALA AA 211 -30.46 14.66 21.58
N GLU AA 212 -31.60 14.12 21.14
CA GLU AA 212 -32.43 13.34 22.05
C GLU AA 212 -31.65 12.15 22.62
N LYS AA 213 -30.93 11.45 21.74
CA LYS AA 213 -30.16 10.28 22.19
C LYS AA 213 -29.03 10.70 23.12
N TYR AA 214 -28.37 11.83 22.83
CA TYR AA 214 -27.32 12.30 23.73
C TYR AA 214 -27.87 12.65 25.10
N SER AA 215 -29.03 13.30 25.16
CA SER AA 215 -29.63 13.62 26.45
C SER AA 215 -29.99 12.37 27.23
N GLN AA 216 -30.57 11.38 26.54
CA GLN AA 216 -30.90 10.11 27.22
C GLN AA 216 -29.66 9.43 27.75
N LYS AA 217 -28.58 9.39 26.94
CA LYS AA 217 -27.34 8.78 27.39
C LYS AA 217 -26.73 9.56 28.55
N GLU AA 218 -26.87 10.88 28.55
CA GLU AA 218 -26.36 11.68 29.65
C GLU AA 218 -27.06 11.34 30.95
N ASP AA 219 -28.39 11.31 30.94
CA ASP AA 219 -29.13 10.86 32.11
C ASP AA 219 -28.69 9.48 32.58
N ARG AA 220 -28.67 8.51 31.65
CA ARG AA 220 -28.27 7.15 31.97
C ARG AA 220 -26.90 7.12 32.64
N TYR AA 221 -25.94 7.84 32.08
CA TYR AA 221 -24.59 7.86 32.62
C TYR AA 221 -24.57 8.53 33.98
N GLU AA 222 -25.48 9.48 34.23
CA GLU AA 222 -25.58 10.09 35.55
C GLU AA 222 -25.94 9.05 36.61
N GLU AA 223 -27.00 8.27 36.36
CA GLU AA 223 -27.31 7.29 37.41
C GLU AA 223 -26.25 6.19 37.47
N GLU AA 224 -25.64 5.87 36.33
CA GLU AA 224 -24.57 4.88 36.32
C GLU AA 224 -23.40 5.31 37.19
N ILE AA 225 -22.99 6.58 37.07
CA ILE AA 225 -21.85 7.06 37.84
C ILE AA 225 -22.22 7.17 39.32
N LYS AA 226 -23.48 7.52 39.63
CA LYS AA 226 -23.89 7.51 41.03
C LYS AA 226 -23.76 6.12 41.63
N VAL AA 227 -24.27 5.11 40.92
CA VAL AA 227 -24.17 3.73 41.42
C VAL AA 227 -22.71 3.30 41.53
N LEU AA 228 -21.89 3.71 40.57
CA LEU AA 228 -20.47 3.36 40.61
C LEU AA 228 -19.78 3.97 41.83
N SER AA 229 -20.10 5.23 42.15
CA SER AA 229 -19.54 5.85 43.35
C SER AA 229 -19.99 5.10 44.60
N ASP AA 230 -21.25 4.68 44.64
CA ASP AA 230 -21.72 3.92 45.81
C ASP AA 230 -20.95 2.62 45.95
N LYS AA 231 -20.75 1.90 44.84
CA LYS AA 231 -20.01 0.64 44.89
C LYS AA 231 -18.57 0.87 45.33
N LEU AA 232 -17.96 1.96 44.85
CA LEU AA 232 -16.60 2.28 45.29
C LEU AA 232 -16.57 2.52 46.79
N LYS AA 233 -17.56 3.23 47.32
CA LYS AA 233 -17.59 3.46 48.77
C LYS AA 233 -17.74 2.16 49.55
N GLU AA 234 -18.61 1.25 49.10
CA GLU AA 234 -18.76 -0.02 49.82
C GLU AA 234 -17.46 -0.81 49.81
N ALA AA 235 -16.79 -0.87 48.65
CA ALA AA 235 -15.56 -1.63 48.55
C ALA AA 235 -14.47 -1.00 49.41
N GLU AA 236 -14.38 0.34 49.43
CA GLU AA 236 -13.40 1.01 50.27
C GLU AA 236 -13.65 0.72 51.74
N THR AA 237 -14.92 0.73 52.16
CA THR AA 237 -15.25 0.39 53.54
C THR AA 237 -14.76 -1.00 53.90
N ARG AA 238 -15.06 -1.98 53.03
CA ARG AA 238 -14.63 -3.36 53.32
C ARG AA 238 -13.12 -3.46 53.37
N ALA AA 239 -12.42 -2.77 52.44
CA ALA AA 239 -10.96 -2.81 52.43
C ALA AA 239 -10.39 -2.23 53.71
N GLU AA 240 -10.94 -1.11 54.18
CA GLU AA 240 -10.46 -0.51 55.42
C GLU AA 240 -10.69 -1.45 56.61
N PHE AA 241 -11.86 -2.07 56.66
CA PHE AA 241 -12.12 -3.08 57.70
C PHE AA 241 -11.05 -4.15 57.70
N ALA AA 242 -10.76 -4.71 56.52
CA ALA AA 242 -9.77 -5.77 56.41
C ALA AA 242 -8.39 -5.29 56.85
N GLU AA 243 -8.03 -4.06 56.48
CA GLU AA 243 -6.69 -3.56 56.80
C GLU AA 243 -6.53 -3.33 58.31
N ARG AA 244 -7.58 -2.81 58.96
CA ARG AA 244 -7.53 -2.66 60.41
C ARG AA 244 -7.42 -4.02 61.08
N SER AA 245 -8.14 -5.02 60.57
CA SER AA 245 -7.97 -6.38 61.05
C SER AA 245 -6.51 -6.82 60.91
N VAL AA 246 -5.89 -6.54 59.75
CA VAL AA 246 -4.50 -6.91 59.52
C VAL AA 246 -3.61 -6.34 60.63
N THR AA 247 -3.75 -5.03 60.87
CA THR AA 247 -2.87 -4.37 61.84
C THR AA 247 -3.08 -4.91 63.25
N LYS AA 248 -4.34 -5.13 63.64
CA LYS AA 248 -4.60 -5.65 64.98
C LYS AA 248 -4.05 -7.06 65.15
N LEU AA 249 -4.21 -7.92 64.14
CA LEU AA 249 -3.64 -9.25 64.23
C LEU AA 249 -2.11 -9.19 64.30
N GLU AA 250 -1.50 -8.27 63.55
CA GLU AA 250 -0.05 -8.12 63.62
C GLU AA 250 0.41 -7.74 65.02
N LYS AA 251 -0.29 -6.82 65.67
CA LYS AA 251 0.06 -6.46 67.05
C LYS AA 251 -0.08 -7.64 68.00
N SER AA 252 -1.18 -8.39 67.86
CA SER AA 252 -1.37 -9.57 68.71
C SER AA 252 -0.23 -10.57 68.50
N ILE AA 253 0.16 -10.77 67.24
CA ILE AA 253 1.25 -11.67 66.92
C ILE AA 253 2.53 -11.19 67.58
N ASP AA 254 2.78 -9.88 67.54
CA ASP AA 254 3.95 -9.30 68.21
C ASP AA 254 3.99 -9.67 69.69
N ASP AA 255 2.88 -9.43 70.40
CA ASP AA 255 2.86 -9.71 71.83
C ASP AA 255 3.11 -11.18 72.11
N LEU AA 256 2.44 -12.05 71.34
CA LEU AA 256 2.61 -13.49 71.53
C LEU AA 256 4.05 -13.88 71.25
N GLU AA 257 4.64 -13.27 70.23
CA GLU AA 257 6.01 -13.59 69.81
C GLU AA 257 6.99 -13.31 70.93
N ASP AA 258 6.85 -12.14 71.55
CA ASP AA 258 7.73 -11.78 72.66
C ASP AA 258 7.57 -12.74 73.83
N GLU AA 259 6.32 -13.07 74.16
CA GLU AA 259 6.09 -13.97 75.28
C GLU AA 259 6.67 -15.37 75.03
N LEU AA 260 6.48 -15.90 73.82
CA LEU AA 260 7.04 -17.21 73.50
C LEU AA 260 8.56 -17.20 73.56
N TYR AA 261 9.20 -16.16 73.02
CA TYR AA 261 10.66 -16.13 73.04
C TYR AA 261 11.18 -16.08 74.48
N ALA AA 262 10.56 -15.26 75.34
CA ALA AA 262 11.00 -15.22 76.73
C ALA AA 262 10.80 -16.57 77.42
N GLN AA 263 9.62 -17.16 77.18
CA GLN AA 263 9.29 -18.45 77.77
C GLN AA 263 10.42 -19.37 77.47
N LYS AA 264 10.82 -19.42 76.21
CA LYS AA 264 11.91 -20.29 75.78
C LYS AA 264 13.28 -19.93 76.29
N LEU AA 265 13.57 -18.64 76.41
CA LEU AA 265 14.85 -18.28 77.02
C LEU AA 265 14.93 -18.91 78.41
N LYS AA 266 13.86 -18.85 79.21
CA LYS AA 266 13.90 -19.37 80.57
C LYS AA 266 13.81 -20.90 80.59
N TYR AA 267 13.13 -21.49 79.60
CA TYR AA 267 13.12 -22.95 79.46
C TYR AA 267 14.52 -23.50 79.26
N LYS AA 268 15.27 -22.91 78.32
CA LYS AA 268 16.63 -23.39 78.09
C LYS AA 268 17.49 -23.15 79.30
N ALA AA 269 17.29 -22.05 80.02
CA ALA AA 269 18.01 -21.83 81.27
C ALA AA 269 17.77 -22.97 82.26
N ILE AA 270 16.50 -23.28 82.55
CA ILE AA 270 16.21 -24.31 83.55
C ILE AA 270 16.66 -25.69 83.08
N SER AA 271 16.64 -25.94 81.77
CA SER AA 271 17.09 -27.23 81.26
C SER AA 271 18.60 -27.38 81.43
N GLU AA 272 19.33 -26.35 81.02
CA GLU AA 272 20.77 -26.35 81.23
C GLU AA 272 21.11 -26.54 82.70
N GLU AA 273 20.36 -25.89 83.59
CA GLU AA 273 20.70 -26.00 85.01
C GLU AA 273 20.39 -27.39 85.57
N LEU AA 274 19.32 -28.04 85.09
CA LEU AA 274 19.09 -29.42 85.48
C LEU AA 274 20.25 -30.29 85.00
N ASP AA 275 20.71 -30.05 83.77
CA ASP AA 275 21.88 -30.76 83.26
C ASP AA 275 23.11 -30.49 84.13
N HIS AA 276 23.29 -29.26 84.58
CA HIS AA 276 24.44 -28.94 85.44
C HIS AA 276 24.36 -29.79 86.71
N ALA AA 277 23.17 -29.87 87.30
CA ALA AA 277 23.02 -30.71 88.50
C ALA AA 277 23.41 -32.16 88.18
N LEU AA 278 23.04 -32.63 86.99
CA LEU AA 278 23.45 -33.98 86.60
C LEU AA 278 24.97 -34.07 86.52
N ASN AA 279 25.62 -32.99 86.05
CA ASN AA 279 27.09 -32.96 86.04
C ASN AA 279 27.59 -33.11 87.45
N ASP AA 280 26.85 -32.53 88.40
CA ASP AA 280 27.20 -32.69 89.81
C ASP AA 280 27.20 -34.17 90.14
N MET AA 281 26.16 -34.90 89.69
CA MET AA 281 26.15 -36.36 89.88
C MET AA 281 27.42 -36.99 89.36
N THR AA 282 27.91 -36.51 88.22
CA THR AA 282 29.18 -37.04 87.71
C THR AA 282 30.36 -36.73 88.62
N SER AA 283 30.45 -35.49 89.12
CA SER AA 283 31.53 -35.14 90.05
C SER AA 283 31.52 -35.96 91.34
N ILE AA 284 30.33 -36.20 91.90
CA ILE AA 284 30.20 -37.03 93.11
C ILE AA 284 30.87 -38.39 92.98
N LYS BA 48 -97.70 55.04 -200.04
CA LYS BA 48 -96.65 54.25 -199.39
C LYS BA 48 -95.69 55.15 -198.59
N LYS BA 49 -95.31 56.30 -199.16
CA LYS BA 49 -94.54 57.28 -198.40
C LYS BA 49 -95.28 57.61 -197.11
N LEU BA 50 -96.60 57.76 -197.22
CA LEU BA 50 -97.38 58.15 -196.05
C LEU BA 50 -97.30 57.07 -194.99
N LYS BA 51 -97.32 55.79 -195.40
CA LYS BA 51 -97.14 54.71 -194.43
C LYS BA 51 -95.83 54.88 -193.66
N GLY BA 52 -94.74 55.12 -194.37
CA GLY BA 52 -93.46 55.29 -193.71
C GLY BA 52 -93.47 56.46 -192.72
N THR BA 53 -93.99 57.59 -193.18
CA THR BA 53 -94.05 58.78 -192.31
C THR BA 53 -94.94 58.51 -191.10
N GLU BA 54 -96.06 57.81 -191.29
CA GLU BA 54 -96.93 57.47 -190.18
C GLU BA 54 -96.23 56.55 -189.19
N ASP BA 55 -95.41 55.62 -189.71
CA ASP BA 55 -94.64 54.75 -188.82
C ASP BA 55 -93.73 55.58 -187.92
N GLU BA 56 -93.02 56.54 -188.52
CA GLU BA 56 -92.18 57.42 -187.70
C GLU BA 56 -93.03 58.21 -186.71
N LEU BA 57 -94.16 58.74 -187.16
CA LEU BA 57 -95.08 59.49 -186.30
C LEU BA 57 -95.51 58.66 -185.10
N ASP BA 58 -95.86 57.39 -185.35
CA ASP BA 58 -96.24 56.46 -184.30
C ASP BA 58 -95.09 56.25 -183.33
N LYS BA 59 -93.90 55.94 -183.85
CA LYS BA 59 -92.75 55.72 -182.98
C LYS BA 59 -92.53 56.92 -182.06
N TYR BA 60 -92.60 58.14 -182.60
CA TYR BA 60 -92.48 59.31 -181.74
C TYR BA 60 -93.62 59.40 -180.73
N SER BA 61 -94.84 59.04 -181.13
CA SER BA 61 -95.95 59.10 -180.19
C SER BA 61 -95.72 58.20 -178.99
N GLU BA 62 -95.35 56.93 -179.25
CA GLU BA 62 -95.05 56.03 -178.13
C GLU BA 62 -93.85 56.52 -177.34
N ALA BA 63 -92.81 57.00 -178.01
CA ALA BA 63 -91.63 57.48 -177.29
C ALA BA 63 -91.97 58.67 -176.42
N LEU BA 64 -92.87 59.53 -176.87
CA LEU BA 64 -93.29 60.68 -176.08
C LEU BA 64 -94.12 60.25 -174.88
N LYS BA 65 -95.02 59.28 -175.05
CA LYS BA 65 -95.79 58.78 -173.91
C LYS BA 65 -94.87 58.18 -172.86
N ASP BA 66 -93.95 57.31 -173.30
CA ASP BA 66 -93.01 56.69 -172.38
C ASP BA 66 -92.14 57.74 -171.72
N ALA BA 67 -91.70 58.75 -172.50
CA ALA BA 67 -90.84 59.80 -171.97
C ALA BA 67 -91.57 60.60 -170.91
N GLN BA 68 -92.83 60.94 -171.15
CA GLN BA 68 -93.60 61.68 -170.14
C GLN BA 68 -93.75 60.86 -168.86
N GLU BA 69 -94.04 59.56 -168.99
CA GLU BA 69 -94.21 58.76 -167.77
C GLU BA 69 -92.91 58.64 -166.99
N LYS BA 70 -91.80 58.35 -167.67
CA LYS BA 70 -90.52 58.23 -166.97
C LYS BA 70 -90.09 59.58 -166.40
N LEU BA 71 -90.28 60.67 -167.14
CA LEU BA 71 -90.00 62.00 -166.63
C LEU BA 71 -90.76 62.26 -165.34
N GLU BA 72 -92.06 61.94 -165.34
CA GLU BA 72 -92.88 62.15 -164.15
C GLU BA 72 -92.40 61.30 -162.98
N LEU BA 73 -92.06 60.05 -163.25
CA LEU BA 73 -91.57 59.17 -162.19
C LEU BA 73 -90.28 59.71 -161.59
N ALA BA 74 -89.33 60.09 -162.43
CA ALA BA 74 -88.07 60.63 -161.94
C ALA BA 74 -88.30 61.91 -161.15
N GLU BA 75 -89.17 62.80 -161.66
CA GLU BA 75 -89.42 64.06 -160.99
C GLU BA 75 -90.03 63.85 -159.61
N LYS BA 76 -91.03 62.96 -159.50
CA LYS BA 76 -91.63 62.72 -158.19
C LYS BA 76 -90.63 62.06 -157.26
N LYS BA 77 -89.88 61.07 -157.75
CA LYS BA 77 -88.84 60.43 -156.96
C LYS BA 77 -87.90 61.47 -156.37
N ALA BA 78 -87.41 62.38 -157.20
CA ALA BA 78 -86.35 63.28 -156.74
C ALA BA 78 -86.89 64.47 -155.96
N THR BA 79 -88.15 64.86 -156.18
CA THR BA 79 -88.77 65.82 -155.28
C THR BA 79 -88.92 65.23 -153.88
N ASP BA 80 -89.38 63.97 -153.80
CA ASP BA 80 -89.42 63.28 -152.52
C ASP BA 80 -88.02 63.19 -151.92
N ALA BA 81 -87.02 62.92 -152.74
CA ALA BA 81 -85.66 62.80 -152.25
C ALA BA 81 -85.14 64.11 -151.69
N GLU BA 82 -85.45 65.23 -152.35
CA GLU BA 82 -85.01 66.54 -151.86
C GLU BA 82 -85.74 66.92 -150.57
N ALA BA 83 -87.04 66.64 -150.50
CA ALA BA 83 -87.75 66.85 -149.24
C ALA BA 83 -87.14 66.02 -148.12
N ASP BA 84 -86.77 64.78 -148.42
CA ASP BA 84 -86.06 63.94 -147.45
C ASP BA 84 -84.72 64.55 -147.09
N VAL BA 85 -84.05 65.15 -148.05
CA VAL BA 85 -82.76 65.80 -147.79
C VAL BA 85 -82.93 66.90 -146.74
N ALA BA 86 -83.91 67.78 -146.95
CA ALA BA 86 -84.13 68.87 -146.00
C ALA BA 86 -84.53 68.33 -144.62
N SER BA 87 -85.49 67.40 -144.60
CA SER BA 87 -85.95 66.86 -143.33
C SER BA 87 -84.81 66.17 -142.58
N LEU BA 88 -83.97 65.43 -143.31
CA LEU BA 88 -82.90 64.68 -142.69
C LEU BA 88 -81.80 65.62 -142.23
N ASN BA 89 -81.59 66.73 -142.95
CA ASN BA 89 -80.69 67.77 -142.45
C ASN BA 89 -81.13 68.24 -141.08
N ARG BA 90 -82.41 68.60 -140.95
CA ARG BA 90 -82.91 69.09 -139.67
C ARG BA 90 -82.81 68.00 -138.59
N ARG BA 91 -83.09 66.75 -138.94
CA ARG BA 91 -82.98 65.68 -137.95
C ARG BA 91 -81.54 65.52 -137.49
N ILE BA 92 -80.59 65.56 -138.42
CA ILE BA 92 -79.18 65.44 -138.07
C ILE BA 92 -78.76 66.58 -137.16
N GLN BA 93 -79.16 67.81 -137.49
CA GLN BA 93 -78.76 68.94 -136.65
C GLN BA 93 -79.34 68.81 -135.24
N LEU BA 94 -80.61 68.42 -135.12
CA LEU BA 94 -81.19 68.29 -133.78
C LEU BA 94 -80.52 67.20 -132.97
N VAL BA 95 -80.27 66.03 -133.59
CA VAL BA 95 -79.60 64.99 -132.81
C VAL BA 95 -78.18 65.40 -132.49
N GLU BA 96 -77.53 66.17 -133.37
CA GLU BA 96 -76.17 66.61 -133.10
C GLU BA 96 -76.12 67.58 -131.94
N GLU BA 97 -77.10 68.50 -131.87
CA GLU BA 97 -77.14 69.42 -130.73
C GLU BA 97 -77.41 68.66 -129.43
N GLU BA 98 -78.34 67.69 -129.47
CA GLU BA 98 -78.54 66.83 -128.31
C GLU BA 98 -77.23 66.16 -127.91
N LEU BA 99 -76.44 65.73 -128.89
CA LEU BA 99 -75.19 65.05 -128.59
C LEU BA 99 -74.21 66.00 -127.94
N ASP BA 100 -74.11 67.23 -128.47
CA ASP BA 100 -73.25 68.24 -127.87
C ASP BA 100 -73.63 68.49 -126.42
N ARG BA 101 -74.93 68.67 -126.17
CA ARG BA 101 -75.43 68.89 -124.81
C ARG BA 101 -75.01 67.73 -123.92
N ALA BA 102 -75.13 66.52 -124.44
CA ALA BA 102 -74.74 65.34 -123.68
C ALA BA 102 -73.26 65.43 -123.34
N GLN BA 103 -72.45 65.88 -124.29
CA GLN BA 103 -71.01 66.02 -124.05
C GLN BA 103 -70.70 67.00 -122.93
N GLU BA 104 -71.37 68.17 -122.89
CA GLU BA 104 -71.10 69.07 -121.76
C GLU BA 104 -71.51 68.39 -120.46
N ARG BA 105 -72.70 67.77 -120.44
CA ARG BA 105 -73.16 67.15 -119.21
C ARG BA 105 -72.18 66.08 -118.77
N LEU BA 106 -71.73 65.25 -119.71
CA LEU BA 106 -70.82 64.17 -119.41
C LEU BA 106 -69.46 64.68 -118.93
N ALA BA 107 -69.01 65.81 -119.48
CA ALA BA 107 -67.77 66.40 -119.00
C ALA BA 107 -67.90 66.78 -117.53
N THR BA 108 -68.97 67.50 -117.20
CA THR BA 108 -69.21 67.87 -115.80
C THR BA 108 -69.35 66.62 -114.95
N ALA BA 109 -69.98 65.60 -115.53
CA ALA BA 109 -70.17 64.34 -114.82
C ALA BA 109 -68.83 63.74 -114.44
N LEU BA 110 -67.90 63.68 -115.39
CA LEU BA 110 -66.58 63.12 -115.07
C LEU BA 110 -65.89 63.96 -114.01
N GLN BA 111 -66.00 65.29 -114.09
CA GLN BA 111 -65.39 66.15 -113.08
C GLN BA 111 -65.95 65.83 -111.69
N LYS BA 112 -67.28 65.74 -111.58
CA LYS BA 112 -67.90 65.46 -110.29
C LYS BA 112 -67.51 64.06 -109.81
N LEU BA 113 -67.42 63.09 -110.70
CA LEU BA 113 -67.01 61.74 -110.29
C LEU BA 113 -65.64 61.81 -109.63
N GLU BA 114 -64.69 62.50 -110.29
CA GLU BA 114 -63.35 62.63 -109.73
C GLU BA 114 -63.38 63.32 -108.37
N GLU BA 115 -64.18 64.39 -108.27
CA GLU BA 115 -64.27 65.11 -107.00
C GLU BA 115 -64.80 64.20 -105.90
N ALA BA 116 -65.86 63.44 -106.21
CA ALA BA 116 -66.49 62.57 -105.23
C ALA BA 116 -65.50 61.51 -104.76
N GLU BA 117 -64.75 60.90 -105.70
CA GLU BA 117 -63.83 59.84 -105.30
C GLU BA 117 -62.70 60.41 -104.44
N LYS BA 118 -62.19 61.60 -104.78
CA LYS BA 118 -61.18 62.24 -103.94
C LYS BA 118 -61.72 62.46 -102.53
N ALA BA 119 -62.95 62.96 -102.44
CA ALA BA 119 -63.59 63.16 -101.14
C ALA BA 119 -63.68 61.85 -100.38
N ALA BA 120 -64.05 60.77 -101.08
CA ALA BA 120 -64.14 59.46 -100.42
C ALA BA 120 -62.77 59.02 -99.92
N ASP BA 121 -61.71 59.38 -100.65
CA ASP BA 121 -60.36 59.01 -100.23
C ASP BA 121 -59.94 59.77 -98.97
N GLU BA 122 -60.25 61.07 -98.92
CA GLU BA 122 -59.93 61.81 -97.70
C GLU BA 122 -60.78 61.30 -96.53
N SER BA 123 -62.02 60.88 -96.80
CA SER BA 123 -62.80 60.25 -95.75
C SER BA 123 -62.16 58.95 -95.29
N GLU BA 124 -61.57 58.20 -96.22
CA GLU BA 124 -60.90 56.95 -95.84
C GLU BA 124 -59.70 57.24 -94.95
N ARG BA 125 -58.97 58.31 -95.24
CA ARG BA 125 -57.91 58.74 -94.35
C ARG BA 125 -58.47 59.12 -92.98
N GLY BA 126 -59.66 59.72 -92.96
CA GLY BA 126 -60.32 59.96 -91.68
C GLY BA 126 -60.53 58.68 -90.87
N MET BA 127 -61.17 57.67 -91.48
CA MET BA 127 -61.18 56.32 -90.88
C MET BA 127 -59.84 55.91 -90.31
N LYS BA 128 -58.78 55.93 -91.13
CA LYS BA 128 -57.48 55.46 -90.66
C LYS BA 128 -57.04 56.20 -89.40
N VAL BA 129 -57.12 57.53 -89.39
CA VAL BA 129 -56.57 58.25 -88.24
C VAL BA 129 -57.48 58.10 -87.02
N ILE BA 130 -58.81 58.03 -87.22
CA ILE BA 130 -59.70 57.85 -86.08
C ILE BA 130 -59.59 56.43 -85.52
N GLU BA 131 -59.36 55.44 -86.38
CA GLU BA 131 -59.08 54.10 -85.91
C GLU BA 131 -57.80 54.08 -85.09
N SER BA 132 -56.79 54.85 -85.53
CA SER BA 132 -55.56 54.95 -84.76
C SER BA 132 -55.83 55.56 -83.38
N ARG BA 133 -56.70 56.57 -83.32
CA ARG BA 133 -57.05 57.16 -82.03
C ARG BA 133 -57.74 56.14 -81.14
N ALA BA 134 -58.68 55.37 -81.71
CA ALA BA 134 -59.38 54.37 -80.94
C ALA BA 134 -58.43 53.30 -80.42
N GLN BA 135 -57.46 52.89 -81.24
CA GLN BA 135 -56.60 51.79 -80.82
C GLN BA 135 -55.58 52.24 -79.78
N LYS BA 136 -55.06 53.47 -79.89
CA LYS BA 136 -54.18 53.95 -78.82
C LYS BA 136 -54.96 54.10 -77.52
N ASP BA 137 -56.22 54.57 -77.60
CA ASP BA 137 -57.05 54.64 -76.41
C ASP BA 137 -57.22 53.25 -75.81
N GLU BA 138 -57.47 52.23 -76.64
CA GLU BA 138 -57.71 50.88 -76.13
C GLU BA 138 -56.43 50.30 -75.51
N GLU BA 139 -55.24 50.64 -76.01
CA GLU BA 139 -53.99 50.27 -75.36
C GLU BA 139 -53.92 50.87 -73.96
N LYS BA 140 -54.24 52.17 -73.85
CA LYS BA 140 -54.18 52.79 -72.53
C LYS BA 140 -55.24 52.17 -71.60
N MET BA 141 -56.36 51.73 -72.17
CA MET BA 141 -57.39 51.08 -71.37
C MET BA 141 -56.87 49.81 -70.76
N GLU BA 142 -56.15 49.01 -71.53
CA GLU BA 142 -55.58 47.78 -71.00
C GLU BA 142 -54.55 48.08 -69.92
N ILE BA 143 -53.69 49.08 -70.17
CA ILE BA 143 -52.68 49.46 -69.18
C ILE BA 143 -53.33 49.80 -67.84
N GLN BA 144 -54.29 50.73 -67.86
CA GLN BA 144 -54.85 51.20 -66.59
C GLN BA 144 -55.74 50.16 -65.93
N GLU BA 145 -56.39 49.29 -66.70
CA GLU BA 145 -57.23 48.28 -66.07
C GLU BA 145 -56.38 47.21 -65.40
N ILE BA 146 -55.26 46.81 -66.04
CA ILE BA 146 -54.32 45.90 -65.40
C ILE BA 146 -53.77 46.52 -64.12
N GLN BA 147 -53.40 47.81 -64.18
CA GLN BA 147 -52.92 48.47 -62.97
C GLN BA 147 -53.96 48.45 -61.86
N LEU BA 148 -55.24 48.59 -62.23
CA LEU BA 148 -56.30 48.55 -61.23
C LEU BA 148 -56.41 47.17 -60.59
N LYS BA 149 -56.35 46.10 -61.41
CA LYS BA 149 -56.35 44.76 -60.83
C LYS BA 149 -55.21 44.59 -59.84
N GLU BA 150 -54.00 44.98 -60.25
CA GLU BA 150 -52.85 44.79 -59.36
C GLU BA 150 -53.01 45.56 -58.06
N ALA BA 151 -53.48 46.81 -58.15
CA ALA BA 151 -53.67 47.61 -56.93
C ALA BA 151 -54.68 46.97 -55.99
N LYS BA 152 -55.81 46.51 -56.53
CA LYS BA 152 -56.84 45.95 -55.66
C LYS BA 152 -56.38 44.63 -55.02
N HIS BA 153 -55.62 43.83 -55.78
CA HIS BA 153 -55.14 42.57 -55.24
C HIS BA 153 -54.15 42.83 -54.11
N ILE BA 154 -53.25 43.80 -54.30
CA ILE BA 154 -52.28 44.11 -53.25
C ILE BA 154 -52.98 44.66 -52.02
N ALA BA 155 -54.01 45.50 -52.21
CA ALA BA 155 -54.73 46.05 -51.07
C ALA BA 155 -55.42 44.95 -50.27
N GLU BA 156 -56.08 44.00 -50.96
CA GLU BA 156 -56.75 42.91 -50.27
C GLU BA 156 -55.76 42.06 -49.49
N ASP BA 157 -54.62 41.75 -50.11
CA ASP BA 157 -53.61 40.93 -49.42
C ASP BA 157 -53.08 41.66 -48.19
N ALA BA 158 -52.84 42.97 -48.29
CA ALA BA 158 -52.36 43.73 -47.15
C ALA BA 158 -53.38 43.77 -46.02
N ASP BA 159 -54.66 43.91 -46.36
CA ASP BA 159 -55.70 43.89 -45.34
C ASP BA 159 -55.75 42.54 -44.62
N ARG BA 160 -55.65 41.44 -45.37
CA ARG BA 160 -55.65 40.13 -44.75
C ARG BA 160 -54.44 39.94 -43.83
N LYS BA 161 -53.27 40.42 -44.27
CA LYS BA 161 -52.08 40.34 -43.42
C LYS BA 161 -52.25 41.16 -42.16
N TYR BA 162 -52.86 42.34 -42.27
CA TYR BA 162 -53.11 43.16 -41.09
C TYR BA 162 -54.02 42.46 -40.09
N GLU BA 163 -55.09 41.83 -40.58
CA GLU BA 163 -55.97 41.10 -39.67
C GLU BA 163 -55.24 39.94 -39.00
N GLU BA 164 -54.43 39.21 -39.76
CA GLU BA 164 -53.70 38.08 -39.19
C GLU BA 164 -52.72 38.54 -38.11
N VAL BA 165 -52.00 39.62 -38.37
CA VAL BA 165 -51.02 40.10 -37.40
C VAL BA 165 -51.72 40.68 -36.17
N ALA BA 166 -52.91 41.27 -36.34
CA ALA BA 166 -53.67 41.70 -35.17
C ALA BA 166 -54.08 40.52 -34.31
N ARG BA 167 -54.53 39.44 -34.93
CA ARG BA 167 -54.87 38.23 -34.18
C ARG BA 167 -53.66 37.69 -33.43
N LYS BA 168 -52.51 37.63 -34.11
CA LYS BA 168 -51.28 37.19 -33.47
C LYS BA 168 -50.92 38.06 -32.28
N LEU BA 169 -51.07 39.38 -32.44
CA LEU BA 169 -50.75 40.31 -31.35
C LEU BA 169 -51.65 40.05 -30.15
N VAL BA 170 -52.94 39.83 -30.39
CA VAL BA 170 -53.86 39.57 -29.28
C VAL BA 170 -53.46 38.30 -28.54
N ILE BA 171 -53.17 37.23 -29.29
CA ILE BA 171 -52.82 35.96 -28.67
C ILE BA 171 -51.54 36.10 -27.85
N ILE BA 172 -50.53 36.78 -28.42
CA ILE BA 172 -49.26 36.91 -27.72
C ILE BA 172 -49.40 37.81 -26.49
N GLU BA 173 -50.28 38.82 -26.55
CA GLU BA 173 -50.53 39.63 -25.36
C GLU BA 173 -51.17 38.80 -24.25
N SER BA 174 -52.11 37.92 -24.59
CA SER BA 174 -52.69 37.03 -23.60
C SER BA 174 -51.61 36.13 -22.99
N ASP BA 175 -50.72 35.60 -23.83
CA ASP BA 175 -49.64 34.76 -23.33
C ASP BA 175 -48.73 35.54 -22.40
N LEU BA 176 -48.44 36.79 -22.74
CA LEU BA 176 -47.60 37.63 -21.88
C LEU BA 176 -48.25 37.87 -20.53
N GLU BA 177 -49.56 38.11 -20.51
CA GLU BA 177 -50.27 38.27 -19.24
C GLU BA 177 -50.14 37.00 -18.39
N ARG BA 178 -50.36 35.84 -19.01
CA ARG BA 178 -50.23 34.58 -18.29
C ARG BA 178 -48.82 34.42 -17.71
N ALA BA 179 -47.80 34.70 -18.52
CA ALA BA 179 -46.42 34.54 -18.07
C ALA BA 179 -46.11 35.48 -16.91
N GLU BA 180 -46.60 36.73 -16.99
CA GLU BA 180 -46.34 37.69 -15.93
C GLU BA 180 -46.96 37.23 -14.62
N GLU BA 181 -48.21 36.76 -14.66
CA GLU BA 181 -48.85 36.29 -13.43
C GLU BA 181 -48.13 35.07 -12.86
N ARG BA 182 -47.75 34.13 -13.72
CA ARG BA 182 -47.04 32.94 -13.25
C ARG BA 182 -45.71 33.33 -12.59
N ALA BA 183 -44.98 34.25 -13.20
CA ALA BA 183 -43.69 34.67 -12.65
C ALA BA 183 -43.86 35.39 -11.32
N GLU BA 184 -44.86 36.26 -11.21
CA GLU BA 184 -45.08 36.95 -9.94
C GLU BA 184 -45.39 35.95 -8.83
N LEU BA 185 -46.24 34.96 -9.12
CA LEU BA 185 -46.52 33.92 -8.14
C LEU BA 185 -45.25 33.18 -7.74
N SER BA 186 -44.44 32.81 -8.73
CA SER BA 186 -43.23 32.04 -8.45
C SER BA 186 -42.24 32.85 -7.61
N GLU BA 187 -42.09 34.14 -7.92
CA GLU BA 187 -41.17 34.98 -7.15
C GLU BA 187 -41.64 35.14 -5.71
N GLY BA 188 -42.94 35.35 -5.50
CA GLY BA 188 -43.44 35.42 -4.14
C GLY BA 188 -43.19 34.12 -3.37
N LYS BA 189 -43.44 32.98 -4.03
CA LYS BA 189 -43.19 31.70 -3.38
C LYS BA 189 -41.72 31.52 -3.04
N CYS BA 190 -40.83 31.94 -3.95
CA CYS BA 190 -39.40 31.82 -3.69
C CYS BA 190 -38.98 32.67 -2.51
N ALA BA 191 -39.51 33.89 -2.42
CA ALA BA 191 -39.18 34.74 -1.28
C ALA BA 191 -39.66 34.12 0.04
N GLU BA 192 -40.88 33.58 0.04
CA GLU BA 192 -41.39 32.93 1.25
C GLU BA 192 -40.52 31.74 1.64
N LEU BA 193 -40.12 30.93 0.65
CA LEU BA 193 -39.29 29.77 0.94
C LEU BA 193 -37.91 30.18 1.45
N GLU BA 194 -37.35 31.28 0.92
CA GLU BA 194 -36.08 31.78 1.46
C GLU BA 194 -36.22 32.20 2.91
N GLU BA 195 -37.31 32.90 3.25
CA GLU BA 195 -37.55 33.26 4.65
C GLU BA 195 -37.61 32.01 5.52
N GLU BA 196 -38.38 31.01 5.08
CA GLU BA 196 -38.53 29.79 5.86
C GLU BA 196 -37.19 29.07 6.01
N LEU BA 197 -36.37 29.09 4.95
CA LEU BA 197 -35.05 28.47 5.03
C LEU BA 197 -34.18 29.17 6.07
N LYS BA 198 -34.22 30.50 6.11
CA LYS BA 198 -33.43 31.21 7.10
C LYS BA 198 -33.88 30.87 8.52
N THR BA 199 -35.19 30.82 8.74
CA THR BA 199 -35.70 30.44 10.06
C THR BA 199 -35.26 29.02 10.43
N VAL BA 200 -35.38 28.08 9.49
CA VAL BA 200 -34.99 26.69 9.76
C VAL BA 200 -33.50 26.60 10.03
N THR BA 201 -32.70 27.42 9.34
CA THR BA 201 -31.25 27.40 9.56
C THR BA 201 -30.90 27.91 10.95
N ASN BA 202 -31.58 28.98 11.41
CA ASN BA 202 -31.38 29.44 12.77
C ASN BA 202 -31.72 28.35 13.78
N ASN BA 203 -32.87 27.70 13.60
CA ASN BA 203 -33.25 26.60 14.49
C ASN BA 203 -32.22 25.48 14.45
N LEU BA 204 -31.72 25.16 13.25
CA LEU BA 204 -30.75 24.08 13.10
C LEU BA 204 -29.46 24.39 13.83
N LYS BA 205 -28.97 25.62 13.72
CA LYS BA 205 -27.71 25.95 14.39
C LYS BA 205 -27.89 26.00 15.90
N SER BA 206 -29.06 26.46 16.39
CA SER BA 206 -29.32 26.39 17.82
C SER BA 206 -29.33 24.95 18.32
N LEU BA 207 -29.96 24.04 17.57
CA LEU BA 207 -29.99 22.65 17.99
C LEU BA 207 -28.62 22.00 17.88
N GLU BA 208 -27.82 22.41 16.90
CA GLU BA 208 -26.44 21.92 16.80
C GLU BA 208 -25.63 22.33 18.02
N ALA BA 209 -25.78 23.59 18.46
CA ALA BA 209 -25.15 24.02 19.70
C ALA BA 209 -25.59 23.17 20.88
N GLN BA 210 -26.91 22.94 20.99
CA GLN BA 210 -27.43 22.10 22.07
C GLN BA 210 -26.80 20.72 22.05
N ALA BA 211 -26.72 20.11 20.86
CA ALA BA 211 -26.15 18.77 20.73
C ALA BA 211 -24.68 18.77 21.12
N GLU BA 212 -23.94 19.81 20.74
CA GLU BA 212 -22.52 19.88 21.11
C GLU BA 212 -22.35 19.98 22.62
N LYS BA 213 -23.21 20.78 23.28
CA LYS BA 213 -23.17 20.83 24.74
C LYS BA 213 -23.45 19.46 25.34
N TYR BA 214 -24.48 18.77 24.84
CA TYR BA 214 -24.79 17.44 25.37
C TYR BA 214 -23.61 16.49 25.18
N SER BA 215 -22.96 16.55 24.03
CA SER BA 215 -21.81 15.69 23.78
C SER BA 215 -20.69 15.99 24.76
N GLN BA 216 -20.44 17.27 25.03
CA GLN BA 216 -19.40 17.64 26.00
C GLN BA 216 -19.71 17.07 27.37
N LYS BA 217 -20.94 17.26 27.85
CA LYS BA 217 -21.30 16.75 29.17
C LYS BA 217 -21.19 15.23 29.22
N GLU BA 218 -21.66 14.55 28.17
CA GLU BA 218 -21.57 13.08 28.15
C GLU BA 218 -20.13 12.61 28.16
N ASP BA 219 -19.24 13.33 27.47
CA ASP BA 219 -17.83 12.97 27.49
C ASP BA 219 -17.24 13.14 28.88
N ARG BA 220 -17.58 14.24 29.55
CA ARG BA 220 -17.10 14.45 30.92
C ARG BA 220 -17.62 13.36 31.84
N TYR BA 221 -18.89 12.98 31.65
CA TYR BA 221 -19.48 11.90 32.44
C TYR BA 221 -18.71 10.61 32.25
N GLU BA 222 -18.43 10.25 31.00
CA GLU BA 222 -17.71 9.00 30.73
C GLU BA 222 -16.30 9.03 31.32
N GLU BA 223 -15.63 10.18 31.24
CA GLU BA 223 -14.31 10.30 31.86
C GLU BA 223 -14.38 10.06 33.36
N GLU BA 224 -15.37 10.67 34.03
CA GLU BA 224 -15.52 10.45 35.46
C GLU BA 224 -15.88 9.00 35.77
N ILE BA 225 -16.69 8.37 34.91
CA ILE BA 225 -17.05 6.97 35.10
C ILE BA 225 -15.81 6.09 35.03
N LYS BA 226 -14.97 6.30 34.03
CA LYS BA 226 -13.77 5.45 33.92
C LYS BA 226 -12.80 5.71 35.06
N VAL BA 227 -12.70 6.96 35.53
CA VAL BA 227 -11.86 7.24 36.68
C VAL BA 227 -12.35 6.47 37.91
N LEU BA 228 -13.67 6.56 38.19
CA LEU BA 228 -14.20 5.87 39.36
C LEU BA 228 -14.12 4.36 39.20
N SER BA 229 -14.23 3.85 37.97
CA SER BA 229 -14.08 2.42 37.74
C SER BA 229 -12.65 1.96 38.05
N ASP BA 230 -11.66 2.76 37.64
CA ASP BA 230 -10.28 2.42 37.97
C ASP BA 230 -10.08 2.44 39.48
N LYS BA 231 -10.65 3.44 40.16
CA LYS BA 231 -10.59 3.45 41.62
C LYS BA 231 -11.26 2.22 42.22
N LEU BA 232 -12.31 1.72 41.57
CA LEU BA 232 -13.02 0.56 42.12
C LEU BA 232 -12.20 -0.72 41.97
N LYS BA 233 -11.54 -0.89 40.82
CA LYS BA 233 -10.62 -2.03 40.71
C LYS BA 233 -9.46 -1.91 41.68
N GLU BA 234 -8.95 -0.69 41.90
CA GLU BA 234 -7.89 -0.54 42.90
C GLU BA 234 -8.38 -0.88 44.29
N ALA BA 235 -9.62 -0.53 44.61
CA ALA BA 235 -10.21 -0.89 45.89
C ALA BA 235 -10.35 -2.40 46.02
N GLU BA 236 -10.78 -3.08 44.96
CA GLU BA 236 -10.89 -4.54 45.01
C GLU BA 236 -9.51 -5.18 45.17
N THR BA 237 -8.50 -4.61 44.52
CA THR BA 237 -7.14 -5.12 44.66
C THR BA 237 -6.66 -5.01 46.11
N ARG BA 238 -6.84 -3.82 46.72
CA ARG BA 238 -6.38 -3.67 48.10
C ARG BA 238 -7.21 -4.54 49.04
N ALA BA 239 -8.49 -4.74 48.75
CA ALA BA 239 -9.32 -5.61 49.57
C ALA BA 239 -8.82 -7.04 49.55
N GLU BA 240 -8.54 -7.57 48.34
CA GLU BA 240 -8.02 -8.92 48.24
C GLU BA 240 -6.66 -9.05 48.91
N PHE BA 241 -5.80 -8.04 48.73
CA PHE BA 241 -4.51 -8.02 49.43
C PHE BA 241 -4.70 -8.14 50.93
N ALA BA 242 -5.54 -7.30 51.51
CA ALA BA 242 -5.75 -7.31 52.94
C ALA BA 242 -6.38 -8.61 53.40
N GLU BA 243 -7.26 -9.21 52.59
CA GLU BA 243 -7.91 -10.44 53.01
C GLU BA 243 -6.93 -11.61 53.03
N ARG BA 244 -6.07 -11.69 52.01
CA ARG BA 244 -5.02 -12.71 52.01
C ARG BA 244 -4.08 -12.52 53.20
N SER BA 245 -3.71 -11.26 53.47
CA SER BA 245 -2.88 -10.99 54.65
C SER BA 245 -3.59 -11.42 55.93
N VAL BA 246 -4.89 -11.18 56.03
CA VAL BA 246 -5.65 -11.59 57.21
C VAL BA 246 -5.60 -13.10 57.37
N THR BA 247 -5.83 -13.84 56.28
CA THR BA 247 -5.81 -15.30 56.38
C THR BA 247 -4.45 -15.80 56.83
N LYS BA 248 -3.38 -15.27 56.23
CA LYS BA 248 -2.04 -15.63 56.65
C LYS BA 248 -1.81 -15.36 58.13
N LEU BA 249 -2.21 -14.17 58.58
CA LEU BA 249 -1.99 -13.79 59.98
C LEU BA 249 -2.79 -14.68 60.93
N GLU BA 250 -4.03 -15.01 60.56
CA GLU BA 250 -4.84 -15.88 61.40
C GLU BA 250 -4.20 -17.25 61.55
N LYS BA 251 -3.75 -17.85 60.44
CA LYS BA 251 -3.09 -19.14 60.52
C LYS BA 251 -1.83 -19.04 61.37
N SER BA 252 -1.07 -17.96 61.20
CA SER BA 252 0.14 -17.75 62.00
C SER BA 252 -0.20 -17.67 63.48
N ILE BA 253 -1.27 -16.94 63.83
CA ILE BA 253 -1.67 -16.83 65.23
C ILE BA 253 -2.02 -18.19 65.80
N ASP BA 254 -2.79 -18.97 65.05
CA ASP BA 254 -3.20 -20.29 65.54
C ASP BA 254 -1.98 -21.18 65.80
N ASP BA 255 -1.08 -21.25 64.82
CA ASP BA 255 0.10 -22.10 64.98
C ASP BA 255 0.99 -21.60 66.12
N LEU BA 256 1.17 -20.28 66.22
CA LEU BA 256 2.01 -19.72 67.28
C LEU BA 256 1.42 -19.99 68.65
N GLU BA 257 0.10 -19.92 68.78
CA GLU BA 257 -0.54 -20.16 70.07
C GLU BA 257 -0.46 -21.63 70.44
N ASP BA 258 -0.54 -22.54 69.46
CA ASP BA 258 -0.37 -23.97 69.74
C ASP BA 258 1.06 -24.26 70.17
N GLU BA 259 2.03 -23.65 69.49
CA GLU BA 259 3.43 -23.87 69.84
C GLU BA 259 3.74 -23.34 71.24
N LEU BA 260 3.32 -22.10 71.53
CA LEU BA 260 3.48 -21.53 72.86
C LEU BA 260 2.83 -22.42 73.91
N TYR BA 261 1.66 -22.97 73.61
CA TYR BA 261 0.98 -23.86 74.54
C TYR BA 261 1.87 -25.05 74.88
N ALA BA 262 2.33 -25.78 73.86
CA ALA BA 262 3.10 -26.98 74.11
C ALA BA 262 4.39 -26.66 74.86
N GLN BA 263 5.04 -25.55 74.48
CA GLN BA 263 6.24 -25.10 75.17
C GLN BA 263 5.98 -24.84 76.64
N LYS BA 264 4.94 -24.05 76.95
CA LYS BA 264 4.60 -23.77 78.34
C LYS BA 264 4.28 -25.04 79.10
N LEU BA 265 3.62 -26.00 78.45
CA LEU BA 265 3.30 -27.25 79.12
C LEU BA 265 4.55 -28.03 79.48
N LYS BA 266 5.53 -28.09 78.57
CA LYS BA 266 6.77 -28.79 78.89
C LYS BA 266 7.51 -28.09 80.03
N TYR BA 267 7.55 -26.75 79.99
CA TYR BA 267 8.18 -26.01 81.08
C TYR BA 267 7.44 -26.26 82.39
N LYS BA 268 6.11 -26.33 82.33
CA LYS BA 268 5.33 -26.63 83.53
C LYS BA 268 5.67 -28.00 84.08
N ALA BA 269 5.87 -28.98 83.19
CA ALA BA 269 6.23 -30.32 83.65
C ALA BA 269 7.58 -30.32 84.36
N ILE BA 270 8.58 -29.63 83.79
CA ILE BA 270 9.87 -29.58 84.45
C ILE BA 270 9.76 -28.81 85.77
N SER BA 271 8.92 -27.76 85.79
CA SER BA 271 8.74 -26.97 87.00
C SER BA 271 8.08 -27.80 88.10
N GLU BA 272 7.04 -28.54 87.75
CA GLU BA 272 6.47 -29.57 88.63
C GLU BA 272 7.57 -30.42 89.24
N GLU BA 273 8.37 -31.07 88.40
CA GLU BA 273 9.38 -31.98 88.92
C GLU BA 273 10.32 -31.25 89.88
N LEU BA 274 10.68 -30.01 89.53
CA LEU BA 274 11.60 -29.27 90.39
C LEU BA 274 10.95 -28.90 91.71
N ASP BA 275 9.64 -28.61 91.68
CA ASP BA 275 8.90 -28.33 92.90
C ASP BA 275 8.89 -29.56 93.80
N HIS BA 276 8.75 -30.74 93.19
CA HIS BA 276 8.81 -31.96 93.97
C HIS BA 276 10.20 -32.09 94.62
N ALA BA 277 11.24 -31.69 93.89
CA ALA BA 277 12.59 -31.69 94.46
C ALA BA 277 12.69 -30.73 95.64
N LEU BA 278 12.06 -29.57 95.54
CA LEU BA 278 12.07 -28.62 96.65
C LEU BA 278 11.37 -29.22 97.87
N ASN BA 279 10.23 -29.89 97.64
CA ASN BA 279 9.50 -30.50 98.74
C ASN BA 279 10.36 -31.55 99.43
N ASP BA 280 11.09 -32.34 98.63
CA ASP BA 280 11.98 -33.32 99.23
C ASP BA 280 13.07 -32.65 100.05
N MET BA 281 13.60 -31.52 99.56
CA MET BA 281 14.62 -30.82 100.35
C MET BA 281 14.03 -30.41 101.69
N THR BA 282 12.81 -29.86 101.68
CA THR BA 282 12.18 -29.44 102.92
C THR BA 282 12.02 -30.63 103.86
N SER BA 283 11.68 -31.80 103.32
CA SER BA 283 11.49 -32.97 104.17
C SER BA 283 12.77 -33.33 104.93
N ILE BA 284 13.92 -32.85 104.48
CA ILE BA 284 15.20 -33.17 105.12
C ILE BA 284 15.38 -32.33 106.38
N MET CA 1 20.07 -27.44 91.42
CA MET CA 1 19.77 -26.04 91.66
C MET CA 1 20.91 -25.54 92.55
N ASP CA 2 21.06 -24.22 92.73
CA ASP CA 2 22.14 -23.72 93.60
C ASP CA 2 21.91 -24.22 95.02
N ALA CA 3 20.65 -24.28 95.43
CA ALA CA 3 20.30 -24.78 96.76
C ALA CA 3 20.74 -26.24 96.88
N ILE CA 4 20.56 -27.01 95.82
CA ILE CA 4 21.02 -28.40 95.81
C ILE CA 4 22.54 -28.46 95.95
N LYS CA 5 23.25 -27.57 95.23
CA LYS CA 5 24.70 -27.54 95.35
C LYS CA 5 25.09 -27.38 96.82
N LYS CA 6 24.56 -26.34 97.47
CA LYS CA 6 24.88 -26.06 98.87
C LYS CA 6 24.51 -27.23 99.76
N LYS CA 7 23.34 -27.85 99.50
CA LYS CA 7 22.91 -28.98 100.32
C LYS CA 7 23.94 -30.09 100.27
N MET CA 8 24.30 -30.52 99.07
CA MET CA 8 25.29 -31.60 99.00
C MET CA 8 26.58 -31.16 99.67
N GLN CA 9 26.94 -29.89 99.51
CA GLN CA 9 28.19 -29.43 100.10
C GLN CA 9 28.19 -29.53 101.62
N MET CA 10 27.17 -29.01 102.30
CA MET CA 10 27.21 -29.04 103.75
C MET CA 10 27.14 -30.50 104.22
N LEU CA 11 26.33 -31.33 103.58
CA LEU CA 11 26.19 -32.73 103.99
C LEU CA 11 27.48 -33.52 103.79
N LYS CA 12 28.07 -33.46 102.59
CA LYS CA 12 29.32 -34.16 102.32
C LYS CA 12 30.47 -33.65 103.18
N LEU CA 13 30.53 -32.34 103.41
CA LEU CA 13 31.62 -31.78 104.18
C LEU CA 13 31.50 -32.17 105.65
N ASP CA 14 30.29 -32.10 106.22
CA ASP CA 14 30.07 -32.61 107.56
C ASP CA 14 30.38 -34.10 107.64
N LYS CA 15 30.12 -34.85 106.57
CA LYS CA 15 30.48 -36.27 106.55
C LYS CA 15 31.98 -36.44 106.67
N GLU CA 16 32.74 -35.72 105.85
CA GLU CA 16 34.19 -35.78 105.92
C GLU CA 16 34.70 -35.29 107.26
N ASN CA 17 34.07 -34.25 107.81
CA ASN CA 17 34.43 -33.73 109.13
C ASN CA 17 34.25 -34.80 110.20
N ALA CA 18 33.13 -35.51 110.16
CA ALA CA 18 32.88 -36.56 111.15
C ALA CA 18 33.88 -37.70 111.00
N LEU CA 19 34.13 -38.13 109.76
CA LEU CA 19 35.14 -39.15 109.52
C LEU CA 19 36.50 -38.69 110.03
N ASP CA 20 36.82 -37.42 109.83
CA ASP CA 20 38.13 -36.90 110.20
C ASP CA 20 38.28 -36.79 111.71
N ARG CA 21 37.21 -36.43 112.40
CA ARG CA 21 37.24 -36.49 113.86
C ARG CA 21 37.39 -37.93 114.32
N ALA CA 22 36.77 -38.87 113.60
CA ALA CA 22 37.00 -40.29 113.87
C ALA CA 22 38.48 -40.63 113.79
N GLU CA 23 39.15 -40.20 112.71
CA GLU CA 23 40.55 -40.59 112.58
C GLU CA 23 41.48 -39.82 113.52
N GLN CA 24 41.17 -38.57 113.86
CA GLN CA 24 41.98 -37.89 114.88
C GLN CA 24 41.84 -38.58 116.23
N ALA CA 25 40.61 -38.97 116.59
CA ALA CA 25 40.42 -39.83 117.76
C ALA CA 25 41.24 -41.10 117.63
N GLU CA 26 41.25 -41.71 116.45
CA GLU CA 26 42.03 -42.93 116.24
C GLU CA 26 43.52 -42.69 116.40
N ALA CA 27 43.99 -41.50 116.03
CA ALA CA 27 45.39 -41.13 116.26
C ALA CA 27 45.67 -41.03 117.76
N ASP CA 28 44.76 -40.43 118.51
CA ASP CA 28 44.94 -40.37 119.96
C ASP CA 28 44.92 -41.77 120.54
N LYS CA 29 44.07 -42.64 119.98
CA LYS CA 29 44.02 -44.04 120.40
C LYS CA 29 45.34 -44.74 120.13
N LYS CA 30 45.96 -44.46 118.98
CA LYS CA 30 47.26 -45.03 118.66
C LYS CA 30 48.31 -44.56 119.66
N ALA CA 31 48.34 -43.26 119.94
CA ALA CA 31 49.28 -42.76 120.94
C ALA CA 31 48.98 -43.36 122.31
N ALA CA 32 47.75 -43.82 122.53
CA ALA CA 32 47.39 -44.43 123.80
C ALA CA 32 47.93 -45.86 123.88
N GLU CA 33 47.77 -46.64 122.81
CA GLU CA 33 48.43 -47.94 122.79
C GLU CA 33 49.94 -47.78 122.88
N ASP CA 34 50.48 -46.68 122.34
CA ASP CA 34 51.91 -46.43 122.48
C ASP CA 34 52.28 -46.27 123.95
N ARG CA 35 51.58 -45.37 124.65
CA ARG CA 35 51.85 -45.14 126.07
C ARG CA 35 51.72 -46.44 126.85
N SER CA 36 50.69 -47.24 126.52
CA SER CA 36 50.52 -48.54 127.17
C SER CA 36 51.70 -49.45 126.92
N LYS CA 37 52.23 -49.43 125.69
CA LYS CA 37 53.38 -50.25 125.36
C LYS CA 37 54.60 -49.85 126.19
N GLN CA 38 54.90 -48.55 126.29
CA GLN CA 38 56.04 -48.16 127.11
C GLN CA 38 55.80 -48.51 128.58
N LEU CA 39 54.57 -48.35 129.07
CA LEU CA 39 54.30 -48.68 130.47
C LEU CA 39 54.47 -50.17 130.74
N GLU CA 40 54.00 -51.02 129.82
CA GLU CA 40 54.18 -52.46 129.97
C GLU CA 40 55.66 -52.86 129.87
N ASP CA 41 56.41 -52.19 128.98
CA ASP CA 41 57.85 -52.45 128.90
C ASP CA 41 58.53 -52.12 130.21
N GLU CA 42 58.20 -50.96 130.78
CA GLU CA 42 58.78 -50.57 132.07
C GLU CA 42 58.38 -51.54 133.17
N LEU CA 43 57.12 -52.00 133.15
CA LEU CA 43 56.66 -52.96 134.15
C LEU CA 43 57.43 -54.28 134.05
N VAL CA 44 57.64 -54.78 132.83
CA VAL CA 44 58.37 -56.03 132.66
C VAL CA 44 59.82 -55.88 133.08
N SER CA 45 60.46 -54.76 132.71
CA SER CA 45 61.83 -54.53 133.15
C SER CA 45 61.91 -54.42 134.67
N LEU CA 46 60.91 -53.81 135.29
CA LEU CA 46 60.89 -53.70 136.75
C LEU CA 46 60.72 -55.07 137.39
N GLN CA 47 59.88 -55.92 136.80
CA GLN CA 47 59.74 -57.29 137.29
C GLN CA 47 61.05 -58.05 137.20
N LYS CA 48 61.77 -57.89 136.09
CA LYS CA 48 63.09 -58.51 135.97
C LYS CA 48 64.02 -57.99 137.06
N LYS CA 49 64.00 -56.68 137.30
CA LYS CA 49 64.84 -56.09 138.34
C LYS CA 49 64.49 -56.67 139.71
N LEU CA 50 63.19 -56.85 139.99
CA LEU CA 50 62.77 -57.38 141.29
C LEU CA 50 63.21 -58.82 141.47
N LYS CA 51 63.11 -59.62 140.41
CA LYS CA 51 63.52 -61.02 140.52
C LYS CA 51 65.03 -61.13 140.71
N GLY CA 52 65.78 -60.32 139.96
CA GLY CA 52 67.21 -60.24 140.21
C GLY CA 52 67.52 -59.77 141.61
N THR CA 53 66.72 -58.82 142.13
CA THR CA 53 66.82 -58.36 143.50
C THR CA 53 66.73 -59.52 144.48
N GLU CA 54 65.69 -60.34 144.34
CA GLU CA 54 65.49 -61.44 145.28
C GLU CA 54 66.62 -62.45 145.18
N ASP CA 55 67.08 -62.71 143.95
CA ASP CA 55 68.20 -63.63 143.75
C ASP CA 55 69.48 -63.09 144.41
N GLU CA 56 69.78 -61.81 144.20
CA GLU CA 56 70.93 -61.21 144.86
C GLU CA 56 70.80 -61.30 146.38
N LEU CA 57 69.59 -61.05 146.88
CA LEU CA 57 69.32 -61.13 148.31
C LEU CA 57 69.67 -62.50 148.86
N ASP CA 58 69.15 -63.56 148.23
CA ASP CA 58 69.46 -64.92 148.69
C ASP CA 58 70.95 -65.20 148.64
N LYS CA 59 71.60 -64.86 147.53
CA LYS CA 59 73.02 -65.19 147.38
C LYS CA 59 73.84 -64.51 148.46
N TYR CA 60 73.64 -63.21 148.66
CA TYR CA 60 74.36 -62.52 149.72
C TYR CA 60 73.94 -63.03 151.09
N SER CA 61 72.72 -63.56 151.21
CA SER CA 61 72.26 -64.12 152.48
C SER CA 61 73.16 -65.26 152.93
N GLU CA 62 73.24 -66.32 152.11
CA GLU CA 62 74.11 -67.38 152.63
C GLU CA 62 75.60 -67.09 152.40
N ALA CA 63 75.95 -66.04 151.65
CA ALA CA 63 77.30 -65.51 151.74
C ALA CA 63 77.59 -64.99 153.14
N LEU CA 64 76.66 -64.24 153.72
CA LEU CA 64 76.84 -63.73 155.08
C LEU CA 64 76.90 -64.86 156.09
N LYS CA 65 76.01 -65.85 155.97
CA LYS CA 65 76.07 -66.99 156.89
C LYS CA 65 77.41 -67.73 156.80
N ASP CA 66 77.88 -68.03 155.59
CA ASP CA 66 79.17 -68.72 155.48
C ASP CA 66 80.30 -67.87 156.06
N ALA CA 67 80.31 -66.58 155.75
CA ALA CA 67 81.33 -65.68 156.27
C ALA CA 67 81.33 -65.67 157.79
N GLN CA 68 80.15 -65.53 158.40
CA GLN CA 68 80.08 -65.44 159.85
C GLN CA 68 80.44 -66.75 160.53
N GLU CA 69 80.08 -67.88 159.91
CA GLU CA 69 80.46 -69.18 160.46
C GLU CA 69 81.97 -69.34 160.49
N LYS CA 70 82.63 -69.04 159.36
CA LYS CA 70 84.08 -69.16 159.32
C LYS CA 70 84.74 -68.14 160.27
N LEU CA 71 84.17 -66.93 160.34
CA LEU CA 71 84.60 -65.95 161.33
C LEU CA 71 84.57 -66.51 162.74
N GLU CA 72 83.45 -67.16 163.09
CA GLU CA 72 83.30 -67.80 164.39
C GLU CA 72 84.43 -68.79 164.64
N LEU CA 73 84.55 -69.79 163.77
CA LEU CA 73 85.57 -70.82 163.95
C LEU CA 73 86.97 -70.21 164.12
N ALA CA 74 87.33 -69.29 163.22
CA ALA CA 74 88.66 -68.69 163.25
C ALA CA 74 88.89 -67.94 164.56
N GLU CA 75 87.93 -67.11 164.97
CA GLU CA 75 88.07 -66.36 166.20
C GLU CA 75 88.22 -67.29 167.40
N LYS CA 76 87.41 -68.35 167.45
CA LYS CA 76 87.46 -69.26 168.59
C LYS CA 76 88.81 -69.95 168.69
N LYS CA 77 89.33 -70.42 167.53
CA LYS CA 77 90.62 -71.10 167.57
C LYS CA 77 91.74 -70.13 167.92
N ALA CA 78 91.65 -68.89 167.44
CA ALA CA 78 92.68 -67.91 167.76
C ALA CA 78 92.66 -67.57 169.24
N THR CA 79 91.46 -67.41 169.81
CA THR CA 79 91.32 -67.13 171.23
C THR CA 79 91.94 -68.24 172.06
N ASP CA 80 91.56 -69.49 171.76
CA ASP CA 80 92.09 -70.62 172.53
C ASP CA 80 93.60 -70.70 172.43
N ALA CA 81 94.15 -70.60 171.21
CA ALA CA 81 95.59 -70.71 171.04
C ALA CA 81 96.32 -69.58 171.74
N GLU CA 82 95.79 -68.36 171.69
CA GLU CA 82 96.42 -67.24 172.37
C GLU CA 82 96.38 -67.43 173.88
N ALA CA 83 95.26 -67.93 174.41
CA ALA CA 83 95.15 -68.16 175.85
C ALA CA 83 96.14 -69.23 176.31
N ASP CA 84 96.32 -70.28 175.51
CA ASP CA 84 97.20 -71.37 175.91
C ASP CA 84 98.64 -70.88 176.10
N VAL CA 85 99.15 -70.12 175.14
CA VAL CA 85 100.51 -69.58 175.22
C VAL CA 85 100.51 -68.10 174.89
N MET DA 1 17.74 -36.35 88.18
CA MET DA 1 16.47 -36.22 88.89
C MET DA 1 16.38 -37.27 90.01
N ASP DA 2 15.97 -38.49 89.64
CA ASP DA 2 15.84 -39.56 90.62
C ASP DA 2 17.19 -39.86 91.24
N ALA DA 3 18.26 -39.74 90.45
CA ALA DA 3 19.60 -39.99 90.95
C ALA DA 3 19.90 -39.04 92.12
N ILE DA 4 19.47 -37.78 92.01
CA ILE DA 4 19.69 -36.85 93.11
C ILE DA 4 18.95 -37.37 94.35
N LYS DA 5 17.80 -38.02 94.16
CA LYS DA 5 17.06 -38.59 95.29
C LYS DA 5 17.88 -39.68 95.97
N LYS DA 6 18.47 -40.57 95.15
CA LYS DA 6 19.33 -41.60 95.70
C LYS DA 6 20.47 -40.92 96.45
N LYS DA 7 20.91 -39.78 95.92
CA LYS DA 7 21.97 -39.00 96.52
C LYS DA 7 21.56 -38.58 97.93
N MET DA 8 20.34 -38.09 98.10
CA MET DA 8 19.95 -37.66 99.42
C MET DA 8 20.17 -38.87 100.31
N GLN DA 9 19.64 -40.04 99.95
CA GLN DA 9 19.75 -41.23 100.77
C GLN DA 9 21.19 -41.64 101.07
N MET DA 10 22.02 -41.78 100.03
CA MET DA 10 23.38 -42.26 100.25
C MET DA 10 24.20 -41.26 101.07
N LEU DA 11 24.06 -39.96 100.78
CA LEU DA 11 24.80 -38.97 101.55
C LEU DA 11 24.39 -38.98 103.02
N LYS DA 12 23.08 -39.05 103.31
CA LYS DA 12 22.67 -39.10 104.70
C LYS DA 12 23.17 -40.36 105.39
N LEU DA 13 23.02 -41.51 104.73
CA LEU DA 13 23.49 -42.77 105.32
C LEU DA 13 24.98 -42.73 105.62
N ASP DA 14 25.78 -42.25 104.66
CA ASP DA 14 27.21 -42.14 104.88
C ASP DA 14 27.53 -41.19 106.04
N LYS DA 15 26.77 -40.09 106.14
CA LYS DA 15 26.96 -39.16 107.25
C LYS DA 15 26.68 -39.84 108.59
N GLU DA 16 25.58 -40.60 108.67
CA GLU DA 16 25.25 -41.28 109.92
C GLU DA 16 26.29 -42.35 110.24
N ASN DA 17 26.78 -43.06 109.22
CA ASN DA 17 27.84 -44.04 109.44
C ASN DA 17 29.10 -43.37 109.98
N ALA DA 18 29.45 -42.20 109.42
CA ALA DA 18 30.59 -41.45 109.93
C ALA DA 18 30.38 -41.03 111.37
N LEU DA 19 29.17 -40.57 111.69
CA LEU DA 19 28.85 -40.19 113.08
C LEU DA 19 29.04 -41.37 114.02
N ASP DA 20 28.50 -42.53 113.66
CA ASP DA 20 28.63 -43.71 114.51
C ASP DA 20 30.09 -44.11 114.66
N ARG DA 21 30.85 -44.03 113.56
CA ARG DA 21 32.27 -44.36 113.61
C ARG DA 21 33.01 -43.42 114.54
N ALA DA 22 32.69 -42.13 114.49
CA ALA DA 22 33.34 -41.17 115.37
C ALA DA 22 33.01 -41.46 116.83
N GLU DA 23 31.75 -41.81 117.10
CA GLU DA 23 31.35 -42.07 118.47
C GLU DA 23 32.04 -43.32 119.00
N GLN DA 24 32.11 -44.37 118.19
CA GLN DA 24 32.76 -45.60 118.61
C GLN DA 24 34.25 -45.38 118.83
N ALA DA 25 34.88 -44.60 117.92
CA ALA DA 25 36.30 -44.30 118.06
C ALA DA 25 36.59 -43.53 119.35
N GLU DA 26 35.71 -42.57 119.68
CA GLU DA 26 35.89 -41.82 120.93
C GLU DA 26 35.71 -42.72 122.14
N ALA DA 27 34.73 -43.63 122.09
CA ALA DA 27 34.53 -44.56 123.19
C ALA DA 27 35.77 -45.43 123.41
N ASP DA 28 36.32 -45.96 122.31
CA ASP DA 28 37.53 -46.78 122.41
C ASP DA 28 38.70 -45.95 122.93
N LYS DA 29 38.80 -44.69 122.49
CA LYS DA 29 39.78 -43.76 123.04
C LYS DA 29 39.70 -43.73 124.56
N LYS DA 30 38.52 -43.37 125.08
CA LYS DA 30 38.34 -43.26 126.53
C LYS DA 30 38.70 -44.58 127.23
N ALA DA 31 38.27 -45.70 126.66
CA ALA DA 31 38.62 -47.00 127.24
C ALA DA 31 40.13 -47.19 127.28
N ALA DA 32 40.83 -46.68 126.26
CA ALA DA 32 42.28 -46.84 126.21
C ALA DA 32 42.98 -46.00 127.27
N GLU DA 33 42.48 -44.78 127.54
CA GLU DA 33 43.07 -44.09 128.68
C GLU DA 33 42.71 -44.75 130.01
N ASP DA 34 41.55 -45.41 130.08
CA ASP DA 34 41.22 -46.17 131.29
C ASP DA 34 42.25 -47.29 131.52
N ARG DA 35 42.55 -48.05 130.47
CA ARG DA 35 43.52 -49.14 130.62
C ARG DA 35 44.91 -48.59 130.89
N SER DA 36 45.27 -47.45 130.28
CA SER DA 36 46.56 -46.84 130.57
C SER DA 36 46.65 -46.45 132.03
N LYS DA 37 45.56 -45.89 132.58
CA LYS DA 37 45.58 -45.48 133.98
C LYS DA 37 45.71 -46.67 134.92
N GLN DA 38 44.99 -47.76 134.65
CA GLN DA 38 45.14 -48.94 135.52
C GLN DA 38 46.57 -49.50 135.44
N LEU DA 39 47.12 -49.60 134.22
CA LEU DA 39 48.50 -50.06 134.08
C LEU DA 39 49.46 -49.19 134.87
N GLU DA 40 49.29 -47.87 134.78
CA GLU DA 40 50.06 -46.94 135.60
C GLU DA 40 49.92 -47.27 137.08
N ASP DA 41 48.71 -47.62 137.51
CA ASP DA 41 48.48 -47.94 138.92
C ASP DA 41 49.36 -49.10 139.37
N GLU DA 42 49.30 -50.23 138.66
CA GLU DA 42 50.10 -51.34 139.17
C GLU DA 42 51.60 -51.07 139.00
N LEU DA 43 51.97 -50.33 137.95
CA LEU DA 43 53.38 -49.99 137.77
C LEU DA 43 53.89 -49.17 138.95
N VAL DA 44 53.11 -48.18 139.39
CA VAL DA 44 53.52 -47.35 140.53
C VAL DA 44 53.62 -48.19 141.80
N SER DA 45 52.64 -49.07 142.03
CA SER DA 45 52.70 -49.91 143.23
C SER DA 45 53.97 -50.76 143.23
N LEU DA 46 54.24 -51.42 142.10
CA LEU DA 46 55.40 -52.30 142.03
C LEU DA 46 56.70 -51.52 142.17
N GLN DA 47 56.76 -50.30 141.63
CA GLN DA 47 57.94 -49.46 141.82
C GLN DA 47 58.13 -49.08 143.28
N LYS DA 48 57.03 -48.79 143.98
CA LYS DA 48 57.13 -48.44 145.39
C LYS DA 48 57.66 -49.62 146.20
N LYS DA 49 57.30 -50.85 145.81
CA LYS DA 49 57.94 -52.02 146.41
C LYS DA 49 59.42 -52.09 146.04
N LEU DA 50 59.74 -51.84 144.77
CA LEU DA 50 61.10 -52.00 144.28
C LEU DA 50 62.08 -51.09 145.01
N LYS DA 51 61.63 -49.88 145.36
CA LYS DA 51 62.53 -48.94 146.04
C LYS DA 51 63.02 -49.51 147.37
N GLY DA 52 62.09 -49.98 148.21
CA GLY DA 52 62.48 -50.58 149.47
C GLY DA 52 63.31 -51.83 149.28
N THR DA 53 63.03 -52.61 148.23
CA THR DA 53 63.87 -53.79 147.96
C THR DA 53 65.30 -53.35 147.65
N GLU DA 54 65.45 -52.28 146.87
CA GLU DA 54 66.77 -51.75 146.55
C GLU DA 54 67.52 -51.32 147.81
N ASP DA 55 66.82 -50.62 148.71
CA ASP DA 55 67.45 -50.16 149.94
C ASP DA 55 67.91 -51.34 150.81
N GLU DA 56 67.04 -52.32 151.00
CA GLU DA 56 67.41 -53.47 151.81
C GLU DA 56 68.57 -54.24 151.18
N LEU DA 57 68.57 -54.36 149.85
CA LEU DA 57 69.69 -55.04 149.19
C LEU DA 57 71.01 -54.32 149.43
N ASP DA 58 71.01 -52.99 149.32
CA ASP DA 58 72.26 -52.26 149.51
C ASP DA 58 72.78 -52.41 150.95
N LYS DA 59 71.89 -52.27 151.93
CA LYS DA 59 72.33 -52.42 153.32
C LYS DA 59 72.81 -53.84 153.60
N TYR DA 60 72.11 -54.85 153.09
CA TYR DA 60 72.51 -56.23 153.32
C TYR DA 60 73.87 -56.52 152.70
N SER DA 61 74.10 -56.02 151.48
CA SER DA 61 75.40 -56.22 150.83
C SER DA 61 76.51 -55.56 151.62
N GLU DA 62 76.26 -54.34 152.14
CA GLU DA 62 77.29 -53.68 152.95
C GLU DA 62 77.61 -54.50 154.20
N ALA DA 63 76.58 -55.05 154.84
CA ALA DA 63 76.81 -55.88 156.01
C ALA DA 63 77.62 -57.12 155.66
N LEU DA 64 77.35 -57.71 154.48
CA LEU DA 64 78.12 -58.87 154.05
C LEU DA 64 79.59 -58.52 153.88
N LYS DA 65 79.88 -57.37 153.27
CA LYS DA 65 81.27 -56.97 153.06
C LYS DA 65 82.00 -56.77 154.39
N ASP DA 66 81.31 -56.14 155.35
CA ASP DA 66 81.84 -56.07 156.71
C ASP DA 66 82.23 -57.45 157.24
N ALA DA 67 81.31 -58.41 157.09
CA ALA DA 67 81.59 -59.77 157.57
C ALA DA 67 82.81 -60.36 156.89
N GLN DA 68 82.95 -60.13 155.57
CA GLN DA 68 84.08 -60.68 154.83
C GLN DA 68 85.41 -60.13 155.36
N GLU DA 69 85.46 -58.80 155.58
CA GLU DA 69 86.69 -58.20 156.10
C GLU DA 69 87.03 -58.78 157.46
N LYS DA 70 86.03 -58.90 158.34
CA LYS DA 70 86.28 -59.48 159.65
C LYS DA 70 86.78 -60.92 159.52
N LEU DA 71 86.24 -61.67 158.57
CA LEU DA 71 86.68 -63.04 158.35
C LEU DA 71 88.15 -63.10 157.98
N GLU DA 72 88.57 -62.24 157.05
CA GLU DA 72 89.98 -62.25 156.64
C GLU DA 72 90.89 -61.93 157.82
N LEU DA 73 90.56 -60.87 158.57
CA LEU DA 73 91.42 -60.50 159.69
C LEU DA 73 91.48 -61.60 160.74
N ALA DA 74 90.34 -62.24 161.02
CA ALA DA 74 90.31 -63.29 162.02
C ALA DA 74 91.07 -64.54 161.57
N GLU DA 75 91.03 -64.85 160.27
CA GLU DA 75 91.84 -65.96 159.78
C GLU DA 75 93.33 -65.68 159.93
N LYS DA 76 93.76 -64.46 159.63
CA LYS DA 76 95.16 -64.11 159.88
C LYS DA 76 95.50 -64.23 161.36
N LYS DA 77 94.59 -63.78 162.23
CA LYS DA 77 94.82 -63.88 163.67
C LYS DA 77 94.93 -65.33 164.11
N ALA DA 78 94.07 -66.19 163.57
CA ALA DA 78 94.11 -67.61 163.90
C ALA DA 78 95.43 -68.25 163.47
N THR DA 79 95.92 -67.90 162.28
CA THR DA 79 97.22 -68.40 161.85
C THR DA 79 98.32 -67.95 162.80
N ASP DA 80 98.30 -66.67 163.19
CA ASP DA 80 99.30 -66.17 164.12
C ASP DA 80 99.24 -66.92 165.46
N ALA DA 81 98.04 -67.07 166.01
CA ALA DA 81 97.87 -67.72 167.30
C ALA DA 81 98.32 -69.17 167.26
N GLU DA 82 98.03 -69.86 166.16
CA GLU DA 82 98.54 -71.23 166.00
C GLU DA 82 100.06 -71.24 165.94
N ALA DA 83 100.64 -70.25 165.25
CA ALA DA 83 102.10 -70.20 165.16
C ALA DA 83 102.75 -69.94 166.50
N ASP DA 84 102.09 -69.17 167.37
CA ASP DA 84 102.68 -68.82 168.66
C ASP DA 84 102.92 -70.06 169.53
N VAL DA 85 101.97 -71.00 169.54
CA VAL DA 85 102.07 -72.18 170.39
C VAL DA 85 103.25 -73.06 169.98
N ASP EA 89 37.81 -15.88 117.16
CA ASP EA 89 36.58 -15.19 117.52
C ASP EA 89 35.82 -14.81 116.26
N ILE EA 90 36.55 -14.37 115.25
CA ILE EA 90 35.91 -14.01 113.98
C ILE EA 90 35.27 -15.25 113.35
N HIS EA 91 35.91 -16.40 113.47
CA HIS EA 91 35.40 -17.60 112.79
C HIS EA 91 34.02 -18.06 113.23
N ARG EA 92 33.72 -17.98 114.52
CA ARG EA 92 32.38 -18.34 114.99
C ARG EA 92 31.35 -17.42 114.36
N LYS EA 93 31.71 -16.16 114.17
CA LYS EA 93 30.79 -15.21 113.54
C LYS EA 93 30.50 -15.69 112.11
N ARG EA 94 31.51 -16.18 111.38
CA ARG EA 94 31.23 -16.73 110.06
C ARG EA 94 30.35 -17.96 110.13
N MET EA 95 30.62 -18.83 111.09
CA MET EA 95 29.83 -20.06 111.21
C MET EA 95 28.39 -19.63 111.37
N GLU EA 96 28.16 -18.58 112.13
CA GLU EA 96 26.80 -18.09 112.35
C GLU EA 96 26.15 -17.49 111.10
N LYS EA 97 26.88 -16.69 110.32
CA LYS EA 97 26.30 -16.01 109.17
C LYS EA 97 25.93 -17.06 108.12
N ASP EA 98 26.80 -18.06 107.92
CA ASP EA 98 26.46 -19.12 106.99
C ASP EA 98 25.16 -19.74 107.44
N LEU EA 99 25.04 -20.00 108.75
CA LEU EA 99 23.81 -20.55 109.27
C LEU EA 99 22.67 -19.62 108.88
N ASN EA 100 22.83 -18.30 109.03
CA ASN EA 100 21.79 -17.38 108.60
C ASN EA 100 21.45 -17.62 107.14
N GLU EA 101 22.47 -17.71 106.28
CA GLU EA 101 22.19 -17.93 104.86
C GLU EA 101 21.49 -19.27 104.67
N LEU EA 102 21.91 -20.26 105.45
CA LEU EA 102 21.32 -21.59 105.33
C LEU EA 102 19.83 -21.53 105.53
N GLN EA 103 19.39 -20.95 106.64
CA GLN EA 103 17.95 -20.93 106.77
C GLN EA 103 17.35 -20.06 105.69
N ALA EA 104 18.11 -19.03 105.23
CA ALA EA 104 17.60 -18.10 104.21
C ALA EA 104 17.28 -18.85 102.94
N LEU EA 105 17.89 -20.03 102.82
CA LEU EA 105 17.69 -20.86 101.65
C LEU EA 105 16.20 -20.99 101.36
N ILE EA 106 15.42 -21.34 102.40
CA ILE EA 106 13.98 -21.51 102.21
C ILE EA 106 13.33 -20.20 101.78
N GLU EA 107 13.84 -19.08 102.31
CA GLU EA 107 13.34 -17.76 101.91
C GLU EA 107 13.60 -17.48 100.44
N ALA EA 108 14.74 -17.95 99.92
CA ALA EA 108 14.97 -17.90 98.47
C ALA EA 108 13.97 -18.76 97.72
N HIS EA 109 13.54 -19.86 98.32
CA HIS EA 109 12.54 -20.72 97.69
C HIS EA 109 11.20 -20.02 97.53
N PHE EA 110 10.82 -19.19 98.50
CA PHE EA 110 9.48 -18.61 98.49
C PHE EA 110 9.20 -17.77 97.25
N GLU EA 111 10.11 -16.87 96.88
CA GLU EA 111 9.82 -16.04 95.71
C GLU EA 111 9.70 -16.90 94.45
N ASN EA 112 10.59 -17.90 94.32
CA ASN EA 112 10.49 -18.81 93.18
C ASN EA 112 9.16 -19.56 93.17
N ARG EA 113 8.67 -19.94 94.35
CA ARG EA 113 7.41 -20.68 94.42
C ARG EA 113 6.21 -19.79 94.06
N LYS EA 114 6.21 -18.53 94.54
CA LYS EA 114 5.16 -17.61 94.10
C LYS EA 114 5.22 -17.34 92.61
N LYS EA 115 6.42 -17.20 92.05
CA LYS EA 115 6.53 -17.01 90.60
C LYS EA 115 6.02 -18.24 89.85
N GLU EA 116 6.32 -19.42 90.37
CA GLU EA 116 5.81 -20.66 89.79
C GLU EA 116 4.28 -20.69 89.83
N GLU EA 117 3.69 -20.32 90.96
CA GLU EA 117 2.23 -20.31 91.08
C GLU EA 117 1.60 -19.26 90.17
N GLU EA 118 2.28 -18.12 89.98
CA GLU EA 118 1.79 -17.11 89.05
C GLU EA 118 1.80 -17.65 87.62
N GLU EA 119 2.89 -18.32 87.23
CA GLU EA 119 2.91 -18.98 85.93
C GLU EA 119 1.80 -20.02 85.81
N LEU EA 120 1.62 -20.81 86.86
CA LEU EA 120 0.51 -21.75 86.96
C LEU EA 120 -0.81 -21.09 86.58
N VAL EA 121 -1.20 -20.06 87.33
CA VAL EA 121 -2.53 -19.49 87.16
C VAL EA 121 -2.63 -18.80 85.79
N SER EA 122 -1.55 -18.18 85.33
CA SER EA 122 -1.57 -17.55 84.01
C SER EA 122 -1.79 -18.56 82.91
N LEU EA 123 -1.09 -19.70 82.97
CA LEU EA 123 -1.30 -20.76 81.97
C LEU EA 123 -2.72 -21.33 82.05
N LYS EA 124 -3.21 -21.53 83.28
CA LYS EA 124 -4.56 -22.07 83.44
C LYS EA 124 -5.62 -21.14 82.85
N ASP EA 125 -5.49 -19.83 83.05
CA ASP EA 125 -6.46 -18.93 82.44
C ASP EA 125 -6.23 -18.82 80.94
N ARG EA 126 -4.96 -18.93 80.51
CA ARG EA 126 -4.65 -18.96 79.09
C ARG EA 126 -5.32 -20.14 78.39
N ILE EA 127 -5.59 -21.22 79.13
CA ILE EA 127 -6.31 -22.36 78.56
C ILE EA 127 -7.64 -21.88 77.97
N GLU EA 128 -8.52 -21.38 78.84
CA GLU EA 128 -9.83 -20.94 78.40
C GLU EA 128 -9.74 -19.74 77.47
N ARG EA 129 -8.74 -18.87 77.66
CA ARG EA 129 -8.55 -17.76 76.73
C ARG EA 129 -8.29 -18.27 75.32
N ARG EA 130 -7.42 -19.29 75.19
CA ARG EA 130 -7.14 -19.87 73.88
C ARG EA 130 -8.39 -20.51 73.29
N ARG EA 131 -9.15 -21.24 74.11
CA ARG EA 131 -10.35 -21.91 73.60
C ARG EA 131 -11.37 -20.88 73.10
N ALA EA 132 -11.63 -19.85 73.91
CA ALA EA 132 -12.58 -18.81 73.50
C ALA EA 132 -12.07 -18.07 72.27
N GLU EA 133 -10.76 -17.83 72.18
CA GLU EA 133 -10.20 -17.18 71.02
C GLU EA 133 -10.37 -18.03 69.77
N ARG EA 134 -10.20 -19.35 69.89
CA ARG EA 134 -10.42 -20.24 68.76
C ARG EA 134 -11.87 -20.17 68.30
N ALA EA 135 -12.82 -20.20 69.25
CA ALA EA 135 -14.22 -20.08 68.87
C ALA EA 135 -14.50 -18.74 68.19
N GLU EA 136 -13.95 -17.66 68.74
CA GLU EA 136 -14.16 -16.33 68.17
C GLU EA 136 -13.59 -16.25 66.76
N GLN EA 137 -12.39 -16.78 66.53
CA GLN EA 137 -11.79 -16.72 65.20
C GLN EA 137 -12.52 -17.62 64.22
N GLN EA 138 -13.09 -18.74 64.70
CA GLN EA 138 -13.94 -19.55 63.82
C GLN EA 138 -15.16 -18.76 63.38
N ARG EA 139 -15.79 -18.03 64.30
CA ARG EA 139 -16.92 -17.17 63.93
C ARG EA 139 -16.49 -16.09 62.95
N ILE EA 140 -15.33 -15.47 63.20
CA ILE EA 140 -14.83 -14.43 62.31
C ILE EA 140 -14.58 -14.98 60.92
N ARG EA 141 -13.99 -16.18 60.81
CA ARG EA 141 -13.75 -16.77 59.51
C ARG EA 141 -15.06 -17.16 58.84
N ASN EA 142 -16.07 -17.52 59.62
CA ASN EA 142 -17.39 -17.74 59.04
C ASN EA 142 -17.91 -16.46 58.40
N GLU EA 143 -17.77 -15.34 59.09
CA GLU EA 143 -18.21 -14.07 58.51
C GLU EA 143 -17.39 -13.74 57.27
N ARG EA 144 -16.09 -14.04 57.30
CA ARG EA 144 -15.25 -13.88 56.12
C ARG EA 144 -15.80 -14.68 54.95
N GLU EA 145 -16.15 -15.95 55.17
CA GLU EA 145 -16.65 -16.76 54.08
C GLU EA 145 -17.96 -16.19 53.53
N LYS EA 146 -18.89 -15.79 54.41
CA LYS EA 146 -20.17 -15.28 53.90
C LYS EA 146 -19.95 -14.01 53.10
N GLU EA 147 -19.06 -13.14 53.57
CA GLU EA 147 -18.78 -11.94 52.80
C GLU EA 147 -18.06 -12.30 51.51
N ARG EA 148 -17.35 -13.43 51.48
CA ARG EA 148 -16.66 -13.85 50.27
C ARG EA 148 -17.66 -14.23 49.19
N GLN EA 149 -18.65 -15.07 49.53
CA GLN EA 149 -19.60 -15.43 48.48
C GLN EA 149 -20.53 -14.27 48.18
N ASN EA 150 -20.76 -13.39 49.15
CA ASN EA 150 -21.63 -12.24 48.92
C ASN EA 150 -21.06 -11.28 47.87
N ARG EA 151 -19.75 -11.32 47.64
CA ARG EA 151 -19.14 -10.51 46.60
C ARG EA 151 -18.83 -11.34 45.36
N GLY FA 199 -7.22 -33.94 19.99
CA GLY FA 199 -8.00 -34.23 18.80
C GLY FA 199 -7.40 -35.34 17.96
N LYS FA 200 -8.20 -36.37 17.72
CA LYS FA 200 -7.82 -37.58 16.98
C LYS FA 200 -6.69 -38.36 17.64
N ARG FA 201 -6.26 -37.94 18.83
CA ARG FA 201 -5.19 -38.60 19.57
C ARG FA 201 -5.57 -40.01 19.94
N GLN FA 202 -6.80 -40.21 20.39
CA GLN FA 202 -7.27 -41.52 20.80
C GLN FA 202 -7.87 -42.27 19.64
N THR FA 203 -8.55 -41.57 18.74
CA THR FA 203 -9.14 -42.20 17.56
C THR FA 203 -8.11 -43.05 16.82
N GLU FA 204 -6.97 -42.47 16.42
CA GLU FA 204 -6.00 -43.26 15.65
C GLU FA 204 -5.50 -44.47 16.43
N ARG FA 205 -5.10 -44.25 17.68
CA ARG FA 205 -4.48 -45.32 18.47
C ARG FA 205 -5.48 -46.46 18.73
N GLU FA 206 -6.72 -46.13 19.04
CA GLU FA 206 -7.66 -47.18 19.42
C GLU FA 206 -8.39 -47.74 18.23
N LYS FA 207 -8.40 -47.03 17.10
CA LYS FA 207 -8.78 -47.66 15.83
C LYS FA 207 -7.77 -48.72 15.46
N LYS FA 208 -6.48 -48.40 15.57
CA LYS FA 208 -5.44 -49.38 15.23
C LYS FA 208 -5.50 -50.59 16.18
N LYS FA 209 -5.67 -50.34 17.47
CA LYS FA 209 -5.77 -51.44 18.42
C LYS FA 209 -7.03 -52.27 18.21
N LYS FA 210 -8.15 -51.60 17.87
CA LYS FA 210 -9.37 -52.34 17.55
C LYS FA 210 -9.20 -53.21 16.32
N ILE FA 211 -8.54 -52.70 15.28
CA ILE FA 211 -8.33 -53.47 14.05
C ILE FA 211 -7.45 -54.68 14.35
N LEU FA 212 -6.39 -54.48 15.13
CA LEU FA 212 -5.52 -55.59 15.47
C LEU FA 212 -6.22 -56.56 16.41
N ALA FA 213 -7.24 -56.10 17.15
CA ALA FA 213 -8.01 -57.02 17.98
C ALA FA 213 -8.98 -57.88 17.15
N GLU FA 214 -9.69 -57.29 16.18
CA GLU FA 214 -10.57 -58.15 15.39
C GLU FA 214 -9.76 -59.06 14.48
N ARG FA 215 -8.60 -58.61 14.00
CA ARG FA 215 -7.81 -59.46 13.11
C ARG FA 215 -7.19 -60.63 13.88
N ARG FA 216 -6.60 -60.37 15.04
CA ARG FA 216 -5.93 -61.43 15.77
C ARG FA 216 -6.95 -62.17 16.64
N LYS FA 217 -6.60 -63.40 17.02
CA LYS FA 217 -7.45 -64.24 17.83
C LYS FA 217 -6.79 -64.49 19.17
N VAL FA 218 -7.58 -64.41 20.23
CA VAL FA 218 -7.08 -64.53 21.59
C VAL FA 218 -7.33 -65.95 22.10
N LEU FA 219 -6.30 -66.55 22.69
CA LEU FA 219 -6.34 -67.93 23.15
C LEU FA 219 -6.36 -67.95 24.67
N ALA FA 220 -7.27 -68.74 25.24
CA ALA FA 220 -7.30 -68.99 26.68
C ALA FA 220 -6.24 -70.05 26.99
N ILE FA 221 -4.98 -69.60 26.91
CA ILE FA 221 -3.84 -70.52 26.93
C ILE FA 221 -3.77 -71.32 28.23
N ASP FA 222 -4.16 -70.71 29.36
CA ASP FA 222 -3.94 -71.35 30.65
C ASP FA 222 -4.59 -72.74 30.74
N HIS FA 223 -5.80 -72.89 30.23
CA HIS FA 223 -6.53 -74.15 30.26
C HIS FA 223 -6.14 -75.10 29.13
N LEU FA 224 -5.44 -74.63 28.12
CA LEU FA 224 -5.11 -75.44 26.95
C LEU FA 224 -4.41 -76.72 27.38
N ASN FA 225 -4.86 -77.84 26.80
CA ASN FA 225 -4.34 -79.15 27.14
C ASN FA 225 -3.04 -79.41 26.36
N GLU FA 226 -2.21 -80.38 26.76
CA GLU FA 226 -1.00 -80.76 26.01
C GLU FA 226 -1.17 -80.94 24.52
N ASP FA 227 -2.14 -81.74 24.10
CA ASP FA 227 -2.38 -81.88 22.67
C ASP FA 227 -2.74 -80.52 22.09
N GLN FA 228 -3.49 -79.75 22.87
CA GLN FA 228 -3.95 -78.44 22.38
C GLN FA 228 -2.75 -77.54 22.16
N LEU FA 229 -1.78 -77.52 23.06
CA LEU FA 229 -0.56 -76.75 22.79
C LEU FA 229 0.11 -77.24 21.52
N ARG FA 230 0.09 -78.55 21.31
CA ARG FA 230 0.66 -79.07 20.10
C ARG FA 230 -0.04 -78.45 18.86
N GLU FA 231 -1.28 -78.81 18.58
CA GLU FA 231 -2.03 -78.33 17.42
C GLU FA 231 -1.99 -76.82 17.26
N LYS FA 232 -2.17 -76.07 18.36
CA LYS FA 232 -2.16 -74.61 18.27
C LYS FA 232 -0.80 -73.99 17.99
N ALA FA 233 0.28 -74.45 18.63
CA ALA FA 233 1.55 -73.83 18.26
C ALA FA 233 1.91 -74.17 16.82
N LYS FA 234 1.55 -75.35 16.33
CA LYS FA 234 1.65 -75.59 14.89
C LYS FA 234 0.84 -74.58 14.07
N GLU FA 235 -0.44 -74.38 14.45
CA GLU FA 235 -1.30 -73.46 13.70
C GLU FA 235 -0.78 -72.03 13.76
N LEU FA 236 -0.32 -71.58 14.92
CA LEU FA 236 0.20 -70.23 15.08
C LEU FA 236 1.47 -70.04 14.26
N TRP FA 237 2.36 -71.03 14.26
CA TRP FA 237 3.56 -70.94 13.45
C TRP FA 237 3.21 -70.88 11.96
N GLN FA 238 2.23 -71.68 11.53
CA GLN FA 238 1.80 -71.63 10.14
C GLN FA 238 1.18 -70.28 9.79
N SER FA 239 0.40 -69.72 10.72
CA SER FA 239 -0.18 -68.39 10.52
C SER FA 239 0.91 -67.34 10.37
N ILE FA 240 1.93 -67.39 11.23
CA ILE FA 240 3.05 -66.46 11.11
C ILE FA 240 3.78 -66.66 9.79
N TYR FA 241 3.88 -67.92 9.35
CA TYR FA 241 4.51 -68.22 8.06
C TYR FA 241 3.76 -67.52 6.93
N ASN FA 242 2.44 -67.68 6.90
CA ASN FA 242 1.64 -67.05 5.84
C ASN FA 242 1.71 -65.53 5.94
N LEU FA 243 1.67 -65.01 7.17
CA LEU FA 243 1.75 -63.56 7.38
C LEU FA 243 3.07 -63.02 6.84
N GLU FA 244 4.17 -63.72 7.08
CA GLU FA 244 5.45 -63.29 6.52
C GLU FA 244 5.49 -63.45 5.01
N ALA FA 245 4.82 -64.47 4.48
CA ALA FA 245 4.74 -64.67 3.04
C ALA FA 245 4.13 -63.44 2.37
N GLU FA 246 2.90 -63.11 2.75
CA GLU FA 246 2.28 -61.97 2.08
C GLU FA 246 2.64 -60.63 2.72
N LYS FA 247 3.42 -60.62 3.80
CA LYS FA 247 4.21 -59.43 4.14
C LYS FA 247 5.29 -59.16 3.10
N PHE FA 248 6.05 -60.20 2.72
CA PHE FA 248 7.03 -60.05 1.65
C PHE FA 248 6.35 -59.62 0.36
N ASP FA 249 5.17 -60.20 0.08
CA ASP FA 249 4.38 -59.75 -1.06
C ASP FA 249 4.01 -58.28 -0.94
N LEU FA 250 3.57 -57.85 0.25
CA LEU FA 250 3.26 -56.44 0.48
C LEU FA 250 4.48 -55.56 0.28
N GLN FA 251 5.64 -56.01 0.75
CA GLN FA 251 6.87 -55.23 0.59
C GLN FA 251 7.21 -55.05 -0.89
N GLU FA 252 7.24 -56.16 -1.64
CA GLU FA 252 7.48 -56.08 -3.07
C GLU FA 252 6.50 -55.11 -3.73
N LYS FA 253 5.21 -55.33 -3.49
CA LYS FA 253 4.20 -54.53 -4.19
C LYS FA 253 4.22 -53.09 -3.71
N PHE FA 254 4.67 -52.85 -2.48
CA PHE FA 254 5.00 -51.50 -2.02
C PHE FA 254 6.07 -50.88 -2.91
N LYS FA 255 7.12 -51.65 -3.20
CA LYS FA 255 8.17 -51.14 -4.09
C LYS FA 255 7.61 -50.81 -5.47
N GLN FA 256 6.76 -51.68 -6.02
CA GLN FA 256 6.21 -51.36 -7.35
C GLN FA 256 5.28 -50.16 -7.30
N GLN FA 257 4.45 -50.03 -6.25
CA GLN FA 257 3.59 -48.85 -6.17
C GLN FA 257 4.43 -47.58 -6.02
N LYS FA 258 5.58 -47.68 -5.36
CA LYS FA 258 6.58 -46.61 -5.43
C LYS FA 258 6.99 -46.34 -6.87
N TYR FA 259 7.24 -47.41 -7.64
CA TYR FA 259 7.63 -47.23 -9.03
C TYR FA 259 6.56 -46.48 -9.82
N GLU FA 260 5.29 -46.80 -9.60
CA GLU FA 260 4.26 -46.11 -10.37
C GLU FA 260 4.07 -44.69 -9.85
N ILE FA 261 4.36 -44.44 -8.57
CA ILE FA 261 4.49 -43.07 -8.11
C ILE FA 261 5.57 -42.35 -8.91
N ASN FA 262 6.71 -43.02 -9.12
CA ASN FA 262 7.79 -42.44 -9.91
C ASN FA 262 7.27 -42.08 -11.31
N VAL FA 263 6.55 -43.02 -11.91
CA VAL FA 263 5.93 -42.83 -13.22
C VAL FA 263 5.10 -41.55 -13.23
N LEU FA 264 4.18 -41.43 -12.28
CA LEU FA 264 3.19 -40.36 -12.35
C LEU FA 264 3.80 -39.02 -12.00
N ARG FA 265 4.73 -38.99 -11.04
CA ARG FA 265 5.40 -37.75 -10.69
C ARG FA 265 6.25 -37.24 -11.86
N ASN FA 266 6.87 -38.16 -12.61
CA ASN FA 266 7.62 -37.71 -13.79
C ASN FA 266 6.69 -37.21 -14.87
N ARG FA 267 5.57 -37.90 -15.10
CA ARG FA 267 4.53 -37.37 -15.98
C ARG FA 267 4.14 -35.95 -15.56
N ILE FA 268 4.08 -35.68 -14.26
CA ILE FA 268 3.74 -34.34 -13.78
C ILE FA 268 4.85 -33.35 -14.09
N ASN FA 269 6.10 -33.70 -13.80
CA ASN FA 269 7.17 -32.70 -13.93
C ASN FA 269 7.36 -32.32 -15.39
N ASP FA 270 7.21 -33.29 -16.30
CA ASP FA 270 7.27 -32.98 -17.73
C ASP FA 270 6.15 -32.04 -18.18
N ASN FA 271 5.11 -31.86 -17.37
CA ASN FA 271 3.88 -31.23 -17.84
C ASN FA 271 3.99 -29.72 -18.03
N GLN FA 272 4.94 -29.07 -17.37
CA GLN FA 272 5.00 -27.60 -17.29
C GLN FA 272 4.71 -26.88 -18.61
N ILE GA 41 11.07 -49.65 -46.93
CA ILE GA 41 10.13 -49.02 -46.01
C ILE GA 41 10.54 -49.29 -44.57
N SER GA 42 10.99 -48.23 -43.88
CA SER GA 42 11.54 -48.38 -42.54
C SER GA 42 10.47 -48.67 -41.51
N ALA GA 43 9.21 -48.30 -41.77
CA ALA GA 43 8.15 -48.50 -40.79
C ALA GA 43 7.97 -49.98 -40.47
N SER GA 44 8.05 -50.84 -41.50
CA SER GA 44 8.04 -52.28 -41.28
C SER GA 44 9.10 -52.69 -40.27
N ARG GA 45 10.34 -52.27 -40.50
CA ARG GA 45 11.44 -52.62 -39.61
C ARG GA 45 11.16 -52.14 -38.19
N LYS GA 46 10.79 -50.87 -38.04
CA LYS GA 46 10.55 -50.31 -36.71
C LYS GA 46 9.44 -51.08 -35.98
N LEU GA 47 8.35 -51.37 -36.69
CA LEU GA 47 7.22 -52.06 -36.08
C LEU GA 47 7.62 -53.46 -35.64
N GLN GA 48 8.38 -54.18 -36.46
CA GLN GA 48 8.76 -55.52 -36.04
C GLN GA 48 9.81 -55.49 -34.94
N LEU GA 49 10.65 -54.44 -34.91
CA LEU GA 49 11.56 -54.26 -33.79
C LEU GA 49 10.79 -54.12 -32.48
N LYS GA 50 9.79 -53.23 -32.47
CA LYS GA 50 9.04 -53.02 -31.24
C LYS GA 50 8.17 -54.23 -30.89
N THR GA 51 7.70 -54.97 -31.90
CA THR GA 51 6.95 -56.20 -31.62
C THR GA 51 7.82 -57.23 -30.92
N LEU GA 52 9.00 -57.53 -31.48
CA LEU GA 52 9.91 -58.46 -30.82
C LEU GA 52 10.33 -57.93 -29.45
N LEU GA 53 10.51 -56.61 -29.36
CA LEU GA 53 10.83 -55.96 -28.10
C LEU GA 53 9.79 -56.29 -27.04
N LEU GA 54 8.51 -56.10 -27.35
CA LEU GA 54 7.47 -56.33 -26.36
C LEU GA 54 7.28 -57.81 -26.07
N GLN GA 55 7.56 -58.69 -27.05
CA GLN GA 55 7.48 -60.12 -26.75
C GLN GA 55 8.57 -60.54 -25.77
N ILE GA 56 9.81 -60.07 -25.98
CA ILE GA 56 10.87 -60.34 -25.02
C ILE GA 56 10.54 -59.68 -23.68
N ALA GA 57 9.82 -58.56 -23.73
CA ALA GA 57 9.34 -57.93 -22.50
C ALA GA 57 8.42 -58.86 -21.74
N LYS GA 58 7.49 -59.52 -22.43
CA LYS GA 58 6.61 -60.47 -21.76
C LYS GA 58 7.42 -61.61 -21.15
N GLN GA 59 8.43 -62.10 -21.88
CA GLN GA 59 9.31 -63.13 -21.32
C GLN GA 59 10.00 -62.68 -20.03
N GLU GA 60 10.58 -61.49 -20.06
CA GLU GA 60 11.21 -60.92 -18.87
C GLU GA 60 10.21 -60.73 -17.73
N LEU GA 61 8.95 -60.40 -18.06
CA LEU GA 61 7.91 -60.31 -17.04
C LEU GA 61 7.74 -61.64 -16.34
N GLU GA 62 7.60 -62.71 -17.13
CA GLU GA 62 7.45 -64.04 -16.55
C GLU GA 62 8.64 -64.38 -15.67
N ARG GA 63 9.86 -64.13 -16.17
CA ARG GA 63 11.06 -64.48 -15.42
C ARG GA 63 11.17 -63.68 -14.12
N GLU GA 64 10.94 -62.36 -14.18
CA GLU GA 64 10.98 -61.57 -12.95
C GLU GA 64 9.92 -62.02 -11.96
N ALA GA 65 8.73 -62.39 -12.44
CA ALA GA 65 7.71 -62.91 -11.54
C ALA GA 65 8.18 -64.18 -10.85
N GLU GA 66 8.85 -65.06 -11.60
CA GLU GA 66 9.40 -66.27 -10.99
C GLU GA 66 10.47 -65.95 -9.97
N GLU GA 67 11.32 -64.97 -10.26
CA GLU GA 67 12.35 -64.56 -9.29
C GLU GA 67 11.72 -63.99 -8.03
N ARG GA 68 10.64 -63.20 -8.18
CA ARG GA 68 9.92 -62.69 -7.01
C ARG GA 68 9.38 -63.84 -6.18
N ARG GA 69 8.78 -64.84 -6.82
CA ARG GA 69 8.25 -65.99 -6.08
C ARG GA 69 9.36 -66.72 -5.35
N GLY GA 70 10.51 -66.91 -6.01
CA GLY GA 70 11.62 -67.60 -5.36
C GLY GA 70 12.17 -66.83 -4.16
N GLU GA 71 12.31 -65.51 -4.31
CA GLU GA 71 12.76 -64.69 -3.20
C GLU GA 71 11.76 -64.73 -2.05
N LYS GA 72 10.47 -64.73 -2.36
CA LYS GA 72 9.46 -64.87 -1.31
C LYS GA 72 9.61 -66.19 -0.59
N GLY GA 73 9.84 -67.28 -1.33
CA GLY GA 73 9.99 -68.57 -0.70
C GLY GA 73 11.21 -68.67 0.20
N ARG GA 74 12.35 -68.15 -0.26
CA ARG GA 74 13.55 -68.19 0.57
C ARG GA 74 13.40 -67.29 1.79
N ALA GA 75 12.77 -66.12 1.64
CA ALA GA 75 12.51 -65.27 2.79
C ALA GA 75 11.55 -65.93 3.77
N LEU GA 76 10.61 -66.72 3.26
CA LEU GA 76 9.76 -67.53 4.13
C LEU GA 76 10.58 -68.54 4.91
N SER GA 77 11.50 -69.22 4.23
CA SER GA 77 12.34 -70.20 4.91
C SER GA 77 13.21 -69.55 5.98
N THR GA 78 13.66 -68.32 5.75
CA THR GA 78 14.60 -67.68 6.67
C THR GA 78 13.90 -66.90 7.78
N ARG GA 79 12.67 -66.44 7.56
CA ARG GA 79 11.94 -65.67 8.58
C ARG GA 79 11.15 -66.53 9.54
N CYS GA 80 10.67 -67.70 9.10
CA CYS GA 80 9.85 -68.59 9.93
C CYS GA 80 10.41 -70.01 9.77
N GLN GA 81 11.37 -70.34 10.63
CA GLN GA 81 12.05 -71.62 10.56
C GLN GA 81 11.14 -72.76 11.06
N PRO GA 82 11.45 -74.01 10.67
CA PRO GA 82 10.62 -75.16 11.06
C PRO GA 82 10.30 -75.27 12.54
N LEU GA 83 9.31 -76.10 12.85
CA LEU GA 83 8.70 -76.17 14.17
C LEU GA 83 9.69 -76.72 15.20
N GLU GA 84 9.44 -76.37 16.46
CA GLU GA 84 10.33 -76.68 17.57
C GLU GA 84 9.67 -77.45 18.71
N LEU GA 85 8.45 -77.96 18.52
CA LEU GA 85 7.65 -78.49 19.61
C LEU GA 85 7.99 -79.93 19.99
N ALA GA 86 8.75 -80.64 19.16
CA ALA GA 86 9.05 -82.05 19.39
C ALA GA 86 9.77 -82.30 20.72
N GLY GA 87 9.08 -82.99 21.63
CA GLY GA 87 9.64 -83.38 22.91
C GLY GA 87 9.69 -82.32 23.99
N LEU GA 88 8.95 -81.24 23.82
CA LEU GA 88 8.94 -80.08 24.72
C LEU GA 88 7.98 -80.29 25.89
N GLY GA 89 8.23 -79.52 26.96
CA GLY GA 89 7.43 -79.60 28.16
C GLY GA 89 6.21 -78.70 28.06
N PHE GA 90 5.05 -79.26 28.43
CA PHE GA 90 3.76 -78.59 28.34
C PHE GA 90 3.78 -77.16 28.86
N ALA GA 91 4.47 -76.90 29.97
CA ALA GA 91 4.50 -75.55 30.54
C ALA GA 91 5.23 -74.59 29.60
N GLU GA 92 6.37 -75.05 29.08
CA GLU GA 92 7.09 -74.28 28.08
C GLU GA 92 6.23 -74.09 26.83
N LEU GA 93 5.42 -75.07 26.47
CA LEU GA 93 4.55 -74.90 25.31
C LEU GA 93 3.46 -73.85 25.56
N GLN GA 94 2.98 -73.72 26.81
CA GLN GA 94 2.21 -72.54 27.20
C GLN GA 94 2.97 -71.25 26.90
N ASP GA 95 4.22 -71.20 27.33
CA ASP GA 95 5.03 -69.99 27.10
C ASP GA 95 5.26 -69.76 25.61
N LEU GA 96 5.42 -70.83 24.84
CA LEU GA 96 5.58 -70.75 23.40
C LEU GA 96 4.34 -70.18 22.74
N CYS GA 97 3.16 -70.62 23.19
CA CYS GA 97 1.91 -70.10 22.63
C CYS GA 97 1.77 -68.61 22.92
N ARG GA 98 2.11 -68.20 24.15
CA ARG GA 98 2.06 -66.77 24.46
C ARG GA 98 3.07 -65.98 23.61
N GLN GA 99 4.25 -66.56 23.39
CA GLN GA 99 5.27 -65.90 22.58
C GLN GA 99 4.81 -65.75 21.14
N LEU GA 100 4.19 -66.80 20.58
CA LEU GA 100 3.66 -66.71 19.23
C LEU GA 100 2.49 -65.75 19.14
N HIS GA 101 1.73 -65.60 20.23
CA HIS GA 101 0.67 -64.58 20.26
C HIS GA 101 1.28 -63.17 20.15
N ALA GA 102 2.31 -62.90 20.95
CA ALA GA 102 2.99 -61.61 20.83
C ALA GA 102 3.59 -61.43 19.44
N ARG GA 103 4.14 -62.50 18.87
CA ARG GA 103 4.73 -62.44 17.55
C ARG GA 103 3.69 -62.06 16.50
N VAL GA 104 2.55 -62.75 16.50
CA VAL GA 104 1.50 -62.46 15.53
C VAL GA 104 0.98 -61.03 15.72
N ASP GA 105 0.88 -60.59 16.98
CA ASP GA 105 0.45 -59.21 17.23
C ASP GA 105 1.39 -58.22 16.57
N LYS GA 106 2.70 -58.34 16.83
CA LYS GA 106 3.61 -57.33 16.32
C LYS GA 106 3.77 -57.42 14.80
N VAL GA 107 3.66 -58.61 14.23
CA VAL GA 107 3.81 -58.70 12.78
C VAL GA 107 2.55 -58.18 12.09
N ASP GA 108 1.38 -58.33 12.71
CA ASP GA 108 0.18 -57.66 12.23
C ASP GA 108 0.34 -56.15 12.31
N GLU GA 109 0.94 -55.65 13.39
CA GLU GA 109 1.20 -54.21 13.49
C GLU GA 109 2.10 -53.72 12.36
N GLU GA 110 3.17 -54.47 12.06
CA GLU GA 110 4.06 -54.09 10.97
C GLU GA 110 3.33 -54.11 9.63
N ARG GA 111 2.49 -55.13 9.41
CA ARG GA 111 1.67 -55.15 8.21
C ARG GA 111 0.77 -53.93 8.12
N TYR GA 112 0.14 -53.54 9.23
CA TYR GA 112 -0.71 -52.36 9.24
C TYR GA 112 0.08 -51.13 8.82
N ASP GA 113 1.28 -50.97 9.38
CA ASP GA 113 2.09 -49.80 9.04
C ASP GA 113 2.42 -49.78 7.55
N ILE GA 114 2.84 -50.93 7.02
CA ILE GA 114 3.22 -50.99 5.61
C ILE GA 114 2.02 -50.72 4.70
N GLU GA 115 0.87 -51.32 5.00
CA GLU GA 115 -0.30 -51.11 4.14
C GLU GA 115 -0.80 -49.68 4.24
N ALA GA 116 -0.66 -49.03 5.41
CA ALA GA 116 -1.01 -47.62 5.50
C ALA GA 116 -0.09 -46.79 4.62
N LYS GA 117 1.21 -47.08 4.63
CA LYS GA 117 2.13 -46.41 3.72
C LYS GA 117 1.66 -46.57 2.27
N VAL GA 118 1.28 -47.80 1.90
CA VAL GA 118 0.80 -48.06 0.55
C VAL GA 118 -0.46 -47.27 0.25
N THR GA 119 -1.35 -47.15 1.23
CA THR GA 119 -2.62 -46.45 1.00
C THR GA 119 -2.39 -44.96 0.75
N LYS GA 120 -1.50 -44.34 1.54
CA LYS GA 120 -1.11 -42.97 1.24
C LYS GA 120 -0.49 -42.87 -0.15
N ASN GA 121 0.38 -43.83 -0.50
CA ASN GA 121 0.96 -43.87 -1.83
C ASN GA 121 -0.12 -43.86 -2.91
N ILE GA 122 -1.14 -44.71 -2.74
CA ILE GA 122 -2.18 -44.86 -3.76
C ILE GA 122 -3.02 -43.59 -3.86
N THR GA 123 -3.30 -42.95 -2.72
CA THR GA 123 -4.03 -41.69 -2.76
C THR GA 123 -3.25 -40.63 -3.55
N GLU GA 124 -1.94 -40.54 -3.30
CA GLU GA 124 -1.11 -39.62 -4.07
C GLU GA 124 -1.11 -40.01 -5.55
N ILE GA 125 -1.03 -41.31 -5.84
CA ILE GA 125 -1.18 -41.81 -7.20
C ILE GA 125 -2.43 -41.23 -7.86
N ALA GA 126 -3.58 -41.37 -7.20
CA ALA GA 126 -4.84 -40.96 -7.81
C ALA GA 126 -4.85 -39.46 -8.07
N ASP GA 127 -4.47 -38.66 -7.07
CA ASP GA 127 -4.49 -37.20 -7.24
C ASP GA 127 -3.54 -36.76 -8.35
N LEU GA 128 -2.30 -37.26 -8.30
CA LEU GA 128 -1.31 -36.91 -9.32
C LEU GA 128 -1.76 -37.38 -10.69
N THR GA 129 -2.44 -38.52 -10.76
CA THR GA 129 -2.94 -39.04 -12.03
C THR GA 129 -3.98 -38.12 -12.63
N GLN GA 130 -4.90 -37.62 -11.80
CA GLN GA 130 -5.89 -36.66 -12.30
C GLN GA 130 -5.19 -35.40 -12.82
N LYS GA 131 -4.18 -34.93 -12.08
CA LYS GA 131 -3.40 -33.79 -12.57
C LYS GA 131 -2.77 -34.10 -13.92
N ILE GA 132 -2.29 -35.34 -14.09
CA ILE GA 132 -1.74 -35.77 -15.37
C ILE GA 132 -2.80 -35.69 -16.47
N PHE GA 133 -4.01 -36.19 -16.18
CA PHE GA 133 -5.04 -36.18 -17.22
C PHE GA 133 -5.27 -34.76 -17.71
N ASP GA 134 -5.43 -33.83 -16.76
CA ASP GA 134 -5.66 -32.44 -17.15
C ASP GA 134 -4.47 -31.87 -17.91
N LEU GA 135 -3.25 -32.10 -17.40
CA LEU GA 135 -2.07 -31.51 -18.03
C LEU GA 135 -1.87 -32.03 -19.44
N ARG GA 136 -2.09 -33.32 -19.68
CA ARG GA 136 -2.04 -33.85 -21.03
C ARG GA 136 -3.13 -33.19 -21.88
N GLY GA 137 -4.29 -32.95 -21.26
CA GLY GA 137 -5.35 -32.29 -21.99
C GLY GA 137 -4.91 -30.95 -22.52
N LYS GA 138 -4.06 -30.24 -21.75
CA LYS GA 138 -3.64 -28.91 -22.20
C LYS GA 138 -2.98 -28.98 -23.57
N PHE GA 139 -2.12 -29.97 -23.77
CA PHE GA 139 -1.41 -30.17 -25.03
C PHE GA 139 -2.17 -30.93 -26.11
N LYS GA 140 -3.27 -31.60 -25.78
CA LYS GA 140 -3.87 -32.39 -26.86
C LYS GA 140 -5.40 -32.34 -26.94
N ARG GA 141 -6.07 -31.46 -26.23
CA ARG GA 141 -7.53 -31.45 -26.21
C ARG GA 141 -8.16 -30.78 -27.44
N PRO GA 142 -7.71 -29.57 -27.85
CA PRO GA 142 -8.30 -28.94 -29.04
C PRO GA 142 -7.89 -29.56 -30.36
N THR GA 143 -7.19 -30.71 -30.35
CA THR GA 143 -6.52 -31.17 -31.56
C THR GA 143 -7.07 -32.48 -32.14
N LEU GA 144 -8.02 -33.15 -31.48
CA LEU GA 144 -8.61 -34.37 -32.05
C LEU GA 144 -10.13 -34.24 -32.00
N ARG GA 145 -10.71 -33.85 -33.13
CA ARG GA 145 -12.15 -33.94 -33.37
C ARG GA 145 -12.33 -33.72 -34.88
N ARG GA 146 -13.58 -33.52 -35.30
CA ARG GA 146 -13.91 -33.58 -36.73
C ARG GA 146 -13.10 -32.58 -37.53
N VAL GA 147 -12.72 -32.96 -38.74
CA VAL GA 147 -11.82 -32.17 -39.59
C VAL GA 147 -12.44 -32.12 -40.98
N ARG GA 148 -13.24 -31.08 -41.24
CA ARG GA 148 -13.88 -30.81 -42.53
C ARG GA 148 -14.92 -31.85 -42.91
N ILE GA 149 -15.31 -32.73 -41.98
CA ILE GA 149 -16.29 -33.77 -42.30
C ILE GA 149 -17.61 -33.16 -42.75
N SER GA 150 -18.15 -32.23 -41.95
CA SER GA 150 -19.42 -31.61 -42.30
C SER GA 150 -19.27 -30.73 -43.54
N ALA GA 151 -18.09 -30.16 -43.75
CA ALA GA 151 -17.84 -29.35 -44.94
C ALA GA 151 -18.19 -30.12 -46.21
N ASP GA 152 -18.02 -31.44 -46.18
CA ASP GA 152 -18.40 -32.31 -47.29
C ASP GA 152 -19.92 -32.40 -47.32
N ALA GA 153 -20.53 -31.81 -48.34
CA ALA GA 153 -21.99 -31.78 -48.43
C ALA GA 153 -22.37 -31.46 -49.89
N MET GA 154 -23.64 -31.20 -50.15
CA MET GA 154 -24.18 -30.87 -51.47
C MET GA 154 -24.12 -29.35 -51.62
N MET GA 155 -23.02 -28.83 -52.17
CA MET GA 155 -22.89 -27.37 -52.27
C MET GA 155 -23.82 -26.79 -53.33
N GLN GA 156 -24.56 -27.64 -54.05
CA GLN GA 156 -25.46 -27.24 -55.11
C GLN GA 156 -26.91 -27.34 -54.70
N ALA GA 157 -27.20 -28.03 -53.59
CA ALA GA 157 -28.57 -28.16 -53.09
C ALA GA 157 -29.21 -26.80 -52.85
N LEU GA 158 -28.49 -25.86 -52.23
CA LEU GA 158 -29.06 -24.53 -52.03
C LEU GA 158 -29.46 -23.90 -53.38
N LEU GA 159 -28.56 -23.95 -54.36
CA LEU GA 159 -28.88 -23.45 -55.68
C LEU GA 159 -30.09 -24.17 -56.25
N GLY GA 160 -30.09 -25.50 -56.20
CA GLY GA 160 -31.23 -26.27 -56.66
C GLY GA 160 -32.52 -25.86 -55.99
N ALA GA 161 -32.45 -25.49 -54.71
CA ALA GA 161 -33.64 -25.05 -53.98
C ALA GA 161 -34.13 -23.71 -54.51
N ARG GA 162 -33.21 -22.79 -54.77
CA ARG GA 162 -33.59 -21.50 -55.35
C ARG GA 162 -34.25 -21.72 -56.72
N ALA GA 163 -33.62 -22.52 -57.56
CA ALA GA 163 -34.16 -22.81 -58.89
C ALA GA 163 -35.53 -23.48 -58.78
N LYS GA 164 -35.67 -24.46 -57.89
CA LYS GA 164 -36.95 -25.14 -57.71
C LYS GA 164 -38.02 -24.16 -57.26
N GLU GA 165 -37.71 -23.28 -56.31
CA GLU GA 165 -38.71 -22.34 -55.81
C GLU GA 165 -39.16 -21.41 -56.92
N SER GA 166 -38.20 -20.84 -57.67
CA SER GA 166 -38.55 -19.93 -58.75
C SER GA 166 -39.40 -20.64 -59.81
N LEU GA 167 -38.92 -21.79 -60.28
CA LEU GA 167 -39.62 -22.51 -61.34
C LEU GA 167 -40.96 -23.04 -60.86
N ASP GA 168 -41.08 -23.35 -59.57
CA ASP GA 168 -42.35 -23.84 -59.04
C ASP GA 168 -43.37 -22.72 -59.00
N LEU GA 169 -42.95 -21.51 -58.57
CA LEU GA 169 -43.86 -20.38 -58.63
C LEU GA 169 -44.28 -20.10 -60.07
N ARG GA 170 -43.31 -20.14 -61.00
CA ARG GA 170 -43.62 -19.94 -62.42
C ARG GA 170 -44.61 -20.98 -62.93
N ALA GA 171 -44.39 -22.25 -62.58
CA ALA GA 171 -45.27 -23.31 -63.03
C ALA GA 171 -46.64 -23.22 -62.36
N HIS GA 172 -46.71 -22.70 -61.14
CA HIS GA 172 -47.99 -22.53 -60.47
C HIS GA 172 -48.83 -21.47 -61.19
N LEU GA 173 -48.18 -20.36 -61.57
CA LEU GA 173 -48.92 -19.35 -62.33
C LEU GA 173 -49.28 -19.89 -63.72
N LYS GA 174 -48.39 -20.68 -64.31
CA LYS GA 174 -48.69 -21.28 -65.60
C LYS GA 174 -49.91 -22.19 -65.51
N GLN GA 175 -49.94 -23.06 -64.50
CA GLN GA 175 -51.06 -23.99 -64.35
C GLN GA 175 -52.37 -23.26 -64.06
N VAL GA 176 -52.33 -22.22 -63.23
CA VAL GA 176 -53.58 -21.49 -62.99
C VAL GA 176 -54.06 -20.87 -64.29
N LYS GA 177 -53.12 -20.40 -65.13
CA LYS GA 177 -53.51 -19.88 -66.44
C LYS GA 177 -54.11 -20.98 -67.32
N LYS GA 178 -53.53 -22.20 -67.29
CA LYS GA 178 -54.11 -23.28 -68.10
C LYS GA 178 -55.53 -23.62 -67.67
N GLU GA 179 -55.84 -23.50 -66.37
CA GLU GA 179 -57.16 -23.94 -65.90
C GLU GA 179 -58.29 -23.26 -66.66
N ASP GA 180 -58.16 -21.96 -66.93
CA ASP GA 180 -59.20 -21.24 -67.66
C ASP GA 180 -59.42 -21.82 -69.06
N THR GA 181 -58.33 -22.15 -69.75
CA THR GA 181 -58.46 -22.78 -71.07
C THR GA 181 -59.05 -24.18 -70.95
N GLU GA 182 -58.71 -24.88 -69.86
CA GLU GA 182 -59.23 -26.23 -69.65
C GLU GA 182 -60.74 -26.20 -69.46
N LYS GA 183 -61.26 -25.17 -68.77
CA LYS GA 183 -62.69 -25.06 -68.53
C LYS GA 183 -63.47 -25.10 -69.84
N GLU GA 184 -63.29 -24.10 -70.69
CA GLU GA 184 -63.93 -24.06 -72.00
C GLU GA 184 -62.88 -23.71 -73.04
N ASN GA 185 -63.11 -24.16 -74.28
CA ASN GA 185 -62.21 -23.81 -75.38
C ASN GA 185 -62.93 -23.46 -76.68
N ARG GA 186 -64.21 -23.80 -76.85
CA ARG GA 186 -64.88 -23.60 -78.13
C ARG GA 186 -66.17 -22.81 -77.97
N GLU GA 187 -66.80 -22.92 -76.81
CA GLU GA 187 -68.08 -22.26 -76.58
C GLU GA 187 -67.96 -20.74 -76.48
N VAL GA 188 -66.79 -20.16 -76.75
CA VAL GA 188 -66.65 -18.72 -76.77
C VAL GA 188 -66.91 -18.16 -78.18
N GLY GA 189 -66.60 -18.94 -79.21
CA GLY GA 189 -66.86 -18.50 -80.57
C GLY GA 189 -68.35 -18.55 -80.89
N ASP GA 190 -68.74 -17.71 -81.85
CA ASP GA 190 -70.12 -17.72 -82.29
C ASP GA 190 -70.32 -18.90 -83.24
N TRP GA 191 -71.55 -19.10 -83.70
CA TRP GA 191 -71.92 -20.28 -84.47
C TRP GA 191 -72.11 -19.91 -85.93
N ARG GA 192 -72.41 -20.93 -86.74
CA ARG GA 192 -72.51 -20.73 -88.18
C ARG GA 192 -73.92 -20.38 -88.62
N LYS GA 193 -74.01 -19.40 -89.52
CA LYS GA 193 -75.27 -18.98 -90.11
C LYS GA 193 -74.98 -18.44 -91.50
N ASN GA 194 -74.26 -19.21 -92.33
CA ASN GA 194 -73.95 -18.67 -93.65
C ASN GA 194 -75.17 -18.71 -94.54
N ILE GA 195 -75.18 -17.82 -95.54
CA ILE GA 195 -76.25 -17.73 -96.51
C ILE GA 195 -75.99 -18.74 -97.62
N ASP GA 196 -77.03 -19.48 -98.02
CA ASP GA 196 -76.93 -20.48 -99.07
C ASP GA 196 -78.33 -20.99 -99.37
N ALA GA 197 -78.45 -21.75 -100.46
CA ALA GA 197 -79.72 -22.35 -100.93
C ALA GA 197 -80.82 -21.30 -101.10
N LEU GA 198 -82.05 -21.52 -100.60
CA LEU GA 198 -83.20 -20.59 -100.78
C LEU GA 198 -83.76 -20.58 -102.21
N SER GA 199 -83.27 -21.47 -103.07
CA SER GA 199 -83.72 -21.50 -104.47
C SER GA 199 -85.21 -21.75 -104.68
N GLY GA 200 -85.82 -22.56 -103.78
CA GLY GA 200 -87.21 -22.96 -103.88
C GLY GA 200 -88.22 -21.89 -103.53
N MET GA 201 -87.75 -20.77 -102.96
CA MET GA 201 -88.63 -19.67 -102.59
C MET GA 201 -89.28 -19.09 -103.83
N GLU GA 202 -90.50 -18.56 -103.70
CA GLU GA 202 -91.20 -18.08 -104.88
C GLU GA 202 -90.76 -16.67 -105.28
N GLY GA 203 -91.12 -16.33 -106.52
CA GLY GA 203 -90.81 -15.09 -107.20
C GLY GA 203 -91.78 -13.97 -106.95
N ARG GA 204 -93.06 -14.27 -106.91
CA ARG GA 204 -94.02 -13.24 -106.57
C ARG GA 204 -94.19 -13.31 -105.07
N LYS GA 205 -93.46 -12.44 -104.40
CA LYS GA 205 -93.47 -12.35 -102.96
C LYS GA 205 -94.87 -11.96 -102.50
N LYS GA 206 -95.30 -12.52 -101.38
CA LYS GA 206 -96.59 -12.12 -100.86
C LYS GA 206 -96.68 -10.62 -100.60
N LYS GA 207 -95.55 -9.92 -100.54
CA LYS GA 207 -95.54 -8.47 -100.36
C LYS GA 207 -95.10 -7.81 -101.66
N PHE GA 208 -95.37 -6.52 -101.82
CA PHE GA 208 -94.96 -5.80 -103.04
C PHE GA 208 -93.49 -5.33 -103.05
N GLU GA 209 -92.60 -5.83 -102.17
CA GLU GA 209 -91.21 -5.42 -102.29
C GLU GA 209 -90.54 -6.31 -103.33
N SER GA 210 -91.39 -6.84 -104.20
CA SER GA 210 -91.20 -7.67 -105.38
C SER GA 210 -91.40 -6.77 -106.59
N ASP HA 2 7.44 -58.24 -48.24
CA ASP HA 2 7.99 -57.29 -47.28
C ASP HA 2 7.41 -57.53 -45.88
N ASP HA 3 7.93 -56.80 -44.90
CA ASP HA 3 7.53 -57.00 -43.51
C ASP HA 3 6.28 -56.21 -43.14
N ILE HA 4 5.91 -55.21 -43.94
CA ILE HA 4 4.70 -54.45 -43.68
C ILE HA 4 3.45 -55.32 -43.85
N TYR HA 5 3.48 -56.26 -44.81
CA TYR HA 5 2.31 -57.10 -45.02
C TYR HA 5 2.03 -57.99 -43.81
N LYS HA 6 3.08 -58.63 -43.27
CA LYS HA 6 2.85 -59.48 -42.11
C LYS HA 6 2.63 -58.66 -40.85
N ALA HA 7 3.22 -57.46 -40.77
CA ALA HA 7 2.94 -56.60 -39.62
C ALA HA 7 1.48 -56.16 -39.61
N ALA HA 8 0.94 -55.82 -40.78
CA ALA HA 8 -0.49 -55.53 -40.90
C ALA HA 8 -1.34 -56.75 -40.57
N VAL HA 9 -0.88 -57.95 -40.96
CA VAL HA 9 -1.58 -59.17 -40.55
C VAL HA 9 -1.61 -59.29 -39.04
N GLU HA 10 -0.47 -59.03 -38.39
CA GLU HA 10 -0.36 -59.27 -36.95
C GLU HA 10 -1.10 -58.22 -36.14
N GLN HA 11 -1.19 -56.99 -36.66
CA GLN HA 11 -1.75 -55.87 -35.90
C GLN HA 11 -3.26 -55.75 -36.05
N LEU HA 12 -3.90 -56.68 -36.76
CA LEU HA 12 -5.33 -56.64 -36.99
C LEU HA 12 -5.92 -58.00 -36.64
N THR HA 13 -7.10 -57.98 -36.00
CA THR HA 13 -7.72 -59.22 -35.55
C THR HA 13 -8.38 -59.94 -36.72
N GLU HA 14 -8.74 -61.20 -36.50
CA GLU HA 14 -9.21 -62.05 -37.59
C GLU HA 14 -10.62 -61.67 -38.00
N GLU HA 15 -11.51 -61.42 -37.04
CA GLU HA 15 -12.90 -61.08 -37.36
C GLU HA 15 -12.97 -59.80 -38.18
N GLN HA 16 -12.15 -58.80 -37.83
CA GLN HA 16 -12.17 -57.53 -38.56
C GLN HA 16 -11.80 -57.75 -40.02
N LYS HA 17 -10.69 -58.44 -40.28
CA LYS HA 17 -10.24 -58.62 -41.65
C LYS HA 17 -11.17 -59.53 -42.44
N ASN HA 18 -11.77 -60.54 -41.79
CA ASN HA 18 -12.73 -61.40 -42.48
C ASN HA 18 -13.95 -60.60 -42.91
N GLU HA 19 -14.50 -59.79 -42.00
CA GLU HA 19 -15.63 -58.93 -42.38
C GLU HA 19 -15.21 -57.93 -43.45
N PHE HA 20 -13.99 -57.40 -43.36
CA PHE HA 20 -13.50 -56.43 -44.33
C PHE HA 20 -13.47 -57.03 -45.73
N LYS HA 21 -12.97 -58.26 -45.86
CA LYS HA 21 -12.88 -58.87 -47.18
C LYS HA 21 -14.26 -59.29 -47.69
N ALA HA 22 -15.04 -59.97 -46.86
CA ALA HA 22 -16.38 -60.37 -47.26
C ALA HA 22 -17.27 -59.18 -47.59
N ALA HA 23 -16.91 -57.99 -47.09
CA ALA HA 23 -17.68 -56.79 -47.37
C ALA HA 23 -17.14 -55.99 -48.54
N PHE HA 24 -15.83 -56.02 -48.76
CA PHE HA 24 -15.28 -55.59 -50.05
C PHE HA 24 -15.91 -56.36 -51.19
N ASP HA 25 -16.31 -57.61 -50.94
CA ASP HA 25 -16.99 -58.38 -51.98
C ASP HA 25 -18.41 -57.89 -52.22
N ILE HA 26 -18.75 -56.68 -51.74
CA ILE HA 26 -20.02 -56.07 -52.12
C ILE HA 26 -19.95 -55.38 -53.48
N PHE HA 27 -18.75 -55.03 -53.96
CA PHE HA 27 -18.66 -54.35 -55.25
C PHE HA 27 -18.65 -55.34 -56.39
N VAL HA 28 -17.92 -56.45 -56.25
CA VAL HA 28 -17.90 -57.47 -57.29
C VAL HA 28 -19.28 -58.09 -57.43
N LEU HA 29 -19.70 -58.28 -58.67
CA LEU HA 29 -21.01 -58.86 -58.96
C LEU HA 29 -20.92 -60.02 -59.94
N GLY HA 30 -20.05 -59.93 -60.94
CA GLY HA 30 -19.89 -61.00 -61.91
C GLY HA 30 -19.15 -60.56 -63.14
N ALA HA 31 -18.36 -61.47 -63.71
CA ALA HA 31 -17.55 -61.22 -64.91
C ALA HA 31 -16.67 -59.98 -64.74
N GLU HA 32 -16.11 -59.82 -63.53
CA GLU HA 32 -15.21 -58.73 -63.24
C GLU HA 32 -13.84 -59.25 -62.83
N ASP HA 33 -12.84 -58.37 -62.93
CA ASP HA 33 -11.48 -58.71 -62.50
C ASP HA 33 -11.43 -59.08 -61.02
N GLY HA 34 -12.38 -58.61 -60.22
CA GLY HA 34 -12.40 -58.86 -58.80
C GLY HA 34 -11.72 -57.79 -57.95
N CYS HA 35 -11.04 -56.84 -58.58
CA CYS HA 35 -10.44 -55.71 -57.89
C CYS HA 35 -11.07 -54.43 -58.43
N ILE HA 36 -11.74 -53.68 -57.56
CA ILE HA 36 -12.50 -52.52 -58.00
C ILE HA 36 -11.59 -51.30 -58.11
N SER HA 37 -12.05 -50.29 -58.86
CA SER HA 37 -11.29 -49.06 -59.03
C SER HA 37 -11.03 -48.39 -57.69
N THR HA 38 -9.94 -47.62 -57.64
CA THR HA 38 -9.51 -47.00 -56.39
C THR HA 38 -10.61 -46.13 -55.78
N LYS HA 39 -11.33 -45.35 -56.60
CA LYS HA 39 -12.27 -44.40 -56.02
C LYS HA 39 -13.43 -45.11 -55.33
N GLU HA 40 -13.80 -46.31 -55.81
CA GLU HA 40 -14.89 -47.03 -55.20
C GLU HA 40 -14.56 -47.40 -53.77
N LEU HA 41 -13.28 -47.37 -53.42
CA LEU HA 41 -12.86 -47.71 -52.07
C LEU HA 41 -13.49 -46.77 -51.07
N GLY HA 42 -13.57 -45.48 -51.42
CA GLY HA 42 -14.21 -44.53 -50.52
C GLY HA 42 -15.60 -44.98 -50.13
N LYS HA 43 -16.32 -45.58 -51.07
CA LYS HA 43 -17.69 -46.01 -50.81
C LYS HA 43 -17.73 -47.12 -49.76
N VAL HA 44 -16.84 -48.12 -49.85
CA VAL HA 44 -16.88 -49.14 -48.81
C VAL HA 44 -16.61 -48.52 -47.45
N MET HA 45 -15.83 -47.44 -47.41
CA MET HA 45 -15.57 -46.78 -46.12
C MET HA 45 -16.84 -46.25 -45.50
N ARG HA 46 -17.77 -45.73 -46.32
CA ARG HA 46 -19.02 -45.27 -45.74
C ARG HA 46 -19.71 -46.42 -45.02
N MET HA 47 -19.62 -47.63 -45.58
CA MET HA 47 -20.19 -48.81 -44.94
C MET HA 47 -19.54 -49.05 -43.58
N LEU HA 48 -18.23 -48.76 -43.47
CA LEU HA 48 -17.48 -48.99 -42.24
C LEU HA 48 -17.96 -48.12 -41.09
N GLY HA 49 -18.65 -47.02 -41.38
CA GLY HA 49 -19.19 -46.12 -40.39
C GLY HA 49 -18.40 -44.84 -40.20
N GLN HA 50 -17.27 -44.69 -40.88
CA GLN HA 50 -16.49 -43.46 -40.84
C GLN HA 50 -16.91 -42.53 -41.98
N ASN HA 51 -16.66 -41.23 -41.80
CA ASN HA 51 -16.95 -40.20 -42.78
C ASN HA 51 -15.69 -39.40 -43.12
N PRO HA 52 -14.78 -39.96 -43.94
CA PRO HA 52 -13.53 -39.25 -44.21
C PRO HA 52 -13.71 -38.02 -45.07
N THR HA 53 -12.61 -37.30 -45.32
CA THR HA 53 -12.63 -36.00 -45.99
C THR HA 53 -11.64 -35.94 -47.15
N PRO HA 54 -11.90 -35.05 -48.13
CA PRO HA 54 -11.04 -34.92 -49.31
C PRO HA 54 -9.54 -35.00 -49.07
N GLU HA 55 -9.04 -34.38 -48.00
CA GLU HA 55 -7.60 -34.40 -47.74
C GLU HA 55 -7.16 -35.81 -47.40
N GLU HA 56 -7.82 -36.43 -46.42
CA GLU HA 56 -7.45 -37.78 -46.05
C GLU HA 56 -7.77 -38.73 -47.19
N LEU HA 57 -8.93 -38.56 -47.82
CA LEU HA 57 -9.29 -39.44 -48.91
C LEU HA 57 -8.23 -39.44 -50.01
N GLN HA 58 -7.87 -38.26 -50.52
CA GLN HA 58 -6.84 -38.19 -51.57
C GLN HA 58 -5.50 -38.73 -51.09
N GLU HA 59 -5.11 -38.40 -49.85
CA GLU HA 59 -3.85 -38.95 -49.30
C GLU HA 59 -3.89 -40.48 -49.28
N MET HA 60 -4.93 -41.04 -48.71
CA MET HA 60 -5.12 -42.47 -48.58
C MET HA 60 -5.12 -43.12 -49.95
N ILE HA 61 -5.71 -42.43 -50.93
CA ILE HA 61 -5.70 -42.86 -52.33
C ILE HA 61 -4.25 -43.01 -52.76
N ASP HA 62 -3.43 -42.04 -52.37
CA ASP HA 62 -2.00 -42.05 -52.67
C ASP HA 62 -1.32 -43.20 -51.93
N GLU HA 63 -1.96 -43.74 -50.89
CA GLU HA 63 -1.34 -44.78 -50.09
C GLU HA 63 -1.53 -46.16 -50.70
N VAL HA 64 -2.19 -46.26 -51.85
CA VAL HA 64 -2.44 -47.53 -52.51
C VAL HA 64 -1.92 -47.40 -53.94
N ASP HA 65 -1.51 -48.54 -54.52
CA ASP HA 65 -1.04 -48.60 -55.89
C ASP HA 65 0.22 -47.75 -56.07
N GLU HA 66 1.30 -48.16 -55.40
CA GLU HA 66 2.56 -47.44 -55.53
C GLU HA 66 3.17 -47.60 -56.92
N ASP HA 67 3.08 -48.78 -57.50
CA ASP HA 67 3.69 -49.02 -58.80
C ASP HA 67 2.90 -48.42 -59.95
N GLY HA 68 1.69 -47.93 -59.70
CA GLY HA 68 0.92 -47.22 -60.69
C GLY HA 68 0.21 -48.12 -61.68
N SER HA 69 -0.67 -48.98 -61.17
CA SER HA 69 -1.54 -49.79 -62.02
C SER HA 69 -2.98 -49.29 -62.05
N GLY HA 70 -3.34 -48.35 -61.19
CA GLY HA 70 -4.71 -47.88 -61.13
C GLY HA 70 -5.67 -48.85 -60.47
N THR HA 71 -5.15 -49.77 -59.66
CA THR HA 71 -5.97 -50.83 -59.08
C THR HA 71 -5.29 -51.28 -57.79
N VAL HA 72 -6.07 -51.90 -56.91
CA VAL HA 72 -5.62 -52.25 -55.57
C VAL HA 72 -5.69 -53.77 -55.41
N ASP HA 73 -4.60 -54.35 -54.89
CA ASP HA 73 -4.57 -55.78 -54.58
C ASP HA 73 -4.99 -56.00 -53.12
N PHE HA 74 -5.07 -57.27 -52.72
CA PHE HA 74 -5.56 -57.62 -51.39
C PHE HA 74 -4.54 -57.36 -50.29
N ASP HA 75 -3.24 -57.47 -50.57
CA ASP HA 75 -2.25 -57.17 -49.54
C ASP HA 75 -2.14 -55.67 -49.31
N GLU HA 76 -2.15 -54.88 -50.38
CA GLU HA 76 -2.24 -53.43 -50.22
C GLU HA 76 -3.55 -53.03 -49.57
N PHE HA 77 -4.60 -53.80 -49.84
CA PHE HA 77 -5.90 -53.61 -49.21
C PHE HA 77 -5.81 -53.80 -47.69
N LEU HA 78 -5.13 -54.86 -47.25
CA LEU HA 78 -4.98 -55.10 -45.82
C LEU HA 78 -4.09 -54.06 -45.17
N VAL HA 79 -2.98 -53.68 -45.80
CA VAL HA 79 -2.12 -52.66 -45.20
C VAL HA 79 -2.83 -51.31 -45.12
N MET HA 80 -3.57 -50.90 -46.16
CA MET HA 80 -4.28 -49.63 -46.05
C MET HA 80 -5.34 -49.70 -44.95
N MET HA 81 -6.09 -50.82 -44.86
CA MET HA 81 -7.10 -50.91 -43.81
C MET HA 81 -6.46 -50.83 -42.43
N VAL HA 82 -5.34 -51.54 -42.24
CA VAL HA 82 -4.63 -51.47 -40.97
C VAL HA 82 -4.15 -50.06 -40.72
N ARG HA 83 -3.88 -49.33 -41.78
CA ARG HA 83 -3.45 -47.94 -41.70
C ARG HA 83 -4.63 -46.96 -41.66
N CYS HA 84 -5.87 -47.43 -41.59
CA CYS HA 84 -6.97 -46.46 -41.58
C CYS HA 84 -7.55 -46.19 -40.19
N MET HA 85 -8.38 -47.10 -39.67
CA MET HA 85 -8.82 -46.94 -38.29
C MET HA 85 -7.61 -47.13 -37.38
N LYS HA 86 -7.43 -46.24 -36.41
CA LYS HA 86 -6.30 -46.36 -35.49
C LYS HA 86 -6.67 -47.05 -34.19
N ASP HA 87 -7.89 -47.61 -34.10
CA ASP HA 87 -8.29 -48.26 -32.86
C ASP HA 87 -7.79 -49.70 -32.78
N ASP HA 88 -6.53 -49.96 -33.13
CA ASP HA 88 -6.00 -51.32 -33.15
C ASP HA 88 -6.23 -52.08 -31.84
N SER HA 89 -6.08 -53.40 -31.90
CA SER HA 89 -6.25 -54.31 -30.75
C SER HA 89 -7.52 -54.01 -29.96
N LYS HA 90 -8.56 -53.50 -30.64
CA LYS HA 90 -9.80 -53.07 -29.99
C LYS HA 90 -9.53 -52.26 -28.73
N GLY HA 91 -8.65 -51.27 -28.87
CA GLY HA 91 -8.26 -50.52 -27.71
C GLY HA 91 -7.12 -51.18 -26.97
N LYS HA 92 -5.90 -50.69 -27.17
CA LYS HA 92 -4.75 -51.26 -26.48
C LYS HA 92 -4.94 -51.04 -24.97
N SER HA 93 -4.50 -52.01 -24.17
CA SER HA 93 -4.65 -51.87 -22.74
C SER HA 93 -3.60 -50.91 -22.19
N GLU HA 94 -3.68 -50.63 -20.88
CA GLU HA 94 -2.69 -49.76 -20.26
C GLU HA 94 -2.15 -50.25 -18.92
N GLU HA 95 -2.99 -50.89 -18.10
CA GLU HA 95 -2.53 -51.41 -16.80
C GLU HA 95 -1.38 -52.42 -16.94
N GLU HA 96 -1.64 -53.61 -17.51
CA GLU HA 96 -0.53 -54.55 -17.72
C GLU HA 96 0.62 -53.82 -18.39
N LEU HA 97 0.31 -52.89 -19.30
CA LEU HA 97 1.34 -52.10 -19.96
C LEU HA 97 2.20 -51.37 -18.94
N SER HA 98 1.61 -50.84 -17.87
CA SER HA 98 2.36 -50.16 -16.81
C SER HA 98 3.22 -51.20 -16.14
N ASP HA 99 2.75 -52.43 -16.05
CA ASP HA 99 3.61 -53.51 -15.55
C ASP HA 99 4.82 -53.65 -16.50
N LEU HA 100 4.55 -53.62 -17.81
CA LEU HA 100 5.62 -53.69 -18.82
C LEU HA 100 6.54 -52.46 -18.72
N PHE HA 101 5.99 -51.33 -18.29
CA PHE HA 101 6.82 -50.16 -18.04
C PHE HA 101 7.81 -50.47 -16.93
N ARG HA 102 7.29 -51.09 -15.88
CA ARG HA 102 8.15 -51.63 -14.82
C ARG HA 102 9.18 -52.56 -15.46
N MET HA 103 8.78 -53.36 -16.44
CA MET HA 103 9.72 -54.26 -17.09
C MET HA 103 10.87 -53.52 -17.80
N PHE HA 104 10.59 -52.41 -18.51
CA PHE HA 104 11.65 -51.74 -19.25
C PHE HA 104 12.76 -51.28 -18.31
N ASP HA 105 12.39 -50.91 -17.09
CA ASP HA 105 13.34 -50.45 -16.08
C ASP HA 105 13.84 -51.63 -15.26
N LYS HA 106 15.17 -51.77 -15.17
CA LYS HA 106 15.76 -52.83 -14.35
C LYS HA 106 16.59 -52.27 -13.20
N ASN HA 107 16.56 -50.97 -12.95
CA ASN HA 107 17.22 -50.38 -11.78
C ASN HA 107 16.24 -49.70 -10.82
N ALA HA 108 14.95 -49.71 -11.14
CA ALA HA 108 13.89 -49.15 -10.27
C ALA HA 108 14.13 -47.67 -9.99
N ASP HA 109 14.09 -46.89 -11.07
CA ASP HA 109 14.27 -45.44 -10.97
C ASP HA 109 13.03 -44.65 -11.33
N GLY HA 110 12.22 -45.12 -12.27
CA GLY HA 110 11.04 -44.38 -12.66
C GLY HA 110 10.94 -44.15 -14.15
N TYR HA 111 11.92 -44.65 -14.91
CA TYR HA 111 12.05 -44.33 -16.33
C TYR HA 111 12.97 -45.34 -16.98
N ILE HA 112 13.13 -45.21 -18.29
CA ILE HA 112 13.87 -46.16 -19.12
C ILE HA 112 15.18 -45.51 -19.52
N ASP HA 113 16.29 -46.14 -19.13
CA ASP HA 113 17.60 -45.68 -19.58
C ASP HA 113 17.90 -46.21 -20.99
N LEU HA 114 18.82 -45.52 -21.66
CA LEU HA 114 19.23 -45.94 -23.01
C LEU HA 114 19.98 -47.27 -22.98
N ASP HA 115 20.79 -47.50 -21.95
CA ASP HA 115 21.48 -48.78 -21.81
C ASP HA 115 20.50 -49.92 -21.59
N GLU HA 116 19.44 -49.63 -20.81
CA GLU HA 116 18.39 -50.63 -20.56
C GLU HA 116 17.65 -50.92 -21.86
N LEU HA 117 17.47 -49.92 -22.71
CA LEU HA 117 16.86 -50.15 -24.02
C LEU HA 117 17.77 -50.99 -24.92
N LYS HA 118 19.07 -50.70 -24.91
CA LYS HA 118 19.99 -51.45 -25.76
C LYS HA 118 20.05 -52.92 -25.36
N ILE HA 119 20.10 -53.22 -24.06
CA ILE HA 119 20.08 -54.61 -23.63
C ILE HA 119 18.74 -55.26 -23.96
N MET HA 120 17.64 -54.52 -23.79
CA MET HA 120 16.32 -55.03 -24.11
C MET HA 120 16.20 -55.38 -25.59
N LEU HA 121 16.76 -54.53 -26.46
CA LEU HA 121 16.68 -54.78 -27.90
C LEU HA 121 17.58 -55.93 -28.32
N GLN HA 122 18.79 -56.02 -27.74
CA GLN HA 122 19.67 -57.12 -28.12
C GLN HA 122 19.20 -58.45 -27.55
N ALA HA 123 18.41 -58.44 -26.47
CA ALA HA 123 17.85 -59.67 -25.94
C ALA HA 123 16.89 -60.35 -26.92
N THR HA 124 16.44 -59.64 -27.95
CA THR HA 124 15.56 -60.27 -28.94
C THR HA 124 16.33 -61.24 -29.82
N GLY HA 125 17.54 -60.86 -30.24
CA GLY HA 125 18.35 -61.66 -31.12
C GLY HA 125 19.00 -60.83 -32.20
N GLU HA 126 18.44 -59.64 -32.44
CA GLU HA 126 19.03 -58.65 -33.32
C GLU HA 126 20.01 -57.79 -32.55
N THR HA 127 21.19 -57.56 -33.13
CA THR HA 127 22.20 -56.72 -32.50
C THR HA 127 21.77 -55.25 -32.56
N ILE HA 128 22.68 -54.36 -32.20
CA ILE HA 128 22.46 -52.91 -32.31
C ILE HA 128 22.93 -52.46 -33.69
N THR HA 129 22.04 -51.81 -34.44
CA THR HA 129 22.45 -50.91 -35.52
C THR HA 129 22.02 -49.49 -35.19
N GLU HA 130 22.56 -48.54 -35.96
CA GLU HA 130 22.43 -47.13 -35.61
C GLU HA 130 21.02 -46.60 -35.89
N ASP HA 131 20.49 -46.89 -37.09
CA ASP HA 131 19.16 -46.44 -37.45
C ASP HA 131 18.10 -47.00 -36.51
N ASP HA 132 18.36 -48.17 -35.92
CA ASP HA 132 17.41 -48.77 -34.98
C ASP HA 132 17.19 -47.83 -33.80
N ILE HA 133 18.21 -47.69 -32.94
CA ILE HA 133 18.06 -46.89 -31.74
C ILE HA 133 17.74 -45.44 -32.08
N GLU HA 134 18.36 -44.89 -33.13
CA GLU HA 134 18.10 -43.50 -33.51
C GLU HA 134 16.62 -43.29 -33.83
N GLU HA 135 16.06 -44.11 -34.71
CA GLU HA 135 14.66 -43.96 -35.06
C GLU HA 135 13.75 -44.28 -33.87
N LEU HA 136 14.15 -45.23 -33.03
CA LEU HA 136 13.36 -45.55 -31.85
C LEU HA 136 13.29 -44.36 -30.90
N MET HA 137 14.39 -43.60 -30.81
CA MET HA 137 14.43 -42.37 -30.02
C MET HA 137 13.57 -41.27 -30.62
N LYS HA 138 13.61 -41.13 -31.95
CA LYS HA 138 12.75 -40.12 -32.57
C LYS HA 138 11.29 -40.46 -32.35
N ASP HA 139 10.93 -41.74 -32.47
CA ASP HA 139 9.55 -42.15 -32.23
C ASP HA 139 9.15 -41.93 -30.78
N GLY HA 140 10.01 -42.29 -29.84
CA GLY HA 140 9.67 -42.22 -28.43
C GLY HA 140 9.73 -40.85 -27.77
N ASP HA 141 10.67 -40.01 -28.17
CA ASP HA 141 10.92 -38.77 -27.45
C ASP HA 141 10.60 -37.58 -28.34
N LYS HA 142 10.43 -36.41 -27.71
CA LYS HA 142 10.14 -35.18 -28.43
C LYS HA 142 11.07 -34.01 -28.12
N ASN HA 143 11.73 -33.98 -26.96
CA ASN HA 143 12.47 -32.80 -26.54
C ASN HA 143 13.86 -33.12 -26.02
N ASN HA 144 14.37 -34.32 -26.29
CA ASN HA 144 15.64 -34.79 -25.74
C ASN HA 144 15.64 -34.72 -24.22
N ASP HA 145 14.70 -35.46 -23.62
CA ASP HA 145 14.66 -35.62 -22.17
C ASP HA 145 15.54 -36.76 -21.66
N GLY HA 146 16.11 -37.57 -22.56
CA GLY HA 146 17.05 -38.59 -22.19
C GLY HA 146 16.46 -39.87 -21.66
N ARG HA 147 15.13 -40.00 -21.67
CA ARG HA 147 14.48 -41.18 -21.10
C ARG HA 147 13.12 -41.36 -21.74
N ILE HA 148 12.55 -42.54 -21.55
CA ILE HA 148 11.22 -42.88 -22.05
C ILE HA 148 10.32 -43.11 -20.84
N ASP HA 149 9.43 -42.17 -20.56
CA ASP HA 149 8.49 -42.32 -19.46
C ASP HA 149 7.22 -43.01 -19.95
N TYR HA 150 6.25 -43.18 -19.04
CA TYR HA 150 5.09 -44.01 -19.32
C TYR HA 150 4.17 -43.40 -20.36
N ASP HA 151 4.15 -42.07 -20.46
CA ASP HA 151 3.40 -41.42 -21.55
C ASP HA 151 4.05 -41.71 -22.90
N GLU HA 152 5.36 -41.47 -23.01
CA GLU HA 152 6.08 -41.78 -24.24
C GLU HA 152 6.11 -43.27 -24.49
N PHE HA 153 6.12 -44.06 -23.41
CA PHE HA 153 6.01 -45.51 -23.50
C PHE HA 153 4.72 -45.90 -24.21
N LEU HA 154 3.59 -45.44 -23.67
CA LEU HA 154 2.29 -45.73 -24.27
C LEU HA 154 2.20 -45.24 -25.72
N GLU HA 155 2.53 -43.97 -25.94
CA GLU HA 155 2.57 -43.36 -27.27
C GLU HA 155 3.35 -44.16 -28.32
N PHE HA 156 4.57 -44.58 -27.97
CA PHE HA 156 5.43 -45.23 -28.96
C PHE HA 156 4.85 -46.53 -29.53
N MET HA 157 4.29 -47.37 -28.68
CA MET HA 157 3.80 -48.69 -29.08
C MET HA 157 2.28 -48.76 -29.27
N LYS HA 158 1.62 -47.63 -29.50
CA LYS HA 158 0.15 -47.63 -29.60
C LYS HA 158 -0.33 -48.63 -30.65
N GLY HA 159 -1.32 -49.45 -30.25
CA GLY HA 159 -1.87 -50.49 -31.08
C GLY HA 159 -1.09 -51.79 -31.10
N VAL HA 160 0.16 -51.80 -30.68
CA VAL HA 160 1.00 -52.98 -30.75
C VAL HA 160 0.62 -53.99 -29.68
N GLU HA 161 0.60 -55.27 -30.06
CA GLU HA 161 0.26 -56.37 -29.15
C GLU HA 161 1.50 -57.18 -28.79
#